data_1BPV
#
_entry.id   1BPV
#
_cell.length_a   1.000
_cell.length_b   1.000
_cell.length_c   1.000
_cell.angle_alpha   90.00
_cell.angle_beta   90.00
_cell.angle_gamma   90.00
#
_symmetry.space_group_name_H-M   'P 1'
#
_entity_poly.entity_id   1
_entity_poly.type   'polypeptide(L)'
_entity_poly.pdbx_seq_one_letter_code
;MHHHHHHSSPIDPPGKPVPLNITRHTVTLKWAKPEYTGGFKITSYIVEKRDLPNGRWLKANFSNILENEFTVSGLTEDAA
YEFRVIAKNAAGAISPPSEPSDAITCRDDVEA
;
_entity_poly.pdbx_strand_id   A
#
# COMPACT_ATOMS: atom_id res chain seq x y z
N SER A 9 -22.71 -11.12 -5.48
CA SER A 9 -22.00 -10.47 -4.36
C SER A 9 -20.50 -10.38 -4.64
N PRO A 10 -20.06 -9.28 -5.27
CA PRO A 10 -18.66 -9.05 -5.60
C PRO A 10 -17.92 -8.28 -4.53
N ILE A 11 -16.73 -7.81 -4.87
CA ILE A 11 -15.90 -7.05 -3.93
C ILE A 11 -15.05 -6.02 -4.66
N ASP A 12 -14.86 -4.87 -4.04
CA ASP A 12 -14.06 -3.80 -4.62
C ASP A 12 -12.94 -3.37 -3.68
N PRO A 13 -11.67 -3.48 -4.11
CA PRO A 13 -10.53 -3.10 -3.28
C PRO A 13 -10.45 -1.58 -3.10
N PRO A 14 -9.74 -1.12 -2.06
CA PRO A 14 -9.60 0.31 -1.78
C PRO A 14 -9.10 1.09 -2.99
N GLY A 15 -9.07 2.41 -2.85
CA GLY A 15 -8.63 3.29 -3.93
C GLY A 15 -7.14 3.20 -4.18
N LYS A 16 -6.70 3.70 -5.33
CA LYS A 16 -5.28 3.69 -5.69
C LYS A 16 -4.46 4.40 -4.61
N PRO A 17 -3.44 3.73 -4.03
CA PRO A 17 -2.61 4.33 -3.00
C PRO A 17 -1.73 5.47 -3.52
N VAL A 18 -1.71 6.57 -2.77
CA VAL A 18 -0.90 7.74 -3.16
C VAL A 18 -0.07 8.24 -1.97
N PRO A 19 1.26 8.21 -2.08
CA PRO A 19 2.15 8.66 -1.00
C PRO A 19 2.08 10.15 -0.73
N LEU A 20 1.83 10.49 0.52
CA LEU A 20 1.77 11.88 0.94
C LEU A 20 3.18 12.34 1.29
N ASN A 21 3.98 11.40 1.78
CA ASN A 21 5.36 11.65 2.15
C ASN A 21 6.21 10.45 1.79
N ILE A 22 7.46 10.69 1.39
CA ILE A 22 8.34 9.61 1.01
C ILE A 22 9.75 9.83 1.53
N THR A 23 10.04 9.23 2.68
CA THR A 23 11.35 9.34 3.30
C THR A 23 12.32 8.31 2.73
N ARG A 24 13.61 8.61 2.84
CA ARG A 24 14.65 7.72 2.32
C ARG A 24 14.46 6.28 2.82
N HIS A 25 13.75 6.11 3.93
CA HIS A 25 13.53 4.78 4.48
C HIS A 25 12.10 4.58 4.99
N THR A 26 11.21 5.51 4.65
CA THR A 26 9.82 5.40 5.09
C THR A 26 8.89 6.15 4.16
N VAL A 27 8.14 5.39 3.37
CA VAL A 27 7.20 5.96 2.42
C VAL A 27 5.77 5.91 2.97
N THR A 28 5.18 7.08 3.18
CA THR A 28 3.82 7.19 3.72
C THR A 28 2.79 7.40 2.61
N LEU A 29 1.78 6.53 2.57
CA LEU A 29 0.73 6.65 1.56
C LEU A 29 -0.65 6.36 2.14
N LYS A 30 -1.64 6.95 1.48
CA LYS A 30 -3.04 6.77 1.86
C LYS A 30 -3.87 6.52 0.61
N TRP A 31 -5.10 6.04 0.79
CA TRP A 31 -5.95 5.74 -0.35
C TRP A 31 -7.41 6.11 -0.07
N ALA A 32 -8.27 5.77 -1.03
CA ALA A 32 -9.70 6.04 -0.92
C ALA A 32 -10.46 4.79 -0.51
N LYS A 33 -11.27 4.90 0.53
CA LYS A 33 -12.06 3.76 1.01
C LYS A 33 -12.97 3.24 -0.09
N PRO A 34 -13.22 1.92 -0.12
CA PRO A 34 -14.09 1.30 -1.12
C PRO A 34 -15.46 1.96 -1.20
N GLU A 35 -16.24 1.58 -2.21
CA GLU A 35 -17.57 2.15 -2.40
C GLU A 35 -18.67 1.07 -2.40
N TYR A 36 -18.28 -0.19 -2.61
CA TYR A 36 -19.25 -1.28 -2.63
C TYR A 36 -18.87 -2.40 -1.67
N THR A 37 -17.82 -3.14 -2.02
CA THR A 37 -17.36 -4.24 -1.19
C THR A 37 -18.48 -5.24 -0.93
N GLY A 38 -19.19 -5.62 -1.98
CA GLY A 38 -20.28 -6.57 -1.85
C GLY A 38 -21.20 -6.24 -0.68
N GLY A 39 -20.90 -6.83 0.48
CA GLY A 39 -21.68 -6.58 1.67
C GLY A 39 -20.78 -6.61 2.88
N PHE A 40 -19.58 -6.08 2.71
CA PHE A 40 -18.57 -6.05 3.75
C PHE A 40 -18.06 -4.63 3.98
N LYS A 41 -17.11 -4.48 4.92
CA LYS A 41 -16.55 -3.17 5.23
C LYS A 41 -15.01 -3.22 5.31
N ILE A 42 -14.42 -4.40 5.12
CA ILE A 42 -12.97 -4.53 5.20
C ILE A 42 -12.45 -4.17 6.58
N THR A 43 -11.60 -5.03 7.14
CA THR A 43 -11.03 -4.79 8.46
C THR A 43 -9.51 -4.92 8.44
N SER A 44 -8.89 -4.40 7.38
CA SER A 44 -7.44 -4.44 7.23
C SER A 44 -7.03 -3.97 5.85
N TYR A 45 -6.02 -3.11 5.79
CA TYR A 45 -5.53 -2.58 4.53
C TYR A 45 -4.05 -2.88 4.33
N ILE A 46 -3.76 -4.08 3.83
CA ILE A 46 -2.37 -4.47 3.59
C ILE A 46 -1.83 -3.77 2.35
N VAL A 47 -0.52 -3.74 2.23
CA VAL A 47 0.12 -3.11 1.09
C VAL A 47 1.46 -3.79 0.77
N GLU A 48 1.60 -4.19 -0.49
CA GLU A 48 2.82 -4.86 -0.93
C GLU A 48 3.80 -3.87 -1.53
N LYS A 49 5.07 -4.04 -1.18
CA LYS A 49 6.12 -3.15 -1.68
C LYS A 49 6.98 -3.86 -2.72
N ARG A 50 7.37 -3.12 -3.74
CA ARG A 50 8.20 -3.66 -4.81
C ARG A 50 9.60 -3.07 -4.77
N ASP A 51 10.58 -3.93 -4.52
CA ASP A 51 11.97 -3.49 -4.46
C ASP A 51 12.57 -3.44 -5.85
N LEU A 52 12.40 -2.32 -6.52
CA LEU A 52 12.91 -2.13 -7.88
C LEU A 52 14.42 -1.93 -7.86
N PRO A 53 15.12 -2.27 -8.98
CA PRO A 53 14.49 -2.82 -10.17
C PRO A 53 14.40 -4.34 -10.16
N ASN A 54 14.19 -4.92 -8.97
CA ASN A 54 14.08 -6.36 -8.84
C ASN A 54 13.26 -6.75 -7.60
N GLY A 55 11.98 -6.38 -7.60
CA GLY A 55 11.12 -6.69 -6.48
C GLY A 55 10.12 -7.79 -6.81
N ARG A 56 9.08 -7.91 -5.99
CA ARG A 56 8.06 -8.94 -6.21
C ARG A 56 6.85 -8.73 -5.28
N TRP A 57 6.58 -7.48 -4.93
CA TRP A 57 5.45 -7.14 -4.05
C TRP A 57 5.47 -7.96 -2.76
N LEU A 58 5.75 -7.30 -1.65
CA LEU A 58 5.79 -7.99 -0.35
C LEU A 58 5.12 -7.14 0.73
N LYS A 59 4.04 -7.67 1.31
CA LYS A 59 3.31 -6.99 2.36
C LYS A 59 4.24 -6.56 3.49
N ALA A 60 4.76 -5.34 3.42
CA ALA A 60 5.66 -4.83 4.44
C ALA A 60 4.96 -4.68 5.77
N ASN A 61 3.85 -3.93 5.77
CA ASN A 61 3.08 -3.71 6.99
C ASN A 61 2.77 -5.02 7.69
N PHE A 62 2.67 -4.95 9.02
CA PHE A 62 2.37 -6.13 9.82
C PHE A 62 1.73 -5.73 11.15
N SER A 63 1.11 -4.56 11.16
CA SER A 63 0.45 -4.08 12.38
C SER A 63 -1.02 -3.80 12.14
N ASN A 64 -1.60 -4.50 11.17
CA ASN A 64 -3.01 -4.32 10.85
C ASN A 64 -3.32 -2.86 10.52
N ILE A 65 -3.53 -2.57 9.26
CA ILE A 65 -3.83 -1.22 8.81
C ILE A 65 -5.33 -1.01 8.66
N LEU A 66 -5.99 -0.69 9.77
CA LEU A 66 -7.44 -0.48 9.77
C LEU A 66 -7.81 0.84 9.10
N GLU A 67 -7.02 1.88 9.33
CA GLU A 67 -7.28 3.18 8.74
C GLU A 67 -6.54 3.30 7.42
N ASN A 68 -7.18 3.91 6.43
CA ASN A 68 -6.57 4.08 5.12
C ASN A 68 -5.48 5.14 5.16
N GLU A 69 -4.45 4.88 5.95
CA GLU A 69 -3.32 5.79 6.09
C GLU A 69 -2.19 5.05 6.79
N PHE A 70 -1.32 4.44 6.01
CA PHE A 70 -0.21 3.68 6.57
C PHE A 70 1.13 4.12 5.99
N THR A 71 2.21 3.71 6.65
CA THR A 71 3.55 4.05 6.22
C THR A 71 4.38 2.78 6.03
N VAL A 72 4.88 2.60 4.81
CA VAL A 72 5.69 1.43 4.50
C VAL A 72 7.15 1.66 4.84
N SER A 73 7.59 1.04 5.93
CA SER A 73 8.97 1.16 6.38
C SER A 73 9.79 -0.05 5.94
N GLY A 74 10.89 -0.31 6.64
CA GLY A 74 11.73 -1.44 6.30
C GLY A 74 12.28 -1.34 4.89
N LEU A 75 12.24 -0.14 4.31
CA LEU A 75 12.73 0.08 2.96
C LEU A 75 14.25 0.25 2.96
N THR A 76 14.77 0.79 1.86
CA THR A 76 16.20 1.02 1.73
C THR A 76 16.46 2.29 0.95
N GLU A 77 17.62 2.89 1.18
CA GLU A 77 18.01 4.12 0.50
C GLU A 77 18.51 3.82 -0.91
N ASP A 78 18.46 4.83 -1.78
CA ASP A 78 18.90 4.67 -3.16
C ASP A 78 18.24 3.46 -3.80
N ALA A 79 16.92 3.38 -3.69
CA ALA A 79 16.16 2.28 -4.26
C ALA A 79 14.72 2.66 -4.51
N ALA A 80 14.27 2.50 -5.75
CA ALA A 80 12.90 2.82 -6.11
C ALA A 80 11.95 1.75 -5.59
N TYR A 81 10.96 2.19 -4.81
CA TYR A 81 9.99 1.26 -4.23
C TYR A 81 8.56 1.63 -4.60
N GLU A 82 7.82 0.65 -5.09
CA GLU A 82 6.42 0.83 -5.47
C GLU A 82 5.53 0.21 -4.41
N PHE A 83 4.32 0.74 -4.20
CA PHE A 83 3.45 0.17 -3.14
C PHE A 83 1.96 0.10 -3.50
N ARG A 84 1.42 -1.13 -3.51
CA ARG A 84 0.00 -1.35 -3.79
C ARG A 84 -0.71 -1.71 -2.49
N VAL A 85 -2.04 -1.59 -2.45
CA VAL A 85 -2.78 -1.92 -1.23
C VAL A 85 -3.74 -3.09 -1.44
N ILE A 86 -3.41 -4.23 -0.84
CA ILE A 86 -4.24 -5.40 -0.91
C ILE A 86 -5.07 -5.45 0.37
N ALA A 87 -6.35 -5.81 0.26
CA ALA A 87 -7.18 -5.86 1.46
C ALA A 87 -8.35 -6.82 1.32
N LYS A 88 -8.64 -7.52 2.42
CA LYS A 88 -9.74 -8.47 2.44
C LYS A 88 -11.05 -7.77 2.80
N ASN A 89 -12.11 -8.54 2.95
CA ASN A 89 -13.41 -7.98 3.30
C ASN A 89 -14.02 -8.73 4.48
N ALA A 90 -15.01 -8.11 5.11
CA ALA A 90 -15.68 -8.71 6.27
C ALA A 90 -15.99 -10.19 6.07
N ALA A 91 -16.14 -10.60 4.81
CA ALA A 91 -16.44 -12.00 4.50
C ALA A 91 -15.20 -12.88 4.51
N GLY A 92 -14.03 -12.27 4.39
CA GLY A 92 -12.80 -13.05 4.38
C GLY A 92 -12.14 -13.03 3.02
N ALA A 93 -12.92 -12.72 1.99
CA ALA A 93 -12.38 -12.67 0.63
C ALA A 93 -11.20 -11.71 0.58
N ILE A 94 -10.43 -11.75 -0.49
CA ILE A 94 -9.28 -10.88 -0.62
C ILE A 94 -9.40 -9.91 -1.79
N SER A 95 -9.72 -8.66 -1.48
CA SER A 95 -9.83 -7.65 -2.51
C SER A 95 -8.48 -7.47 -3.19
N PRO A 96 -8.41 -7.66 -4.53
CA PRO A 96 -7.17 -7.53 -5.29
C PRO A 96 -6.32 -6.32 -4.87
N PRO A 97 -5.03 -6.33 -5.24
CA PRO A 97 -4.10 -5.24 -4.90
C PRO A 97 -4.49 -3.91 -5.54
N SER A 98 -4.43 -2.85 -4.75
CA SER A 98 -4.75 -1.52 -5.25
C SER A 98 -3.59 -0.97 -6.06
N GLU A 99 -3.86 -0.59 -7.31
CA GLU A 99 -2.85 -0.04 -8.24
C GLU A 99 -1.65 0.59 -7.53
N PRO A 100 -0.53 -0.15 -7.43
CA PRO A 100 0.69 0.32 -6.78
C PRO A 100 0.92 1.83 -6.90
N SER A 101 1.65 2.38 -5.94
CA SER A 101 1.98 3.79 -5.92
C SER A 101 3.33 4.01 -6.56
N ASP A 102 3.46 5.12 -7.29
CA ASP A 102 4.69 5.49 -7.99
C ASP A 102 5.93 5.03 -7.23
N ALA A 103 6.90 4.51 -7.96
CA ALA A 103 8.14 4.04 -7.37
C ALA A 103 9.04 5.19 -6.97
N ILE A 104 9.31 5.30 -5.67
CA ILE A 104 10.17 6.36 -5.16
C ILE A 104 11.56 5.85 -4.84
N THR A 105 12.57 6.45 -5.45
CA THR A 105 13.96 6.05 -5.24
C THR A 105 14.29 6.00 -3.75
N CYS A 106 13.56 6.76 -2.95
CA CYS A 106 13.78 6.80 -1.51
C CYS A 106 15.22 7.22 -1.22
N ARG A 107 15.65 8.31 -1.86
CA ARG A 107 17.00 8.82 -1.68
C ARG A 107 17.05 10.34 -1.78
N ASP A 108 16.28 10.88 -2.72
CA ASP A 108 16.22 12.33 -2.94
C ASP A 108 16.08 13.08 -1.62
N ASP A 109 15.50 12.43 -0.63
CA ASP A 109 15.31 13.05 0.68
C ASP A 109 16.63 13.21 1.43
N VAL A 110 17.69 12.67 0.87
CA VAL A 110 19.01 12.75 1.47
C VAL A 110 19.97 13.47 0.53
N GLU A 111 19.47 13.86 -0.65
CA GLU A 111 20.30 14.55 -1.62
C GLU A 111 19.53 15.66 -2.32
N ALA A 112 18.35 15.34 -2.83
CA ALA A 112 17.52 16.31 -3.52
C ALA A 112 16.17 15.70 -3.91
N SER A 9 -22.90 -11.89 -2.62
CA SER A 9 -21.92 -11.31 -1.68
C SER A 9 -20.61 -10.96 -2.39
N PRO A 10 -20.58 -9.85 -3.14
CA PRO A 10 -19.40 -9.41 -3.87
C PRO A 10 -18.41 -8.70 -2.96
N ILE A 11 -17.52 -7.90 -3.56
CA ILE A 11 -16.52 -7.16 -2.81
C ILE A 11 -15.82 -6.15 -3.69
N ASP A 12 -15.47 -5.01 -3.11
CA ASP A 12 -14.78 -3.95 -3.84
C ASP A 12 -13.53 -3.51 -3.09
N PRO A 13 -12.37 -3.47 -3.76
CA PRO A 13 -11.11 -3.07 -3.13
C PRO A 13 -11.06 -1.57 -2.83
N PRO A 14 -10.21 -1.18 -1.87
CA PRO A 14 -10.06 0.23 -1.49
C PRO A 14 -9.74 1.13 -2.68
N GLY A 15 -9.40 2.38 -2.39
CA GLY A 15 -9.08 3.33 -3.44
C GLY A 15 -7.69 3.13 -4.01
N LYS A 16 -7.11 4.20 -4.55
CA LYS A 16 -5.76 4.13 -5.12
C LYS A 16 -4.72 4.56 -4.10
N PRO A 17 -3.54 3.89 -4.06
CA PRO A 17 -2.47 4.22 -3.13
C PRO A 17 -1.54 5.32 -3.65
N VAL A 18 -1.07 6.18 -2.76
CA VAL A 18 -0.17 7.28 -3.16
C VAL A 18 0.63 7.81 -1.96
N PRO A 19 1.98 7.83 -2.06
CA PRO A 19 2.83 8.33 -0.97
C PRO A 19 2.73 9.84 -0.78
N LEU A 20 1.92 10.27 0.17
CA LEU A 20 1.76 11.69 0.45
C LEU A 20 3.10 12.29 0.86
N ASN A 21 3.92 11.46 1.49
CA ASN A 21 5.25 11.87 1.95
C ASN A 21 6.20 10.69 1.85
N ILE A 22 7.50 10.96 1.78
CA ILE A 22 8.48 9.89 1.69
C ILE A 22 9.74 10.24 2.47
N THR A 23 9.91 9.59 3.62
CA THR A 23 11.07 9.81 4.48
C THR A 23 12.21 8.85 4.16
N ARG A 24 12.51 8.73 2.87
CA ARG A 24 13.58 7.86 2.39
C ARG A 24 13.39 6.41 2.84
N HIS A 25 13.65 6.16 4.12
CA HIS A 25 13.51 4.81 4.67
C HIS A 25 12.06 4.48 5.00
N THR A 26 11.29 5.48 5.38
CA THR A 26 9.89 5.28 5.72
C THR A 26 8.99 6.19 4.90
N VAL A 27 8.32 5.62 3.91
CA VAL A 27 7.43 6.40 3.06
C VAL A 27 6.00 6.39 3.61
N THR A 28 5.22 7.39 3.27
CA THR A 28 3.84 7.50 3.75
C THR A 28 2.85 7.61 2.59
N LEU A 29 2.02 6.58 2.42
CA LEU A 29 1.01 6.59 1.37
C LEU A 29 -0.37 6.31 1.91
N LYS A 30 -1.35 6.89 1.25
CA LYS A 30 -2.75 6.73 1.63
C LYS A 30 -3.61 6.55 0.37
N TRP A 31 -4.85 6.11 0.56
CA TRP A 31 -5.76 5.89 -0.55
C TRP A 31 -7.19 6.33 -0.19
N ALA A 32 -8.17 5.43 -0.29
CA ALA A 32 -9.55 5.77 0.04
C ALA A 32 -10.37 4.52 0.36
N LYS A 33 -11.18 4.60 1.42
CA LYS A 33 -12.01 3.46 1.82
C LYS A 33 -12.82 2.95 0.63
N PRO A 34 -12.98 1.62 0.51
CA PRO A 34 -13.74 0.99 -0.58
C PRO A 34 -15.11 1.63 -0.77
N GLU A 35 -15.90 1.05 -1.67
CA GLU A 35 -17.23 1.58 -1.95
C GLU A 35 -18.33 0.55 -1.67
N TYR A 36 -18.03 -0.73 -1.92
CA TYR A 36 -19.03 -1.78 -1.71
C TYR A 36 -18.61 -2.76 -0.61
N THR A 37 -17.58 -3.55 -0.89
CA THR A 37 -17.11 -4.54 0.08
C THR A 37 -18.27 -5.42 0.53
N GLY A 38 -19.24 -5.62 -0.37
CA GLY A 38 -20.38 -6.44 -0.05
C GLY A 38 -21.03 -6.02 1.27
N GLY A 39 -20.74 -6.78 2.31
CA GLY A 39 -21.28 -6.48 3.63
C GLY A 39 -20.21 -6.59 4.68
N PHE A 40 -18.98 -6.30 4.28
CA PHE A 40 -17.82 -6.38 5.15
C PHE A 40 -17.26 -4.99 5.47
N LYS A 41 -16.09 -4.98 6.12
CA LYS A 41 -15.44 -3.73 6.49
C LYS A 41 -13.92 -3.81 6.28
N ILE A 42 -13.49 -4.73 5.43
CA ILE A 42 -12.06 -4.91 5.16
C ILE A 42 -11.33 -5.44 6.38
N THR A 43 -11.22 -4.60 7.41
CA THR A 43 -10.56 -4.97 8.66
C THR A 43 -9.04 -4.99 8.53
N SER A 44 -8.50 -4.49 7.41
CA SER A 44 -7.06 -4.46 7.21
C SER A 44 -6.69 -4.13 5.77
N TYR A 45 -5.70 -3.24 5.60
CA TYR A 45 -5.26 -2.84 4.27
C TYR A 45 -3.79 -3.18 4.07
N ILE A 46 -3.51 -4.34 3.49
CA ILE A 46 -2.14 -4.78 3.25
C ILE A 46 -1.47 -3.93 2.18
N VAL A 47 -0.14 -3.81 2.26
CA VAL A 47 0.61 -3.03 1.28
C VAL A 47 1.71 -3.88 0.64
N GLU A 48 1.48 -4.29 -0.59
CA GLU A 48 2.45 -5.09 -1.32
C GLU A 48 3.59 -4.21 -1.82
N LYS A 49 4.79 -4.44 -1.31
CA LYS A 49 5.96 -3.66 -1.71
C LYS A 49 6.73 -4.28 -2.86
N ARG A 50 7.34 -3.42 -3.64
CA ARG A 50 8.16 -3.86 -4.76
C ARG A 50 9.46 -3.06 -4.76
N ASP A 51 10.43 -3.55 -4.00
CA ASP A 51 11.72 -2.90 -3.91
C ASP A 51 12.42 -2.92 -5.26
N LEU A 52 12.14 -1.92 -6.08
CA LEU A 52 12.73 -1.84 -7.42
C LEU A 52 14.23 -1.58 -7.35
N PRO A 53 15.00 -2.14 -8.31
CA PRO A 53 14.47 -2.95 -9.40
C PRO A 53 14.49 -4.44 -9.08
N ASN A 54 14.16 -4.78 -7.83
CA ASN A 54 14.14 -6.18 -7.40
C ASN A 54 13.03 -6.45 -6.40
N GLY A 55 11.85 -5.89 -6.67
CA GLY A 55 10.72 -6.10 -5.79
C GLY A 55 9.91 -7.33 -6.14
N ARG A 56 8.82 -7.56 -5.42
CA ARG A 56 7.97 -8.72 -5.67
C ARG A 56 6.64 -8.60 -4.92
N TRP A 57 6.18 -7.36 -4.73
CA TRP A 57 4.92 -7.11 -4.04
C TRP A 57 4.83 -7.93 -2.75
N LEU A 58 5.34 -7.38 -1.65
CA LEU A 58 5.31 -8.09 -0.38
C LEU A 58 4.74 -7.22 0.74
N LYS A 59 3.86 -7.80 1.54
CA LYS A 59 3.24 -7.08 2.66
C LYS A 59 4.27 -6.69 3.71
N ALA A 60 5.00 -5.61 3.43
CA ALA A 60 6.03 -5.12 4.34
C ALA A 60 5.43 -4.63 5.64
N ASN A 61 4.33 -3.87 5.55
CA ASN A 61 3.68 -3.32 6.75
C ASN A 61 3.62 -4.35 7.87
N PHE A 62 3.02 -5.50 7.59
CA PHE A 62 2.88 -6.57 8.57
C PHE A 62 1.80 -6.26 9.62
N SER A 63 1.85 -5.06 10.21
CA SER A 63 0.87 -4.67 11.22
C SER A 63 -0.53 -4.59 10.63
N ASN A 64 -1.47 -4.12 11.43
CA ASN A 64 -2.86 -4.00 11.00
C ASN A 64 -3.16 -2.58 10.51
N ILE A 65 -3.31 -2.44 9.20
CA ILE A 65 -3.61 -1.13 8.61
C ILE A 65 -5.11 -0.88 8.59
N LEU A 66 -5.62 -0.32 9.68
CA LEU A 66 -7.04 -0.02 9.79
C LEU A 66 -7.44 1.18 8.93
N GLU A 67 -6.64 2.24 9.00
CA GLU A 67 -6.92 3.44 8.22
C GLU A 67 -6.24 3.34 6.87
N ASN A 68 -6.84 3.97 5.87
CA ASN A 68 -6.27 3.95 4.53
C ASN A 68 -5.00 4.80 4.46
N GLU A 69 -4.68 5.51 5.55
CA GLU A 69 -3.49 6.34 5.60
C GLU A 69 -2.42 5.61 6.38
N PHE A 70 -1.56 4.88 5.67
CA PHE A 70 -0.52 4.12 6.31
C PHE A 70 0.87 4.57 5.87
N THR A 71 1.87 4.15 6.63
CA THR A 71 3.25 4.49 6.34
C THR A 71 4.09 3.25 6.14
N VAL A 72 4.66 3.12 4.95
CA VAL A 72 5.48 1.96 4.62
C VAL A 72 6.89 2.10 5.17
N SER A 73 7.30 1.11 5.94
CA SER A 73 8.64 1.09 6.52
C SER A 73 9.42 -0.12 6.04
N GLY A 74 10.73 -0.05 6.23
CA GLY A 74 11.59 -1.13 5.80
C GLY A 74 12.30 -0.83 4.50
N LEU A 75 11.84 0.20 3.80
CA LEU A 75 12.44 0.61 2.55
C LEU A 75 13.94 0.81 2.72
N THR A 76 14.60 1.25 1.65
CA THR A 76 16.03 1.48 1.69
C THR A 76 16.40 2.70 0.85
N GLU A 77 17.50 3.35 1.21
CA GLU A 77 17.95 4.53 0.49
C GLU A 77 18.45 4.17 -0.90
N ASP A 78 18.34 5.12 -1.83
CA ASP A 78 18.77 4.90 -3.21
C ASP A 78 18.12 3.66 -3.81
N ALA A 79 16.79 3.59 -3.72
CA ALA A 79 16.05 2.46 -4.25
C ALA A 79 14.58 2.82 -4.45
N ALA A 80 14.09 2.68 -5.68
CA ALA A 80 12.70 2.97 -5.99
C ALA A 80 11.78 1.92 -5.37
N TYR A 81 10.71 2.38 -4.74
CA TYR A 81 9.78 1.46 -4.10
C TYR A 81 8.34 1.69 -4.51
N GLU A 82 7.72 0.67 -5.10
CA GLU A 82 6.33 0.75 -5.52
C GLU A 82 5.46 -0.05 -4.57
N PHE A 83 4.30 0.48 -4.16
CA PHE A 83 3.45 -0.29 -3.22
C PHE A 83 1.97 -0.32 -3.59
N ARG A 84 1.46 -1.53 -3.82
CA ARG A 84 0.05 -1.70 -4.15
C ARG A 84 -0.74 -2.04 -2.89
N VAL A 85 -2.06 -1.89 -2.96
CA VAL A 85 -2.91 -2.18 -1.80
C VAL A 85 -3.82 -3.37 -2.05
N ILE A 86 -3.79 -4.32 -1.11
CA ILE A 86 -4.60 -5.51 -1.13
C ILE A 86 -5.27 -5.65 0.23
N ALA A 87 -6.52 -6.08 0.26
CA ALA A 87 -7.21 -6.22 1.54
C ALA A 87 -8.37 -7.20 1.48
N LYS A 88 -8.37 -8.16 2.40
CA LYS A 88 -9.44 -9.14 2.44
C LYS A 88 -10.69 -8.51 3.04
N ASN A 89 -11.58 -9.35 3.58
CA ASN A 89 -12.81 -8.84 4.16
C ASN A 89 -13.42 -9.84 5.13
N ALA A 90 -14.33 -9.35 5.97
CA ALA A 90 -15.01 -10.16 6.97
C ALA A 90 -15.37 -11.56 6.46
N ALA A 91 -15.87 -11.63 5.23
CA ALA A 91 -16.26 -12.91 4.64
C ALA A 91 -15.07 -13.83 4.40
N GLY A 92 -13.89 -13.24 4.28
CA GLY A 92 -12.69 -14.01 4.04
C GLY A 92 -12.18 -13.86 2.62
N ALA A 93 -12.96 -13.20 1.77
CA ALA A 93 -12.58 -12.98 0.38
C ALA A 93 -11.24 -12.26 0.31
N ILE A 94 -10.90 -11.71 -0.85
CA ILE A 94 -9.64 -11.00 -1.01
C ILE A 94 -9.74 -9.86 -2.02
N SER A 95 -9.66 -8.62 -1.54
CA SER A 95 -9.70 -7.50 -2.45
C SER A 95 -8.39 -7.49 -3.23
N PRO A 96 -8.43 -7.79 -4.54
CA PRO A 96 -7.23 -7.86 -5.38
C PRO A 96 -6.37 -6.59 -5.31
N PRO A 97 -5.17 -6.65 -5.91
CA PRO A 97 -4.21 -5.53 -5.93
C PRO A 97 -4.83 -4.22 -6.38
N SER A 98 -4.36 -3.13 -5.78
CA SER A 98 -4.84 -1.79 -6.11
C SER A 98 -3.68 -0.88 -6.52
N GLU A 99 -3.56 -0.69 -7.83
CA GLU A 99 -2.52 0.16 -8.46
C GLU A 99 -1.39 0.58 -7.50
N PRO A 100 -0.18 0.01 -7.68
CA PRO A 100 0.97 0.34 -6.82
C PRO A 100 1.28 1.83 -6.78
N SER A 101 1.69 2.31 -5.61
CA SER A 101 2.06 3.71 -5.42
C SER A 101 3.35 3.98 -6.15
N ASP A 102 3.41 5.14 -6.80
CA ASP A 102 4.59 5.57 -7.56
C ASP A 102 5.88 5.14 -6.88
N ALA A 103 6.78 4.59 -7.66
CA ALA A 103 8.06 4.13 -7.13
C ALA A 103 8.87 5.28 -6.58
N ILE A 104 9.17 5.24 -5.29
CA ILE A 104 9.95 6.29 -4.65
C ILE A 104 11.41 5.88 -4.53
N THR A 105 12.27 6.55 -5.29
CA THR A 105 13.70 6.25 -5.28
C THR A 105 14.22 6.19 -3.84
N CYS A 106 13.53 6.91 -2.94
CA CYS A 106 13.92 6.94 -1.54
C CYS A 106 15.41 7.21 -1.39
N ARG A 107 15.78 8.48 -1.47
CA ARG A 107 17.19 8.87 -1.35
C ARG A 107 17.34 9.97 -0.29
N ASP A 108 17.16 11.21 -0.72
CA ASP A 108 17.28 12.35 0.19
C ASP A 108 15.91 12.96 0.47
N ASP A 109 14.85 12.20 0.19
CA ASP A 109 13.48 12.66 0.41
C ASP A 109 13.28 14.08 -0.14
N VAL A 110 14.08 14.41 -1.15
CA VAL A 110 14.00 15.72 -1.78
C VAL A 110 13.66 15.59 -3.26
N GLU A 111 13.89 14.40 -3.83
CA GLU A 111 13.61 14.15 -5.24
C GLU A 111 14.09 15.30 -6.13
N ALA A 112 15.38 15.27 -6.44
CA ALA A 112 15.98 16.31 -7.28
C ALA A 112 16.28 15.76 -8.67
N SER A 9 -21.93 -11.32 -4.66
CA SER A 9 -20.90 -10.68 -3.79
C SER A 9 -19.81 -10.02 -4.63
N PRO A 10 -20.05 -8.77 -5.08
CA PRO A 10 -19.10 -8.04 -5.89
C PRO A 10 -18.16 -7.19 -5.04
N ILE A 11 -17.28 -7.85 -4.30
CA ILE A 11 -16.32 -7.15 -3.45
C ILE A 11 -15.60 -6.05 -4.23
N ASP A 12 -15.22 -5.00 -3.53
CA ASP A 12 -14.52 -3.89 -4.15
C ASP A 12 -13.38 -3.40 -3.26
N PRO A 13 -12.13 -3.44 -3.75
CA PRO A 13 -10.97 -2.99 -2.97
C PRO A 13 -10.94 -1.48 -2.78
N PRO A 14 -10.16 -0.99 -1.82
CA PRO A 14 -10.05 0.45 -1.53
C PRO A 14 -9.61 1.26 -2.74
N GLY A 15 -9.29 2.53 -2.51
CA GLY A 15 -8.86 3.40 -3.57
C GLY A 15 -7.40 3.19 -3.96
N LYS A 16 -6.92 4.00 -4.90
CA LYS A 16 -5.54 3.90 -5.35
C LYS A 16 -4.58 4.45 -4.30
N PRO A 17 -3.48 3.72 -3.99
CA PRO A 17 -2.50 4.16 -3.00
C PRO A 17 -1.58 5.26 -3.53
N VAL A 18 -1.43 6.33 -2.76
CA VAL A 18 -0.57 7.44 -3.19
C VAL A 18 0.21 8.03 -2.01
N PRO A 19 1.52 7.76 -1.94
CA PRO A 19 2.37 8.26 -0.87
C PRO A 19 2.11 9.74 -0.56
N LEU A 20 1.93 10.07 0.71
CA LEU A 20 1.71 11.45 1.12
C LEU A 20 3.08 12.07 1.42
N ASN A 21 3.98 11.23 1.89
CA ASN A 21 5.34 11.63 2.21
C ASN A 21 6.26 10.44 1.99
N ILE A 22 7.55 10.67 1.84
CA ILE A 22 8.48 9.58 1.62
C ILE A 22 9.82 9.82 2.32
N THR A 23 9.95 9.23 3.50
CA THR A 23 11.17 9.37 4.31
C THR A 23 12.21 8.33 3.93
N ARG A 24 12.47 8.20 2.64
CA ARG A 24 13.46 7.26 2.11
C ARG A 24 13.25 5.83 2.62
N HIS A 25 13.60 5.61 3.88
CA HIS A 25 13.45 4.29 4.50
C HIS A 25 11.98 3.96 4.77
N THR A 26 11.23 4.96 5.21
CA THR A 26 9.81 4.77 5.51
C THR A 26 8.98 5.79 4.74
N VAL A 27 8.11 5.31 3.85
CA VAL A 27 7.28 6.21 3.08
C VAL A 27 5.83 6.21 3.52
N THR A 28 5.25 7.40 3.64
CA THR A 28 3.86 7.55 4.04
C THR A 28 2.98 7.55 2.81
N LEU A 29 1.78 6.96 2.94
CA LEU A 29 0.84 6.89 1.84
C LEU A 29 -0.60 6.87 2.33
N LYS A 30 -1.51 7.23 1.43
CA LYS A 30 -2.93 7.26 1.77
C LYS A 30 -3.78 7.01 0.54
N TRP A 31 -4.91 6.34 0.73
CA TRP A 31 -5.82 6.04 -0.36
C TRP A 31 -7.27 6.30 0.03
N ALA A 32 -8.19 5.98 -0.87
CA ALA A 32 -9.60 6.19 -0.61
C ALA A 32 -10.26 4.91 -0.11
N LYS A 33 -11.37 5.05 0.62
CA LYS A 33 -12.07 3.90 1.14
C LYS A 33 -12.90 3.22 0.05
N PRO A 34 -13.10 1.90 0.17
CA PRO A 34 -13.88 1.12 -0.80
C PRO A 34 -15.16 1.81 -1.25
N GLU A 35 -15.85 1.20 -2.21
CA GLU A 35 -17.09 1.76 -2.72
C GLU A 35 -18.29 0.84 -2.44
N TYR A 36 -18.02 -0.44 -2.22
CA TYR A 36 -19.08 -1.40 -1.95
C TYR A 36 -18.64 -2.47 -0.94
N THR A 37 -17.68 -3.29 -1.35
CA THR A 37 -17.19 -4.37 -0.49
C THR A 37 -18.34 -5.29 -0.10
N GLY A 38 -19.15 -5.66 -1.10
CA GLY A 38 -20.28 -6.53 -0.85
C GLY A 38 -21.12 -6.06 0.32
N GLY A 39 -20.84 -6.60 1.49
CA GLY A 39 -21.57 -6.21 2.69
C GLY A 39 -20.65 -6.21 3.89
N PHE A 40 -19.36 -6.03 3.63
CA PHE A 40 -18.34 -6.03 4.68
C PHE A 40 -17.87 -4.61 5.00
N LYS A 41 -16.89 -4.52 5.89
CA LYS A 41 -16.34 -3.24 6.31
C LYS A 41 -14.81 -3.24 6.27
N ILE A 42 -14.21 -4.38 5.87
CA ILE A 42 -12.76 -4.49 5.80
C ILE A 42 -12.14 -4.28 7.17
N THR A 43 -11.04 -5.00 7.43
CA THR A 43 -10.35 -4.89 8.70
C THR A 43 -8.83 -4.91 8.53
N SER A 44 -8.35 -4.54 7.34
CA SER A 44 -6.90 -4.53 7.10
C SER A 44 -6.55 -4.19 5.65
N TYR A 45 -5.75 -3.13 5.49
CA TYR A 45 -5.30 -2.71 4.15
C TYR A 45 -3.85 -3.10 3.98
N ILE A 46 -3.62 -4.33 3.54
CA ILE A 46 -2.27 -4.84 3.35
C ILE A 46 -1.69 -4.37 2.02
N VAL A 47 -0.57 -3.65 2.09
CA VAL A 47 0.08 -3.14 0.91
C VAL A 47 1.43 -3.85 0.68
N GLU A 48 1.64 -4.35 -0.53
CA GLU A 48 2.87 -5.05 -0.87
C GLU A 48 3.92 -4.08 -1.42
N LYS A 49 5.16 -4.23 -0.95
CA LYS A 49 6.25 -3.38 -1.38
C LYS A 49 7.07 -4.08 -2.47
N ARG A 50 7.67 -3.29 -3.36
CA ARG A 50 8.48 -3.84 -4.43
C ARG A 50 9.78 -3.07 -4.57
N ASP A 51 10.88 -3.71 -4.19
CA ASP A 51 12.20 -3.10 -4.27
C ASP A 51 12.73 -3.15 -5.70
N LEU A 52 12.63 -2.02 -6.39
CA LEU A 52 13.09 -1.95 -7.78
C LEU A 52 14.57 -1.56 -7.84
N PRO A 53 15.28 -1.96 -8.92
CA PRO A 53 14.71 -2.73 -10.02
C PRO A 53 14.83 -4.23 -9.80
N ASN A 54 15.07 -4.64 -8.57
CA ASN A 54 15.21 -6.06 -8.24
C ASN A 54 14.49 -6.39 -6.94
N GLY A 55 13.18 -6.58 -7.02
CA GLY A 55 12.39 -6.90 -5.85
C GLY A 55 11.07 -7.56 -6.21
N ARG A 56 10.18 -7.66 -5.22
CA ARG A 56 8.87 -8.26 -5.44
C ARG A 56 7.86 -7.77 -4.42
N TRP A 57 6.58 -7.89 -4.76
CA TRP A 57 5.51 -7.47 -3.89
C TRP A 57 5.48 -8.30 -2.61
N LEU A 58 5.59 -7.61 -1.47
CA LEU A 58 5.58 -8.29 -0.18
C LEU A 58 5.01 -7.38 0.90
N LYS A 59 4.21 -7.95 1.79
CA LYS A 59 3.59 -7.18 2.89
C LYS A 59 4.60 -6.23 3.53
N ALA A 60 4.63 -4.99 3.04
CA ALA A 60 5.55 -3.99 3.58
C ALA A 60 5.13 -3.56 4.98
N ASN A 61 3.82 -3.40 5.16
CA ASN A 61 3.28 -2.98 6.45
C ASN A 61 3.45 -4.08 7.50
N PHE A 62 3.15 -5.31 7.12
CA PHE A 62 3.26 -6.44 8.04
C PHE A 62 2.46 -6.17 9.32
N SER A 63 1.47 -5.30 9.21
CA SER A 63 0.63 -4.95 10.35
C SER A 63 -0.84 -4.90 9.94
N ASN A 64 -1.65 -4.16 10.71
CA ASN A 64 -3.07 -4.04 10.43
C ASN A 64 -3.42 -2.62 9.98
N ILE A 65 -3.33 -2.36 8.69
CA ILE A 65 -3.65 -1.05 8.15
C ILE A 65 -5.15 -0.78 8.22
N LEU A 66 -5.68 -0.73 9.43
CA LEU A 66 -7.11 -0.49 9.64
C LEU A 66 -7.58 0.70 8.80
N GLU A 67 -6.94 1.84 9.00
CA GLU A 67 -7.28 3.04 8.26
C GLU A 67 -6.49 3.07 6.96
N ASN A 68 -6.97 3.85 6.00
CA ASN A 68 -6.30 3.94 4.71
C ASN A 68 -5.06 4.85 4.77
N GLU A 69 -4.76 5.39 5.96
CA GLU A 69 -3.60 6.25 6.12
C GLU A 69 -2.45 5.47 6.77
N PHE A 70 -1.56 4.94 5.94
CA PHE A 70 -0.44 4.16 6.44
C PHE A 70 0.89 4.61 5.84
N THR A 71 1.97 4.21 6.50
CA THR A 71 3.32 4.51 6.05
C THR A 71 4.13 3.23 6.03
N VAL A 72 4.68 2.89 4.87
CA VAL A 72 5.45 1.66 4.75
C VAL A 72 6.87 1.83 5.29
N SER A 73 7.13 1.20 6.42
CA SER A 73 8.44 1.27 7.05
C SER A 73 9.25 0.03 6.72
N GLY A 74 10.52 0.23 6.36
CA GLY A 74 11.38 -0.89 6.02
C GLY A 74 12.04 -0.73 4.66
N LEU A 75 11.63 0.30 3.92
CA LEU A 75 12.20 0.55 2.60
C LEU A 75 13.71 0.75 2.71
N THR A 76 14.30 1.33 1.69
CA THR A 76 15.74 1.56 1.68
C THR A 76 16.09 2.83 0.91
N GLU A 77 17.29 3.35 1.17
CA GLU A 77 17.75 4.56 0.50
C GLU A 77 18.36 4.23 -0.86
N ASP A 78 18.15 5.12 -1.83
CA ASP A 78 18.69 4.92 -3.17
C ASP A 78 18.07 3.70 -3.82
N ALA A 79 16.74 3.71 -3.96
CA ALA A 79 16.03 2.60 -4.57
C ALA A 79 14.55 2.90 -4.72
N ALA A 80 14.05 2.79 -5.95
CA ALA A 80 12.64 3.05 -6.22
C ALA A 80 11.78 1.96 -5.60
N TYR A 81 10.76 2.37 -4.85
CA TYR A 81 9.88 1.41 -4.20
C TYR A 81 8.41 1.63 -4.58
N GLU A 82 7.81 0.61 -5.20
CA GLU A 82 6.42 0.67 -5.61
C GLU A 82 5.57 -0.12 -4.61
N PHE A 83 4.39 0.40 -4.25
CA PHE A 83 3.55 -0.32 -3.27
C PHE A 83 2.07 -0.36 -3.63
N ARG A 84 1.52 -1.58 -3.74
CA ARG A 84 0.10 -1.76 -4.05
C ARG A 84 -0.69 -2.01 -2.76
N VAL A 85 -1.97 -1.65 -2.74
CA VAL A 85 -2.78 -1.88 -1.53
C VAL A 85 -3.85 -2.95 -1.73
N ILE A 86 -3.58 -4.15 -1.22
CA ILE A 86 -4.51 -5.25 -1.29
C ILE A 86 -5.23 -5.32 0.06
N ALA A 87 -6.43 -5.88 0.09
CA ALA A 87 -7.13 -5.95 1.37
C ALA A 87 -8.35 -6.85 1.34
N LYS A 88 -8.52 -7.64 2.39
CA LYS A 88 -9.65 -8.54 2.49
C LYS A 88 -10.88 -7.75 2.92
N ASN A 89 -11.87 -8.44 3.46
CA ASN A 89 -13.09 -7.80 3.90
C ASN A 89 -13.54 -8.41 5.23
N ALA A 90 -14.81 -8.81 5.36
CA ALA A 90 -15.31 -9.41 6.59
C ALA A 90 -15.62 -10.88 6.39
N ALA A 91 -15.56 -11.35 5.14
CA ALA A 91 -15.84 -12.74 4.83
C ALA A 91 -14.58 -13.51 4.44
N GLY A 92 -13.41 -12.84 4.52
CA GLY A 92 -12.17 -13.51 4.18
C GLY A 92 -11.75 -13.27 2.74
N ALA A 93 -12.71 -12.88 1.89
CA ALA A 93 -12.43 -12.62 0.50
C ALA A 93 -11.38 -11.53 0.36
N ILE A 94 -10.31 -11.84 -0.38
CA ILE A 94 -9.23 -10.88 -0.58
C ILE A 94 -9.51 -9.94 -1.74
N SER A 95 -9.76 -8.67 -1.42
CA SER A 95 -10.02 -7.68 -2.45
C SER A 95 -8.75 -7.44 -3.26
N PRO A 96 -8.84 -7.60 -4.60
CA PRO A 96 -7.70 -7.41 -5.50
C PRO A 96 -6.80 -6.25 -5.09
N PRO A 97 -5.56 -6.22 -5.63
CA PRO A 97 -4.60 -5.18 -5.31
C PRO A 97 -4.96 -3.84 -5.94
N SER A 98 -4.63 -2.77 -5.23
CA SER A 98 -4.91 -1.42 -5.71
C SER A 98 -3.66 -0.80 -6.33
N GLU A 99 -3.67 -0.72 -7.67
CA GLU A 99 -2.57 -0.16 -8.49
C GLU A 99 -1.39 0.37 -7.67
N PRO A 100 -0.26 -0.35 -7.68
CA PRO A 100 0.94 0.04 -6.94
C PRO A 100 1.19 1.55 -6.96
N SER A 101 1.79 2.06 -5.90
CA SER A 101 2.11 3.47 -5.77
C SER A 101 3.43 3.72 -6.48
N ASP A 102 3.48 4.82 -7.23
CA ASP A 102 4.67 5.22 -7.97
C ASP A 102 5.95 4.90 -7.21
N ALA A 103 6.88 4.23 -7.88
CA ALA A 103 8.14 3.86 -7.27
C ALA A 103 8.90 5.10 -6.80
N ILE A 104 9.15 5.17 -5.51
CA ILE A 104 9.88 6.30 -4.94
C ILE A 104 11.35 5.95 -4.77
N THR A 105 12.21 6.59 -5.56
CA THR A 105 13.65 6.34 -5.49
C THR A 105 14.14 6.32 -4.05
N CYS A 106 13.47 7.06 -3.18
CA CYS A 106 13.85 7.12 -1.78
C CYS A 106 15.34 7.34 -1.62
N ARG A 107 15.80 8.54 -1.95
CA ARG A 107 17.22 8.87 -1.84
C ARG A 107 17.50 9.72 -0.61
N ASP A 108 17.64 11.03 -0.79
CA ASP A 108 17.91 11.93 0.34
C ASP A 108 16.62 12.58 0.85
N ASP A 109 15.49 11.96 0.54
CA ASP A 109 14.19 12.48 0.97
C ASP A 109 14.01 13.94 0.53
N VAL A 110 14.77 14.34 -0.48
CA VAL A 110 14.69 15.70 -0.99
C VAL A 110 14.43 15.74 -2.49
N GLU A 111 14.46 14.56 -3.13
CA GLU A 111 14.21 14.47 -4.57
C GLU A 111 14.94 15.56 -5.34
N ALA A 112 16.10 15.96 -4.83
CA ALA A 112 16.90 17.00 -5.46
C ALA A 112 17.49 16.51 -6.79
N SER A 9 -21.76 -10.20 -3.21
CA SER A 9 -21.21 -11.31 -4.03
C SER A 9 -19.80 -10.99 -4.53
N PRO A 10 -19.61 -9.80 -5.12
CA PRO A 10 -18.32 -9.37 -5.64
C PRO A 10 -17.51 -8.60 -4.60
N ILE A 11 -16.46 -7.93 -5.07
CA ILE A 11 -15.60 -7.14 -4.19
C ILE A 11 -14.72 -6.21 -5.01
N ASP A 12 -14.33 -5.08 -4.42
CA ASP A 12 -13.50 -4.11 -5.12
C ASP A 12 -12.38 -3.56 -4.23
N PRO A 13 -11.11 -3.65 -4.68
CA PRO A 13 -9.97 -3.14 -3.92
C PRO A 13 -10.09 -1.65 -3.61
N PRO A 14 -9.19 -1.12 -2.78
CA PRO A 14 -9.20 0.30 -2.41
C PRO A 14 -8.82 1.21 -3.58
N GLY A 15 -8.78 2.52 -3.32
CA GLY A 15 -8.42 3.47 -4.36
C GLY A 15 -6.94 3.52 -4.63
N LYS A 16 -6.54 4.27 -5.64
CA LYS A 16 -5.13 4.41 -6.00
C LYS A 16 -4.34 5.02 -4.84
N PRO A 17 -3.33 4.30 -4.30
CA PRO A 17 -2.51 4.80 -3.19
C PRO A 17 -1.58 5.93 -3.62
N VAL A 18 -1.34 6.87 -2.70
CA VAL A 18 -0.47 8.01 -2.97
C VAL A 18 0.35 8.39 -1.75
N PRO A 19 1.68 8.21 -1.79
CA PRO A 19 2.58 8.53 -0.68
C PRO A 19 2.58 10.02 -0.31
N LEU A 20 1.97 10.33 0.83
CA LEU A 20 1.93 11.71 1.32
C LEU A 20 3.37 12.17 1.59
N ASN A 21 4.12 11.28 2.20
CA ASN A 21 5.51 11.52 2.54
C ASN A 21 6.33 10.30 2.13
N ILE A 22 7.60 10.50 1.78
CA ILE A 22 8.42 9.38 1.37
C ILE A 22 9.84 9.47 1.88
N THR A 23 10.12 8.75 2.96
CA THR A 23 11.45 8.74 3.56
C THR A 23 12.29 7.62 2.96
N ARG A 24 13.53 7.97 2.62
CA ARG A 24 14.47 7.03 2.01
C ARG A 24 14.32 5.58 2.48
N HIS A 25 13.89 5.38 3.72
CA HIS A 25 13.74 4.02 4.23
C HIS A 25 12.29 3.68 4.58
N THR A 26 11.48 4.70 4.85
CA THR A 26 10.07 4.49 5.19
C THR A 26 9.22 5.52 4.46
N VAL A 27 8.14 5.08 3.82
CA VAL A 27 7.29 6.01 3.10
C VAL A 27 5.84 5.98 3.59
N THR A 28 5.22 7.15 3.62
CA THR A 28 3.83 7.30 4.06
C THR A 28 2.88 7.49 2.88
N LEU A 29 1.85 6.63 2.77
CA LEU A 29 0.87 6.75 1.71
C LEU A 29 -0.56 6.59 2.23
N LYS A 30 -1.47 7.23 1.52
CA LYS A 30 -2.89 7.20 1.86
C LYS A 30 -3.71 6.96 0.59
N TRP A 31 -4.89 6.38 0.75
CA TRP A 31 -5.75 6.10 -0.39
C TRP A 31 -7.23 6.30 -0.08
N ALA A 32 -8.07 5.99 -1.06
CA ALA A 32 -9.51 6.13 -0.91
C ALA A 32 -10.12 4.84 -0.35
N LYS A 33 -11.43 4.67 -0.57
CA LYS A 33 -12.14 3.49 -0.09
C LYS A 33 -12.92 2.85 -1.23
N PRO A 34 -12.97 1.51 -1.29
CA PRO A 34 -13.68 0.79 -2.34
C PRO A 34 -15.04 1.43 -2.63
N GLU A 35 -15.66 0.99 -3.73
CA GLU A 35 -16.96 1.52 -4.14
C GLU A 35 -18.08 0.51 -3.91
N TYR A 36 -17.74 -0.78 -4.01
CA TYR A 36 -18.74 -1.82 -3.83
C TYR A 36 -18.39 -2.75 -2.67
N THR A 37 -17.34 -3.54 -2.84
CA THR A 37 -16.92 -4.47 -1.80
C THR A 37 -18.10 -5.32 -1.32
N GLY A 38 -18.88 -5.81 -2.28
CA GLY A 38 -20.04 -6.62 -1.95
C GLY A 38 -20.88 -6.02 -0.84
N GLY A 39 -20.61 -6.44 0.39
CA GLY A 39 -21.34 -5.92 1.54
C GLY A 39 -20.50 -6.04 2.79
N PHE A 40 -19.20 -5.81 2.61
CA PHE A 40 -18.24 -5.90 3.69
C PHE A 40 -17.72 -4.52 4.09
N LYS A 41 -16.72 -4.51 4.97
CA LYS A 41 -16.12 -3.26 5.44
C LYS A 41 -14.59 -3.28 5.41
N ILE A 42 -14.04 -4.15 4.57
CA ILE A 42 -12.58 -4.27 4.44
C ILE A 42 -11.94 -4.86 5.71
N THR A 43 -11.90 -4.06 6.78
CA THR A 43 -11.32 -4.47 8.06
C THR A 43 -9.82 -4.20 8.13
N SER A 44 -9.17 -3.98 6.99
CA SER A 44 -7.72 -3.71 6.98
C SER A 44 -7.19 -3.54 5.56
N TYR A 45 -5.94 -3.09 5.45
CA TYR A 45 -5.31 -2.89 4.15
C TYR A 45 -3.84 -3.31 4.17
N ILE A 46 -3.56 -4.46 3.58
CA ILE A 46 -2.21 -4.97 3.51
C ILE A 46 -1.48 -4.45 2.27
N VAL A 47 -0.79 -3.33 2.42
CA VAL A 47 -0.07 -2.74 1.30
C VAL A 47 1.31 -3.41 1.14
N GLU A 48 1.55 -3.94 -0.05
CA GLU A 48 2.81 -4.62 -0.35
C GLU A 48 3.77 -3.70 -1.09
N LYS A 49 5.06 -4.00 -0.99
CA LYS A 49 6.09 -3.20 -1.64
C LYS A 49 6.76 -4.00 -2.75
N ARG A 50 7.04 -3.34 -3.86
CA ARG A 50 7.68 -3.99 -5.00
C ARG A 50 8.99 -3.30 -5.34
N ASP A 51 10.10 -4.01 -5.14
CA ASP A 51 11.41 -3.45 -5.43
C ASP A 51 11.59 -3.35 -6.94
N LEU A 52 11.16 -2.23 -7.50
CA LEU A 52 11.26 -2.02 -8.93
C LEU A 52 12.72 -1.79 -9.35
N PRO A 53 13.13 -2.31 -10.52
CA PRO A 53 12.28 -3.08 -11.42
C PRO A 53 12.40 -4.59 -11.23
N ASN A 54 12.33 -5.04 -9.98
CA ASN A 54 12.44 -6.46 -9.67
C ASN A 54 11.82 -6.80 -8.32
N GLY A 55 10.53 -6.54 -8.17
CA GLY A 55 9.86 -6.83 -6.92
C GLY A 55 8.80 -7.90 -7.07
N ARG A 56 8.09 -8.19 -5.98
CA ARG A 56 7.05 -9.21 -6.01
C ARG A 56 5.97 -8.91 -4.97
N TRP A 57 5.85 -7.64 -4.60
CA TRP A 57 4.85 -7.21 -3.64
C TRP A 57 4.93 -8.05 -2.36
N LEU A 58 5.65 -7.51 -1.38
CA LEU A 58 5.82 -8.19 -0.10
C LEU A 58 5.23 -7.33 1.02
N LYS A 59 4.54 -7.99 1.95
CA LYS A 59 3.92 -7.29 3.07
C LYS A 59 4.87 -6.28 3.71
N ALA A 60 4.79 -5.04 3.26
CA ALA A 60 5.64 -3.98 3.80
C ALA A 60 5.23 -3.64 5.22
N ASN A 61 3.92 -3.61 5.45
CA ASN A 61 3.37 -3.30 6.77
C ASN A 61 3.79 -4.37 7.78
N PHE A 62 3.08 -5.49 7.79
CA PHE A 62 3.39 -6.59 8.71
C PHE A 62 3.07 -6.17 10.15
N SER A 63 1.94 -5.50 10.32
CA SER A 63 1.51 -5.06 11.64
C SER A 63 -0.01 -4.90 11.69
N ASN A 64 -0.52 -3.85 11.03
CA ASN A 64 -1.95 -3.58 11.00
C ASN A 64 -2.23 -2.27 10.28
N ILE A 65 -3.26 -2.28 9.43
CA ILE A 65 -3.63 -1.09 8.67
C ILE A 65 -5.15 -0.97 8.58
N LEU A 66 -5.76 -0.48 9.65
CA LEU A 66 -7.21 -0.30 9.69
C LEU A 66 -7.65 0.79 8.74
N GLU A 67 -7.19 2.02 9.01
CA GLU A 67 -7.54 3.16 8.17
C GLU A 67 -6.73 3.13 6.88
N ASN A 68 -7.10 3.99 5.95
CA ASN A 68 -6.40 4.05 4.67
C ASN A 68 -5.11 4.87 4.77
N GLU A 69 -4.82 5.41 5.95
CA GLU A 69 -3.62 6.20 6.16
C GLU A 69 -2.55 5.37 6.86
N PHE A 70 -1.57 4.90 6.10
CA PHE A 70 -0.51 4.07 6.65
C PHE A 70 0.85 4.44 6.07
N THR A 71 1.90 3.99 6.75
CA THR A 71 3.27 4.23 6.32
C THR A 71 4.03 2.92 6.22
N VAL A 72 4.68 2.67 5.10
CA VAL A 72 5.41 1.42 4.93
C VAL A 72 6.86 1.56 5.35
N SER A 73 7.30 0.64 6.20
CA SER A 73 8.67 0.64 6.68
C SER A 73 9.42 -0.56 6.12
N GLY A 74 10.55 -0.29 5.49
CA GLY A 74 11.33 -1.36 4.90
C GLY A 74 12.02 -0.93 3.62
N LEU A 75 11.62 0.21 3.07
CA LEU A 75 12.21 0.72 1.84
C LEU A 75 13.73 0.76 1.96
N THR A 76 14.37 1.33 0.96
CA THR A 76 15.82 1.42 0.95
C THR A 76 16.28 2.62 0.12
N GLU A 77 17.48 3.10 0.40
CA GLU A 77 18.02 4.24 -0.31
C GLU A 77 18.51 3.83 -1.70
N ASP A 78 18.33 4.70 -2.68
CA ASP A 78 18.74 4.43 -4.05
C ASP A 78 17.93 3.28 -4.64
N ALA A 79 16.63 3.23 -4.32
CA ALA A 79 15.76 2.19 -4.83
C ALA A 79 14.32 2.65 -4.95
N ALA A 80 13.80 2.67 -6.17
CA ALA A 80 12.43 3.07 -6.41
C ALA A 80 11.48 1.97 -5.97
N TYR A 81 10.59 2.29 -5.04
CA TYR A 81 9.66 1.31 -4.52
C TYR A 81 8.21 1.65 -4.83
N GLU A 82 7.48 0.67 -5.34
CA GLU A 82 6.07 0.84 -5.65
C GLU A 82 5.25 0.12 -4.59
N PHE A 83 4.13 0.67 -4.19
CA PHE A 83 3.33 0.00 -3.13
C PHE A 83 1.87 -0.23 -3.50
N ARG A 84 1.51 -1.51 -3.60
CA ARG A 84 0.14 -1.91 -3.93
C ARG A 84 -0.65 -2.17 -2.64
N VAL A 85 -1.93 -1.84 -2.66
CA VAL A 85 -2.77 -2.05 -1.47
C VAL A 85 -3.73 -3.21 -1.63
N ILE A 86 -3.58 -4.19 -0.74
CA ILE A 86 -4.44 -5.38 -0.74
C ILE A 86 -5.33 -5.30 0.51
N ALA A 87 -6.38 -6.11 0.55
CA ALA A 87 -7.27 -6.09 1.71
C ALA A 87 -8.39 -7.10 1.59
N LYS A 88 -8.60 -7.88 2.65
CA LYS A 88 -9.67 -8.86 2.64
C LYS A 88 -10.97 -8.16 2.99
N ASN A 89 -11.95 -8.91 3.46
CA ASN A 89 -13.23 -8.31 3.81
C ASN A 89 -13.99 -9.14 4.83
N ALA A 90 -15.03 -8.55 5.39
CA ALA A 90 -15.87 -9.21 6.39
C ALA A 90 -16.16 -10.66 6.02
N ALA A 91 -16.67 -10.87 4.82
CA ALA A 91 -17.00 -12.22 4.34
C ALA A 91 -15.76 -13.07 4.10
N GLY A 92 -14.58 -12.47 4.21
CA GLY A 92 -13.35 -13.21 4.00
C GLY A 92 -12.82 -13.05 2.58
N ALA A 93 -13.52 -12.29 1.76
CA ALA A 93 -13.11 -12.05 0.39
C ALA A 93 -11.78 -11.31 0.36
N ILE A 94 -10.80 -11.88 -0.33
CA ILE A 94 -9.48 -11.26 -0.40
C ILE A 94 -9.33 -10.35 -1.61
N SER A 95 -9.25 -9.05 -1.35
CA SER A 95 -9.07 -8.08 -2.43
C SER A 95 -7.62 -8.15 -2.90
N PRO A 96 -7.42 -8.46 -4.19
CA PRO A 96 -6.08 -8.57 -4.77
C PRO A 96 -5.39 -7.23 -4.92
N PRO A 97 -4.10 -7.25 -5.31
CA PRO A 97 -3.30 -6.05 -5.48
C PRO A 97 -4.09 -4.88 -6.07
N SER A 98 -4.14 -3.77 -5.35
CA SER A 98 -4.87 -2.60 -5.80
C SER A 98 -3.91 -1.49 -6.23
N GLU A 99 -3.77 -1.32 -7.56
CA GLU A 99 -2.89 -0.30 -8.19
C GLU A 99 -1.82 0.26 -7.25
N PRO A 100 -0.53 -0.06 -7.49
CA PRO A 100 0.58 0.41 -6.65
C PRO A 100 0.76 1.92 -6.65
N SER A 101 1.37 2.42 -5.58
CA SER A 101 1.66 3.83 -5.43
C SER A 101 2.96 4.15 -6.14
N ASP A 102 3.04 5.35 -6.70
CA ASP A 102 4.23 5.81 -7.43
C ASP A 102 5.52 5.24 -6.86
N ALA A 103 6.45 4.95 -7.75
CA ALA A 103 7.72 4.40 -7.34
C ALA A 103 8.63 5.50 -6.82
N ILE A 104 8.96 5.44 -5.55
CA ILE A 104 9.81 6.44 -4.92
C ILE A 104 11.24 5.94 -4.80
N THR A 105 12.14 6.54 -5.58
CA THR A 105 13.55 6.17 -5.57
C THR A 105 14.07 6.02 -4.14
N CYS A 106 13.63 6.92 -3.27
CA CYS A 106 14.07 6.89 -1.87
C CYS A 106 15.58 6.91 -1.77
N ARG A 107 16.15 8.04 -1.36
CA ARG A 107 17.61 8.16 -1.25
C ARG A 107 17.99 8.98 -0.02
N ASP A 108 17.82 10.29 -0.14
CA ASP A 108 18.14 11.20 0.96
C ASP A 108 16.91 12.03 1.37
N ASP A 109 15.77 11.77 0.75
CA ASP A 109 14.54 12.50 1.05
C ASP A 109 14.75 14.00 0.95
N VAL A 110 15.77 14.41 0.20
CA VAL A 110 16.06 15.83 0.01
C VAL A 110 16.78 16.07 -1.31
N GLU A 111 16.60 15.13 -2.25
CA GLU A 111 17.23 15.25 -3.56
C GLU A 111 16.20 15.38 -4.67
N ALA A 112 14.98 14.89 -4.41
CA ALA A 112 13.91 14.95 -5.39
C ALA A 112 12.94 16.09 -5.07
N SER A 9 -21.86 -11.02 -4.12
CA SER A 9 -21.15 -9.96 -3.36
C SER A 9 -20.06 -9.31 -4.21
N PRO A 10 -20.35 -8.14 -4.81
CA PRO A 10 -19.40 -7.41 -5.64
C PRO A 10 -18.37 -6.65 -4.81
N ILE A 11 -17.51 -7.38 -4.11
CA ILE A 11 -16.48 -6.77 -3.29
C ILE A 11 -15.67 -5.75 -4.07
N ASP A 12 -15.32 -4.65 -3.41
CA ASP A 12 -14.55 -3.59 -4.04
C ASP A 12 -13.29 -3.28 -3.22
N PRO A 13 -12.12 -3.20 -3.87
CA PRO A 13 -10.86 -2.92 -3.18
C PRO A 13 -10.67 -1.42 -2.92
N PRO A 14 -9.75 -1.08 -1.99
CA PRO A 14 -9.45 0.32 -1.64
C PRO A 14 -9.12 1.17 -2.86
N GLY A 15 -8.90 2.46 -2.63
CA GLY A 15 -8.57 3.38 -3.71
C GLY A 15 -7.11 3.33 -4.12
N LYS A 16 -6.72 4.20 -5.04
CA LYS A 16 -5.36 4.27 -5.53
C LYS A 16 -4.41 4.81 -4.45
N PRO A 17 -3.36 4.05 -4.07
CA PRO A 17 -2.41 4.47 -3.04
C PRO A 17 -1.44 5.55 -3.53
N VAL A 18 -1.34 6.65 -2.76
CA VAL A 18 -0.45 7.75 -3.12
C VAL A 18 0.37 8.23 -1.93
N PRO A 19 1.70 8.09 -1.96
CA PRO A 19 2.57 8.51 -0.85
C PRO A 19 2.50 10.01 -0.56
N LEU A 20 1.87 10.39 0.54
CA LEU A 20 1.77 11.80 0.92
C LEU A 20 3.16 12.34 1.23
N ASN A 21 3.93 11.50 1.93
CA ASN A 21 5.29 11.85 2.32
C ASN A 21 6.20 10.65 2.08
N ILE A 22 7.48 10.90 1.89
CA ILE A 22 8.43 9.83 1.65
C ILE A 22 9.77 10.12 2.30
N THR A 23 10.06 9.39 3.38
CA THR A 23 11.31 9.57 4.13
C THR A 23 12.33 8.49 3.81
N ARG A 24 12.66 8.38 2.52
CA ARG A 24 13.65 7.41 2.03
C ARG A 24 13.36 5.98 2.51
N HIS A 25 13.61 5.71 3.78
CA HIS A 25 13.39 4.37 4.35
C HIS A 25 11.92 4.12 4.65
N THR A 26 11.21 5.15 5.07
CA THR A 26 9.80 5.01 5.39
C THR A 26 8.96 6.02 4.63
N VAL A 27 8.08 5.52 3.78
CA VAL A 27 7.21 6.37 2.98
C VAL A 27 5.76 6.28 3.46
N THR A 28 5.08 7.41 3.45
CA THR A 28 3.69 7.49 3.88
C THR A 28 2.73 7.67 2.71
N LEU A 29 1.71 6.82 2.62
CA LEU A 29 0.71 6.93 1.54
C LEU A 29 -0.71 6.82 2.08
N LYS A 30 -1.65 7.38 1.33
CA LYS A 30 -3.05 7.37 1.69
C LYS A 30 -3.91 7.08 0.47
N TRP A 31 -5.00 6.32 0.67
CA TRP A 31 -5.89 5.95 -0.43
C TRP A 31 -7.36 6.06 -0.02
N ALA A 32 -8.23 6.09 -1.02
CA ALA A 32 -9.67 6.17 -0.77
C ALA A 32 -10.22 4.80 -0.39
N LYS A 33 -11.42 4.77 0.16
CA LYS A 33 -12.04 3.51 0.56
C LYS A 33 -13.00 3.00 -0.51
N PRO A 34 -13.27 1.68 -0.53
CA PRO A 34 -14.18 1.08 -1.50
C PRO A 34 -15.52 1.80 -1.60
N GLU A 35 -16.43 1.23 -2.38
CA GLU A 35 -17.75 1.83 -2.57
C GLU A 35 -18.87 0.85 -2.18
N TYR A 36 -18.60 -0.45 -2.24
CA TYR A 36 -19.60 -1.45 -1.90
C TYR A 36 -19.07 -2.48 -0.90
N THR A 37 -18.15 -3.33 -1.35
CA THR A 37 -17.58 -4.36 -0.49
C THR A 37 -18.66 -5.29 0.03
N GLY A 38 -19.49 -5.80 -0.88
CA GLY A 38 -20.57 -6.71 -0.51
C GLY A 38 -21.28 -6.26 0.77
N GLY A 39 -20.91 -6.87 1.88
CA GLY A 39 -21.50 -6.53 3.16
C GLY A 39 -20.46 -6.64 4.24
N PHE A 40 -19.23 -6.34 3.86
CA PHE A 40 -18.09 -6.41 4.75
C PHE A 40 -17.57 -5.02 5.12
N LYS A 41 -16.41 -4.98 5.76
CA LYS A 41 -15.81 -3.70 6.17
C LYS A 41 -14.29 -3.71 6.01
N ILE A 42 -13.78 -4.56 5.12
CA ILE A 42 -12.34 -4.64 4.90
C ILE A 42 -11.63 -5.19 6.14
N THR A 43 -11.60 -4.39 7.20
CA THR A 43 -10.97 -4.75 8.47
C THR A 43 -9.48 -4.40 8.50
N SER A 44 -8.88 -4.23 7.32
CA SER A 44 -7.45 -3.89 7.25
C SER A 44 -7.00 -3.69 5.81
N TYR A 45 -5.82 -3.09 5.64
CA TYR A 45 -5.27 -2.83 4.32
C TYR A 45 -3.80 -3.24 4.25
N ILE A 46 -3.51 -4.32 3.53
CA ILE A 46 -2.14 -4.78 3.39
C ILE A 46 -1.44 -4.05 2.25
N VAL A 47 -0.12 -3.99 2.29
CA VAL A 47 0.63 -3.32 1.24
C VAL A 47 1.83 -4.12 0.78
N GLU A 48 1.90 -4.39 -0.52
CA GLU A 48 3.00 -5.15 -1.09
C GLU A 48 4.06 -4.21 -1.66
N LYS A 49 5.32 -4.45 -1.32
CA LYS A 49 6.42 -3.61 -1.78
C LYS A 49 7.13 -4.21 -2.98
N ARG A 50 7.47 -3.36 -3.94
CA ARG A 50 8.18 -3.79 -5.15
C ARG A 50 9.49 -3.04 -5.29
N ASP A 51 10.59 -3.76 -5.09
CA ASP A 51 11.92 -3.16 -5.21
C ASP A 51 12.30 -2.97 -6.67
N LEU A 52 12.07 -1.79 -7.19
CA LEU A 52 12.39 -1.48 -8.58
C LEU A 52 13.91 -1.53 -8.83
N PRO A 53 14.34 -1.86 -10.06
CA PRO A 53 13.45 -2.16 -11.17
C PRO A 53 13.08 -3.64 -11.26
N ASN A 54 13.52 -4.43 -10.27
CA ASN A 54 13.22 -5.85 -10.26
C ASN A 54 11.78 -6.09 -9.79
N GLY A 55 11.58 -6.12 -8.47
CA GLY A 55 10.25 -6.33 -7.93
C GLY A 55 10.13 -7.63 -7.15
N ARG A 56 9.09 -7.69 -6.32
CA ARG A 56 8.81 -8.87 -5.50
C ARG A 56 7.73 -8.55 -4.47
N TRP A 57 6.59 -8.06 -4.95
CA TRP A 57 5.47 -7.69 -4.09
C TRP A 57 5.31 -8.62 -2.90
N LEU A 58 5.39 -8.05 -1.71
CA LEU A 58 5.25 -8.80 -0.46
C LEU A 58 4.79 -7.88 0.65
N LYS A 59 3.78 -8.30 1.39
CA LYS A 59 3.24 -7.50 2.48
C LYS A 59 4.36 -7.09 3.44
N ALA A 60 4.58 -5.78 3.55
CA ALA A 60 5.62 -5.25 4.43
C ALA A 60 5.03 -4.71 5.73
N ASN A 61 3.90 -4.02 5.63
CA ASN A 61 3.23 -3.45 6.79
C ASN A 61 3.17 -4.46 7.94
N PHE A 62 2.74 -5.67 7.63
CA PHE A 62 2.63 -6.73 8.64
C PHE A 62 1.97 -6.22 9.91
N SER A 63 1.09 -5.24 9.77
CA SER A 63 0.40 -4.66 10.91
C SER A 63 -1.09 -4.53 10.62
N ASN A 64 -1.80 -3.84 11.51
CA ASN A 64 -3.24 -3.63 11.34
C ASN A 64 -3.54 -2.26 10.76
N ILE A 65 -3.59 -2.18 9.43
CA ILE A 65 -3.87 -0.93 8.74
C ILE A 65 -5.37 -0.72 8.59
N LEU A 66 -6.04 -0.43 9.70
CA LEU A 66 -7.48 -0.22 9.70
C LEU A 66 -7.87 0.99 8.84
N GLU A 67 -7.06 2.04 8.89
CA GLU A 67 -7.34 3.24 8.11
C GLU A 67 -6.47 3.27 6.86
N ASN A 68 -6.89 4.06 5.88
CA ASN A 68 -6.15 4.18 4.63
C ASN A 68 -4.87 5.00 4.81
N GLU A 69 -4.70 5.60 5.98
CA GLU A 69 -3.51 6.40 6.27
C GLU A 69 -2.45 5.51 6.88
N PHE A 70 -1.52 5.05 6.06
CA PHE A 70 -0.47 4.16 6.54
C PHE A 70 0.90 4.56 5.99
N THR A 71 1.95 4.01 6.61
CA THR A 71 3.31 4.26 6.21
C THR A 71 4.03 2.96 5.89
N VAL A 72 4.55 2.87 4.67
CA VAL A 72 5.25 1.67 4.23
C VAL A 72 6.69 1.64 4.73
N SER A 73 7.01 0.63 5.51
CA SER A 73 8.35 0.48 6.05
C SER A 73 9.08 -0.69 5.39
N GLY A 74 10.38 -0.55 5.22
CA GLY A 74 11.17 -1.60 4.60
C GLY A 74 12.01 -1.08 3.45
N LEU A 75 11.66 0.10 2.94
CA LEU A 75 12.40 0.70 1.84
C LEU A 75 13.87 0.86 2.22
N THR A 76 14.64 1.46 1.33
CA THR A 76 16.07 1.66 1.57
C THR A 76 16.59 2.81 0.72
N GLU A 77 17.52 3.58 1.28
CA GLU A 77 18.11 4.70 0.58
C GLU A 77 18.63 4.28 -0.79
N ASP A 78 18.25 5.05 -1.82
CA ASP A 78 18.69 4.76 -3.18
C ASP A 78 18.00 3.51 -3.74
N ALA A 79 16.69 3.58 -3.93
CA ALA A 79 15.93 2.46 -4.45
C ALA A 79 14.47 2.83 -4.68
N ALA A 80 14.02 2.75 -5.93
CA ALA A 80 12.64 3.07 -6.26
C ALA A 80 11.73 2.00 -5.69
N TYR A 81 10.69 2.41 -4.97
CA TYR A 81 9.78 1.45 -4.37
C TYR A 81 8.31 1.74 -4.69
N GLU A 82 7.63 0.74 -5.25
CA GLU A 82 6.22 0.86 -5.57
C GLU A 82 5.41 0.09 -4.52
N PHE A 83 4.25 0.62 -4.13
CA PHE A 83 3.47 -0.09 -3.09
C PHE A 83 1.98 -0.23 -3.42
N ARG A 84 1.56 -1.48 -3.65
CA ARG A 84 0.15 -1.76 -3.93
C ARG A 84 -0.51 -2.25 -2.64
N VAL A 85 -1.83 -2.13 -2.53
CA VAL A 85 -2.49 -2.58 -1.31
C VAL A 85 -3.61 -3.59 -1.58
N ILE A 86 -3.49 -4.73 -0.92
CA ILE A 86 -4.45 -5.80 -0.99
C ILE A 86 -5.19 -5.84 0.34
N ALA A 87 -6.50 -6.04 0.32
CA ALA A 87 -7.24 -6.06 1.58
C ALA A 87 -8.45 -6.99 1.53
N LYS A 88 -8.43 -8.01 2.38
CA LYS A 88 -9.53 -8.94 2.42
C LYS A 88 -10.74 -8.28 3.06
N ASN A 89 -11.78 -9.07 3.31
CA ASN A 89 -12.99 -8.54 3.89
C ASN A 89 -13.52 -9.43 5.00
N ALA A 90 -14.48 -8.89 5.75
CA ALA A 90 -15.10 -9.60 6.86
C ALA A 90 -15.38 -11.07 6.51
N ALA A 91 -15.91 -11.29 5.30
CA ALA A 91 -16.24 -12.64 4.85
C ALA A 91 -14.99 -13.42 4.42
N GLY A 92 -13.90 -12.71 4.18
CA GLY A 92 -12.68 -13.35 3.76
C GLY A 92 -12.29 -13.00 2.35
N ALA A 93 -13.24 -12.47 1.58
CA ALA A 93 -12.99 -12.08 0.20
C ALA A 93 -11.73 -11.23 0.11
N ILE A 94 -10.77 -11.66 -0.70
CA ILE A 94 -9.53 -10.92 -0.84
C ILE A 94 -9.60 -9.85 -1.92
N SER A 95 -9.60 -8.59 -1.50
CA SER A 95 -9.63 -7.49 -2.46
C SER A 95 -8.30 -7.48 -3.20
N PRO A 96 -8.28 -7.90 -4.48
CA PRO A 96 -7.05 -7.96 -5.27
C PRO A 96 -6.20 -6.70 -5.13
N PRO A 97 -4.88 -6.82 -5.37
CA PRO A 97 -3.94 -5.71 -5.27
C PRO A 97 -4.44 -4.44 -5.93
N SER A 98 -4.39 -3.35 -5.17
CA SER A 98 -4.80 -2.05 -5.67
C SER A 98 -3.59 -1.26 -6.15
N GLU A 99 -3.49 -1.11 -7.48
CA GLU A 99 -2.41 -0.38 -8.17
C GLU A 99 -1.32 0.17 -7.23
N PRO A 100 -0.06 -0.27 -7.39
CA PRO A 100 1.04 0.19 -6.55
C PRO A 100 1.32 1.69 -6.66
N SER A 101 1.61 2.31 -5.50
CA SER A 101 1.91 3.72 -5.45
C SER A 101 3.18 3.98 -6.24
N ASP A 102 3.22 5.14 -6.90
CA ASP A 102 4.38 5.54 -7.71
C ASP A 102 5.69 5.18 -7.03
N ALA A 103 6.60 4.60 -7.79
CA ALA A 103 7.90 4.20 -7.28
C ALA A 103 8.68 5.41 -6.76
N ILE A 104 9.14 5.30 -5.52
CA ILE A 104 9.92 6.38 -4.92
C ILE A 104 11.38 5.97 -4.77
N THR A 105 12.26 6.67 -5.50
CA THR A 105 13.68 6.37 -5.44
C THR A 105 14.18 6.25 -4.01
N CYS A 106 13.66 7.11 -3.14
CA CYS A 106 14.04 7.10 -1.74
C CYS A 106 15.54 7.34 -1.58
N ARG A 107 15.99 8.53 -1.96
CA ARG A 107 17.40 8.88 -1.85
C ARG A 107 17.62 9.88 -0.71
N ASP A 108 17.53 11.16 -1.02
CA ASP A 108 17.70 12.20 -0.01
C ASP A 108 16.35 12.76 0.43
N ASP A 109 15.26 12.07 0.05
CA ASP A 109 13.91 12.49 0.40
C ASP A 109 13.70 13.97 0.06
N VAL A 110 14.48 14.47 -0.90
CA VAL A 110 14.38 15.87 -1.32
C VAL A 110 14.30 16.01 -2.84
N GLU A 111 14.49 14.89 -3.57
CA GLU A 111 14.44 14.90 -5.02
C GLU A 111 15.09 16.14 -5.62
N ALA A 112 16.41 16.09 -5.78
CA ALA A 112 17.16 17.21 -6.34
C ALA A 112 17.16 18.40 -5.39
N SER A 9 -22.56 -9.81 -2.04
CA SER A 9 -21.87 -11.06 -2.47
C SER A 9 -20.52 -10.78 -3.11
N PRO A 10 -20.46 -9.82 -4.06
CA PRO A 10 -19.22 -9.46 -4.74
C PRO A 10 -18.23 -8.77 -3.81
N ILE A 11 -17.24 -8.11 -4.39
CA ILE A 11 -16.23 -7.40 -3.61
C ILE A 11 -15.43 -6.45 -4.49
N ASP A 12 -15.07 -5.30 -3.94
CA ASP A 12 -14.30 -4.31 -4.67
C ASP A 12 -13.17 -3.75 -3.80
N PRO A 13 -11.93 -3.75 -4.31
CA PRO A 13 -10.77 -3.26 -3.57
C PRO A 13 -10.75 -1.73 -3.50
N PRO A 14 -10.05 -1.16 -2.50
CA PRO A 14 -9.96 0.29 -2.32
C PRO A 14 -9.41 1.01 -3.54
N GLY A 15 -9.00 2.26 -3.33
CA GLY A 15 -8.44 3.07 -4.41
C GLY A 15 -6.93 2.94 -4.53
N LYS A 16 -6.35 3.72 -5.43
CA LYS A 16 -4.90 3.69 -5.64
C LYS A 16 -4.19 4.48 -4.54
N PRO A 17 -3.10 3.93 -3.97
CA PRO A 17 -2.35 4.60 -2.89
C PRO A 17 -1.41 5.69 -3.41
N VAL A 18 -1.23 6.73 -2.60
CA VAL A 18 -0.38 7.85 -2.97
C VAL A 18 0.44 8.31 -1.76
N PRO A 19 1.78 8.17 -1.80
CA PRO A 19 2.65 8.56 -0.69
C PRO A 19 2.59 10.06 -0.40
N LEU A 20 2.05 10.42 0.76
CA LEU A 20 1.96 11.82 1.17
C LEU A 20 3.31 12.31 1.65
N ASN A 21 4.01 11.43 2.38
CA ASN A 21 5.33 11.74 2.93
C ASN A 21 6.26 10.57 2.63
N ILE A 22 7.26 10.79 1.80
CA ILE A 22 8.19 9.71 1.47
C ILE A 22 9.59 9.95 2.00
N THR A 23 10.10 8.98 2.74
CA THR A 23 11.43 9.04 3.31
C THR A 23 12.30 7.94 2.72
N ARG A 24 13.58 8.24 2.53
CA ARG A 24 14.51 7.27 1.93
C ARG A 24 14.50 5.92 2.65
N HIS A 25 13.99 5.87 3.88
CA HIS A 25 13.96 4.61 4.63
C HIS A 25 12.54 4.24 5.09
N THR A 26 11.59 5.16 4.91
CA THR A 26 10.20 4.90 5.31
C THR A 26 9.26 5.86 4.59
N VAL A 27 8.25 5.33 3.89
CA VAL A 27 7.32 6.20 3.18
C VAL A 27 5.90 6.12 3.76
N THR A 28 5.11 7.16 3.53
CA THR A 28 3.73 7.25 4.02
C THR A 28 2.77 7.52 2.88
N LEU A 29 1.76 6.65 2.70
CA LEU A 29 0.77 6.84 1.63
C LEU A 29 -0.66 6.71 2.14
N LYS A 30 -1.58 7.23 1.34
CA LYS A 30 -3.01 7.20 1.65
C LYS A 30 -3.79 6.82 0.39
N TRP A 31 -5.01 6.33 0.56
CA TRP A 31 -5.83 5.94 -0.56
C TRP A 31 -7.32 6.13 -0.29
N ALA A 32 -8.14 5.71 -1.25
CA ALA A 32 -9.59 5.83 -1.14
C ALA A 32 -10.21 4.60 -0.48
N LYS A 33 -11.54 4.59 -0.45
CA LYS A 33 -12.30 3.49 0.15
C LYS A 33 -13.22 2.86 -0.89
N PRO A 34 -13.37 1.52 -0.88
CA PRO A 34 -14.22 0.81 -1.84
C PRO A 34 -15.59 1.47 -2.00
N GLU A 35 -16.39 0.94 -2.93
CA GLU A 35 -17.72 1.49 -3.18
C GLU A 35 -18.82 0.46 -2.92
N TYR A 36 -18.45 -0.82 -2.94
CA TYR A 36 -19.43 -1.89 -2.72
C TYR A 36 -18.95 -2.89 -1.68
N THR A 37 -17.93 -3.66 -2.03
CA THR A 37 -17.39 -4.67 -1.12
C THR A 37 -18.50 -5.57 -0.61
N GLY A 38 -19.32 -6.08 -1.53
CA GLY A 38 -20.43 -6.95 -1.16
C GLY A 38 -21.17 -6.47 0.07
N GLY A 39 -20.77 -6.97 1.23
CA GLY A 39 -21.40 -6.58 2.48
C GLY A 39 -20.39 -6.65 3.61
N PHE A 40 -19.20 -6.17 3.34
CA PHE A 40 -18.12 -6.18 4.32
C PHE A 40 -17.59 -4.78 4.59
N LYS A 41 -16.46 -4.70 5.28
CA LYS A 41 -15.85 -3.42 5.62
C LYS A 41 -14.32 -3.48 5.65
N ILE A 42 -13.73 -4.46 4.98
CA ILE A 42 -12.27 -4.60 4.96
C ILE A 42 -11.72 -4.75 6.39
N THR A 43 -11.49 -3.64 7.06
CA THR A 43 -10.97 -3.64 8.44
C THR A 43 -9.47 -3.92 8.48
N SER A 44 -8.75 -3.51 7.44
CA SER A 44 -7.30 -3.70 7.34
C SER A 44 -6.84 -3.56 5.89
N TYR A 45 -5.64 -3.04 5.70
CA TYR A 45 -5.09 -2.85 4.36
C TYR A 45 -3.61 -3.20 4.31
N ILE A 46 -3.28 -4.22 3.52
CA ILE A 46 -1.90 -4.64 3.36
C ILE A 46 -1.21 -3.82 2.27
N VAL A 47 0.01 -3.40 2.55
CA VAL A 47 0.76 -2.59 1.58
C VAL A 47 1.92 -3.37 0.96
N GLU A 48 1.63 -4.08 -0.12
CA GLU A 48 2.66 -4.84 -0.83
C GLU A 48 3.70 -3.87 -1.40
N LYS A 49 4.97 -4.18 -1.18
CA LYS A 49 6.03 -3.31 -1.67
C LYS A 49 6.88 -4.00 -2.72
N ARG A 50 7.15 -3.29 -3.81
CA ARG A 50 7.96 -3.82 -4.89
C ARG A 50 9.27 -3.05 -5.00
N ASP A 51 10.37 -3.72 -4.68
CA ASP A 51 11.69 -3.10 -4.72
C ASP A 51 12.22 -3.05 -6.15
N LEU A 52 12.27 -1.86 -6.73
CA LEU A 52 12.75 -1.69 -8.09
C LEU A 52 14.28 -1.58 -8.12
N PRO A 53 14.93 -2.15 -9.15
CA PRO A 53 14.29 -2.86 -10.25
C PRO A 53 14.31 -4.38 -10.07
N ASN A 54 13.98 -4.84 -8.85
CA ASN A 54 13.98 -6.27 -8.57
C ASN A 54 13.00 -6.61 -7.45
N GLY A 55 11.73 -6.27 -7.65
CA GLY A 55 10.72 -6.54 -6.65
C GLY A 55 9.67 -7.52 -7.13
N ARG A 56 8.86 -8.01 -6.19
CA ARG A 56 7.80 -8.98 -6.51
C ARG A 56 6.60 -8.78 -5.59
N TRP A 57 6.44 -7.55 -5.12
CA TRP A 57 5.34 -7.20 -4.22
C TRP A 57 5.28 -8.11 -3.01
N LEU A 58 5.61 -7.56 -1.84
CA LEU A 58 5.58 -8.33 -0.61
C LEU A 58 5.10 -7.46 0.55
N LYS A 59 3.99 -7.85 1.15
CA LYS A 59 3.43 -7.10 2.26
C LYS A 59 4.48 -6.79 3.32
N ALA A 60 4.73 -5.51 3.54
CA ALA A 60 5.73 -5.08 4.52
C ALA A 60 5.05 -4.60 5.80
N ASN A 61 3.94 -3.87 5.64
CA ASN A 61 3.19 -3.35 6.78
C ASN A 61 3.11 -4.36 7.93
N PHE A 62 2.74 -5.60 7.59
CA PHE A 62 2.63 -6.66 8.59
C PHE A 62 1.94 -6.17 9.86
N SER A 63 0.86 -5.43 9.70
CA SER A 63 0.12 -4.91 10.84
C SER A 63 -1.28 -4.46 10.42
N ASN A 64 -2.19 -4.40 11.40
CA ASN A 64 -3.56 -3.98 11.14
C ASN A 64 -3.60 -2.54 10.64
N ILE A 65 -3.84 -2.36 9.35
CA ILE A 65 -3.92 -1.02 8.78
C ILE A 65 -5.37 -0.60 8.60
N LEU A 66 -6.07 -0.48 9.73
CA LEU A 66 -7.48 -0.10 9.74
C LEU A 66 -7.77 1.04 8.75
N GLU A 67 -7.39 2.26 9.12
CA GLU A 67 -7.61 3.40 8.26
C GLU A 67 -6.80 3.27 6.98
N ASN A 68 -7.07 4.14 6.03
CA ASN A 68 -6.36 4.11 4.76
C ASN A 68 -5.08 4.95 4.82
N GLU A 69 -4.67 5.33 6.01
CA GLU A 69 -3.46 6.12 6.20
C GLU A 69 -2.41 5.29 6.90
N PHE A 70 -1.39 4.89 6.16
CA PHE A 70 -0.33 4.06 6.72
C PHE A 70 1.04 4.43 6.15
N THR A 71 2.09 3.95 6.83
CA THR A 71 3.46 4.21 6.43
C THR A 71 4.22 2.91 6.25
N VAL A 72 4.78 2.70 5.06
CA VAL A 72 5.53 1.48 4.82
C VAL A 72 7.00 1.69 5.13
N SER A 73 7.41 1.30 6.33
CA SER A 73 8.78 1.44 6.76
C SER A 73 9.64 0.29 6.25
N GLY A 74 10.83 0.14 6.82
CA GLY A 74 11.72 -0.92 6.40
C GLY A 74 12.13 -0.79 4.94
N LEU A 75 11.99 0.42 4.40
CA LEU A 75 12.35 0.67 3.00
C LEU A 75 13.87 0.71 2.83
N THR A 76 14.32 1.01 1.63
CA THR A 76 15.75 1.09 1.33
C THR A 76 16.07 2.36 0.55
N GLU A 77 17.31 2.82 0.66
CA GLU A 77 17.75 4.01 -0.03
C GLU A 77 18.26 3.67 -1.43
N ASP A 78 18.30 4.68 -2.30
CA ASP A 78 18.77 4.49 -3.68
C ASP A 78 18.03 3.34 -4.35
N ALA A 79 16.71 3.30 -4.15
CA ALA A 79 15.90 2.25 -4.73
C ALA A 79 14.43 2.67 -4.83
N ALA A 80 13.90 2.69 -6.03
CA ALA A 80 12.51 3.06 -6.24
C ALA A 80 11.59 2.00 -5.67
N TYR A 81 10.59 2.41 -4.90
CA TYR A 81 9.67 1.47 -4.29
C TYR A 81 8.20 1.78 -4.61
N GLU A 82 7.56 0.83 -5.27
CA GLU A 82 6.15 0.96 -5.63
C GLU A 82 5.32 0.19 -4.60
N PHE A 83 4.16 0.70 -4.23
CA PHE A 83 3.35 -0.02 -3.22
C PHE A 83 1.92 -0.33 -3.66
N ARG A 84 1.63 -1.62 -3.80
CA ARG A 84 0.29 -2.08 -4.17
C ARG A 84 -0.51 -2.43 -2.91
N VAL A 85 -1.78 -2.07 -2.90
CA VAL A 85 -2.62 -2.34 -1.73
C VAL A 85 -3.61 -3.47 -1.98
N ILE A 86 -3.73 -4.32 -0.97
CA ILE A 86 -4.64 -5.44 -0.97
C ILE A 86 -5.34 -5.43 0.39
N ALA A 87 -6.52 -6.03 0.49
CA ALA A 87 -7.20 -6.00 1.78
C ALA A 87 -8.37 -6.95 1.84
N LYS A 88 -8.34 -7.88 2.76
CA LYS A 88 -9.43 -8.81 2.90
C LYS A 88 -10.70 -8.06 3.26
N ASN A 89 -11.76 -8.79 3.54
CA ASN A 89 -13.02 -8.18 3.88
C ASN A 89 -13.67 -8.89 5.07
N ALA A 90 -14.60 -8.20 5.71
CA ALA A 90 -15.31 -8.73 6.87
C ALA A 90 -15.59 -10.24 6.77
N ALA A 91 -15.77 -10.75 5.55
CA ALA A 91 -16.06 -12.17 5.36
C ALA A 91 -14.90 -12.94 4.72
N GLY A 92 -13.68 -12.43 4.89
CA GLY A 92 -12.52 -13.10 4.33
C GLY A 92 -12.31 -12.80 2.86
N ALA A 93 -13.29 -12.16 2.22
CA ALA A 93 -13.17 -11.81 0.82
C ALA A 93 -11.90 -11.02 0.57
N ILE A 94 -10.89 -11.69 0.02
CA ILE A 94 -9.61 -11.05 -0.25
C ILE A 94 -9.69 -10.04 -1.39
N SER A 95 -9.69 -8.76 -1.04
CA SER A 95 -9.74 -7.71 -2.06
C SER A 95 -8.45 -7.77 -2.88
N PRO A 96 -8.55 -8.17 -4.17
CA PRO A 96 -7.39 -8.29 -5.07
C PRO A 96 -6.47 -7.07 -5.07
N PRO A 97 -5.40 -7.13 -5.90
CA PRO A 97 -4.41 -6.06 -6.02
C PRO A 97 -5.02 -4.69 -6.30
N SER A 98 -4.41 -3.65 -5.73
CA SER A 98 -4.88 -2.27 -5.91
C SER A 98 -3.76 -1.40 -6.48
N GLU A 99 -4.02 -0.79 -7.65
CA GLU A 99 -3.08 0.09 -8.36
C GLU A 99 -1.94 0.61 -7.47
N PRO A 100 -0.74 0.02 -7.59
CA PRO A 100 0.42 0.42 -6.78
C PRO A 100 0.69 1.91 -6.73
N SER A 101 1.60 2.27 -5.82
CA SER A 101 2.01 3.65 -5.62
C SER A 101 3.27 3.93 -6.40
N ASP A 102 3.36 5.14 -6.97
CA ASP A 102 4.53 5.54 -7.74
C ASP A 102 5.81 5.15 -7.01
N ALA A 103 6.73 4.57 -7.74
CA ALA A 103 7.99 4.13 -7.17
C ALA A 103 8.83 5.30 -6.67
N ILE A 104 9.11 5.30 -5.37
CA ILE A 104 9.90 6.35 -4.76
C ILE A 104 11.36 5.92 -4.64
N THR A 105 12.24 6.52 -5.45
CA THR A 105 13.66 6.19 -5.43
C THR A 105 14.19 6.13 -4.01
N CYS A 106 13.72 7.03 -3.16
CA CYS A 106 14.17 7.06 -1.77
C CYS A 106 15.69 7.12 -1.72
N ARG A 107 16.23 8.33 -1.75
CA ARG A 107 17.68 8.51 -1.70
C ARG A 107 18.08 9.61 -0.71
N ASP A 108 18.19 10.83 -1.21
CA ASP A 108 18.56 11.96 -0.37
C ASP A 108 17.32 12.65 0.21
N ASP A 109 16.13 12.22 -0.23
CA ASP A 109 14.89 12.81 0.24
C ASP A 109 14.80 14.29 -0.13
N VAL A 110 15.52 14.67 -1.17
CA VAL A 110 15.51 16.05 -1.64
C VAL A 110 14.90 16.15 -3.03
N GLU A 111 14.88 15.03 -3.76
CA GLU A 111 14.31 15.00 -5.10
C GLU A 111 15.01 16.00 -6.01
N ALA A 112 16.14 15.59 -6.56
CA ALA A 112 16.91 16.46 -7.46
C ALA A 112 16.69 16.06 -8.91
N SER A 9 -23.08 -11.03 -4.28
CA SER A 9 -22.28 -10.19 -3.34
C SER A 9 -20.94 -9.78 -3.97
N PRO A 10 -20.89 -8.59 -4.60
CA PRO A 10 -19.68 -8.09 -5.24
C PRO A 10 -18.80 -7.31 -4.28
N ILE A 11 -17.55 -7.75 -4.14
CA ILE A 11 -16.60 -7.09 -3.26
C ILE A 11 -15.67 -6.18 -4.06
N ASP A 12 -15.28 -5.06 -3.48
CA ASP A 12 -14.40 -4.11 -4.16
C ASP A 12 -13.22 -3.71 -3.28
N PRO A 13 -12.03 -3.54 -3.88
CA PRO A 13 -10.83 -3.15 -3.15
C PRO A 13 -10.74 -1.63 -2.96
N PRO A 14 -9.91 -1.18 -2.01
CA PRO A 14 -9.73 0.25 -1.73
C PRO A 14 -9.42 1.07 -2.98
N GLY A 15 -9.30 2.38 -2.79
CA GLY A 15 -9.02 3.26 -3.92
C GLY A 15 -7.55 3.30 -4.31
N LYS A 16 -7.22 4.14 -5.28
CA LYS A 16 -5.85 4.30 -5.75
C LYS A 16 -4.97 4.91 -4.67
N PRO A 17 -3.83 4.26 -4.33
CA PRO A 17 -2.91 4.77 -3.31
C PRO A 17 -2.00 5.88 -3.82
N VAL A 18 -1.86 6.93 -3.00
CA VAL A 18 -1.02 8.06 -3.36
C VAL A 18 -0.19 8.52 -2.17
N PRO A 19 1.15 8.37 -2.23
CA PRO A 19 2.03 8.77 -1.13
C PRO A 19 1.73 10.16 -0.59
N LEU A 20 1.69 10.27 0.73
CA LEU A 20 1.42 11.53 1.41
C LEU A 20 2.73 12.18 1.87
N ASN A 21 3.70 11.33 2.17
CA ASN A 21 5.02 11.77 2.62
C ASN A 21 6.04 10.68 2.34
N ILE A 22 7.07 10.99 1.57
CA ILE A 22 8.07 9.98 1.26
C ILE A 22 9.43 10.29 1.86
N THR A 23 10.01 9.27 2.49
CA THR A 23 11.32 9.39 3.12
C THR A 23 12.23 8.30 2.58
N ARG A 24 13.52 8.58 2.57
CA ARG A 24 14.51 7.62 2.08
C ARG A 24 14.45 6.30 2.84
N HIS A 25 13.83 6.32 4.02
CA HIS A 25 13.73 5.11 4.83
C HIS A 25 12.30 4.88 5.32
N THR A 26 11.33 5.52 4.68
CA THR A 26 9.94 5.38 5.08
C THR A 26 9.01 6.17 4.17
N VAL A 27 8.17 5.46 3.42
CA VAL A 27 7.22 6.11 2.53
C VAL A 27 5.82 6.04 3.11
N THR A 28 5.11 7.16 3.04
CA THR A 28 3.76 7.27 3.57
C THR A 28 2.75 7.43 2.44
N LEU A 29 1.68 6.65 2.46
CA LEU A 29 0.66 6.76 1.43
C LEU A 29 -0.73 6.62 2.00
N LYS A 30 -1.63 7.40 1.42
CA LYS A 30 -3.02 7.41 1.81
C LYS A 30 -3.90 7.11 0.60
N TRP A 31 -4.89 6.23 0.78
CA TRP A 31 -5.77 5.87 -0.32
C TRP A 31 -7.23 6.06 0.07
N ALA A 32 -8.11 5.92 -0.91
CA ALA A 32 -9.54 6.08 -0.69
C ALA A 32 -10.16 4.79 -0.17
N LYS A 33 -11.46 4.64 -0.34
CA LYS A 33 -12.16 3.45 0.13
C LYS A 33 -13.15 2.97 -0.92
N PRO A 34 -13.56 1.69 -0.85
CA PRO A 34 -14.52 1.14 -1.81
C PRO A 34 -15.93 1.70 -1.59
N GLU A 35 -16.82 1.43 -2.53
CA GLU A 35 -18.19 1.92 -2.45
C GLU A 35 -19.20 0.79 -2.27
N TYR A 36 -18.81 -0.42 -2.63
CA TYR A 36 -19.72 -1.56 -2.51
C TYR A 36 -19.27 -2.56 -1.43
N THR A 37 -18.23 -3.34 -1.74
CA THR A 37 -17.73 -4.34 -0.79
C THR A 37 -18.88 -5.15 -0.21
N GLY A 38 -19.66 -5.81 -1.07
CA GLY A 38 -20.79 -6.60 -0.62
C GLY A 38 -21.57 -5.92 0.49
N GLY A 39 -21.25 -6.27 1.72
CA GLY A 39 -21.90 -5.67 2.87
C GLY A 39 -20.95 -5.61 4.05
N PHE A 40 -19.67 -5.51 3.73
CA PHE A 40 -18.61 -5.46 4.73
C PHE A 40 -18.06 -4.04 4.88
N LYS A 41 -17.06 -3.91 5.74
CA LYS A 41 -16.42 -2.62 5.98
C LYS A 41 -14.89 -2.75 6.00
N ILE A 42 -14.38 -3.94 5.68
CA ILE A 42 -12.94 -4.18 5.67
C ILE A 42 -12.34 -3.94 7.05
N THR A 43 -11.32 -4.72 7.41
CA THR A 43 -10.69 -4.57 8.71
C THR A 43 -9.16 -4.55 8.60
N SER A 44 -8.65 -4.29 7.40
CA SER A 44 -7.21 -4.25 7.19
C SER A 44 -6.84 -3.94 5.75
N TYR A 45 -5.68 -3.30 5.57
CA TYR A 45 -5.19 -2.95 4.24
C TYR A 45 -3.72 -3.32 4.11
N ILE A 46 -3.45 -4.45 3.46
CA ILE A 46 -2.07 -4.91 3.29
C ILE A 46 -1.42 -4.24 2.09
N VAL A 47 -0.39 -3.43 2.34
CA VAL A 47 0.30 -2.75 1.26
C VAL A 47 1.64 -3.43 0.96
N GLU A 48 1.68 -4.15 -0.15
CA GLU A 48 2.88 -4.86 -0.58
C GLU A 48 3.92 -3.90 -1.15
N LYS A 49 5.18 -4.31 -1.09
CA LYS A 49 6.27 -3.48 -1.60
C LYS A 49 6.98 -4.16 -2.76
N ARG A 50 7.23 -3.41 -3.82
CA ARG A 50 7.92 -3.93 -4.98
C ARG A 50 9.29 -3.28 -5.12
N ASP A 51 10.32 -4.00 -4.71
CA ASP A 51 11.69 -3.50 -4.77
C ASP A 51 12.14 -3.37 -6.22
N LEU A 52 12.88 -2.32 -6.52
CA LEU A 52 13.38 -2.08 -7.87
C LEU A 52 14.89 -1.88 -7.89
N PRO A 53 15.56 -2.19 -9.02
CA PRO A 53 14.91 -2.69 -10.23
C PRO A 53 14.62 -4.20 -10.20
N ASN A 54 14.51 -4.77 -9.00
CA ASN A 54 14.23 -6.20 -8.86
C ASN A 54 13.54 -6.49 -7.53
N GLY A 55 12.22 -6.66 -7.57
CA GLY A 55 11.46 -6.93 -6.37
C GLY A 55 10.06 -7.43 -6.67
N ARG A 56 9.38 -7.94 -5.65
CA ARG A 56 8.02 -8.44 -5.82
C ARG A 56 7.09 -7.92 -4.72
N TRP A 57 5.83 -7.74 -5.06
CA TRP A 57 4.84 -7.26 -4.11
C TRP A 57 4.80 -8.14 -2.87
N LEU A 58 5.34 -7.64 -1.77
CA LEU A 58 5.37 -8.36 -0.51
C LEU A 58 4.96 -7.45 0.65
N LYS A 59 3.91 -7.85 1.36
CA LYS A 59 3.40 -7.06 2.49
C LYS A 59 4.54 -6.55 3.37
N ALA A 60 4.68 -5.23 3.46
CA ALA A 60 5.72 -4.62 4.27
C ALA A 60 5.18 -4.07 5.58
N ASN A 61 3.86 -4.02 5.72
CA ASN A 61 3.25 -3.51 6.94
C ASN A 61 3.31 -4.53 8.08
N PHE A 62 2.80 -5.74 7.83
CA PHE A 62 2.80 -6.81 8.83
C PHE A 62 2.52 -6.28 10.23
N SER A 63 1.66 -5.27 10.33
CA SER A 63 1.30 -4.69 11.62
C SER A 63 -0.14 -4.20 11.64
N ASN A 64 -0.98 -4.81 10.81
CA ASN A 64 -2.39 -4.44 10.74
C ASN A 64 -2.56 -2.99 10.30
N ILE A 65 -3.43 -2.78 9.32
CA ILE A 65 -3.69 -1.44 8.79
C ILE A 65 -5.20 -1.18 8.74
N LEU A 66 -5.75 -0.73 9.87
CA LEU A 66 -7.18 -0.45 9.98
C LEU A 66 -7.58 0.77 9.14
N GLU A 67 -6.77 1.84 9.21
CA GLU A 67 -7.06 3.04 8.47
C GLU A 67 -6.32 3.05 7.13
N ASN A 68 -6.87 3.78 6.17
CA ASN A 68 -6.26 3.88 4.85
C ASN A 68 -4.98 4.72 4.86
N GLU A 69 -4.67 5.31 6.01
CA GLU A 69 -3.46 6.12 6.16
C GLU A 69 -2.36 5.28 6.76
N PHE A 70 -1.47 4.75 5.91
CA PHE A 70 -0.39 3.90 6.38
C PHE A 70 0.97 4.37 5.86
N THR A 71 2.02 3.85 6.50
CA THR A 71 3.38 4.18 6.13
C THR A 71 4.18 2.92 5.86
N VAL A 72 4.60 2.74 4.62
CA VAL A 72 5.38 1.57 4.24
C VAL A 72 6.82 1.73 4.69
N SER A 73 7.21 0.95 5.68
CA SER A 73 8.56 1.00 6.20
C SER A 73 9.33 -0.26 5.84
N GLY A 74 10.64 -0.12 5.72
CA GLY A 74 11.49 -1.24 5.38
C GLY A 74 12.27 -1.02 4.09
N LEU A 75 12.14 0.18 3.53
CA LEU A 75 12.84 0.52 2.30
C LEU A 75 14.34 0.59 2.53
N THR A 76 15.06 1.14 1.55
CA THR A 76 16.51 1.28 1.64
C THR A 76 16.99 2.49 0.86
N GLU A 77 17.94 3.22 1.43
CA GLU A 77 18.49 4.41 0.79
C GLU A 77 19.09 4.07 -0.57
N ASP A 78 18.71 4.84 -1.60
CA ASP A 78 19.21 4.64 -2.95
C ASP A 78 18.53 3.44 -3.61
N ALA A 79 17.20 3.40 -3.54
CA ALA A 79 16.44 2.32 -4.14
C ALA A 79 14.99 2.73 -4.37
N ALA A 80 14.52 2.54 -5.60
CA ALA A 80 13.15 2.89 -5.95
C ALA A 80 12.19 1.85 -5.38
N TYR A 81 11.11 2.30 -4.76
CA TYR A 81 10.14 1.39 -4.17
C TYR A 81 8.70 1.73 -4.52
N GLU A 82 7.98 0.74 -5.08
CA GLU A 82 6.58 0.93 -5.43
C GLU A 82 5.70 0.31 -4.36
N PHE A 83 4.50 0.84 -4.15
CA PHE A 83 3.64 0.29 -3.09
C PHE A 83 2.19 0.08 -3.51
N ARG A 84 1.77 -1.20 -3.50
CA ARG A 84 0.40 -1.60 -3.84
C ARG A 84 -0.31 -2.11 -2.61
N VAL A 85 -1.64 -2.13 -2.60
CA VAL A 85 -2.35 -2.62 -1.42
C VAL A 85 -3.53 -3.52 -1.78
N ILE A 86 -3.72 -4.52 -0.92
CA ILE A 86 -4.77 -5.49 -1.03
C ILE A 86 -5.47 -5.57 0.32
N ALA A 87 -6.78 -5.80 0.33
CA ALA A 87 -7.49 -5.85 1.61
C ALA A 87 -8.64 -6.85 1.59
N LYS A 88 -8.68 -7.71 2.60
CA LYS A 88 -9.74 -8.69 2.70
C LYS A 88 -10.92 -8.18 3.51
N ASN A 89 -12.09 -8.20 2.89
CA ASN A 89 -13.30 -7.74 3.53
C ASN A 89 -13.68 -8.64 4.71
N ALA A 90 -14.84 -8.37 5.30
CA ALA A 90 -15.33 -9.14 6.43
C ALA A 90 -15.66 -10.58 6.05
N ALA A 91 -15.97 -10.81 4.79
CA ALA A 91 -16.32 -12.15 4.31
C ALA A 91 -15.09 -12.95 3.87
N GLY A 92 -13.90 -12.35 3.99
CA GLY A 92 -12.68 -13.05 3.61
C GLY A 92 -12.47 -13.06 2.10
N ALA A 93 -13.37 -12.41 1.35
CA ALA A 93 -13.25 -12.34 -0.10
C ALA A 93 -12.19 -11.32 -0.48
N ILE A 94 -10.94 -11.65 -0.16
CA ILE A 94 -9.79 -10.79 -0.40
C ILE A 94 -9.95 -9.84 -1.58
N SER A 95 -9.85 -8.55 -1.30
CA SER A 95 -9.93 -7.55 -2.34
C SER A 95 -8.59 -7.59 -3.08
N PRO A 96 -8.57 -8.13 -4.31
CA PRO A 96 -7.34 -8.26 -5.09
C PRO A 96 -6.52 -6.99 -5.21
N PRO A 97 -5.27 -7.14 -5.72
CA PRO A 97 -4.33 -6.04 -5.90
C PRO A 97 -4.98 -4.69 -6.18
N SER A 98 -4.47 -3.66 -5.52
CA SER A 98 -4.97 -2.31 -5.70
C SER A 98 -3.84 -1.39 -6.15
N GLU A 99 -3.85 -1.09 -7.47
CA GLU A 99 -2.86 -0.23 -8.14
C GLU A 99 -1.79 0.36 -7.21
N PRO A 100 -0.50 0.06 -7.45
CA PRO A 100 0.58 0.56 -6.61
C PRO A 100 0.94 2.02 -6.86
N SER A 101 1.65 2.60 -5.90
CA SER A 101 2.09 3.98 -5.99
C SER A 101 3.46 4.03 -6.65
N ASP A 102 3.70 5.11 -7.40
CA ASP A 102 4.97 5.30 -8.10
C ASP A 102 6.15 4.84 -7.27
N ALA A 103 7.25 4.52 -7.93
CA ALA A 103 8.45 4.05 -7.25
C ALA A 103 9.33 5.22 -6.81
N ILE A 104 9.58 5.32 -5.51
CA ILE A 104 10.41 6.38 -4.97
C ILE A 104 11.84 5.89 -4.73
N THR A 105 12.79 6.46 -5.47
CA THR A 105 14.20 6.10 -5.36
C THR A 105 14.66 6.06 -3.91
N CYS A 106 14.05 6.86 -3.05
CA CYS A 106 14.42 6.90 -1.65
C CYS A 106 15.94 7.07 -1.50
N ARG A 107 16.46 8.17 -2.01
CA ARG A 107 17.91 8.45 -1.92
C ARG A 107 18.23 9.34 -0.72
N ASP A 108 17.89 10.61 -0.84
CA ASP A 108 18.14 11.58 0.23
C ASP A 108 16.90 12.42 0.55
N ASP A 109 15.73 11.92 0.15
CA ASP A 109 14.47 12.61 0.37
C ASP A 109 14.54 14.11 0.06
N VAL A 110 15.48 14.50 -0.79
CA VAL A 110 15.63 15.90 -1.17
C VAL A 110 16.04 16.05 -2.63
N GLU A 111 15.88 14.99 -3.40
CA GLU A 111 16.23 15.02 -4.82
C GLU A 111 14.98 14.86 -5.69
N ALA A 112 13.90 14.38 -5.10
CA ALA A 112 12.64 14.18 -5.81
C ALA A 112 11.62 13.45 -4.95
N SER A 9 -22.96 -11.29 -3.39
CA SER A 9 -22.34 -10.01 -2.97
C SER A 9 -20.91 -9.88 -3.49
N PRO A 10 -20.69 -8.97 -4.46
CA PRO A 10 -19.35 -8.76 -5.04
C PRO A 10 -18.38 -8.15 -4.04
N ILE A 11 -17.38 -7.43 -4.55
CA ILE A 11 -16.40 -6.79 -3.69
C ILE A 11 -15.58 -5.75 -4.46
N ASP A 12 -15.18 -4.69 -3.77
CA ASP A 12 -14.41 -3.63 -4.38
C ASP A 12 -13.20 -3.28 -3.50
N PRO A 13 -11.99 -3.22 -4.08
CA PRO A 13 -10.78 -2.90 -3.35
C PRO A 13 -10.58 -1.39 -3.17
N PRO A 14 -9.78 -1.00 -2.17
CA PRO A 14 -9.51 0.41 -1.89
C PRO A 14 -9.09 1.22 -3.11
N GLY A 15 -8.77 2.49 -2.89
CA GLY A 15 -8.36 3.37 -3.97
C GLY A 15 -6.86 3.43 -4.15
N LYS A 16 -6.42 4.03 -5.26
CA LYS A 16 -5.00 4.15 -5.56
C LYS A 16 -4.25 4.80 -4.39
N PRO A 17 -3.15 4.18 -3.90
CA PRO A 17 -2.38 4.73 -2.78
C PRO A 17 -1.52 5.92 -3.17
N VAL A 18 -1.85 7.09 -2.64
CA VAL A 18 -1.09 8.30 -2.93
C VAL A 18 -0.20 8.68 -1.75
N PRO A 19 1.13 8.49 -1.89
CA PRO A 19 2.08 8.81 -0.83
C PRO A 19 2.10 10.27 -0.42
N LEU A 20 1.52 10.58 0.74
CA LEU A 20 1.51 11.95 1.24
C LEU A 20 2.94 12.40 1.48
N ASN A 21 3.77 11.44 1.88
CA ASN A 21 5.17 11.68 2.15
C ASN A 21 5.98 10.48 1.69
N ILE A 22 7.17 10.72 1.17
CA ILE A 22 8.00 9.64 0.68
C ILE A 22 9.47 9.83 1.06
N THR A 23 9.81 9.45 2.28
CA THR A 23 11.17 9.56 2.75
C THR A 23 12.02 8.41 2.23
N ARG A 24 13.31 8.66 2.05
CA ARG A 24 14.23 7.65 1.56
C ARG A 24 14.20 6.38 2.41
N HIS A 25 13.74 6.49 3.65
CA HIS A 25 13.70 5.35 4.55
C HIS A 25 12.30 5.12 5.13
N THR A 26 11.31 5.81 4.60
CA THR A 26 9.93 5.67 5.08
C THR A 26 8.95 6.36 4.15
N VAL A 27 8.10 5.59 3.51
CA VAL A 27 7.12 6.15 2.59
C VAL A 27 5.70 6.05 3.16
N THR A 28 5.07 7.21 3.34
CA THR A 28 3.71 7.27 3.88
C THR A 28 2.69 7.46 2.76
N LEU A 29 1.70 6.56 2.70
CA LEU A 29 0.67 6.67 1.66
C LEU A 29 -0.73 6.42 2.22
N LYS A 30 -1.69 7.08 1.58
CA LYS A 30 -3.10 6.98 1.95
C LYS A 30 -3.95 6.73 0.71
N TRP A 31 -5.11 6.11 0.88
CA TRP A 31 -5.98 5.81 -0.25
C TRP A 31 -7.46 6.00 0.09
N ALA A 32 -8.31 5.67 -0.88
CA ALA A 32 -9.75 5.78 -0.72
C ALA A 32 -10.37 4.44 -0.31
N LYS A 33 -11.42 4.50 0.50
CA LYS A 33 -12.10 3.30 0.96
C LYS A 33 -13.13 2.84 -0.05
N PRO A 34 -13.24 1.52 -0.29
CA PRO A 34 -14.20 0.96 -1.23
C PRO A 34 -15.58 1.62 -1.11
N GLU A 35 -16.39 1.50 -2.15
CA GLU A 35 -17.71 2.09 -2.14
C GLU A 35 -18.80 1.03 -2.00
N TYR A 36 -18.46 -0.23 -2.23
CA TYR A 36 -19.44 -1.31 -2.12
C TYR A 36 -18.95 -2.43 -1.19
N THR A 37 -17.94 -3.17 -1.65
CA THR A 37 -17.41 -4.28 -0.86
C THR A 37 -18.53 -5.19 -0.37
N GLY A 38 -19.34 -5.66 -1.32
CA GLY A 38 -20.45 -6.54 -0.98
C GLY A 38 -21.21 -6.07 0.25
N GLY A 39 -20.97 -6.75 1.37
CA GLY A 39 -21.62 -6.39 2.61
C GLY A 39 -20.66 -6.49 3.79
N PHE A 40 -19.37 -6.38 3.48
CA PHE A 40 -18.32 -6.47 4.48
C PHE A 40 -17.95 -5.10 5.04
N LYS A 41 -16.94 -5.08 5.91
CA LYS A 41 -16.47 -3.84 6.53
C LYS A 41 -14.94 -3.70 6.44
N ILE A 42 -14.24 -4.78 6.10
CA ILE A 42 -12.79 -4.74 6.00
C ILE A 42 -12.19 -4.46 7.38
N THR A 43 -11.20 -5.24 7.77
CA THR A 43 -10.58 -5.07 9.09
C THR A 43 -9.06 -4.86 8.99
N SER A 44 -8.55 -4.62 7.79
CA SER A 44 -7.11 -4.39 7.63
C SER A 44 -6.74 -4.17 6.16
N TYR A 45 -5.73 -3.33 5.94
CA TYR A 45 -5.24 -3.03 4.61
C TYR A 45 -3.78 -3.47 4.48
N ILE A 46 -3.51 -4.33 3.52
CA ILE A 46 -2.16 -4.84 3.30
C ILE A 46 -1.56 -4.25 2.02
N VAL A 47 -0.36 -3.70 2.11
CA VAL A 47 0.28 -3.13 0.93
C VAL A 47 1.59 -3.85 0.61
N GLU A 48 1.74 -4.25 -0.65
CA GLU A 48 2.92 -4.96 -1.08
C GLU A 48 3.95 -4.00 -1.67
N LYS A 49 5.20 -4.19 -1.30
CA LYS A 49 6.28 -3.34 -1.78
C LYS A 49 7.03 -4.00 -2.92
N ARG A 50 7.73 -3.19 -3.71
CA ARG A 50 8.48 -3.68 -4.85
C ARG A 50 9.81 -2.94 -4.97
N ASP A 51 10.89 -3.61 -4.59
CA ASP A 51 12.23 -3.01 -4.65
C ASP A 51 12.72 -2.96 -6.08
N LEU A 52 12.27 -1.96 -6.83
CA LEU A 52 12.66 -1.79 -8.21
C LEU A 52 14.15 -1.46 -8.30
N PRO A 53 14.79 -1.74 -9.46
CA PRO A 53 14.14 -2.35 -10.62
C PRO A 53 14.23 -3.87 -10.61
N ASN A 54 14.14 -4.46 -9.43
CA ASN A 54 14.21 -5.92 -9.30
C ASN A 54 13.65 -6.37 -7.96
N GLY A 55 12.40 -6.01 -7.69
CA GLY A 55 11.76 -6.40 -6.45
C GLY A 55 10.43 -7.08 -6.68
N ARG A 56 9.83 -7.60 -5.60
CA ARG A 56 8.56 -8.29 -5.71
C ARG A 56 7.58 -7.82 -4.65
N TRP A 57 6.30 -7.93 -4.95
CA TRP A 57 5.25 -7.52 -4.04
C TRP A 57 5.33 -8.33 -2.76
N LEU A 58 5.42 -7.63 -1.63
CA LEU A 58 5.51 -8.30 -0.33
C LEU A 58 5.01 -7.39 0.79
N LYS A 59 4.03 -7.89 1.54
CA LYS A 59 3.46 -7.13 2.65
C LYS A 59 4.57 -6.61 3.56
N ALA A 60 4.71 -5.29 3.64
CA ALA A 60 5.72 -4.67 4.47
C ALA A 60 5.15 -4.20 5.79
N ASN A 61 3.91 -3.73 5.77
CA ASN A 61 3.27 -3.23 6.99
C ASN A 61 3.31 -4.26 8.12
N PHE A 62 2.67 -5.41 7.90
CA PHE A 62 2.63 -6.47 8.91
C PHE A 62 1.58 -6.18 9.98
N SER A 63 1.63 -4.97 10.55
CA SER A 63 0.68 -4.59 11.59
C SER A 63 -0.74 -4.54 11.04
N ASN A 64 -1.67 -4.02 11.84
CA ASN A 64 -3.07 -3.92 11.43
C ASN A 64 -3.38 -2.53 10.90
N ILE A 65 -3.52 -2.42 9.59
CA ILE A 65 -3.82 -1.14 8.95
C ILE A 65 -5.32 -0.93 8.79
N LEU A 66 -6.00 -0.63 9.90
CA LEU A 66 -7.44 -0.41 9.89
C LEU A 66 -7.82 0.67 8.88
N GLU A 67 -7.53 1.92 9.22
CA GLU A 67 -7.83 3.05 8.34
C GLU A 67 -7.08 2.89 7.03
N ASN A 68 -7.36 3.79 6.09
CA ASN A 68 -6.70 3.75 4.80
C ASN A 68 -5.45 4.64 4.77
N GLU A 69 -4.96 5.00 5.95
CA GLU A 69 -3.78 5.84 6.07
C GLU A 69 -2.68 5.10 6.81
N PHE A 70 -1.70 4.61 6.05
CA PHE A 70 -0.60 3.86 6.66
C PHE A 70 0.74 4.31 6.09
N THR A 71 1.82 3.94 6.79
CA THR A 71 3.16 4.28 6.38
C THR A 71 4.02 3.03 6.19
N VAL A 72 4.51 2.85 4.98
CA VAL A 72 5.34 1.69 4.67
C VAL A 72 6.80 1.98 4.98
N SER A 73 7.23 1.54 6.16
CA SER A 73 8.60 1.75 6.59
C SER A 73 9.46 0.54 6.25
N GLY A 74 10.73 0.79 6.02
CA GLY A 74 11.66 -0.28 5.68
C GLY A 74 12.31 -0.06 4.34
N LEU A 75 12.09 1.11 3.74
CA LEU A 75 12.67 1.42 2.44
C LEU A 75 14.18 1.18 2.44
N THR A 76 14.81 1.44 1.31
CA THR A 76 16.24 1.27 1.17
C THR A 76 16.83 2.37 0.29
N GLU A 77 17.61 3.26 0.91
CA GLU A 77 18.22 4.37 0.18
C GLU A 77 18.77 3.94 -1.17
N ASP A 78 18.55 4.79 -2.18
CA ASP A 78 19.02 4.52 -3.54
C ASP A 78 18.31 3.31 -4.15
N ALA A 79 16.98 3.34 -4.18
CA ALA A 79 16.21 2.24 -4.75
C ALA A 79 14.73 2.61 -4.87
N ALA A 80 14.20 2.49 -6.09
CA ALA A 80 12.80 2.80 -6.33
C ALA A 80 11.90 1.76 -5.68
N TYR A 81 10.86 2.23 -5.00
CA TYR A 81 9.94 1.32 -4.32
C TYR A 81 8.49 1.63 -4.65
N GLU A 82 7.81 0.64 -5.24
CA GLU A 82 6.39 0.79 -5.59
C GLU A 82 5.54 0.08 -4.54
N PHE A 83 4.37 0.65 -4.20
CA PHE A 83 3.53 0.00 -3.18
C PHE A 83 2.03 0.01 -3.49
N ARG A 84 1.44 -1.19 -3.59
CA ARG A 84 0.01 -1.33 -3.84
C ARG A 84 -0.65 -1.83 -2.57
N VAL A 85 -1.98 -1.91 -2.53
CA VAL A 85 -2.62 -2.39 -1.30
C VAL A 85 -3.80 -3.31 -1.52
N ILE A 86 -3.60 -4.55 -1.10
CA ILE A 86 -4.59 -5.59 -1.17
C ILE A 86 -5.22 -5.65 0.22
N ALA A 87 -6.45 -6.12 0.32
CA ALA A 87 -7.08 -6.18 1.62
C ALA A 87 -8.35 -7.00 1.58
N LYS A 88 -8.46 -7.95 2.48
CA LYS A 88 -9.64 -8.78 2.54
C LYS A 88 -10.83 -7.91 2.89
N ASN A 89 -11.83 -8.48 3.54
CA ASN A 89 -13.01 -7.71 3.90
C ASN A 89 -13.59 -8.19 5.23
N ALA A 90 -14.56 -9.10 5.18
CA ALA A 90 -15.16 -9.63 6.39
C ALA A 90 -15.36 -11.13 6.28
N ALA A 91 -15.80 -11.59 5.11
CA ALA A 91 -16.04 -13.01 4.89
C ALA A 91 -14.89 -13.67 4.13
N GLY A 92 -13.67 -13.16 4.33
CA GLY A 92 -12.52 -13.74 3.66
C GLY A 92 -12.30 -13.19 2.27
N ALA A 93 -13.28 -12.47 1.74
CA ALA A 93 -13.17 -11.90 0.40
C ALA A 93 -11.90 -11.06 0.26
N ILE A 94 -10.99 -11.50 -0.60
CA ILE A 94 -9.74 -10.78 -0.81
C ILE A 94 -9.88 -9.70 -1.86
N SER A 95 -9.96 -8.45 -1.42
CA SER A 95 -10.08 -7.33 -2.35
C SER A 95 -8.78 -7.17 -3.14
N PRO A 96 -8.86 -7.29 -4.48
CA PRO A 96 -7.70 -7.17 -5.36
C PRO A 96 -6.73 -6.07 -4.93
N PRO A 97 -5.49 -6.11 -5.43
CA PRO A 97 -4.46 -5.11 -5.10
C PRO A 97 -4.81 -3.72 -5.62
N SER A 98 -4.48 -2.71 -4.83
CA SER A 98 -4.75 -1.33 -5.21
C SER A 98 -3.52 -0.71 -5.87
N GLU A 99 -3.58 -0.56 -7.20
CA GLU A 99 -2.50 0.01 -8.05
C GLU A 99 -1.30 0.52 -7.24
N PRO A 100 -0.11 -0.10 -7.40
CA PRO A 100 1.08 0.31 -6.67
C PRO A 100 1.44 1.78 -6.86
N SER A 101 1.91 2.42 -5.79
CA SER A 101 2.32 3.80 -5.85
C SER A 101 3.62 3.90 -6.60
N ASP A 102 3.77 4.97 -7.40
CA ASP A 102 4.99 5.18 -8.19
C ASP A 102 6.23 4.83 -7.38
N ALA A 103 7.17 4.15 -8.02
CA ALA A 103 8.39 3.73 -7.35
C ALA A 103 9.21 4.93 -6.87
N ILE A 104 9.39 5.00 -5.57
CA ILE A 104 10.15 6.08 -4.95
C ILE A 104 11.61 5.66 -4.79
N THR A 105 12.50 6.29 -5.56
CA THR A 105 13.93 5.99 -5.51
C THR A 105 14.41 5.94 -4.07
N CYS A 106 13.90 6.85 -3.25
CA CYS A 106 14.28 6.89 -1.85
C CYS A 106 15.76 7.16 -1.69
N ARG A 107 16.13 8.44 -1.63
CA ARG A 107 17.52 8.83 -1.48
C ARG A 107 17.65 10.04 -0.56
N ASP A 108 17.44 11.22 -1.12
CA ASP A 108 17.51 12.45 -0.35
C ASP A 108 16.12 12.89 0.11
N ASP A 109 15.26 11.91 0.35
CA ASP A 109 13.89 12.15 0.79
C ASP A 109 13.24 13.29 0.02
N VAL A 110 13.69 13.49 -1.20
CA VAL A 110 13.16 14.53 -2.06
C VAL A 110 13.59 14.29 -3.50
N GLU A 111 13.84 13.02 -3.83
CA GLU A 111 14.24 12.61 -5.18
C GLU A 111 15.06 13.68 -5.90
N ALA A 112 16.14 14.13 -5.27
CA ALA A 112 17.00 15.16 -5.85
C ALA A 112 18.11 14.53 -6.69
N SER A 9 -22.67 -11.73 -1.79
CA SER A 9 -22.31 -10.36 -2.21
C SER A 9 -20.87 -10.29 -2.71
N PRO A 10 -20.60 -9.41 -3.69
CA PRO A 10 -19.26 -9.25 -4.25
C PRO A 10 -18.32 -8.49 -3.32
N ILE A 11 -17.18 -8.08 -3.86
CA ILE A 11 -16.19 -7.34 -3.08
C ILE A 11 -15.30 -6.49 -3.99
N ASP A 12 -14.83 -5.37 -3.48
CA ASP A 12 -13.98 -4.48 -4.28
C ASP A 12 -12.81 -3.93 -3.46
N PRO A 13 -11.69 -3.62 -4.13
CA PRO A 13 -10.50 -3.08 -3.47
C PRO A 13 -10.57 -1.57 -3.30
N PRO A 14 -9.71 -0.99 -2.44
CA PRO A 14 -9.69 0.45 -2.19
C PRO A 14 -9.35 1.26 -3.44
N GLY A 15 -9.00 2.52 -3.25
CA GLY A 15 -8.67 3.40 -4.36
C GLY A 15 -7.19 3.35 -4.73
N LYS A 16 -6.70 4.44 -5.33
CA LYS A 16 -5.30 4.54 -5.74
C LYS A 16 -4.43 5.11 -4.62
N PRO A 17 -3.36 4.40 -4.23
CA PRO A 17 -2.45 4.85 -3.16
C PRO A 17 -1.68 6.10 -3.56
N VAL A 18 -1.68 7.10 -2.68
CA VAL A 18 -0.98 8.35 -2.94
C VAL A 18 -0.13 8.76 -1.73
N PRO A 19 1.17 8.47 -1.77
CA PRO A 19 2.07 8.81 -0.68
C PRO A 19 1.92 10.25 -0.20
N LEU A 20 1.79 10.41 1.11
CA LEU A 20 1.65 11.73 1.71
C LEU A 20 3.02 12.27 2.06
N ASN A 21 3.92 11.35 2.38
CA ASN A 21 5.29 11.69 2.73
C ASN A 21 6.21 10.53 2.36
N ILE A 22 7.16 10.78 1.48
CA ILE A 22 8.07 9.73 1.06
C ILE A 22 9.52 10.02 1.44
N THR A 23 10.11 9.10 2.20
CA THR A 23 11.49 9.23 2.64
C THR A 23 12.30 8.00 2.22
N ARG A 24 13.62 8.16 2.19
CA ARG A 24 14.49 7.06 1.79
C ARG A 24 14.34 5.83 2.69
N HIS A 25 13.68 5.98 3.84
CA HIS A 25 13.49 4.86 4.74
C HIS A 25 12.11 4.85 5.38
N THR A 26 11.14 5.47 4.71
CA THR A 26 9.76 5.53 5.20
C THR A 26 8.86 6.22 4.19
N VAL A 27 7.95 5.47 3.60
CA VAL A 27 7.05 6.02 2.61
C VAL A 27 5.59 5.98 3.07
N THR A 28 5.09 7.11 3.57
CA THR A 28 3.71 7.21 4.03
C THR A 28 2.77 7.49 2.86
N LEU A 29 1.57 6.91 2.93
CA LEU A 29 0.57 7.09 1.88
C LEU A 29 -0.85 7.06 2.41
N LYS A 30 -1.77 7.54 1.58
CA LYS A 30 -3.18 7.59 1.90
C LYS A 30 -4.00 7.35 0.63
N TRP A 31 -5.05 6.56 0.74
CA TRP A 31 -5.90 6.25 -0.40
C TRP A 31 -7.37 6.38 -0.07
N ALA A 32 -8.21 6.17 -1.07
CA ALA A 32 -9.65 6.24 -0.90
C ALA A 32 -10.17 5.02 -0.15
N LYS A 33 -11.48 4.81 -0.22
CA LYS A 33 -12.11 3.69 0.44
C LYS A 33 -12.98 2.93 -0.54
N PRO A 34 -12.98 1.58 -0.47
CA PRO A 34 -13.80 0.74 -1.36
C PRO A 34 -15.17 1.34 -1.62
N GLU A 35 -15.82 0.89 -2.68
CA GLU A 35 -17.15 1.39 -3.04
C GLU A 35 -18.27 0.42 -2.69
N TYR A 36 -18.06 -0.86 -2.96
CA TYR A 36 -19.08 -1.87 -2.66
C TYR A 36 -18.69 -2.76 -1.49
N THR A 37 -17.71 -3.63 -1.71
CA THR A 37 -17.28 -4.56 -0.67
C THR A 37 -18.46 -5.38 -0.18
N GLY A 38 -19.30 -5.79 -1.11
CA GLY A 38 -20.47 -6.59 -0.77
C GLY A 38 -21.21 -6.04 0.44
N GLY A 39 -20.98 -6.65 1.59
CA GLY A 39 -21.63 -6.20 2.81
C GLY A 39 -20.66 -6.13 3.96
N PHE A 40 -19.39 -5.92 3.62
CA PHE A 40 -18.31 -5.85 4.62
C PHE A 40 -17.75 -4.43 4.72
N LYS A 41 -16.66 -4.31 5.46
CA LYS A 41 -16.00 -3.01 5.65
C LYS A 41 -14.49 -3.16 5.77
N ILE A 42 -13.94 -4.12 5.03
CA ILE A 42 -12.50 -4.36 5.06
C ILE A 42 -12.04 -4.71 6.48
N THR A 43 -10.89 -5.36 6.59
CA THR A 43 -10.36 -5.75 7.90
C THR A 43 -8.86 -5.54 8.02
N SER A 44 -8.22 -5.01 6.97
CA SER A 44 -6.78 -4.77 7.00
C SER A 44 -6.23 -4.43 5.61
N TYR A 45 -5.54 -3.30 5.51
CA TYR A 45 -4.96 -2.86 4.24
C TYR A 45 -3.48 -3.19 4.17
N ILE A 46 -3.17 -4.41 3.71
CA ILE A 46 -1.78 -4.84 3.59
C ILE A 46 -1.10 -4.16 2.41
N VAL A 47 -0.02 -3.42 2.69
CA VAL A 47 0.70 -2.72 1.64
C VAL A 47 1.87 -3.54 1.12
N GLU A 48 1.73 -4.06 -0.09
CA GLU A 48 2.77 -4.87 -0.71
C GLU A 48 3.78 -3.97 -1.43
N LYS A 49 5.05 -4.32 -1.31
CA LYS A 49 6.11 -3.54 -1.96
C LYS A 49 6.71 -4.29 -3.13
N ARG A 50 6.97 -3.56 -4.21
CA ARG A 50 7.59 -4.14 -5.37
C ARG A 50 8.91 -3.45 -5.63
N ASP A 51 9.98 -4.07 -5.15
CA ASP A 51 11.32 -3.52 -5.30
C ASP A 51 11.72 -3.47 -6.77
N LEU A 52 11.54 -2.30 -7.37
CA LEU A 52 11.89 -2.13 -8.78
C LEU A 52 13.40 -2.17 -8.98
N PRO A 53 13.87 -2.68 -10.14
CA PRO A 53 13.01 -3.17 -11.22
C PRO A 53 12.77 -4.67 -11.14
N ASN A 54 12.74 -5.21 -9.93
CA ASN A 54 12.50 -6.64 -9.75
C ASN A 54 11.91 -6.94 -8.37
N GLY A 55 10.69 -6.46 -8.15
CA GLY A 55 10.03 -6.70 -6.88
C GLY A 55 9.08 -7.88 -6.95
N ARG A 56 8.34 -8.12 -5.87
CA ARG A 56 7.41 -9.24 -5.81
C ARG A 56 6.22 -8.91 -4.90
N TRP A 57 5.92 -7.62 -4.78
CA TRP A 57 4.81 -7.16 -3.94
C TRP A 57 4.76 -7.93 -2.62
N LEU A 58 5.47 -7.43 -1.63
CA LEU A 58 5.52 -8.07 -0.33
C LEU A 58 5.10 -7.11 0.78
N LYS A 59 4.30 -7.61 1.71
CA LYS A 59 3.82 -6.79 2.83
C LYS A 59 4.99 -6.14 3.55
N ALA A 60 4.91 -4.83 3.74
CA ALA A 60 5.95 -4.09 4.42
C ALA A 60 5.47 -3.60 5.79
N ASN A 61 4.17 -3.32 5.87
CA ASN A 61 3.58 -2.85 7.11
C ASN A 61 3.83 -3.85 8.24
N PHE A 62 3.65 -5.13 7.94
CA PHE A 62 3.86 -6.17 8.93
C PHE A 62 2.96 -5.95 10.15
N SER A 63 1.86 -5.24 9.94
CA SER A 63 0.91 -4.95 11.01
C SER A 63 -0.51 -4.82 10.47
N ASN A 64 -1.42 -4.36 11.32
CA ASN A 64 -2.81 -4.18 10.93
C ASN A 64 -3.08 -2.75 10.47
N ILE A 65 -3.43 -2.62 9.19
CA ILE A 65 -3.73 -1.31 8.62
C ILE A 65 -5.23 -1.13 8.42
N LEU A 66 -5.90 -0.60 9.44
CA LEU A 66 -7.34 -0.39 9.38
C LEU A 66 -7.69 0.81 8.49
N GLU A 67 -7.21 1.98 8.87
CA GLU A 67 -7.47 3.19 8.12
C GLU A 67 -6.63 3.22 6.85
N ASN A 68 -7.06 4.01 5.88
CA ASN A 68 -6.34 4.14 4.62
C ASN A 68 -5.08 4.98 4.79
N GLU A 69 -4.87 5.52 5.99
CA GLU A 69 -3.68 6.33 6.27
C GLU A 69 -2.65 5.48 7.00
N PHE A 70 -1.62 5.04 6.29
CA PHE A 70 -0.58 4.22 6.88
C PHE A 70 0.80 4.59 6.39
N THR A 71 1.84 4.11 7.08
CA THR A 71 3.21 4.39 6.72
C THR A 71 3.98 3.12 6.44
N VAL A 72 4.40 2.96 5.19
CA VAL A 72 5.16 1.78 4.80
C VAL A 72 6.64 1.96 5.10
N SER A 73 7.05 1.55 6.29
CA SER A 73 8.43 1.66 6.71
C SER A 73 9.19 0.38 6.42
N GLY A 74 10.49 0.52 6.19
CA GLY A 74 11.33 -0.63 5.90
C GLY A 74 11.93 -0.57 4.51
N LEU A 75 11.87 0.60 3.89
CA LEU A 75 12.42 0.79 2.55
C LEU A 75 13.90 0.44 2.51
N THR A 76 14.48 0.58 1.33
CA THR A 76 15.89 0.30 1.13
C THR A 76 16.56 1.42 0.34
N GLU A 77 17.40 2.20 1.03
CA GLU A 77 18.10 3.32 0.41
C GLU A 77 18.61 2.97 -0.99
N ASP A 78 18.40 3.89 -1.92
CA ASP A 78 18.84 3.70 -3.30
C ASP A 78 18.07 2.57 -3.97
N ALA A 79 16.76 2.73 -4.08
CA ALA A 79 15.93 1.70 -4.71
C ALA A 79 14.48 2.16 -4.85
N ALA A 80 14.03 2.32 -6.09
CA ALA A 80 12.66 2.73 -6.34
C ALA A 80 11.70 1.67 -5.83
N TYR A 81 10.66 2.11 -5.14
CA TYR A 81 9.69 1.17 -4.58
C TYR A 81 8.25 1.51 -4.94
N GLU A 82 7.58 0.56 -5.59
CA GLU A 82 6.18 0.74 -5.95
C GLU A 82 5.34 0.01 -4.91
N PHE A 83 4.29 0.65 -4.40
CA PHE A 83 3.48 -0.02 -3.36
C PHE A 83 2.02 -0.27 -3.72
N ARG A 84 1.68 -1.56 -3.82
CA ARG A 84 0.32 -2.01 -4.13
C ARG A 84 -0.36 -2.43 -2.83
N VAL A 85 -1.61 -2.04 -2.61
CA VAL A 85 -2.28 -2.43 -1.37
C VAL A 85 -3.37 -3.47 -1.63
N ILE A 86 -3.29 -4.57 -0.88
CA ILE A 86 -4.23 -5.66 -0.97
C ILE A 86 -4.95 -5.76 0.37
N ALA A 87 -6.24 -6.09 0.35
CA ALA A 87 -6.98 -6.18 1.61
C ALA A 87 -8.18 -7.09 1.50
N LYS A 88 -8.36 -7.95 2.49
CA LYS A 88 -9.50 -8.85 2.47
C LYS A 88 -10.72 -8.17 3.06
N ASN A 89 -11.81 -8.92 3.12
CA ASN A 89 -13.05 -8.42 3.65
C ASN A 89 -13.58 -9.36 4.72
N ALA A 90 -14.79 -9.08 5.19
CA ALA A 90 -15.42 -9.89 6.22
C ALA A 90 -15.82 -11.27 5.70
N ALA A 91 -15.77 -11.46 4.37
CA ALA A 91 -16.14 -12.74 3.78
C ALA A 91 -14.92 -13.55 3.34
N GLY A 92 -13.73 -12.97 3.46
CA GLY A 92 -12.52 -13.67 3.06
C GLY A 92 -12.19 -13.51 1.58
N ALA A 93 -13.03 -12.79 0.85
CA ALA A 93 -12.81 -12.58 -0.58
C ALA A 93 -11.72 -11.54 -0.78
N ILE A 94 -10.49 -11.94 -0.49
CA ILE A 94 -9.32 -11.06 -0.59
C ILE A 94 -9.39 -10.11 -1.77
N SER A 95 -9.27 -8.82 -1.46
CA SER A 95 -9.26 -7.79 -2.51
C SER A 95 -7.87 -7.83 -3.16
N PRO A 96 -7.77 -8.35 -4.40
CA PRO A 96 -6.50 -8.45 -5.10
C PRO A 96 -5.75 -7.14 -5.21
N PRO A 97 -4.49 -7.19 -5.69
CA PRO A 97 -3.63 -6.02 -5.85
C PRO A 97 -4.39 -4.75 -6.19
N SER A 98 -4.23 -3.74 -5.36
CA SER A 98 -4.90 -2.46 -5.60
C SER A 98 -3.90 -1.42 -6.07
N GLU A 99 -3.94 -1.15 -7.39
CA GLU A 99 -3.07 -0.18 -8.08
C GLU A 99 -1.93 0.34 -7.21
N PRO A 100 -0.67 0.02 -7.55
CA PRO A 100 0.48 0.47 -6.77
C PRO A 100 0.74 1.97 -6.82
N SER A 101 1.52 2.44 -5.86
CA SER A 101 1.88 3.85 -5.77
C SER A 101 3.23 4.06 -6.43
N ASP A 102 3.45 5.28 -6.93
CA ASP A 102 4.69 5.65 -7.61
C ASP A 102 5.91 4.94 -7.01
N ALA A 103 6.97 4.82 -7.81
CA ALA A 103 8.18 4.17 -7.36
C ALA A 103 9.15 5.17 -6.74
N ILE A 104 9.23 5.18 -5.41
CA ILE A 104 10.11 6.07 -4.69
C ILE A 104 11.54 5.54 -4.62
N THR A 105 12.45 6.18 -5.34
CA THR A 105 13.86 5.76 -5.35
C THR A 105 14.36 5.55 -3.93
N CYS A 106 13.88 6.37 -3.02
CA CYS A 106 14.28 6.28 -1.62
C CYS A 106 15.80 6.40 -1.47
N ARG A 107 16.30 7.63 -1.52
CA ARG A 107 17.73 7.87 -1.39
C ARG A 107 18.03 8.98 -0.38
N ASP A 108 18.04 10.22 -0.85
CA ASP A 108 18.29 11.37 0.01
C ASP A 108 17.05 12.23 0.19
N ASP A 109 15.93 11.83 -0.42
CA ASP A 109 14.69 12.57 -0.33
C ASP A 109 14.91 14.06 -0.57
N VAL A 110 15.95 14.38 -1.33
CA VAL A 110 16.29 15.74 -1.64
C VAL A 110 16.17 16.01 -3.14
N GLU A 111 16.18 14.92 -3.94
CA GLU A 111 16.07 15.05 -5.37
C GLU A 111 15.08 14.02 -5.93
N ALA A 112 15.20 12.79 -5.46
CA ALA A 112 14.32 11.71 -5.91
C ALA A 112 13.52 11.15 -4.74
N SER A 9 -23.29 -10.75 -4.41
CA SER A 9 -22.47 -10.13 -3.34
C SER A 9 -21.00 -10.06 -3.74
N PRO A 10 -20.63 -9.05 -4.53
CA PRO A 10 -19.27 -8.85 -5.00
C PRO A 10 -18.46 -7.95 -4.07
N ILE A 11 -17.16 -7.87 -4.31
CA ILE A 11 -16.29 -7.03 -3.50
C ILE A 11 -15.32 -6.22 -4.36
N ASP A 12 -15.16 -4.96 -4.00
CA ASP A 12 -14.25 -4.08 -4.73
C ASP A 12 -13.20 -3.52 -3.78
N PRO A 13 -11.95 -3.35 -4.26
CA PRO A 13 -10.85 -2.82 -3.45
C PRO A 13 -10.88 -1.30 -3.36
N PRO A 14 -10.07 -0.73 -2.45
CA PRO A 14 -10.01 0.73 -2.26
C PRO A 14 -9.55 1.48 -3.50
N GLY A 15 -9.58 2.80 -3.43
CA GLY A 15 -9.17 3.63 -4.55
C GLY A 15 -7.67 3.62 -4.76
N LYS A 16 -7.20 4.30 -5.80
CA LYS A 16 -5.78 4.36 -6.10
C LYS A 16 -5.01 5.00 -4.94
N PRO A 17 -3.96 4.35 -4.43
CA PRO A 17 -3.16 4.88 -3.32
C PRO A 17 -2.26 6.02 -3.76
N VAL A 18 -1.86 6.87 -2.81
CA VAL A 18 -1.00 8.00 -3.11
C VAL A 18 -0.16 8.42 -1.90
N PRO A 19 1.17 8.28 -1.99
CA PRO A 19 2.08 8.63 -0.90
C PRO A 19 2.02 10.10 -0.52
N LEU A 20 1.51 10.39 0.67
CA LEU A 20 1.43 11.76 1.15
C LEU A 20 2.84 12.25 1.45
N ASN A 21 3.67 11.32 1.91
CA ASN A 21 5.05 11.59 2.25
C ASN A 21 5.90 10.39 1.86
N ILE A 22 7.09 10.63 1.35
CA ILE A 22 7.96 9.54 0.94
C ILE A 22 9.39 9.74 1.42
N THR A 23 9.77 8.99 2.44
CA THR A 23 11.11 9.06 3.00
C THR A 23 11.98 7.96 2.44
N ARG A 24 13.28 8.21 2.36
CA ARG A 24 14.23 7.23 1.84
C ARG A 24 14.21 5.94 2.67
N HIS A 25 13.64 6.01 3.87
CA HIS A 25 13.58 4.83 4.74
C HIS A 25 12.18 4.66 5.32
N THR A 26 11.18 5.31 4.71
CA THR A 26 9.80 5.21 5.17
C THR A 26 8.86 5.98 4.25
N VAL A 27 8.10 5.25 3.46
CA VAL A 27 7.16 5.86 2.53
C VAL A 27 5.73 5.78 3.06
N THR A 28 5.12 6.95 3.29
CA THR A 28 3.76 7.03 3.81
C THR A 28 2.75 7.27 2.70
N LEU A 29 1.70 6.44 2.65
CA LEU A 29 0.66 6.59 1.63
C LEU A 29 -0.73 6.37 2.19
N LYS A 30 -1.69 6.95 1.48
CA LYS A 30 -3.10 6.86 1.84
C LYS A 30 -3.87 6.31 0.64
N TRP A 31 -5.20 6.35 0.72
CA TRP A 31 -6.04 5.87 -0.37
C TRP A 31 -7.52 6.01 -0.05
N ALA A 32 -8.33 5.98 -1.10
CA ALA A 32 -9.78 6.11 -0.97
C ALA A 32 -10.43 4.80 -0.55
N LYS A 33 -11.70 4.88 -0.17
CA LYS A 33 -12.46 3.72 0.25
C LYS A 33 -13.11 3.05 -0.96
N PRO A 34 -13.14 1.70 -0.99
CA PRO A 34 -13.75 0.97 -2.10
C PRO A 34 -15.11 1.54 -2.48
N GLU A 35 -15.61 1.13 -3.64
CA GLU A 35 -16.90 1.60 -4.13
C GLU A 35 -17.99 0.56 -3.93
N TYR A 36 -17.78 -0.64 -4.45
CA TYR A 36 -18.76 -1.71 -4.33
C TYR A 36 -18.24 -2.84 -3.45
N THR A 37 -17.95 -2.54 -2.19
CA THR A 37 -17.44 -3.55 -1.27
C THR A 37 -18.43 -4.71 -1.17
N GLY A 38 -19.69 -4.44 -1.45
CA GLY A 38 -20.71 -5.47 -1.37
C GLY A 38 -21.51 -5.38 -0.09
N GLY A 39 -20.84 -5.61 1.03
CA GLY A 39 -21.47 -5.56 2.33
C GLY A 39 -20.48 -5.88 3.41
N PHE A 40 -19.27 -5.35 3.23
CA PHE A 40 -18.18 -5.58 4.16
C PHE A 40 -17.39 -4.30 4.41
N LYS A 41 -16.32 -4.39 5.21
CA LYS A 41 -15.50 -3.22 5.52
C LYS A 41 -14.01 -3.57 5.64
N ILE A 42 -13.62 -4.73 5.14
CA ILE A 42 -12.21 -5.15 5.19
C ILE A 42 -11.73 -5.33 6.63
N THR A 43 -11.48 -4.22 7.32
CA THR A 43 -11.01 -4.25 8.71
C THR A 43 -9.50 -4.52 8.78
N SER A 44 -8.78 -4.25 7.69
CA SER A 44 -7.33 -4.46 7.65
C SER A 44 -6.80 -4.31 6.22
N TYR A 45 -5.78 -3.46 6.05
CA TYR A 45 -5.20 -3.24 4.73
C TYR A 45 -3.72 -3.64 4.69
N ILE A 46 -3.36 -4.45 3.69
CA ILE A 46 -1.97 -4.90 3.54
C ILE A 46 -1.41 -4.44 2.20
N VAL A 47 -0.33 -3.67 2.23
CA VAL A 47 0.27 -3.18 1.00
C VAL A 47 1.58 -3.92 0.70
N GLU A 48 1.81 -4.22 -0.58
CA GLU A 48 3.01 -4.94 -0.98
C GLU A 48 4.06 -4.01 -1.59
N LYS A 49 5.30 -4.20 -1.17
CA LYS A 49 6.43 -3.40 -1.66
C LYS A 49 7.22 -4.15 -2.70
N ARG A 50 7.65 -3.45 -3.75
CA ARG A 50 8.46 -4.07 -4.77
C ARG A 50 9.66 -3.20 -5.09
N ASP A 51 10.84 -3.74 -4.80
CA ASP A 51 12.09 -3.02 -5.02
C ASP A 51 12.45 -2.99 -6.49
N LEU A 52 12.41 -1.80 -7.08
CA LEU A 52 12.75 -1.65 -8.48
C LEU A 52 14.26 -1.78 -8.70
N PRO A 53 14.71 -2.06 -9.94
CA PRO A 53 13.85 -2.21 -11.12
C PRO A 53 13.26 -3.62 -11.25
N ASN A 54 13.35 -4.41 -10.19
CA ASN A 54 12.81 -5.77 -10.22
C ASN A 54 11.43 -5.81 -9.59
N GLY A 55 11.41 -5.79 -8.26
CA GLY A 55 10.14 -5.81 -7.54
C GLY A 55 9.69 -7.20 -7.19
N ARG A 56 9.31 -7.39 -5.92
CA ARG A 56 8.84 -8.68 -5.44
C ARG A 56 7.54 -8.54 -4.64
N TRP A 57 7.02 -7.32 -4.54
CA TRP A 57 5.78 -7.06 -3.81
C TRP A 57 5.76 -7.80 -2.47
N LEU A 58 6.19 -7.13 -1.40
CA LEU A 58 6.22 -7.76 -0.08
C LEU A 58 5.40 -6.96 0.94
N LYS A 59 4.62 -7.68 1.74
CA LYS A 59 3.78 -7.04 2.75
C LYS A 59 4.65 -6.35 3.80
N ALA A 60 5.07 -5.13 3.48
CA ALA A 60 5.91 -4.35 4.38
C ALA A 60 5.33 -4.33 5.80
N ASN A 61 4.07 -3.92 5.91
CA ASN A 61 3.39 -3.85 7.19
C ASN A 61 3.35 -5.22 7.85
N PHE A 62 3.59 -5.25 9.17
CA PHE A 62 3.57 -6.50 9.92
C PHE A 62 2.84 -6.32 11.25
N SER A 63 1.98 -5.31 11.32
CA SER A 63 1.23 -5.04 12.55
C SER A 63 -0.27 -5.11 12.28
N ASN A 64 -0.84 -4.02 11.78
CA ASN A 64 -2.26 -3.96 11.49
C ASN A 64 -2.65 -2.58 10.97
N ILE A 65 -3.18 -2.54 9.75
CA ILE A 65 -3.60 -1.29 9.13
C ILE A 65 -5.12 -1.18 9.11
N LEU A 66 -5.67 -0.44 10.06
CA LEU A 66 -7.12 -0.24 10.14
C LEU A 66 -7.60 0.76 9.10
N GLU A 67 -7.23 2.02 9.28
CA GLU A 67 -7.62 3.07 8.35
C GLU A 67 -6.83 2.97 7.06
N ASN A 68 -7.09 3.90 6.14
CA ASN A 68 -6.39 3.91 4.86
C ASN A 68 -5.08 4.70 4.95
N GLU A 69 -4.81 5.28 6.11
CA GLU A 69 -3.59 6.06 6.31
C GLU A 69 -2.53 5.21 6.99
N PHE A 70 -1.58 4.72 6.21
CA PHE A 70 -0.52 3.89 6.75
C PHE A 70 0.85 4.29 6.20
N THR A 71 1.90 3.80 6.85
CA THR A 71 3.27 4.09 6.44
C THR A 71 4.03 2.81 6.15
N VAL A 72 4.52 2.70 4.91
CA VAL A 72 5.28 1.54 4.49
C VAL A 72 6.75 1.69 4.85
N SER A 73 7.21 0.87 5.79
CA SER A 73 8.59 0.90 6.22
C SER A 73 9.35 -0.33 5.74
N GLY A 74 10.59 -0.47 6.18
CA GLY A 74 11.40 -1.60 5.78
C GLY A 74 12.17 -1.35 4.49
N LEU A 75 12.17 -0.10 4.03
CA LEU A 75 12.87 0.26 2.80
C LEU A 75 14.37 0.01 2.95
N THR A 76 15.13 0.35 1.92
CA THR A 76 16.58 0.15 1.94
C THR A 76 17.33 1.33 1.33
N GLU A 77 16.62 2.44 1.09
CA GLU A 77 17.24 3.63 0.53
C GLU A 77 17.91 3.33 -0.81
N ASP A 78 18.12 4.37 -1.61
CA ASP A 78 18.75 4.22 -2.93
C ASP A 78 18.15 3.06 -3.70
N ALA A 79 16.88 3.19 -4.07
CA ALA A 79 16.20 2.14 -4.83
C ALA A 79 14.73 2.47 -5.01
N ALA A 80 14.28 2.59 -6.25
CA ALA A 80 12.88 2.91 -6.50
C ALA A 80 11.99 1.83 -5.90
N TYR A 81 10.95 2.26 -5.19
CA TYR A 81 10.03 1.33 -4.54
C TYR A 81 8.57 1.64 -4.82
N GLU A 82 7.86 0.68 -5.40
CA GLU A 82 6.45 0.84 -5.70
C GLU A 82 5.62 0.07 -4.66
N PHE A 83 4.50 0.63 -4.23
CA PHE A 83 3.67 -0.05 -3.22
C PHE A 83 2.16 0.00 -3.50
N ARG A 84 1.52 -1.17 -3.49
CA ARG A 84 0.07 -1.26 -3.69
C ARG A 84 -0.59 -1.70 -2.39
N VAL A 85 -1.89 -1.47 -2.26
CA VAL A 85 -2.58 -1.86 -1.04
C VAL A 85 -3.72 -2.84 -1.32
N ILE A 86 -3.54 -4.06 -0.85
CA ILE A 86 -4.54 -5.10 -1.00
C ILE A 86 -5.23 -5.31 0.34
N ALA A 87 -6.18 -6.24 0.38
CA ALA A 87 -6.88 -6.51 1.61
C ALA A 87 -7.91 -7.61 1.42
N LYS A 88 -8.83 -7.69 2.36
CA LYS A 88 -9.90 -8.66 2.32
C LYS A 88 -11.19 -7.97 2.71
N ASN A 89 -12.25 -8.74 2.90
CA ASN A 89 -13.52 -8.16 3.29
C ASN A 89 -14.15 -8.98 4.40
N ALA A 90 -15.03 -8.34 5.16
CA ALA A 90 -15.73 -8.99 6.26
C ALA A 90 -16.15 -10.44 5.92
N ALA A 91 -16.39 -10.69 4.62
CA ALA A 91 -16.81 -12.01 4.17
C ALA A 91 -15.66 -13.02 4.11
N GLY A 92 -14.44 -12.51 3.96
CA GLY A 92 -13.30 -13.39 3.89
C GLY A 92 -12.64 -13.37 2.51
N ALA A 93 -13.33 -12.78 1.53
CA ALA A 93 -12.80 -12.70 0.18
C ALA A 93 -11.47 -11.95 0.17
N ILE A 94 -11.08 -11.38 -0.95
CA ILE A 94 -9.82 -10.65 -1.01
C ILE A 94 -9.87 -9.44 -1.93
N SER A 95 -9.74 -8.26 -1.35
CA SER A 95 -9.72 -7.04 -2.13
C SER A 95 -8.47 -7.09 -3.00
N PRO A 96 -8.65 -7.27 -4.33
CA PRO A 96 -7.51 -7.36 -5.26
C PRO A 96 -6.56 -6.18 -5.14
N PRO A 97 -5.26 -6.43 -5.37
CA PRO A 97 -4.22 -5.40 -5.29
C PRO A 97 -4.66 -4.03 -5.80
N SER A 98 -4.61 -3.03 -4.93
CA SER A 98 -4.99 -1.68 -5.31
C SER A 98 -3.80 -0.94 -5.89
N GLU A 99 -3.80 -0.84 -7.23
CA GLU A 99 -2.75 -0.18 -8.04
C GLU A 99 -1.60 0.42 -7.22
N PRO A 100 -0.39 -0.16 -7.32
CA PRO A 100 0.77 0.33 -6.58
C PRO A 100 0.96 1.84 -6.72
N SER A 101 1.84 2.36 -5.87
CA SER A 101 2.15 3.78 -5.86
C SER A 101 3.53 3.98 -6.47
N ASP A 102 3.68 5.08 -7.21
CA ASP A 102 4.95 5.44 -7.88
C ASP A 102 6.17 4.88 -7.16
N ALA A 103 7.17 4.49 -7.93
CA ALA A 103 8.39 3.94 -7.36
C ALA A 103 9.30 5.05 -6.85
N ILE A 104 9.45 5.13 -5.53
CA ILE A 104 10.29 6.15 -4.92
C ILE A 104 11.74 5.68 -4.77
N THR A 105 12.65 6.42 -5.41
CA THR A 105 14.08 6.11 -5.36
C THR A 105 14.63 6.06 -3.94
N CYS A 106 13.85 6.56 -2.97
CA CYS A 106 14.28 6.58 -1.57
C CYS A 106 15.71 7.03 -1.43
N ARG A 107 15.95 8.30 -1.68
CA ARG A 107 17.29 8.87 -1.59
C ARG A 107 17.48 9.63 -0.29
N ASP A 108 17.13 10.92 -0.30
CA ASP A 108 17.26 11.75 0.89
C ASP A 108 15.94 12.45 1.23
N ASP A 109 14.86 12.07 0.54
CA ASP A 109 13.56 12.66 0.78
C ASP A 109 13.64 14.18 0.76
N VAL A 110 14.64 14.71 0.05
CA VAL A 110 14.83 16.14 -0.05
C VAL A 110 15.27 16.56 -1.46
N GLU A 111 15.24 15.61 -2.40
CA GLU A 111 15.62 15.84 -3.80
C GLU A 111 16.69 16.94 -3.95
N ALA A 112 17.95 16.51 -3.94
CA ALA A 112 19.06 17.44 -4.07
C ALA A 112 19.08 18.44 -2.91
N SER A 9 -20.01 -12.80 -3.86
CA SER A 9 -19.98 -11.33 -3.99
C SER A 9 -18.83 -10.88 -4.90
N PRO A 10 -18.98 -9.72 -5.56
CA PRO A 10 -17.95 -9.18 -6.45
C PRO A 10 -16.81 -8.52 -5.70
N ILE A 11 -17.13 -7.97 -4.53
CA ILE A 11 -16.16 -7.30 -3.66
C ILE A 11 -15.41 -6.18 -4.39
N ASP A 12 -15.08 -5.12 -3.67
CA ASP A 12 -14.36 -3.99 -4.24
C ASP A 12 -13.21 -3.56 -3.33
N PRO A 13 -11.96 -3.60 -3.83
CA PRO A 13 -10.78 -3.22 -3.04
C PRO A 13 -10.63 -1.71 -2.89
N PRO A 14 -9.69 -1.27 -2.04
CA PRO A 14 -9.45 0.16 -1.80
C PRO A 14 -9.13 0.93 -3.08
N GLY A 15 -8.77 2.20 -2.91
CA GLY A 15 -8.44 3.02 -4.07
C GLY A 15 -6.96 3.03 -4.39
N LYS A 16 -6.55 3.89 -5.31
CA LYS A 16 -5.15 3.99 -5.70
C LYS A 16 -4.32 4.67 -4.61
N PRO A 17 -3.20 4.06 -4.19
CA PRO A 17 -2.34 4.63 -3.15
C PRO A 17 -1.61 5.87 -3.61
N VAL A 18 -1.44 6.82 -2.69
CA VAL A 18 -0.75 8.07 -3.00
C VAL A 18 0.06 8.54 -1.80
N PRO A 19 1.38 8.24 -1.78
CA PRO A 19 2.25 8.63 -0.68
C PRO A 19 2.13 10.10 -0.29
N LEU A 20 1.92 10.35 1.00
CA LEU A 20 1.82 11.71 1.50
C LEU A 20 3.23 12.23 1.76
N ASN A 21 4.09 11.31 2.19
CA ASN A 21 5.49 11.59 2.47
C ASN A 21 6.30 10.41 1.98
N ILE A 22 7.50 10.66 1.46
CA ILE A 22 8.30 9.58 0.96
C ILE A 22 9.76 9.70 1.37
N THR A 23 10.14 8.90 2.35
CA THR A 23 11.51 8.89 2.85
C THR A 23 12.22 7.62 2.40
N ARG A 24 13.51 7.76 2.12
CA ARG A 24 14.32 6.65 1.65
C ARG A 24 14.12 5.37 2.48
N HIS A 25 13.67 5.52 3.73
CA HIS A 25 13.46 4.35 4.59
C HIS A 25 12.04 4.31 5.17
N THR A 26 11.22 5.30 4.86
CA THR A 26 9.84 5.34 5.35
C THR A 26 8.99 6.22 4.46
N VAL A 27 8.01 5.61 3.81
CA VAL A 27 7.13 6.35 2.91
C VAL A 27 5.67 6.27 3.36
N THR A 28 5.12 7.42 3.73
CA THR A 28 3.72 7.49 4.17
C THR A 28 2.81 7.59 2.96
N LEU A 29 1.60 7.01 3.06
CA LEU A 29 0.65 7.04 1.96
C LEU A 29 -0.80 6.95 2.43
N LYS A 30 -1.70 7.37 1.55
CA LYS A 30 -3.13 7.35 1.82
C LYS A 30 -3.91 7.05 0.54
N TRP A 31 -5.05 6.38 0.68
CA TRP A 31 -5.87 6.04 -0.48
C TRP A 31 -7.35 6.14 -0.17
N ALA A 32 -8.18 5.81 -1.16
CA ALA A 32 -9.63 5.87 -1.00
C ALA A 32 -10.20 4.58 -0.41
N LYS A 33 -11.50 4.58 -0.17
CA LYS A 33 -12.18 3.43 0.40
C LYS A 33 -13.20 2.86 -0.59
N PRO A 34 -13.36 1.53 -0.63
CA PRO A 34 -14.30 0.86 -1.54
C PRO A 34 -15.71 1.45 -1.45
N GLU A 35 -16.62 0.90 -2.24
CA GLU A 35 -17.99 1.38 -2.24
C GLU A 35 -18.99 0.26 -2.00
N TYR A 36 -18.70 -0.94 -2.49
CA TYR A 36 -19.60 -2.07 -2.31
C TYR A 36 -19.06 -3.08 -1.29
N THR A 37 -18.00 -3.77 -1.67
CA THR A 37 -17.40 -4.78 -0.80
C THR A 37 -18.43 -5.83 -0.39
N GLY A 38 -19.27 -6.20 -1.36
CA GLY A 38 -20.30 -7.19 -1.09
C GLY A 38 -21.16 -6.83 0.10
N GLY A 39 -20.82 -7.38 1.25
CA GLY A 39 -21.54 -7.10 2.47
C GLY A 39 -20.59 -7.07 3.65
N PHE A 40 -19.39 -6.57 3.39
CA PHE A 40 -18.35 -6.48 4.39
C PHE A 40 -18.02 -5.03 4.73
N LYS A 41 -17.03 -4.86 5.62
CA LYS A 41 -16.59 -3.53 6.03
C LYS A 41 -15.06 -3.43 6.16
N ILE A 42 -14.35 -4.52 5.85
CA ILE A 42 -12.89 -4.55 5.93
C ILE A 42 -12.39 -4.20 7.33
N THR A 43 -11.29 -4.84 7.73
CA THR A 43 -10.72 -4.61 9.05
C THR A 43 -9.20 -4.39 8.99
N SER A 44 -8.65 -4.30 7.78
CA SER A 44 -7.21 -4.09 7.61
C SER A 44 -6.82 -4.01 6.15
N TYR A 45 -5.86 -3.13 5.85
CA TYR A 45 -5.39 -2.94 4.48
C TYR A 45 -3.93 -3.39 4.33
N ILE A 46 -3.72 -4.50 3.62
CA ILE A 46 -2.38 -5.01 3.41
C ILE A 46 -1.76 -4.41 2.15
N VAL A 47 -0.84 -3.48 2.34
CA VAL A 47 -0.18 -2.81 1.21
C VAL A 47 1.19 -3.43 0.95
N GLU A 48 1.36 -3.97 -0.25
CA GLU A 48 2.62 -4.59 -0.67
C GLU A 48 3.63 -3.54 -1.10
N LYS A 49 4.89 -3.95 -1.16
CA LYS A 49 5.98 -3.07 -1.55
C LYS A 49 6.65 -3.63 -2.79
N ARG A 50 7.49 -2.83 -3.41
CA ARG A 50 8.19 -3.29 -4.57
C ARG A 50 9.48 -2.49 -4.80
N ASP A 51 10.56 -2.93 -4.16
CA ASP A 51 11.86 -2.28 -4.29
C ASP A 51 12.40 -2.40 -5.71
N LEU A 52 11.98 -1.51 -6.58
CA LEU A 52 12.43 -1.51 -7.96
C LEU A 52 13.94 -1.31 -8.04
N PRO A 53 14.58 -1.70 -9.17
CA PRO A 53 13.90 -2.30 -10.33
C PRO A 53 13.60 -3.79 -10.17
N ASN A 54 13.55 -4.27 -8.93
CA ASN A 54 13.27 -5.68 -8.68
C ASN A 54 12.20 -5.82 -7.61
N GLY A 55 12.62 -5.81 -6.35
CA GLY A 55 11.69 -5.95 -5.24
C GLY A 55 10.62 -7.00 -5.49
N ARG A 56 9.57 -6.96 -4.68
CA ARG A 56 8.47 -7.90 -4.81
C ARG A 56 7.29 -7.48 -3.95
N TRP A 57 6.10 -7.73 -4.45
CA TRP A 57 4.87 -7.37 -3.75
C TRP A 57 4.72 -8.15 -2.46
N LEU A 58 5.45 -7.75 -1.44
CA LEU A 58 5.39 -8.41 -0.15
C LEU A 58 4.79 -7.46 0.88
N LYS A 59 4.23 -8.01 1.95
CA LYS A 59 3.61 -7.20 3.00
C LYS A 59 4.55 -6.08 3.46
N ALA A 60 4.46 -4.93 2.82
CA ALA A 60 5.30 -3.79 3.18
C ALA A 60 5.03 -3.41 4.62
N ASN A 61 3.79 -3.62 5.06
CA ASN A 61 3.38 -3.32 6.41
C ASN A 61 3.57 -4.54 7.32
N PHE A 62 2.68 -4.71 8.29
CA PHE A 62 2.76 -5.84 9.22
C PHE A 62 1.68 -5.72 10.28
N SER A 63 1.35 -4.48 10.66
CA SER A 63 0.33 -4.23 11.67
C SER A 63 -1.04 -4.05 11.02
N ASN A 64 -2.07 -3.99 11.84
CA ASN A 64 -3.44 -3.81 11.35
C ASN A 64 -3.63 -2.44 10.73
N ILE A 65 -3.67 -2.39 9.41
CA ILE A 65 -3.87 -1.13 8.70
C ILE A 65 -5.35 -0.84 8.53
N LEU A 66 -6.08 -0.85 9.65
CA LEU A 66 -7.52 -0.58 9.64
C LEU A 66 -7.86 0.60 8.75
N GLU A 67 -7.22 1.74 9.01
CA GLU A 67 -7.44 2.94 8.24
C GLU A 67 -6.58 2.91 6.98
N ASN A 68 -6.98 3.69 5.98
CA ASN A 68 -6.23 3.75 4.73
C ASN A 68 -5.00 4.67 4.85
N GLU A 69 -4.75 5.18 6.05
CA GLU A 69 -3.60 6.05 6.28
C GLU A 69 -2.47 5.21 6.88
N PHE A 70 -1.58 4.73 6.03
CA PHE A 70 -0.47 3.90 6.49
C PHE A 70 0.88 4.43 6.03
N THR A 71 1.95 3.93 6.65
CA THR A 71 3.30 4.34 6.31
C THR A 71 4.21 3.13 6.18
N VAL A 72 4.62 2.84 4.95
CA VAL A 72 5.49 1.71 4.67
C VAL A 72 6.88 1.93 5.26
N SER A 73 7.24 1.10 6.24
CA SER A 73 8.53 1.21 6.89
C SER A 73 9.36 -0.06 6.68
N GLY A 74 10.59 0.13 6.23
CA GLY A 74 11.47 -1.00 5.99
C GLY A 74 11.97 -1.06 4.56
N LEU A 75 11.74 0.00 3.79
CA LEU A 75 12.17 0.04 2.41
C LEU A 75 13.69 -0.11 2.32
N THR A 76 14.27 0.35 1.21
CA THR A 76 15.71 0.28 0.99
C THR A 76 16.22 1.57 0.37
N GLU A 77 17.45 1.94 0.70
CA GLU A 77 18.03 3.16 0.18
C GLU A 77 18.62 2.95 -1.22
N ASP A 78 18.45 3.95 -2.07
CA ASP A 78 18.96 3.88 -3.44
C ASP A 78 18.23 2.81 -4.25
N ALA A 79 16.92 2.97 -4.38
CA ALA A 79 16.10 2.03 -5.13
C ALA A 79 14.64 2.46 -5.15
N ALA A 80 14.05 2.52 -6.33
CA ALA A 80 12.66 2.91 -6.46
C ALA A 80 11.76 1.98 -5.67
N TYR A 81 10.71 2.52 -5.07
CA TYR A 81 9.80 1.72 -4.28
C TYR A 81 8.34 1.94 -4.66
N GLU A 82 7.71 0.90 -5.19
CA GLU A 82 6.31 0.95 -5.58
C GLU A 82 5.47 0.27 -4.50
N PHE A 83 4.31 0.84 -4.19
CA PHE A 83 3.47 0.24 -3.13
C PHE A 83 2.06 -0.11 -3.60
N ARG A 84 1.78 -1.42 -3.71
CA ARG A 84 0.47 -1.94 -4.11
C ARG A 84 -0.42 -2.14 -2.89
N VAL A 85 -1.75 -2.21 -3.07
CA VAL A 85 -2.62 -2.40 -1.91
C VAL A 85 -3.65 -3.52 -2.10
N ILE A 86 -3.58 -4.50 -1.22
CA ILE A 86 -4.48 -5.63 -1.20
C ILE A 86 -5.11 -5.66 0.19
N ALA A 87 -6.31 -6.22 0.33
CA ALA A 87 -6.91 -6.23 1.66
C ALA A 87 -8.20 -7.02 1.75
N LYS A 88 -8.23 -8.00 2.63
CA LYS A 88 -9.43 -8.79 2.82
C LYS A 88 -10.48 -7.89 3.45
N ASN A 89 -11.75 -8.26 3.32
CA ASN A 89 -12.80 -7.44 3.89
C ASN A 89 -13.30 -8.00 5.23
N ALA A 90 -14.32 -8.84 5.18
CA ALA A 90 -14.88 -9.42 6.39
C ALA A 90 -15.11 -10.93 6.27
N ALA A 91 -15.63 -11.36 5.13
CA ALA A 91 -15.92 -12.77 4.90
C ALA A 91 -14.78 -13.48 4.17
N GLY A 92 -13.54 -13.15 4.52
CA GLY A 92 -12.41 -13.78 3.88
C GLY A 92 -12.28 -13.43 2.41
N ALA A 93 -13.09 -12.48 1.94
CA ALA A 93 -13.04 -12.06 0.55
C ALA A 93 -11.85 -11.14 0.32
N ILE A 94 -10.73 -11.73 -0.08
CA ILE A 94 -9.52 -10.96 -0.32
C ILE A 94 -9.68 -9.95 -1.44
N SER A 95 -9.76 -8.67 -1.06
CA SER A 95 -9.89 -7.62 -2.05
C SER A 95 -8.66 -7.62 -2.95
N PRO A 96 -8.85 -7.79 -4.28
CA PRO A 96 -7.74 -7.81 -5.23
C PRO A 96 -6.73 -6.70 -4.99
N PRO A 97 -5.62 -6.71 -5.74
CA PRO A 97 -4.56 -5.70 -5.61
C PRO A 97 -4.96 -4.35 -6.18
N SER A 98 -4.32 -3.30 -5.68
CA SER A 98 -4.59 -1.94 -6.14
C SER A 98 -3.35 -1.34 -6.77
N GLU A 99 -3.55 -0.68 -7.92
CA GLU A 99 -2.45 -0.05 -8.67
C GLU A 99 -1.40 0.55 -7.73
N PRO A 100 -0.19 -0.04 -7.70
CA PRO A 100 0.90 0.44 -6.84
C PRO A 100 1.19 1.92 -6.95
N SER A 101 1.57 2.53 -5.83
CA SER A 101 1.91 3.95 -5.81
C SER A 101 3.25 4.13 -6.47
N ASP A 102 3.44 5.30 -7.10
CA ASP A 102 4.69 5.64 -7.80
C ASP A 102 5.91 5.03 -7.12
N ALA A 103 6.96 4.83 -7.90
CA ALA A 103 8.18 4.25 -7.38
C ALA A 103 9.14 5.32 -6.85
N ILE A 104 9.31 5.33 -5.53
CA ILE A 104 10.19 6.29 -4.88
C ILE A 104 11.62 5.76 -4.81
N THR A 105 12.54 6.38 -5.55
CA THR A 105 13.94 5.97 -5.55
C THR A 105 14.43 5.66 -4.15
N CYS A 106 13.84 6.34 -3.17
CA CYS A 106 14.21 6.12 -1.78
C CYS A 106 15.73 6.21 -1.61
N ARG A 107 16.26 7.42 -1.76
CA ARG A 107 17.69 7.65 -1.64
C ARG A 107 17.99 8.48 -0.41
N ASP A 108 17.96 9.80 -0.56
CA ASP A 108 18.22 10.71 0.54
C ASP A 108 17.05 11.67 0.74
N ASP A 109 16.00 11.53 -0.08
CA ASP A 109 14.82 12.38 0.01
C ASP A 109 15.20 13.85 0.16
N VAL A 110 16.37 14.22 -0.35
CA VAL A 110 16.84 15.59 -0.28
C VAL A 110 17.80 15.92 -1.42
N GLU A 111 17.76 15.11 -2.48
CA GLU A 111 18.64 15.34 -3.63
C GLU A 111 17.96 14.98 -4.95
N ALA A 112 16.65 14.77 -4.92
CA ALA A 112 15.91 14.41 -6.13
C ALA A 112 16.09 15.48 -7.20
N SER A 9 -23.06 -10.68 -4.67
CA SER A 9 -22.19 -10.05 -3.64
C SER A 9 -20.86 -9.63 -4.23
N PRO A 10 -20.82 -8.46 -4.91
CA PRO A 10 -19.60 -7.93 -5.52
C PRO A 10 -18.74 -7.15 -4.54
N ILE A 11 -17.47 -7.55 -4.43
CA ILE A 11 -16.55 -6.89 -3.52
C ILE A 11 -15.64 -5.91 -4.30
N ASP A 12 -15.29 -4.81 -3.65
CA ASP A 12 -14.43 -3.80 -4.25
C ASP A 12 -13.29 -3.45 -3.31
N PRO A 13 -12.06 -3.35 -3.84
CA PRO A 13 -10.88 -3.03 -3.03
C PRO A 13 -10.71 -1.53 -2.82
N PRO A 14 -9.71 -1.13 -2.01
CA PRO A 14 -9.44 0.28 -1.70
C PRO A 14 -8.98 1.07 -2.93
N GLY A 15 -8.88 2.39 -2.78
CA GLY A 15 -8.46 3.24 -3.88
C GLY A 15 -6.97 3.17 -4.14
N LYS A 16 -6.53 3.80 -5.23
CA LYS A 16 -5.12 3.81 -5.59
C LYS A 16 -4.29 4.53 -4.52
N PRO A 17 -3.28 3.85 -3.95
CA PRO A 17 -2.42 4.44 -2.91
C PRO A 17 -1.59 5.61 -3.43
N VAL A 18 -1.62 6.72 -2.70
CA VAL A 18 -0.87 7.92 -3.07
C VAL A 18 0.00 8.39 -1.90
N PRO A 19 1.33 8.22 -1.99
CA PRO A 19 2.25 8.62 -0.93
C PRO A 19 2.19 10.11 -0.59
N LEU A 20 1.75 10.42 0.63
CA LEU A 20 1.68 11.80 1.09
C LEU A 20 3.08 12.27 1.47
N ASN A 21 3.83 11.36 2.07
CA ASN A 21 5.20 11.62 2.49
C ASN A 21 6.07 10.45 2.05
N ILE A 22 7.32 10.72 1.67
CA ILE A 22 8.19 9.65 1.23
C ILE A 22 9.62 9.83 1.72
N THR A 23 9.94 9.14 2.81
CA THR A 23 11.28 9.18 3.38
C THR A 23 12.14 8.10 2.75
N ARG A 24 13.43 8.36 2.61
CA ARG A 24 14.35 7.40 2.01
C ARG A 24 14.27 6.04 2.69
N HIS A 25 13.73 5.97 3.90
CA HIS A 25 13.62 4.70 4.62
C HIS A 25 12.18 4.41 5.08
N THR A 26 11.27 5.36 4.87
CA THR A 26 9.89 5.18 5.28
C THR A 26 8.95 5.98 4.39
N VAL A 27 8.08 5.28 3.67
CA VAL A 27 7.13 5.93 2.78
C VAL A 27 5.72 5.90 3.38
N THR A 28 5.04 7.04 3.32
CA THR A 28 3.69 7.17 3.86
C THR A 28 2.68 7.37 2.72
N LEU A 29 1.69 6.49 2.63
CA LEU A 29 0.67 6.61 1.60
C LEU A 29 -0.73 6.49 2.15
N LYS A 30 -1.65 7.19 1.49
CA LYS A 30 -3.06 7.21 1.86
C LYS A 30 -3.93 6.99 0.62
N TRP A 31 -4.98 6.20 0.77
CA TRP A 31 -5.86 5.91 -0.35
C TRP A 31 -7.33 6.16 0.02
N ALA A 32 -8.22 5.83 -0.92
CA ALA A 32 -9.64 6.02 -0.72
C ALA A 32 -10.31 4.77 -0.17
N LYS A 33 -11.62 4.86 0.06
CA LYS A 33 -12.40 3.76 0.58
C LYS A 33 -13.30 3.19 -0.51
N PRO A 34 -13.43 1.85 -0.58
CA PRO A 34 -14.25 1.20 -1.60
C PRO A 34 -15.61 1.88 -1.78
N GLU A 35 -16.35 1.44 -2.79
CA GLU A 35 -17.66 2.01 -3.08
C GLU A 35 -18.79 1.03 -2.80
N TYR A 36 -18.49 -0.27 -2.85
CA TYR A 36 -19.50 -1.28 -2.60
C TYR A 36 -19.07 -2.28 -1.52
N THR A 37 -18.08 -3.11 -1.83
CA THR A 37 -17.60 -4.12 -0.88
C THR A 37 -18.76 -4.93 -0.32
N GLY A 38 -19.53 -5.55 -1.21
CA GLY A 38 -20.67 -6.35 -0.81
C GLY A 38 -21.46 -5.73 0.33
N GLY A 39 -21.11 -6.11 1.55
CA GLY A 39 -21.78 -5.57 2.73
C GLY A 39 -20.83 -5.55 3.90
N PHE A 40 -19.56 -5.33 3.58
CA PHE A 40 -18.49 -5.30 4.56
C PHE A 40 -17.88 -3.91 4.66
N LYS A 41 -16.89 -3.76 5.53
CA LYS A 41 -16.21 -2.47 5.71
C LYS A 41 -14.68 -2.62 5.72
N ILE A 42 -14.18 -3.86 5.62
CA ILE A 42 -12.75 -4.09 5.63
C ILE A 42 -12.11 -3.61 6.93
N THR A 43 -11.19 -4.40 7.47
CA THR A 43 -10.53 -4.04 8.71
C THR A 43 -9.04 -4.39 8.68
N SER A 44 -8.48 -4.46 7.48
CA SER A 44 -7.06 -4.78 7.34
C SER A 44 -6.55 -4.48 5.93
N TYR A 45 -5.84 -3.37 5.79
CA TYR A 45 -5.28 -2.97 4.50
C TYR A 45 -3.82 -3.38 4.39
N ILE A 46 -3.52 -4.29 3.47
CA ILE A 46 -2.15 -4.77 3.28
C ILE A 46 -1.52 -4.16 2.03
N VAL A 47 -0.51 -3.31 2.22
CA VAL A 47 0.16 -2.68 1.10
C VAL A 47 1.49 -3.37 0.80
N GLU A 48 1.56 -4.00 -0.37
CA GLU A 48 2.76 -4.70 -0.79
C GLU A 48 3.80 -3.71 -1.32
N LYS A 49 5.06 -4.07 -1.19
CA LYS A 49 6.14 -3.21 -1.65
C LYS A 49 7.01 -3.93 -2.68
N ARG A 50 7.43 -3.19 -3.70
CA ARG A 50 8.27 -3.74 -4.76
C ARG A 50 9.57 -2.98 -4.86
N ASP A 51 10.68 -3.65 -4.58
CA ASP A 51 12.00 -3.03 -4.64
C ASP A 51 12.46 -2.87 -6.09
N LEU A 52 12.36 -1.65 -6.61
CA LEU A 52 12.78 -1.38 -7.98
C LEU A 52 14.26 -1.02 -8.04
N PRO A 53 14.91 -1.20 -9.21
CA PRO A 53 14.28 -1.72 -10.41
C PRO A 53 14.40 -3.24 -10.52
N ASN A 54 14.32 -3.92 -9.39
CA ASN A 54 14.42 -5.38 -9.35
C ASN A 54 13.94 -5.94 -8.02
N GLY A 55 12.63 -6.12 -7.90
CA GLY A 55 12.07 -6.66 -6.67
C GLY A 55 10.73 -7.32 -6.91
N ARG A 56 9.97 -7.56 -5.83
CA ARG A 56 8.67 -8.19 -5.94
C ARG A 56 7.71 -7.64 -4.90
N TRP A 57 6.45 -8.04 -5.01
CA TRP A 57 5.40 -7.59 -4.12
C TRP A 57 5.43 -8.32 -2.78
N LEU A 58 5.63 -7.57 -1.72
CA LEU A 58 5.69 -8.13 -0.37
C LEU A 58 5.15 -7.13 0.65
N LYS A 59 4.19 -7.57 1.45
CA LYS A 59 3.56 -6.73 2.47
C LYS A 59 4.61 -5.96 3.27
N ALA A 60 4.82 -4.69 2.92
CA ALA A 60 5.78 -3.85 3.61
C ALA A 60 5.39 -3.69 5.07
N ASN A 61 4.09 -3.56 5.29
CA ASN A 61 3.55 -3.39 6.64
C ASN A 61 3.68 -4.69 7.44
N PHE A 62 2.76 -4.91 8.38
CA PHE A 62 2.78 -6.10 9.22
C PHE A 62 1.73 -6.00 10.33
N SER A 63 1.44 -4.77 10.74
CA SER A 63 0.45 -4.55 11.80
C SER A 63 -0.97 -4.57 11.22
N ASN A 64 -1.91 -3.98 11.93
CA ASN A 64 -3.30 -3.95 11.47
C ASN A 64 -3.66 -2.58 10.91
N ILE A 65 -3.60 -2.46 9.59
CA ILE A 65 -3.92 -1.20 8.92
C ILE A 65 -5.43 -1.04 8.77
N LEU A 66 -6.06 -0.45 9.79
CA LEU A 66 -7.50 -0.23 9.76
C LEU A 66 -7.87 0.91 8.81
N GLU A 67 -7.25 2.06 9.00
CA GLU A 67 -7.51 3.22 8.17
C GLU A 67 -6.72 3.13 6.87
N ASN A 68 -7.10 3.95 5.89
CA ASN A 68 -6.42 3.96 4.61
C ASN A 68 -5.13 4.77 4.65
N GLU A 69 -4.77 5.27 5.84
CA GLU A 69 -3.55 6.07 6.01
C GLU A 69 -2.49 5.25 6.73
N PHE A 70 -1.60 4.64 5.96
CA PHE A 70 -0.53 3.83 6.54
C PHE A 70 0.84 4.30 6.08
N THR A 71 1.88 3.85 6.78
CA THR A 71 3.24 4.22 6.45
C THR A 71 4.15 2.98 6.42
N VAL A 72 4.64 2.66 5.23
CA VAL A 72 5.52 1.51 5.06
C VAL A 72 6.92 1.81 5.58
N SER A 73 7.46 0.88 6.36
CA SER A 73 8.80 1.04 6.92
C SER A 73 9.67 -0.18 6.62
N GLY A 74 10.88 0.07 6.16
CA GLY A 74 11.79 -1.00 5.85
C GLY A 74 12.48 -0.84 4.50
N LEU A 75 12.13 0.22 3.78
CA LEU A 75 12.72 0.47 2.47
C LEU A 75 14.24 0.59 2.58
N THR A 76 14.87 0.95 1.46
CA THR A 76 16.31 1.10 1.40
C THR A 76 16.69 2.31 0.56
N GLU A 77 17.72 3.03 1.00
CA GLU A 77 18.18 4.22 0.29
C GLU A 77 18.71 3.85 -1.10
N ASP A 78 18.52 4.76 -2.05
CA ASP A 78 18.98 4.55 -3.41
C ASP A 78 18.27 3.36 -4.06
N ALA A 79 16.95 3.41 -4.12
CA ALA A 79 16.18 2.33 -4.72
C ALA A 79 14.71 2.70 -4.86
N ALA A 80 14.19 2.62 -6.08
CA ALA A 80 12.79 2.94 -6.33
C ALA A 80 11.88 1.92 -5.65
N TYR A 81 10.81 2.40 -5.03
CA TYR A 81 9.89 1.51 -4.33
C TYR A 81 8.43 1.80 -4.66
N GLU A 82 7.76 0.82 -5.25
CA GLU A 82 6.35 0.94 -5.60
C GLU A 82 5.51 0.25 -4.53
N PHE A 83 4.34 0.80 -4.21
CA PHE A 83 3.52 0.17 -3.16
C PHE A 83 2.03 0.06 -3.52
N ARG A 84 1.56 -1.17 -3.63
CA ARG A 84 0.15 -1.44 -3.92
C ARG A 84 -0.50 -1.94 -2.64
N VAL A 85 -1.80 -2.21 -2.66
CA VAL A 85 -2.44 -2.71 -1.44
C VAL A 85 -3.69 -3.54 -1.72
N ILE A 86 -3.65 -4.74 -1.15
CA ILE A 86 -4.73 -5.68 -1.23
C ILE A 86 -5.42 -5.68 0.13
N ALA A 87 -6.70 -6.01 0.18
CA ALA A 87 -7.37 -6.00 1.47
C ALA A 87 -8.63 -6.83 1.48
N LYS A 88 -8.81 -7.60 2.54
CA LYS A 88 -9.97 -8.44 2.68
C LYS A 88 -11.15 -7.62 3.18
N ASN A 89 -12.23 -8.30 3.55
CA ASN A 89 -13.41 -7.63 4.03
C ASN A 89 -13.98 -8.32 5.28
N ALA A 90 -14.96 -7.67 5.89
CA ALA A 90 -15.60 -8.19 7.09
C ALA A 90 -15.98 -9.68 6.93
N ALA A 91 -16.18 -10.10 5.69
CA ALA A 91 -16.55 -11.50 5.41
C ALA A 91 -15.35 -12.41 5.32
N GLY A 92 -14.18 -11.84 5.05
CA GLY A 92 -12.97 -12.64 4.93
C GLY A 92 -12.46 -12.69 3.51
N ALA A 93 -13.32 -12.36 2.55
CA ALA A 93 -12.94 -12.37 1.14
C ALA A 93 -11.81 -11.37 0.91
N ILE A 94 -10.89 -11.71 0.01
CA ILE A 94 -9.77 -10.82 -0.30
C ILE A 94 -10.06 -9.93 -1.49
N SER A 95 -10.08 -8.62 -1.24
CA SER A 95 -10.33 -7.64 -2.29
C SER A 95 -9.07 -7.43 -3.14
N PRO A 96 -9.19 -7.56 -4.48
CA PRO A 96 -8.08 -7.39 -5.41
C PRO A 96 -7.05 -6.34 -4.97
N PRO A 97 -5.81 -6.42 -5.51
CA PRO A 97 -4.73 -5.48 -5.20
C PRO A 97 -4.93 -4.13 -5.85
N SER A 98 -4.65 -3.06 -5.11
CA SER A 98 -4.77 -1.71 -5.63
C SER A 98 -3.48 -1.28 -6.30
N GLU A 99 -3.59 -0.75 -7.52
CA GLU A 99 -2.44 -0.30 -8.32
C GLU A 99 -1.33 0.31 -7.43
N PRO A 100 -0.11 -0.24 -7.51
CA PRO A 100 1.02 0.26 -6.71
C PRO A 100 1.30 1.74 -6.93
N SER A 101 1.73 2.41 -5.86
CA SER A 101 2.06 3.83 -5.92
C SER A 101 3.42 4.00 -6.58
N ASP A 102 3.60 5.12 -7.28
CA ASP A 102 4.85 5.43 -7.98
C ASP A 102 6.07 4.93 -7.22
N ALA A 103 7.04 4.45 -7.96
CA ALA A 103 8.27 3.95 -7.36
C ALA A 103 9.17 5.10 -6.94
N ILE A 104 9.35 5.25 -5.63
CA ILE A 104 10.18 6.32 -5.09
C ILE A 104 11.61 5.84 -4.86
N THR A 105 12.55 6.47 -5.56
CA THR A 105 13.96 6.12 -5.45
C THR A 105 14.40 6.02 -3.99
N CYS A 106 13.86 6.92 -3.15
CA CYS A 106 14.21 6.92 -1.73
C CYS A 106 15.72 7.02 -1.53
N ARG A 107 16.21 8.25 -1.44
CA ARG A 107 17.64 8.49 -1.25
C ARG A 107 17.86 9.69 -0.34
N ASP A 108 17.88 10.87 -0.92
CA ASP A 108 18.06 12.10 -0.16
C ASP A 108 16.76 12.90 -0.09
N ASP A 109 15.76 12.49 -0.88
CA ASP A 109 14.47 13.15 -0.92
C ASP A 109 14.60 14.65 -1.15
N VAL A 110 15.74 15.06 -1.71
CA VAL A 110 15.98 16.46 -1.99
C VAL A 110 16.30 16.69 -3.46
N GLU A 111 16.53 15.60 -4.21
CA GLU A 111 16.82 15.69 -5.62
C GLU A 111 15.74 15.03 -6.46
N ALA A 112 14.88 14.24 -5.82
CA ALA A 112 13.80 13.55 -6.52
C ALA A 112 12.85 12.86 -5.54
N SER A 9 -21.65 -10.98 -3.02
CA SER A 9 -21.58 -9.54 -3.37
C SER A 9 -20.34 -9.23 -4.22
N PRO A 10 -20.30 -8.05 -4.85
CA PRO A 10 -19.19 -7.63 -5.69
C PRO A 10 -18.13 -6.87 -4.90
N ILE A 11 -17.38 -7.60 -4.07
CA ILE A 11 -16.34 -6.99 -3.26
C ILE A 11 -15.34 -6.23 -4.13
N ASP A 12 -14.97 -5.03 -3.69
CA ASP A 12 -14.01 -4.20 -4.44
C ASP A 12 -12.88 -3.71 -3.54
N PRO A 13 -11.67 -3.54 -4.12
CA PRO A 13 -10.50 -3.07 -3.38
C PRO A 13 -10.44 -1.55 -3.24
N PRO A 14 -9.67 -1.06 -2.25
CA PRO A 14 -9.52 0.38 -2.00
C PRO A 14 -9.07 1.14 -3.25
N GLY A 15 -8.86 2.45 -3.09
CA GLY A 15 -8.43 3.27 -4.20
C GLY A 15 -6.93 3.22 -4.43
N LYS A 16 -6.44 4.00 -5.38
CA LYS A 16 -5.02 4.04 -5.69
C LYS A 16 -4.25 4.80 -4.60
N PRO A 17 -3.19 4.20 -4.03
CA PRO A 17 -2.40 4.84 -2.98
C PRO A 17 -1.54 6.00 -3.50
N VAL A 18 -1.69 7.16 -2.87
CA VAL A 18 -0.94 8.34 -3.24
C VAL A 18 -0.02 8.76 -2.08
N PRO A 19 1.28 8.51 -2.20
CA PRO A 19 2.24 8.83 -1.16
C PRO A 19 2.01 10.19 -0.51
N LEU A 20 1.26 10.18 0.58
CA LEU A 20 0.96 11.38 1.33
C LEU A 20 2.27 12.02 1.79
N ASN A 21 3.27 11.17 2.00
CA ASN A 21 4.60 11.59 2.42
C ASN A 21 5.61 10.50 2.08
N ILE A 22 6.86 10.88 1.89
CA ILE A 22 7.89 9.90 1.55
C ILE A 22 9.22 10.20 2.20
N THR A 23 9.88 9.14 2.64
CA THR A 23 11.19 9.25 3.27
C THR A 23 12.11 8.13 2.78
N ARG A 24 13.38 8.46 2.61
CA ARG A 24 14.36 7.49 2.12
C ARG A 24 14.24 6.13 2.81
N HIS A 25 13.68 6.09 4.02
CA HIS A 25 13.54 4.82 4.73
C HIS A 25 12.10 4.56 5.16
N THR A 26 11.22 5.53 4.97
CA THR A 26 9.82 5.37 5.35
C THR A 26 8.90 6.12 4.38
N VAL A 27 8.14 5.36 3.60
CA VAL A 27 7.23 5.96 2.63
C VAL A 27 5.78 5.85 3.08
N THR A 28 5.12 6.99 3.19
CA THR A 28 3.71 7.05 3.62
C THR A 28 2.79 7.20 2.41
N LEU A 29 1.71 6.43 2.40
CA LEU A 29 0.74 6.49 1.31
C LEU A 29 -0.69 6.46 1.84
N LYS A 30 -1.55 7.22 1.17
CA LYS A 30 -2.95 7.31 1.53
C LYS A 30 -3.82 7.02 0.30
N TRP A 31 -5.02 6.46 0.52
CA TRP A 31 -5.90 6.16 -0.60
C TRP A 31 -7.37 6.39 -0.24
N ALA A 32 -8.24 6.04 -1.19
CA ALA A 32 -9.68 6.20 -1.01
C ALA A 32 -10.29 4.99 -0.32
N LYS A 33 -11.62 4.97 -0.22
CA LYS A 33 -12.34 3.87 0.40
C LYS A 33 -13.14 3.10 -0.65
N PRO A 34 -13.13 1.75 -0.58
CA PRO A 34 -13.85 0.90 -1.52
C PRO A 34 -15.19 1.50 -1.96
N GLU A 35 -15.64 1.13 -3.15
CA GLU A 35 -16.89 1.64 -3.70
C GLU A 35 -18.10 0.87 -3.15
N TYR A 36 -17.96 -0.44 -3.03
CA TYR A 36 -19.07 -1.26 -2.53
C TYR A 36 -18.60 -2.22 -1.43
N THR A 37 -17.71 -3.13 -1.79
CA THR A 37 -17.19 -4.11 -0.85
C THR A 37 -18.33 -4.83 -0.14
N GLY A 38 -19.34 -5.24 -0.91
CA GLY A 38 -20.47 -5.95 -0.34
C GLY A 38 -21.02 -5.25 0.89
N GLY A 39 -20.85 -5.89 2.04
CA GLY A 39 -21.32 -5.31 3.29
C GLY A 39 -20.17 -5.23 4.28
N PHE A 40 -18.97 -5.11 3.74
CA PHE A 40 -17.75 -5.04 4.55
C PHE A 40 -17.09 -3.67 4.42
N LYS A 41 -16.04 -3.45 5.20
CA LYS A 41 -15.31 -2.18 5.18
C LYS A 41 -13.80 -2.39 5.31
N ILE A 42 -13.36 -3.65 5.22
CA ILE A 42 -11.94 -3.95 5.33
C ILE A 42 -11.39 -3.50 6.68
N THR A 43 -10.94 -4.47 7.48
CA THR A 43 -10.39 -4.17 8.80
C THR A 43 -8.88 -4.38 8.84
N SER A 44 -8.22 -4.22 7.70
CA SER A 44 -6.78 -4.39 7.63
C SER A 44 -6.28 -4.28 6.19
N TYR A 45 -5.62 -3.16 5.88
CA TYR A 45 -5.09 -2.93 4.54
C TYR A 45 -3.63 -3.38 4.45
N ILE A 46 -3.34 -4.26 3.50
CA ILE A 46 -1.97 -4.74 3.31
C ILE A 46 -1.31 -3.95 2.19
N VAL A 47 -0.02 -3.66 2.33
CA VAL A 47 0.69 -2.90 1.31
C VAL A 47 1.88 -3.67 0.76
N GLU A 48 1.66 -4.38 -0.35
CA GLU A 48 2.72 -5.14 -0.98
C GLU A 48 3.74 -4.17 -1.57
N LYS A 49 5.02 -4.48 -1.40
CA LYS A 49 6.07 -3.62 -1.91
C LYS A 49 6.84 -4.28 -3.06
N ARG A 50 7.07 -3.51 -4.11
CA ARG A 50 7.80 -4.01 -5.27
C ARG A 50 9.17 -3.37 -5.33
N ASP A 51 10.20 -4.14 -4.95
CA ASP A 51 11.56 -3.66 -4.94
C ASP A 51 12.08 -3.51 -6.37
N LEU A 52 11.75 -2.39 -7.00
CA LEU A 52 12.17 -2.12 -8.36
C LEU A 52 13.68 -2.33 -8.53
N PRO A 53 14.15 -2.60 -9.76
CA PRO A 53 13.30 -2.72 -10.94
C PRO A 53 12.75 -4.13 -11.15
N ASN A 54 12.51 -4.85 -10.05
CA ASN A 54 11.98 -6.21 -10.13
C ASN A 54 10.90 -6.44 -9.08
N GLY A 55 11.31 -6.64 -7.83
CA GLY A 55 10.36 -6.87 -6.75
C GLY A 55 9.37 -7.98 -7.07
N ARG A 56 8.41 -8.19 -6.19
CA ARG A 56 7.38 -9.22 -6.37
C ARG A 56 6.20 -8.97 -5.45
N TRP A 57 5.94 -7.70 -5.16
CA TRP A 57 4.83 -7.31 -4.29
C TRP A 57 4.76 -8.19 -3.04
N LEU A 58 5.35 -7.69 -1.96
CA LEU A 58 5.36 -8.41 -0.69
C LEU A 58 4.93 -7.49 0.44
N LYS A 59 3.89 -7.88 1.17
CA LYS A 59 3.38 -7.07 2.27
C LYS A 59 4.53 -6.62 3.18
N ALA A 60 4.48 -5.37 3.61
CA ALA A 60 5.51 -4.82 4.48
C ALA A 60 4.93 -4.26 5.76
N ASN A 61 3.74 -3.65 5.67
CA ASN A 61 3.08 -3.08 6.82
C ASN A 61 3.20 -3.97 8.06
N PHE A 62 2.62 -5.17 7.96
CA PHE A 62 2.67 -6.13 9.07
C PHE A 62 2.33 -5.46 10.40
N SER A 63 1.49 -4.42 10.34
CA SER A 63 1.10 -3.70 11.54
C SER A 63 -0.40 -3.41 11.55
N ASN A 64 -1.18 -4.29 10.93
CA ASN A 64 -2.62 -4.12 10.86
C ASN A 64 -3.01 -2.68 10.49
N ILE A 65 -3.25 -2.45 9.21
CA ILE A 65 -3.62 -1.12 8.72
C ILE A 65 -5.13 -0.89 8.83
N LEU A 66 -5.56 -0.36 9.96
CA LEU A 66 -6.98 -0.10 10.19
C LEU A 66 -7.46 1.05 9.33
N GLU A 67 -6.67 2.13 9.27
CA GLU A 67 -7.03 3.30 8.48
C GLU A 67 -6.29 3.30 7.15
N ASN A 68 -6.89 3.94 6.16
CA ASN A 68 -6.28 4.02 4.84
C ASN A 68 -5.00 4.84 4.85
N GLU A 69 -4.72 5.52 5.96
CA GLU A 69 -3.51 6.32 6.08
C GLU A 69 -2.44 5.49 6.74
N PHE A 70 -1.54 4.94 5.93
CA PHE A 70 -0.49 4.10 6.49
C PHE A 70 0.89 4.51 6.00
N THR A 71 1.90 4.03 6.72
CA THR A 71 3.29 4.32 6.39
C THR A 71 4.09 3.04 6.24
N VAL A 72 4.56 2.80 5.02
CA VAL A 72 5.35 1.61 4.74
C VAL A 72 6.80 1.81 5.16
N SER A 73 7.28 0.96 6.06
CA SER A 73 8.65 1.05 6.54
C SER A 73 9.43 -0.20 6.17
N GLY A 74 10.75 -0.08 6.23
CA GLY A 74 11.61 -1.19 5.90
C GLY A 74 12.35 -1.01 4.59
N LEU A 75 12.09 0.09 3.90
CA LEU A 75 12.75 0.36 2.63
C LEU A 75 14.23 0.61 2.84
N THR A 76 14.93 0.93 1.75
CA THR A 76 16.35 1.20 1.80
C THR A 76 16.70 2.38 0.89
N GLU A 77 17.66 3.19 1.33
CA GLU A 77 18.08 4.34 0.55
C GLU A 77 18.72 3.91 -0.77
N ASP A 78 18.49 4.69 -1.82
CA ASP A 78 19.03 4.39 -3.13
C ASP A 78 18.31 3.19 -3.75
N ALA A 79 16.99 3.27 -3.83
CA ALA A 79 16.20 2.18 -4.40
C ALA A 79 14.74 2.59 -4.58
N ALA A 80 14.25 2.49 -5.83
CA ALA A 80 12.87 2.84 -6.13
C ALA A 80 11.95 1.78 -5.57
N TYR A 81 10.90 2.22 -4.87
CA TYR A 81 9.96 1.29 -4.27
C TYR A 81 8.51 1.63 -4.63
N GLU A 82 7.82 0.65 -5.22
CA GLU A 82 6.42 0.81 -5.59
C GLU A 82 5.55 0.12 -4.56
N PHE A 83 4.38 0.67 -4.23
CA PHE A 83 3.54 0.02 -3.20
C PHE A 83 2.08 -0.19 -3.60
N ARG A 84 1.70 -1.46 -3.70
CA ARG A 84 0.32 -1.87 -4.02
C ARG A 84 -0.37 -2.26 -2.72
N VAL A 85 -1.70 -2.22 -2.67
CA VAL A 85 -2.38 -2.59 -1.44
C VAL A 85 -3.58 -3.51 -1.68
N ILE A 86 -3.56 -4.62 -0.94
CA ILE A 86 -4.61 -5.62 -0.99
C ILE A 86 -5.22 -5.69 0.40
N ALA A 87 -6.46 -6.13 0.51
CA ALA A 87 -7.07 -6.20 1.84
C ALA A 87 -8.35 -7.01 1.85
N LYS A 88 -8.36 -8.10 2.59
CA LYS A 88 -9.54 -8.92 2.68
C LYS A 88 -10.69 -8.10 3.22
N ASN A 89 -11.83 -8.72 3.40
CA ASN A 89 -12.99 -8.02 3.89
C ASN A 89 -13.65 -8.77 5.05
N ALA A 90 -14.48 -8.07 5.80
CA ALA A 90 -15.18 -8.62 6.95
C ALA A 90 -15.71 -10.04 6.70
N ALA A 91 -15.98 -10.40 5.44
CA ALA A 91 -16.50 -11.73 5.14
C ALA A 91 -15.45 -12.67 4.55
N GLY A 92 -14.18 -12.27 4.63
CA GLY A 92 -13.12 -13.11 4.11
C GLY A 92 -12.83 -12.87 2.64
N ALA A 93 -13.57 -11.97 2.02
CA ALA A 93 -13.37 -11.67 0.60
C ALA A 93 -12.05 -10.94 0.43
N ILE A 94 -11.14 -11.51 -0.36
CA ILE A 94 -9.84 -10.89 -0.58
C ILE A 94 -9.92 -9.76 -1.60
N SER A 95 -9.93 -8.52 -1.12
CA SER A 95 -9.99 -7.39 -2.04
C SER A 95 -8.75 -7.39 -2.93
N PRO A 96 -8.93 -7.66 -4.24
CA PRO A 96 -7.82 -7.72 -5.21
C PRO A 96 -6.76 -6.63 -5.05
N PRO A 97 -5.67 -6.73 -5.84
CA PRO A 97 -4.57 -5.77 -5.79
C PRO A 97 -4.98 -4.36 -6.17
N SER A 98 -4.64 -3.40 -5.33
CA SER A 98 -4.97 -2.01 -5.59
C SER A 98 -3.78 -1.28 -6.19
N GLU A 99 -3.96 -0.77 -7.43
CA GLU A 99 -2.91 -0.05 -8.19
C GLU A 99 -1.79 0.48 -7.28
N PRO A 100 -0.54 0.05 -7.50
CA PRO A 100 0.61 0.47 -6.69
C PRO A 100 0.91 1.97 -6.76
N SER A 101 1.58 2.46 -5.72
CA SER A 101 1.98 3.85 -5.64
C SER A 101 3.29 4.05 -6.35
N ASP A 102 3.49 5.25 -6.91
CA ASP A 102 4.73 5.58 -7.62
C ASP A 102 5.95 4.97 -6.96
N ALA A 103 7.02 4.82 -7.74
CA ALA A 103 8.25 4.25 -7.24
C ALA A 103 9.18 5.33 -6.68
N ILE A 104 9.31 5.38 -5.37
CA ILE A 104 10.17 6.37 -4.73
C ILE A 104 11.59 5.84 -4.54
N THR A 105 12.54 6.47 -5.23
CA THR A 105 13.94 6.08 -5.15
C THR A 105 14.41 6.02 -3.70
N CYS A 106 13.83 6.87 -2.86
CA CYS A 106 14.20 6.91 -1.45
C CYS A 106 15.69 7.17 -1.31
N ARG A 107 16.05 8.44 -1.15
CA ARG A 107 17.46 8.82 -1.02
C ARG A 107 17.63 9.98 -0.03
N ASP A 108 17.49 11.20 -0.53
CA ASP A 108 17.64 12.39 0.30
C ASP A 108 16.29 13.02 0.62
N ASP A 109 15.21 12.46 0.07
CA ASP A 109 13.86 12.95 0.31
C ASP A 109 13.77 14.46 0.23
N VAL A 110 14.66 15.06 -0.54
CA VAL A 110 14.67 16.51 -0.69
C VAL A 110 15.35 16.92 -2.00
N GLU A 111 15.39 16.00 -2.96
CA GLU A 111 15.99 16.28 -4.26
C GLU A 111 14.95 16.17 -5.35
N ALA A 112 14.07 15.17 -5.21
CA ALA A 112 13.00 14.95 -6.19
C ALA A 112 12.05 16.14 -6.24
N SER A 9 -23.18 -11.65 -1.61
CA SER A 9 -22.40 -10.52 -1.05
C SER A 9 -21.04 -10.40 -1.72
N PRO A 10 -20.91 -9.47 -2.69
CA PRO A 10 -19.66 -9.25 -3.42
C PRO A 10 -18.66 -8.48 -2.58
N ILE A 11 -17.61 -7.99 -3.22
CA ILE A 11 -16.57 -7.23 -2.52
C ILE A 11 -15.93 -6.22 -3.45
N ASP A 12 -15.40 -5.15 -2.87
CA ASP A 12 -14.74 -4.10 -3.63
C ASP A 12 -13.46 -3.65 -2.93
N PRO A 13 -12.32 -3.65 -3.65
CA PRO A 13 -11.04 -3.23 -3.08
C PRO A 13 -10.93 -1.72 -2.96
N PRO A 14 -10.10 -1.24 -2.01
CA PRO A 14 -9.91 0.21 -1.78
C PRO A 14 -9.46 0.96 -3.03
N GLY A 15 -9.27 2.28 -2.88
CA GLY A 15 -8.84 3.10 -3.99
C GLY A 15 -7.39 2.89 -4.36
N LYS A 16 -6.79 3.88 -5.01
CA LYS A 16 -5.40 3.80 -5.43
C LYS A 16 -4.48 4.38 -4.34
N PRO A 17 -3.38 3.68 -3.99
CA PRO A 17 -2.43 4.14 -2.98
C PRO A 17 -1.51 5.24 -3.50
N VAL A 18 -1.37 6.31 -2.73
CA VAL A 18 -0.52 7.44 -3.12
C VAL A 18 0.25 8.00 -1.93
N PRO A 19 1.60 8.06 -2.02
CA PRO A 19 2.43 8.57 -0.93
C PRO A 19 2.26 10.07 -0.72
N LEU A 20 2.03 10.48 0.52
CA LEU A 20 1.87 11.88 0.86
C LEU A 20 3.19 12.42 1.39
N ASN A 21 3.92 11.56 2.11
CA ASN A 21 5.21 11.93 2.68
C ASN A 21 6.15 10.74 2.56
N ILE A 22 7.03 10.79 1.57
CA ILE A 22 7.98 9.72 1.35
C ILE A 22 9.34 10.04 1.93
N THR A 23 9.97 9.02 2.51
CA THR A 23 11.28 9.17 3.12
C THR A 23 12.20 8.01 2.74
N ARG A 24 13.47 8.33 2.57
CA ARG A 24 14.51 7.36 2.19
C ARG A 24 14.27 5.96 2.76
N HIS A 25 13.97 5.87 4.05
CA HIS A 25 13.75 4.57 4.69
C HIS A 25 12.28 4.30 5.01
N THR A 26 11.44 5.31 4.97
CA THR A 26 10.03 5.12 5.27
C THR A 26 9.16 6.08 4.46
N VAL A 27 8.14 5.54 3.80
CA VAL A 27 7.25 6.37 3.02
C VAL A 27 5.83 6.31 3.58
N THR A 28 5.06 7.37 3.36
CA THR A 28 3.70 7.44 3.86
C THR A 28 2.70 7.60 2.72
N LEU A 29 1.80 6.63 2.57
CA LEU A 29 0.80 6.69 1.52
C LEU A 29 -0.59 6.39 2.06
N LYS A 30 -1.59 6.89 1.35
CA LYS A 30 -2.98 6.68 1.74
C LYS A 30 -3.85 6.57 0.48
N TRP A 31 -5.03 5.98 0.63
CA TRP A 31 -5.93 5.79 -0.49
C TRP A 31 -7.38 6.09 -0.11
N ALA A 32 -8.30 5.79 -1.02
CA ALA A 32 -9.72 6.02 -0.80
C ALA A 32 -10.38 4.83 -0.10
N LYS A 33 -11.71 4.87 0.00
CA LYS A 33 -12.46 3.81 0.64
C LYS A 33 -13.53 3.25 -0.30
N PRO A 34 -13.72 1.91 -0.30
CA PRO A 34 -14.72 1.27 -1.16
C PRO A 34 -16.13 1.78 -0.90
N GLU A 35 -17.10 1.25 -1.64
CA GLU A 35 -18.48 1.67 -1.49
C GLU A 35 -19.44 0.48 -1.39
N TYR A 36 -18.91 -0.74 -1.44
CA TYR A 36 -19.75 -1.92 -1.36
C TYR A 36 -19.16 -2.94 -0.37
N THR A 37 -18.07 -3.59 -0.75
CA THR A 37 -17.43 -4.59 0.12
C THR A 37 -18.46 -5.48 0.79
N GLY A 38 -19.31 -6.12 -0.02
CA GLY A 38 -20.34 -7.01 0.51
C GLY A 38 -21.00 -6.45 1.77
N GLY A 39 -20.89 -7.20 2.86
CA GLY A 39 -21.45 -6.75 4.13
C GLY A 39 -20.36 -6.61 5.17
N PHE A 40 -19.17 -6.28 4.70
CA PHE A 40 -18.00 -6.13 5.54
C PHE A 40 -17.64 -4.66 5.74
N LYS A 41 -16.60 -4.42 6.54
CA LYS A 41 -16.14 -3.06 6.81
C LYS A 41 -14.62 -2.94 6.67
N ILE A 42 -13.95 -4.05 6.38
CA ILE A 42 -12.49 -4.04 6.23
C ILE A 42 -11.83 -3.48 7.49
N THR A 43 -11.22 -4.37 8.27
CA THR A 43 -10.55 -3.96 9.51
C THR A 43 -9.03 -4.01 9.36
N SER A 44 -8.54 -4.01 8.11
CA SER A 44 -7.11 -4.04 7.87
C SER A 44 -6.78 -3.96 6.38
N TYR A 45 -5.75 -3.19 6.05
CA TYR A 45 -5.33 -3.05 4.66
C TYR A 45 -3.89 -3.51 4.49
N ILE A 46 -3.62 -4.16 3.37
CA ILE A 46 -2.28 -4.66 3.08
C ILE A 46 -1.63 -3.83 1.98
N VAL A 47 -0.29 -3.83 1.94
CA VAL A 47 0.44 -3.08 0.94
C VAL A 47 1.60 -3.88 0.38
N GLU A 48 1.45 -4.38 -0.84
CA GLU A 48 2.50 -5.15 -1.47
C GLU A 48 3.60 -4.22 -1.99
N LYS A 49 4.81 -4.42 -1.50
CA LYS A 49 5.94 -3.57 -1.90
C LYS A 49 6.89 -4.30 -2.84
N ARG A 50 7.50 -3.53 -3.72
CA ARG A 50 8.46 -4.05 -4.67
C ARG A 50 9.73 -3.21 -4.65
N ASP A 51 10.81 -3.81 -4.15
CA ASP A 51 12.10 -3.12 -4.05
C ASP A 51 12.73 -3.00 -5.43
N LEU A 52 12.28 -2.03 -6.19
CA LEU A 52 12.81 -1.80 -7.53
C LEU A 52 14.28 -1.42 -7.48
N PRO A 53 15.09 -1.90 -8.45
CA PRO A 53 14.65 -2.75 -9.55
C PRO A 53 14.81 -4.24 -9.25
N ASN A 54 15.06 -4.56 -7.98
CA ASN A 54 15.25 -5.95 -7.57
C ASN A 54 14.38 -6.28 -6.35
N GLY A 55 13.14 -6.67 -6.61
CA GLY A 55 12.25 -7.01 -5.51
C GLY A 55 10.95 -7.65 -5.99
N ARG A 56 10.14 -8.12 -5.06
CA ARG A 56 8.87 -8.75 -5.38
C ARG A 56 7.76 -8.23 -4.47
N TRP A 57 6.58 -8.07 -5.02
CA TRP A 57 5.43 -7.59 -4.28
C TRP A 57 5.26 -8.36 -2.96
N LEU A 58 5.66 -7.75 -1.86
CA LEU A 58 5.54 -8.39 -0.55
C LEU A 58 4.95 -7.42 0.47
N LYS A 59 4.09 -7.94 1.34
CA LYS A 59 3.44 -7.11 2.37
C LYS A 59 4.45 -6.17 3.03
N ALA A 60 4.39 -4.90 2.68
CA ALA A 60 5.28 -3.90 3.24
C ALA A 60 4.95 -3.65 4.70
N ASN A 61 3.69 -3.38 4.97
CA ASN A 61 3.23 -3.11 6.33
C ASN A 61 3.66 -4.26 7.25
N PHE A 62 3.13 -5.45 7.00
CA PHE A 62 3.47 -6.62 7.80
C PHE A 62 3.05 -6.43 9.26
N SER A 63 1.89 -5.81 9.48
CA SER A 63 1.40 -5.59 10.83
C SER A 63 -0.10 -5.31 10.84
N ASN A 64 -0.48 -4.03 10.72
CA ASN A 64 -1.89 -3.66 10.73
C ASN A 64 -2.07 -2.28 10.08
N ILE A 65 -3.15 -2.14 9.32
CA ILE A 65 -3.45 -0.89 8.64
C ILE A 65 -4.94 -0.57 8.71
N LEU A 66 -5.44 -0.33 9.91
CA LEU A 66 -6.85 -0.04 10.12
C LEU A 66 -7.34 1.04 9.15
N GLU A 67 -6.77 2.23 9.26
CA GLU A 67 -7.15 3.33 8.39
C GLU A 67 -6.40 3.25 7.06
N ASN A 68 -6.92 3.93 6.06
CA ASN A 68 -6.29 3.94 4.74
C ASN A 68 -5.00 4.76 4.75
N GLU A 69 -4.74 5.45 5.87
CA GLU A 69 -3.53 6.26 6.00
C GLU A 69 -2.45 5.48 6.73
N PHE A 70 -1.55 4.88 5.97
CA PHE A 70 -0.48 4.08 6.56
C PHE A 70 0.89 4.49 5.99
N THR A 71 1.94 4.06 6.68
CA THR A 71 3.29 4.35 6.25
C THR A 71 4.07 3.09 6.01
N VAL A 72 4.57 2.93 4.80
CA VAL A 72 5.34 1.76 4.44
C VAL A 72 6.77 1.84 4.93
N SER A 73 7.06 1.18 6.03
CA SER A 73 8.40 1.18 6.61
C SER A 73 9.18 -0.03 6.14
N GLY A 74 10.45 0.19 5.80
CA GLY A 74 11.30 -0.88 5.33
C GLY A 74 12.11 -0.48 4.12
N LEU A 75 11.75 0.64 3.50
CA LEU A 75 12.45 1.13 2.32
C LEU A 75 13.94 1.29 2.62
N THR A 76 14.67 1.85 1.67
CA THR A 76 16.11 2.04 1.83
C THR A 76 16.59 3.23 1.02
N GLU A 77 17.78 3.71 1.33
CA GLU A 77 18.36 4.85 0.64
C GLU A 77 18.86 4.42 -0.74
N ASP A 78 18.37 5.09 -1.79
CA ASP A 78 18.75 4.80 -3.16
C ASP A 78 18.12 3.51 -3.66
N ALA A 79 16.79 3.52 -3.79
CA ALA A 79 16.06 2.36 -4.27
C ALA A 79 14.58 2.69 -4.45
N ALA A 80 14.11 2.67 -5.69
CA ALA A 80 12.72 2.95 -5.97
C ALA A 80 11.83 1.90 -5.34
N TYR A 81 10.77 2.35 -4.66
CA TYR A 81 9.87 1.43 -3.99
C TYR A 81 8.42 1.65 -4.41
N GLU A 82 7.83 0.63 -5.01
CA GLU A 82 6.43 0.71 -5.45
C GLU A 82 5.53 -0.03 -4.47
N PHE A 83 4.34 0.50 -4.18
CA PHE A 83 3.45 -0.18 -3.22
C PHE A 83 1.96 -0.18 -3.62
N ARG A 84 1.40 -1.37 -3.87
CA ARG A 84 -0.02 -1.47 -4.20
C ARG A 84 -0.80 -1.84 -2.94
N VAL A 85 -2.12 -1.66 -2.96
CA VAL A 85 -2.91 -1.99 -1.76
C VAL A 85 -3.92 -3.11 -2.02
N ILE A 86 -3.97 -4.05 -1.08
CA ILE A 86 -4.87 -5.19 -1.11
C ILE A 86 -5.50 -5.32 0.28
N ALA A 87 -6.58 -6.10 0.40
CA ALA A 87 -7.21 -6.26 1.72
C ALA A 87 -8.45 -7.12 1.64
N LYS A 88 -8.58 -8.05 2.58
CA LYS A 88 -9.77 -8.91 2.59
C LYS A 88 -10.99 -8.06 2.90
N ASN A 89 -11.45 -8.11 4.15
CA ASN A 89 -12.61 -7.33 4.58
C ASN A 89 -13.05 -7.74 5.99
N ALA A 90 -14.04 -8.61 6.11
CA ALA A 90 -14.51 -9.06 7.41
C ALA A 90 -14.66 -10.58 7.44
N ALA A 91 -15.23 -11.12 6.36
CA ALA A 91 -15.44 -12.56 6.25
C ALA A 91 -14.18 -13.30 5.83
N GLY A 92 -13.14 -12.57 5.43
CA GLY A 92 -11.91 -13.21 5.02
C GLY A 92 -11.69 -13.14 3.52
N ALA A 93 -12.74 -12.73 2.78
CA ALA A 93 -12.64 -12.63 1.33
C ALA A 93 -11.60 -11.58 0.96
N ILE A 94 -10.54 -12.03 0.30
CA ILE A 94 -9.46 -11.13 -0.10
C ILE A 94 -9.87 -10.22 -1.25
N SER A 95 -9.77 -8.91 -1.05
CA SER A 95 -10.12 -7.95 -2.09
C SER A 95 -8.89 -7.63 -2.94
N PRO A 96 -9.04 -7.67 -4.28
CA PRO A 96 -7.95 -7.40 -5.22
C PRO A 96 -7.04 -6.24 -4.84
N PRO A 97 -5.95 -6.05 -5.60
CA PRO A 97 -4.98 -4.98 -5.35
C PRO A 97 -5.34 -3.66 -6.02
N SER A 98 -4.56 -2.64 -5.69
CA SER A 98 -4.74 -1.30 -6.25
C SER A 98 -3.41 -0.77 -6.76
N GLU A 99 -3.39 -0.38 -8.04
CA GLU A 99 -2.19 0.16 -8.73
C GLU A 99 -1.12 0.66 -7.76
N PRO A 100 0.06 0.01 -7.74
CA PRO A 100 1.16 0.40 -6.85
C PRO A 100 1.47 1.88 -6.86
N SER A 101 1.83 2.41 -5.71
CA SER A 101 2.17 3.80 -5.56
C SER A 101 3.53 4.03 -6.19
N ASP A 102 3.69 5.20 -6.82
CA ASP A 102 4.93 5.60 -7.48
C ASP A 102 6.16 5.02 -6.80
N ALA A 103 7.08 4.50 -7.60
CA ALA A 103 8.30 3.94 -7.08
C ALA A 103 9.21 5.06 -6.57
N ILE A 104 9.20 5.27 -5.26
CA ILE A 104 10.00 6.31 -4.65
C ILE A 104 11.46 5.88 -4.54
N THR A 105 12.31 6.52 -5.36
CA THR A 105 13.74 6.20 -5.38
C THR A 105 14.31 6.19 -3.97
N CYS A 106 13.67 6.93 -3.07
CA CYS A 106 14.14 6.98 -1.68
C CYS A 106 15.62 7.35 -1.62
N ARG A 107 16.03 8.26 -2.50
CA ARG A 107 17.43 8.69 -2.58
C ARG A 107 17.80 9.57 -1.39
N ASP A 108 16.95 10.53 -1.11
CA ASP A 108 17.17 11.47 -0.02
C ASP A 108 15.86 12.16 0.37
N ASP A 109 14.77 11.41 0.25
CA ASP A 109 13.44 11.93 0.56
C ASP A 109 13.17 13.25 -0.16
N VAL A 110 13.91 13.49 -1.22
CA VAL A 110 13.76 14.70 -2.00
C VAL A 110 13.25 14.35 -3.40
N GLU A 111 13.55 13.13 -3.84
CA GLU A 111 13.12 12.66 -5.16
C GLU A 111 13.26 13.74 -6.22
N ALA A 112 14.49 14.15 -6.48
CA ALA A 112 14.77 15.18 -7.46
C ALA A 112 15.59 14.62 -8.62
N SER A 9 -21.13 -11.80 -1.75
CA SER A 9 -20.70 -12.27 -3.09
C SER A 9 -19.83 -11.23 -3.79
N PRO A 10 -20.29 -9.97 -3.86
CA PRO A 10 -19.55 -8.89 -4.50
C PRO A 10 -18.45 -8.35 -3.59
N ILE A 11 -17.59 -7.52 -4.13
CA ILE A 11 -16.49 -6.94 -3.35
C ILE A 11 -15.76 -5.85 -4.11
N ASP A 12 -15.38 -4.80 -3.40
CA ASP A 12 -14.67 -3.68 -4.00
C ASP A 12 -13.47 -3.29 -3.12
N PRO A 13 -12.24 -3.46 -3.62
CA PRO A 13 -11.04 -3.09 -2.86
C PRO A 13 -10.89 -1.59 -2.69
N PRO A 14 -9.93 -1.17 -1.87
CA PRO A 14 -9.68 0.25 -1.60
C PRO A 14 -9.34 1.04 -2.87
N GLY A 15 -9.12 2.34 -2.71
CA GLY A 15 -8.80 3.19 -3.83
C GLY A 15 -7.31 3.23 -4.15
N LYS A 16 -6.97 3.85 -5.27
CA LYS A 16 -5.57 3.96 -5.69
C LYS A 16 -4.76 4.70 -4.64
N PRO A 17 -3.66 4.11 -4.13
CA PRO A 17 -2.81 4.73 -3.10
C PRO A 17 -2.00 5.90 -3.64
N VAL A 18 -1.84 6.93 -2.80
CA VAL A 18 -1.09 8.12 -3.17
C VAL A 18 -0.20 8.58 -2.01
N PRO A 19 1.12 8.34 -2.08
CA PRO A 19 2.04 8.72 -1.03
C PRO A 19 1.96 10.19 -0.64
N LEU A 20 1.81 10.44 0.66
CA LEU A 20 1.74 11.80 1.19
C LEU A 20 3.12 12.24 1.66
N ASN A 21 3.94 11.26 2.04
CA ASN A 21 5.29 11.54 2.50
C ASN A 21 6.21 10.36 2.23
N ILE A 22 7.49 10.63 2.06
CA ILE A 22 8.47 9.59 1.80
C ILE A 22 9.83 9.99 2.35
N THR A 23 10.27 9.29 3.40
CA THR A 23 11.55 9.60 4.03
C THR A 23 12.60 8.53 3.77
N ARG A 24 13.06 8.44 2.51
CA ARG A 24 14.10 7.48 2.08
C ARG A 24 14.12 6.21 2.92
N HIS A 25 12.97 5.77 3.36
CA HIS A 25 12.86 4.57 4.17
C HIS A 25 11.42 4.36 4.59
N THR A 26 10.76 5.45 4.94
CA THR A 26 9.36 5.40 5.35
C THR A 26 8.48 6.08 4.32
N VAL A 27 7.94 5.29 3.40
CA VAL A 27 7.07 5.79 2.35
C VAL A 27 5.60 5.77 2.81
N THR A 28 5.10 6.93 3.20
CA THR A 28 3.72 7.05 3.65
C THR A 28 2.78 7.36 2.49
N LEU A 29 1.56 6.79 2.59
CA LEU A 29 0.53 6.99 1.58
C LEU A 29 -0.87 6.89 2.16
N LYS A 30 -1.84 7.35 1.38
CA LYS A 30 -3.24 7.33 1.77
C LYS A 30 -4.12 7.03 0.56
N TRP A 31 -5.13 6.20 0.75
CA TRP A 31 -6.04 5.84 -0.33
C TRP A 31 -7.49 6.10 0.02
N ALA A 32 -8.38 5.73 -0.89
CA ALA A 32 -9.82 5.91 -0.70
C ALA A 32 -10.48 4.61 -0.27
N LYS A 33 -11.06 4.61 0.93
CA LYS A 33 -11.72 3.42 1.44
C LYS A 33 -12.80 2.95 0.45
N PRO A 34 -12.98 1.62 0.33
CA PRO A 34 -13.97 1.04 -0.58
C PRO A 34 -15.40 1.29 -0.11
N GLU A 35 -16.37 0.98 -0.97
CA GLU A 35 -17.78 1.16 -0.64
C GLU A 35 -18.58 -0.09 -0.95
N TYR A 36 -18.35 -0.67 -2.11
CA TYR A 36 -19.07 -1.88 -2.50
C TYR A 36 -18.33 -3.12 -2.06
N THR A 37 -18.23 -3.32 -0.75
CA THR A 37 -17.57 -4.49 -0.21
C THR A 37 -18.60 -5.58 0.11
N GLY A 38 -19.44 -5.86 -0.87
CA GLY A 38 -20.47 -6.87 -0.70
C GLY A 38 -21.25 -6.68 0.58
N GLY A 39 -20.83 -7.36 1.64
CA GLY A 39 -21.49 -7.23 2.92
C GLY A 39 -20.49 -7.17 4.05
N PHE A 40 -19.30 -6.68 3.73
CA PHE A 40 -18.22 -6.55 4.69
C PHE A 40 -17.80 -5.11 4.88
N LYS A 41 -16.75 -4.91 5.66
CA LYS A 41 -16.23 -3.58 5.94
C LYS A 41 -14.70 -3.56 5.96
N ILE A 42 -14.06 -4.68 5.62
CA ILE A 42 -12.60 -4.76 5.61
C ILE A 42 -12.04 -4.49 7.01
N THR A 43 -11.09 -5.32 7.43
CA THR A 43 -10.49 -5.17 8.75
C THR A 43 -9.05 -4.65 8.66
N SER A 44 -8.57 -4.36 7.46
CA SER A 44 -7.21 -3.86 7.29
C SER A 44 -6.91 -3.52 5.82
N TYR A 45 -5.67 -3.13 5.58
CA TYR A 45 -5.19 -2.77 4.24
C TYR A 45 -3.71 -3.11 4.11
N ILE A 46 -3.40 -4.24 3.49
CA ILE A 46 -2.01 -4.65 3.32
C ILE A 46 -1.38 -3.99 2.11
N VAL A 47 -0.30 -3.25 2.32
CA VAL A 47 0.39 -2.58 1.23
C VAL A 47 1.57 -3.40 0.73
N GLU A 48 1.40 -4.07 -0.41
CA GLU A 48 2.46 -4.88 -0.98
C GLU A 48 3.51 -3.98 -1.60
N LYS A 49 4.78 -4.27 -1.32
CA LYS A 49 5.88 -3.46 -1.84
C LYS A 49 6.78 -4.26 -2.76
N ARG A 50 7.34 -3.58 -3.76
CA ARG A 50 8.24 -4.20 -4.71
C ARG A 50 9.56 -3.46 -4.72
N ASP A 51 10.62 -4.15 -4.28
CA ASP A 51 11.96 -3.56 -4.24
C ASP A 51 12.58 -3.53 -5.62
N LEU A 52 12.17 -2.56 -6.43
CA LEU A 52 12.67 -2.41 -7.79
C LEU A 52 14.20 -2.37 -7.79
N PRO A 53 14.85 -2.75 -8.91
CA PRO A 53 14.16 -3.21 -10.13
C PRO A 53 13.68 -4.66 -10.04
N ASN A 54 13.92 -5.31 -8.90
CA ASN A 54 13.50 -6.69 -8.72
C ASN A 54 12.19 -6.77 -7.96
N GLY A 55 12.27 -6.75 -6.63
CA GLY A 55 11.07 -6.82 -5.81
C GLY A 55 10.18 -7.98 -6.19
N ARG A 56 9.10 -8.17 -5.43
CA ARG A 56 8.16 -9.25 -5.69
C ARG A 56 6.86 -9.00 -4.95
N TRP A 57 6.53 -7.72 -4.76
CA TRP A 57 5.32 -7.33 -4.07
C TRP A 57 5.19 -8.07 -2.74
N LEU A 58 5.66 -7.43 -1.67
CA LEU A 58 5.60 -8.02 -0.35
C LEU A 58 4.94 -7.06 0.64
N LYS A 59 3.91 -7.53 1.34
CA LYS A 59 3.19 -6.71 2.31
C LYS A 59 4.15 -5.87 3.16
N ALA A 60 4.39 -4.64 2.72
CA ALA A 60 5.28 -3.73 3.44
C ALA A 60 4.85 -3.59 4.89
N ASN A 61 3.58 -3.28 5.10
CA ASN A 61 3.05 -3.10 6.44
C ASN A 61 3.09 -4.42 7.22
N PHE A 62 3.89 -4.45 8.28
CA PHE A 62 4.02 -5.64 9.11
C PHE A 62 3.01 -5.62 10.24
N SER A 63 1.98 -4.79 10.12
CA SER A 63 0.95 -4.69 11.14
C SER A 63 -0.44 -4.62 10.52
N ASN A 64 -1.41 -4.13 11.29
CA ASN A 64 -2.78 -4.01 10.81
C ASN A 64 -3.08 -2.58 10.35
N ILE A 65 -3.31 -2.42 9.05
CA ILE A 65 -3.62 -1.11 8.48
C ILE A 65 -5.11 -0.84 8.55
N LEU A 66 -5.67 -0.84 9.77
CA LEU A 66 -7.10 -0.59 9.95
C LEU A 66 -7.55 0.59 9.10
N GLU A 67 -6.93 1.74 9.30
CA GLU A 67 -7.24 2.92 8.54
C GLU A 67 -6.58 2.84 7.17
N ASN A 68 -6.98 3.69 6.25
CA ASN A 68 -6.41 3.68 4.91
C ASN A 68 -5.17 4.56 4.82
N GLU A 69 -4.61 4.94 5.97
CA GLU A 69 -3.42 5.77 6.01
C GLU A 69 -2.31 5.03 6.73
N PHE A 70 -1.27 4.65 5.98
CA PHE A 70 -0.16 3.92 6.58
C PHE A 70 1.19 4.38 6.04
N THR A 71 2.24 4.02 6.77
CA THR A 71 3.59 4.36 6.38
C THR A 71 4.38 3.11 6.04
N VAL A 72 4.61 2.93 4.74
CA VAL A 72 5.34 1.77 4.26
C VAL A 72 6.80 1.82 4.70
N SER A 73 7.05 1.37 5.93
CA SER A 73 8.40 1.36 6.49
C SER A 73 9.11 0.06 6.14
N GLY A 74 10.32 -0.10 6.67
CA GLY A 74 11.10 -1.30 6.42
C GLY A 74 11.71 -1.32 5.03
N LEU A 75 11.89 -0.13 4.45
CA LEU A 75 12.47 -0.03 3.12
C LEU A 75 13.96 0.26 3.19
N THR A 76 14.54 0.73 2.09
CA THR A 76 15.95 1.05 2.03
C THR A 76 16.19 2.35 1.29
N GLU A 77 17.36 2.95 1.53
CA GLU A 77 17.72 4.21 0.89
C GLU A 77 18.45 3.97 -0.43
N ASP A 78 18.27 4.88 -1.38
CA ASP A 78 18.90 4.78 -2.69
C ASP A 78 18.34 3.61 -3.49
N ALA A 79 17.02 3.42 -3.41
CA ALA A 79 16.35 2.34 -4.13
C ALA A 79 14.88 2.69 -4.38
N ALA A 80 14.44 2.51 -5.62
CA ALA A 80 13.06 2.80 -5.97
C ALA A 80 12.13 1.74 -5.40
N TYR A 81 11.03 2.19 -4.82
CA TYR A 81 10.07 1.27 -4.21
C TYR A 81 8.64 1.54 -4.67
N GLU A 82 8.00 0.50 -5.20
CA GLU A 82 6.61 0.61 -5.65
C GLU A 82 5.71 -0.06 -4.61
N PHE A 83 4.55 0.54 -4.31
CA PHE A 83 3.69 -0.07 -3.29
C PHE A 83 2.19 -0.06 -3.60
N ARG A 84 1.61 -1.25 -3.70
CA ARG A 84 0.18 -1.41 -3.94
C ARG A 84 -0.48 -1.84 -2.64
N VAL A 85 -1.80 -2.03 -2.63
CA VAL A 85 -2.46 -2.46 -1.40
C VAL A 85 -3.63 -3.42 -1.63
N ILE A 86 -3.50 -4.59 -1.02
CA ILE A 86 -4.50 -5.63 -1.06
C ILE A 86 -5.16 -5.68 0.30
N ALA A 87 -6.41 -6.11 0.38
CA ALA A 87 -7.05 -6.14 1.69
C ALA A 87 -8.30 -7.00 1.69
N LYS A 88 -8.27 -8.08 2.46
CA LYS A 88 -9.42 -8.94 2.54
C LYS A 88 -10.61 -8.17 3.11
N ASN A 89 -11.71 -8.85 3.34
CA ASN A 89 -12.88 -8.20 3.86
C ASN A 89 -13.33 -8.82 5.20
N ALA A 90 -14.51 -9.46 5.24
CA ALA A 90 -14.99 -10.07 6.46
C ALA A 90 -15.27 -11.56 6.28
N ALA A 91 -15.81 -11.91 5.12
CA ALA A 91 -16.13 -13.30 4.81
C ALA A 91 -14.97 -14.00 4.09
N GLY A 92 -13.76 -13.49 4.28
CA GLY A 92 -12.60 -14.09 3.66
C GLY A 92 -12.38 -13.62 2.23
N ALA A 93 -13.24 -12.73 1.75
CA ALA A 93 -13.11 -12.22 0.39
C ALA A 93 -11.90 -11.31 0.27
N ILE A 94 -10.90 -11.75 -0.49
CA ILE A 94 -9.68 -10.98 -0.68
C ILE A 94 -9.86 -9.87 -1.70
N SER A 95 -9.81 -8.62 -1.25
CA SER A 95 -9.96 -7.49 -2.15
C SER A 95 -8.70 -7.35 -3.01
N PRO A 96 -8.85 -7.42 -4.36
CA PRO A 96 -7.73 -7.31 -5.28
C PRO A 96 -6.72 -6.24 -4.87
N PRO A 97 -5.51 -6.27 -5.45
CA PRO A 97 -4.46 -5.31 -5.13
C PRO A 97 -4.69 -3.95 -5.77
N SER A 98 -4.58 -2.90 -4.95
CA SER A 98 -4.76 -1.54 -5.43
C SER A 98 -3.51 -1.09 -6.18
N GLU A 99 -3.71 -0.54 -7.37
CA GLU A 99 -2.60 -0.06 -8.23
C GLU A 99 -1.41 0.46 -7.41
N PRO A 100 -0.23 -0.15 -7.55
CA PRO A 100 0.97 0.27 -6.81
C PRO A 100 1.27 1.76 -6.95
N SER A 101 1.88 2.32 -5.91
CA SER A 101 2.25 3.72 -5.89
C SER A 101 3.60 3.89 -6.56
N ASP A 102 3.74 5.00 -7.30
CA ASP A 102 4.97 5.32 -8.03
C ASP A 102 6.22 4.86 -7.27
N ALA A 103 7.18 4.36 -8.03
CA ALA A 103 8.43 3.88 -7.44
C ALA A 103 9.31 5.06 -7.01
N ILE A 104 9.48 5.21 -5.71
CA ILE A 104 10.30 6.29 -5.18
C ILE A 104 11.71 5.81 -4.83
N THR A 105 12.69 6.39 -5.52
CA THR A 105 14.09 6.03 -5.29
C THR A 105 14.44 6.02 -3.81
N CYS A 106 13.74 6.83 -3.04
CA CYS A 106 13.98 6.92 -1.60
C CYS A 106 15.44 7.24 -1.33
N ARG A 107 15.89 8.38 -1.84
CA ARG A 107 17.28 8.81 -1.66
C ARG A 107 17.34 10.22 -1.09
N ASP A 108 16.51 11.10 -1.61
CA ASP A 108 16.46 12.48 -1.17
C ASP A 108 15.12 12.82 -0.53
N ASP A 109 14.41 11.79 -0.05
CA ASP A 109 13.10 11.94 0.58
C ASP A 109 12.29 13.02 -0.09
N VAL A 110 12.29 12.93 -1.41
CA VAL A 110 11.60 13.85 -2.28
C VAL A 110 12.11 13.67 -3.71
N GLU A 111 13.36 13.19 -3.82
CA GLU A 111 13.97 12.98 -5.12
C GLU A 111 14.04 14.28 -5.92
N ALA A 112 15.16 14.98 -5.79
CA ALA A 112 15.35 16.24 -6.50
C ALA A 112 16.80 16.41 -6.95
N SER A 9 -20.26 -12.02 -4.12
CA SER A 9 -20.64 -10.61 -4.37
C SER A 9 -19.51 -9.85 -5.04
N PRO A 10 -19.75 -8.58 -5.42
CA PRO A 10 -18.76 -7.73 -6.06
C PRO A 10 -17.97 -6.89 -5.07
N ILE A 11 -16.77 -7.34 -4.74
CA ILE A 11 -15.91 -6.62 -3.80
C ILE A 11 -14.97 -5.68 -4.54
N ASP A 12 -14.96 -4.41 -4.13
CA ASP A 12 -14.11 -3.42 -4.74
C ASP A 12 -12.96 -3.03 -3.81
N PRO A 13 -11.71 -3.18 -4.26
CA PRO A 13 -10.54 -2.85 -3.43
C PRO A 13 -10.42 -1.34 -3.17
N PRO A 14 -9.47 -0.94 -2.31
CA PRO A 14 -9.27 0.48 -1.97
C PRO A 14 -8.88 1.32 -3.18
N GLY A 15 -8.86 2.64 -2.98
CA GLY A 15 -8.50 3.55 -4.06
C GLY A 15 -7.03 3.50 -4.40
N LYS A 16 -6.62 4.35 -5.34
CA LYS A 16 -5.22 4.41 -5.76
C LYS A 16 -4.36 4.98 -4.64
N PRO A 17 -3.39 4.20 -4.13
CA PRO A 17 -2.50 4.65 -3.05
C PRO A 17 -1.57 5.77 -3.51
N VAL A 18 -1.62 6.91 -2.83
CA VAL A 18 -0.78 8.06 -3.18
C VAL A 18 0.06 8.51 -2.01
N PRO A 19 1.39 8.35 -2.08
CA PRO A 19 2.30 8.75 -1.01
C PRO A 19 2.28 10.24 -0.70
N LEU A 20 1.93 10.56 0.54
CA LEU A 20 1.87 11.96 0.98
C LEU A 20 3.27 12.41 1.41
N ASN A 21 4.02 11.46 1.95
CA ASN A 21 5.38 11.73 2.40
C ASN A 21 6.27 10.53 2.11
N ILE A 22 7.54 10.79 1.79
CA ILE A 22 8.44 9.70 1.48
C ILE A 22 9.86 9.95 1.98
N THR A 23 10.16 9.42 3.16
CA THR A 23 11.49 9.56 3.74
C THR A 23 12.41 8.51 3.13
N ARG A 24 13.72 8.75 3.21
CA ARG A 24 14.70 7.82 2.65
C ARG A 24 14.62 6.45 3.32
N HIS A 25 13.91 6.35 4.44
CA HIS A 25 13.78 5.07 5.14
C HIS A 25 12.36 4.85 5.66
N THR A 26 11.39 5.47 5.02
CA THR A 26 9.99 5.32 5.43
C THR A 26 9.06 6.08 4.48
N VAL A 27 8.19 5.34 3.80
CA VAL A 27 7.25 5.94 2.86
C VAL A 27 5.83 5.97 3.44
N THR A 28 5.14 7.08 3.26
CA THR A 28 3.78 7.25 3.77
C THR A 28 2.78 7.48 2.62
N LEU A 29 1.77 6.60 2.54
CA LEU A 29 0.74 6.74 1.50
C LEU A 29 -0.66 6.62 2.07
N LYS A 30 -1.59 7.27 1.37
CA LYS A 30 -3.00 7.27 1.75
C LYS A 30 -3.86 7.00 0.52
N TRP A 31 -5.06 6.47 0.74
CA TRP A 31 -5.96 6.17 -0.37
C TRP A 31 -7.41 6.39 -0.01
N ALA A 32 -8.29 6.08 -0.96
CA ALA A 32 -9.73 6.24 -0.77
C ALA A 32 -10.37 4.96 -0.27
N LYS A 33 -11.55 5.09 0.33
CA LYS A 33 -12.28 3.94 0.84
C LYS A 33 -13.18 3.36 -0.25
N PRO A 34 -13.22 2.02 -0.37
CA PRO A 34 -14.04 1.34 -1.36
C PRO A 34 -15.42 2.00 -1.50
N GLU A 35 -16.07 1.74 -2.63
CA GLU A 35 -17.39 2.30 -2.89
C GLU A 35 -18.50 1.28 -2.67
N TYR A 36 -18.18 0.01 -2.89
CA TYR A 36 -19.17 -1.05 -2.71
C TYR A 36 -18.69 -2.09 -1.70
N THR A 37 -17.68 -2.87 -2.09
CA THR A 37 -17.15 -3.92 -1.21
C THR A 37 -18.27 -4.75 -0.59
N GLY A 38 -19.13 -5.28 -1.46
CA GLY A 38 -20.25 -6.09 -1.00
C GLY A 38 -20.89 -5.58 0.27
N GLY A 39 -21.10 -6.48 1.22
CA GLY A 39 -21.67 -6.11 2.50
C GLY A 39 -20.62 -6.20 3.59
N PHE A 40 -19.38 -5.97 3.18
CA PHE A 40 -18.23 -6.03 4.07
C PHE A 40 -17.85 -4.65 4.58
N LYS A 41 -16.87 -4.60 5.48
CA LYS A 41 -16.41 -3.34 6.05
C LYS A 41 -14.88 -3.28 6.14
N ILE A 42 -14.19 -4.34 5.70
CA ILE A 42 -12.73 -4.37 5.75
C ILE A 42 -12.23 -4.25 7.18
N THR A 43 -11.22 -5.04 7.52
CA THR A 43 -10.66 -5.02 8.86
C THR A 43 -9.17 -4.66 8.87
N SER A 44 -8.54 -4.65 7.69
CA SER A 44 -7.13 -4.32 7.58
C SER A 44 -6.71 -4.08 6.14
N TYR A 45 -5.88 -3.06 5.92
CA TYR A 45 -5.41 -2.74 4.59
C TYR A 45 -3.95 -3.17 4.41
N ILE A 46 -3.74 -4.32 3.80
CA ILE A 46 -2.39 -4.83 3.57
C ILE A 46 -1.80 -4.17 2.32
N VAL A 47 -0.49 -4.29 2.15
CA VAL A 47 0.17 -3.70 0.99
C VAL A 47 1.50 -4.40 0.69
N GLU A 48 1.72 -4.65 -0.59
CA GLU A 48 2.93 -5.30 -1.04
C GLU A 48 3.87 -4.30 -1.70
N LYS A 49 5.14 -4.36 -1.35
CA LYS A 49 6.13 -3.44 -1.90
C LYS A 49 6.98 -4.12 -2.96
N ARG A 50 7.39 -3.36 -3.96
CA ARG A 50 8.22 -3.89 -5.02
C ARG A 50 9.56 -3.16 -5.08
N ASP A 51 10.62 -3.90 -4.77
CA ASP A 51 11.97 -3.35 -4.79
C ASP A 51 12.49 -3.29 -6.21
N LEU A 52 12.30 -2.16 -6.86
CA LEU A 52 12.74 -1.98 -8.25
C LEU A 52 14.25 -1.76 -8.31
N PRO A 53 14.89 -2.18 -9.42
CA PRO A 53 14.23 -2.82 -10.56
C PRO A 53 14.15 -4.34 -10.40
N ASN A 54 14.71 -4.88 -9.32
CA ASN A 54 14.67 -6.31 -9.08
C ASN A 54 14.04 -6.62 -7.74
N GLY A 55 12.71 -6.60 -7.69
CA GLY A 55 12.01 -6.89 -6.46
C GLY A 55 10.73 -7.67 -6.69
N ARG A 56 9.88 -7.72 -5.68
CA ARG A 56 8.61 -8.45 -5.78
C ARG A 56 7.61 -7.94 -4.75
N TRP A 57 6.33 -8.04 -5.08
CA TRP A 57 5.28 -7.59 -4.18
C TRP A 57 5.27 -8.43 -2.91
N LEU A 58 5.52 -7.80 -1.78
CA LEU A 58 5.54 -8.51 -0.51
C LEU A 58 4.99 -7.63 0.62
N LYS A 59 4.17 -8.23 1.47
CA LYS A 59 3.56 -7.51 2.59
C LYS A 59 4.60 -6.65 3.32
N ALA A 60 4.46 -5.33 3.18
CA ALA A 60 5.38 -4.40 3.82
C ALA A 60 4.94 -4.12 5.26
N ASN A 61 3.63 -4.04 5.46
CA ASN A 61 3.08 -3.78 6.77
C ASN A 61 3.00 -5.07 7.58
N PHE A 62 2.52 -4.96 8.82
CA PHE A 62 2.41 -6.12 9.70
C PHE A 62 1.87 -5.73 11.07
N SER A 63 0.96 -4.75 11.10
CA SER A 63 0.39 -4.30 12.35
C SER A 63 -1.06 -3.84 12.16
N ASN A 64 -1.76 -4.48 11.24
CA ASN A 64 -3.15 -4.15 10.96
C ASN A 64 -3.29 -2.70 10.50
N ILE A 65 -3.84 -2.51 9.31
CA ILE A 65 -4.03 -1.18 8.74
C ILE A 65 -5.50 -0.87 8.56
N LEU A 66 -6.17 -0.54 9.66
CA LEU A 66 -7.60 -0.22 9.62
C LEU A 66 -7.88 0.98 8.70
N GLU A 67 -7.38 2.15 9.08
CA GLU A 67 -7.59 3.36 8.29
C GLU A 67 -6.86 3.25 6.97
N ASN A 68 -7.16 4.17 6.05
CA ASN A 68 -6.53 4.18 4.74
C ASN A 68 -5.21 4.95 4.76
N GLU A 69 -4.76 5.34 5.95
CA GLU A 69 -3.51 6.08 6.09
C GLU A 69 -2.45 5.20 6.74
N PHE A 70 -1.51 4.70 5.94
CA PHE A 70 -0.46 3.85 6.45
C PHE A 70 0.90 4.23 5.89
N THR A 71 1.95 3.76 6.56
CA THR A 71 3.32 4.05 6.14
C THR A 71 4.09 2.76 5.88
N VAL A 72 4.51 2.58 4.64
CA VAL A 72 5.27 1.40 4.28
C VAL A 72 6.74 1.58 4.60
N SER A 73 7.17 0.99 5.71
CA SER A 73 8.55 1.08 6.12
C SER A 73 9.37 -0.10 5.61
N GLY A 74 10.67 0.07 5.62
CA GLY A 74 11.57 -0.97 5.15
C GLY A 74 12.28 -0.56 3.88
N LEU A 75 12.09 0.69 3.47
CA LEU A 75 12.71 1.20 2.26
C LEU A 75 14.22 0.99 2.28
N THR A 76 14.84 1.22 1.13
CA THR A 76 16.27 1.09 0.97
C THR A 76 16.80 2.23 0.11
N GLU A 77 17.34 3.26 0.75
CA GLU A 77 17.86 4.43 0.07
C GLU A 77 18.56 4.07 -1.25
N ASP A 78 18.32 4.90 -2.27
CA ASP A 78 18.91 4.69 -3.58
C ASP A 78 18.21 3.56 -4.33
N ALA A 79 16.87 3.54 -4.24
CA ALA A 79 16.08 2.51 -4.92
C ALA A 79 14.61 2.87 -4.94
N ALA A 80 14.03 2.90 -6.13
CA ALA A 80 12.61 3.23 -6.27
C ALA A 80 11.76 2.10 -5.69
N TYR A 81 10.72 2.46 -4.96
CA TYR A 81 9.85 1.46 -4.35
C TYR A 81 8.37 1.69 -4.66
N GLU A 82 7.72 0.67 -5.21
CA GLU A 82 6.31 0.75 -5.54
C GLU A 82 5.50 0.03 -4.47
N PHE A 83 4.33 0.56 -4.10
CA PHE A 83 3.53 -0.10 -3.05
C PHE A 83 2.03 -0.20 -3.34
N ARG A 84 1.53 -1.43 -3.50
CA ARG A 84 0.11 -1.66 -3.75
C ARG A 84 -0.54 -2.16 -2.47
N VAL A 85 -1.84 -1.90 -2.29
CA VAL A 85 -2.50 -2.35 -1.06
C VAL A 85 -3.58 -3.41 -1.33
N ILE A 86 -3.35 -4.59 -0.75
CA ILE A 86 -4.26 -5.70 -0.83
C ILE A 86 -4.98 -5.77 0.51
N ALA A 87 -6.30 -5.99 0.49
CA ALA A 87 -7.02 -6.05 1.76
C ALA A 87 -8.24 -6.93 1.66
N LYS A 88 -8.50 -7.72 2.69
CA LYS A 88 -9.66 -8.58 2.68
C LYS A 88 -10.92 -7.72 2.72
N ASN A 89 -11.89 -8.06 3.57
CA ASN A 89 -13.12 -7.30 3.65
C ASN A 89 -13.90 -7.70 4.89
N ALA A 90 -14.68 -8.78 4.78
CA ALA A 90 -15.45 -9.27 5.91
C ALA A 90 -15.72 -10.77 5.75
N ALA A 91 -16.05 -11.19 4.53
CA ALA A 91 -16.34 -12.60 4.25
C ALA A 91 -15.08 -13.38 3.89
N GLY A 92 -13.94 -12.71 3.81
CA GLY A 92 -12.70 -13.41 3.46
C GLY A 92 -12.35 -13.31 2.00
N ALA A 93 -13.19 -12.65 1.22
CA ALA A 93 -12.95 -12.48 -0.22
C ALA A 93 -11.88 -11.43 -0.44
N ILE A 94 -10.63 -11.84 -0.29
CA ILE A 94 -9.50 -10.94 -0.44
C ILE A 94 -9.62 -9.95 -1.59
N SER A 95 -9.61 -8.66 -1.25
CA SER A 95 -9.67 -7.62 -2.27
C SER A 95 -8.31 -7.61 -2.95
N PRO A 96 -8.22 -8.07 -4.21
CA PRO A 96 -6.95 -8.13 -4.94
C PRO A 96 -6.15 -6.83 -4.90
N PRO A 97 -4.84 -6.92 -5.23
CA PRO A 97 -3.92 -5.78 -5.23
C PRO A 97 -4.51 -4.49 -5.77
N SER A 98 -4.37 -3.43 -4.99
CA SER A 98 -4.85 -2.11 -5.37
C SER A 98 -3.71 -1.24 -5.87
N GLU A 99 -3.59 -1.14 -7.20
CA GLU A 99 -2.56 -0.34 -7.90
C GLU A 99 -1.42 0.15 -7.01
N PRO A 100 -0.17 -0.31 -7.26
CA PRO A 100 0.98 0.12 -6.45
C PRO A 100 1.32 1.59 -6.66
N SER A 101 1.59 2.28 -5.55
CA SER A 101 1.96 3.69 -5.59
C SER A 101 3.25 3.85 -6.36
N ASP A 102 3.36 4.94 -7.12
CA ASP A 102 4.56 5.23 -7.90
C ASP A 102 5.83 4.87 -7.14
N ALA A 103 6.86 4.48 -7.87
CA ALA A 103 8.11 4.09 -7.26
C ALA A 103 8.91 5.31 -6.80
N ILE A 104 9.17 5.38 -5.50
CA ILE A 104 9.94 6.47 -4.91
C ILE A 104 11.39 6.06 -4.69
N THR A 105 12.29 6.77 -5.35
CA THR A 105 13.72 6.47 -5.23
C THR A 105 14.13 6.38 -3.76
N CYS A 106 13.56 7.24 -2.93
CA CYS A 106 13.88 7.24 -1.51
C CYS A 106 15.35 7.57 -1.29
N ARG A 107 15.84 8.57 -2.02
CA ARG A 107 17.25 8.97 -1.91
C ARG A 107 17.46 9.95 -0.75
N ASP A 108 17.38 11.23 -1.05
CA ASP A 108 17.57 12.27 -0.04
C ASP A 108 16.27 13.02 0.21
N ASP A 109 15.15 12.33 0.00
CA ASP A 109 13.83 12.93 0.18
C ASP A 109 13.75 14.28 -0.53
N VAL A 110 14.57 14.45 -1.55
CA VAL A 110 14.62 15.65 -2.32
C VAL A 110 14.12 15.41 -3.74
N GLU A 111 14.25 14.16 -4.19
CA GLU A 111 13.82 13.77 -5.53
C GLU A 111 14.24 14.80 -6.58
N ALA A 112 15.41 15.38 -6.37
CA ALA A 112 15.94 16.37 -7.30
C ALA A 112 17.38 16.74 -6.95
N SER A 9 -22.14 -11.51 -2.97
CA SER A 9 -22.20 -10.05 -3.20
C SER A 9 -20.89 -9.53 -3.81
N PRO A 10 -20.93 -8.31 -4.39
CA PRO A 10 -19.76 -7.69 -5.01
C PRO A 10 -18.83 -7.05 -3.98
N ILE A 11 -17.54 -7.03 -4.30
CA ILE A 11 -16.55 -6.45 -3.41
C ILE A 11 -15.62 -5.49 -4.15
N ASP A 12 -15.42 -4.30 -3.59
CA ASP A 12 -14.56 -3.30 -4.20
C ASP A 12 -13.35 -3.01 -3.32
N PRO A 13 -12.14 -3.00 -3.90
CA PRO A 13 -10.91 -2.75 -3.16
C PRO A 13 -10.66 -1.25 -2.94
N PRO A 14 -9.69 -0.90 -2.08
CA PRO A 14 -9.36 0.50 -1.80
C PRO A 14 -9.16 1.31 -3.08
N GLY A 15 -8.87 2.60 -2.92
CA GLY A 15 -8.67 3.46 -4.08
C GLY A 15 -7.23 3.48 -4.54
N LYS A 16 -6.90 4.45 -5.41
CA LYS A 16 -5.55 4.58 -5.93
C LYS A 16 -4.60 5.06 -4.85
N PRO A 17 -3.62 4.22 -4.45
CA PRO A 17 -2.66 4.59 -3.40
C PRO A 17 -1.67 5.66 -3.85
N VAL A 18 -1.50 6.68 -3.04
CA VAL A 18 -0.59 7.77 -3.37
C VAL A 18 0.15 8.28 -2.13
N PRO A 19 1.46 7.97 -2.00
CA PRO A 19 2.27 8.39 -0.87
C PRO A 19 1.91 9.80 -0.38
N LEU A 20 1.94 9.98 0.93
CA LEU A 20 1.62 11.26 1.54
C LEU A 20 2.89 11.90 2.08
N ASN A 21 3.83 11.06 2.50
CA ASN A 21 5.10 11.51 3.03
C ASN A 21 6.18 10.46 2.81
N ILE A 22 6.97 10.61 1.76
CA ILE A 22 8.00 9.63 1.48
C ILE A 22 9.35 10.02 2.04
N THR A 23 9.99 9.05 2.69
CA THR A 23 11.30 9.23 3.29
C THR A 23 12.25 8.14 2.81
N ARG A 24 13.48 8.57 2.51
CA ARG A 24 14.55 7.67 2.02
C ARG A 24 14.43 6.23 2.51
N HIS A 25 13.96 6.02 3.74
CA HIS A 25 13.84 4.66 4.28
C HIS A 25 12.41 4.30 4.66
N THR A 26 11.58 5.30 4.90
CA THR A 26 10.19 5.06 5.27
C THR A 26 9.28 5.98 4.50
N VAL A 27 8.23 5.43 3.89
CA VAL A 27 7.31 6.25 3.12
C VAL A 27 5.87 6.08 3.59
N THR A 28 5.14 7.18 3.59
CA THR A 28 3.74 7.16 4.01
C THR A 28 2.85 7.33 2.79
N LEU A 29 1.65 6.79 2.86
CA LEU A 29 0.71 6.89 1.76
C LEU A 29 -0.73 6.95 2.23
N LYS A 30 -1.55 7.59 1.42
CA LYS A 30 -2.96 7.75 1.70
C LYS A 30 -3.78 7.47 0.44
N TRP A 31 -4.97 6.92 0.61
CA TRP A 31 -5.82 6.62 -0.55
C TRP A 31 -7.30 6.79 -0.19
N ALA A 32 -8.16 6.43 -1.12
CA ALA A 32 -9.60 6.53 -0.93
C ALA A 32 -10.12 5.36 -0.11
N LYS A 33 -11.43 5.18 -0.12
CA LYS A 33 -12.06 4.08 0.60
C LYS A 33 -13.14 3.41 -0.24
N PRO A 34 -13.24 2.08 -0.18
CA PRO A 34 -14.24 1.33 -0.94
C PRO A 34 -15.60 2.01 -0.91
N GLU A 35 -16.44 1.70 -1.89
CA GLU A 35 -17.76 2.30 -1.98
C GLU A 35 -18.86 1.28 -1.74
N TYR A 36 -18.54 -0.01 -1.92
CA TYR A 36 -19.53 -1.05 -1.70
C TYR A 36 -19.00 -2.15 -0.80
N THR A 37 -18.05 -2.94 -1.30
CA THR A 37 -17.48 -4.03 -0.53
C THR A 37 -18.57 -4.90 0.08
N GLY A 38 -19.57 -5.24 -0.76
CA GLY A 38 -20.68 -6.06 -0.31
C GLY A 38 -21.19 -5.64 1.06
N GLY A 39 -21.23 -6.58 2.00
CA GLY A 39 -21.68 -6.28 3.34
C GLY A 39 -20.53 -6.41 4.32
N PHE A 40 -19.36 -6.00 3.85
CA PHE A 40 -18.13 -6.08 4.63
C PHE A 40 -17.70 -4.71 5.14
N LYS A 41 -16.62 -4.69 5.90
CA LYS A 41 -16.08 -3.45 6.46
C LYS A 41 -14.54 -3.43 6.45
N ILE A 42 -13.93 -4.44 5.81
CA ILE A 42 -12.47 -4.53 5.75
C ILE A 42 -11.85 -4.60 7.14
N THR A 43 -10.75 -5.33 7.26
CA THR A 43 -10.07 -5.49 8.54
C THR A 43 -8.69 -4.84 8.55
N SER A 44 -8.01 -4.83 7.39
CA SER A 44 -6.68 -4.25 7.32
C SER A 44 -6.19 -4.12 5.87
N TYR A 45 -5.61 -2.97 5.53
CA TYR A 45 -5.10 -2.74 4.19
C TYR A 45 -3.65 -3.20 4.06
N ILE A 46 -3.47 -4.46 3.70
CA ILE A 46 -2.13 -5.01 3.52
C ILE A 46 -1.53 -4.58 2.18
N VAL A 47 -0.53 -3.71 2.23
CA VAL A 47 0.11 -3.22 1.02
C VAL A 47 1.50 -3.84 0.84
N GLU A 48 1.73 -4.42 -0.34
CA GLU A 48 3.01 -5.05 -0.65
C GLU A 48 3.94 -4.05 -1.34
N LYS A 49 5.24 -4.21 -1.14
CA LYS A 49 6.21 -3.31 -1.76
C LYS A 49 7.07 -4.05 -2.78
N ARG A 50 7.64 -3.29 -3.69
CA ARG A 50 8.51 -3.85 -4.73
C ARG A 50 9.77 -3.01 -4.84
N ASP A 51 10.90 -3.60 -4.46
CA ASP A 51 12.18 -2.91 -4.51
C ASP A 51 12.68 -2.79 -5.95
N LEU A 52 12.62 -1.59 -6.51
CA LEU A 52 13.07 -1.37 -7.88
C LEU A 52 14.56 -1.01 -7.90
N PRO A 53 15.29 -1.41 -8.97
CA PRO A 53 14.74 -2.16 -10.08
C PRO A 53 14.89 -3.67 -9.92
N ASN A 54 15.17 -4.10 -8.69
CA ASN A 54 15.34 -5.52 -8.40
C ASN A 54 14.62 -5.91 -7.12
N GLY A 55 13.38 -6.36 -7.25
CA GLY A 55 12.59 -6.77 -6.09
C GLY A 55 11.25 -7.37 -6.48
N ARG A 56 10.38 -7.53 -5.50
CA ARG A 56 9.05 -8.10 -5.75
C ARG A 56 8.07 -7.69 -4.66
N TRP A 57 6.80 -8.01 -4.88
CA TRP A 57 5.74 -7.68 -3.94
C TRP A 57 5.83 -8.51 -2.67
N LEU A 58 5.96 -7.81 -1.54
CA LEU A 58 6.04 -8.47 -0.24
C LEU A 58 5.28 -7.68 0.81
N LYS A 59 4.55 -8.40 1.67
CA LYS A 59 3.77 -7.75 2.72
C LYS A 59 4.58 -6.70 3.47
N ALA A 60 4.48 -5.46 3.02
CA ALA A 60 5.20 -4.37 3.65
C ALA A 60 4.82 -4.26 5.12
N ASN A 61 3.55 -4.01 5.36
CA ASN A 61 3.03 -3.89 6.71
C ASN A 61 2.92 -5.27 7.37
N PHE A 62 3.42 -5.37 8.60
CA PHE A 62 3.38 -6.63 9.35
C PHE A 62 2.73 -6.43 10.71
N SER A 63 1.72 -5.56 10.76
CA SER A 63 1.01 -5.29 12.01
C SER A 63 -0.48 -5.09 11.75
N ASN A 64 -0.82 -3.99 11.08
CA ASN A 64 -2.21 -3.69 10.78
C ASN A 64 -2.33 -2.34 10.08
N ILE A 65 -3.38 -2.19 9.28
CA ILE A 65 -3.62 -0.94 8.56
C ILE A 65 -5.12 -0.71 8.38
N LEU A 66 -5.83 -0.57 9.49
CA LEU A 66 -7.27 -0.35 9.46
C LEU A 66 -7.63 0.83 8.57
N GLU A 67 -7.13 2.01 8.93
CA GLU A 67 -7.40 3.22 8.17
C GLU A 67 -6.63 3.21 6.86
N ASN A 68 -7.00 4.11 5.95
CA ASN A 68 -6.34 4.20 4.66
C ASN A 68 -5.06 5.03 4.72
N GLU A 69 -4.65 5.40 5.93
CA GLU A 69 -3.43 6.20 6.10
C GLU A 69 -2.40 5.38 6.86
N PHE A 70 -1.36 4.94 6.14
CA PHE A 70 -0.31 4.13 6.77
C PHE A 70 1.08 4.49 6.24
N THR A 71 2.10 4.01 6.96
CA THR A 71 3.48 4.27 6.58
C THR A 71 4.22 2.96 6.31
N VAL A 72 4.75 2.83 5.10
CA VAL A 72 5.48 1.64 4.72
C VAL A 72 6.95 1.73 5.13
N SER A 73 7.32 0.95 6.14
CA SER A 73 8.69 0.95 6.62
C SER A 73 9.47 -0.22 6.04
N GLY A 74 10.66 0.07 5.53
CA GLY A 74 11.49 -0.98 4.96
C GLY A 74 12.22 -0.51 3.71
N LEU A 75 11.83 0.64 3.18
CA LEU A 75 12.47 1.17 1.98
C LEU A 75 13.97 1.35 2.20
N THR A 76 14.61 1.99 1.24
CA THR A 76 16.05 2.24 1.33
C THR A 76 16.46 3.36 0.38
N GLU A 77 17.57 4.02 0.71
CA GLU A 77 18.06 5.12 -0.11
C GLU A 77 18.53 4.62 -1.48
N ASP A 78 18.30 5.44 -2.51
CA ASP A 78 18.69 5.09 -3.87
C ASP A 78 17.96 3.85 -4.36
N ALA A 79 16.66 3.76 -4.09
CA ALA A 79 15.89 2.60 -4.53
C ALA A 79 14.40 2.93 -4.65
N ALA A 80 13.89 2.85 -5.87
CA ALA A 80 12.49 3.13 -6.13
C ALA A 80 11.63 2.02 -5.55
N TYR A 81 10.61 2.41 -4.79
CA TYR A 81 9.72 1.42 -4.15
C TYR A 81 8.26 1.63 -4.53
N GLU A 82 7.67 0.61 -5.16
CA GLU A 82 6.26 0.67 -5.56
C GLU A 82 5.42 -0.10 -4.54
N PHE A 83 4.19 0.35 -4.27
CA PHE A 83 3.36 -0.37 -3.27
C PHE A 83 1.90 -0.54 -3.67
N ARG A 84 1.47 -1.79 -3.79
CA ARG A 84 0.08 -2.11 -4.13
C ARG A 84 -0.72 -2.33 -2.85
N VAL A 85 -1.98 -1.89 -2.84
CA VAL A 85 -2.80 -2.05 -1.66
C VAL A 85 -3.76 -3.23 -1.76
N ILE A 86 -3.45 -4.28 -0.99
CA ILE A 86 -4.26 -5.47 -0.94
C ILE A 86 -4.98 -5.48 0.39
N ALA A 87 -6.15 -6.10 0.47
CA ALA A 87 -6.88 -6.13 1.72
C ALA A 87 -8.15 -6.94 1.61
N LYS A 88 -8.47 -7.69 2.66
CA LYS A 88 -9.67 -8.50 2.65
C LYS A 88 -10.88 -7.58 2.85
N ASN A 89 -11.97 -8.13 3.34
CA ASN A 89 -13.17 -7.36 3.56
C ASN A 89 -13.83 -7.75 4.88
N ALA A 90 -14.57 -8.84 4.85
CA ALA A 90 -15.25 -9.35 6.03
C ALA A 90 -15.59 -10.83 5.85
N ALA A 91 -16.06 -11.18 4.66
CA ALA A 91 -16.43 -12.56 4.35
C ALA A 91 -15.21 -13.44 4.13
N GLY A 92 -14.03 -12.83 3.97
CA GLY A 92 -12.82 -13.60 3.76
C GLY A 92 -12.44 -13.71 2.30
N ALA A 93 -13.21 -13.07 1.42
CA ALA A 93 -12.91 -13.10 -0.01
C ALA A 93 -11.46 -12.70 -0.27
N ILE A 94 -11.25 -11.40 -0.33
CA ILE A 94 -9.93 -10.78 -0.55
C ILE A 94 -9.94 -9.76 -1.67
N SER A 95 -9.77 -8.50 -1.32
CA SER A 95 -9.71 -7.44 -2.31
C SER A 95 -8.35 -7.52 -2.99
N PRO A 96 -8.30 -7.91 -4.28
CA PRO A 96 -7.04 -8.04 -5.01
C PRO A 96 -6.20 -6.77 -4.95
N PRO A 97 -4.91 -6.86 -5.32
CA PRO A 97 -3.98 -5.74 -5.30
C PRO A 97 -4.52 -4.51 -6.03
N SER A 98 -4.35 -3.35 -5.41
CA SER A 98 -4.80 -2.09 -5.99
C SER A 98 -3.62 -1.29 -6.51
N GLU A 99 -3.51 -1.25 -7.85
CA GLU A 99 -2.45 -0.52 -8.59
C GLU A 99 -1.33 0.03 -7.70
N PRO A 100 -0.15 -0.62 -7.69
CA PRO A 100 0.99 -0.19 -6.88
C PRO A 100 1.31 1.30 -7.02
N SER A 101 1.38 1.99 -5.89
CA SER A 101 1.70 3.42 -5.89
C SER A 101 3.04 3.61 -6.57
N ASP A 102 3.21 4.76 -7.20
CA ASP A 102 4.45 5.08 -7.90
C ASP A 102 5.67 4.64 -7.09
N ALA A 103 6.72 4.29 -7.80
CA ALA A 103 7.95 3.86 -7.15
C ALA A 103 8.74 5.06 -6.65
N ILE A 104 8.88 5.15 -5.34
CA ILE A 104 9.61 6.26 -4.73
C ILE A 104 11.09 5.93 -4.60
N THR A 105 11.90 6.59 -5.45
CA THR A 105 13.34 6.38 -5.45
C THR A 105 13.91 6.35 -4.03
N CYS A 106 13.38 7.22 -3.16
CA CYS A 106 13.85 7.28 -1.78
C CYS A 106 15.36 7.48 -1.76
N ARG A 107 15.81 8.71 -1.52
CA ARG A 107 17.24 9.01 -1.48
C ARG A 107 17.55 10.14 -0.50
N ASP A 108 17.49 11.36 -0.97
CA ASP A 108 17.77 12.52 -0.14
C ASP A 108 16.47 13.13 0.41
N ASP A 109 15.34 12.68 -0.10
CA ASP A 109 14.05 13.17 0.33
C ASP A 109 14.00 14.69 0.30
N VAL A 110 14.84 15.29 -0.54
CA VAL A 110 14.90 16.74 -0.67
C VAL A 110 15.11 17.16 -2.12
N GLU A 111 14.98 16.22 -3.06
CA GLU A 111 15.15 16.52 -4.48
C GLU A 111 14.02 15.92 -5.31
N ALA A 112 13.68 14.67 -5.02
CA ALA A 112 12.63 13.98 -5.73
C ALA A 112 11.25 14.42 -5.26
N SER A 9 -22.84 -8.92 -3.25
CA SER A 9 -22.25 -10.12 -3.92
C SER A 9 -20.83 -9.85 -4.43
N PRO A 10 -20.63 -8.72 -5.14
CA PRO A 10 -19.32 -8.35 -5.68
C PRO A 10 -18.42 -7.70 -4.64
N ILE A 11 -17.20 -7.38 -5.04
CA ILE A 11 -16.24 -6.74 -4.15
C ILE A 11 -15.48 -5.63 -4.88
N ASP A 12 -15.09 -4.60 -4.15
CA ASP A 12 -14.36 -3.48 -4.72
C ASP A 12 -13.16 -3.09 -3.86
N PRO A 13 -11.93 -3.14 -4.42
CA PRO A 13 -10.72 -2.79 -3.69
C PRO A 13 -10.60 -1.29 -3.44
N PRO A 14 -9.84 -0.88 -2.41
CA PRO A 14 -9.65 0.52 -2.07
C PRO A 14 -9.17 1.35 -3.25
N GLY A 15 -8.90 2.64 -3.00
CA GLY A 15 -8.44 3.51 -4.05
C GLY A 15 -6.95 3.42 -4.27
N LYS A 16 -6.48 4.01 -5.37
CA LYS A 16 -5.06 4.00 -5.69
C LYS A 16 -4.24 4.58 -4.55
N PRO A 17 -3.24 3.84 -4.03
CA PRO A 17 -2.39 4.31 -2.94
C PRO A 17 -1.41 5.37 -3.42
N VAL A 18 -1.29 6.46 -2.67
CA VAL A 18 -0.38 7.54 -3.05
C VAL A 18 0.42 8.07 -1.86
N PRO A 19 1.74 7.83 -1.85
CA PRO A 19 2.62 8.29 -0.76
C PRO A 19 2.60 9.80 -0.58
N LEU A 20 1.76 10.30 0.33
CA LEU A 20 1.68 11.74 0.58
C LEU A 20 3.07 12.28 0.90
N ASN A 21 3.85 11.46 1.62
CA ASN A 21 5.20 11.82 1.99
C ASN A 21 6.11 10.61 1.83
N ILE A 22 7.39 10.87 1.58
CA ILE A 22 8.34 9.78 1.40
C ILE A 22 9.68 10.11 2.04
N THR A 23 9.89 9.59 3.25
CA THR A 23 11.13 9.83 4.00
C THR A 23 12.19 8.78 3.70
N ARG A 24 12.37 8.45 2.43
CA ARG A 24 13.37 7.47 2.01
C ARG A 24 13.18 6.11 2.68
N HIS A 25 13.52 6.04 3.97
CA HIS A 25 13.40 4.79 4.72
C HIS A 25 11.95 4.54 5.10
N THR A 26 11.20 5.61 5.33
CA THR A 26 9.80 5.51 5.70
C THR A 26 8.96 6.38 4.78
N VAL A 27 8.12 5.75 3.95
CA VAL A 27 7.28 6.50 3.04
C VAL A 27 5.81 6.42 3.42
N THR A 28 5.23 7.59 3.70
CA THR A 28 3.83 7.65 4.08
C THR A 28 2.94 7.69 2.85
N LEU A 29 1.79 7.02 2.94
CA LEU A 29 0.83 6.96 1.84
C LEU A 29 -0.61 6.88 2.34
N LYS A 30 -1.54 7.15 1.43
CA LYS A 30 -2.96 7.11 1.77
C LYS A 30 -3.81 6.91 0.51
N TRP A 31 -4.99 6.31 0.67
CA TRP A 31 -5.88 6.06 -0.45
C TRP A 31 -7.34 6.30 -0.08
N ALA A 32 -8.24 5.98 -1.01
CA ALA A 32 -9.68 6.16 -0.79
C ALA A 32 -10.32 4.90 -0.25
N LYS A 33 -11.64 4.92 -0.11
CA LYS A 33 -12.38 3.77 0.40
C LYS A 33 -13.38 3.27 -0.63
N PRO A 34 -13.50 1.94 -0.80
CA PRO A 34 -14.43 1.35 -1.77
C PRO A 34 -15.83 1.92 -1.64
N GLU A 35 -16.71 1.54 -2.56
CA GLU A 35 -18.08 2.03 -2.55
C GLU A 35 -19.08 0.89 -2.36
N TYR A 36 -18.65 -0.34 -2.63
CA TYR A 36 -19.54 -1.49 -2.48
C TYR A 36 -18.98 -2.55 -1.54
N THR A 37 -17.93 -3.25 -1.99
CA THR A 37 -17.31 -4.30 -1.19
C THR A 37 -18.37 -5.28 -0.70
N GLY A 38 -19.17 -5.78 -1.64
CA GLY A 38 -20.23 -6.72 -1.32
C GLY A 38 -20.97 -6.36 -0.05
N GLY A 39 -20.71 -7.11 1.02
CA GLY A 39 -21.34 -6.84 2.30
C GLY A 39 -20.31 -6.80 3.39
N PHE A 40 -19.15 -6.24 3.06
CA PHE A 40 -18.03 -6.15 3.99
C PHE A 40 -17.66 -4.69 4.27
N LYS A 41 -16.63 -4.51 5.09
CA LYS A 41 -16.17 -3.17 5.45
C LYS A 41 -14.63 -3.09 5.51
N ILE A 42 -13.94 -4.20 5.26
CA ILE A 42 -12.47 -4.24 5.30
C ILE A 42 -11.95 -3.78 6.66
N THR A 43 -11.27 -4.68 7.37
CA THR A 43 -10.72 -4.36 8.67
C THR A 43 -9.19 -4.37 8.66
N SER A 44 -8.60 -4.19 7.49
CA SER A 44 -7.15 -4.19 7.36
C SER A 44 -6.71 -3.99 5.92
N TYR A 45 -5.72 -3.12 5.71
CA TYR A 45 -5.22 -2.84 4.38
C TYR A 45 -3.72 -3.16 4.28
N ILE A 46 -3.38 -4.30 3.69
CA ILE A 46 -1.99 -4.70 3.54
C ILE A 46 -1.37 -3.96 2.36
N VAL A 47 -0.11 -3.55 2.52
CA VAL A 47 0.58 -2.82 1.45
C VAL A 47 1.72 -3.64 0.87
N GLU A 48 1.52 -4.17 -0.33
CA GLU A 48 2.55 -4.94 -0.99
C GLU A 48 3.61 -3.98 -1.54
N LYS A 49 4.86 -4.43 -1.63
CA LYS A 49 5.92 -3.57 -2.13
C LYS A 49 6.77 -4.26 -3.20
N ARG A 50 7.23 -3.46 -4.15
CA ARG A 50 8.06 -3.96 -5.23
C ARG A 50 9.39 -3.22 -5.23
N ASP A 51 10.44 -3.92 -4.76
CA ASP A 51 11.78 -3.34 -4.69
C ASP A 51 12.35 -3.16 -6.08
N LEU A 52 11.98 -2.05 -6.72
CA LEU A 52 12.44 -1.75 -8.06
C LEU A 52 13.96 -1.61 -8.09
N PRO A 53 14.60 -1.96 -9.23
CA PRO A 53 13.92 -2.43 -10.44
C PRO A 53 13.65 -3.94 -10.43
N ASN A 54 13.69 -4.55 -9.24
CA ASN A 54 13.46 -5.98 -9.12
C ASN A 54 12.85 -6.34 -7.77
N GLY A 55 11.53 -6.19 -7.66
CA GLY A 55 10.85 -6.51 -6.41
C GLY A 55 10.11 -7.83 -6.47
N ARG A 56 9.27 -8.09 -5.46
CA ARG A 56 8.51 -9.34 -5.41
C ARG A 56 7.09 -9.11 -4.91
N TRP A 57 6.69 -7.85 -4.78
CA TRP A 57 5.34 -7.51 -4.31
C TRP A 57 5.03 -8.23 -3.00
N LEU A 58 5.66 -7.77 -1.91
CA LEU A 58 5.44 -8.38 -0.61
C LEU A 58 4.91 -7.35 0.39
N LYS A 59 3.93 -7.76 1.18
CA LYS A 59 3.33 -6.88 2.17
C LYS A 59 4.39 -6.27 3.09
N ALA A 60 4.79 -5.04 2.78
CA ALA A 60 5.79 -4.35 3.59
C ALA A 60 5.32 -4.24 5.04
N ASN A 61 4.10 -3.73 5.22
CA ASN A 61 3.53 -3.57 6.54
C ASN A 61 3.41 -4.92 7.26
N PHE A 62 3.88 -4.96 8.50
CA PHE A 62 3.81 -6.20 9.29
C PHE A 62 2.91 -6.03 10.50
N SER A 63 1.90 -5.17 10.37
CA SER A 63 0.97 -4.91 11.46
C SER A 63 -0.47 -4.82 10.93
N ASN A 64 -1.36 -4.22 11.72
CA ASN A 64 -2.75 -4.08 11.32
C ASN A 64 -3.03 -2.66 10.80
N ILE A 65 -3.36 -2.56 9.53
CA ILE A 65 -3.67 -1.28 8.90
C ILE A 65 -5.17 -1.08 8.77
N LEU A 66 -5.81 -0.67 9.87
CA LEU A 66 -7.25 -0.45 9.89
C LEU A 66 -7.65 0.69 8.95
N GLU A 67 -7.11 1.88 9.21
CA GLU A 67 -7.43 3.05 8.39
C GLU A 67 -6.65 3.01 7.08
N ASN A 68 -7.05 3.86 6.14
CA ASN A 68 -6.39 3.91 4.85
C ASN A 68 -5.14 4.79 4.88
N GLU A 69 -4.77 5.27 6.07
CA GLU A 69 -3.59 6.11 6.22
C GLU A 69 -2.45 5.27 6.79
N PHE A 70 -1.53 4.85 5.94
CA PHE A 70 -0.40 4.03 6.37
C PHE A 70 0.92 4.55 5.83
N THR A 71 2.00 4.09 6.46
CA THR A 71 3.35 4.47 6.06
C THR A 71 4.21 3.23 5.94
N VAL A 72 4.83 3.05 4.78
CA VAL A 72 5.68 1.90 4.55
C VAL A 72 7.09 2.13 5.09
N SER A 73 7.30 1.68 6.33
CA SER A 73 8.60 1.84 6.98
C SER A 73 9.52 0.65 6.67
N GLY A 74 10.80 0.82 6.95
CA GLY A 74 11.76 -0.23 6.69
C GLY A 74 12.27 -0.24 5.26
N LEU A 75 11.91 0.80 4.50
CA LEU A 75 12.34 0.91 3.10
C LEU A 75 13.86 0.91 3.01
N THR A 76 14.36 1.10 1.79
CA THR A 76 15.80 1.12 1.55
C THR A 76 16.19 2.33 0.72
N GLU A 77 17.23 3.04 1.14
CA GLU A 77 17.68 4.22 0.43
C GLU A 77 18.33 3.84 -0.89
N ASP A 78 18.23 4.74 -1.87
CA ASP A 78 18.80 4.51 -3.18
C ASP A 78 18.10 3.35 -3.89
N ALA A 79 16.79 3.26 -3.72
CA ALA A 79 16.01 2.20 -4.34
C ALA A 79 14.55 2.60 -4.50
N ALA A 80 14.10 2.68 -5.75
CA ALA A 80 12.71 3.03 -6.01
C ALA A 80 11.79 1.92 -5.55
N TYR A 81 10.75 2.31 -4.82
CA TYR A 81 9.80 1.33 -4.30
C TYR A 81 8.36 1.64 -4.70
N GLU A 82 7.69 0.64 -5.28
CA GLU A 82 6.30 0.79 -5.67
C GLU A 82 5.45 -0.06 -4.72
N PHE A 83 4.34 0.48 -4.20
CA PHE A 83 3.54 -0.32 -3.24
C PHE A 83 2.04 -0.35 -3.54
N ARG A 84 1.52 -1.57 -3.74
CA ARG A 84 0.09 -1.74 -3.99
C ARG A 84 -0.63 -2.09 -2.70
N VAL A 85 -1.96 -2.03 -2.71
CA VAL A 85 -2.73 -2.35 -1.52
C VAL A 85 -3.61 -3.59 -1.71
N ILE A 86 -3.77 -4.35 -0.64
CA ILE A 86 -4.59 -5.55 -0.65
C ILE A 86 -5.33 -5.64 0.68
N ALA A 87 -6.49 -6.29 0.69
CA ALA A 87 -7.24 -6.41 1.94
C ALA A 87 -8.35 -7.43 1.85
N LYS A 88 -8.35 -8.39 2.77
CA LYS A 88 -9.40 -9.40 2.78
C LYS A 88 -10.63 -8.86 3.46
N ASN A 89 -11.56 -8.35 2.66
CA ASN A 89 -12.80 -7.79 3.16
C ASN A 89 -13.37 -8.62 4.31
N ALA A 90 -14.19 -7.98 5.14
CA ALA A 90 -14.83 -8.59 6.31
C ALA A 90 -14.90 -10.12 6.25
N ALA A 91 -15.34 -10.66 5.12
CA ALA A 91 -15.47 -12.10 4.98
C ALA A 91 -14.43 -12.69 4.03
N GLY A 92 -13.16 -12.33 4.21
CA GLY A 92 -12.11 -12.87 3.36
C GLY A 92 -12.45 -12.82 1.88
N ALA A 93 -13.12 -11.75 1.46
CA ALA A 93 -13.49 -11.59 0.07
C ALA A 93 -12.29 -11.12 -0.77
N ILE A 94 -11.15 -10.97 -0.10
CA ILE A 94 -9.90 -10.54 -0.71
C ILE A 94 -10.03 -9.49 -1.79
N SER A 95 -9.54 -8.31 -1.46
CA SER A 95 -9.54 -7.20 -2.39
C SER A 95 -8.20 -7.21 -3.10
N PRO A 96 -8.17 -7.53 -4.41
CA PRO A 96 -6.94 -7.60 -5.19
C PRO A 96 -5.99 -6.44 -4.95
N PRO A 97 -4.76 -6.54 -5.51
CA PRO A 97 -3.74 -5.50 -5.37
C PRO A 97 -4.12 -4.18 -6.02
N SER A 98 -4.72 -3.29 -5.23
CA SER A 98 -5.11 -2.00 -5.74
C SER A 98 -3.90 -1.24 -6.26
N GLU A 99 -3.81 -1.17 -7.59
CA GLU A 99 -2.72 -0.50 -8.34
C GLU A 99 -1.59 0.04 -7.46
N PRO A 100 -0.36 -0.48 -7.63
CA PRO A 100 0.80 -0.04 -6.86
C PRO A 100 0.90 1.46 -6.66
N SER A 101 1.83 1.86 -5.81
CA SER A 101 2.07 3.27 -5.49
C SER A 101 3.29 3.74 -6.24
N ASP A 102 3.23 4.96 -6.78
CA ASP A 102 4.34 5.56 -7.52
C ASP A 102 5.67 5.21 -6.88
N ALA A 103 6.57 4.69 -7.70
CA ALA A 103 7.88 4.29 -7.22
C ALA A 103 8.63 5.46 -6.60
N ILE A 104 9.18 5.24 -5.42
CA ILE A 104 9.92 6.28 -4.72
C ILE A 104 11.37 5.87 -4.53
N THR A 105 12.27 6.51 -5.26
CA THR A 105 13.70 6.21 -5.16
C THR A 105 14.14 6.14 -3.71
N CYS A 106 13.57 7.01 -2.88
CA CYS A 106 13.90 7.04 -1.47
C CYS A 106 15.39 7.31 -1.27
N ARG A 107 15.94 8.19 -2.10
CA ARG A 107 17.36 8.54 -2.03
C ARG A 107 17.62 9.66 -1.03
N ASP A 108 16.74 10.64 -1.01
CA ASP A 108 16.89 11.77 -0.11
C ASP A 108 15.54 12.44 0.17
N ASP A 109 14.46 11.68 0.03
CA ASP A 109 13.11 12.17 0.25
C ASP A 109 12.83 13.46 -0.53
N VAL A 110 13.63 13.72 -1.55
CA VAL A 110 13.46 14.89 -2.38
C VAL A 110 13.06 14.50 -3.79
N GLU A 111 13.32 13.24 -4.17
CA GLU A 111 12.98 12.75 -5.51
C GLU A 111 13.39 13.75 -6.58
N ALA A 112 14.67 14.12 -6.59
CA ALA A 112 15.20 15.07 -7.56
C ALA A 112 16.69 15.27 -7.39
N SER A 9 -21.57 -12.88 -3.25
CA SER A 9 -21.44 -11.40 -3.21
C SER A 9 -20.11 -10.95 -3.83
N PRO A 10 -20.06 -9.70 -4.32
CA PRO A 10 -18.85 -9.16 -4.93
C PRO A 10 -17.95 -8.48 -3.91
N ILE A 11 -16.89 -7.85 -4.39
CA ILE A 11 -15.94 -7.16 -3.53
C ILE A 11 -15.16 -6.10 -4.30
N ASP A 12 -14.93 -4.96 -3.66
CA ASP A 12 -14.18 -3.87 -4.30
C ASP A 12 -12.96 -3.50 -3.46
N PRO A 13 -11.80 -3.32 -4.09
CA PRO A 13 -10.56 -2.96 -3.38
C PRO A 13 -10.41 -1.45 -3.17
N PRO A 14 -9.56 -1.06 -2.22
CA PRO A 14 -9.30 0.36 -1.89
C PRO A 14 -8.94 1.18 -3.12
N GLY A 15 -8.96 2.50 -2.93
CA GLY A 15 -8.61 3.41 -4.02
C GLY A 15 -7.13 3.41 -4.31
N LYS A 16 -6.72 4.22 -5.29
CA LYS A 16 -5.32 4.32 -5.66
C LYS A 16 -4.49 4.96 -4.54
N PRO A 17 -3.44 4.28 -4.06
CA PRO A 17 -2.58 4.80 -2.97
C PRO A 17 -1.73 5.98 -3.44
N VAL A 18 -1.68 7.03 -2.62
CA VAL A 18 -0.90 8.22 -2.93
C VAL A 18 0.00 8.62 -1.77
N PRO A 19 1.33 8.57 -1.95
CA PRO A 19 2.28 8.93 -0.90
C PRO A 19 2.31 10.42 -0.60
N LEU A 20 1.88 10.77 0.62
CA LEU A 20 1.90 12.17 1.04
C LEU A 20 3.33 12.55 1.40
N ASN A 21 4.05 11.56 1.92
CA ASN A 21 5.44 11.73 2.31
C ASN A 21 6.21 10.48 1.94
N ILE A 22 7.51 10.62 1.66
CA ILE A 22 8.31 9.47 1.28
C ILE A 22 9.71 9.51 1.88
N THR A 23 9.89 8.80 2.98
CA THR A 23 11.19 8.74 3.64
C THR A 23 12.05 7.65 3.02
N ARG A 24 13.33 7.95 2.86
CA ARG A 24 14.27 7.00 2.26
C ARG A 24 14.14 5.60 2.85
N HIS A 25 13.64 5.50 4.09
CA HIS A 25 13.49 4.20 4.74
C HIS A 25 12.04 3.90 5.12
N THR A 26 11.14 4.84 4.86
CA THR A 26 9.73 4.65 5.17
C THR A 26 8.85 5.60 4.36
N VAL A 27 7.96 5.04 3.55
CA VAL A 27 7.08 5.86 2.72
C VAL A 27 5.67 5.93 3.31
N THR A 28 5.09 7.13 3.28
CA THR A 28 3.75 7.36 3.81
C THR A 28 2.75 7.65 2.69
N LEU A 29 1.69 6.82 2.60
CA LEU A 29 0.68 7.01 1.58
C LEU A 29 -0.73 6.84 2.14
N LYS A 30 -1.69 7.36 1.38
CA LYS A 30 -3.10 7.31 1.74
C LYS A 30 -3.96 6.99 0.52
N TRP A 31 -5.11 6.34 0.74
CA TRP A 31 -5.99 5.98 -0.36
C TRP A 31 -7.45 6.26 -0.04
N ALA A 32 -8.32 5.92 -0.98
CA ALA A 32 -9.77 6.11 -0.82
C ALA A 32 -10.41 4.86 -0.24
N LYS A 33 -11.70 4.65 -0.51
CA LYS A 33 -12.39 3.48 0.01
C LYS A 33 -13.59 3.10 -0.87
N PRO A 34 -13.67 1.84 -1.31
CA PRO A 34 -14.78 1.34 -2.15
C PRO A 34 -16.15 1.77 -1.63
N GLU A 35 -17.19 1.37 -2.35
CA GLU A 35 -18.56 1.71 -1.96
C GLU A 35 -19.42 0.48 -1.76
N TYR A 36 -18.91 -0.69 -2.15
CA TYR A 36 -19.68 -1.93 -2.00
C TYR A 36 -19.01 -2.91 -1.05
N THR A 37 -17.92 -3.53 -1.50
CA THR A 37 -17.20 -4.51 -0.67
C THR A 37 -18.18 -5.53 -0.10
N GLY A 38 -19.05 -6.04 -0.97
CA GLY A 38 -20.03 -7.03 -0.55
C GLY A 38 -20.75 -6.62 0.72
N GLY A 39 -20.24 -7.08 1.86
CA GLY A 39 -20.83 -6.74 3.13
C GLY A 39 -19.77 -6.62 4.19
N PHE A 40 -18.61 -6.16 3.76
CA PHE A 40 -17.46 -6.01 4.63
C PHE A 40 -16.98 -4.56 4.67
N LYS A 41 -15.83 -4.35 5.32
CA LYS A 41 -15.26 -3.01 5.43
C LYS A 41 -13.73 -3.08 5.41
N ILE A 42 -13.19 -3.95 4.56
CA ILE A 42 -11.74 -4.10 4.46
C ILE A 42 -11.15 -4.57 5.79
N THR A 43 -10.95 -3.64 6.71
CA THR A 43 -10.39 -3.96 8.02
C THR A 43 -9.01 -4.59 7.90
N SER A 44 -8.28 -4.24 6.85
CA SER A 44 -6.93 -4.78 6.64
C SER A 44 -6.38 -4.36 5.28
N TYR A 45 -5.62 -3.27 5.27
CA TYR A 45 -5.02 -2.77 4.02
C TYR A 45 -3.54 -3.13 3.94
N ILE A 46 -3.24 -4.36 3.53
CA ILE A 46 -1.84 -4.78 3.42
C ILE A 46 -1.19 -4.11 2.22
N VAL A 47 -0.26 -3.19 2.49
CA VAL A 47 0.43 -2.47 1.43
C VAL A 47 1.65 -3.24 0.91
N GLU A 48 1.39 -4.20 0.03
CA GLU A 48 2.46 -5.00 -0.56
C GLU A 48 3.52 -4.06 -1.15
N LYS A 49 4.79 -4.39 -0.96
CA LYS A 49 5.87 -3.54 -1.47
C LYS A 49 6.64 -4.21 -2.60
N ARG A 50 7.23 -3.39 -3.45
CA ARG A 50 8.01 -3.86 -4.58
C ARG A 50 9.38 -3.18 -4.59
N ASP A 51 10.38 -3.90 -4.08
CA ASP A 51 11.74 -3.39 -4.01
C ASP A 51 12.41 -3.42 -5.38
N LEU A 52 12.04 -2.46 -6.23
CA LEU A 52 12.60 -2.39 -7.57
C LEU A 52 14.13 -2.28 -7.53
N PRO A 53 14.84 -3.01 -8.43
CA PRO A 53 14.24 -3.87 -9.43
C PRO A 53 14.09 -5.32 -8.96
N ASN A 54 14.17 -5.52 -7.64
CA ASN A 54 14.05 -6.86 -7.07
C ASN A 54 12.90 -6.93 -6.07
N GLY A 55 11.70 -6.51 -6.50
CA GLY A 55 10.55 -6.54 -5.63
C GLY A 55 9.61 -7.69 -5.95
N ARG A 56 8.59 -7.87 -5.13
CA ARG A 56 7.62 -8.95 -5.35
C ARG A 56 6.37 -8.75 -4.48
N TRP A 57 5.91 -7.50 -4.42
CA TRP A 57 4.73 -7.14 -3.63
C TRP A 57 4.70 -7.86 -2.29
N LEU A 58 5.61 -7.48 -1.40
CA LEU A 58 5.69 -8.09 -0.08
C LEU A 58 5.05 -7.18 0.96
N LYS A 59 4.03 -7.68 1.64
CA LYS A 59 3.32 -6.91 2.66
C LYS A 59 4.30 -6.16 3.55
N ALA A 60 4.58 -4.92 3.20
CA ALA A 60 5.49 -4.08 3.98
C ALA A 60 4.93 -3.85 5.37
N ASN A 61 3.66 -3.50 5.44
CA ASN A 61 2.99 -3.26 6.71
C ASN A 61 2.98 -4.51 7.57
N PHE A 62 3.46 -4.37 8.80
CA PHE A 62 3.51 -5.49 9.74
C PHE A 62 2.30 -5.47 10.68
N SER A 63 1.62 -4.33 10.75
CA SER A 63 0.46 -4.19 11.62
C SER A 63 -0.82 -4.05 10.78
N ASN A 64 -1.91 -4.59 11.30
CA ASN A 64 -3.20 -4.53 10.61
C ASN A 64 -3.58 -3.09 10.31
N ILE A 65 -3.58 -2.73 9.02
CA ILE A 65 -3.93 -1.38 8.60
C ILE A 65 -5.43 -1.17 8.67
N LEU A 66 -5.91 -0.71 9.82
CA LEU A 66 -7.34 -0.46 10.00
C LEU A 66 -7.76 0.80 9.24
N GLU A 67 -6.89 1.80 9.25
CA GLU A 67 -7.17 3.04 8.55
C GLU A 67 -6.43 3.05 7.22
N ASN A 68 -6.94 3.81 6.26
CA ASN A 68 -6.32 3.88 4.95
C ASN A 68 -5.05 4.73 4.95
N GLU A 69 -4.70 5.28 6.11
CA GLU A 69 -3.49 6.10 6.25
C GLU A 69 -2.39 5.28 6.88
N PHE A 70 -1.43 4.87 6.06
CA PHE A 70 -0.33 4.05 6.55
C PHE A 70 1.01 4.50 5.99
N THR A 71 2.09 4.01 6.61
CA THR A 71 3.44 4.33 6.19
C THR A 71 4.29 3.08 6.10
N VAL A 72 4.47 2.58 4.89
CA VAL A 72 5.27 1.38 4.65
C VAL A 72 6.68 1.55 5.19
N SER A 73 7.23 0.48 5.75
CA SER A 73 8.58 0.52 6.29
C SER A 73 9.36 -0.71 5.89
N GLY A 74 10.66 -0.54 5.85
CA GLY A 74 11.55 -1.62 5.48
C GLY A 74 12.31 -1.33 4.20
N LEU A 75 11.97 -0.21 3.55
CA LEU A 75 12.61 0.18 2.31
C LEU A 75 14.09 0.46 2.53
N THR A 76 14.76 0.92 1.49
CA THR A 76 16.19 1.22 1.56
C THR A 76 16.54 2.36 0.62
N GLU A 77 17.26 3.35 1.13
CA GLU A 77 17.66 4.51 0.33
C GLU A 77 18.33 4.06 -0.96
N ASP A 78 18.18 4.88 -2.00
CA ASP A 78 18.77 4.58 -3.30
C ASP A 78 18.10 3.35 -3.93
N ALA A 79 16.78 3.36 -3.95
CA ALA A 79 16.02 2.25 -4.52
C ALA A 79 14.55 2.63 -4.73
N ALA A 80 14.04 2.36 -5.92
CA ALA A 80 12.64 2.65 -6.24
C ALA A 80 11.73 1.65 -5.56
N TYR A 81 10.65 2.14 -4.96
CA TYR A 81 9.72 1.27 -4.27
C TYR A 81 8.28 1.56 -4.66
N GLU A 82 7.59 0.54 -5.18
CA GLU A 82 6.19 0.68 -5.57
C GLU A 82 5.31 0.15 -4.45
N PHE A 83 4.22 0.84 -4.13
CA PHE A 83 3.36 0.36 -3.04
C PHE A 83 1.92 0.10 -3.44
N ARG A 84 1.57 -1.18 -3.53
CA ARG A 84 0.22 -1.63 -3.85
C ARG A 84 -0.46 -2.13 -2.59
N VAL A 85 -1.76 -1.90 -2.44
CA VAL A 85 -2.45 -2.36 -1.24
C VAL A 85 -3.53 -3.40 -1.56
N ILE A 86 -3.56 -4.44 -0.75
CA ILE A 86 -4.52 -5.51 -0.88
C ILE A 86 -5.40 -5.55 0.37
N ALA A 87 -6.62 -6.04 0.25
CA ALA A 87 -7.52 -6.10 1.41
C ALA A 87 -8.43 -7.32 1.36
N LYS A 88 -8.30 -8.20 2.34
CA LYS A 88 -9.12 -9.41 2.38
C LYS A 88 -10.46 -9.20 3.10
N ASN A 89 -10.80 -7.95 3.28
CA ASN A 89 -12.07 -7.56 3.92
C ASN A 89 -12.42 -8.38 5.16
N ALA A 90 -13.56 -8.03 5.74
CA ALA A 90 -14.09 -8.68 6.93
C ALA A 90 -14.28 -10.19 6.75
N ALA A 91 -14.95 -10.56 5.66
CA ALA A 91 -15.22 -11.97 5.39
C ALA A 91 -14.11 -12.63 4.58
N GLY A 92 -12.86 -12.23 4.83
CA GLY A 92 -11.74 -12.81 4.12
C GLY A 92 -11.83 -12.64 2.62
N ALA A 93 -12.67 -11.70 2.17
CA ALA A 93 -12.83 -11.45 0.74
C ALA A 93 -11.55 -10.82 0.20
N ILE A 94 -10.66 -11.65 -0.33
CA ILE A 94 -9.40 -11.16 -0.84
C ILE A 94 -9.55 -10.17 -1.99
N SER A 95 -9.26 -8.91 -1.67
CA SER A 95 -9.33 -7.84 -2.65
C SER A 95 -7.97 -7.77 -3.35
N PRO A 96 -7.90 -8.20 -4.64
CA PRO A 96 -6.66 -8.20 -5.41
C PRO A 96 -5.81 -6.96 -5.21
N PRO A 97 -4.57 -6.97 -5.76
CA PRO A 97 -3.63 -5.85 -5.65
C PRO A 97 -4.25 -4.53 -6.07
N SER A 98 -4.13 -3.52 -5.23
CA SER A 98 -4.69 -2.20 -5.54
C SER A 98 -3.59 -1.27 -6.05
N GLU A 99 -3.61 -1.02 -7.37
CA GLU A 99 -2.64 -0.15 -8.08
C GLU A 99 -1.55 0.42 -7.17
N PRO A 100 -0.27 0.09 -7.42
CA PRO A 100 0.83 0.57 -6.58
C PRO A 100 1.09 2.06 -6.72
N SER A 101 1.78 2.61 -5.73
CA SER A 101 2.14 4.01 -5.73
C SER A 101 3.47 4.15 -6.47
N ASP A 102 3.61 5.21 -7.26
CA ASP A 102 4.82 5.46 -8.04
C ASP A 102 6.08 4.96 -7.34
N ALA A 103 6.97 4.35 -8.12
CA ALA A 103 8.20 3.82 -7.57
C ALA A 103 9.12 4.94 -7.09
N ILE A 104 9.15 5.17 -5.78
CA ILE A 104 9.98 6.21 -5.21
C ILE A 104 11.41 5.71 -4.98
N THR A 105 12.35 6.29 -5.71
CA THR A 105 13.75 5.91 -5.59
C THR A 105 14.20 5.97 -4.13
N CYS A 106 13.49 6.77 -3.33
CA CYS A 106 13.83 6.91 -1.92
C CYS A 106 15.31 7.22 -1.77
N ARG A 107 15.66 8.49 -1.90
CA ARG A 107 17.04 8.93 -1.79
C ARG A 107 17.17 10.13 -0.87
N ASP A 108 17.01 11.32 -1.43
CA ASP A 108 17.09 12.55 -0.66
C ASP A 108 15.72 12.98 -0.17
N ASP A 109 14.79 12.02 -0.10
CA ASP A 109 13.42 12.29 0.35
C ASP A 109 12.89 13.59 -0.25
N VAL A 110 13.37 13.90 -1.44
CA VAL A 110 12.96 15.09 -2.15
C VAL A 110 13.36 15.01 -3.62
N GLU A 111 13.49 13.78 -4.13
CA GLU A 111 13.86 13.51 -5.52
C GLU A 111 14.75 14.60 -6.12
N ALA A 112 16.01 14.62 -5.73
CA ALA A 112 16.95 15.61 -6.24
C ALA A 112 18.38 15.07 -6.22
N SER A 9 -23.26 -10.84 -3.78
CA SER A 9 -22.40 -10.00 -2.90
C SER A 9 -20.96 -9.99 -3.38
N PRO A 10 -20.64 -9.09 -4.34
CA PRO A 10 -19.29 -8.97 -4.89
C PRO A 10 -18.32 -8.36 -3.88
N ILE A 11 -17.30 -7.67 -4.36
CA ILE A 11 -16.32 -7.05 -3.49
C ILE A 11 -15.45 -6.05 -4.25
N ASP A 12 -15.31 -4.86 -3.69
CA ASP A 12 -14.51 -3.82 -4.29
C ASP A 12 -13.27 -3.55 -3.45
N PRO A 13 -12.08 -3.53 -4.07
CA PRO A 13 -10.82 -3.29 -3.36
C PRO A 13 -10.59 -1.80 -3.08
N PRO A 14 -9.68 -1.49 -2.13
CA PRO A 14 -9.37 -0.10 -1.76
C PRO A 14 -8.96 0.77 -2.94
N GLY A 15 -8.70 2.05 -2.65
CA GLY A 15 -8.30 2.99 -3.69
C GLY A 15 -6.81 3.01 -3.91
N LYS A 16 -6.38 3.53 -5.06
CA LYS A 16 -4.96 3.62 -5.39
C LYS A 16 -4.21 4.33 -4.26
N PRO A 17 -3.07 3.78 -3.80
CA PRO A 17 -2.29 4.40 -2.73
C PRO A 17 -1.37 5.51 -3.24
N VAL A 18 -1.34 6.61 -2.49
CA VAL A 18 -0.50 7.76 -2.86
C VAL A 18 0.33 8.22 -1.67
N PRO A 19 1.68 8.23 -1.81
CA PRO A 19 2.56 8.66 -0.73
C PRO A 19 2.44 10.13 -0.38
N LEU A 20 1.71 10.43 0.70
CA LEU A 20 1.56 11.81 1.13
C LEU A 20 2.93 12.41 1.41
N ASN A 21 3.81 11.55 1.92
CA ASN A 21 5.18 11.92 2.23
C ASN A 21 6.08 10.75 1.88
N ILE A 22 7.33 11.02 1.53
CA ILE A 22 8.23 9.94 1.18
C ILE A 22 9.63 10.15 1.72
N THR A 23 10.03 9.27 2.65
CA THR A 23 11.35 9.35 3.26
C THR A 23 12.24 8.25 2.69
N ARG A 24 13.54 8.51 2.66
CA ARG A 24 14.49 7.54 2.12
C ARG A 24 14.54 6.24 2.93
N HIS A 25 13.92 6.23 4.10
CA HIS A 25 13.90 5.03 4.93
C HIS A 25 12.50 4.75 5.49
N THR A 26 11.49 5.33 4.84
CA THR A 26 10.10 5.15 5.26
C THR A 26 9.21 6.14 4.53
N VAL A 27 8.32 5.63 3.69
CA VAL A 27 7.42 6.51 2.95
C VAL A 27 6.00 6.40 3.49
N THR A 28 5.26 7.51 3.45
CA THR A 28 3.90 7.55 3.95
C THR A 28 2.87 7.70 2.82
N LEU A 29 1.96 6.73 2.70
CA LEU A 29 0.92 6.77 1.68
C LEU A 29 -0.45 6.47 2.25
N LYS A 30 -1.47 6.68 1.43
CA LYS A 30 -2.85 6.43 1.80
C LYS A 30 -3.69 6.24 0.54
N TRP A 31 -4.95 5.86 0.69
CA TRP A 31 -5.80 5.66 -0.49
C TRP A 31 -7.22 6.22 -0.29
N ALA A 32 -8.12 5.87 -1.21
CA ALA A 32 -9.49 6.36 -1.14
C ALA A 32 -10.46 5.38 -0.49
N LYS A 33 -10.03 4.13 -0.30
CA LYS A 33 -10.89 3.13 0.34
C LYS A 33 -11.97 2.66 -0.65
N PRO A 34 -12.44 1.40 -0.55
CA PRO A 34 -13.47 0.88 -1.45
C PRO A 34 -14.82 1.57 -1.28
N GLU A 35 -15.85 0.97 -1.87
CA GLU A 35 -17.20 1.50 -1.80
C GLU A 35 -18.23 0.38 -1.84
N TYR A 36 -18.03 -0.57 -2.74
CA TYR A 36 -18.95 -1.69 -2.87
C TYR A 36 -18.30 -3.00 -2.43
N THR A 37 -18.21 -3.18 -1.11
CA THR A 37 -17.61 -4.40 -0.56
C THR A 37 -18.70 -5.43 -0.30
N GLY A 38 -19.57 -5.62 -1.29
CA GLY A 38 -20.65 -6.57 -1.14
C GLY A 38 -21.42 -6.36 0.15
N GLY A 39 -21.09 -7.14 1.16
CA GLY A 39 -21.73 -7.03 2.45
C GLY A 39 -20.71 -7.07 3.56
N PHE A 40 -19.50 -6.61 3.24
CA PHE A 40 -18.40 -6.60 4.19
C PHE A 40 -17.93 -5.18 4.47
N LYS A 41 -17.00 -5.05 5.40
CA LYS A 41 -16.47 -3.75 5.78
C LYS A 41 -14.93 -3.76 5.80
N ILE A 42 -14.33 -4.91 5.49
CA ILE A 42 -12.87 -5.02 5.49
C ILE A 42 -12.33 -4.78 6.89
N THR A 43 -11.38 -5.62 7.30
CA THR A 43 -10.80 -5.50 8.63
C THR A 43 -9.37 -4.96 8.60
N SER A 44 -8.72 -4.95 7.44
CA SER A 44 -7.35 -4.45 7.34
C SER A 44 -6.90 -4.25 5.91
N TYR A 45 -5.88 -3.40 5.72
CA TYR A 45 -5.32 -3.13 4.41
C TYR A 45 -3.87 -3.58 4.36
N ILE A 46 -3.53 -4.31 3.32
CA ILE A 46 -2.18 -4.82 3.14
C ILE A 46 -1.44 -4.03 2.06
N VAL A 47 -0.22 -3.63 2.37
CA VAL A 47 0.59 -2.87 1.43
C VAL A 47 1.76 -3.69 0.92
N GLU A 48 1.63 -4.18 -0.31
CA GLU A 48 2.69 -4.97 -0.92
C GLU A 48 3.72 -4.05 -1.56
N LYS A 49 4.99 -4.29 -1.28
CA LYS A 49 6.06 -3.45 -1.82
C LYS A 49 6.76 -4.13 -2.98
N ARG A 50 6.88 -3.40 -4.09
CA ARG A 50 7.55 -3.92 -5.26
C ARG A 50 8.91 -3.25 -5.40
N ASP A 51 9.93 -3.89 -4.83
CA ASP A 51 11.28 -3.36 -4.90
C ASP A 51 11.73 -3.29 -6.34
N LEU A 52 12.55 -2.30 -6.67
CA LEU A 52 13.03 -2.15 -8.03
C LEU A 52 14.55 -2.04 -8.06
N PRO A 53 15.23 -2.82 -8.92
CA PRO A 53 14.61 -3.77 -9.85
C PRO A 53 14.40 -5.15 -9.25
N ASN A 54 14.02 -5.21 -7.98
CA ASN A 54 13.77 -6.47 -7.30
C ASN A 54 12.29 -6.62 -6.94
N GLY A 55 11.43 -6.52 -7.94
CA GLY A 55 10.01 -6.63 -7.71
C GLY A 55 9.60 -7.98 -7.17
N ARG A 56 8.33 -8.08 -6.72
CA ARG A 56 7.80 -9.33 -6.17
C ARG A 56 6.53 -9.07 -5.34
N TRP A 57 6.37 -7.85 -4.85
CA TRP A 57 5.22 -7.49 -4.04
C TRP A 57 5.21 -8.30 -2.75
N LEU A 58 5.52 -7.64 -1.64
CA LEU A 58 5.54 -8.33 -0.35
C LEU A 58 5.06 -7.40 0.76
N LYS A 59 4.00 -7.81 1.45
CA LYS A 59 3.44 -7.01 2.53
C LYS A 59 4.51 -6.58 3.51
N ALA A 60 4.80 -5.29 3.53
CA ALA A 60 5.81 -4.76 4.44
C ALA A 60 5.16 -4.11 5.66
N ASN A 61 3.85 -3.91 5.62
CA ASN A 61 3.16 -3.29 6.74
C ASN A 61 3.02 -4.24 7.91
N PHE A 62 2.32 -5.35 7.71
CA PHE A 62 2.11 -6.35 8.77
C PHE A 62 1.01 -5.90 9.74
N SER A 63 1.12 -4.68 10.24
CA SER A 63 0.13 -4.14 11.18
C SER A 63 -1.28 -4.21 10.60
N ASN A 64 -2.22 -3.63 11.33
CA ASN A 64 -3.62 -3.62 10.91
C ASN A 64 -3.99 -2.26 10.33
N ILE A 65 -3.63 -2.04 9.07
CA ILE A 65 -3.92 -0.79 8.38
C ILE A 65 -5.41 -0.68 8.07
N LEU A 66 -6.12 0.12 8.85
CA LEU A 66 -7.55 0.31 8.67
C LEU A 66 -7.89 1.72 8.22
N GLU A 67 -7.37 2.71 8.94
CA GLU A 67 -7.63 4.11 8.61
C GLU A 67 -7.22 4.46 7.18
N ASN A 68 -6.35 3.64 6.60
CA ASN A 68 -5.84 3.81 5.24
C ASN A 68 -4.59 4.67 5.21
N GLU A 69 -4.43 5.54 6.22
CA GLU A 69 -3.27 6.40 6.30
C GLU A 69 -2.13 5.62 6.92
N PHE A 70 -1.38 4.92 6.07
CA PHE A 70 -0.28 4.10 6.54
C PHE A 70 1.05 4.53 5.92
N THR A 71 2.14 4.04 6.52
CA THR A 71 3.47 4.34 6.04
C THR A 71 4.24 3.07 5.73
N VAL A 72 4.70 2.94 4.48
CA VAL A 72 5.45 1.78 4.07
C VAL A 72 6.91 1.89 4.48
N SER A 73 7.23 1.30 5.63
CA SER A 73 8.59 1.33 6.15
C SER A 73 9.44 0.23 5.52
N GLY A 74 10.51 -0.14 6.19
CA GLY A 74 11.39 -1.18 5.67
C GLY A 74 11.93 -0.83 4.30
N LEU A 75 11.89 0.45 3.95
CA LEU A 75 12.39 0.91 2.66
C LEU A 75 13.92 0.91 2.64
N THR A 76 14.48 1.38 1.54
CA THR A 76 15.93 1.44 1.38
C THR A 76 16.34 2.67 0.58
N GLU A 77 17.46 3.27 0.95
CA GLU A 77 17.96 4.45 0.26
C GLU A 77 18.46 4.10 -1.13
N ASP A 78 18.30 5.03 -2.07
CA ASP A 78 18.72 4.82 -3.45
C ASP A 78 18.00 3.63 -4.07
N ALA A 79 16.71 3.50 -3.81
CA ALA A 79 15.93 2.40 -4.36
C ALA A 79 14.47 2.80 -4.54
N ALA A 80 13.97 2.64 -5.76
CA ALA A 80 12.58 2.97 -6.07
C ALA A 80 11.66 1.87 -5.57
N TYR A 81 10.62 2.25 -4.82
CA TYR A 81 9.70 1.27 -4.26
C TYR A 81 8.24 1.57 -4.59
N GLU A 82 7.55 0.57 -5.16
CA GLU A 82 6.14 0.71 -5.51
C GLU A 82 5.30 0.03 -4.43
N PHE A 83 4.19 0.65 -4.02
CA PHE A 83 3.36 0.03 -2.96
C PHE A 83 1.90 -0.18 -3.38
N ARG A 84 1.48 -1.44 -3.42
CA ARG A 84 0.11 -1.80 -3.80
C ARG A 84 -0.72 -2.14 -2.56
N VAL A 85 -2.01 -1.81 -2.59
CA VAL A 85 -2.89 -2.09 -1.44
C VAL A 85 -3.84 -3.25 -1.70
N ILE A 86 -3.53 -4.40 -1.09
CA ILE A 86 -4.35 -5.58 -1.20
C ILE A 86 -5.08 -5.73 0.13
N ALA A 87 -6.30 -6.25 0.13
CA ALA A 87 -7.01 -6.39 1.39
C ALA A 87 -8.22 -7.30 1.28
N LYS A 88 -8.47 -8.06 2.35
CA LYS A 88 -9.61 -8.96 2.37
C LYS A 88 -10.86 -8.22 2.81
N ASN A 89 -11.94 -8.95 3.04
CA ASN A 89 -13.19 -8.34 3.46
C ASN A 89 -13.71 -9.01 4.74
N ALA A 90 -14.96 -9.47 4.79
CA ALA A 90 -15.50 -10.10 5.98
C ALA A 90 -15.84 -11.56 5.73
N ALA A 91 -16.19 -11.88 4.48
CA ALA A 91 -16.56 -13.24 4.09
C ALA A 91 -15.33 -14.11 3.83
N GLY A 92 -14.13 -13.58 4.08
CA GLY A 92 -12.92 -14.35 3.86
C GLY A 92 -12.33 -14.16 2.47
N ALA A 93 -13.03 -13.44 1.61
CA ALA A 93 -12.56 -13.20 0.25
C ALA A 93 -11.43 -12.17 0.25
N ILE A 94 -10.66 -12.13 -0.82
CA ILE A 94 -9.55 -11.18 -0.90
C ILE A 94 -9.75 -10.15 -1.99
N SER A 95 -9.78 -8.88 -1.61
CA SER A 95 -9.92 -7.78 -2.55
C SER A 95 -8.61 -7.59 -3.30
N PRO A 96 -8.59 -7.86 -4.63
CA PRO A 96 -7.40 -7.73 -5.46
C PRO A 96 -6.56 -6.50 -5.09
N PRO A 97 -5.29 -6.46 -5.55
CA PRO A 97 -4.39 -5.34 -5.28
C PRO A 97 -4.85 -4.02 -5.89
N SER A 98 -4.58 -2.94 -5.18
CA SER A 98 -4.95 -1.61 -5.63
C SER A 98 -3.75 -0.93 -6.26
N GLU A 99 -3.96 -0.43 -7.51
CA GLU A 99 -2.92 0.25 -8.30
C GLU A 99 -1.79 0.82 -7.45
N PRO A 100 -0.66 0.09 -7.36
CA PRO A 100 0.50 0.49 -6.58
C PRO A 100 0.80 1.98 -6.55
N SER A 101 1.66 2.33 -5.61
CA SER A 101 2.11 3.70 -5.41
C SER A 101 3.38 3.92 -6.19
N ASP A 102 3.52 5.10 -6.79
CA ASP A 102 4.70 5.44 -7.57
C ASP A 102 5.97 4.93 -6.91
N ALA A 103 6.88 4.42 -7.72
CA ALA A 103 8.13 3.89 -7.21
C ALA A 103 9.01 5.04 -6.71
N ILE A 104 9.05 5.21 -5.40
CA ILE A 104 9.84 6.28 -4.80
C ILE A 104 11.29 5.85 -4.62
N THR A 105 12.18 6.48 -5.40
CA THR A 105 13.61 6.17 -5.33
C THR A 105 14.11 6.13 -3.90
N CYS A 106 13.49 6.92 -3.03
CA CYS A 106 13.89 6.96 -1.63
C CYS A 106 15.41 7.16 -1.51
N ARG A 107 15.84 8.41 -1.48
CA ARG A 107 17.26 8.73 -1.38
C ARG A 107 17.51 9.93 -0.47
N ASP A 108 17.42 11.12 -1.05
CA ASP A 108 17.63 12.35 -0.30
C ASP A 108 16.30 13.03 0.05
N ASP A 109 15.19 12.38 -0.32
CA ASP A 109 13.85 12.91 -0.04
C ASP A 109 13.75 14.41 -0.30
N VAL A 110 14.54 14.87 -1.25
CA VAL A 110 14.55 16.28 -1.61
C VAL A 110 15.21 16.47 -2.97
N GLU A 111 15.15 15.45 -3.81
CA GLU A 111 15.74 15.50 -5.14
C GLU A 111 14.82 14.87 -6.17
N ALA A 112 14.25 13.73 -5.84
CA ALA A 112 13.35 13.03 -6.74
C ALA A 112 12.64 11.88 -6.03
N SER A 9 -22.82 -11.34 -2.48
CA SER A 9 -22.59 -9.98 -3.03
C SER A 9 -21.14 -9.82 -3.51
N PRO A 10 -20.85 -8.74 -4.25
CA PRO A 10 -19.53 -8.46 -4.77
C PRO A 10 -18.69 -7.61 -3.83
N ILE A 11 -17.37 -7.72 -3.96
CA ILE A 11 -16.45 -6.96 -3.11
C ILE A 11 -15.68 -5.92 -3.91
N ASP A 12 -15.30 -4.84 -3.25
CA ASP A 12 -14.56 -3.76 -3.87
C ASP A 12 -13.39 -3.35 -2.97
N PRO A 13 -12.16 -3.30 -3.52
CA PRO A 13 -10.98 -2.92 -2.74
C PRO A 13 -10.85 -1.41 -2.58
N PRO A 14 -9.83 -0.96 -1.82
CA PRO A 14 -9.60 0.47 -1.59
C PRO A 14 -9.22 1.22 -2.85
N GLY A 15 -9.02 2.53 -2.72
CA GLY A 15 -8.66 3.36 -3.85
C GLY A 15 -7.19 3.25 -4.20
N LYS A 16 -6.80 3.85 -5.32
CA LYS A 16 -5.41 3.82 -5.77
C LYS A 16 -4.49 4.43 -4.71
N PRO A 17 -3.51 3.66 -4.20
CA PRO A 17 -2.58 4.15 -3.17
C PRO A 17 -1.64 5.23 -3.69
N VAL A 18 -1.61 6.35 -2.98
CA VAL A 18 -0.76 7.47 -3.37
C VAL A 18 0.01 8.02 -2.17
N PRO A 19 1.34 7.77 -2.11
CA PRO A 19 2.18 8.22 -1.01
C PRO A 19 1.81 9.60 -0.51
N LEU A 20 1.91 9.76 0.80
CA LEU A 20 1.62 11.02 1.46
C LEU A 20 2.93 11.75 1.69
N ASN A 21 3.90 10.98 2.16
CA ASN A 21 5.23 11.49 2.44
C ASN A 21 6.25 10.39 2.18
N ILE A 22 7.49 10.76 1.90
CA ILE A 22 8.51 9.76 1.63
C ILE A 22 9.86 10.18 2.18
N THR A 23 10.22 9.63 3.33
CA THR A 23 11.49 9.93 3.98
C THR A 23 12.52 8.86 3.69
N ARG A 24 12.66 8.51 2.41
CA ARG A 24 13.62 7.50 1.97
C ARG A 24 13.39 6.15 2.66
N HIS A 25 13.71 6.10 3.95
CA HIS A 25 13.56 4.88 4.74
C HIS A 25 12.10 4.66 5.12
N THR A 26 11.34 5.74 5.22
CA THR A 26 9.92 5.64 5.58
C THR A 26 9.04 6.30 4.54
N VAL A 27 8.27 5.49 3.83
CA VAL A 27 7.37 6.00 2.80
C VAL A 27 5.92 5.94 3.24
N THR A 28 5.32 7.10 3.49
CA THR A 28 3.93 7.17 3.90
C THR A 28 3.01 7.24 2.70
N LEU A 29 1.81 6.69 2.87
CA LEU A 29 0.83 6.68 1.79
C LEU A 29 -0.59 6.71 2.31
N LYS A 30 -1.49 7.21 1.47
CA LYS A 30 -2.90 7.32 1.81
C LYS A 30 -3.75 7.06 0.57
N TRP A 31 -4.91 6.42 0.76
CA TRP A 31 -5.79 6.12 -0.36
C TRP A 31 -7.25 6.32 0.00
N ALA A 32 -8.16 5.93 -0.90
CA ALA A 32 -9.59 6.08 -0.65
C ALA A 32 -10.22 4.81 -0.11
N LYS A 33 -11.38 4.98 0.52
CA LYS A 33 -12.13 3.86 1.11
C LYS A 33 -13.09 3.28 0.07
N PRO A 34 -13.23 1.95 0.02
CA PRO A 34 -14.12 1.30 -0.94
C PRO A 34 -15.48 1.99 -1.00
N GLU A 35 -16.29 1.61 -1.98
CA GLU A 35 -17.61 2.21 -2.16
C GLU A 35 -18.72 1.16 -2.04
N TYR A 36 -18.36 -0.11 -1.91
CA TYR A 36 -19.36 -1.16 -1.79
C TYR A 36 -18.96 -2.23 -0.79
N THR A 37 -17.99 -3.08 -1.18
CA THR A 37 -17.50 -4.19 -0.34
C THR A 37 -18.43 -5.40 -0.36
N GLY A 38 -19.74 -5.17 -0.35
CA GLY A 38 -20.68 -6.26 -0.36
C GLY A 38 -21.52 -6.30 0.89
N GLY A 39 -20.96 -6.88 1.94
CA GLY A 39 -21.65 -6.96 3.22
C GLY A 39 -20.63 -7.04 4.34
N PHE A 40 -19.47 -6.47 4.07
CA PHE A 40 -18.35 -6.47 5.00
C PHE A 40 -17.98 -5.06 5.44
N LYS A 41 -16.93 -4.96 6.25
CA LYS A 41 -16.46 -3.66 6.74
C LYS A 41 -14.93 -3.55 6.66
N ILE A 42 -14.25 -4.62 6.24
CA ILE A 42 -12.79 -4.63 6.13
C ILE A 42 -12.17 -4.39 7.49
N THR A 43 -11.08 -5.09 7.79
CA THR A 43 -10.42 -4.94 9.07
C THR A 43 -8.93 -4.58 8.91
N SER A 44 -8.49 -4.31 7.69
CA SER A 44 -7.10 -3.95 7.46
C SER A 44 -6.80 -3.73 5.98
N TYR A 45 -5.69 -3.06 5.72
CA TYR A 45 -5.25 -2.78 4.36
C TYR A 45 -3.80 -3.21 4.16
N ILE A 46 -3.59 -4.36 3.55
CA ILE A 46 -2.25 -4.88 3.31
C ILE A 46 -1.67 -4.34 2.01
N VAL A 47 -0.52 -3.67 2.09
CA VAL A 47 0.13 -3.10 0.92
C VAL A 47 1.42 -3.86 0.60
N GLU A 48 1.56 -4.29 -0.66
CA GLU A 48 2.73 -5.04 -1.11
C GLU A 48 3.83 -4.12 -1.64
N LYS A 49 5.07 -4.42 -1.24
CA LYS A 49 6.25 -3.64 -1.63
C LYS A 49 7.05 -4.27 -2.77
N ARG A 50 7.39 -3.46 -3.77
CA ARG A 50 8.19 -3.93 -4.90
C ARG A 50 9.54 -3.23 -4.92
N ASP A 51 10.58 -3.97 -4.57
CA ASP A 51 11.94 -3.43 -4.54
C ASP A 51 12.55 -3.38 -5.93
N LEU A 52 12.35 -2.26 -6.62
CA LEU A 52 12.89 -2.10 -7.97
C LEU A 52 14.42 -2.07 -7.94
N PRO A 53 15.07 -2.54 -9.02
CA PRO A 53 14.40 -3.05 -10.23
C PRO A 53 14.03 -4.53 -10.10
N ASN A 54 14.50 -5.19 -9.05
CA ASN A 54 14.20 -6.60 -8.84
C ASN A 54 12.69 -6.82 -8.72
N GLY A 55 12.10 -6.21 -7.69
CA GLY A 55 10.67 -6.34 -7.47
C GLY A 55 10.31 -7.58 -6.68
N ARG A 56 9.31 -7.44 -5.81
CA ARG A 56 8.85 -8.55 -4.98
C ARG A 56 7.76 -8.10 -4.02
N TRP A 57 6.63 -7.68 -4.59
CA TRP A 57 5.47 -7.21 -3.84
C TRP A 57 5.31 -7.94 -2.50
N LEU A 58 5.77 -7.33 -1.42
CA LEU A 58 5.67 -7.97 -0.11
C LEU A 58 4.95 -7.09 0.92
N LYS A 59 4.11 -7.72 1.73
CA LYS A 59 3.35 -7.02 2.76
C LYS A 59 4.29 -6.28 3.72
N ALA A 60 4.66 -5.06 3.35
CA ALA A 60 5.55 -4.26 4.18
C ALA A 60 4.94 -4.04 5.55
N ASN A 61 3.71 -3.56 5.58
CA ASN A 61 3.01 -3.31 6.83
C ASN A 61 2.84 -4.59 7.64
N PHE A 62 2.79 -4.43 8.96
CA PHE A 62 2.64 -5.56 9.85
C PHE A 62 2.09 -5.10 11.21
N SER A 63 1.36 -3.99 11.19
CA SER A 63 0.79 -3.43 12.41
C SER A 63 -0.70 -3.14 12.22
N ASN A 64 -1.35 -3.92 11.38
CA ASN A 64 -2.77 -3.75 11.11
C ASN A 64 -3.04 -2.35 10.56
N ILE A 65 -3.42 -2.26 9.29
CA ILE A 65 -3.72 -0.98 8.66
C ILE A 65 -5.22 -0.75 8.57
N LEU A 66 -5.84 -0.47 9.72
CA LEU A 66 -7.28 -0.22 9.77
C LEU A 66 -7.69 0.84 8.74
N GLU A 67 -7.47 2.11 9.09
CA GLU A 67 -7.82 3.19 8.18
C GLU A 67 -6.96 3.12 6.93
N ASN A 68 -7.33 3.91 5.93
CA ASN A 68 -6.59 3.92 4.67
C ASN A 68 -5.44 4.91 4.70
N GLU A 69 -4.67 4.88 5.79
CA GLU A 69 -3.53 5.78 5.95
C GLU A 69 -2.42 5.03 6.69
N PHE A 70 -1.43 4.57 5.93
CA PHE A 70 -0.32 3.82 6.53
C PHE A 70 1.03 4.30 6.00
N THR A 71 2.08 3.88 6.71
CA THR A 71 3.44 4.24 6.33
C THR A 71 4.34 3.02 6.31
N VAL A 72 4.86 2.69 5.13
CA VAL A 72 5.73 1.54 4.98
C VAL A 72 7.13 1.85 5.49
N SER A 73 7.50 1.23 6.61
CA SER A 73 8.81 1.45 7.19
C SER A 73 9.74 0.27 6.92
N GLY A 74 10.89 0.56 6.36
CA GLY A 74 11.86 -0.48 6.07
C GLY A 74 12.53 -0.34 4.72
N LEU A 75 12.15 0.69 3.96
CA LEU A 75 12.73 0.91 2.64
C LEU A 75 14.25 0.92 2.70
N THR A 76 14.86 1.21 1.57
CA THR A 76 16.32 1.26 1.47
C THR A 76 16.77 2.49 0.69
N GLU A 77 17.50 3.37 1.37
CA GLU A 77 17.99 4.60 0.75
C GLU A 77 18.63 4.31 -0.61
N ASP A 78 18.25 5.10 -1.61
CA ASP A 78 18.78 4.95 -2.96
C ASP A 78 18.19 3.72 -3.64
N ALA A 79 16.89 3.78 -3.93
CA ALA A 79 16.20 2.68 -4.60
C ALA A 79 14.72 2.98 -4.75
N ALA A 80 14.23 2.92 -5.98
CA ALA A 80 12.82 3.18 -6.25
C ALA A 80 11.96 2.06 -5.68
N TYR A 81 10.92 2.43 -4.95
CA TYR A 81 10.03 1.45 -4.34
C TYR A 81 8.57 1.70 -4.70
N GLU A 82 7.93 0.70 -5.30
CA GLU A 82 6.53 0.79 -5.68
C GLU A 82 5.69 -0.06 -4.74
N PHE A 83 4.50 0.42 -4.36
CA PHE A 83 3.66 -0.37 -3.43
C PHE A 83 2.17 -0.33 -3.75
N ARG A 84 1.57 -1.50 -3.90
CA ARG A 84 0.14 -1.61 -4.18
C ARG A 84 -0.61 -1.96 -2.89
N VAL A 85 -1.94 -1.81 -2.90
CA VAL A 85 -2.71 -2.13 -1.69
C VAL A 85 -3.80 -3.17 -1.91
N ILE A 86 -3.61 -4.32 -1.27
CA ILE A 86 -4.56 -5.41 -1.32
C ILE A 86 -5.22 -5.46 0.06
N ALA A 87 -6.44 -5.99 0.18
CA ALA A 87 -7.07 -6.02 1.50
C ALA A 87 -8.31 -6.90 1.55
N LYS A 88 -8.35 -7.77 2.56
CA LYS A 88 -9.49 -8.65 2.74
C LYS A 88 -10.58 -7.91 3.48
N ASN A 89 -11.82 -8.17 3.11
CA ASN A 89 -12.95 -7.51 3.73
C ASN A 89 -13.30 -8.12 5.10
N ALA A 90 -14.39 -8.87 5.21
CA ALA A 90 -14.76 -9.47 6.49
C ALA A 90 -15.03 -10.97 6.39
N ALA A 91 -15.47 -11.42 5.21
CA ALA A 91 -15.77 -12.83 5.02
C ALA A 91 -14.60 -13.61 4.42
N GLY A 92 -13.39 -13.07 4.56
CA GLY A 92 -12.22 -13.75 4.02
C GLY A 92 -11.94 -13.38 2.58
N ALA A 93 -12.94 -12.82 1.90
CA ALA A 93 -12.80 -12.42 0.51
C ALA A 93 -11.73 -11.34 0.38
N ILE A 94 -10.63 -11.68 -0.27
CA ILE A 94 -9.54 -10.74 -0.46
C ILE A 94 -9.82 -9.75 -1.57
N SER A 95 -9.99 -8.49 -1.18
CA SER A 95 -10.26 -7.43 -2.15
C SER A 95 -9.04 -7.23 -3.05
N PRO A 96 -9.22 -7.38 -4.39
CA PRO A 96 -8.15 -7.23 -5.37
C PRO A 96 -7.12 -6.16 -4.99
N PRO A 97 -5.91 -6.25 -5.56
CA PRO A 97 -4.83 -5.28 -5.30
C PRO A 97 -5.10 -3.92 -5.92
N SER A 98 -4.63 -2.88 -5.26
CA SER A 98 -4.80 -1.52 -5.77
C SER A 98 -3.55 -1.09 -6.51
N GLU A 99 -3.74 -0.57 -7.74
CA GLU A 99 -2.64 -0.12 -8.60
C GLU A 99 -1.45 0.42 -7.80
N PRO A 100 -0.32 -0.29 -7.83
CA PRO A 100 0.89 0.11 -7.10
C PRO A 100 1.12 1.62 -7.09
N SER A 101 1.71 2.09 -6.01
CA SER A 101 2.03 3.50 -5.83
C SER A 101 3.38 3.79 -6.47
N ASP A 102 3.46 4.95 -7.14
CA ASP A 102 4.67 5.40 -7.82
C ASP A 102 5.93 4.94 -7.11
N ALA A 103 6.92 4.53 -7.90
CA ALA A 103 8.18 4.07 -7.36
C ALA A 103 9.03 5.24 -6.88
N ILE A 104 9.18 5.35 -5.57
CA ILE A 104 9.96 6.43 -4.99
C ILE A 104 11.41 6.02 -4.78
N THR A 105 12.32 6.68 -5.49
CA THR A 105 13.74 6.39 -5.38
C THR A 105 14.20 6.28 -3.94
N CYS A 106 13.55 7.03 -3.05
CA CYS A 106 13.91 6.99 -1.64
C CYS A 106 15.40 7.30 -1.47
N ARG A 107 15.80 8.50 -1.88
CA ARG A 107 17.20 8.91 -1.79
C ARG A 107 17.46 9.75 -0.54
N ASP A 108 17.24 11.06 -0.65
CA ASP A 108 17.44 11.98 0.46
C ASP A 108 16.13 12.64 0.85
N ASP A 109 15.03 11.93 0.61
CA ASP A 109 13.70 12.43 0.93
C ASP A 109 13.49 13.85 0.40
N VAL A 110 14.27 14.23 -0.60
CA VAL A 110 14.19 15.54 -1.20
C VAL A 110 13.76 15.45 -2.66
N GLU A 111 13.96 14.27 -3.27
CA GLU A 111 13.59 14.04 -4.66
C GLU A 111 14.03 15.22 -5.55
N ALA A 112 15.24 15.70 -5.31
CA ALA A 112 15.77 16.80 -6.08
C ALA A 112 17.17 17.19 -5.59
N SER A 9 -20.83 -9.92 -2.83
CA SER A 9 -20.18 -10.83 -3.82
C SER A 9 -19.17 -10.09 -4.68
N PRO A 10 -19.57 -8.96 -5.29
CA PRO A 10 -18.69 -8.16 -6.14
C PRO A 10 -17.81 -7.22 -5.32
N ILE A 11 -17.11 -7.78 -4.35
CA ILE A 11 -16.24 -7.01 -3.47
C ILE A 11 -15.30 -6.10 -4.26
N ASP A 12 -15.17 -4.86 -3.80
CA ASP A 12 -14.30 -3.89 -4.45
C ASP A 12 -13.18 -3.46 -3.52
N PRO A 13 -11.95 -3.36 -4.04
CA PRO A 13 -10.79 -2.96 -3.23
C PRO A 13 -10.68 -1.45 -3.09
N PRO A 14 -9.93 -0.99 -2.07
CA PRO A 14 -9.73 0.45 -1.81
C PRO A 14 -9.16 1.20 -3.02
N GLY A 15 -9.12 2.53 -2.91
CA GLY A 15 -8.60 3.36 -3.98
C GLY A 15 -7.11 3.14 -4.22
N LYS A 16 -6.59 3.77 -5.27
CA LYS A 16 -5.17 3.64 -5.61
C LYS A 16 -4.30 4.28 -4.52
N PRO A 17 -3.18 3.64 -4.14
CA PRO A 17 -2.28 4.16 -3.10
C PRO A 17 -1.37 5.28 -3.62
N VAL A 18 -1.18 6.31 -2.80
CA VAL A 18 -0.34 7.45 -3.18
C VAL A 18 0.40 8.02 -1.96
N PRO A 19 1.75 8.15 -2.04
CA PRO A 19 2.57 8.68 -0.94
C PRO A 19 2.31 10.16 -0.64
N LEU A 20 2.31 10.49 0.64
CA LEU A 20 2.13 11.87 1.09
C LEU A 20 3.46 12.41 1.59
N ASN A 21 4.22 11.51 2.22
CA ASN A 21 5.54 11.82 2.75
C ASN A 21 6.45 10.64 2.47
N ILE A 22 7.74 10.89 2.31
CA ILE A 22 8.67 9.80 2.02
C ILE A 22 10.02 10.00 2.70
N THR A 23 10.23 9.29 3.80
CA THR A 23 11.47 9.36 4.56
C THR A 23 12.45 8.29 4.11
N ARG A 24 12.75 8.30 2.82
CA ARG A 24 13.69 7.35 2.21
C ARG A 24 13.41 5.89 2.61
N HIS A 25 13.76 5.54 3.85
CA HIS A 25 13.56 4.18 4.34
C HIS A 25 12.10 3.89 4.65
N THR A 26 11.40 4.88 5.18
CA THR A 26 9.99 4.72 5.51
C THR A 26 9.13 5.74 4.79
N VAL A 27 8.34 5.28 3.81
CA VAL A 27 7.47 6.17 3.07
C VAL A 27 6.04 6.12 3.59
N THR A 28 5.31 7.22 3.41
CA THR A 28 3.93 7.32 3.88
C THR A 28 2.97 7.54 2.71
N LEU A 29 1.98 6.65 2.58
CA LEU A 29 0.98 6.77 1.52
C LEU A 29 -0.43 6.51 2.04
N LYS A 30 -1.41 6.93 1.26
CA LYS A 30 -2.81 6.74 1.61
C LYS A 30 -3.67 6.63 0.33
N TRP A 31 -4.84 6.04 0.46
CA TRP A 31 -5.74 5.86 -0.67
C TRP A 31 -7.18 6.17 -0.30
N ALA A 32 -8.12 5.81 -1.17
CA ALA A 32 -9.53 6.06 -0.93
C ALA A 32 -10.24 4.85 -0.33
N LYS A 33 -11.57 4.90 -0.34
CA LYS A 33 -12.41 3.84 0.20
C LYS A 33 -13.21 3.19 -0.92
N PRO A 34 -13.39 1.85 -0.88
CA PRO A 34 -14.14 1.14 -1.92
C PRO A 34 -15.55 1.69 -2.09
N GLU A 35 -16.25 1.20 -3.10
CA GLU A 35 -17.61 1.65 -3.39
C GLU A 35 -18.59 0.48 -3.34
N TYR A 36 -18.17 -0.66 -3.86
CA TYR A 36 -19.02 -1.85 -3.87
C TYR A 36 -18.40 -3.00 -3.10
N THR A 37 -18.36 -2.88 -1.78
CA THR A 37 -17.79 -3.93 -0.94
C THR A 37 -18.87 -4.93 -0.52
N GLY A 38 -19.71 -5.33 -1.48
CA GLY A 38 -20.77 -6.28 -1.18
C GLY A 38 -21.52 -5.92 0.09
N GLY A 39 -21.09 -6.50 1.20
CA GLY A 39 -21.71 -6.24 2.48
C GLY A 39 -20.69 -6.40 3.59
N PHE A 40 -19.55 -5.75 3.40
CA PHE A 40 -18.45 -5.83 4.34
C PHE A 40 -17.83 -4.45 4.57
N LYS A 41 -16.84 -4.38 5.46
CA LYS A 41 -16.18 -3.12 5.75
C LYS A 41 -14.66 -3.28 5.89
N ILE A 42 -14.15 -4.48 5.60
CA ILE A 42 -12.72 -4.75 5.70
C ILE A 42 -12.20 -4.49 7.11
N THR A 43 -11.15 -5.20 7.51
CA THR A 43 -10.58 -5.04 8.85
C THR A 43 -9.06 -4.90 8.80
N SER A 44 -8.52 -4.63 7.62
CA SER A 44 -7.07 -4.47 7.46
C SER A 44 -6.71 -4.19 6.01
N TYR A 45 -6.01 -3.08 5.78
CA TYR A 45 -5.60 -2.71 4.44
C TYR A 45 -4.10 -2.96 4.23
N ILE A 46 -3.75 -4.17 3.80
CA ILE A 46 -2.36 -4.50 3.57
C ILE A 46 -1.84 -3.74 2.34
N VAL A 47 -0.53 -3.47 2.33
CA VAL A 47 0.07 -2.76 1.21
C VAL A 47 1.44 -3.36 0.86
N GLU A 48 1.46 -4.12 -0.23
CA GLU A 48 2.69 -4.76 -0.68
C GLU A 48 3.61 -3.73 -1.33
N LYS A 49 4.88 -4.07 -1.47
CA LYS A 49 5.85 -3.14 -2.06
C LYS A 49 6.76 -3.87 -3.05
N ARG A 50 7.27 -3.12 -4.01
CA ARG A 50 8.16 -3.66 -5.03
C ARG A 50 9.35 -2.74 -5.24
N ASP A 51 10.55 -3.28 -5.03
CA ASP A 51 11.78 -2.52 -5.20
C ASP A 51 12.09 -2.33 -6.68
N LEU A 52 11.60 -1.22 -7.24
CA LEU A 52 11.84 -0.92 -8.65
C LEU A 52 13.34 -0.90 -8.95
N PRO A 53 13.73 -1.20 -10.20
CA PRO A 53 12.81 -1.55 -11.29
C PRO A 53 12.54 -3.04 -11.37
N ASN A 54 12.59 -3.72 -10.22
CA ASN A 54 12.36 -5.16 -10.19
C ASN A 54 12.61 -5.72 -8.79
N GLY A 55 11.54 -5.93 -8.03
CA GLY A 55 11.68 -6.46 -6.69
C GLY A 55 10.67 -7.56 -6.39
N ARG A 56 9.89 -7.34 -5.33
CA ARG A 56 8.88 -8.31 -4.91
C ARG A 56 7.56 -7.62 -4.59
N TRP A 57 6.62 -8.35 -3.99
CA TRP A 57 5.33 -7.79 -3.63
C TRP A 57 4.91 -8.25 -2.23
N LEU A 58 5.82 -8.10 -1.28
CA LEU A 58 5.55 -8.51 0.11
C LEU A 58 4.86 -7.38 0.87
N LYS A 59 4.01 -7.76 1.83
CA LYS A 59 3.29 -6.78 2.65
C LYS A 59 4.19 -6.23 3.75
N ALA A 60 4.90 -5.14 3.44
CA ALA A 60 5.79 -4.53 4.42
C ALA A 60 5.08 -4.33 5.75
N ASN A 61 3.82 -3.88 5.67
CA ASN A 61 3.02 -3.66 6.86
C ASN A 61 2.86 -4.95 7.64
N PHE A 62 3.65 -5.10 8.70
CA PHE A 62 3.60 -6.30 9.53
C PHE A 62 2.89 -6.03 10.85
N SER A 63 1.96 -5.07 10.86
CA SER A 63 1.22 -4.73 12.06
C SER A 63 -0.28 -4.69 11.79
N ASN A 64 -0.71 -3.68 11.04
CA ASN A 64 -2.12 -3.52 10.70
C ASN A 64 -2.37 -2.17 10.05
N ILE A 65 -3.41 -2.09 9.22
CA ILE A 65 -3.75 -0.86 8.53
C ILE A 65 -5.25 -0.65 8.45
N LEU A 66 -5.91 -0.66 9.61
CA LEU A 66 -7.35 -0.47 9.66
C LEU A 66 -7.78 0.73 8.81
N GLU A 67 -6.97 1.78 8.85
CA GLU A 67 -7.25 2.98 8.09
C GLU A 67 -6.56 2.92 6.72
N ASN A 68 -6.94 3.82 5.82
CA ASN A 68 -6.35 3.84 4.50
C ASN A 68 -5.10 4.73 4.45
N GLU A 69 -4.58 5.07 5.62
CA GLU A 69 -3.39 5.90 5.71
C GLU A 69 -2.30 5.17 6.49
N PHE A 70 -1.36 4.57 5.77
CA PHE A 70 -0.29 3.82 6.42
C PHE A 70 1.08 4.21 5.85
N THR A 71 2.13 3.80 6.55
CA THR A 71 3.49 4.09 6.14
C THR A 71 4.26 2.81 5.83
N VAL A 72 4.74 2.70 4.61
CA VAL A 72 5.49 1.51 4.21
C VAL A 72 6.96 1.63 4.60
N SER A 73 7.33 0.91 5.66
CA SER A 73 8.69 0.91 6.14
C SER A 73 9.47 -0.26 5.55
N GLY A 74 10.65 -0.52 6.10
CA GLY A 74 11.46 -1.61 5.60
C GLY A 74 11.92 -1.40 4.17
N LEU A 75 11.74 -0.19 3.64
CA LEU A 75 12.14 0.11 2.27
C LEU A 75 13.66 0.12 2.17
N THR A 76 14.19 0.77 1.15
CA THR A 76 15.63 0.86 0.95
C THR A 76 16.01 2.18 0.30
N GLU A 77 17.19 2.68 0.65
CA GLU A 77 17.66 3.95 0.10
C GLU A 77 18.27 3.74 -1.29
N ASP A 78 18.11 4.73 -2.16
CA ASP A 78 18.65 4.66 -3.50
C ASP A 78 17.94 3.60 -4.32
N ALA A 79 16.62 3.49 -4.14
CA ALA A 79 15.82 2.50 -4.87
C ALA A 79 14.36 2.89 -4.91
N ALA A 80 13.80 3.01 -6.11
CA ALA A 80 12.40 3.36 -6.27
C ALA A 80 11.53 2.21 -5.79
N TYR A 81 10.52 2.53 -4.98
CA TYR A 81 9.63 1.49 -4.46
C TYR A 81 8.16 1.75 -4.79
N GLU A 82 7.52 0.74 -5.37
CA GLU A 82 6.10 0.81 -5.72
C GLU A 82 5.31 0.11 -4.61
N PHE A 83 4.18 0.67 -4.19
CA PHE A 83 3.42 0.00 -3.11
C PHE A 83 1.94 -0.21 -3.43
N ARG A 84 1.55 -1.46 -3.67
CA ARG A 84 0.15 -1.79 -3.96
C ARG A 84 -0.61 -2.06 -2.68
N VAL A 85 -1.93 -1.97 -2.73
CA VAL A 85 -2.73 -2.21 -1.52
C VAL A 85 -3.74 -3.35 -1.72
N ILE A 86 -3.63 -4.36 -0.86
CA ILE A 86 -4.52 -5.50 -0.85
C ILE A 86 -5.27 -5.50 0.47
N ALA A 87 -6.44 -6.11 0.50
CA ALA A 87 -7.19 -6.14 1.76
C ALA A 87 -8.41 -7.03 1.68
N LYS A 88 -8.66 -7.78 2.73
CA LYS A 88 -9.81 -8.67 2.78
C LYS A 88 -11.05 -7.91 3.23
N ASN A 89 -12.18 -8.62 3.24
CA ASN A 89 -13.44 -8.02 3.63
C ASN A 89 -14.09 -8.82 4.77
N ALA A 90 -15.07 -8.20 5.44
CA ALA A 90 -15.78 -8.83 6.55
C ALA A 90 -16.24 -10.25 6.19
N ALA A 91 -16.42 -10.50 4.89
CA ALA A 91 -16.87 -11.81 4.44
C ALA A 91 -15.74 -12.84 4.44
N GLY A 92 -14.50 -12.36 4.60
CA GLY A 92 -13.37 -13.27 4.62
C GLY A 92 -12.66 -13.32 3.28
N ALA A 93 -13.33 -12.87 2.22
CA ALA A 93 -12.75 -12.87 0.89
C ALA A 93 -11.46 -12.07 0.87
N ILE A 94 -11.00 -11.68 -0.32
CA ILE A 94 -9.77 -10.92 -0.43
C ILE A 94 -9.84 -9.90 -1.56
N SER A 95 -9.98 -8.63 -1.21
CA SER A 95 -10.04 -7.58 -2.20
C SER A 95 -8.71 -7.53 -2.95
N PRO A 96 -8.72 -7.74 -4.28
CA PRO A 96 -7.51 -7.75 -5.10
C PRO A 96 -6.62 -6.54 -4.85
N PRO A 97 -5.33 -6.66 -5.22
CA PRO A 97 -4.35 -5.59 -5.03
C PRO A 97 -4.67 -4.34 -5.83
N SER A 98 -4.24 -3.20 -5.30
CA SER A 98 -4.45 -1.91 -5.94
C SER A 98 -3.15 -1.41 -6.54
N GLU A 99 -3.21 -0.95 -7.80
CA GLU A 99 -2.04 -0.45 -8.53
C GLU A 99 -1.01 0.20 -7.60
N PRO A 100 0.18 -0.43 -7.45
CA PRO A 100 1.23 0.08 -6.58
C PRO A 100 1.50 1.57 -6.70
N SER A 101 1.72 2.23 -5.56
CA SER A 101 2.01 3.66 -5.54
C SER A 101 3.17 3.93 -6.47
N ASP A 102 3.11 5.10 -7.12
CA ASP A 102 4.11 5.58 -8.10
C ASP A 102 5.42 4.82 -8.05
N ALA A 103 6.32 5.30 -7.23
CA ALA A 103 7.64 4.71 -7.05
C ALA A 103 8.58 5.77 -6.47
N ILE A 104 8.91 5.63 -5.20
CA ILE A 104 9.78 6.59 -4.55
C ILE A 104 11.22 6.11 -4.49
N THR A 105 12.09 6.79 -5.23
CA THR A 105 13.51 6.46 -5.28
C THR A 105 14.04 6.24 -3.87
N CYS A 106 13.48 6.99 -2.91
CA CYS A 106 13.89 6.88 -1.53
C CYS A 106 15.40 7.12 -1.41
N ARG A 107 15.78 8.38 -1.37
CA ARG A 107 17.19 8.76 -1.27
C ARG A 107 17.52 9.32 0.11
N ASP A 108 17.34 10.61 0.28
CA ASP A 108 17.62 11.27 1.55
C ASP A 108 16.41 12.04 2.06
N ASP A 109 15.26 11.87 1.41
CA ASP A 109 14.05 12.57 1.83
C ASP A 109 14.31 14.06 2.00
N VAL A 110 15.29 14.57 1.28
CA VAL A 110 15.64 15.99 1.35
C VAL A 110 16.05 16.54 -0.01
N GLU A 111 15.75 15.78 -1.08
CA GLU A 111 16.09 16.21 -2.43
C GLU A 111 14.92 15.95 -3.37
N ALA A 112 14.52 14.69 -3.45
CA ALA A 112 13.41 14.30 -4.30
C ALA A 112 13.78 14.45 -5.78
N SER A 9 -22.38 -11.94 -3.44
CA SER A 9 -21.90 -10.57 -3.15
C SER A 9 -20.45 -10.40 -3.59
N PRO A 10 -20.17 -9.44 -4.50
CA PRO A 10 -18.82 -9.19 -4.99
C PRO A 10 -17.99 -8.35 -4.03
N ILE A 11 -16.86 -7.85 -4.51
CA ILE A 11 -15.98 -7.03 -3.68
C ILE A 11 -15.06 -6.17 -4.55
N ASP A 12 -14.76 -4.97 -4.05
CA ASP A 12 -13.89 -4.04 -4.76
C ASP A 12 -12.78 -3.54 -3.83
N PRO A 13 -11.53 -3.56 -4.30
CA PRO A 13 -10.38 -3.11 -3.49
C PRO A 13 -10.35 -1.60 -3.31
N PRO A 14 -9.66 -1.11 -2.27
CA PRO A 14 -9.55 0.32 -1.96
C PRO A 14 -9.10 1.13 -3.17
N GLY A 15 -9.06 2.45 -3.00
CA GLY A 15 -8.65 3.33 -4.07
C GLY A 15 -7.17 3.25 -4.35
N LYS A 16 -6.75 3.84 -5.47
CA LYS A 16 -5.34 3.85 -5.85
C LYS A 16 -4.48 4.51 -4.77
N PRO A 17 -3.50 3.79 -4.22
CA PRO A 17 -2.62 4.33 -3.17
C PRO A 17 -1.80 5.54 -3.64
N VAL A 18 -1.53 6.46 -2.73
CA VAL A 18 -0.77 7.66 -3.07
C VAL A 18 0.01 8.21 -1.88
N PRO A 19 1.36 8.10 -1.91
CA PRO A 19 2.22 8.58 -0.82
C PRO A 19 2.08 10.06 -0.55
N LEU A 20 1.82 10.39 0.71
CA LEU A 20 1.69 11.78 1.12
C LEU A 20 3.03 12.27 1.65
N ASN A 21 3.84 11.34 2.12
CA ASN A 21 5.17 11.65 2.64
C ASN A 21 6.13 10.53 2.34
N ILE A 22 7.40 10.85 2.16
CA ILE A 22 8.41 9.85 1.86
C ILE A 22 9.77 10.27 2.37
N THR A 23 10.19 9.68 3.48
CA THR A 23 11.49 9.99 4.08
C THR A 23 12.50 8.88 3.83
N ARG A 24 12.77 8.64 2.55
CA ARG A 24 13.75 7.62 2.15
C ARG A 24 13.38 6.23 2.65
N HIS A 25 13.51 6.03 3.96
CA HIS A 25 13.20 4.74 4.56
C HIS A 25 11.73 4.62 4.94
N THR A 26 11.08 5.76 5.20
CA THR A 26 9.67 5.75 5.57
C THR A 26 8.81 6.38 4.48
N VAL A 27 8.12 5.54 3.71
CA VAL A 27 7.26 6.01 2.63
C VAL A 27 5.79 5.97 3.06
N THR A 28 5.28 7.11 3.53
CA THR A 28 3.89 7.21 3.96
C THR A 28 2.94 7.41 2.79
N LEU A 29 1.78 6.77 2.89
CA LEU A 29 0.77 6.85 1.84
C LEU A 29 -0.64 6.60 2.38
N LYS A 30 -1.63 6.97 1.57
CA LYS A 30 -3.03 6.77 1.92
C LYS A 30 -3.83 6.47 0.65
N TRP A 31 -5.11 6.19 0.80
CA TRP A 31 -5.95 5.88 -0.35
C TRP A 31 -7.43 6.11 -0.08
N ALA A 32 -8.25 5.81 -1.08
CA ALA A 32 -9.69 5.96 -0.97
C ALA A 32 -10.37 4.61 -0.77
N LYS A 33 -11.69 4.62 -0.63
CA LYS A 33 -12.44 3.38 -0.45
C LYS A 33 -12.91 2.85 -1.80
N PRO A 34 -13.19 1.54 -1.89
CA PRO A 34 -13.65 0.92 -3.14
C PRO A 34 -14.91 1.57 -3.69
N GLU A 35 -15.64 0.83 -4.50
CA GLU A 35 -16.87 1.34 -5.10
C GLU A 35 -18.09 0.55 -4.64
N TYR A 36 -17.88 -0.71 -4.26
CA TYR A 36 -18.99 -1.56 -3.81
C TYR A 36 -18.63 -2.32 -2.53
N THR A 37 -17.69 -3.25 -2.64
CA THR A 37 -17.28 -4.07 -1.50
C THR A 37 -18.43 -4.95 -1.02
N GLY A 38 -19.24 -5.41 -1.96
CA GLY A 38 -20.36 -6.25 -1.61
C GLY A 38 -21.19 -5.64 -0.49
N GLY A 39 -20.91 -6.06 0.74
CA GLY A 39 -21.61 -5.55 1.90
C GLY A 39 -20.70 -5.51 3.10
N PHE A 40 -19.41 -5.32 2.82
CA PHE A 40 -18.38 -5.28 3.85
C PHE A 40 -17.85 -3.86 4.05
N LYS A 41 -16.93 -3.73 5.00
CA LYS A 41 -16.33 -2.42 5.30
C LYS A 41 -14.79 -2.52 5.39
N ILE A 42 -14.23 -3.71 5.20
CA ILE A 42 -12.78 -3.91 5.28
C ILE A 42 -12.26 -3.54 6.67
N THR A 43 -11.50 -4.45 7.27
CA THR A 43 -10.94 -4.22 8.59
C THR A 43 -9.41 -4.17 8.57
N SER A 44 -8.85 -3.80 7.42
CA SER A 44 -7.39 -3.72 7.29
C SER A 44 -6.99 -3.48 5.84
N TYR A 45 -5.75 -3.07 5.64
CA TYR A 45 -5.23 -2.81 4.30
C TYR A 45 -3.77 -3.27 4.19
N ILE A 46 -3.57 -4.37 3.49
CA ILE A 46 -2.23 -4.94 3.30
C ILE A 46 -1.55 -4.32 2.09
N VAL A 47 -0.76 -3.29 2.31
CA VAL A 47 -0.04 -2.63 1.22
C VAL A 47 1.28 -3.32 0.93
N GLU A 48 1.38 -3.90 -0.26
CA GLU A 48 2.58 -4.62 -0.67
C GLU A 48 3.59 -3.66 -1.29
N LYS A 49 4.87 -4.06 -1.26
CA LYS A 49 5.93 -3.22 -1.81
C LYS A 49 6.71 -3.97 -2.90
N ARG A 50 7.12 -3.23 -3.93
CA ARG A 50 7.88 -3.82 -5.03
C ARG A 50 9.24 -3.16 -5.15
N ASP A 51 10.29 -3.94 -4.89
CA ASP A 51 11.66 -3.44 -4.96
C ASP A 51 12.12 -3.40 -6.42
N LEU A 52 12.12 -2.20 -6.99
CA LEU A 52 12.54 -2.02 -8.38
C LEU A 52 14.07 -1.98 -8.47
N PRO A 53 14.65 -2.31 -9.65
CA PRO A 53 13.89 -2.68 -10.85
C PRO A 53 13.54 -4.18 -10.91
N ASN A 54 13.40 -4.80 -9.75
CA ASN A 54 13.06 -6.23 -9.69
C ASN A 54 11.59 -6.41 -9.31
N GLY A 55 11.31 -6.43 -8.01
CA GLY A 55 9.95 -6.60 -7.55
C GLY A 55 9.73 -7.86 -6.75
N ARG A 56 8.56 -7.97 -6.14
CA ARG A 56 8.21 -9.13 -5.33
C ARG A 56 6.83 -8.95 -4.69
N TRP A 57 6.52 -7.71 -4.32
CA TRP A 57 5.24 -7.38 -3.70
C TRP A 57 5.07 -8.11 -2.37
N LEU A 58 5.65 -7.54 -1.32
CA LEU A 58 5.57 -8.11 0.01
C LEU A 58 4.97 -7.09 0.98
N LYS A 59 3.95 -7.51 1.71
CA LYS A 59 3.29 -6.64 2.67
C LYS A 59 4.29 -6.06 3.67
N ALA A 60 4.91 -4.94 3.29
CA ALA A 60 5.89 -4.29 4.14
C ALA A 60 5.35 -4.07 5.55
N ASN A 61 4.14 -3.55 5.64
CA ASN A 61 3.50 -3.29 6.93
C ASN A 61 3.67 -4.48 7.88
N PHE A 62 2.86 -5.53 7.69
CA PHE A 62 2.94 -6.74 8.53
C PHE A 62 2.13 -6.59 9.82
N SER A 63 2.23 -5.44 10.46
CA SER A 63 1.51 -5.22 11.71
C SER A 63 0.01 -5.16 11.48
N ASN A 64 -0.50 -3.97 11.15
CA ASN A 64 -1.93 -3.80 10.89
C ASN A 64 -2.21 -2.41 10.34
N ILE A 65 -3.12 -2.33 9.39
CA ILE A 65 -3.49 -1.06 8.78
C ILE A 65 -5.00 -0.88 8.75
N LEU A 66 -5.59 -0.73 9.93
CA LEU A 66 -7.04 -0.54 10.05
C LEU A 66 -7.53 0.50 9.06
N GLU A 67 -7.09 1.74 9.26
CA GLU A 67 -7.48 2.83 8.38
C GLU A 67 -6.74 2.73 7.05
N ASN A 68 -7.02 3.66 6.15
CA ASN A 68 -6.38 3.66 4.85
C ASN A 68 -5.13 4.55 4.84
N GLU A 69 -4.67 4.94 6.03
CA GLU A 69 -3.49 5.79 6.15
C GLU A 69 -2.40 5.04 6.92
N PHE A 70 -1.39 4.59 6.20
CA PHE A 70 -0.29 3.85 6.84
C PHE A 70 1.06 4.30 6.28
N THR A 71 2.13 3.92 6.98
CA THR A 71 3.47 4.27 6.57
C THR A 71 4.34 3.03 6.36
N VAL A 72 4.84 2.87 5.14
CA VAL A 72 5.69 1.74 4.81
C VAL A 72 7.12 1.98 5.21
N SER A 73 7.44 1.68 6.47
CA SER A 73 8.78 1.87 6.99
C SER A 73 9.65 0.64 6.72
N GLY A 74 10.82 0.60 7.33
CA GLY A 74 11.73 -0.52 7.13
C GLY A 74 12.05 -0.75 5.67
N LEU A 75 11.95 0.31 4.87
CA LEU A 75 12.24 0.23 3.45
C LEU A 75 13.74 0.22 3.19
N THR A 76 14.12 0.18 1.92
CA THR A 76 15.52 0.17 1.53
C THR A 76 15.89 1.47 0.81
N GLU A 77 17.02 2.05 1.19
CA GLU A 77 17.47 3.29 0.58
C GLU A 77 18.17 3.03 -0.75
N ASP A 78 18.11 4.01 -1.64
CA ASP A 78 18.73 3.90 -2.95
C ASP A 78 18.04 2.83 -3.80
N ALA A 79 16.76 3.05 -4.06
CA ALA A 79 15.98 2.10 -4.86
C ALA A 79 14.53 2.55 -4.99
N ALA A 80 14.01 2.56 -6.21
CA ALA A 80 12.63 2.95 -6.45
C ALA A 80 11.69 1.87 -5.94
N TYR A 81 10.71 2.27 -5.13
CA TYR A 81 9.76 1.33 -4.56
C TYR A 81 8.31 1.68 -4.88
N GLU A 82 7.60 0.72 -5.47
CA GLU A 82 6.18 0.90 -5.80
C GLU A 82 5.34 0.22 -4.73
N PHE A 83 4.23 0.83 -4.35
CA PHE A 83 3.39 0.21 -3.30
C PHE A 83 1.91 0.11 -3.64
N ARG A 84 1.39 -1.12 -3.65
CA ARG A 84 -0.02 -1.36 -3.94
C ARG A 84 -0.75 -1.73 -2.65
N VAL A 85 -2.08 -1.78 -2.69
CA VAL A 85 -2.84 -2.11 -1.48
C VAL A 85 -3.79 -3.29 -1.67
N ILE A 86 -3.41 -4.44 -1.11
CA ILE A 86 -4.21 -5.64 -1.14
C ILE A 86 -4.89 -5.75 0.22
N ALA A 87 -6.20 -5.97 0.24
CA ALA A 87 -6.89 -6.06 1.52
C ALA A 87 -8.19 -6.85 1.45
N LYS A 88 -8.50 -7.52 2.54
CA LYS A 88 -9.73 -8.30 2.63
C LYS A 88 -10.93 -7.39 2.86
N ASN A 89 -12.05 -7.98 3.20
CA ASN A 89 -13.27 -7.23 3.45
C ASN A 89 -13.88 -7.66 4.80
N ALA A 90 -15.10 -8.19 4.84
CA ALA A 90 -15.69 -8.62 6.10
C ALA A 90 -16.23 -10.05 6.02
N ALA A 91 -16.07 -10.68 4.86
CA ALA A 91 -16.54 -12.05 4.68
C ALA A 91 -15.38 -13.03 4.53
N GLY A 92 -14.16 -12.54 4.66
CA GLY A 92 -13.01 -13.40 4.54
C GLY A 92 -12.37 -13.34 3.16
N ALA A 93 -13.06 -12.72 2.20
CA ALA A 93 -12.53 -12.60 0.85
C ALA A 93 -11.30 -11.72 0.84
N ILE A 94 -10.68 -11.58 -0.33
CA ILE A 94 -9.48 -10.75 -0.45
C ILE A 94 -9.57 -9.78 -1.60
N SER A 95 -9.87 -8.53 -1.29
CA SER A 95 -9.96 -7.51 -2.33
C SER A 95 -8.62 -7.45 -3.06
N PRO A 96 -8.61 -7.73 -4.38
CA PRO A 96 -7.39 -7.73 -5.19
C PRO A 96 -6.47 -6.55 -4.89
N PRO A 97 -5.25 -6.57 -5.46
CA PRO A 97 -4.26 -5.52 -5.25
C PRO A 97 -4.64 -4.21 -5.94
N SER A 98 -4.57 -3.13 -5.19
CA SER A 98 -4.88 -1.82 -5.73
C SER A 98 -3.64 -1.20 -6.34
N GLU A 99 -3.63 -1.13 -7.69
CA GLU A 99 -2.51 -0.57 -8.49
C GLU A 99 -1.45 0.16 -7.65
N PRO A 100 -0.21 -0.35 -7.59
CA PRO A 100 0.87 0.25 -6.82
C PRO A 100 1.01 1.76 -7.00
N SER A 101 1.74 2.37 -6.06
CA SER A 101 2.00 3.81 -6.09
C SER A 101 3.37 4.06 -6.68
N ASP A 102 3.53 5.24 -7.30
CA ASP A 102 4.78 5.66 -7.93
C ASP A 102 6.01 5.11 -7.20
N ALA A 103 7.00 4.71 -7.98
CA ALA A 103 8.23 4.16 -7.42
C ALA A 103 9.14 5.28 -6.92
N ILE A 104 9.35 5.34 -5.60
CA ILE A 104 10.21 6.36 -5.03
C ILE A 104 11.61 5.81 -4.78
N THR A 105 12.60 6.37 -5.47
CA THR A 105 13.98 5.94 -5.33
C THR A 105 14.38 5.79 -3.87
N CYS A 106 13.73 6.54 -3.00
CA CYS A 106 14.02 6.46 -1.57
C CYS A 106 15.52 6.53 -1.31
N ARG A 107 16.08 7.74 -1.37
CA ARG A 107 17.51 7.94 -1.14
C ARG A 107 17.75 8.90 0.01
N ASP A 108 17.63 10.18 -0.29
CA ASP A 108 17.83 11.23 0.70
C ASP A 108 16.58 12.11 0.81
N ASP A 109 15.43 11.52 0.47
CA ASP A 109 14.16 12.23 0.52
C ASP A 109 14.26 13.58 -0.20
N VAL A 110 15.21 13.68 -1.12
CA VAL A 110 15.41 14.90 -1.89
C VAL A 110 15.33 14.63 -3.40
N GLU A 111 15.39 13.36 -3.79
CA GLU A 111 15.32 12.98 -5.20
C GLU A 111 16.21 13.88 -6.07
N ALA A 112 17.27 14.39 -5.46
CA ALA A 112 18.20 15.26 -6.18
C ALA A 112 17.57 16.62 -6.47
N SER A 9 -23.15 -10.58 -3.02
CA SER A 9 -22.09 -9.97 -2.17
C SER A 9 -20.86 -9.60 -3.01
N PRO A 10 -20.91 -8.46 -3.72
CA PRO A 10 -19.80 -8.01 -4.55
C PRO A 10 -18.76 -7.24 -3.75
N ILE A 11 -17.58 -7.84 -3.60
CA ILE A 11 -16.50 -7.21 -2.86
C ILE A 11 -15.74 -6.22 -3.73
N ASP A 12 -15.24 -5.15 -3.11
CA ASP A 12 -14.50 -4.12 -3.83
C ASP A 12 -13.25 -3.71 -3.05
N PRO A 13 -12.09 -3.62 -3.72
CA PRO A 13 -10.82 -3.23 -3.09
C PRO A 13 -10.70 -1.71 -2.94
N PRO A 14 -9.63 -1.24 -2.27
CA PRO A 14 -9.38 0.19 -2.06
C PRO A 14 -9.16 0.96 -3.35
N GLY A 15 -8.62 2.17 -3.22
CA GLY A 15 -8.34 3.02 -4.36
C GLY A 15 -6.88 3.03 -4.76
N LYS A 16 -6.45 4.14 -5.36
CA LYS A 16 -5.06 4.27 -5.79
C LYS A 16 -4.20 4.85 -4.67
N PRO A 17 -3.10 4.17 -4.30
CA PRO A 17 -2.20 4.63 -3.22
C PRO A 17 -1.24 5.71 -3.69
N VAL A 18 -0.98 6.69 -2.83
CA VAL A 18 -0.08 7.80 -3.16
C VAL A 18 0.68 8.28 -1.92
N PRO A 19 2.02 8.14 -1.93
CA PRO A 19 2.86 8.56 -0.81
C PRO A 19 2.78 10.07 -0.54
N LEU A 20 2.06 10.46 0.52
CA LEU A 20 1.93 11.86 0.87
C LEU A 20 3.30 12.40 1.29
N ASN A 21 4.06 11.55 1.94
CA ASN A 21 5.41 11.89 2.39
C ASN A 21 6.32 10.70 2.17
N ILE A 22 7.61 10.94 2.00
CA ILE A 22 8.55 9.85 1.77
C ILE A 22 9.90 10.11 2.42
N THR A 23 10.19 9.37 3.49
CA THR A 23 11.45 9.52 4.22
C THR A 23 12.42 8.41 3.83
N ARG A 24 12.76 8.35 2.55
CA ARG A 24 13.70 7.36 2.02
C ARG A 24 13.37 5.94 2.48
N HIS A 25 13.69 5.63 3.73
CA HIS A 25 13.45 4.31 4.29
C HIS A 25 12.00 4.15 4.76
N THR A 26 11.42 5.23 5.27
CA THR A 26 10.04 5.19 5.75
C THR A 26 9.17 6.16 4.97
N VAL A 27 8.33 5.62 4.10
CA VAL A 27 7.45 6.46 3.30
C VAL A 27 6.00 6.40 3.82
N THR A 28 5.24 7.44 3.53
CA THR A 28 3.84 7.53 3.98
C THR A 28 2.90 7.73 2.80
N LEU A 29 1.92 6.83 2.65
CA LEU A 29 0.94 6.94 1.56
C LEU A 29 -0.48 6.80 2.07
N LYS A 30 -1.41 7.29 1.27
CA LYS A 30 -2.85 7.25 1.58
C LYS A 30 -3.64 6.94 0.31
N TRP A 31 -4.85 6.42 0.46
CA TRP A 31 -5.67 6.10 -0.70
C TRP A 31 -7.17 6.23 -0.41
N ALA A 32 -7.98 5.88 -1.39
CA ALA A 32 -9.43 5.95 -1.28
C ALA A 32 -9.99 4.61 -0.84
N LYS A 33 -10.70 4.60 0.28
CA LYS A 33 -11.29 3.36 0.79
C LYS A 33 -12.37 2.85 -0.18
N PRO A 34 -12.57 1.52 -0.23
CA PRO A 34 -13.57 0.89 -1.10
C PRO A 34 -14.90 1.63 -1.09
N GLU A 35 -15.81 1.20 -1.96
CA GLU A 35 -17.12 1.83 -2.06
C GLU A 35 -18.26 0.87 -1.65
N TYR A 36 -18.03 -0.43 -1.81
CA TYR A 36 -19.06 -1.41 -1.46
C TYR A 36 -18.55 -2.44 -0.45
N THR A 37 -17.67 -3.33 -0.90
CA THR A 37 -17.12 -4.36 -0.04
C THR A 37 -18.25 -5.20 0.57
N GLY A 38 -19.10 -5.76 -0.29
CA GLY A 38 -20.22 -6.57 0.16
C GLY A 38 -20.90 -5.99 1.40
N GLY A 39 -20.45 -6.46 2.56
CA GLY A 39 -20.99 -6.00 3.82
C GLY A 39 -19.92 -6.11 4.88
N PHE A 40 -18.69 -5.88 4.44
CA PHE A 40 -17.52 -5.97 5.29
C PHE A 40 -16.86 -4.60 5.49
N LYS A 41 -16.36 -4.38 6.70
CA LYS A 41 -15.69 -3.11 7.03
C LYS A 41 -14.17 -3.20 6.79
N ILE A 42 -13.68 -4.40 6.50
CA ILE A 42 -12.27 -4.61 6.26
C ILE A 42 -11.45 -4.49 7.55
N THR A 43 -11.24 -3.27 8.00
CA THR A 43 -10.48 -3.02 9.22
C THR A 43 -8.98 -3.25 9.02
N SER A 44 -8.53 -3.27 7.77
CA SER A 44 -7.11 -3.49 7.48
C SER A 44 -6.82 -3.47 5.99
N TYR A 45 -5.63 -2.96 5.63
CA TYR A 45 -5.21 -2.88 4.24
C TYR A 45 -3.78 -3.40 4.07
N ILE A 46 -3.65 -4.61 3.54
CA ILE A 46 -2.34 -5.19 3.33
C ILE A 46 -1.69 -4.61 2.08
N VAL A 47 -0.88 -3.57 2.26
CA VAL A 47 -0.21 -2.93 1.13
C VAL A 47 1.16 -3.56 0.86
N GLU A 48 1.23 -4.33 -0.22
CA GLU A 48 2.46 -5.00 -0.62
C GLU A 48 3.48 -3.99 -1.16
N LYS A 49 4.73 -4.45 -1.30
CA LYS A 49 5.79 -3.60 -1.81
C LYS A 49 6.56 -4.26 -2.95
N ARG A 50 7.11 -3.43 -3.83
CA ARG A 50 7.89 -3.93 -4.96
C ARG A 50 9.12 -3.07 -5.16
N ASP A 51 10.28 -3.60 -4.77
CA ASP A 51 11.54 -2.89 -4.89
C ASP A 51 11.98 -2.79 -6.34
N LEU A 52 11.85 -1.60 -6.91
CA LEU A 52 12.24 -1.39 -8.31
C LEU A 52 13.75 -1.27 -8.43
N PRO A 53 14.32 -1.66 -9.59
CA PRO A 53 13.58 -2.17 -10.73
C PRO A 53 13.47 -3.70 -10.73
N ASN A 54 13.63 -4.29 -9.55
CA ASN A 54 13.55 -5.75 -9.42
C ASN A 54 13.00 -6.16 -8.06
N GLY A 55 11.69 -5.99 -7.89
CA GLY A 55 11.07 -6.36 -6.63
C GLY A 55 9.81 -7.20 -6.82
N ARG A 56 9.20 -7.62 -5.72
CA ARG A 56 8.00 -8.45 -5.78
C ARG A 56 6.81 -7.70 -5.16
N TRP A 57 5.88 -8.44 -4.55
CA TRP A 57 4.72 -7.84 -3.95
C TRP A 57 4.44 -8.49 -2.59
N LEU A 58 5.25 -8.15 -1.60
CA LEU A 58 5.10 -8.68 -0.25
C LEU A 58 4.64 -7.59 0.71
N LYS A 59 3.69 -7.93 1.57
CA LYS A 59 3.16 -6.99 2.55
C LYS A 59 4.27 -6.33 3.36
N ALA A 60 4.74 -5.17 2.89
CA ALA A 60 5.80 -4.45 3.60
C ALA A 60 5.38 -4.20 5.04
N ASN A 61 4.16 -3.70 5.19
CA ASN A 61 3.60 -3.42 6.51
C ASN A 61 3.88 -4.57 7.48
N PHE A 62 3.14 -5.67 7.33
CA PHE A 62 3.32 -6.83 8.19
C PHE A 62 3.11 -6.45 9.65
N SER A 63 2.08 -5.65 9.92
CA SER A 63 1.77 -5.22 11.27
C SER A 63 0.29 -4.92 11.43
N ASN A 64 -0.17 -3.83 10.83
CA ASN A 64 -1.57 -3.44 10.91
C ASN A 64 -1.82 -2.14 10.14
N ILE A 65 -2.98 -2.05 9.50
CA ILE A 65 -3.34 -0.86 8.74
C ILE A 65 -4.85 -0.65 8.76
N LEU A 66 -5.40 -0.39 9.94
CA LEU A 66 -6.83 -0.16 10.12
C LEU A 66 -7.37 0.80 9.06
N GLU A 67 -6.99 2.06 9.17
CA GLU A 67 -7.45 3.08 8.21
C GLU A 67 -6.66 2.98 6.91
N ASN A 68 -7.00 3.84 5.96
CA ASN A 68 -6.32 3.85 4.66
C ASN A 68 -5.06 4.71 4.69
N GLU A 69 -4.64 5.13 5.88
CA GLU A 69 -3.44 5.93 6.02
C GLU A 69 -2.33 5.10 6.65
N PHE A 70 -1.37 4.69 5.83
CA PHE A 70 -0.27 3.87 6.31
C PHE A 70 1.08 4.40 5.86
N THR A 71 2.12 3.92 6.52
CA THR A 71 3.48 4.30 6.23
C THR A 71 4.33 3.06 6.00
N VAL A 72 4.84 2.89 4.79
CA VAL A 72 5.65 1.73 4.45
C VAL A 72 7.06 1.84 5.02
N SER A 73 7.36 1.01 6.00
CA SER A 73 8.67 0.99 6.63
C SER A 73 9.48 -0.21 6.18
N GLY A 74 10.77 0.01 5.95
CA GLY A 74 11.64 -1.07 5.51
C GLY A 74 12.38 -0.74 4.23
N LEU A 75 11.89 0.28 3.51
CA LEU A 75 12.51 0.70 2.26
C LEU A 75 14.01 0.92 2.43
N THR A 76 14.65 1.35 1.36
CA THR A 76 16.09 1.59 1.38
C THR A 76 16.43 2.83 0.54
N GLU A 77 17.55 3.46 0.86
CA GLU A 77 17.97 4.65 0.13
C GLU A 77 18.51 4.28 -1.25
N ASP A 78 18.23 5.15 -2.24
CA ASP A 78 18.67 4.92 -3.61
C ASP A 78 17.95 3.72 -4.24
N ALA A 79 16.62 3.75 -4.22
CA ALA A 79 15.84 2.66 -4.79
C ALA A 79 14.36 3.01 -4.86
N ALA A 80 13.79 2.92 -6.06
CA ALA A 80 12.38 3.22 -6.26
C ALA A 80 11.52 2.15 -5.60
N TYR A 81 10.45 2.56 -4.93
CA TYR A 81 9.59 1.61 -4.25
C TYR A 81 8.10 1.82 -4.54
N GLU A 82 7.46 0.82 -5.13
CA GLU A 82 6.03 0.89 -5.44
C GLU A 82 5.26 0.10 -4.37
N PHE A 83 4.10 0.62 -3.95
CA PHE A 83 3.33 -0.09 -2.89
C PHE A 83 1.90 -0.44 -3.30
N ARG A 84 1.67 -1.73 -3.55
CA ARG A 84 0.34 -2.26 -3.93
C ARG A 84 -0.56 -2.34 -2.70
N VAL A 85 -1.88 -2.23 -2.89
CA VAL A 85 -2.80 -2.32 -1.75
C VAL A 85 -3.89 -3.38 -1.96
N ILE A 86 -3.88 -4.37 -1.06
CA ILE A 86 -4.85 -5.46 -1.10
C ILE A 86 -5.56 -5.54 0.25
N ALA A 87 -6.68 -6.25 0.33
CA ALA A 87 -7.40 -6.36 1.60
C ALA A 87 -8.40 -7.50 1.59
N LYS A 88 -8.33 -8.38 2.59
CA LYS A 88 -9.26 -9.52 2.66
C LYS A 88 -10.56 -9.18 3.39
N ASN A 89 -10.88 -7.91 3.40
CA ASN A 89 -12.09 -7.42 4.02
C ASN A 89 -12.33 -8.04 5.40
N ALA A 90 -13.50 -7.75 5.97
CA ALA A 90 -13.88 -8.25 7.28
C ALA A 90 -14.02 -9.77 7.30
N ALA A 91 -14.52 -10.34 6.21
CA ALA A 91 -14.72 -11.79 6.15
C ALA A 91 -13.65 -12.50 5.32
N GLY A 92 -12.42 -11.99 5.35
CA GLY A 92 -11.35 -12.62 4.60
C GLY A 92 -11.55 -12.55 3.09
N ALA A 93 -12.55 -11.78 2.65
CA ALA A 93 -12.81 -11.65 1.22
C ALA A 93 -11.63 -10.93 0.57
N ILE A 94 -10.79 -11.68 -0.12
CA ILE A 94 -9.62 -11.10 -0.76
C ILE A 94 -9.97 -10.05 -1.79
N SER A 95 -9.66 -8.82 -1.45
CA SER A 95 -9.90 -7.68 -2.32
C SER A 95 -8.70 -7.51 -3.25
N PRO A 96 -8.89 -7.77 -4.56
CA PRO A 96 -7.83 -7.68 -5.56
C PRO A 96 -6.86 -6.54 -5.31
N PRO A 97 -5.66 -6.62 -5.92
CA PRO A 97 -4.62 -5.60 -5.76
C PRO A 97 -5.04 -4.24 -6.28
N SER A 98 -4.49 -3.19 -5.67
CA SER A 98 -4.79 -1.83 -6.07
C SER A 98 -3.52 -1.12 -6.49
N GLU A 99 -3.40 -0.87 -7.81
CA GLU A 99 -2.24 -0.20 -8.43
C GLU A 99 -1.22 0.33 -7.41
N PRO A 100 -0.03 -0.28 -7.34
CA PRO A 100 1.01 0.12 -6.40
C PRO A 100 1.31 1.62 -6.43
N SER A 101 1.44 2.23 -5.23
CA SER A 101 1.75 3.65 -5.15
C SER A 101 3.00 3.92 -5.96
N ASP A 102 3.11 5.14 -6.48
CA ASP A 102 4.27 5.52 -7.29
C ASP A 102 5.56 4.98 -6.67
N ALA A 103 6.55 4.79 -7.52
CA ALA A 103 7.82 4.28 -7.06
C ALA A 103 8.69 5.41 -6.54
N ILE A 104 8.96 5.38 -5.24
CA ILE A 104 9.76 6.42 -4.61
C ILE A 104 11.23 6.01 -4.57
N THR A 105 12.06 6.72 -5.32
CA THR A 105 13.49 6.44 -5.38
C THR A 105 14.07 6.36 -3.97
N CYS A 106 13.45 7.05 -3.02
CA CYS A 106 13.90 7.04 -1.65
C CYS A 106 15.39 7.41 -1.57
N ARG A 107 15.68 8.70 -1.55
CA ARG A 107 17.05 9.18 -1.49
C ARG A 107 17.26 10.17 -0.34
N ASP A 108 17.21 11.47 -0.64
CA ASP A 108 17.40 12.50 0.37
C ASP A 108 16.05 12.97 0.96
N ASP A 109 14.95 12.37 0.48
CA ASP A 109 13.62 12.72 0.95
C ASP A 109 13.36 14.22 0.88
N VAL A 110 14.11 14.92 0.03
CA VAL A 110 13.95 16.35 -0.14
C VAL A 110 13.57 16.69 -1.57
N GLU A 111 13.72 15.72 -2.48
CA GLU A 111 13.38 15.94 -3.87
C GLU A 111 13.22 14.61 -4.62
N ALA A 112 12.82 13.58 -3.89
CA ALA A 112 12.62 12.26 -4.46
C ALA A 112 11.52 12.29 -5.52
N SER A 9 -21.24 -9.27 -2.71
CA SER A 9 -20.82 -10.16 -3.82
C SER A 9 -19.72 -9.50 -4.66
N PRO A 10 -19.95 -8.24 -5.10
CA PRO A 10 -18.99 -7.50 -5.90
C PRO A 10 -18.02 -6.69 -5.05
N ILE A 11 -17.18 -7.38 -4.29
CA ILE A 11 -16.19 -6.72 -3.44
C ILE A 11 -15.38 -5.70 -4.23
N ASP A 12 -14.94 -4.64 -3.55
CA ASP A 12 -14.15 -3.60 -4.19
C ASP A 12 -12.95 -3.22 -3.32
N PRO A 13 -11.73 -3.23 -3.90
CA PRO A 13 -10.52 -2.89 -3.16
C PRO A 13 -10.37 -1.38 -2.98
N PRO A 14 -9.64 -0.95 -1.94
CA PRO A 14 -9.41 0.46 -1.65
C PRO A 14 -9.03 1.26 -2.89
N GLY A 15 -8.88 2.57 -2.72
CA GLY A 15 -8.52 3.44 -3.83
C GLY A 15 -7.01 3.45 -4.08
N LYS A 16 -6.62 4.06 -5.20
CA LYS A 16 -5.20 4.15 -5.55
C LYS A 16 -4.41 4.81 -4.42
N PRO A 17 -3.31 4.19 -3.96
CA PRO A 17 -2.49 4.75 -2.87
C PRO A 17 -1.53 5.83 -3.37
N VAL A 18 -1.50 6.95 -2.65
CA VAL A 18 -0.63 8.07 -3.01
C VAL A 18 0.26 8.48 -1.82
N PRO A 19 1.58 8.36 -1.96
CA PRO A 19 2.52 8.72 -0.90
C PRO A 19 2.47 10.20 -0.53
N LEU A 20 1.65 10.55 0.47
CA LEU A 20 1.56 11.94 0.90
C LEU A 20 2.95 12.48 1.20
N ASN A 21 3.73 11.62 1.85
CA ASN A 21 5.11 11.95 2.20
C ASN A 21 5.99 10.77 1.82
N ILE A 22 7.25 11.03 1.51
CA ILE A 22 8.14 9.95 1.11
C ILE A 22 9.56 10.15 1.64
N THR A 23 9.87 9.43 2.72
CA THR A 23 11.20 9.51 3.33
C THR A 23 12.07 8.35 2.85
N ARG A 24 13.35 8.61 2.67
CA ARG A 24 14.29 7.59 2.20
C ARG A 24 14.14 6.28 2.96
N HIS A 25 13.63 6.33 4.18
CA HIS A 25 13.47 5.12 4.98
C HIS A 25 12.06 5.01 5.56
N THR A 26 11.09 5.56 4.85
CA THR A 26 9.69 5.52 5.29
C THR A 26 8.82 6.37 4.38
N VAL A 27 7.95 5.73 3.63
CA VAL A 27 7.06 6.47 2.74
C VAL A 27 5.61 6.38 3.24
N THR A 28 4.94 7.52 3.28
CA THR A 28 3.56 7.59 3.76
C THR A 28 2.55 7.69 2.62
N LEU A 29 1.76 6.63 2.41
CA LEU A 29 0.75 6.66 1.35
C LEU A 29 -0.65 6.46 1.93
N LYS A 30 -1.60 7.16 1.33
CA LYS A 30 -3.00 7.11 1.74
C LYS A 30 -3.90 6.91 0.53
N TRP A 31 -4.98 6.15 0.70
CA TRP A 31 -5.90 5.89 -0.40
C TRP A 31 -7.35 6.18 -0.03
N ALA A 32 -8.25 5.90 -0.96
CA ALA A 32 -9.68 6.12 -0.76
C ALA A 32 -10.36 4.86 -0.26
N LYS A 33 -11.54 5.02 0.32
CA LYS A 33 -12.31 3.89 0.84
C LYS A 33 -13.14 3.27 -0.28
N PRO A 34 -13.22 1.93 -0.31
CA PRO A 34 -13.99 1.22 -1.33
C PRO A 34 -15.36 1.84 -1.57
N GLU A 35 -16.06 1.36 -2.59
CA GLU A 35 -17.37 1.88 -2.94
C GLU A 35 -18.48 0.91 -2.56
N TYR A 36 -18.17 -0.38 -2.57
CA TYR A 36 -19.16 -1.40 -2.23
C TYR A 36 -18.64 -2.39 -1.19
N THR A 37 -17.67 -3.21 -1.59
CA THR A 37 -17.10 -4.22 -0.69
C THR A 37 -18.19 -5.06 -0.06
N GLY A 38 -19.11 -5.55 -0.91
CA GLY A 38 -20.21 -6.37 -0.44
C GLY A 38 -20.83 -5.84 0.85
N GLY A 39 -20.37 -6.35 1.97
CA GLY A 39 -20.87 -5.92 3.26
C GLY A 39 -19.80 -6.04 4.32
N PHE A 40 -18.57 -5.78 3.93
CA PHE A 40 -17.43 -5.87 4.82
C PHE A 40 -16.76 -4.51 5.00
N LYS A 41 -15.61 -4.51 5.67
CA LYS A 41 -14.87 -3.27 5.91
C LYS A 41 -13.36 -3.52 5.93
N ILE A 42 -12.92 -4.56 5.23
CA ILE A 42 -11.50 -4.90 5.17
C ILE A 42 -10.99 -5.33 6.55
N THR A 43 -10.88 -4.36 7.46
CA THR A 43 -10.41 -4.61 8.83
C THR A 43 -8.88 -4.68 8.92
N SER A 44 -8.20 -4.75 7.77
CA SER A 44 -6.75 -4.82 7.75
C SER A 44 -6.20 -4.65 6.33
N TYR A 45 -5.69 -3.45 6.03
CA TYR A 45 -5.14 -3.17 4.71
C TYR A 45 -3.72 -3.74 4.60
N ILE A 46 -3.34 -4.16 3.41
CA ILE A 46 -2.02 -4.73 3.19
C ILE A 46 -1.32 -4.07 2.01
N VAL A 47 -0.28 -3.29 2.29
CA VAL A 47 0.46 -2.61 1.22
C VAL A 47 1.63 -3.46 0.72
N GLU A 48 1.42 -4.14 -0.40
CA GLU A 48 2.45 -4.97 -0.99
C GLU A 48 3.50 -4.10 -1.68
N LYS A 49 4.77 -4.32 -1.34
CA LYS A 49 5.85 -3.53 -1.92
C LYS A 49 6.70 -4.35 -2.89
N ARG A 50 6.93 -3.78 -4.07
CA ARG A 50 7.75 -4.42 -5.07
C ARG A 50 9.09 -3.69 -5.12
N ASP A 51 10.14 -4.38 -4.67
CA ASP A 51 11.49 -3.83 -4.62
C ASP A 51 12.11 -3.76 -6.01
N LEU A 52 11.75 -2.73 -6.74
CA LEU A 52 12.27 -2.52 -8.09
C LEU A 52 13.79 -2.57 -8.11
N PRO A 53 14.41 -2.90 -9.26
CA PRO A 53 13.70 -3.21 -10.50
C PRO A 53 13.15 -4.63 -10.53
N ASN A 54 13.33 -5.37 -9.44
CA ASN A 54 12.84 -6.75 -9.37
C ASN A 54 11.59 -6.83 -8.49
N GLY A 55 11.78 -6.75 -7.18
CA GLY A 55 10.66 -6.81 -6.26
C GLY A 55 9.73 -7.98 -6.53
N ARG A 56 8.69 -8.09 -5.72
CA ARG A 56 7.72 -9.17 -5.87
C ARG A 56 6.49 -8.93 -4.99
N TRP A 57 6.15 -7.65 -4.82
CA TRP A 57 5.00 -7.25 -4.02
C TRP A 57 4.86 -8.07 -2.75
N LEU A 58 5.35 -7.54 -1.63
CA LEU A 58 5.27 -8.23 -0.36
C LEU A 58 4.79 -7.29 0.74
N LYS A 59 3.77 -7.72 1.48
CA LYS A 59 3.21 -6.92 2.56
C LYS A 59 4.28 -6.54 3.59
N ALA A 60 5.02 -5.47 3.30
CA ALA A 60 6.07 -5.01 4.21
C ALA A 60 5.45 -4.47 5.48
N ASN A 61 4.33 -3.78 5.32
CA ASN A 61 3.60 -3.20 6.46
C ASN A 61 3.65 -4.10 7.69
N PHE A 62 3.43 -5.40 7.48
CA PHE A 62 3.46 -6.39 8.56
C PHE A 62 2.76 -5.87 9.81
N SER A 63 1.60 -5.24 9.64
CA SER A 63 0.85 -4.71 10.78
C SER A 63 -0.64 -4.64 10.48
N ASN A 64 -1.40 -4.09 11.43
CA ASN A 64 -2.85 -3.96 11.28
C ASN A 64 -3.21 -2.57 10.75
N ILE A 65 -3.27 -2.45 9.42
CA ILE A 65 -3.60 -1.18 8.80
C ILE A 65 -5.11 -1.00 8.68
N LEU A 66 -5.75 -0.69 9.80
CA LEU A 66 -7.20 -0.49 9.83
C LEU A 66 -7.63 0.60 8.87
N GLU A 67 -7.16 1.82 9.11
CA GLU A 67 -7.49 2.95 8.26
C GLU A 67 -6.72 2.87 6.95
N ASN A 68 -7.17 3.62 5.95
CA ASN A 68 -6.52 3.63 4.65
C ASN A 68 -5.28 4.52 4.65
N GLU A 69 -4.94 5.11 5.80
CA GLU A 69 -3.78 5.97 5.90
C GLU A 69 -2.64 5.22 6.58
N PHE A 70 -1.70 4.74 5.77
CA PHE A 70 -0.58 3.98 6.30
C PHE A 70 0.74 4.43 5.69
N THR A 71 1.83 4.04 6.34
CA THR A 71 3.16 4.39 5.87
C THR A 71 3.99 3.12 5.67
N VAL A 72 4.50 2.94 4.46
CA VAL A 72 5.31 1.78 4.15
C VAL A 72 6.73 1.97 4.66
N SER A 73 6.98 1.46 5.85
CA SER A 73 8.29 1.58 6.47
C SER A 73 9.19 0.43 6.03
N GLY A 74 10.35 0.31 6.67
CA GLY A 74 11.28 -0.74 6.32
C GLY A 74 11.86 -0.58 4.92
N LEU A 75 11.60 0.58 4.31
CA LEU A 75 12.11 0.85 2.97
C LEU A 75 13.63 0.81 2.95
N THR A 76 14.22 1.04 1.79
CA THR A 76 15.67 1.04 1.65
C THR A 76 16.14 2.21 0.79
N GLU A 77 17.09 2.96 1.31
CA GLU A 77 17.64 4.12 0.60
C GLU A 77 18.24 3.71 -0.74
N ASP A 78 18.29 4.65 -1.67
CA ASP A 78 18.85 4.40 -3.00
C ASP A 78 18.17 3.20 -3.64
N ALA A 79 16.85 3.15 -3.57
CA ALA A 79 16.09 2.05 -4.15
C ALA A 79 14.64 2.44 -4.39
N ALA A 80 14.22 2.41 -5.65
CA ALA A 80 12.85 2.74 -6.01
C ALA A 80 11.90 1.66 -5.51
N TYR A 81 10.81 2.08 -4.89
CA TYR A 81 9.84 1.12 -4.34
C TYR A 81 8.41 1.45 -4.77
N GLU A 82 7.74 0.46 -5.34
CA GLU A 82 6.35 0.64 -5.74
C GLU A 82 5.47 -0.05 -4.72
N PHE A 83 4.30 0.50 -4.39
CA PHE A 83 3.46 -0.15 -3.38
C PHE A 83 1.97 -0.22 -3.71
N ARG A 84 1.46 -1.44 -3.87
CA ARG A 84 0.04 -1.66 -4.13
C ARG A 84 -0.59 -2.05 -2.81
N VAL A 85 -1.92 -2.09 -2.72
CA VAL A 85 -2.53 -2.47 -1.45
C VAL A 85 -3.67 -3.48 -1.60
N ILE A 86 -3.40 -4.68 -1.08
CA ILE A 86 -4.35 -5.76 -1.08
C ILE A 86 -4.91 -5.86 0.33
N ALA A 87 -6.18 -6.21 0.46
CA ALA A 87 -6.76 -6.30 1.79
C ALA A 87 -8.01 -7.16 1.81
N LYS A 88 -7.98 -8.23 2.60
CA LYS A 88 -9.12 -9.11 2.67
C LYS A 88 -10.34 -8.33 3.16
N ASN A 89 -11.35 -9.05 3.64
CA ASN A 89 -12.56 -8.40 4.13
C ASN A 89 -13.21 -9.23 5.23
N ALA A 90 -14.13 -8.61 5.94
CA ALA A 90 -14.85 -9.26 7.02
C ALA A 90 -15.26 -10.71 6.69
N ALA A 91 -15.48 -10.98 5.41
CA ALA A 91 -15.88 -12.33 5.00
C ALA A 91 -14.78 -13.04 4.22
N GLY A 92 -13.54 -12.66 4.47
CA GLY A 92 -12.42 -13.29 3.79
C GLY A 92 -12.31 -12.89 2.33
N ALA A 93 -13.20 -12.01 1.87
CA ALA A 93 -13.18 -11.57 0.48
C ALA A 93 -11.89 -10.80 0.20
N ILE A 94 -10.95 -11.46 -0.47
CA ILE A 94 -9.67 -10.83 -0.76
C ILE A 94 -9.79 -9.70 -1.77
N SER A 95 -9.50 -8.49 -1.30
CA SER A 95 -9.55 -7.31 -2.15
C SER A 95 -8.29 -7.24 -3.01
N PRO A 96 -8.42 -7.35 -4.34
CA PRO A 96 -7.27 -7.31 -5.24
C PRO A 96 -6.37 -6.11 -4.95
N PRO A 97 -5.08 -6.19 -5.33
CA PRO A 97 -4.12 -5.12 -5.10
C PRO A 97 -4.52 -3.81 -5.74
N SER A 98 -4.54 -2.74 -4.94
CA SER A 98 -4.87 -1.43 -5.44
C SER A 98 -3.66 -0.83 -6.15
N GLU A 99 -3.90 -0.29 -7.35
CA GLU A 99 -2.86 0.31 -8.20
C GLU A 99 -1.61 0.77 -7.41
N PRO A 100 -0.49 0.05 -7.54
CA PRO A 100 0.75 0.39 -6.84
C PRO A 100 1.10 1.87 -6.90
N SER A 101 1.64 2.39 -5.80
CA SER A 101 2.03 3.79 -5.75
C SER A 101 3.37 3.97 -6.44
N ASP A 102 3.55 5.17 -7.00
CA ASP A 102 4.78 5.52 -7.71
C ASP A 102 6.00 4.93 -7.05
N ALA A 103 7.03 4.66 -7.84
CA ALA A 103 8.25 4.08 -7.31
C ALA A 103 9.11 5.17 -6.68
N ILE A 104 9.28 5.10 -5.37
CA ILE A 104 10.08 6.09 -4.66
C ILE A 104 11.51 5.60 -4.43
N THR A 105 12.46 6.26 -5.09
CA THR A 105 13.87 5.91 -4.98
C THR A 105 14.32 5.89 -3.52
N CYS A 106 13.78 6.81 -2.73
CA CYS A 106 14.13 6.89 -1.32
C CYS A 106 15.62 7.17 -1.16
N ARG A 107 15.96 8.44 -1.05
CA ARG A 107 17.37 8.84 -0.90
C ARG A 107 17.53 9.97 0.10
N ASP A 108 17.34 11.20 -0.36
CA ASP A 108 17.47 12.37 0.50
C ASP A 108 16.12 13.01 0.81
N ASP A 109 15.08 12.56 0.13
CA ASP A 109 13.74 13.10 0.35
C ASP A 109 13.73 14.61 0.20
N VAL A 110 14.64 15.13 -0.61
CA VAL A 110 14.74 16.57 -0.83
C VAL A 110 14.91 16.90 -2.32
N GLU A 111 14.84 15.89 -3.17
CA GLU A 111 14.99 16.09 -4.60
C GLU A 111 14.34 14.97 -5.41
N ALA A 112 14.51 13.73 -4.95
CA ALA A 112 13.93 12.59 -5.64
C ALA A 112 14.65 12.31 -6.96
N SER A 9 -21.16 -12.36 -4.31
CA SER A 9 -20.86 -10.95 -3.94
C SER A 9 -19.52 -10.49 -4.49
N PRO A 10 -19.49 -9.37 -5.21
CA PRO A 10 -18.26 -8.83 -5.79
C PRO A 10 -17.52 -7.93 -4.80
N ILE A 11 -16.20 -7.88 -4.92
CA ILE A 11 -15.39 -7.05 -4.04
C ILE A 11 -14.64 -5.97 -4.81
N ASP A 12 -14.39 -4.86 -4.14
CA ASP A 12 -13.67 -3.74 -4.76
C ASP A 12 -12.52 -3.27 -3.85
N PRO A 13 -11.32 -3.09 -4.42
CA PRO A 13 -10.15 -2.66 -3.65
C PRO A 13 -10.15 -1.14 -3.39
N PRO A 14 -9.22 -0.68 -2.53
CA PRO A 14 -9.11 0.75 -2.18
C PRO A 14 -8.95 1.65 -3.40
N GLY A 15 -9.00 2.96 -3.17
CA GLY A 15 -8.87 3.91 -4.26
C GLY A 15 -7.44 4.41 -4.44
N LYS A 16 -6.85 4.05 -5.59
CA LYS A 16 -5.47 4.43 -5.98
C LYS A 16 -4.66 5.06 -4.84
N PRO A 17 -3.65 4.35 -4.30
CA PRO A 17 -2.82 4.84 -3.19
C PRO A 17 -1.91 6.00 -3.61
N VAL A 18 -1.79 7.01 -2.73
CA VAL A 18 -0.97 8.19 -3.01
C VAL A 18 -0.12 8.58 -1.78
N PRO A 19 1.21 8.43 -1.86
CA PRO A 19 2.11 8.76 -0.76
C PRO A 19 2.13 10.25 -0.41
N LEU A 20 1.62 10.59 0.77
CA LEU A 20 1.62 11.97 1.23
C LEU A 20 3.04 12.40 1.55
N ASN A 21 3.79 11.44 2.09
CA ASN A 21 5.18 11.66 2.44
C ASN A 21 6.00 10.46 1.99
N ILE A 22 7.15 10.72 1.39
CA ILE A 22 7.98 9.64 0.90
C ILE A 22 9.45 9.81 1.28
N THR A 23 9.74 9.66 2.56
CA THR A 23 11.10 9.78 3.06
C THR A 23 11.97 8.66 2.51
N ARG A 24 13.28 8.88 2.47
CA ARG A 24 14.20 7.87 1.96
C ARG A 24 14.27 6.65 2.88
N HIS A 25 13.65 6.75 4.06
CA HIS A 25 13.64 5.64 5.02
C HIS A 25 12.23 5.32 5.49
N THR A 26 11.22 5.78 4.74
CA THR A 26 9.83 5.54 5.10
C THR A 26 8.89 6.23 4.12
N VAL A 27 7.99 5.45 3.53
CA VAL A 27 7.04 5.99 2.59
C VAL A 27 5.61 5.90 3.12
N THR A 28 5.00 7.05 3.38
CA THR A 28 3.64 7.12 3.90
C THR A 28 2.63 7.42 2.80
N LEU A 29 1.59 6.58 2.69
CA LEU A 29 0.57 6.80 1.67
C LEU A 29 -0.83 6.55 2.22
N LYS A 30 -1.78 7.27 1.63
CA LYS A 30 -3.18 7.18 2.01
C LYS A 30 -4.04 7.03 0.76
N TRP A 31 -5.14 6.31 0.86
CA TRP A 31 -6.00 6.11 -0.30
C TRP A 31 -7.47 6.35 0.02
N ALA A 32 -8.33 6.09 -0.96
CA ALA A 32 -9.76 6.28 -0.81
C ALA A 32 -10.44 4.98 -0.38
N LYS A 33 -11.74 5.06 -0.16
CA LYS A 33 -12.53 3.91 0.24
C LYS A 33 -13.23 3.30 -0.97
N PRO A 34 -13.28 1.97 -1.05
CA PRO A 34 -13.92 1.26 -2.16
C PRO A 34 -15.31 1.82 -2.47
N GLU A 35 -15.95 1.27 -3.48
CA GLU A 35 -17.29 1.73 -3.87
C GLU A 35 -18.36 0.67 -3.62
N TYR A 36 -17.94 -0.57 -3.41
CA TYR A 36 -18.90 -1.65 -3.16
C TYR A 36 -18.44 -2.60 -2.07
N THR A 37 -17.36 -3.33 -2.34
CA THR A 37 -16.83 -4.28 -1.38
C THR A 37 -17.90 -5.27 -0.96
N GLY A 38 -18.65 -5.77 -1.94
CA GLY A 38 -19.71 -6.72 -1.65
C GLY A 38 -20.55 -6.32 -0.45
N GLY A 39 -20.16 -6.83 0.72
CA GLY A 39 -20.86 -6.52 1.95
C GLY A 39 -19.89 -6.57 3.11
N PHE A 40 -18.70 -6.04 2.86
CA PHE A 40 -17.63 -6.03 3.85
C PHE A 40 -17.07 -4.62 4.07
N LYS A 41 -16.05 -4.53 4.92
CA LYS A 41 -15.43 -3.24 5.21
C LYS A 41 -13.91 -3.32 5.23
N ILE A 42 -13.36 -4.35 4.61
CA ILE A 42 -11.91 -4.55 4.55
C ILE A 42 -11.34 -4.78 5.94
N THR A 43 -11.25 -3.71 6.74
CA THR A 43 -10.71 -3.81 8.09
C THR A 43 -9.29 -4.36 8.09
N SER A 44 -8.55 -4.05 7.03
CA SER A 44 -7.16 -4.50 6.90
C SER A 44 -6.62 -4.20 5.50
N TYR A 45 -5.69 -3.26 5.43
CA TYR A 45 -5.10 -2.87 4.16
C TYR A 45 -3.63 -3.29 4.09
N ILE A 46 -3.40 -4.52 3.64
CA ILE A 46 -2.05 -5.06 3.52
C ILE A 46 -1.35 -4.55 2.27
N VAL A 47 -0.68 -3.41 2.39
CA VAL A 47 0.04 -2.84 1.25
C VAL A 47 1.33 -3.64 1.00
N GLU A 48 1.50 -4.07 -0.24
CA GLU A 48 2.67 -4.85 -0.63
C GLU A 48 3.73 -3.98 -1.30
N LYS A 49 5.00 -4.29 -1.05
CA LYS A 49 6.11 -3.54 -1.64
C LYS A 49 6.68 -4.26 -2.86
N ARG A 50 7.17 -3.50 -3.82
CA ARG A 50 7.75 -4.07 -5.02
C ARG A 50 8.93 -3.24 -5.50
N ASP A 51 10.11 -3.53 -4.96
CA ASP A 51 11.32 -2.82 -5.34
C ASP A 51 11.45 -2.75 -6.86
N LEU A 52 12.08 -1.70 -7.35
CA LEU A 52 12.26 -1.56 -8.80
C LEU A 52 13.74 -1.41 -9.16
N PRO A 53 14.40 -2.50 -9.63
CA PRO A 53 13.79 -3.81 -9.80
C PRO A 53 13.89 -4.61 -8.50
N ASN A 54 14.24 -5.88 -8.60
CA ASN A 54 14.38 -6.75 -7.42
C ASN A 54 13.23 -6.54 -6.43
N GLY A 55 12.02 -6.41 -6.95
CA GLY A 55 10.88 -6.19 -6.08
C GLY A 55 9.84 -7.29 -6.16
N ARG A 56 9.17 -7.52 -5.03
CA ARG A 56 8.13 -8.53 -4.93
C ARG A 56 7.08 -8.07 -3.92
N TRP A 57 5.84 -7.98 -4.38
CA TRP A 57 4.74 -7.54 -3.52
C TRP A 57 4.81 -8.21 -2.15
N LEU A 58 5.42 -7.52 -1.19
CA LEU A 58 5.57 -8.04 0.16
C LEU A 58 4.88 -7.12 1.17
N LYS A 59 4.07 -7.71 2.03
CA LYS A 59 3.35 -6.95 3.04
C LYS A 59 4.31 -6.38 4.08
N ALA A 60 5.13 -5.41 3.67
CA ALA A 60 6.10 -4.80 4.57
C ALA A 60 5.46 -4.41 5.89
N ASN A 61 4.23 -3.91 5.83
CA ASN A 61 3.51 -3.50 7.02
C ASN A 61 3.52 -4.58 8.09
N PHE A 62 2.99 -5.75 7.76
CA PHE A 62 2.94 -6.88 8.70
C PHE A 62 1.76 -6.73 9.68
N SER A 63 1.67 -5.56 10.32
CA SER A 63 0.60 -5.30 11.28
C SER A 63 -0.74 -5.18 10.57
N ASN A 64 -1.76 -4.73 11.30
CA ASN A 64 -3.10 -4.59 10.75
C ASN A 64 -3.36 -3.13 10.35
N ILE A 65 -3.39 -2.88 9.05
CA ILE A 65 -3.64 -1.53 8.55
C ILE A 65 -5.13 -1.28 8.40
N LEU A 66 -5.80 -1.05 9.53
CA LEU A 66 -7.24 -0.80 9.54
C LEU A 66 -7.60 0.32 8.58
N GLU A 67 -7.38 1.56 9.01
CA GLU A 67 -7.69 2.72 8.19
C GLU A 67 -6.96 2.66 6.86
N ASN A 68 -7.23 3.62 6.00
CA ASN A 68 -6.60 3.67 4.69
C ASN A 68 -5.37 4.56 4.71
N GLU A 69 -4.79 4.75 5.89
CA GLU A 69 -3.60 5.58 6.05
C GLU A 69 -2.51 4.78 6.76
N PHE A 70 -1.46 4.43 6.02
CA PHE A 70 -0.36 3.66 6.60
C PHE A 70 1.00 4.21 6.14
N THR A 71 2.05 3.78 6.85
CA THR A 71 3.40 4.20 6.54
C THR A 71 4.32 3.00 6.39
N VAL A 72 4.87 2.82 5.18
CA VAL A 72 5.76 1.70 4.91
C VAL A 72 7.18 2.00 5.38
N SER A 73 7.66 1.19 6.31
CA SER A 73 9.01 1.36 6.85
C SER A 73 9.90 0.18 6.48
N GLY A 74 11.11 0.17 7.04
CA GLY A 74 12.04 -0.92 6.75
C GLY A 74 12.50 -0.91 5.31
N LEU A 75 12.51 0.26 4.70
CA LEU A 75 12.92 0.42 3.31
C LEU A 75 14.43 0.47 3.19
N THR A 76 14.91 0.49 1.94
CA THR A 76 16.34 0.55 1.67
C THR A 76 16.65 1.72 0.75
N GLU A 77 17.10 2.83 1.33
CA GLU A 77 17.42 4.03 0.58
C GLU A 77 18.20 3.70 -0.70
N ASP A 78 17.98 4.51 -1.74
CA ASP A 78 18.65 4.32 -3.03
C ASP A 78 18.05 3.16 -3.79
N ALA A 79 16.79 3.31 -4.19
CA ALA A 79 16.07 2.29 -4.94
C ALA A 79 14.60 2.63 -5.07
N ALA A 80 14.09 2.61 -6.30
CA ALA A 80 12.68 2.91 -6.55
C ALA A 80 11.80 1.82 -5.95
N TYR A 81 10.72 2.22 -5.29
CA TYR A 81 9.83 1.26 -4.65
C TYR A 81 8.36 1.52 -4.94
N GLU A 82 7.68 0.53 -5.52
CA GLU A 82 6.25 0.64 -5.82
C GLU A 82 5.46 -0.15 -4.78
N PHE A 83 4.42 0.45 -4.22
CA PHE A 83 3.61 -0.24 -3.20
C PHE A 83 2.13 -0.32 -3.53
N ARG A 84 1.62 -1.55 -3.65
CA ARG A 84 0.20 -1.76 -3.93
C ARG A 84 -0.58 -1.99 -2.64
N VAL A 85 -1.81 -1.51 -2.59
CA VAL A 85 -2.63 -1.68 -1.40
C VAL A 85 -3.57 -2.86 -1.55
N ILE A 86 -3.37 -3.88 -0.73
CA ILE A 86 -4.20 -5.06 -0.74
C ILE A 86 -5.05 -5.09 0.53
N ALA A 87 -6.04 -5.96 0.55
CA ALA A 87 -6.91 -6.09 1.71
C ALA A 87 -7.58 -7.44 1.68
N LYS A 88 -8.49 -7.66 2.60
CA LYS A 88 -9.20 -8.94 2.65
C LYS A 88 -10.70 -8.73 2.42
N ASN A 89 -11.35 -8.26 3.50
CA ASN A 89 -12.78 -7.97 3.58
C ASN A 89 -13.40 -8.72 4.76
N ALA A 90 -14.30 -8.05 5.45
CA ALA A 90 -15.00 -8.60 6.61
C ALA A 90 -15.24 -10.11 6.50
N ALA A 91 -15.69 -10.56 5.33
CA ALA A 91 -15.97 -11.99 5.13
C ALA A 91 -14.93 -12.66 4.23
N GLY A 92 -13.66 -12.46 4.55
CA GLY A 92 -12.59 -13.07 3.77
C GLY A 92 -12.83 -13.00 2.28
N ALA A 93 -13.32 -11.86 1.81
CA ALA A 93 -13.58 -11.65 0.38
C ALA A 93 -12.33 -11.09 -0.34
N ILE A 94 -11.17 -11.36 0.25
CA ILE A 94 -9.87 -10.93 -0.25
C ILE A 94 -9.89 -9.78 -1.25
N SER A 95 -9.37 -8.63 -0.83
CA SER A 95 -9.29 -7.46 -1.69
C SER A 95 -8.01 -7.56 -2.52
N PRO A 96 -8.12 -7.75 -3.85
CA PRO A 96 -6.95 -7.86 -4.72
C PRO A 96 -6.08 -6.61 -4.71
N PRO A 97 -4.87 -6.69 -5.27
CA PRO A 97 -3.92 -5.57 -5.31
C PRO A 97 -4.52 -4.31 -5.94
N SER A 98 -4.26 -3.16 -5.32
CA SER A 98 -4.76 -1.90 -5.81
C SER A 98 -3.62 -1.02 -6.30
N GLU A 99 -3.60 -0.80 -7.62
CA GLU A 99 -2.59 0.02 -8.34
C GLU A 99 -1.44 0.51 -7.46
N PRO A 100 -0.28 -0.17 -7.53
CA PRO A 100 0.91 0.21 -6.75
C PRO A 100 1.21 1.70 -6.80
N SER A 101 1.73 2.23 -5.69
CA SER A 101 2.08 3.63 -5.60
C SER A 101 3.41 3.85 -6.30
N ASP A 102 3.53 5.02 -6.96
CA ASP A 102 4.74 5.40 -7.69
C ASP A 102 6.00 4.80 -7.06
N ALA A 103 6.99 4.52 -7.90
CA ALA A 103 8.23 3.94 -7.42
C ALA A 103 9.15 5.03 -6.85
N ILE A 104 9.22 5.10 -5.53
CA ILE A 104 10.05 6.10 -4.86
C ILE A 104 11.51 5.63 -4.75
N THR A 105 12.41 6.34 -5.42
CA THR A 105 13.83 6.00 -5.38
C THR A 105 14.33 5.97 -3.95
N CYS A 106 13.73 6.78 -3.09
CA CYS A 106 14.11 6.84 -1.68
C CYS A 106 15.61 7.08 -1.52
N ARG A 107 16.07 8.22 -2.02
CA ARG A 107 17.49 8.58 -1.95
C ARG A 107 17.71 9.58 -0.82
N ASP A 108 17.36 10.82 -1.10
CA ASP A 108 17.51 11.91 -0.14
C ASP A 108 16.19 12.66 0.06
N ASP A 109 15.14 12.23 -0.64
CA ASP A 109 13.82 12.85 -0.56
C ASP A 109 13.89 14.35 -0.63
N VAL A 110 14.93 14.85 -1.27
CA VAL A 110 15.12 16.27 -1.43
C VAL A 110 16.26 16.54 -2.40
N GLU A 111 16.43 15.64 -3.35
CA GLU A 111 17.48 15.77 -4.35
C GLU A 111 16.92 15.76 -5.77
N ALA A 112 15.81 15.06 -5.97
CA ALA A 112 15.19 14.98 -7.28
C ALA A 112 14.64 16.34 -7.71
N SER A 9 -19.84 -10.49 -3.32
CA SER A 9 -19.54 -11.43 -4.43
C SER A 9 -18.49 -10.84 -5.38
N PRO A 10 -18.71 -9.61 -5.86
CA PRO A 10 -17.79 -8.94 -6.78
C PRO A 10 -16.58 -8.35 -6.04
N ILE A 11 -16.83 -7.81 -4.85
CA ILE A 11 -15.81 -7.20 -4.00
C ILE A 11 -15.01 -6.11 -4.73
N ASP A 12 -14.75 -5.01 -4.02
CA ASP A 12 -13.98 -3.91 -4.60
C ASP A 12 -12.91 -3.43 -3.63
N PRO A 13 -11.63 -3.47 -4.03
CA PRO A 13 -10.52 -3.04 -3.17
C PRO A 13 -10.43 -1.51 -3.07
N PRO A 14 -9.59 -1.01 -2.15
CA PRO A 14 -9.41 0.43 -1.95
C PRO A 14 -9.05 1.19 -3.23
N GLY A 15 -8.71 2.46 -3.06
CA GLY A 15 -8.35 3.29 -4.20
C GLY A 15 -6.85 3.41 -4.39
N LYS A 16 -6.44 3.92 -5.55
CA LYS A 16 -5.02 4.09 -5.86
C LYS A 16 -4.31 4.80 -4.70
N PRO A 17 -3.26 4.19 -4.12
CA PRO A 17 -2.53 4.80 -3.00
C PRO A 17 -1.58 5.90 -3.45
N VAL A 18 -1.68 7.07 -2.81
CA VAL A 18 -0.84 8.20 -3.14
C VAL A 18 -0.01 8.65 -1.94
N PRO A 19 1.33 8.48 -2.00
CA PRO A 19 2.21 8.87 -0.89
C PRO A 19 2.15 10.35 -0.56
N LEU A 20 1.86 10.65 0.70
CA LEU A 20 1.78 12.03 1.17
C LEU A 20 3.15 12.48 1.65
N ASN A 21 3.93 11.53 2.14
CA ASN A 21 5.26 11.80 2.65
C ASN A 21 6.14 10.57 2.50
N ILE A 22 7.11 10.62 1.60
CA ILE A 22 7.99 9.48 1.40
C ILE A 22 9.43 9.80 1.78
N THR A 23 10.02 8.90 2.56
CA THR A 23 11.39 9.05 3.02
C THR A 23 12.24 7.88 2.52
N ARG A 24 13.55 8.09 2.45
CA ARG A 24 14.47 7.06 1.99
C ARG A 24 14.50 5.85 2.91
N HIS A 25 13.86 5.94 4.07
CA HIS A 25 13.84 4.84 5.02
C HIS A 25 12.45 4.61 5.61
N THR A 26 11.43 5.16 4.95
CA THR A 26 10.04 5.02 5.41
C THR A 26 9.11 5.91 4.60
N VAL A 27 8.16 5.30 3.88
CA VAL A 27 7.23 6.09 3.07
C VAL A 27 5.85 6.18 3.73
N THR A 28 5.03 7.10 3.24
CA THR A 28 3.68 7.29 3.79
C THR A 28 2.66 7.59 2.67
N LEU A 29 1.61 6.77 2.58
CA LEU A 29 0.58 6.98 1.57
C LEU A 29 -0.83 6.81 2.14
N LYS A 30 -1.78 7.38 1.42
CA LYS A 30 -3.18 7.34 1.80
C LYS A 30 -4.04 7.11 0.55
N TRP A 31 -5.02 6.22 0.66
CA TRP A 31 -5.89 5.92 -0.47
C TRP A 31 -7.37 6.16 -0.15
N ALA A 32 -8.21 5.86 -1.13
CA ALA A 32 -9.65 6.02 -0.99
C ALA A 32 -10.29 4.77 -0.42
N LYS A 33 -11.50 4.91 0.11
CA LYS A 33 -12.23 3.78 0.68
C LYS A 33 -13.08 3.09 -0.37
N PRO A 34 -13.07 1.74 -0.41
CA PRO A 34 -13.86 0.98 -1.38
C PRO A 34 -15.35 1.33 -1.31
N GLU A 35 -16.13 0.82 -2.26
CA GLU A 35 -17.56 1.09 -2.29
C GLU A 35 -18.36 -0.19 -2.41
N TYR A 36 -18.01 -1.02 -3.39
CA TYR A 36 -18.71 -2.28 -3.60
C TYR A 36 -17.97 -3.45 -2.99
N THR A 37 -17.97 -3.51 -1.65
CA THR A 37 -17.30 -4.60 -0.96
C THR A 37 -18.30 -5.71 -0.64
N GLY A 38 -19.06 -6.11 -1.65
CA GLY A 38 -20.06 -7.15 -1.47
C GLY A 38 -20.90 -6.94 -0.23
N GLY A 39 -20.50 -7.57 0.86
CA GLY A 39 -21.23 -7.45 2.12
C GLY A 39 -20.27 -7.41 3.29
N PHE A 40 -19.11 -6.81 3.05
CA PHE A 40 -18.06 -6.71 4.06
C PHE A 40 -17.75 -5.25 4.39
N LYS A 41 -16.87 -5.06 5.37
CA LYS A 41 -16.46 -3.71 5.78
C LYS A 41 -14.94 -3.60 5.93
N ILE A 42 -14.22 -4.69 5.61
CA ILE A 42 -12.77 -4.70 5.70
C ILE A 42 -12.29 -4.44 7.12
N THR A 43 -11.19 -5.10 7.50
CA THR A 43 -10.64 -4.94 8.84
C THR A 43 -9.13 -4.63 8.80
N SER A 44 -8.52 -4.66 7.62
CA SER A 44 -7.09 -4.40 7.49
C SER A 44 -6.67 -4.20 6.03
N TYR A 45 -5.73 -3.29 5.82
CA TYR A 45 -5.22 -3.01 4.48
C TYR A 45 -3.73 -3.37 4.38
N ILE A 46 -3.42 -4.38 3.60
CA ILE A 46 -2.02 -4.81 3.45
C ILE A 46 -1.37 -4.11 2.27
N VAL A 47 -0.30 -3.36 2.54
CA VAL A 47 0.42 -2.62 1.50
C VAL A 47 1.61 -3.39 0.97
N GLU A 48 1.40 -4.14 -0.11
CA GLU A 48 2.48 -4.90 -0.73
C GLU A 48 3.41 -3.93 -1.46
N LYS A 49 4.71 -4.25 -1.48
CA LYS A 49 5.66 -3.38 -2.14
C LYS A 49 6.48 -4.13 -3.18
N ARG A 50 6.75 -3.45 -4.30
CA ARG A 50 7.53 -4.02 -5.37
C ARG A 50 8.93 -3.40 -5.35
N ASP A 51 9.89 -4.21 -4.91
CA ASP A 51 11.29 -3.77 -4.83
C ASP A 51 11.91 -3.64 -6.21
N LEU A 52 11.82 -2.44 -6.77
CA LEU A 52 12.38 -2.19 -8.09
C LEU A 52 13.90 -2.07 -8.01
N PRO A 53 14.62 -2.52 -9.05
CA PRO A 53 14.04 -3.10 -10.25
C PRO A 53 13.86 -4.61 -10.15
N ASN A 54 13.69 -5.11 -8.93
CA ASN A 54 13.50 -6.54 -8.71
C ASN A 54 12.02 -6.94 -8.80
N GLY A 55 11.26 -6.58 -7.77
CA GLY A 55 9.84 -6.91 -7.76
C GLY A 55 9.52 -8.13 -6.92
N ARG A 56 8.30 -8.18 -6.39
CA ARG A 56 7.87 -9.30 -5.57
C ARG A 56 6.52 -9.02 -4.90
N TRP A 57 6.27 -7.74 -4.61
CA TRP A 57 5.01 -7.33 -3.98
C TRP A 57 4.82 -8.02 -2.64
N LEU A 58 5.55 -7.58 -1.63
CA LEU A 58 5.46 -8.15 -0.31
C LEU A 58 4.97 -7.10 0.69
N LYS A 59 3.96 -7.46 1.47
CA LYS A 59 3.39 -6.55 2.46
C LYS A 59 4.46 -5.97 3.37
N ALA A 60 4.90 -4.76 3.05
CA ALA A 60 5.91 -4.08 3.87
C ALA A 60 5.37 -3.93 5.28
N ASN A 61 4.10 -3.58 5.37
CA ASN A 61 3.43 -3.39 6.65
C ASN A 61 3.51 -4.67 7.47
N PHE A 62 3.24 -4.56 8.77
CA PHE A 62 3.27 -5.70 9.66
C PHE A 62 2.69 -5.34 11.02
N SER A 63 1.72 -4.43 11.03
CA SER A 63 1.09 -4.00 12.27
C SER A 63 -0.34 -3.53 12.03
N ASN A 64 -1.02 -4.22 11.11
CA ASN A 64 -2.41 -3.87 10.78
C ASN A 64 -2.49 -2.45 10.22
N ILE A 65 -3.50 -2.22 9.39
CA ILE A 65 -3.71 -0.91 8.77
C ILE A 65 -5.20 -0.65 8.58
N LEU A 66 -5.93 -0.62 9.70
CA LEU A 66 -7.36 -0.39 9.68
C LEU A 66 -7.73 0.79 8.77
N GLU A 67 -7.07 1.92 8.96
CA GLU A 67 -7.34 3.10 8.16
C GLU A 67 -6.52 3.10 6.88
N ASN A 68 -6.96 3.88 5.90
CA ASN A 68 -6.27 3.96 4.63
C ASN A 68 -5.00 4.82 4.72
N GLU A 69 -4.73 5.37 5.91
CA GLU A 69 -3.55 6.19 6.12
C GLU A 69 -2.49 5.39 6.84
N PHE A 70 -1.48 4.95 6.10
CA PHE A 70 -0.40 4.15 6.69
C PHE A 70 0.96 4.53 6.13
N THR A 71 2.01 4.05 6.81
CA THR A 71 3.39 4.33 6.42
C THR A 71 4.10 3.05 6.05
N VAL A 72 4.56 2.96 4.81
CA VAL A 72 5.26 1.76 4.37
C VAL A 72 6.72 1.79 4.79
N SER A 73 7.02 1.09 5.87
CA SER A 73 8.37 1.01 6.40
C SER A 73 9.21 -0.01 5.65
N GLY A 74 10.27 -0.50 6.29
CA GLY A 74 11.12 -1.48 5.67
C GLY A 74 11.63 -1.02 4.31
N LEU A 75 12.09 0.23 4.25
CA LEU A 75 12.60 0.79 3.02
C LEU A 75 14.09 0.51 2.85
N THR A 76 14.66 1.04 1.78
CA THR A 76 16.08 0.84 1.49
C THR A 76 16.62 2.01 0.66
N GLU A 77 17.54 2.77 1.24
CA GLU A 77 18.12 3.92 0.56
C GLU A 77 18.63 3.54 -0.82
N ASP A 78 18.29 4.35 -1.82
CA ASP A 78 18.71 4.11 -3.19
C ASP A 78 17.97 2.92 -3.80
N ALA A 79 16.64 3.04 -3.88
CA ALA A 79 15.83 1.96 -4.43
C ALA A 79 14.38 2.41 -4.65
N ALA A 80 13.93 2.39 -5.89
CA ALA A 80 12.56 2.78 -6.21
C ALA A 80 11.60 1.70 -5.73
N TYR A 81 10.62 2.11 -4.94
CA TYR A 81 9.65 1.18 -4.38
C TYR A 81 8.22 1.53 -4.77
N GLU A 82 7.54 0.60 -5.42
CA GLU A 82 6.15 0.81 -5.82
C GLU A 82 5.25 0.06 -4.82
N PHE A 83 4.22 0.71 -4.30
CA PHE A 83 3.37 0.03 -3.31
C PHE A 83 1.95 -0.29 -3.78
N ARG A 84 1.68 -1.59 -3.98
CA ARG A 84 0.36 -2.09 -4.35
C ARG A 84 -0.31 -2.56 -3.08
N VAL A 85 -1.50 -2.07 -2.76
CA VAL A 85 -2.14 -2.50 -1.51
C VAL A 85 -3.31 -3.45 -1.73
N ILE A 86 -3.15 -4.64 -1.15
CA ILE A 86 -4.15 -5.69 -1.17
C ILE A 86 -4.84 -5.65 0.19
N ALA A 87 -6.00 -6.27 0.33
CA ALA A 87 -6.66 -6.25 1.62
C ALA A 87 -7.91 -7.11 1.66
N LYS A 88 -7.94 -8.06 2.58
CA LYS A 88 -9.10 -8.92 2.72
C LYS A 88 -10.31 -8.07 3.04
N ASN A 89 -11.37 -8.70 3.51
CA ASN A 89 -12.58 -7.97 3.83
C ASN A 89 -13.20 -8.47 5.13
N ALA A 90 -14.25 -9.28 5.05
CA ALA A 90 -14.90 -9.79 6.25
C ALA A 90 -15.15 -11.30 6.14
N ALA A 91 -15.57 -11.74 4.96
CA ALA A 91 -15.86 -13.15 4.75
C ALA A 91 -14.74 -13.85 3.98
N GLY A 92 -13.49 -13.53 4.32
CA GLY A 92 -12.36 -14.15 3.64
C GLY A 92 -12.25 -13.75 2.18
N ALA A 93 -13.04 -12.76 1.76
CA ALA A 93 -13.01 -12.30 0.38
C ALA A 93 -11.81 -11.40 0.16
N ILE A 94 -10.68 -12.01 -0.19
CA ILE A 94 -9.45 -11.26 -0.42
C ILE A 94 -9.62 -10.23 -1.53
N SER A 95 -9.61 -8.96 -1.15
CA SER A 95 -9.75 -7.89 -2.13
C SER A 95 -8.47 -7.77 -2.95
N PRO A 96 -8.54 -7.96 -4.28
CA PRO A 96 -7.38 -7.88 -5.15
C PRO A 96 -6.49 -6.69 -4.82
N PRO A 97 -5.27 -6.67 -5.38
CA PRO A 97 -4.31 -5.58 -5.14
C PRO A 97 -4.80 -4.25 -5.68
N SER A 98 -4.39 -3.17 -5.02
CA SER A 98 -4.77 -1.83 -5.43
C SER A 98 -3.59 -1.18 -6.14
N GLU A 99 -3.82 -0.69 -7.37
CA GLU A 99 -2.79 -0.04 -8.20
C GLU A 99 -1.62 0.51 -7.38
N PRO A 100 -0.41 -0.01 -7.61
CA PRO A 100 0.79 0.40 -6.88
C PRO A 100 0.94 1.92 -6.73
N SER A 101 1.83 2.28 -5.83
CA SER A 101 2.14 3.67 -5.55
C SER A 101 3.43 4.05 -6.26
N ASP A 102 3.52 5.30 -6.71
CA ASP A 102 4.72 5.79 -7.41
C ASP A 102 6.00 5.22 -6.82
N ALA A 103 6.85 4.71 -7.69
CA ALA A 103 8.11 4.12 -7.25
C ALA A 103 9.02 5.18 -6.65
N ILE A 104 9.07 5.22 -5.32
CA ILE A 104 9.90 6.18 -4.63
C ILE A 104 11.35 5.68 -4.56
N THR A 105 12.25 6.38 -5.24
CA THR A 105 13.65 5.99 -5.26
C THR A 105 14.19 5.81 -3.84
N CYS A 106 13.61 6.52 -2.89
CA CYS A 106 14.04 6.43 -1.50
C CYS A 106 15.53 6.71 -1.37
N ARG A 107 15.90 7.99 -1.46
CA ARG A 107 17.30 8.38 -1.36
C ARG A 107 17.47 9.58 -0.42
N ASP A 108 17.35 10.78 -0.99
CA ASP A 108 17.48 12.00 -0.21
C ASP A 108 16.11 12.62 0.08
N ASP A 109 15.05 12.01 -0.45
CA ASP A 109 13.68 12.51 -0.25
C ASP A 109 13.59 14.01 -0.56
N VAL A 110 14.49 14.48 -1.41
CA VAL A 110 14.50 15.88 -1.80
C VAL A 110 14.23 16.02 -3.29
N GLU A 111 14.50 14.95 -4.04
CA GLU A 111 14.28 14.97 -5.48
C GLU A 111 13.22 13.93 -5.89
N ALA A 112 12.91 13.01 -4.98
CA ALA A 112 11.92 11.98 -5.25
C ALA A 112 11.03 11.73 -4.04
N SER A 9 -23.33 -8.25 -1.16
CA SER A 9 -22.75 -9.46 -1.81
C SER A 9 -21.45 -9.12 -2.55
N PRO A 10 -21.48 -8.07 -3.39
CA PRO A 10 -20.30 -7.64 -4.16
C PRO A 10 -19.26 -6.97 -3.27
N ILE A 11 -18.00 -7.31 -3.47
CA ILE A 11 -16.91 -6.74 -2.67
C ILE A 11 -15.98 -5.87 -3.52
N ASP A 12 -15.82 -4.62 -3.11
CA ASP A 12 -14.95 -3.68 -3.80
C ASP A 12 -13.76 -3.32 -2.91
N PRO A 13 -12.54 -3.30 -3.47
CA PRO A 13 -11.34 -2.98 -2.71
C PRO A 13 -11.07 -1.47 -2.62
N PRO A 14 -10.05 -1.08 -1.84
CA PRO A 14 -9.68 0.33 -1.64
C PRO A 14 -9.30 1.04 -2.94
N GLY A 15 -9.07 2.34 -2.82
CA GLY A 15 -8.70 3.15 -3.98
C GLY A 15 -7.20 3.14 -4.24
N LYS A 16 -6.80 3.67 -5.40
CA LYS A 16 -5.39 3.72 -5.77
C LYS A 16 -4.59 4.49 -4.72
N PRO A 17 -3.49 3.91 -4.20
CA PRO A 17 -2.66 4.56 -3.18
C PRO A 17 -1.74 5.62 -3.76
N VAL A 18 -1.46 6.64 -2.95
CA VAL A 18 -0.60 7.74 -3.35
C VAL A 18 0.24 8.22 -2.15
N PRO A 19 1.56 8.02 -2.20
CA PRO A 19 2.44 8.42 -1.10
C PRO A 19 2.20 9.85 -0.61
N LEU A 20 1.37 9.95 0.42
CA LEU A 20 1.06 11.23 1.02
C LEU A 20 2.33 11.92 1.51
N ASN A 21 3.33 11.11 1.83
CA ASN A 21 4.61 11.62 2.31
C ASN A 21 5.68 10.54 2.17
N ILE A 22 6.94 10.94 2.19
CA ILE A 22 8.03 9.99 2.06
C ILE A 22 9.28 10.49 2.80
N THR A 23 9.67 9.75 3.82
CA THR A 23 10.84 10.10 4.61
C THR A 23 12.02 9.19 4.26
N ARG A 24 12.26 9.03 2.95
CA ARG A 24 13.36 8.21 2.45
C ARG A 24 13.23 6.77 2.93
N HIS A 25 13.47 6.55 4.22
CA HIS A 25 13.39 5.22 4.81
C HIS A 25 11.95 4.85 5.16
N THR A 26 11.11 5.86 5.33
CA THR A 26 9.70 5.62 5.67
C THR A 26 8.78 6.29 4.66
N VAL A 27 8.22 5.49 3.76
CA VAL A 27 7.31 6.01 2.74
C VAL A 27 5.85 5.90 3.21
N THR A 28 5.18 7.04 3.30
CA THR A 28 3.79 7.10 3.74
C THR A 28 2.85 7.19 2.55
N LEU A 29 1.88 6.28 2.49
CA LEU A 29 0.90 6.32 1.41
C LEU A 29 -0.52 6.23 1.93
N LYS A 30 -1.38 7.02 1.30
CA LYS A 30 -2.79 7.07 1.66
C LYS A 30 -3.62 6.59 0.47
N TRP A 31 -4.93 6.44 0.67
CA TRP A 31 -5.78 5.99 -0.41
C TRP A 31 -7.26 6.14 -0.09
N ALA A 32 -8.07 6.03 -1.13
CA ALA A 32 -9.51 6.16 -1.01
C ALA A 32 -10.13 4.83 -0.58
N LYS A 33 -11.30 4.90 0.04
CA LYS A 33 -11.98 3.69 0.48
C LYS A 33 -12.85 3.15 -0.64
N PRO A 34 -13.17 1.84 -0.62
CA PRO A 34 -13.99 1.22 -1.65
C PRO A 34 -15.31 1.94 -1.85
N GLU A 35 -16.21 1.35 -2.61
CA GLU A 35 -17.51 1.96 -2.87
C GLU A 35 -18.66 1.02 -2.53
N TYR A 36 -18.37 -0.06 -1.82
CA TYR A 36 -19.41 -1.02 -1.45
C TYR A 36 -18.93 -2.04 -0.43
N THR A 37 -18.02 -2.92 -0.83
CA THR A 37 -17.51 -3.95 0.07
C THR A 37 -18.67 -4.74 0.66
N GLY A 38 -19.69 -5.00 -0.17
CA GLY A 38 -20.85 -5.75 0.28
C GLY A 38 -21.32 -5.31 1.66
N GLY A 39 -21.42 -6.28 2.56
CA GLY A 39 -21.82 -5.97 3.93
C GLY A 39 -20.61 -6.11 4.82
N PHE A 40 -19.48 -5.71 4.25
CA PHE A 40 -18.19 -5.80 4.90
C PHE A 40 -17.63 -4.41 5.21
N LYS A 41 -16.33 -4.36 5.54
CA LYS A 41 -15.66 -3.11 5.85
C LYS A 41 -14.15 -3.24 5.81
N ILE A 42 -13.63 -4.01 4.85
CA ILE A 42 -12.19 -4.21 4.71
C ILE A 42 -11.58 -4.99 5.88
N THR A 43 -11.67 -4.40 7.07
CA THR A 43 -11.11 -4.96 8.30
C THR A 43 -9.62 -4.65 8.45
N SER A 44 -8.87 -4.67 7.35
CA SER A 44 -7.44 -4.39 7.39
C SER A 44 -6.87 -4.18 5.99
N TYR A 45 -5.97 -3.21 5.87
CA TYR A 45 -5.34 -2.92 4.59
C TYR A 45 -3.96 -3.56 4.52
N ILE A 46 -3.59 -4.10 3.37
CA ILE A 46 -2.30 -4.74 3.21
C ILE A 46 -1.59 -4.22 1.95
N VAL A 47 -0.69 -3.27 2.13
CA VAL A 47 0.05 -2.71 1.00
C VAL A 47 1.36 -3.47 0.77
N GLU A 48 1.55 -3.93 -0.47
CA GLU A 48 2.75 -4.67 -0.84
C GLU A 48 3.81 -3.74 -1.41
N LYS A 49 5.06 -4.12 -1.27
CA LYS A 49 6.17 -3.30 -1.76
C LYS A 49 6.94 -4.02 -2.86
N ARG A 50 7.41 -3.26 -3.83
CA ARG A 50 8.17 -3.81 -4.94
C ARG A 50 9.56 -3.19 -4.97
N ASP A 51 10.56 -3.95 -4.53
CA ASP A 51 11.93 -3.48 -4.50
C ASP A 51 12.53 -3.48 -5.90
N LEU A 52 12.35 -2.37 -6.60
CA LEU A 52 12.87 -2.23 -7.96
C LEU A 52 14.39 -2.22 -7.96
N PRO A 53 15.01 -2.80 -9.00
CA PRO A 53 14.32 -3.44 -10.12
C PRO A 53 14.16 -4.94 -9.94
N ASN A 54 14.10 -5.39 -8.69
CA ASN A 54 13.95 -6.81 -8.40
C ASN A 54 12.91 -7.05 -7.32
N GLY A 55 11.79 -6.33 -7.41
CA GLY A 55 10.73 -6.50 -6.43
C GLY A 55 9.66 -7.46 -6.90
N ARG A 56 9.01 -8.14 -5.94
CA ARG A 56 7.97 -9.10 -6.27
C ARG A 56 6.73 -8.86 -5.42
N TRP A 57 6.52 -7.61 -5.03
CA TRP A 57 5.37 -7.23 -4.22
C TRP A 57 5.25 -8.12 -2.99
N LEU A 58 5.70 -7.62 -1.85
CA LEU A 58 5.65 -8.36 -0.60
C LEU A 58 4.97 -7.53 0.49
N LYS A 59 4.18 -8.19 1.32
CA LYS A 59 3.47 -7.50 2.40
C LYS A 59 4.42 -6.62 3.20
N ALA A 60 4.52 -5.35 2.80
CA ALA A 60 5.40 -4.41 3.48
C ALA A 60 4.91 -4.15 4.90
N ASN A 61 3.62 -3.88 5.03
CA ASN A 61 3.03 -3.62 6.35
C ASN A 61 2.90 -4.91 7.14
N PHE A 62 3.62 -5.00 8.24
CA PHE A 62 3.59 -6.18 9.10
C PHE A 62 3.07 -5.84 10.49
N SER A 63 2.21 -4.83 10.57
CA SER A 63 1.64 -4.40 11.84
C SER A 63 0.15 -4.10 11.71
N ASN A 64 -0.49 -4.65 10.68
CA ASN A 64 -1.91 -4.44 10.47
C ASN A 64 -2.21 -2.98 10.10
N ILE A 65 -3.19 -2.78 9.23
CA ILE A 65 -3.57 -1.44 8.80
C ILE A 65 -5.10 -1.28 8.81
N LEU A 66 -5.59 -0.44 9.70
CA LEU A 66 -7.04 -0.20 9.79
C LEU A 66 -7.44 1.02 8.98
N GLU A 67 -6.70 2.11 9.14
CA GLU A 67 -6.99 3.34 8.41
C GLU A 67 -6.24 3.33 7.09
N ASN A 68 -6.73 4.11 6.13
CA ASN A 68 -6.10 4.18 4.82
C ASN A 68 -4.78 4.97 4.87
N GLU A 69 -4.45 5.52 6.04
CA GLU A 69 -3.22 6.27 6.20
C GLU A 69 -2.16 5.38 6.82
N PHE A 70 -1.32 4.80 5.98
CA PHE A 70 -0.28 3.90 6.47
C PHE A 70 1.11 4.39 6.06
N THR A 71 2.12 3.84 6.72
CA THR A 71 3.49 4.20 6.45
C THR A 71 4.37 2.96 6.30
N VAL A 72 4.85 2.74 5.09
CA VAL A 72 5.70 1.59 4.81
C VAL A 72 7.10 1.81 5.37
N SER A 73 7.46 0.99 6.36
CA SER A 73 8.77 1.09 7.00
C SER A 73 9.67 -0.05 6.55
N GLY A 74 10.92 0.28 6.25
CA GLY A 74 11.87 -0.72 5.82
C GLY A 74 12.48 -0.41 4.46
N LEU A 75 12.20 0.80 3.95
CA LEU A 75 12.72 1.21 2.65
C LEU A 75 14.23 0.98 2.57
N THR A 76 14.81 1.37 1.45
CA THR A 76 16.24 1.23 1.23
C THR A 76 16.77 2.41 0.43
N GLU A 77 17.31 3.41 1.15
CA GLU A 77 17.84 4.61 0.51
C GLU A 77 18.61 4.29 -0.76
N ASP A 78 18.42 5.12 -1.78
CA ASP A 78 19.09 4.93 -3.07
C ASP A 78 18.44 3.80 -3.86
N ALA A 79 17.13 3.64 -3.71
CA ALA A 79 16.40 2.60 -4.40
C ALA A 79 14.93 2.97 -4.57
N ALA A 80 14.39 2.72 -5.76
CA ALA A 80 12.99 3.04 -6.04
C ALA A 80 12.09 1.94 -5.51
N TYR A 81 11.03 2.34 -4.79
CA TYR A 81 10.09 1.38 -4.22
C TYR A 81 8.65 1.70 -4.61
N GLU A 82 7.93 0.68 -5.08
CA GLU A 82 6.53 0.85 -5.46
C GLU A 82 5.64 0.23 -4.39
N PHE A 83 4.45 0.79 -4.19
CA PHE A 83 3.56 0.24 -3.15
C PHE A 83 2.08 0.16 -3.55
N ARG A 84 1.56 -1.07 -3.62
CA ARG A 84 0.15 -1.32 -3.95
C ARG A 84 -0.53 -1.85 -2.70
N VAL A 85 -1.84 -2.12 -2.77
CA VAL A 85 -2.50 -2.64 -1.57
C VAL A 85 -3.74 -3.48 -1.86
N ILE A 86 -3.76 -4.61 -1.16
CA ILE A 86 -4.81 -5.58 -1.21
C ILE A 86 -5.45 -5.61 0.17
N ALA A 87 -6.72 -5.97 0.28
CA ALA A 87 -7.35 -5.99 1.59
C ALA A 87 -8.60 -6.85 1.62
N LYS A 88 -8.86 -7.47 2.76
CA LYS A 88 -10.02 -8.31 2.92
C LYS A 88 -11.29 -7.47 2.90
N ASN A 89 -12.27 -7.78 3.77
CA ASN A 89 -13.51 -7.02 3.78
C ASN A 89 -14.19 -7.10 5.15
N ALA A 90 -14.63 -8.28 5.48
CA ALA A 90 -15.29 -8.55 6.74
C ALA A 90 -15.70 -10.01 6.84
N ALA A 91 -16.15 -10.57 5.73
CA ALA A 91 -16.58 -11.96 5.68
C ALA A 91 -15.40 -12.92 5.51
N GLY A 92 -14.20 -12.39 5.34
CA GLY A 92 -13.03 -13.23 5.17
C GLY A 92 -12.52 -13.23 3.75
N ALA A 93 -13.35 -12.76 2.81
CA ALA A 93 -12.96 -12.72 1.41
C ALA A 93 -11.86 -11.68 1.22
N ILE A 94 -11.00 -11.90 0.25
CA ILE A 94 -9.90 -10.97 0.00
C ILE A 94 -10.17 -10.06 -1.19
N SER A 95 -10.35 -8.78 -0.91
CA SER A 95 -10.60 -7.80 -1.96
C SER A 95 -9.34 -7.62 -2.82
N PRO A 96 -9.45 -7.84 -4.15
CA PRO A 96 -8.33 -7.72 -5.07
C PRO A 96 -7.38 -6.56 -4.74
N PRO A 97 -6.17 -6.59 -5.31
CA PRO A 97 -5.14 -5.56 -5.08
C PRO A 97 -5.51 -4.22 -5.69
N SER A 98 -4.74 -3.20 -5.36
CA SER A 98 -4.95 -1.85 -5.87
C SER A 98 -3.65 -1.33 -6.46
N GLU A 99 -3.71 -0.85 -7.71
CA GLU A 99 -2.56 -0.32 -8.45
C GLU A 99 -1.49 0.26 -7.52
N PRO A 100 -0.21 -0.14 -7.70
CA PRO A 100 0.88 0.34 -6.85
C PRO A 100 1.11 1.84 -6.94
N SER A 101 1.94 2.33 -6.03
CA SER A 101 2.30 3.74 -5.97
C SER A 101 3.63 3.94 -6.67
N ASP A 102 3.71 5.00 -7.48
CA ASP A 102 4.93 5.33 -8.22
C ASP A 102 6.19 5.04 -7.41
N ALA A 103 7.16 4.43 -8.05
CA ALA A 103 8.41 4.08 -7.39
C ALA A 103 9.15 5.33 -6.93
N ILE A 104 9.62 5.32 -5.69
CA ILE A 104 10.36 6.44 -5.13
C ILE A 104 11.76 6.02 -4.75
N THR A 105 12.75 6.67 -5.36
CA THR A 105 14.15 6.37 -5.08
C THR A 105 14.43 6.33 -3.59
N CYS A 106 13.66 7.11 -2.83
CA CYS A 106 13.83 7.16 -1.38
C CYS A 106 15.26 7.52 -1.00
N ARG A 107 15.88 8.40 -1.78
CA ARG A 107 17.26 8.82 -1.52
C ARG A 107 17.30 9.83 -0.38
N ASP A 108 17.29 11.11 -0.72
CA ASP A 108 17.34 12.16 0.28
C ASP A 108 15.96 12.83 0.42
N ASP A 109 14.92 12.10 0.06
CA ASP A 109 13.56 12.60 0.13
C ASP A 109 13.34 13.80 -0.79
N VAL A 110 14.29 14.03 -1.69
CA VAL A 110 14.19 15.11 -2.64
C VAL A 110 13.89 14.56 -4.03
N GLU A 111 14.25 13.29 -4.24
CA GLU A 111 14.02 12.62 -5.52
C GLU A 111 14.25 13.55 -6.71
N ALA A 112 15.45 13.50 -7.28
CA ALA A 112 15.79 14.34 -8.43
C ALA A 112 16.57 13.56 -9.47
N SER A 9 -23.08 -9.56 -5.37
CA SER A 9 -22.17 -9.18 -4.26
C SER A 9 -20.75 -8.94 -4.76
N PRO A 10 -20.52 -7.81 -5.43
CA PRO A 10 -19.20 -7.45 -5.97
C PRO A 10 -18.33 -6.75 -4.93
N ILE A 11 -17.05 -7.11 -4.89
CA ILE A 11 -16.13 -6.50 -3.94
C ILE A 11 -15.17 -5.54 -4.64
N ASP A 12 -14.80 -4.47 -3.94
CA ASP A 12 -13.90 -3.47 -4.49
C ASP A 12 -12.72 -3.26 -3.52
N PRO A 13 -11.48 -3.25 -4.04
CA PRO A 13 -10.29 -3.06 -3.20
C PRO A 13 -10.08 -1.59 -2.82
N PRO A 14 -9.10 -1.33 -1.92
CA PRO A 14 -8.79 0.02 -1.45
C PRO A 14 -8.37 0.95 -2.58
N GLY A 15 -8.68 2.23 -2.43
CA GLY A 15 -8.32 3.21 -3.45
C GLY A 15 -6.84 3.18 -3.77
N LYS A 16 -6.47 3.73 -4.92
CA LYS A 16 -5.07 3.77 -5.32
C LYS A 16 -4.23 4.48 -4.26
N PRO A 17 -3.07 3.91 -3.85
CA PRO A 17 -2.22 4.52 -2.82
C PRO A 17 -1.35 5.64 -3.38
N VAL A 18 -1.40 6.79 -2.72
CA VAL A 18 -0.62 7.96 -3.12
C VAL A 18 0.26 8.43 -1.97
N PRO A 19 1.59 8.27 -2.08
CA PRO A 19 2.52 8.67 -1.03
C PRO A 19 2.40 10.14 -0.65
N LEU A 20 1.74 10.41 0.47
CA LEU A 20 1.60 11.79 0.94
C LEU A 20 2.97 12.32 1.34
N ASN A 21 3.82 11.41 1.81
CA ASN A 21 5.17 11.75 2.22
C ASN A 21 6.10 10.56 2.01
N ILE A 22 7.40 10.82 1.98
CA ILE A 22 8.38 9.77 1.78
C ILE A 22 9.70 10.16 2.46
N THR A 23 9.80 9.82 3.75
CA THR A 23 10.98 10.14 4.54
C THR A 23 12.12 9.18 4.28
N ARG A 24 12.64 9.19 3.04
CA ARG A 24 13.76 8.34 2.61
C ARG A 24 13.98 7.13 3.50
N HIS A 25 12.90 6.42 3.80
CA HIS A 25 12.93 5.23 4.64
C HIS A 25 11.54 4.86 5.10
N THR A 26 10.69 5.87 5.22
CA THR A 26 9.31 5.66 5.64
C THR A 26 8.37 6.30 4.62
N VAL A 27 7.99 5.52 3.61
CA VAL A 27 7.10 6.01 2.57
C VAL A 27 5.66 6.00 3.08
N THR A 28 5.09 7.20 3.19
CA THR A 28 3.73 7.37 3.69
C THR A 28 2.70 7.49 2.56
N LEU A 29 1.86 6.47 2.38
CA LEU A 29 0.84 6.50 1.33
C LEU A 29 -0.56 6.40 1.92
N LYS A 30 -1.49 7.10 1.29
CA LYS A 30 -2.88 7.12 1.70
C LYS A 30 -3.78 6.92 0.49
N TRP A 31 -4.89 6.21 0.68
CA TRP A 31 -5.81 5.95 -0.41
C TRP A 31 -7.25 6.21 -0.01
N ALA A 32 -8.17 5.94 -0.93
CA ALA A 32 -9.58 6.15 -0.71
C ALA A 32 -10.25 4.87 -0.21
N LYS A 33 -11.57 4.91 -0.08
CA LYS A 33 -12.33 3.76 0.39
C LYS A 33 -13.24 3.23 -0.71
N PRO A 34 -13.23 1.90 -0.95
CA PRO A 34 -14.05 1.26 -1.98
C PRO A 34 -15.42 1.91 -2.13
N GLU A 35 -16.03 1.73 -3.28
CA GLU A 35 -17.34 2.30 -3.56
C GLU A 35 -18.45 1.28 -3.33
N TYR A 36 -18.10 0.01 -3.25
CA TYR A 36 -19.10 -1.04 -3.04
C TYR A 36 -18.67 -2.04 -1.97
N THR A 37 -17.70 -2.89 -2.30
CA THR A 37 -17.23 -3.91 -1.36
C THR A 37 -18.41 -4.69 -0.80
N GLY A 38 -19.18 -5.30 -1.70
CA GLY A 38 -20.34 -6.09 -1.29
C GLY A 38 -21.13 -5.42 -0.18
N GLY A 39 -20.81 -5.78 1.05
CA GLY A 39 -21.48 -5.22 2.21
C GLY A 39 -20.59 -5.30 3.43
N PHE A 40 -19.30 -5.20 3.18
CA PHE A 40 -18.29 -5.29 4.22
C PHE A 40 -17.63 -3.94 4.49
N LYS A 41 -16.53 -3.97 5.24
CA LYS A 41 -15.80 -2.75 5.59
C LYS A 41 -14.29 -2.99 5.63
N ILE A 42 -13.83 -4.05 4.96
CA ILE A 42 -12.40 -4.37 4.91
C ILE A 42 -11.87 -4.68 6.31
N THR A 43 -11.63 -3.64 7.10
CA THR A 43 -11.14 -3.78 8.47
C THR A 43 -9.62 -4.01 8.53
N SER A 44 -8.99 -4.23 7.37
CA SER A 44 -7.54 -4.47 7.36
C SER A 44 -6.93 -4.25 5.97
N TYR A 45 -6.02 -3.28 5.87
CA TYR A 45 -5.35 -2.98 4.61
C TYR A 45 -3.93 -3.54 4.61
N ILE A 46 -3.46 -3.97 3.46
CA ILE A 46 -2.11 -4.52 3.34
C ILE A 46 -1.43 -4.00 2.08
N VAL A 47 -0.47 -3.10 2.26
CA VAL A 47 0.23 -2.55 1.11
C VAL A 47 1.52 -3.31 0.81
N GLU A 48 1.56 -3.91 -0.38
CA GLU A 48 2.72 -4.67 -0.82
C GLU A 48 3.75 -3.77 -1.46
N LYS A 49 4.99 -4.24 -1.52
CA LYS A 49 6.07 -3.47 -2.11
C LYS A 49 6.71 -4.20 -3.27
N ARG A 50 7.29 -3.42 -4.16
CA ARG A 50 7.98 -3.97 -5.30
C ARG A 50 9.36 -3.34 -5.36
N ASP A 51 10.33 -4.06 -4.80
CA ASP A 51 11.72 -3.59 -4.76
C ASP A 51 12.32 -3.60 -6.16
N LEU A 52 12.06 -2.53 -6.90
CA LEU A 52 12.57 -2.42 -8.26
C LEU A 52 14.10 -2.49 -8.27
N PRO A 53 14.71 -2.99 -9.36
CA PRO A 53 13.99 -3.46 -10.54
C PRO A 53 13.42 -4.88 -10.38
N ASN A 54 13.58 -5.45 -9.20
CA ASN A 54 13.08 -6.80 -8.93
C ASN A 54 11.69 -6.75 -8.31
N GLY A 55 11.63 -6.69 -6.98
CA GLY A 55 10.36 -6.63 -6.29
C GLY A 55 9.44 -7.80 -6.63
N ARG A 56 8.49 -8.07 -5.74
CA ARG A 56 7.55 -9.17 -5.94
C ARG A 56 6.26 -8.94 -5.16
N TRP A 57 5.97 -7.67 -4.88
CA TRP A 57 4.76 -7.30 -4.15
C TRP A 57 4.66 -8.07 -2.83
N LEU A 58 5.32 -7.57 -1.79
CA LEU A 58 5.30 -8.21 -0.49
C LEU A 58 4.80 -7.24 0.58
N LYS A 59 3.75 -7.64 1.30
CA LYS A 59 3.19 -6.79 2.35
C LYS A 59 4.25 -6.38 3.35
N ALA A 60 4.81 -5.19 3.15
CA ALA A 60 5.83 -4.67 4.05
C ALA A 60 5.24 -4.41 5.42
N ASN A 61 3.99 -3.98 5.44
CA ASN A 61 3.29 -3.70 6.69
C ASN A 61 3.08 -4.98 7.49
N PHE A 62 3.61 -5.00 8.70
CA PHE A 62 3.47 -6.17 9.57
C PHE A 62 2.52 -5.85 10.72
N SER A 63 1.65 -4.88 10.51
CA SER A 63 0.67 -4.47 11.51
C SER A 63 -0.67 -4.12 10.87
N ASN A 64 -1.74 -4.68 11.40
CA ASN A 64 -3.08 -4.44 10.87
C ASN A 64 -3.31 -2.96 10.55
N ILE A 65 -3.49 -2.67 9.26
CA ILE A 65 -3.72 -1.30 8.80
C ILE A 65 -5.23 -1.04 8.66
N LEU A 66 -5.87 -0.60 9.73
CA LEU A 66 -7.30 -0.33 9.70
C LEU A 66 -7.61 0.85 8.78
N GLU A 67 -7.13 2.04 9.15
CA GLU A 67 -7.36 3.22 8.35
C GLU A 67 -6.66 3.11 7.00
N ASN A 68 -7.02 3.99 6.09
CA ASN A 68 -6.42 3.97 4.75
C ASN A 68 -5.18 4.86 4.70
N GLU A 69 -4.66 5.24 5.87
CA GLU A 69 -3.48 6.08 5.93
C GLU A 69 -2.34 5.32 6.59
N PHE A 70 -1.49 4.70 5.78
CA PHE A 70 -0.37 3.94 6.30
C PHE A 70 0.97 4.51 5.88
N THR A 71 2.01 4.09 6.58
CA THR A 71 3.36 4.52 6.29
C THR A 71 4.31 3.35 6.30
N VAL A 72 4.78 2.97 5.12
CA VAL A 72 5.70 1.85 5.00
C VAL A 72 7.06 2.18 5.61
N SER A 73 7.32 1.61 6.78
CA SER A 73 8.58 1.84 7.47
C SER A 73 9.53 0.67 7.25
N GLY A 74 10.80 0.91 7.55
CA GLY A 74 11.80 -0.13 7.38
C GLY A 74 12.09 -0.36 5.91
N LEU A 75 11.91 0.68 5.13
CA LEU A 75 12.13 0.62 3.70
C LEU A 75 13.61 0.84 3.38
N THR A 76 14.04 0.35 2.22
CA THR A 76 15.45 0.48 1.81
C THR A 76 15.66 1.74 0.97
N GLU A 77 16.62 2.55 1.37
CA GLU A 77 16.93 3.79 0.66
C GLU A 77 17.73 3.50 -0.61
N ASP A 78 17.76 4.49 -1.51
CA ASP A 78 18.49 4.36 -2.76
C ASP A 78 17.89 3.25 -3.63
N ALA A 79 16.57 3.23 -3.70
CA ALA A 79 15.87 2.22 -4.49
C ALA A 79 14.41 2.61 -4.67
N ALA A 80 13.97 2.72 -5.91
CA ALA A 80 12.59 3.08 -6.19
C ALA A 80 11.65 1.93 -5.86
N TYR A 81 10.78 2.15 -4.90
CA TYR A 81 9.84 1.14 -4.47
C TYR A 81 8.41 1.47 -4.86
N GLU A 82 7.73 0.50 -5.43
CA GLU A 82 6.34 0.68 -5.83
C GLU A 82 5.45 0.00 -4.78
N PHE A 83 4.40 0.68 -4.32
CA PHE A 83 3.55 0.05 -3.28
C PHE A 83 2.06 0.03 -3.58
N ARG A 84 1.51 -1.18 -3.66
CA ARG A 84 0.07 -1.38 -3.89
C ARG A 84 -0.53 -1.88 -2.60
N VAL A 85 -1.82 -2.23 -2.59
CA VAL A 85 -2.41 -2.73 -1.36
C VAL A 85 -3.64 -3.60 -1.60
N ILE A 86 -3.57 -4.80 -1.02
CA ILE A 86 -4.61 -5.78 -1.08
C ILE A 86 -5.33 -5.79 0.26
N ALA A 87 -6.61 -6.12 0.29
CA ALA A 87 -7.31 -6.11 1.57
C ALA A 87 -8.59 -6.92 1.56
N LYS A 88 -8.65 -7.91 2.44
CA LYS A 88 -9.84 -8.74 2.53
C LYS A 88 -11.02 -7.92 3.03
N ASN A 89 -12.13 -8.59 3.23
CA ASN A 89 -13.34 -7.94 3.72
C ASN A 89 -13.98 -8.75 4.82
N ALA A 90 -14.95 -8.15 5.48
CA ALA A 90 -15.69 -8.80 6.57
C ALA A 90 -16.05 -10.25 6.23
N ALA A 91 -16.19 -10.54 4.94
CA ALA A 91 -16.55 -11.88 4.49
C ALA A 91 -15.34 -12.77 4.24
N GLY A 92 -14.16 -12.17 4.10
CA GLY A 92 -12.96 -12.96 3.85
C GLY A 92 -12.48 -12.81 2.42
N ALA A 93 -13.38 -12.43 1.53
CA ALA A 93 -13.04 -12.24 0.12
C ALA A 93 -11.88 -11.26 0.00
N ILE A 94 -10.75 -11.75 -0.50
CA ILE A 94 -9.58 -10.90 -0.64
C ILE A 94 -9.72 -9.90 -1.78
N SER A 95 -9.84 -8.63 -1.41
CA SER A 95 -9.96 -7.57 -2.39
C SER A 95 -8.68 -7.45 -3.20
N PRO A 96 -8.74 -7.71 -4.53
CA PRO A 96 -7.57 -7.64 -5.40
C PRO A 96 -6.62 -6.50 -5.04
N PRO A 97 -5.35 -6.61 -5.44
CA PRO A 97 -4.33 -5.59 -5.14
C PRO A 97 -4.62 -4.24 -5.79
N SER A 98 -4.73 -3.21 -4.97
CA SER A 98 -4.98 -1.86 -5.45
C SER A 98 -3.74 -1.33 -6.15
N GLU A 99 -3.92 -0.75 -7.34
CA GLU A 99 -2.83 -0.19 -8.16
C GLU A 99 -1.66 0.31 -7.30
N PRO A 100 -0.42 -0.18 -7.58
CA PRO A 100 0.76 0.22 -6.83
C PRO A 100 0.97 1.73 -6.76
N SER A 101 1.98 2.12 -5.98
CA SER A 101 2.33 3.51 -5.79
C SER A 101 3.61 3.82 -6.54
N ASP A 102 3.68 5.02 -7.13
CA ASP A 102 4.86 5.46 -7.87
C ASP A 102 6.14 5.01 -7.18
N ALA A 103 7.08 4.52 -7.97
CA ALA A 103 8.35 4.04 -7.42
C ALA A 103 9.17 5.19 -6.87
N ILE A 104 9.19 5.33 -5.54
CA ILE A 104 9.96 6.39 -4.90
C ILE A 104 11.39 5.93 -4.63
N THR A 105 12.35 6.58 -5.29
CA THR A 105 13.76 6.23 -5.12
C THR A 105 14.14 6.15 -3.65
N CYS A 106 13.56 7.01 -2.84
CA CYS A 106 13.85 7.01 -1.41
C CYS A 106 15.33 7.32 -1.18
N ARG A 107 15.65 8.59 -0.94
CA ARG A 107 17.03 9.00 -0.73
C ARG A 107 17.15 10.17 0.25
N ASP A 108 17.03 11.39 -0.26
CA ASP A 108 17.14 12.58 0.57
C ASP A 108 15.78 13.22 0.83
N ASP A 109 14.71 12.56 0.41
CA ASP A 109 13.35 13.07 0.61
C ASP A 109 13.24 14.55 0.31
N VAL A 110 14.09 15.05 -0.58
CA VAL A 110 14.08 16.45 -0.94
C VAL A 110 14.75 16.66 -2.29
N GLU A 111 14.74 15.63 -3.11
CA GLU A 111 15.33 15.71 -4.44
C GLU A 111 14.80 14.61 -5.35
N ALA A 112 14.71 13.40 -4.81
CA ALA A 112 14.21 12.27 -5.58
C ALA A 112 14.91 12.14 -6.93
N SER A 9 -22.81 -10.46 -5.91
CA SER A 9 -22.05 -9.81 -4.81
C SER A 9 -20.75 -9.19 -5.32
N PRO A 10 -20.81 -7.94 -5.79
CA PRO A 10 -19.64 -7.23 -6.31
C PRO A 10 -18.70 -6.76 -5.20
N ILE A 11 -17.45 -6.52 -5.55
CA ILE A 11 -16.46 -6.05 -4.59
C ILE A 11 -15.53 -5.03 -5.22
N ASP A 12 -15.08 -4.07 -4.42
CA ASP A 12 -14.19 -3.02 -4.91
C ASP A 12 -13.05 -2.77 -3.92
N PRO A 13 -11.79 -2.91 -4.35
CA PRO A 13 -10.63 -2.67 -3.48
C PRO A 13 -10.48 -1.19 -3.13
N PRO A 14 -9.59 -0.87 -2.18
CA PRO A 14 -9.35 0.52 -1.76
C PRO A 14 -9.02 1.44 -2.93
N GLY A 15 -9.13 2.74 -2.71
CA GLY A 15 -8.84 3.71 -3.75
C GLY A 15 -7.38 3.71 -4.15
N LYS A 16 -7.06 4.44 -5.22
CA LYS A 16 -5.69 4.53 -5.71
C LYS A 16 -4.76 5.03 -4.60
N PRO A 17 -3.67 4.30 -4.32
CA PRO A 17 -2.72 4.70 -3.28
C PRO A 17 -1.82 5.86 -3.72
N VAL A 18 -1.76 6.90 -2.90
CA VAL A 18 -0.93 8.07 -3.22
C VAL A 18 -0.04 8.46 -2.04
N PRO A 19 1.28 8.26 -2.16
CA PRO A 19 2.23 8.59 -1.09
C PRO A 19 2.19 10.06 -0.67
N LEU A 20 1.56 10.33 0.47
CA LEU A 20 1.47 11.69 0.98
C LEU A 20 2.87 12.20 1.34
N ASN A 21 3.73 11.25 1.73
CA ASN A 21 5.10 11.55 2.11
C ASN A 21 5.98 10.34 1.79
N ILE A 22 7.25 10.58 1.56
CA ILE A 22 8.16 9.48 1.24
C ILE A 22 9.55 9.69 1.84
N THR A 23 9.90 8.83 2.79
CA THR A 23 11.20 8.90 3.44
C THR A 23 12.15 7.88 2.84
N ARG A 24 13.45 8.15 2.97
CA ARG A 24 14.47 7.25 2.43
C ARG A 24 14.31 5.84 2.99
N HIS A 25 13.67 5.72 4.15
CA HIS A 25 13.46 4.43 4.79
C HIS A 25 12.07 4.35 5.41
N THR A 26 11.13 5.12 4.87
CA THR A 26 9.76 5.13 5.38
C THR A 26 8.82 5.90 4.46
N VAL A 27 8.13 5.18 3.60
CA VAL A 27 7.20 5.80 2.66
C VAL A 27 5.77 5.81 3.22
N THR A 28 5.15 6.99 3.21
CA THR A 28 3.80 7.16 3.71
C THR A 28 2.80 7.32 2.57
N LEU A 29 1.76 6.49 2.55
CA LEU A 29 0.74 6.58 1.51
C LEU A 29 -0.66 6.43 2.06
N LYS A 30 -1.60 7.03 1.33
CA LYS A 30 -3.01 7.00 1.70
C LYS A 30 -3.84 6.54 0.50
N TRP A 31 -5.16 6.57 0.64
CA TRP A 31 -6.05 6.16 -0.43
C TRP A 31 -7.51 6.28 -0.04
N ALA A 32 -8.38 6.34 -1.05
CA ALA A 32 -9.82 6.46 -0.82
C ALA A 32 -10.41 5.14 -0.32
N LYS A 33 -11.42 5.26 0.54
CA LYS A 33 -12.08 4.09 1.10
C LYS A 33 -13.12 3.54 0.13
N PRO A 34 -13.22 2.21 0.01
CA PRO A 34 -14.18 1.57 -0.88
C PRO A 34 -15.55 2.22 -0.80
N GLU A 35 -16.39 1.96 -1.80
CA GLU A 35 -17.73 2.52 -1.84
C GLU A 35 -18.79 1.42 -1.89
N TYR A 36 -18.51 0.35 -2.62
CA TYR A 36 -19.46 -0.75 -2.73
C TYR A 36 -19.03 -1.94 -1.88
N THR A 37 -17.97 -2.62 -2.30
CA THR A 37 -17.46 -3.79 -1.57
C THR A 37 -18.61 -4.73 -1.20
N GLY A 38 -19.53 -4.90 -2.14
CA GLY A 38 -20.68 -5.76 -1.92
C GLY A 38 -21.35 -5.51 -0.59
N GLY A 39 -21.01 -6.32 0.41
CA GLY A 39 -21.58 -6.17 1.73
C GLY A 39 -20.57 -6.53 2.79
N PHE A 40 -19.47 -5.80 2.81
CA PHE A 40 -18.39 -6.05 3.75
C PHE A 40 -17.94 -4.78 4.47
N LYS A 41 -16.85 -4.90 5.22
CA LYS A 41 -16.30 -3.77 5.96
C LYS A 41 -14.77 -3.87 6.08
N ILE A 42 -14.16 -4.74 5.26
CA ILE A 42 -12.71 -4.92 5.27
C ILE A 42 -12.16 -5.29 6.64
N THR A 43 -11.03 -5.97 6.63
CA THR A 43 -10.38 -6.40 7.86
C THR A 43 -8.91 -5.98 7.87
N SER A 44 -8.69 -4.67 7.70
CA SER A 44 -7.35 -4.07 7.68
C SER A 44 -6.78 -4.11 6.28
N TYR A 45 -5.86 -3.19 5.99
CA TYR A 45 -5.24 -3.12 4.66
C TYR A 45 -3.79 -3.62 4.69
N ILE A 46 -3.31 -4.03 3.52
CA ILE A 46 -1.96 -4.54 3.35
C ILE A 46 -1.23 -3.70 2.31
N VAL A 47 0.09 -3.86 2.21
CA VAL A 47 0.87 -3.10 1.24
C VAL A 47 2.03 -3.89 0.68
N GLU A 48 1.86 -4.45 -0.51
CA GLU A 48 2.92 -5.22 -1.14
C GLU A 48 3.98 -4.29 -1.72
N LYS A 49 5.22 -4.54 -1.34
CA LYS A 49 6.36 -3.74 -1.78
C LYS A 49 7.07 -4.33 -3.00
N ARG A 50 7.32 -3.50 -4.01
CA ARG A 50 8.02 -3.95 -5.20
C ARG A 50 9.40 -3.31 -5.26
N ASP A 51 10.42 -4.11 -4.96
CA ASP A 51 11.80 -3.63 -4.97
C ASP A 51 12.32 -3.49 -6.39
N LEU A 52 12.21 -2.30 -6.94
CA LEU A 52 12.68 -2.04 -8.30
C LEU A 52 14.18 -1.84 -8.31
N PRO A 53 14.86 -2.12 -9.45
CA PRO A 53 14.21 -2.60 -10.68
C PRO A 53 14.01 -4.12 -10.70
N ASN A 54 13.83 -4.72 -9.52
CA ASN A 54 13.63 -6.16 -9.43
C ASN A 54 12.15 -6.50 -9.24
N GLY A 55 11.69 -6.49 -7.99
CA GLY A 55 10.30 -6.80 -7.71
C GLY A 55 10.14 -7.87 -6.65
N ARG A 56 8.94 -7.96 -6.07
CA ARG A 56 8.66 -8.96 -5.04
C ARG A 56 7.27 -8.77 -4.44
N TRP A 57 6.81 -7.52 -4.37
CA TRP A 57 5.50 -7.21 -3.81
C TRP A 57 5.32 -7.90 -2.45
N LEU A 58 5.96 -7.37 -1.40
CA LEU A 58 5.86 -7.98 -0.07
C LEU A 58 5.21 -7.03 0.94
N LYS A 59 4.33 -7.57 1.77
CA LYS A 59 3.64 -6.77 2.77
C LYS A 59 4.62 -6.25 3.82
N ALA A 60 5.24 -5.11 3.53
CA ALA A 60 6.20 -4.51 4.44
C ALA A 60 5.56 -4.21 5.79
N ASN A 61 4.30 -3.78 5.77
CA ASN A 61 3.57 -3.46 7.00
C ASN A 61 3.74 -4.58 8.03
N PHE A 62 3.20 -5.75 7.73
CA PHE A 62 3.29 -6.89 8.63
C PHE A 62 2.91 -6.50 10.06
N SER A 63 1.95 -5.61 10.19
CA SER A 63 1.49 -5.16 11.50
C SER A 63 -0.03 -5.00 11.53
N ASN A 64 -0.52 -3.91 10.96
CA ASN A 64 -1.95 -3.65 10.92
C ASN A 64 -2.24 -2.34 10.20
N ILE A 65 -3.34 -2.32 9.44
CA ILE A 65 -3.73 -1.13 8.70
C ILE A 65 -5.25 -0.99 8.64
N LEU A 66 -5.86 -0.61 9.76
CA LEU A 66 -7.30 -0.46 9.83
C LEU A 66 -7.77 0.72 8.98
N GLU A 67 -6.99 1.79 8.96
CA GLU A 67 -7.32 2.97 8.19
C GLU A 67 -6.54 3.00 6.88
N ASN A 68 -6.95 3.88 5.97
CA ASN A 68 -6.29 4.00 4.68
C ASN A 68 -4.97 4.76 4.79
N GLU A 69 -4.71 5.35 5.96
CA GLU A 69 -3.49 6.11 6.17
C GLU A 69 -2.45 5.24 6.86
N PHE A 70 -1.49 4.76 6.09
CA PHE A 70 -0.45 3.89 6.64
C PHE A 70 0.93 4.27 6.11
N THR A 71 1.96 3.79 6.79
CA THR A 71 3.33 4.07 6.39
C THR A 71 4.13 2.79 6.22
N VAL A 72 4.64 2.56 5.01
CA VAL A 72 5.42 1.38 4.72
C VAL A 72 6.87 1.58 5.11
N SER A 73 7.26 1.00 6.24
CA SER A 73 8.63 1.12 6.73
C SER A 73 9.42 -0.16 6.46
N GLY A 74 10.73 -0.09 6.64
CA GLY A 74 11.58 -1.25 6.40
C GLY A 74 12.21 -1.24 5.01
N LEU A 75 12.11 -0.11 4.32
CA LEU A 75 12.69 0.01 2.98
C LEU A 75 14.16 0.41 3.05
N THR A 76 14.75 0.67 1.89
CA THR A 76 16.15 1.06 1.83
C THR A 76 16.33 2.34 1.00
N GLU A 77 17.40 3.07 1.29
CA GLU A 77 17.69 4.30 0.59
C GLU A 77 18.28 4.02 -0.79
N ASP A 78 18.17 5.00 -1.68
CA ASP A 78 18.70 4.86 -3.03
C ASP A 78 18.09 3.64 -3.73
N ALA A 79 16.77 3.63 -3.86
CA ALA A 79 16.07 2.53 -4.51
C ALA A 79 14.59 2.84 -4.66
N ALA A 80 14.09 2.78 -5.89
CA ALA A 80 12.69 3.03 -6.16
C ALA A 80 11.83 1.90 -5.64
N TYR A 81 10.80 2.25 -4.88
CA TYR A 81 9.90 1.26 -4.32
C TYR A 81 8.45 1.54 -4.65
N GLU A 82 7.76 0.52 -5.15
CA GLU A 82 6.34 0.66 -5.48
C GLU A 82 5.50 -0.11 -4.47
N PHE A 83 4.32 0.40 -4.13
CA PHE A 83 3.48 -0.31 -3.14
C PHE A 83 1.99 -0.36 -3.47
N ARG A 84 1.45 -1.56 -3.62
CA ARG A 84 0.02 -1.74 -3.91
C ARG A 84 -0.73 -2.09 -2.65
N VAL A 85 -1.97 -1.64 -2.56
CA VAL A 85 -2.78 -1.91 -1.39
C VAL A 85 -3.64 -3.15 -1.60
N ILE A 86 -3.43 -4.15 -0.75
CA ILE A 86 -4.16 -5.40 -0.81
C ILE A 86 -4.91 -5.56 0.50
N ALA A 87 -6.10 -6.13 0.47
CA ALA A 87 -6.85 -6.31 1.70
C ALA A 87 -8.17 -7.01 1.47
N LYS A 88 -8.56 -7.87 2.40
CA LYS A 88 -9.83 -8.56 2.25
C LYS A 88 -10.97 -7.63 2.61
N ASN A 89 -12.18 -8.14 2.55
CA ASN A 89 -13.34 -7.36 2.87
C ASN A 89 -14.01 -7.87 4.15
N ALA A 90 -14.88 -8.85 4.03
CA ALA A 90 -15.53 -9.40 5.21
C ALA A 90 -16.01 -10.84 4.99
N ALA A 91 -16.61 -11.10 3.84
CA ALA A 91 -17.13 -12.44 3.54
C ALA A 91 -16.19 -13.25 2.66
N GLY A 92 -14.90 -13.25 3.00
CA GLY A 92 -13.94 -14.00 2.21
C GLY A 92 -13.57 -13.33 0.91
N ALA A 93 -14.17 -12.19 0.62
CA ALA A 93 -13.87 -11.46 -0.60
C ALA A 93 -12.55 -10.74 -0.43
N ILE A 94 -11.50 -11.26 -1.07
CA ILE A 94 -10.19 -10.65 -0.94
C ILE A 94 -9.84 -9.72 -2.07
N SER A 95 -9.78 -8.43 -1.77
CA SER A 95 -9.39 -7.45 -2.77
C SER A 95 -7.93 -7.73 -3.12
N PRO A 96 -7.64 -8.22 -4.34
CA PRO A 96 -6.29 -8.56 -4.72
C PRO A 96 -5.33 -7.34 -4.82
N PRO A 97 -5.00 -6.70 -5.99
CA PRO A 97 -4.07 -5.58 -5.98
C PRO A 97 -4.73 -4.22 -6.21
N SER A 98 -4.35 -3.24 -5.39
CA SER A 98 -4.90 -1.89 -5.53
C SER A 98 -3.82 -0.95 -6.05
N GLU A 99 -3.73 -0.88 -7.38
CA GLU A 99 -2.76 -0.03 -8.12
C GLU A 99 -1.57 0.43 -7.27
N PRO A 100 -0.40 -0.24 -7.42
CA PRO A 100 0.80 0.12 -6.67
C PRO A 100 1.16 1.60 -6.75
N SER A 101 1.71 2.12 -5.65
CA SER A 101 2.12 3.51 -5.56
C SER A 101 3.38 3.70 -6.37
N ASP A 102 3.49 4.84 -7.04
CA ASP A 102 4.65 5.17 -7.85
C ASP A 102 5.92 4.74 -7.16
N ALA A 103 6.90 4.30 -7.93
CA ALA A 103 8.15 3.85 -7.36
C ALA A 103 8.95 5.04 -6.82
N ILE A 104 9.07 5.12 -5.50
CA ILE A 104 9.80 6.20 -4.87
C ILE A 104 11.26 5.83 -4.63
N THR A 105 12.14 6.47 -5.40
CA THR A 105 13.58 6.23 -5.30
C THR A 105 14.05 6.18 -3.86
N CYS A 106 13.41 6.98 -3.00
CA CYS A 106 13.78 7.02 -1.59
C CYS A 106 15.27 7.27 -1.44
N ARG A 107 15.73 8.40 -1.97
CA ARG A 107 17.14 8.78 -1.91
C ARG A 107 17.47 9.60 -0.67
N ASP A 108 17.10 10.86 -0.69
CA ASP A 108 17.37 11.77 0.42
C ASP A 108 16.08 12.33 1.01
N ASP A 109 15.00 11.55 0.97
CA ASP A 109 13.71 11.98 1.50
C ASP A 109 13.38 13.42 1.10
N VAL A 110 13.95 13.85 -0.02
CA VAL A 110 13.70 15.20 -0.52
C VAL A 110 14.09 15.29 -1.98
N GLU A 111 14.01 14.15 -2.69
CA GLU A 111 14.37 14.10 -4.10
C GLU A 111 13.82 15.31 -4.86
N ALA A 112 14.62 15.84 -5.77
CA ALA A 112 14.22 17.01 -6.56
C ALA A 112 14.86 16.98 -7.94
N SER A 9 -19.67 -12.70 -4.52
CA SER A 9 -20.07 -11.26 -4.56
C SER A 9 -19.04 -10.42 -5.30
N PRO A 10 -19.43 -9.20 -5.71
CA PRO A 10 -18.55 -8.28 -6.42
C PRO A 10 -17.76 -7.38 -5.48
N ILE A 11 -16.75 -7.94 -4.83
CA ILE A 11 -15.92 -7.19 -3.90
C ILE A 11 -15.09 -6.14 -4.64
N ASP A 12 -14.85 -5.01 -3.97
CA ASP A 12 -14.08 -3.93 -4.56
C ASP A 12 -12.91 -3.55 -3.66
N PRO A 13 -11.70 -3.40 -4.23
CA PRO A 13 -10.52 -3.04 -3.46
C PRO A 13 -10.43 -1.53 -3.21
N PRO A 14 -9.64 -1.12 -2.21
CA PRO A 14 -9.48 0.30 -1.86
C PRO A 14 -9.05 1.16 -3.05
N GLY A 15 -8.96 2.46 -2.80
CA GLY A 15 -8.58 3.39 -3.85
C GLY A 15 -7.09 3.34 -4.18
N LYS A 16 -6.69 4.03 -5.24
CA LYS A 16 -5.29 4.07 -5.66
C LYS A 16 -4.44 4.73 -4.58
N PRO A 17 -3.47 3.99 -4.00
CA PRO A 17 -2.60 4.51 -2.95
C PRO A 17 -1.71 5.66 -3.42
N VAL A 18 -1.63 6.71 -2.62
CA VAL A 18 -0.81 7.87 -2.97
C VAL A 18 0.04 8.34 -1.79
N PRO A 19 1.36 8.03 -1.80
CA PRO A 19 2.24 8.44 -0.72
C PRO A 19 2.10 9.91 -0.36
N LEU A 20 1.69 10.22 0.87
CA LEU A 20 1.55 11.61 1.28
C LEU A 20 2.93 12.19 1.54
N ASN A 21 3.82 11.33 2.00
CA ASN A 21 5.19 11.71 2.29
C ASN A 21 6.10 10.51 2.05
N ILE A 22 7.38 10.77 1.81
CA ILE A 22 8.31 9.68 1.56
C ILE A 22 9.65 9.92 2.23
N THR A 23 9.83 9.32 3.40
CA THR A 23 11.05 9.47 4.18
C THR A 23 12.11 8.46 3.79
N ARG A 24 12.35 8.33 2.48
CA ARG A 24 13.35 7.42 1.94
C ARG A 24 13.20 5.98 2.45
N HIS A 25 13.59 5.77 3.71
CA HIS A 25 13.51 4.43 4.31
C HIS A 25 12.06 4.04 4.62
N THR A 26 11.22 5.05 4.85
CA THR A 26 9.82 4.79 5.15
C THR A 26 8.94 5.82 4.44
N VAL A 27 8.02 5.34 3.61
CA VAL A 27 7.15 6.24 2.88
C VAL A 27 5.70 6.18 3.40
N THR A 28 5.11 7.34 3.57
CA THR A 28 3.73 7.45 4.04
C THR A 28 2.77 7.53 2.85
N LEU A 29 1.62 6.86 2.96
CA LEU A 29 0.62 6.85 1.89
C LEU A 29 -0.80 6.77 2.42
N LYS A 30 -1.74 7.31 1.64
CA LYS A 30 -3.15 7.32 2.00
C LYS A 30 -4.01 7.06 0.77
N TRP A 31 -5.13 6.36 0.95
CA TRP A 31 -6.03 6.07 -0.16
C TRP A 31 -7.50 6.18 0.24
N ALA A 32 -8.38 5.86 -0.70
CA ALA A 32 -9.81 5.92 -0.47
C ALA A 32 -10.35 4.55 -0.07
N LYS A 33 -11.58 4.51 0.44
CA LYS A 33 -12.18 3.25 0.85
C LYS A 33 -13.11 2.71 -0.24
N PRO A 34 -13.22 1.38 -0.36
CA PRO A 34 -14.07 0.73 -1.35
C PRO A 34 -15.43 1.41 -1.46
N GLU A 35 -16.19 1.06 -2.50
CA GLU A 35 -17.51 1.63 -2.71
C GLU A 35 -18.62 0.61 -2.51
N TYR A 36 -18.30 -0.66 -2.76
CA TYR A 36 -19.29 -1.73 -2.62
C TYR A 36 -18.80 -2.80 -1.65
N THR A 37 -17.80 -3.55 -2.06
CA THR A 37 -17.25 -4.62 -1.24
C THR A 37 -18.35 -5.53 -0.72
N GLY A 38 -19.16 -6.04 -1.63
CA GLY A 38 -20.24 -6.94 -1.26
C GLY A 38 -21.05 -6.39 -0.09
N GLY A 39 -20.66 -6.78 1.12
CA GLY A 39 -21.34 -6.33 2.31
C GLY A 39 -20.37 -6.21 3.47
N PHE A 40 -19.14 -5.85 3.13
CA PHE A 40 -18.07 -5.72 4.12
C PHE A 40 -17.50 -4.31 4.14
N LYS A 41 -16.51 -4.10 5.00
CA LYS A 41 -15.86 -2.79 5.12
C LYS A 41 -14.35 -2.94 5.32
N ILE A 42 -13.84 -4.15 5.13
CA ILE A 42 -12.41 -4.41 5.31
C ILE A 42 -11.97 -4.10 6.73
N THR A 43 -11.02 -4.88 7.24
CA THR A 43 -10.50 -4.69 8.58
C THR A 43 -8.98 -4.56 8.58
N SER A 44 -8.37 -4.53 7.39
CA SER A 44 -6.92 -4.40 7.27
C SER A 44 -6.52 -4.15 5.81
N TYR A 45 -5.81 -3.04 5.59
CA TYR A 45 -5.34 -2.70 4.24
C TYR A 45 -3.87 -3.07 4.07
N ILE A 46 -3.62 -4.28 3.56
CA ILE A 46 -2.26 -4.74 3.35
C ILE A 46 -1.60 -3.97 2.22
N VAL A 47 -0.33 -3.60 2.41
CA VAL A 47 0.42 -2.85 1.40
C VAL A 47 1.61 -3.66 0.88
N GLU A 48 1.47 -4.25 -0.29
CA GLU A 48 2.55 -5.02 -0.89
C GLU A 48 3.57 -4.05 -1.49
N LYS A 49 4.85 -4.33 -1.31
CA LYS A 49 5.89 -3.45 -1.84
C LYS A 49 6.81 -4.19 -2.81
N ARG A 50 7.10 -3.54 -3.92
CA ARG A 50 7.97 -4.12 -4.94
C ARG A 50 9.26 -3.30 -5.06
N ASP A 51 10.37 -3.92 -4.68
CA ASP A 51 11.67 -3.26 -4.74
C ASP A 51 12.17 -3.20 -6.18
N LEU A 52 12.24 -1.99 -6.72
CA LEU A 52 12.71 -1.79 -8.09
C LEU A 52 14.23 -1.85 -8.16
N PRO A 53 14.79 -2.32 -9.30
CA PRO A 53 14.02 -2.78 -10.45
C PRO A 53 13.77 -4.28 -10.43
N ASN A 54 13.94 -4.89 -9.26
CA ASN A 54 13.73 -6.33 -9.12
C ASN A 54 13.28 -6.69 -7.71
N GLY A 55 11.97 -6.76 -7.51
CA GLY A 55 11.44 -7.10 -6.20
C GLY A 55 10.17 -7.94 -6.31
N ARG A 56 9.45 -8.05 -5.20
CA ARG A 56 8.21 -8.83 -5.18
C ARG A 56 7.18 -8.21 -4.25
N TRP A 57 5.92 -8.37 -4.60
CA TRP A 57 4.83 -7.83 -3.82
C TRP A 57 4.71 -8.55 -2.49
N LEU A 58 5.29 -7.96 -1.46
CA LEU A 58 5.23 -8.55 -0.13
C LEU A 58 4.73 -7.54 0.89
N LYS A 59 3.70 -7.92 1.63
CA LYS A 59 3.12 -7.04 2.64
C LYS A 59 4.17 -6.64 3.67
N ALA A 60 4.89 -5.56 3.39
CA ALA A 60 5.91 -5.08 4.30
C ALA A 60 5.27 -4.41 5.51
N ASN A 61 4.15 -3.73 5.26
CA ASN A 61 3.42 -3.03 6.32
C ASN A 61 3.31 -3.90 7.57
N PHE A 62 2.90 -5.15 7.39
CA PHE A 62 2.75 -6.08 8.51
C PHE A 62 2.11 -5.44 9.73
N SER A 63 1.27 -4.44 9.48
CA SER A 63 0.60 -3.74 10.57
C SER A 63 -0.91 -3.88 10.46
N ASN A 64 -1.64 -3.00 11.14
CA ASN A 64 -3.10 -3.05 11.10
C ASN A 64 -3.67 -1.84 10.37
N ILE A 65 -3.33 -1.72 9.08
CA ILE A 65 -3.82 -0.60 8.28
C ILE A 65 -5.35 -0.58 8.28
N LEU A 66 -5.94 0.22 9.17
CA LEU A 66 -7.39 0.31 9.28
C LEU A 66 -7.89 1.74 9.03
N GLU A 67 -6.97 2.69 8.93
CA GLU A 67 -7.33 4.09 8.69
C GLU A 67 -6.95 4.57 7.29
N ASN A 68 -6.53 3.64 6.45
CA ASN A 68 -6.10 3.94 5.08
C ASN A 68 -5.03 5.02 5.05
N GLU A 69 -4.36 5.21 6.18
CA GLU A 69 -3.31 6.19 6.31
C GLU A 69 -2.10 5.50 6.93
N PHE A 70 -1.38 4.74 6.12
CA PHE A 70 -0.23 3.99 6.60
C PHE A 70 1.06 4.41 5.92
N THR A 71 2.18 4.00 6.53
CA THR A 71 3.49 4.28 6.01
C THR A 71 4.26 2.99 5.83
N VAL A 72 4.68 2.72 4.60
CA VAL A 72 5.42 1.51 4.30
C VAL A 72 6.85 1.62 4.78
N SER A 73 7.12 1.01 5.93
CA SER A 73 8.46 1.01 6.51
C SER A 73 9.24 -0.21 6.05
N GLY A 74 10.50 0.01 5.71
CA GLY A 74 11.34 -1.08 5.26
C GLY A 74 12.13 -0.71 4.03
N LEU A 75 11.70 0.35 3.34
CA LEU A 75 12.37 0.81 2.14
C LEU A 75 13.86 1.00 2.40
N THR A 76 14.58 1.46 1.40
CA THR A 76 16.03 1.66 1.53
C THR A 76 16.48 2.83 0.66
N GLU A 77 17.41 3.62 1.17
CA GLU A 77 17.93 4.76 0.43
C GLU A 77 18.49 4.33 -0.92
N ASP A 78 18.23 5.13 -1.94
CA ASP A 78 18.71 4.85 -3.29
C ASP A 78 18.03 3.60 -3.86
N ALA A 79 16.71 3.66 -3.99
CA ALA A 79 15.96 2.53 -4.53
C ALA A 79 14.50 2.89 -4.73
N ALA A 80 14.03 2.80 -5.98
CA ALA A 80 12.64 3.10 -6.28
C ALA A 80 11.75 2.04 -5.66
N TYR A 81 10.66 2.45 -5.03
CA TYR A 81 9.77 1.49 -4.39
C TYR A 81 8.31 1.69 -4.76
N GLU A 82 7.75 0.69 -5.43
CA GLU A 82 6.34 0.72 -5.82
C GLU A 82 5.55 -0.10 -4.81
N PHE A 83 4.43 0.41 -4.33
CA PHE A 83 3.66 -0.35 -3.32
C PHE A 83 2.15 -0.34 -3.56
N ARG A 84 1.61 -1.53 -3.79
CA ARG A 84 0.17 -1.69 -3.98
C ARG A 84 -0.44 -2.12 -2.67
N VAL A 85 -1.76 -2.19 -2.57
CA VAL A 85 -2.38 -2.61 -1.31
C VAL A 85 -3.56 -3.56 -1.54
N ILE A 86 -3.39 -4.78 -1.05
CA ILE A 86 -4.42 -5.80 -1.14
C ILE A 86 -5.14 -5.84 0.21
N ALA A 87 -6.45 -6.04 0.20
CA ALA A 87 -7.17 -6.07 1.46
C ALA A 87 -8.38 -6.99 1.43
N LYS A 88 -8.34 -8.03 2.25
CA LYS A 88 -9.45 -8.96 2.30
C LYS A 88 -10.70 -8.25 2.80
N ASN A 89 -11.72 -9.00 3.15
CA ASN A 89 -12.96 -8.39 3.64
C ASN A 89 -13.61 -9.24 4.73
N ALA A 90 -14.61 -8.66 5.37
CA ALA A 90 -15.33 -9.32 6.44
C ALA A 90 -15.69 -10.77 6.08
N ALA A 91 -15.87 -11.04 4.80
CA ALA A 91 -16.22 -12.38 4.35
C ALA A 91 -14.99 -13.27 4.21
N GLY A 92 -13.82 -12.65 4.07
CA GLY A 92 -12.60 -13.41 3.92
C GLY A 92 -12.00 -13.26 2.54
N ALA A 93 -12.82 -12.87 1.57
CA ALA A 93 -12.36 -12.69 0.21
C ALA A 93 -11.15 -11.78 0.18
N ILE A 94 -10.39 -11.81 -0.90
CA ILE A 94 -9.21 -10.98 -1.01
C ILE A 94 -9.35 -9.91 -2.08
N SER A 95 -9.46 -8.65 -1.65
CA SER A 95 -9.59 -7.55 -2.59
C SER A 95 -8.28 -7.40 -3.37
N PRO A 96 -8.32 -7.61 -4.70
CA PRO A 96 -7.13 -7.52 -5.54
C PRO A 96 -6.21 -6.38 -5.14
N PRO A 97 -4.93 -6.45 -5.55
CA PRO A 97 -3.94 -5.43 -5.22
C PRO A 97 -4.25 -4.08 -5.85
N SER A 98 -4.33 -3.06 -5.01
CA SER A 98 -4.60 -1.71 -5.49
C SER A 98 -3.34 -1.12 -6.12
N GLU A 99 -3.41 -0.86 -7.43
CA GLU A 99 -2.30 -0.30 -8.23
C GLU A 99 -1.15 0.23 -7.39
N PRO A 100 0.07 -0.34 -7.54
CA PRO A 100 1.25 0.09 -6.78
C PRO A 100 1.51 1.58 -6.85
N SER A 101 1.74 2.18 -5.70
CA SER A 101 2.04 3.59 -5.64
C SER A 101 3.36 3.85 -6.33
N ASP A 102 3.46 5.00 -7.00
CA ASP A 102 4.67 5.38 -7.73
C ASP A 102 5.94 4.89 -7.06
N ALA A 103 6.88 4.47 -7.87
CA ALA A 103 8.15 3.97 -7.34
C ALA A 103 8.98 5.13 -6.82
N ILE A 104 9.09 5.24 -5.50
CA ILE A 104 9.84 6.30 -4.87
C ILE A 104 11.32 5.93 -4.74
N THR A 105 12.17 6.62 -5.48
CA THR A 105 13.61 6.36 -5.45
C THR A 105 14.10 6.27 -4.00
N CYS A 106 13.47 7.04 -3.12
CA CYS A 106 13.84 7.04 -1.72
C CYS A 106 15.32 7.34 -1.55
N ARG A 107 15.66 8.63 -1.55
CA ARG A 107 17.05 9.05 -1.38
C ARG A 107 17.14 10.18 -0.35
N ASP A 108 17.05 11.41 -0.81
CA ASP A 108 17.10 12.56 0.08
C ASP A 108 15.69 13.05 0.40
N ASP A 109 14.71 12.18 0.14
CA ASP A 109 13.31 12.51 0.39
C ASP A 109 12.94 13.87 -0.18
N VAL A 110 13.68 14.28 -1.21
CA VAL A 110 13.43 15.55 -1.85
C VAL A 110 13.09 15.36 -3.34
N GLU A 111 13.49 14.22 -3.89
CA GLU A 111 13.24 13.90 -5.30
C GLU A 111 13.38 15.12 -6.20
N ALA A 112 14.59 15.66 -6.25
CA ALA A 112 14.86 16.83 -7.07
C ALA A 112 16.37 17.12 -7.12
N SER A 9 -19.20 -13.58 -3.83
CA SER A 9 -19.44 -12.14 -3.58
C SER A 9 -18.62 -11.28 -4.53
N PRO A 10 -19.17 -10.13 -4.96
CA PRO A 10 -18.47 -9.21 -5.87
C PRO A 10 -17.16 -8.71 -5.27
N ILE A 11 -17.27 -8.14 -4.07
CA ILE A 11 -16.11 -7.60 -3.35
C ILE A 11 -15.38 -6.54 -4.15
N ASP A 12 -14.89 -5.51 -3.47
CA ASP A 12 -14.17 -4.42 -4.13
C ASP A 12 -13.01 -3.93 -3.26
N PRO A 13 -11.82 -3.73 -3.86
CA PRO A 13 -10.64 -3.26 -3.13
C PRO A 13 -10.66 -1.75 -2.89
N PRO A 14 -9.87 -1.28 -1.91
CA PRO A 14 -9.80 0.15 -1.57
C PRO A 14 -9.43 1.01 -2.78
N GLY A 15 -9.50 2.33 -2.59
CA GLY A 15 -9.17 3.25 -3.67
C GLY A 15 -7.73 3.12 -4.12
N LYS A 16 -7.24 4.11 -4.85
CA LYS A 16 -5.86 4.10 -5.33
C LYS A 16 -4.92 4.68 -4.28
N PRO A 17 -3.69 4.14 -4.14
CA PRO A 17 -2.72 4.62 -3.17
C PRO A 17 -1.92 5.83 -3.69
N VAL A 18 -1.82 6.86 -2.85
CA VAL A 18 -1.09 8.07 -3.23
C VAL A 18 -0.19 8.53 -2.07
N PRO A 19 1.13 8.42 -2.22
CA PRO A 19 2.06 8.83 -1.16
C PRO A 19 1.96 10.29 -0.78
N LEU A 20 2.05 10.53 0.53
CA LEU A 20 1.98 11.87 1.08
C LEU A 20 3.38 12.30 1.51
N ASN A 21 4.22 11.32 1.83
CA ASN A 21 5.59 11.58 2.26
C ASN A 21 6.44 10.34 2.13
N ILE A 22 7.74 10.51 2.05
CA ILE A 22 8.66 9.39 1.94
C ILE A 22 9.98 9.69 2.61
N THR A 23 10.10 9.26 3.86
CA THR A 23 11.30 9.51 4.65
C THR A 23 12.37 8.45 4.39
N ARG A 24 12.76 8.30 3.13
CA ARG A 24 13.80 7.35 2.75
C ARG A 24 13.46 5.91 3.16
N HIS A 25 13.47 5.67 4.47
CA HIS A 25 13.18 4.35 5.01
C HIS A 25 11.72 4.21 5.42
N THR A 26 10.96 5.30 5.38
CA THR A 26 9.55 5.26 5.75
C THR A 26 8.66 5.97 4.73
N VAL A 27 8.05 5.20 3.84
CA VAL A 27 7.17 5.76 2.83
C VAL A 27 5.75 5.89 3.38
N THR A 28 5.05 6.97 3.02
CA THR A 28 3.70 7.22 3.51
C THR A 28 2.68 7.39 2.40
N LEU A 29 1.72 6.47 2.32
CA LEU A 29 0.67 6.55 1.29
C LEU A 29 -0.72 6.39 1.92
N LYS A 30 -1.69 7.03 1.28
CA LYS A 30 -3.08 7.02 1.74
C LYS A 30 -4.03 6.89 0.53
N TRP A 31 -5.10 6.10 0.69
CA TRP A 31 -6.05 5.91 -0.41
C TRP A 31 -7.50 6.11 0.04
N ALA A 32 -8.43 5.87 -0.89
CA ALA A 32 -9.85 6.01 -0.61
C ALA A 32 -10.41 4.73 -0.01
N LYS A 33 -11.73 4.60 -0.04
CA LYS A 33 -12.40 3.43 0.50
C LYS A 33 -13.25 2.74 -0.57
N PRO A 34 -13.46 1.41 -0.41
CA PRO A 34 -14.25 0.63 -1.37
C PRO A 34 -15.66 1.18 -1.58
N GLU A 35 -16.43 0.51 -2.44
CA GLU A 35 -17.78 0.93 -2.74
C GLU A 35 -18.80 -0.17 -2.43
N TYR A 36 -18.38 -1.43 -2.53
CA TYR A 36 -19.28 -2.55 -2.26
C TYR A 36 -18.73 -3.49 -1.19
N THR A 37 -17.68 -4.22 -1.53
CA THR A 37 -17.07 -5.16 -0.59
C THR A 37 -18.13 -6.10 -0.01
N GLY A 38 -18.93 -6.68 -0.90
CA GLY A 38 -19.97 -7.60 -0.48
C GLY A 38 -20.73 -7.10 0.74
N GLY A 39 -20.45 -7.68 1.90
CA GLY A 39 -21.11 -7.27 3.13
C GLY A 39 -20.09 -7.16 4.26
N PHE A 40 -18.89 -6.78 3.87
CA PHE A 40 -17.77 -6.63 4.79
C PHE A 40 -17.41 -5.16 5.01
N LYS A 41 -16.41 -4.93 5.86
CA LYS A 41 -15.96 -3.58 6.16
C LYS A 41 -14.43 -3.49 6.26
N ILE A 42 -13.74 -4.59 5.95
CA ILE A 42 -12.28 -4.62 6.01
C ILE A 42 -11.79 -4.33 7.41
N THR A 43 -10.83 -5.13 7.88
CA THR A 43 -10.29 -4.95 9.22
C THR A 43 -8.77 -4.74 9.21
N SER A 44 -8.15 -4.81 8.03
CA SER A 44 -6.70 -4.62 7.94
C SER A 44 -6.24 -4.47 6.49
N TYR A 45 -5.70 -3.30 6.16
CA TYR A 45 -5.19 -3.05 4.82
C TYR A 45 -3.73 -3.42 4.72
N ILE A 46 -3.34 -3.99 3.59
CA ILE A 46 -1.96 -4.41 3.37
C ILE A 46 -1.31 -3.54 2.30
N VAL A 47 0.02 -3.63 2.20
CA VAL A 47 0.76 -2.85 1.22
C VAL A 47 1.91 -3.65 0.62
N GLU A 48 1.72 -4.16 -0.60
CA GLU A 48 2.76 -4.93 -1.25
C GLU A 48 3.84 -3.98 -1.77
N LYS A 49 5.10 -4.37 -1.59
CA LYS A 49 6.21 -3.54 -2.04
C LYS A 49 7.01 -4.22 -3.14
N ARG A 50 7.64 -3.42 -3.98
CA ARG A 50 8.45 -3.93 -5.08
C ARG A 50 9.69 -3.06 -5.29
N ASP A 51 10.87 -3.67 -5.13
CA ASP A 51 12.14 -2.95 -5.31
C ASP A 51 12.30 -2.44 -6.73
N LEU A 52 11.49 -2.96 -7.63
CA LEU A 52 11.52 -2.56 -9.03
C LEU A 52 12.91 -2.78 -9.65
N PRO A 53 12.98 -3.10 -10.96
CA PRO A 53 11.81 -3.26 -11.81
C PRO A 53 11.21 -4.66 -11.75
N ASN A 54 11.65 -5.43 -10.76
CA ASN A 54 11.17 -6.80 -10.60
C ASN A 54 10.60 -6.99 -9.19
N GLY A 55 11.47 -6.94 -8.19
CA GLY A 55 11.04 -7.11 -6.81
C GLY A 55 10.02 -8.22 -6.64
N ARG A 56 8.93 -7.90 -5.96
CA ARG A 56 7.86 -8.86 -5.71
C ARG A 56 6.85 -8.30 -4.71
N TRP A 57 5.66 -8.02 -5.22
CA TRP A 57 4.60 -7.48 -4.39
C TRP A 57 4.38 -8.34 -3.15
N LEU A 58 4.85 -7.84 -2.02
CA LEU A 58 4.72 -8.58 -0.76
C LEU A 58 4.44 -7.63 0.40
N LYS A 59 3.51 -8.01 1.26
CA LYS A 59 3.14 -7.20 2.41
C LYS A 59 4.37 -6.83 3.23
N ALA A 60 4.62 -5.53 3.35
CA ALA A 60 5.77 -5.05 4.11
C ALA A 60 5.31 -4.38 5.40
N ASN A 61 4.10 -3.80 5.36
CA ASN A 61 3.55 -3.12 6.52
C ASN A 61 3.56 -4.02 7.74
N PHE A 62 3.06 -5.24 7.60
CA PHE A 62 3.03 -6.19 8.70
C PHE A 62 2.37 -5.56 9.93
N SER A 63 1.53 -4.56 9.70
CA SER A 63 0.84 -3.87 10.78
C SER A 63 -0.66 -4.09 10.70
N ASN A 64 -1.43 -3.22 11.34
CA ASN A 64 -2.88 -3.34 11.33
C ASN A 64 -3.53 -2.09 10.73
N ILE A 65 -3.19 -1.80 9.48
CA ILE A 65 -3.74 -0.63 8.79
C ILE A 65 -5.28 -0.66 8.87
N LEU A 66 -5.92 0.49 8.76
CA LEU A 66 -7.38 0.53 8.84
C LEU A 66 -7.97 1.84 8.33
N GLU A 67 -7.28 2.96 8.58
CA GLU A 67 -7.76 4.26 8.14
C GLU A 67 -7.27 4.63 6.75
N ASN A 68 -6.92 3.62 5.99
CA ASN A 68 -6.42 3.78 4.62
C ASN A 68 -5.28 4.80 4.57
N GLU A 69 -4.62 5.00 5.70
CA GLU A 69 -3.50 5.91 5.80
C GLU A 69 -2.38 5.21 6.54
N PHE A 70 -1.50 4.56 5.79
CA PHE A 70 -0.40 3.82 6.39
C PHE A 70 0.96 4.31 5.89
N THR A 71 2.00 3.90 6.60
CA THR A 71 3.36 4.28 6.26
C THR A 71 4.27 3.06 6.19
N VAL A 72 4.64 2.69 4.97
CA VAL A 72 5.51 1.54 4.75
C VAL A 72 6.91 1.82 5.29
N SER A 73 7.24 1.16 6.39
CA SER A 73 8.55 1.34 7.01
C SER A 73 9.40 0.09 6.84
N GLY A 74 10.70 0.28 6.67
CA GLY A 74 11.60 -0.84 6.51
C GLY A 74 12.22 -0.89 5.12
N LEU A 75 12.04 0.16 4.33
CA LEU A 75 12.60 0.19 2.98
C LEU A 75 14.09 -0.12 3.01
N THR A 76 14.72 -0.04 1.84
CA THR A 76 16.14 -0.32 1.72
C THR A 76 16.93 0.99 1.53
N GLU A 77 16.25 2.04 1.12
CA GLU A 77 16.88 3.34 0.91
C GLU A 77 17.81 3.28 -0.30
N ASP A 78 17.83 4.35 -1.07
CA ASP A 78 18.67 4.41 -2.26
C ASP A 78 18.15 3.44 -3.32
N ALA A 79 16.85 3.13 -3.25
CA ALA A 79 16.22 2.23 -4.19
C ALA A 79 14.77 2.62 -4.42
N ALA A 80 14.30 2.50 -5.66
CA ALA A 80 12.93 2.84 -6.00
C ALA A 80 11.99 1.72 -5.62
N TYR A 81 10.90 2.08 -4.95
CA TYR A 81 9.92 1.10 -4.52
C TYR A 81 8.50 1.53 -4.85
N GLU A 82 7.74 0.60 -5.41
CA GLU A 82 6.35 0.83 -5.76
C GLU A 82 5.47 0.09 -4.75
N PHE A 83 4.33 0.66 -4.37
CA PHE A 83 3.48 -0.01 -3.36
C PHE A 83 2.00 -0.06 -3.70
N ARG A 84 1.46 -1.27 -3.85
CA ARG A 84 0.04 -1.44 -4.12
C ARG A 84 -0.69 -1.81 -2.84
N VAL A 85 -1.99 -1.54 -2.79
CA VAL A 85 -2.78 -1.85 -1.61
C VAL A 85 -3.65 -3.08 -1.83
N ILE A 86 -3.55 -4.01 -0.89
CA ILE A 86 -4.31 -5.25 -0.92
C ILE A 86 -4.91 -5.44 0.47
N ALA A 87 -6.00 -6.19 0.59
CA ALA A 87 -6.60 -6.39 1.90
C ALA A 87 -7.79 -7.33 1.87
N LYS A 88 -7.80 -8.31 2.77
CA LYS A 88 -8.92 -9.24 2.85
C LYS A 88 -9.98 -8.65 3.78
N ASN A 89 -11.10 -8.29 3.18
CA ASN A 89 -12.20 -7.68 3.91
C ASN A 89 -12.55 -8.38 5.23
N ALA A 90 -13.64 -9.16 5.27
CA ALA A 90 -14.04 -9.84 6.50
C ALA A 90 -14.21 -11.34 6.33
N ALA A 91 -14.99 -11.75 5.33
CA ALA A 91 -15.25 -13.17 5.08
C ALA A 91 -14.05 -13.89 4.46
N GLY A 92 -12.96 -13.18 4.24
CA GLY A 92 -11.79 -13.80 3.64
C GLY A 92 -11.59 -13.39 2.20
N ALA A 93 -12.64 -12.84 1.58
CA ALA A 93 -12.56 -12.39 0.20
C ALA A 93 -11.42 -11.39 0.08
N ILE A 94 -10.27 -11.88 -0.35
CA ILE A 94 -9.09 -11.04 -0.48
C ILE A 94 -9.22 -9.97 -1.56
N SER A 95 -9.14 -8.72 -1.14
CA SER A 95 -9.21 -7.61 -2.09
C SER A 95 -7.91 -7.59 -2.88
N PRO A 96 -7.96 -7.92 -4.19
CA PRO A 96 -6.78 -7.98 -5.03
C PRO A 96 -5.97 -6.68 -5.10
N PRO A 97 -4.82 -6.72 -5.79
CA PRO A 97 -3.92 -5.56 -5.93
C PRO A 97 -4.64 -4.25 -6.28
N SER A 98 -4.24 -3.18 -5.60
CA SER A 98 -4.83 -1.86 -5.83
C SER A 98 -3.79 -0.86 -6.29
N GLU A 99 -3.69 -0.70 -7.61
CA GLU A 99 -2.75 0.24 -8.28
C GLU A 99 -1.56 0.65 -7.40
N PRO A 100 -0.36 0.12 -7.68
CA PRO A 100 0.85 0.45 -6.91
C PRO A 100 1.20 1.93 -6.97
N SER A 101 1.57 2.49 -5.82
CA SER A 101 1.93 3.90 -5.72
C SER A 101 3.27 4.14 -6.39
N ASP A 102 3.42 5.33 -6.97
CA ASP A 102 4.64 5.74 -7.67
C ASP A 102 5.89 5.17 -7.01
N ALA A 103 6.88 4.87 -7.83
CA ALA A 103 8.13 4.31 -7.34
C ALA A 103 9.05 5.41 -6.81
N ILE A 104 9.36 5.35 -5.53
CA ILE A 104 10.23 6.34 -4.89
C ILE A 104 11.60 5.76 -4.56
N THR A 105 12.64 6.35 -5.16
CA THR A 105 14.01 5.90 -4.93
C THR A 105 14.32 5.83 -3.44
N CYS A 106 13.57 6.57 -2.63
CA CYS A 106 13.79 6.57 -1.19
C CYS A 106 15.22 6.99 -0.87
N ARG A 107 15.58 8.19 -1.33
CA ARG A 107 16.91 8.74 -1.13
C ARG A 107 17.05 9.31 0.30
N ASP A 108 17.59 10.53 0.44
CA ASP A 108 17.76 11.15 1.76
C ASP A 108 16.56 12.04 2.10
N ASP A 109 15.36 11.61 1.68
CA ASP A 109 14.12 12.35 1.92
C ASP A 109 14.33 13.87 1.88
N VAL A 110 15.27 14.30 1.05
CA VAL A 110 15.57 15.71 0.91
C VAL A 110 16.50 15.96 -0.27
N GLU A 111 16.45 15.10 -1.27
CA GLU A 111 17.30 15.26 -2.44
C GLU A 111 16.47 15.58 -3.69
N ALA A 112 15.18 15.27 -3.65
CA ALA A 112 14.30 15.54 -4.78
C ALA A 112 13.21 16.54 -4.39
N SER A 9 -21.87 -12.10 -3.06
CA SER A 9 -21.27 -11.00 -2.26
C SER A 9 -20.13 -10.33 -3.03
N PRO A 10 -20.42 -9.22 -3.73
CA PRO A 10 -19.43 -8.48 -4.50
C PRO A 10 -18.56 -7.60 -3.61
N ILE A 11 -17.24 -7.82 -3.67
CA ILE A 11 -16.30 -7.05 -2.86
C ILE A 11 -15.41 -6.18 -3.75
N ASP A 12 -15.05 -5.01 -3.23
CA ASP A 12 -14.20 -4.08 -3.97
C ASP A 12 -13.05 -3.60 -3.09
N PRO A 13 -11.83 -3.49 -3.67
CA PRO A 13 -10.64 -3.05 -2.94
C PRO A 13 -10.53 -1.53 -2.91
N PRO A 14 -9.71 -1.00 -1.97
CA PRO A 14 -9.50 0.45 -1.82
C PRO A 14 -9.03 1.13 -3.10
N GLY A 15 -8.72 2.43 -2.99
CA GLY A 15 -8.25 3.18 -4.15
C GLY A 15 -6.76 3.08 -4.36
N LYS A 16 -6.26 3.72 -5.42
CA LYS A 16 -4.83 3.70 -5.73
C LYS A 16 -4.05 4.47 -4.67
N PRO A 17 -3.06 3.84 -4.00
CA PRO A 17 -2.27 4.49 -2.95
C PRO A 17 -1.36 5.59 -3.51
N VAL A 18 -1.23 6.66 -2.75
CA VAL A 18 -0.40 7.80 -3.14
C VAL A 18 0.39 8.33 -1.95
N PRO A 19 1.72 8.10 -1.92
CA PRO A 19 2.56 8.56 -0.83
C PRO A 19 2.37 10.04 -0.52
N LEU A 20 2.03 10.36 0.73
CA LEU A 20 1.86 11.75 1.13
C LEU A 20 3.22 12.33 1.51
N ASN A 21 4.07 11.45 2.03
CA ASN A 21 5.42 11.82 2.44
C ASN A 21 6.33 10.60 2.30
N ILE A 22 7.59 10.83 1.99
CA ILE A 22 8.51 9.71 1.83
C ILE A 22 9.81 9.95 2.58
N THR A 23 9.90 9.37 3.78
CA THR A 23 11.09 9.52 4.62
C THR A 23 12.15 8.49 4.26
N ARG A 24 12.48 8.41 2.98
CA ARG A 24 13.50 7.49 2.48
C ARG A 24 13.26 6.05 2.93
N HIS A 25 13.56 5.76 4.19
CA HIS A 25 13.40 4.41 4.74
C HIS A 25 11.93 4.05 4.97
N THR A 26 11.10 5.07 5.16
CA THR A 26 9.68 4.83 5.39
C THR A 26 8.86 5.83 4.60
N VAL A 27 7.98 5.33 3.74
CA VAL A 27 7.15 6.21 2.93
C VAL A 27 5.68 6.15 3.31
N THR A 28 5.15 7.32 3.68
CA THR A 28 3.76 7.45 4.07
C THR A 28 2.88 7.62 2.84
N LEU A 29 1.72 6.94 2.85
CA LEU A 29 0.78 7.00 1.73
C LEU A 29 -0.67 6.89 2.19
N LYS A 30 -1.60 7.27 1.30
CA LYS A 30 -3.02 7.20 1.60
C LYS A 30 -3.79 6.70 0.39
N TRP A 31 -5.11 6.57 0.52
CA TRP A 31 -5.92 6.11 -0.58
C TRP A 31 -7.42 6.20 -0.29
N ALA A 32 -8.22 6.05 -1.34
CA ALA A 32 -9.67 6.10 -1.23
C ALA A 32 -10.21 4.77 -0.74
N LYS A 33 -11.32 4.82 -0.01
CA LYS A 33 -11.94 3.61 0.50
C LYS A 33 -12.93 3.03 -0.50
N PRO A 34 -13.10 1.70 -0.51
CA PRO A 34 -14.02 1.01 -1.43
C PRO A 34 -15.37 1.70 -1.53
N GLU A 35 -16.24 1.18 -2.39
CA GLU A 35 -17.57 1.74 -2.58
C GLU A 35 -18.67 0.73 -2.28
N TYR A 36 -18.39 -0.55 -2.51
CA TYR A 36 -19.38 -1.60 -2.26
C TYR A 36 -18.96 -2.54 -1.13
N THR A 37 -17.96 -3.38 -1.39
CA THR A 37 -17.48 -4.33 -0.39
C THR A 37 -18.63 -5.18 0.15
N GLY A 38 -19.55 -5.53 -0.74
CA GLY A 38 -20.69 -6.34 -0.33
C GLY A 38 -21.38 -5.78 0.90
N GLY A 39 -20.98 -6.26 2.07
CA GLY A 39 -21.56 -5.79 3.31
C GLY A 39 -20.55 -5.79 4.44
N PHE A 40 -19.28 -5.64 4.07
CA PHE A 40 -18.17 -5.63 5.02
C PHE A 40 -17.67 -4.22 5.29
N LYS A 41 -16.62 -4.10 6.11
CA LYS A 41 -16.04 -2.81 6.44
C LYS A 41 -14.51 -2.84 6.46
N ILE A 42 -13.91 -3.99 6.12
CA ILE A 42 -12.46 -4.12 6.11
C ILE A 42 -11.86 -3.88 7.49
N THR A 43 -10.92 -4.72 7.88
CA THR A 43 -10.26 -4.60 9.17
C THR A 43 -8.74 -4.49 9.04
N SER A 44 -8.25 -4.31 7.81
CA SER A 44 -6.81 -4.20 7.59
C SER A 44 -6.47 -4.00 6.11
N TYR A 45 -5.53 -3.10 5.85
CA TYR A 45 -5.11 -2.81 4.48
C TYR A 45 -3.66 -3.25 4.27
N ILE A 46 -3.47 -4.37 3.59
CA ILE A 46 -2.14 -4.90 3.31
C ILE A 46 -1.49 -4.15 2.14
N VAL A 47 -0.27 -3.67 2.35
CA VAL A 47 0.43 -2.94 1.30
C VAL A 47 1.57 -3.76 0.71
N GLU A 48 1.42 -4.18 -0.55
CA GLU A 48 2.45 -4.95 -1.21
C GLU A 48 3.44 -3.99 -1.85
N LYS A 49 4.73 -4.27 -1.71
CA LYS A 49 5.75 -3.39 -2.27
C LYS A 49 6.71 -4.14 -3.18
N ARG A 50 7.13 -3.45 -4.24
CA ARG A 50 8.06 -4.02 -5.21
C ARG A 50 9.40 -3.31 -5.10
N ASP A 51 10.39 -4.02 -4.56
CA ASP A 51 11.73 -3.48 -4.40
C ASP A 51 12.45 -3.48 -5.74
N LEU A 52 12.35 -2.37 -6.44
CA LEU A 52 12.99 -2.24 -7.75
C LEU A 52 14.51 -2.23 -7.62
N PRO A 53 15.23 -2.86 -8.58
CA PRO A 53 14.63 -3.54 -9.73
C PRO A 53 14.44 -5.03 -9.48
N ASN A 54 14.49 -5.45 -8.22
CA ASN A 54 14.33 -6.86 -7.87
C ASN A 54 13.25 -7.04 -6.79
N GLY A 55 12.00 -6.78 -7.15
CA GLY A 55 10.91 -6.93 -6.21
C GLY A 55 10.00 -8.09 -6.55
N ARG A 56 9.01 -8.33 -5.69
CA ARG A 56 8.06 -9.43 -5.90
C ARG A 56 6.70 -9.11 -5.26
N TRP A 57 6.45 -7.83 -5.00
CA TRP A 57 5.20 -7.39 -4.39
C TRP A 57 4.89 -8.22 -3.14
N LEU A 58 5.21 -7.68 -1.98
CA LEU A 58 4.94 -8.37 -0.72
C LEU A 58 4.52 -7.37 0.37
N LYS A 59 3.78 -7.86 1.35
CA LYS A 59 3.31 -7.01 2.43
C LYS A 59 4.46 -6.62 3.37
N ALA A 60 4.74 -5.32 3.43
CA ALA A 60 5.80 -4.80 4.28
C ALA A 60 5.24 -4.39 5.64
N ASN A 61 4.07 -3.78 5.63
CA ASN A 61 3.42 -3.34 6.85
C ASN A 61 3.39 -4.46 7.89
N PHE A 62 2.95 -5.64 7.48
CA PHE A 62 2.87 -6.80 8.36
C PHE A 62 2.26 -6.41 9.71
N SER A 63 1.37 -5.42 9.70
CA SER A 63 0.71 -4.96 10.91
C SER A 63 -0.76 -4.68 10.66
N ASN A 64 -1.39 -3.96 11.60
CA ASN A 64 -2.80 -3.61 11.48
C ASN A 64 -2.98 -2.23 10.87
N ILE A 65 -3.43 -2.17 9.63
CA ILE A 65 -3.65 -0.91 8.94
C ILE A 65 -5.14 -0.64 8.78
N LEU A 66 -5.83 -0.44 9.90
CA LEU A 66 -7.26 -0.17 9.89
C LEU A 66 -7.63 0.90 8.86
N GLU A 67 -7.18 2.13 9.11
CA GLU A 67 -7.45 3.23 8.20
C GLU A 67 -6.58 3.14 6.96
N ASN A 68 -6.97 3.85 5.92
CA ASN A 68 -6.22 3.86 4.67
C ASN A 68 -4.96 4.70 4.78
N GLU A 69 -4.75 5.33 5.92
CA GLU A 69 -3.58 6.16 6.13
C GLU A 69 -2.48 5.34 6.78
N PHE A 70 -1.54 4.86 5.97
CA PHE A 70 -0.46 4.04 6.48
C PHE A 70 0.90 4.47 5.93
N THR A 71 1.95 3.99 6.58
CA THR A 71 3.31 4.29 6.18
C THR A 71 4.08 3.00 5.93
N VAL A 72 4.65 2.87 4.74
CA VAL A 72 5.39 1.67 4.42
C VAL A 72 6.80 1.71 4.99
N SER A 73 6.96 1.09 6.16
CA SER A 73 8.25 1.05 6.82
C SER A 73 9.04 -0.17 6.40
N GLY A 74 10.30 0.06 6.05
CA GLY A 74 11.17 -1.02 5.62
C GLY A 74 12.01 -0.59 4.43
N LEU A 75 11.51 0.38 3.69
CA LEU A 75 12.20 0.90 2.52
C LEU A 75 13.65 1.23 2.86
N THR A 76 14.50 1.28 1.84
CA THR A 76 15.91 1.58 2.02
C THR A 76 16.33 2.77 1.15
N GLU A 77 17.23 3.59 1.67
CA GLU A 77 17.70 4.76 0.94
C GLU A 77 18.37 4.35 -0.37
N ASP A 78 18.17 5.17 -1.41
CA ASP A 78 18.76 4.92 -2.72
C ASP A 78 18.09 3.71 -3.38
N ALA A 79 16.76 3.66 -3.32
CA ALA A 79 16.02 2.56 -3.93
C ALA A 79 14.58 2.93 -4.23
N ALA A 80 14.19 2.82 -5.50
CA ALA A 80 12.83 3.13 -5.92
C ALA A 80 11.89 2.02 -5.48
N TYR A 81 10.79 2.39 -4.81
CA TYR A 81 9.85 1.40 -4.31
C TYR A 81 8.42 1.66 -4.79
N GLU A 82 7.82 0.65 -5.43
CA GLU A 82 6.44 0.75 -5.90
C GLU A 82 5.55 -0.01 -4.92
N PHE A 83 4.39 0.52 -4.55
CA PHE A 83 3.56 -0.24 -3.58
C PHE A 83 2.05 -0.18 -3.83
N ARG A 84 1.45 -1.36 -3.90
CA ARG A 84 0.01 -1.50 -4.07
C ARG A 84 -0.58 -1.94 -2.74
N VAL A 85 -1.87 -2.26 -2.69
CA VAL A 85 -2.45 -2.69 -1.43
C VAL A 85 -3.62 -3.64 -1.60
N ILE A 86 -3.43 -4.85 -1.07
CA ILE A 86 -4.44 -5.86 -1.08
C ILE A 86 -5.07 -5.87 0.31
N ALA A 87 -6.36 -6.15 0.39
CA ALA A 87 -7.02 -6.13 1.68
C ALA A 87 -8.29 -6.95 1.69
N LYS A 88 -8.46 -7.74 2.74
CA LYS A 88 -9.65 -8.55 2.88
C LYS A 88 -10.82 -7.65 3.24
N ASN A 89 -11.81 -8.19 3.94
CA ASN A 89 -12.96 -7.39 4.33
C ASN A 89 -13.52 -7.86 5.68
N ALA A 90 -14.68 -8.50 5.71
CA ALA A 90 -15.25 -8.97 6.97
C ALA A 90 -15.67 -10.44 6.91
N ALA A 91 -15.72 -11.01 5.71
CA ALA A 91 -16.11 -12.40 5.55
C ALA A 91 -14.90 -13.31 5.25
N GLY A 92 -13.71 -12.71 5.17
CA GLY A 92 -12.52 -13.49 4.89
C GLY A 92 -12.04 -13.32 3.46
N ALA A 93 -12.92 -12.83 2.59
CA ALA A 93 -12.56 -12.63 1.19
C ALA A 93 -11.37 -11.68 1.09
N ILE A 94 -10.60 -11.81 0.01
CA ILE A 94 -9.44 -10.96 -0.17
C ILE A 94 -9.61 -10.02 -1.37
N SER A 95 -9.83 -8.74 -1.07
CA SER A 95 -10.00 -7.75 -2.12
C SER A 95 -8.69 -7.61 -2.91
N PRO A 96 -8.77 -7.73 -4.25
CA PRO A 96 -7.59 -7.63 -5.12
C PRO A 96 -6.63 -6.51 -4.71
N PRO A 97 -5.43 -6.49 -5.31
CA PRO A 97 -4.40 -5.50 -5.02
C PRO A 97 -4.69 -4.15 -5.65
N SER A 98 -4.80 -3.12 -4.83
CA SER A 98 -5.06 -1.78 -5.32
C SER A 98 -3.85 -1.30 -6.14
N GLU A 99 -4.11 -0.75 -7.32
CA GLU A 99 -3.05 -0.26 -8.23
C GLU A 99 -1.86 0.31 -7.45
N PRO A 100 -0.64 -0.24 -7.66
CA PRO A 100 0.58 0.22 -6.96
C PRO A 100 0.84 1.72 -7.08
N SER A 101 1.57 2.26 -6.11
CA SER A 101 1.91 3.67 -6.09
C SER A 101 3.26 3.88 -6.76
N ASP A 102 3.41 5.05 -7.37
CA ASP A 102 4.64 5.42 -8.06
C ASP A 102 5.87 5.01 -7.26
N ALA A 103 6.93 4.68 -7.97
CA ALA A 103 8.17 4.27 -7.34
C ALA A 103 8.92 5.45 -6.74
N ILE A 104 9.21 5.36 -5.44
CA ILE A 104 9.93 6.41 -4.75
C ILE A 104 11.39 6.01 -4.54
N THR A 105 12.30 6.66 -5.27
CA THR A 105 13.72 6.37 -5.16
C THR A 105 14.15 6.29 -3.70
N CYS A 106 13.45 7.02 -2.84
CA CYS A 106 13.76 7.03 -1.42
C CYS A 106 15.23 7.33 -1.19
N ARG A 107 15.59 8.61 -1.19
CA ARG A 107 16.98 9.01 -0.98
C ARG A 107 17.07 10.12 0.06
N ASP A 108 16.96 11.35 -0.39
CA ASP A 108 17.04 12.50 0.51
C ASP A 108 15.65 13.01 0.89
N ASP A 109 14.61 12.24 0.53
CA ASP A 109 13.23 12.62 0.84
C ASP A 109 12.98 14.09 0.53
N VAL A 110 13.73 14.61 -0.44
CA VAL A 110 13.60 16.01 -0.84
C VAL A 110 13.46 16.15 -2.36
N GLU A 111 13.58 15.05 -3.09
CA GLU A 111 13.46 15.06 -4.54
C GLU A 111 14.23 16.23 -5.16
N ALA A 112 15.45 16.43 -4.66
CA ALA A 112 16.31 17.51 -5.15
C ALA A 112 16.53 17.38 -6.66
N SER A 9 -22.21 -10.27 -3.18
CA SER A 9 -21.38 -11.36 -3.79
C SER A 9 -20.05 -10.83 -4.31
N PRO A 10 -20.09 -9.73 -5.08
CA PRO A 10 -18.87 -9.13 -5.65
C PRO A 10 -18.03 -8.43 -4.59
N ILE A 11 -16.92 -7.85 -5.03
CA ILE A 11 -16.02 -7.15 -4.13
C ILE A 11 -15.20 -6.11 -4.89
N ASP A 12 -14.98 -4.96 -4.26
CA ASP A 12 -14.20 -3.89 -4.88
C ASP A 12 -13.10 -3.40 -3.93
N PRO A 13 -11.83 -3.52 -4.33
CA PRO A 13 -10.71 -3.09 -3.49
C PRO A 13 -10.71 -1.58 -3.28
N PRO A 14 -9.98 -1.09 -2.25
CA PRO A 14 -9.91 0.34 -1.94
C PRO A 14 -9.21 1.16 -3.02
N GLY A 15 -9.36 2.49 -2.92
CA GLY A 15 -8.75 3.38 -3.90
C GLY A 15 -7.25 3.23 -3.97
N LYS A 16 -6.68 3.59 -5.13
CA LYS A 16 -5.24 3.49 -5.32
C LYS A 16 -4.51 4.24 -4.21
N PRO A 17 -3.41 3.67 -3.69
CA PRO A 17 -2.62 4.31 -2.62
C PRO A 17 -1.69 5.37 -3.17
N VAL A 18 -1.93 6.63 -2.78
CA VAL A 18 -1.09 7.73 -3.24
C VAL A 18 -0.24 8.27 -2.09
N PRO A 19 1.08 8.04 -2.13
CA PRO A 19 1.98 8.49 -1.09
C PRO A 19 1.67 9.90 -0.60
N LEU A 20 1.48 10.03 0.70
CA LEU A 20 1.18 11.29 1.33
C LEU A 20 2.48 11.99 1.74
N ASN A 21 3.47 11.18 2.11
CA ASN A 21 4.78 11.68 2.50
C ASN A 21 5.81 10.58 2.34
N ILE A 22 6.71 10.75 1.38
CA ILE A 22 7.73 9.76 1.12
C ILE A 22 9.09 10.17 1.67
N THR A 23 9.81 9.19 2.22
CA THR A 23 11.12 9.42 2.80
C THR A 23 12.07 8.30 2.38
N ARG A 24 13.31 8.67 2.11
CA ARG A 24 14.34 7.70 1.68
C ARG A 24 14.31 6.41 2.49
N HIS A 25 13.79 6.44 3.72
CA HIS A 25 13.75 5.23 4.54
C HIS A 25 12.35 4.87 4.99
N THR A 26 11.36 5.68 4.60
CA THR A 26 9.97 5.41 4.98
C THR A 26 9.00 6.15 4.06
N VAL A 27 8.15 5.40 3.39
CA VAL A 27 7.18 6.00 2.48
C VAL A 27 5.76 5.91 3.07
N THR A 28 5.07 7.05 3.10
CA THR A 28 3.71 7.11 3.63
C THR A 28 2.71 7.27 2.50
N LEU A 29 1.63 6.47 2.54
CA LEU A 29 0.59 6.55 1.52
C LEU A 29 -0.81 6.51 2.12
N LYS A 30 -1.71 7.22 1.46
CA LYS A 30 -3.11 7.28 1.87
C LYS A 30 -4.01 6.99 0.68
N TRP A 31 -4.98 6.11 0.86
CA TRP A 31 -5.89 5.76 -0.23
C TRP A 31 -7.33 6.12 0.11
N ALA A 32 -8.24 5.75 -0.80
CA ALA A 32 -9.66 6.04 -0.63
C ALA A 32 -10.45 4.79 -0.23
N LYS A 33 -11.75 4.98 -0.01
CA LYS A 33 -12.64 3.90 0.37
C LYS A 33 -13.28 3.27 -0.87
N PRO A 34 -13.47 1.93 -0.87
CA PRO A 34 -14.07 1.21 -2.02
C PRO A 34 -15.40 1.79 -2.47
N GLU A 35 -16.17 0.99 -3.20
CA GLU A 35 -17.46 1.44 -3.71
C GLU A 35 -18.54 0.40 -3.46
N TYR A 36 -18.20 -0.87 -3.72
CA TYR A 36 -19.16 -1.94 -3.54
C TYR A 36 -18.79 -2.85 -2.36
N THR A 37 -17.73 -3.63 -2.54
CA THR A 37 -17.29 -4.54 -1.49
C THR A 37 -18.43 -5.45 -1.09
N GLY A 38 -19.15 -5.95 -2.09
CA GLY A 38 -20.27 -6.84 -1.84
C GLY A 38 -21.19 -6.34 -0.73
N GLY A 39 -20.90 -6.76 0.50
CA GLY A 39 -21.68 -6.34 1.65
C GLY A 39 -20.84 -6.37 2.88
N PHE A 40 -19.58 -5.98 2.70
CA PHE A 40 -18.60 -5.95 3.77
C PHE A 40 -18.12 -4.53 4.05
N LYS A 41 -17.20 -4.40 5.00
CA LYS A 41 -16.64 -3.11 5.37
C LYS A 41 -15.12 -3.12 5.39
N ILE A 42 -14.50 -4.28 5.22
CA ILE A 42 -13.05 -4.39 5.23
C ILE A 42 -12.49 -3.96 6.58
N THR A 43 -11.45 -4.66 7.05
CA THR A 43 -10.84 -4.34 8.33
C THR A 43 -9.32 -4.42 8.26
N SER A 44 -8.75 -3.88 7.18
CA SER A 44 -7.29 -3.90 6.99
C SER A 44 -6.93 -3.39 5.60
N TYR A 45 -5.65 -3.07 5.41
CA TYR A 45 -5.17 -2.58 4.12
C TYR A 45 -3.70 -2.90 3.94
N ILE A 46 -3.40 -4.17 3.67
CA ILE A 46 -2.02 -4.59 3.46
C ILE A 46 -1.36 -3.81 2.35
N VAL A 47 -0.14 -3.34 2.60
CA VAL A 47 0.59 -2.57 1.60
C VAL A 47 1.70 -3.39 0.97
N GLU A 48 1.48 -3.83 -0.26
CA GLU A 48 2.48 -4.63 -0.96
C GLU A 48 3.56 -3.71 -1.52
N LYS A 49 4.81 -4.05 -1.26
CA LYS A 49 5.93 -3.24 -1.74
C LYS A 49 6.73 -3.99 -2.78
N ARG A 50 7.22 -3.26 -3.77
CA ARG A 50 8.02 -3.87 -4.83
C ARG A 50 9.43 -3.29 -4.83
N ASP A 51 10.38 -4.09 -4.35
CA ASP A 51 11.77 -3.68 -4.28
C ASP A 51 12.42 -3.69 -5.67
N LEU A 52 12.49 -2.52 -6.29
CA LEU A 52 13.08 -2.40 -7.61
C LEU A 52 14.60 -2.29 -7.53
N PRO A 53 15.32 -2.69 -8.60
CA PRO A 53 14.75 -3.20 -9.84
C PRO A 53 14.67 -4.73 -9.85
N ASN A 54 14.35 -5.33 -8.71
CA ASN A 54 14.24 -6.78 -8.61
C ASN A 54 13.57 -7.20 -7.31
N GLY A 55 12.24 -7.11 -7.28
CA GLY A 55 11.50 -7.49 -6.10
C GLY A 55 10.09 -7.94 -6.44
N ARG A 56 9.25 -8.10 -5.44
CA ARG A 56 7.88 -8.53 -5.66
C ARG A 56 6.92 -7.86 -4.67
N TRP A 57 5.64 -7.84 -5.03
CA TRP A 57 4.62 -7.23 -4.20
C TRP A 57 4.48 -8.00 -2.89
N LEU A 58 5.30 -7.64 -1.91
CA LEU A 58 5.25 -8.29 -0.61
C LEU A 58 4.86 -7.30 0.49
N LYS A 59 3.86 -7.68 1.28
CA LYS A 59 3.40 -6.83 2.36
C LYS A 59 4.52 -6.48 3.33
N ALA A 60 4.83 -5.20 3.43
CA ALA A 60 5.88 -4.73 4.32
C ALA A 60 5.31 -4.28 5.66
N ASN A 61 4.10 -3.71 5.60
CA ASN A 61 3.43 -3.23 6.81
C ASN A 61 3.49 -4.27 7.93
N PHE A 62 2.92 -5.45 7.68
CA PHE A 62 2.90 -6.52 8.66
C PHE A 62 2.49 -6.00 10.04
N SER A 63 1.54 -5.07 10.05
CA SER A 63 1.07 -4.48 11.30
C SER A 63 -0.42 -4.15 11.23
N ASN A 64 -1.13 -4.78 10.29
CA ASN A 64 -2.57 -4.55 10.12
C ASN A 64 -2.86 -3.08 9.85
N ILE A 65 -3.40 -2.79 8.66
CA ILE A 65 -3.73 -1.42 8.30
C ILE A 65 -5.23 -1.18 8.35
N LEU A 66 -5.73 -0.85 9.54
CA LEU A 66 -7.16 -0.58 9.71
C LEU A 66 -7.60 0.57 8.81
N GLU A 67 -7.28 1.80 9.22
CA GLU A 67 -7.64 2.97 8.44
C GLU A 67 -6.87 2.99 7.12
N ASN A 68 -7.16 3.98 6.27
CA ASN A 68 -6.49 4.09 4.98
C ASN A 68 -5.31 5.05 5.05
N GLU A 69 -4.65 5.09 6.19
CA GLU A 69 -3.49 5.95 6.37
C GLU A 69 -2.35 5.16 6.98
N PHE A 70 -1.42 4.69 6.15
CA PHE A 70 -0.30 3.91 6.64
C PHE A 70 1.02 4.38 6.06
N THR A 71 2.11 3.96 6.71
CA THR A 71 3.45 4.30 6.27
C THR A 71 4.33 3.06 6.20
N VAL A 72 4.71 2.70 4.98
CA VAL A 72 5.55 1.52 4.77
C VAL A 72 6.98 1.79 5.24
N SER A 73 7.42 1.00 6.21
CA SER A 73 8.76 1.13 6.75
C SER A 73 9.59 -0.12 6.49
N GLY A 74 10.87 0.09 6.21
CA GLY A 74 11.75 -1.03 5.93
C GLY A 74 12.48 -0.91 4.61
N LEU A 75 12.31 0.22 3.93
CA LEU A 75 12.96 0.46 2.65
C LEU A 75 14.46 0.67 2.82
N THR A 76 15.13 1.03 1.74
CA THR A 76 16.57 1.27 1.79
C THR A 76 16.96 2.45 0.90
N GLU A 77 17.99 3.18 1.31
CA GLU A 77 18.47 4.33 0.58
C GLU A 77 19.00 3.94 -0.80
N ASP A 78 18.69 4.74 -1.81
CA ASP A 78 19.14 4.49 -3.17
C ASP A 78 18.45 3.25 -3.75
N ALA A 79 17.11 3.29 -3.77
CA ALA A 79 16.34 2.17 -4.31
C ALA A 79 14.89 2.58 -4.53
N ALA A 80 14.44 2.50 -5.77
CA ALA A 80 13.07 2.86 -6.12
C ALA A 80 12.11 1.80 -5.59
N TYR A 81 11.14 2.23 -4.78
CA TYR A 81 10.17 1.33 -4.20
C TYR A 81 8.74 1.65 -4.61
N GLU A 82 8.03 0.63 -5.11
CA GLU A 82 6.64 0.79 -5.52
C GLU A 82 5.74 0.15 -4.46
N PHE A 83 4.56 0.72 -4.23
CA PHE A 83 3.68 0.13 -3.21
C PHE A 83 2.19 0.16 -3.56
N ARG A 84 1.54 -1.00 -3.42
CA ARG A 84 0.11 -1.12 -3.69
C ARG A 84 -0.62 -1.49 -2.40
N VAL A 85 -1.93 -1.66 -2.48
CA VAL A 85 -2.71 -2.00 -1.28
C VAL A 85 -3.66 -3.17 -1.51
N ILE A 86 -3.35 -4.31 -0.89
CA ILE A 86 -4.18 -5.47 -0.95
C ILE A 86 -4.89 -5.61 0.39
N ALA A 87 -6.14 -6.03 0.39
CA ALA A 87 -6.86 -6.16 1.64
C ALA A 87 -7.90 -7.25 1.57
N LYS A 88 -8.73 -7.32 2.61
CA LYS A 88 -9.79 -8.30 2.68
C LYS A 88 -11.11 -7.61 3.02
N ASN A 89 -12.15 -8.41 3.20
CA ASN A 89 -13.44 -7.86 3.53
C ASN A 89 -14.09 -8.60 4.70
N ALA A 90 -15.07 -7.97 5.31
CA ALA A 90 -15.79 -8.55 6.45
C ALA A 90 -16.11 -10.03 6.25
N ALA A 91 -16.29 -10.44 4.99
CA ALA A 91 -16.62 -11.83 4.68
C ALA A 91 -15.39 -12.73 4.58
N GLY A 92 -14.21 -12.13 4.61
CA GLY A 92 -12.99 -12.91 4.51
C GLY A 92 -12.36 -12.83 3.14
N ALA A 93 -13.13 -12.38 2.16
CA ALA A 93 -12.63 -12.26 0.80
C ALA A 93 -11.38 -11.40 0.78
N ILE A 94 -10.61 -11.48 -0.29
CA ILE A 94 -9.39 -10.71 -0.40
C ILE A 94 -9.47 -9.70 -1.53
N SER A 95 -9.79 -8.45 -1.20
CA SER A 95 -9.86 -7.41 -2.21
C SER A 95 -8.55 -7.36 -3.00
N PRO A 96 -8.61 -7.66 -4.31
CA PRO A 96 -7.43 -7.66 -5.17
C PRO A 96 -6.48 -6.50 -4.91
N PRO A 97 -5.26 -6.57 -5.47
CA PRO A 97 -4.24 -5.53 -5.30
C PRO A 97 -4.63 -4.19 -5.89
N SER A 98 -4.67 -3.17 -5.04
CA SER A 98 -5.01 -1.83 -5.49
C SER A 98 -3.80 -1.20 -6.16
N GLU A 99 -3.98 -0.75 -7.41
CA GLU A 99 -2.92 -0.13 -8.23
C GLU A 99 -1.79 0.46 -7.39
N PRO A 100 -0.55 -0.06 -7.57
CA PRO A 100 0.62 0.40 -6.80
C PRO A 100 0.95 1.88 -7.02
N SER A 101 1.77 2.41 -6.11
CA SER A 101 2.20 3.80 -6.16
C SER A 101 3.58 3.88 -6.79
N ASP A 102 3.83 4.99 -7.50
CA ASP A 102 5.10 5.23 -8.15
C ASP A 102 6.28 4.71 -7.34
N ALA A 103 7.39 4.47 -8.01
CA ALA A 103 8.57 3.96 -7.35
C ALA A 103 9.44 5.09 -6.81
N ILE A 104 9.51 5.20 -5.49
CA ILE A 104 10.31 6.24 -4.84
C ILE A 104 11.76 5.80 -4.72
N THR A 105 12.65 6.43 -5.48
CA THR A 105 14.07 6.09 -5.44
C THR A 105 14.55 5.97 -4.00
N CYS A 106 14.04 6.85 -3.15
CA CYS A 106 14.42 6.83 -1.74
C CYS A 106 15.92 7.03 -1.60
N ARG A 107 16.39 8.23 -1.94
CA ARG A 107 17.81 8.54 -1.86
C ARG A 107 18.12 9.40 -0.64
N ASP A 108 17.82 10.68 -0.74
CA ASP A 108 18.07 11.62 0.34
C ASP A 108 16.89 12.59 0.50
N ASP A 109 15.74 12.22 -0.06
CA ASP A 109 14.54 13.05 0.02
C ASP A 109 14.86 14.51 -0.24
N VAL A 110 15.86 14.73 -1.06
CA VAL A 110 16.29 16.06 -1.42
C VAL A 110 17.33 16.01 -2.53
N GLU A 111 17.17 15.01 -3.40
CA GLU A 111 18.10 14.83 -4.52
C GLU A 111 17.39 15.07 -5.85
N ALA A 112 16.07 14.87 -5.86
CA ALA A 112 15.28 15.07 -7.07
C ALA A 112 14.81 16.51 -7.19
N SER A 9 -20.24 -10.14 -2.28
CA SER A 9 -19.87 -10.98 -3.46
C SER A 9 -18.93 -10.24 -4.40
N PRO A 10 -19.28 -9.01 -4.81
CA PRO A 10 -18.48 -8.19 -5.70
C PRO A 10 -17.55 -7.25 -4.94
N ILE A 11 -16.78 -7.80 -4.02
CA ILE A 11 -15.84 -7.00 -3.22
C ILE A 11 -15.10 -5.99 -4.08
N ASP A 12 -14.87 -4.80 -3.53
CA ASP A 12 -14.17 -3.74 -4.25
C ASP A 12 -12.87 -3.36 -3.55
N PRO A 13 -11.76 -3.23 -4.31
CA PRO A 13 -10.46 -2.87 -3.76
C PRO A 13 -10.32 -1.36 -3.58
N PRO A 14 -9.60 -0.93 -2.53
CA PRO A 14 -9.37 0.49 -2.23
C PRO A 14 -8.97 1.33 -3.45
N GLY A 15 -9.17 2.63 -3.33
CA GLY A 15 -8.83 3.56 -4.39
C GLY A 15 -7.37 3.48 -4.81
N LYS A 16 -6.87 4.55 -5.43
CA LYS A 16 -5.48 4.58 -5.87
C LYS A 16 -4.56 5.05 -4.75
N PRO A 17 -3.52 4.27 -4.40
CA PRO A 17 -2.59 4.63 -3.33
C PRO A 17 -1.64 5.74 -3.78
N VAL A 18 -1.71 6.88 -3.11
CA VAL A 18 -0.86 8.01 -3.43
C VAL A 18 -0.10 8.49 -2.20
N PRO A 19 1.23 8.30 -2.17
CA PRO A 19 2.06 8.70 -1.05
C PRO A 19 1.56 9.96 -0.34
N LEU A 20 1.74 9.96 0.96
CA LEU A 20 1.34 11.05 1.82
C LEU A 20 2.58 11.79 2.28
N ASN A 21 3.59 11.00 2.62
CA ASN A 21 4.86 11.54 3.09
C ASN A 21 5.93 10.48 3.02
N ILE A 22 6.84 10.64 2.08
CA ILE A 22 7.91 9.68 1.91
C ILE A 22 9.13 10.05 2.75
N THR A 23 9.29 9.34 3.87
CA THR A 23 10.40 9.57 4.79
C THR A 23 11.58 8.68 4.45
N ARG A 24 11.88 8.58 3.16
CA ARG A 24 12.98 7.79 2.65
C ARG A 24 12.90 6.33 3.10
N HIS A 25 13.22 6.08 4.37
CA HIS A 25 13.19 4.72 4.90
C HIS A 25 11.76 4.24 5.11
N THR A 26 10.87 5.18 5.36
CA THR A 26 9.45 4.88 5.56
C THR A 26 8.60 5.75 4.67
N VAL A 27 8.09 5.16 3.60
CA VAL A 27 7.27 5.88 2.64
C VAL A 27 5.79 5.84 3.03
N THR A 28 5.22 7.01 3.35
CA THR A 28 3.81 7.08 3.74
C THR A 28 2.92 7.28 2.52
N LEU A 29 1.71 6.74 2.61
CA LEU A 29 0.72 6.85 1.54
C LEU A 29 -0.70 6.79 2.08
N LYS A 30 -1.63 7.31 1.28
CA LYS A 30 -3.04 7.32 1.64
C LYS A 30 -3.91 7.15 0.41
N TRP A 31 -4.99 6.41 0.53
CA TRP A 31 -5.89 6.18 -0.59
C TRP A 31 -7.33 6.57 -0.27
N ALA A 32 -8.24 6.28 -1.19
CA ALA A 32 -9.66 6.62 -1.02
C ALA A 32 -10.46 5.45 -0.45
N LYS A 33 -9.96 4.25 -0.61
CA LYS A 33 -10.64 3.05 -0.12
C LYS A 33 -11.83 2.70 -1.02
N PRO A 34 -12.38 1.48 -0.88
CA PRO A 34 -13.53 1.04 -1.69
C PRO A 34 -14.83 1.75 -1.32
N GLU A 35 -15.93 1.31 -1.91
CA GLU A 35 -17.23 1.91 -1.65
C GLU A 35 -18.27 0.85 -1.31
N TYR A 36 -18.22 -0.28 -2.02
CA TYR A 36 -19.18 -1.35 -1.77
C TYR A 36 -18.61 -2.37 -0.79
N THR A 37 -17.62 -3.13 -1.24
CA THR A 37 -17.00 -4.15 -0.40
C THR A 37 -18.04 -5.17 0.08
N GLY A 38 -18.92 -5.58 -0.83
CA GLY A 38 -19.94 -6.55 -0.48
C GLY A 38 -20.67 -6.18 0.80
N GLY A 39 -20.25 -6.78 1.91
CA GLY A 39 -20.84 -6.50 3.21
C GLY A 39 -19.77 -6.39 4.27
N PHE A 40 -18.60 -5.93 3.83
CA PHE A 40 -17.45 -5.79 4.71
C PHE A 40 -17.07 -4.31 4.86
N LYS A 41 -16.13 -4.05 5.78
CA LYS A 41 -15.66 -2.69 6.01
C LYS A 41 -14.14 -2.62 6.14
N ILE A 42 -13.46 -3.77 5.93
CA ILE A 42 -12.00 -3.84 6.02
C ILE A 42 -11.47 -3.34 7.35
N THR A 43 -10.84 -4.24 8.09
CA THR A 43 -10.28 -3.91 9.39
C THR A 43 -8.78 -3.64 9.28
N SER A 44 -8.19 -3.97 8.13
CA SER A 44 -6.76 -3.76 7.91
C SER A 44 -6.40 -3.84 6.43
N TYR A 45 -5.54 -2.93 5.98
CA TYR A 45 -5.09 -2.91 4.60
C TYR A 45 -3.63 -3.37 4.48
N ILE A 46 -3.42 -4.49 3.80
CA ILE A 46 -2.08 -5.04 3.61
C ILE A 46 -1.51 -4.61 2.27
N VAL A 47 -0.56 -3.68 2.28
CA VAL A 47 0.03 -3.20 1.03
C VAL A 47 1.37 -3.90 0.75
N GLU A 48 1.54 -4.30 -0.51
CA GLU A 48 2.75 -4.98 -0.94
C GLU A 48 3.78 -3.98 -1.45
N LYS A 49 5.04 -4.26 -1.19
CA LYS A 49 6.13 -3.38 -1.62
C LYS A 49 6.91 -4.01 -2.76
N ARG A 50 7.50 -3.17 -3.61
CA ARG A 50 8.29 -3.65 -4.73
C ARG A 50 9.62 -2.90 -4.80
N ASP A 51 10.68 -3.56 -4.36
CA ASP A 51 12.01 -2.95 -4.37
C ASP A 51 12.58 -2.97 -5.77
N LEU A 52 12.44 -1.86 -6.50
CA LEU A 52 12.94 -1.77 -7.86
C LEU A 52 14.46 -1.60 -7.85
N PRO A 53 15.17 -2.14 -8.87
CA PRO A 53 14.57 -2.87 -9.98
C PRO A 53 14.45 -4.37 -9.71
N ASN A 54 14.84 -4.80 -8.51
CA ASN A 54 14.78 -6.22 -8.16
C ASN A 54 13.97 -6.42 -6.88
N GLY A 55 12.65 -6.31 -7.00
CA GLY A 55 11.78 -6.48 -5.85
C GLY A 55 10.55 -7.31 -6.16
N ARG A 56 9.68 -7.46 -5.17
CA ARG A 56 8.46 -8.25 -5.34
C ARG A 56 7.40 -7.80 -4.34
N TRP A 57 6.16 -7.75 -4.80
CA TRP A 57 5.05 -7.34 -3.97
C TRP A 57 4.98 -8.20 -2.72
N LEU A 58 5.40 -7.62 -1.60
CA LEU A 58 5.38 -8.32 -0.33
C LEU A 58 4.86 -7.42 0.78
N LYS A 59 3.73 -7.81 1.37
CA LYS A 59 3.12 -7.03 2.44
C LYS A 59 4.15 -6.58 3.47
N ALA A 60 4.68 -5.38 3.27
CA ALA A 60 5.69 -4.83 4.18
C ALA A 60 5.05 -4.40 5.50
N ASN A 61 3.74 -4.24 5.50
CA ASN A 61 3.03 -3.83 6.71
C ASN A 61 2.78 -5.02 7.63
N PHE A 62 3.43 -5.02 8.78
CA PHE A 62 3.27 -6.10 9.74
C PHE A 62 2.43 -5.64 10.93
N SER A 63 1.58 -4.65 10.71
CA SER A 63 0.73 -4.12 11.75
C SER A 63 -0.74 -4.12 11.32
N ASN A 64 -1.56 -3.33 11.98
CA ASN A 64 -2.99 -3.25 11.67
C ASN A 64 -3.31 -1.94 10.94
N ILE A 65 -3.20 -1.96 9.62
CA ILE A 65 -3.50 -0.78 8.81
C ILE A 65 -4.99 -0.55 8.70
N LEU A 66 -5.64 -0.31 9.84
CA LEU A 66 -7.08 -0.08 9.87
C LEU A 66 -7.49 0.96 8.84
N GLU A 67 -7.22 2.23 9.12
CA GLU A 67 -7.56 3.31 8.22
C GLU A 67 -6.83 3.14 6.89
N ASN A 68 -7.06 4.08 5.98
CA ASN A 68 -6.43 4.04 4.66
C ASN A 68 -5.14 4.87 4.64
N GLU A 69 -4.61 5.17 5.83
CA GLU A 69 -3.38 5.95 5.95
C GLU A 69 -2.32 5.11 6.64
N PHE A 70 -1.32 4.68 5.88
CA PHE A 70 -0.24 3.86 6.43
C PHE A 70 1.11 4.24 5.84
N THR A 71 2.17 3.78 6.48
CA THR A 71 3.52 4.05 6.02
C THR A 71 4.30 2.77 5.88
N VAL A 72 4.69 2.46 4.65
CA VAL A 72 5.44 1.25 4.38
C VAL A 72 6.89 1.40 4.80
N SER A 73 7.43 0.34 5.39
CA SER A 73 8.80 0.34 5.85
C SER A 73 9.58 -0.81 5.24
N GLY A 74 10.78 -1.02 5.71
CA GLY A 74 11.62 -2.09 5.21
C GLY A 74 12.35 -1.70 3.93
N LEU A 75 12.13 -0.47 3.48
CA LEU A 75 12.76 0.01 2.26
C LEU A 75 14.26 0.24 2.45
N THR A 76 14.97 0.36 1.33
CA THR A 76 16.40 0.59 1.34
C THR A 76 16.73 1.78 0.44
N GLU A 77 17.18 2.86 1.05
CA GLU A 77 17.53 4.08 0.33
C GLU A 77 18.26 3.79 -0.98
N ASP A 78 18.08 4.69 -1.94
CA ASP A 78 18.71 4.55 -3.25
C ASP A 78 18.05 3.45 -4.07
N ALA A 79 16.73 3.37 -3.97
CA ALA A 79 15.99 2.35 -4.71
C ALA A 79 14.52 2.73 -4.85
N ALA A 80 13.98 2.55 -6.05
CA ALA A 80 12.58 2.87 -6.32
C ALA A 80 11.68 1.80 -5.70
N TYR A 81 10.68 2.23 -4.94
CA TYR A 81 9.77 1.30 -4.30
C TYR A 81 8.31 1.58 -4.66
N GLU A 82 7.67 0.61 -5.30
CA GLU A 82 6.27 0.73 -5.69
C GLU A 82 5.41 -0.04 -4.71
N PHE A 83 4.30 0.54 -4.26
CA PHE A 83 3.46 -0.17 -3.29
C PHE A 83 1.97 -0.22 -3.63
N ARG A 84 1.44 -1.45 -3.75
CA ARG A 84 0.01 -1.65 -4.02
C ARG A 84 -0.68 -2.08 -2.72
N VAL A 85 -1.98 -1.83 -2.59
CA VAL A 85 -2.65 -2.23 -1.34
C VAL A 85 -3.70 -3.32 -1.53
N ILE A 86 -3.45 -4.44 -0.87
CA ILE A 86 -4.33 -5.59 -0.87
C ILE A 86 -4.94 -5.71 0.52
N ALA A 87 -6.14 -6.25 0.64
CA ALA A 87 -6.73 -6.36 1.96
C ALA A 87 -7.97 -7.24 1.99
N LYS A 88 -7.97 -8.22 2.89
CA LYS A 88 -9.12 -9.11 3.04
C LYS A 88 -10.12 -8.45 3.96
N ASN A 89 -10.88 -7.53 3.37
CA ASN A 89 -11.90 -6.74 4.05
C ASN A 89 -12.36 -7.30 5.39
N ALA A 90 -13.42 -8.11 5.40
CA ALA A 90 -13.91 -8.68 6.65
C ALA A 90 -14.08 -10.20 6.58
N ALA A 91 -14.73 -10.69 5.53
CA ALA A 91 -14.97 -12.13 5.40
C ALA A 91 -13.97 -12.79 4.45
N GLY A 92 -12.70 -12.45 4.59
CA GLY A 92 -11.67 -13.03 3.74
C GLY A 92 -11.65 -12.45 2.34
N ALA A 93 -12.60 -11.55 2.05
CA ALA A 93 -12.66 -10.92 0.73
C ALA A 93 -11.36 -10.20 0.43
N ILE A 94 -10.39 -10.94 -0.10
CA ILE A 94 -9.09 -10.38 -0.41
C ILE A 94 -9.15 -9.35 -1.53
N SER A 95 -8.80 -8.12 -1.21
CA SER A 95 -8.79 -7.05 -2.19
C SER A 95 -7.49 -7.17 -2.98
N PRO A 96 -7.57 -7.56 -4.27
CA PRO A 96 -6.38 -7.74 -5.11
C PRO A 96 -5.51 -6.49 -5.19
N PRO A 97 -4.25 -6.66 -5.63
CA PRO A 97 -3.29 -5.57 -5.75
C PRO A 97 -3.93 -4.26 -6.21
N SER A 98 -4.34 -3.44 -5.26
CA SER A 98 -4.96 -2.16 -5.59
C SER A 98 -3.92 -1.18 -6.10
N GLU A 99 -3.85 -1.07 -7.43
CA GLU A 99 -2.93 -0.17 -8.15
C GLU A 99 -1.74 0.30 -7.31
N PRO A 100 -0.53 -0.21 -7.59
CA PRO A 100 0.68 0.18 -6.86
C PRO A 100 0.81 1.68 -6.64
N SER A 101 1.85 2.03 -5.92
CA SER A 101 2.17 3.41 -5.62
C SER A 101 3.46 3.79 -6.33
N ASP A 102 3.51 5.01 -6.86
CA ASP A 102 4.70 5.50 -7.58
C ASP A 102 5.99 5.00 -6.94
N ALA A 103 6.90 4.53 -7.78
CA ALA A 103 8.17 4.02 -7.29
C ALA A 103 9.05 5.15 -6.76
N ILE A 104 9.20 5.21 -5.45
CA ILE A 104 10.01 6.24 -4.83
C ILE A 104 11.46 5.77 -4.68
N THR A 105 12.36 6.40 -5.42
CA THR A 105 13.78 6.06 -5.38
C THR A 105 14.34 6.22 -3.97
N CYS A 106 13.70 7.07 -3.17
CA CYS A 106 14.15 7.32 -1.81
C CYS A 106 15.61 7.79 -1.82
N ARG A 107 15.79 9.10 -1.69
CA ARG A 107 17.10 9.70 -1.67
C ARG A 107 17.09 10.94 -0.79
N ASP A 108 16.54 12.01 -1.32
CA ASP A 108 16.43 13.26 -0.59
C ASP A 108 14.98 13.50 -0.16
N ASP A 109 14.21 12.42 -0.10
CA ASP A 109 12.80 12.48 0.28
C ASP A 109 12.09 13.59 -0.46
N VAL A 110 12.59 13.90 -1.65
CA VAL A 110 12.01 14.95 -2.47
C VAL A 110 11.52 14.40 -3.82
N GLU A 111 12.05 13.24 -4.21
CA GLU A 111 11.67 12.61 -5.47
C GLU A 111 11.57 13.62 -6.61
N ALA A 112 12.71 13.91 -7.24
CA ALA A 112 12.74 14.86 -8.35
C ALA A 112 13.61 14.35 -9.49
N SER A 9 -21.40 -11.30 -3.13
CA SER A 9 -21.53 -9.83 -3.32
C SER A 9 -20.35 -9.27 -4.12
N PRO A 10 -20.53 -8.11 -4.75
CA PRO A 10 -19.49 -7.46 -5.55
C PRO A 10 -18.54 -6.61 -4.70
N ILE A 11 -17.70 -7.28 -3.92
CA ILE A 11 -16.75 -6.58 -3.07
C ILE A 11 -15.84 -5.66 -3.86
N ASP A 12 -15.82 -4.39 -3.49
CA ASP A 12 -15.00 -3.39 -4.16
C ASP A 12 -13.75 -3.08 -3.34
N PRO A 13 -12.55 -3.16 -3.96
CA PRO A 13 -11.29 -2.90 -3.27
C PRO A 13 -11.02 -1.41 -3.07
N PRO A 14 -9.95 -1.08 -2.31
CA PRO A 14 -9.58 0.31 -2.03
C PRO A 14 -9.30 1.13 -3.27
N GLY A 15 -9.01 2.41 -3.08
CA GLY A 15 -8.73 3.30 -4.19
C GLY A 15 -7.27 3.28 -4.60
N LYS A 16 -6.81 4.39 -5.16
CA LYS A 16 -5.43 4.52 -5.62
C LYS A 16 -4.50 4.94 -4.47
N PRO A 17 -3.47 4.14 -4.14
CA PRO A 17 -2.53 4.47 -3.07
C PRO A 17 -1.53 5.55 -3.50
N VAL A 18 -1.31 6.54 -2.64
CA VAL A 18 -0.40 7.63 -2.94
C VAL A 18 0.42 8.06 -1.72
N PRO A 19 1.76 7.96 -1.78
CA PRO A 19 2.64 8.34 -0.67
C PRO A 19 2.59 9.83 -0.36
N LEU A 20 1.87 10.22 0.70
CA LEU A 20 1.80 11.63 1.07
C LEU A 20 3.19 12.13 1.38
N ASN A 21 3.91 11.33 2.15
CA ASN A 21 5.28 11.62 2.53
C ASN A 21 6.16 10.44 2.12
N ILE A 22 7.34 10.71 1.59
CA ILE A 22 8.22 9.63 1.17
C ILE A 22 9.65 9.83 1.64
N THR A 23 9.99 9.15 2.73
CA THR A 23 11.34 9.25 3.29
C THR A 23 12.23 8.17 2.68
N ARG A 24 13.52 8.47 2.55
CA ARG A 24 14.47 7.52 1.96
C ARG A 24 14.53 6.22 2.76
N HIS A 25 13.99 6.21 3.98
CA HIS A 25 14.02 5.00 4.81
C HIS A 25 12.65 4.74 5.45
N THR A 26 11.58 5.13 4.75
CA THR A 26 10.20 4.94 5.22
C THR A 26 9.27 5.85 4.45
N VAL A 27 8.23 5.29 3.83
CA VAL A 27 7.29 6.11 3.08
C VAL A 27 5.88 5.99 3.64
N THR A 28 5.10 7.06 3.50
CA THR A 28 3.73 7.11 4.00
C THR A 28 2.75 7.38 2.86
N LEU A 29 1.77 6.49 2.67
CA LEU A 29 0.78 6.66 1.62
C LEU A 29 -0.65 6.52 2.13
N LYS A 30 -1.57 7.03 1.34
CA LYS A 30 -2.99 6.99 1.65
C LYS A 30 -3.79 6.54 0.43
N TRP A 31 -5.06 6.24 0.64
CA TRP A 31 -5.92 5.80 -0.45
C TRP A 31 -7.39 6.03 -0.13
N ALA A 32 -8.24 5.81 -1.12
CA ALA A 32 -9.67 6.00 -0.96
C ALA A 32 -10.37 4.71 -0.56
N LYS A 33 -11.33 4.84 0.36
CA LYS A 33 -12.09 3.71 0.83
C LYS A 33 -13.18 3.35 -0.18
N PRO A 34 -13.43 2.06 -0.41
CA PRO A 34 -14.45 1.62 -1.36
C PRO A 34 -15.79 2.27 -1.09
N GLU A 35 -16.80 1.86 -1.85
CA GLU A 35 -18.14 2.41 -1.69
C GLU A 35 -19.17 1.32 -1.46
N TYR A 36 -19.01 0.20 -2.15
CA TYR A 36 -19.94 -0.90 -2.01
C TYR A 36 -19.46 -1.92 -0.98
N THR A 37 -18.41 -2.67 -1.33
CA THR A 37 -17.87 -3.69 -0.42
C THR A 37 -18.99 -4.59 0.09
N GLY A 38 -19.88 -4.99 -0.80
CA GLY A 38 -21.00 -5.85 -0.42
C GLY A 38 -21.63 -5.43 0.90
N GLY A 39 -21.18 -6.04 1.98
CA GLY A 39 -21.70 -5.73 3.30
C GLY A 39 -20.60 -5.76 4.34
N PHE A 40 -19.44 -5.26 3.96
CA PHE A 40 -18.27 -5.23 4.84
C PHE A 40 -17.73 -3.80 4.99
N LYS A 41 -16.71 -3.65 5.82
CA LYS A 41 -16.10 -2.35 6.04
C LYS A 41 -14.56 -2.42 5.98
N ILE A 42 -14.02 -3.59 5.68
CA ILE A 42 -12.58 -3.78 5.60
C ILE A 42 -11.91 -3.43 6.91
N THR A 43 -11.26 -4.43 7.50
CA THR A 43 -10.58 -4.25 8.79
C THR A 43 -9.07 -4.14 8.60
N SER A 44 -8.61 -3.98 7.36
CA SER A 44 -7.19 -3.87 7.09
C SER A 44 -6.93 -3.43 5.64
N TYR A 45 -5.67 -3.12 5.36
CA TYR A 45 -5.25 -2.69 4.03
C TYR A 45 -3.78 -3.02 3.81
N ILE A 46 -3.50 -4.30 3.59
CA ILE A 46 -2.13 -4.77 3.37
C ILE A 46 -1.41 -3.93 2.32
N VAL A 47 -0.11 -3.71 2.53
CA VAL A 47 0.70 -2.93 1.60
C VAL A 47 1.97 -3.67 1.20
N GLU A 48 1.99 -4.17 -0.03
CA GLU A 48 3.14 -4.89 -0.54
C GLU A 48 4.09 -3.95 -1.28
N LYS A 49 5.39 -4.25 -1.25
CA LYS A 49 6.37 -3.40 -1.92
C LYS A 49 7.07 -4.13 -3.05
N ARG A 50 7.27 -3.41 -4.15
CA ARG A 50 7.95 -3.94 -5.31
C ARG A 50 9.28 -3.22 -5.46
N ASP A 51 10.35 -3.84 -4.95
CA ASP A 51 11.68 -3.25 -5.01
C ASP A 51 12.19 -3.21 -6.44
N LEU A 52 12.18 -2.02 -7.02
CA LEU A 52 12.64 -1.84 -8.40
C LEU A 52 14.17 -1.86 -8.47
N PRO A 53 14.73 -2.31 -9.62
CA PRO A 53 13.97 -2.76 -10.77
C PRO A 53 13.61 -4.24 -10.71
N ASN A 54 13.86 -4.89 -9.57
CA ASN A 54 13.56 -6.30 -9.41
C ASN A 54 12.07 -6.49 -9.09
N GLY A 55 11.71 -6.46 -7.82
CA GLY A 55 10.33 -6.62 -7.43
C GLY A 55 10.07 -7.87 -6.61
N ARG A 56 8.82 -8.01 -6.14
CA ARG A 56 8.41 -9.16 -5.33
C ARG A 56 7.08 -8.91 -4.63
N TRP A 57 6.76 -7.64 -4.39
CA TRP A 57 5.52 -7.27 -3.72
C TRP A 57 5.34 -8.05 -2.43
N LEU A 58 5.89 -7.52 -1.34
CA LEU A 58 5.79 -8.17 -0.04
C LEU A 58 5.22 -7.21 1.00
N LYS A 59 4.17 -7.65 1.70
CA LYS A 59 3.54 -6.82 2.72
C LYS A 59 4.57 -6.35 3.75
N ALA A 60 4.86 -5.06 3.72
CA ALA A 60 5.82 -4.47 4.64
C ALA A 60 5.18 -4.18 5.99
N ASN A 61 3.91 -3.78 5.95
CA ASN A 61 3.15 -3.47 7.15
C ASN A 61 3.30 -4.59 8.19
N PHE A 62 2.84 -5.79 7.85
CA PHE A 62 2.94 -6.92 8.75
C PHE A 62 2.37 -6.58 10.12
N SER A 63 1.30 -5.80 10.14
CA SER A 63 0.67 -5.39 11.39
C SER A 63 -0.85 -5.28 11.22
N ASN A 64 -1.31 -4.16 10.70
CA ASN A 64 -2.73 -3.93 10.50
C ASN A 64 -3.01 -2.50 10.06
N ILE A 65 -3.60 -2.35 8.88
CA ILE A 65 -3.93 -1.03 8.35
C ILE A 65 -5.42 -0.74 8.49
N LEU A 66 -5.87 -0.56 9.73
CA LEU A 66 -7.29 -0.28 9.96
C LEU A 66 -7.74 0.92 9.14
N GLU A 67 -6.93 1.98 9.16
CA GLU A 67 -7.23 3.19 8.40
C GLU A 67 -6.42 3.20 7.11
N ASN A 68 -6.94 3.90 6.11
CA ASN A 68 -6.26 3.99 4.82
C ASN A 68 -4.95 4.79 4.93
N GLU A 69 -4.74 5.43 6.08
CA GLU A 69 -3.53 6.21 6.30
C GLU A 69 -2.48 5.35 6.97
N PHE A 70 -1.56 4.82 6.19
CA PHE A 70 -0.51 3.98 6.75
C PHE A 70 0.86 4.36 6.19
N THR A 71 1.91 3.87 6.87
CA THR A 71 3.27 4.13 6.46
C THR A 71 3.99 2.84 6.11
N VAL A 72 4.37 2.72 4.84
CA VAL A 72 5.07 1.52 4.40
C VAL A 72 6.55 1.66 4.64
N SER A 73 7.01 1.12 5.76
CA SER A 73 8.42 1.17 6.09
C SER A 73 9.16 0.02 5.45
N GLY A 74 10.46 0.20 5.31
CA GLY A 74 11.29 -0.81 4.69
C GLY A 74 12.06 -0.25 3.51
N LEU A 75 11.74 0.98 3.12
CA LEU A 75 12.39 1.64 2.01
C LEU A 75 13.91 1.45 2.07
N THR A 76 14.58 1.87 1.01
CA THR A 76 16.04 1.76 0.94
C THR A 76 16.62 2.92 0.14
N GLU A 77 17.55 3.65 0.75
CA GLU A 77 18.19 4.78 0.11
C GLU A 77 18.69 4.41 -1.29
N ASP A 78 18.47 5.31 -2.25
CA ASP A 78 18.89 5.10 -3.62
C ASP A 78 18.21 3.87 -4.22
N ALA A 79 16.90 3.76 -4.04
CA ALA A 79 16.14 2.63 -4.57
C ALA A 79 14.67 2.97 -4.75
N ALA A 80 14.17 2.83 -5.97
CA ALA A 80 12.77 3.11 -6.25
C ALA A 80 11.90 2.02 -5.67
N TYR A 81 10.80 2.41 -5.02
CA TYR A 81 9.90 1.44 -4.41
C TYR A 81 8.44 1.69 -4.76
N GLU A 82 7.77 0.65 -5.28
CA GLU A 82 6.36 0.73 -5.63
C GLU A 82 5.54 -0.03 -4.58
N PHE A 83 4.40 0.50 -4.18
CA PHE A 83 3.60 -0.20 -3.14
C PHE A 83 2.14 -0.47 -3.54
N ARG A 84 1.81 -1.76 -3.68
CA ARG A 84 0.44 -2.17 -4.03
C ARG A 84 -0.40 -2.44 -2.78
N VAL A 85 -1.66 -2.02 -2.82
CA VAL A 85 -2.56 -2.23 -1.67
C VAL A 85 -3.47 -3.43 -1.91
N ILE A 86 -3.58 -4.27 -0.89
CA ILE A 86 -4.41 -5.45 -0.92
C ILE A 86 -5.23 -5.46 0.36
N ALA A 87 -6.44 -6.02 0.33
CA ALA A 87 -7.24 -6.04 1.55
C ALA A 87 -8.48 -6.88 1.39
N LYS A 88 -8.83 -7.59 2.45
CA LYS A 88 -10.01 -8.45 2.44
C LYS A 88 -11.27 -7.62 2.74
N ASN A 89 -12.05 -7.98 3.76
CA ASN A 89 -13.25 -7.25 4.09
C ASN A 89 -13.80 -7.74 5.45
N ALA A 90 -15.05 -8.22 5.52
CA ALA A 90 -15.59 -8.69 6.78
C ALA A 90 -16.19 -10.10 6.66
N ALA A 91 -16.16 -10.66 5.46
CA ALA A 91 -16.71 -11.99 5.23
C ALA A 91 -15.62 -13.01 4.89
N GLY A 92 -14.37 -12.56 4.82
CA GLY A 92 -13.29 -13.47 4.50
C GLY A 92 -12.78 -13.32 3.08
N ALA A 93 -13.60 -12.71 2.21
CA ALA A 93 -13.20 -12.52 0.82
C ALA A 93 -11.96 -11.63 0.76
N ILE A 94 -11.23 -11.70 -0.35
CA ILE A 94 -10.01 -10.90 -0.47
C ILE A 94 -10.05 -9.95 -1.67
N SER A 95 -9.98 -8.66 -1.39
CA SER A 95 -9.96 -7.67 -2.47
C SER A 95 -8.57 -7.73 -3.10
N PRO A 96 -8.47 -8.20 -4.36
CA PRO A 96 -7.20 -8.35 -5.07
C PRO A 96 -6.39 -7.06 -5.21
N PRO A 97 -5.14 -7.18 -5.68
CA PRO A 97 -4.22 -6.07 -5.87
C PRO A 97 -4.90 -4.76 -6.27
N SER A 98 -4.38 -3.66 -5.74
CA SER A 98 -4.91 -2.34 -6.04
C SER A 98 -3.78 -1.39 -6.43
N GLU A 99 -3.69 -1.11 -7.75
CA GLU A 99 -2.69 -0.22 -8.36
C GLU A 99 -1.65 0.32 -7.37
N PRO A 100 -0.40 -0.13 -7.46
CA PRO A 100 0.67 0.30 -6.56
C PRO A 100 1.00 1.79 -6.63
N SER A 101 1.49 2.32 -5.52
CA SER A 101 1.89 3.72 -5.43
C SER A 101 3.18 3.93 -6.18
N ASP A 102 3.31 5.11 -6.78
CA ASP A 102 4.49 5.49 -7.55
C ASP A 102 5.77 4.91 -6.97
N ALA A 103 6.77 4.75 -7.82
CA ALA A 103 8.05 4.22 -7.39
C ALA A 103 8.90 5.35 -6.84
N ILE A 104 9.14 5.33 -5.54
CA ILE A 104 9.94 6.38 -4.92
C ILE A 104 11.40 5.97 -4.80
N THR A 105 12.25 6.66 -5.56
CA THR A 105 13.69 6.38 -5.56
C THR A 105 14.21 6.29 -4.13
N CYS A 106 13.59 7.05 -3.24
CA CYS A 106 13.99 7.06 -1.84
C CYS A 106 15.50 7.26 -1.70
N ARG A 107 15.91 8.52 -1.68
CA ARG A 107 17.33 8.85 -1.54
C ARG A 107 17.51 10.11 -0.72
N ASP A 108 17.41 11.26 -1.37
CA ASP A 108 17.55 12.54 -0.69
C ASP A 108 16.18 13.16 -0.40
N ASP A 109 15.13 12.59 -1.00
CA ASP A 109 13.77 13.07 -0.80
C ASP A 109 13.64 14.54 -1.18
N VAL A 110 14.58 15.03 -2.00
CA VAL A 110 14.55 16.41 -2.43
C VAL A 110 14.62 16.52 -3.95
N GLU A 111 14.77 15.37 -4.63
CA GLU A 111 14.85 15.36 -6.08
C GLU A 111 13.96 14.26 -6.66
N ALA A 112 14.36 13.01 -6.43
CA ALA A 112 13.61 11.87 -6.90
C ALA A 112 13.20 12.03 -8.37
N SER A 9 -22.71 -11.75 -3.47
CA SER A 9 -22.23 -10.42 -3.02
C SER A 9 -20.84 -10.11 -3.59
N PRO A 10 -20.70 -9.02 -4.36
CA PRO A 10 -19.41 -8.65 -4.95
C PRO A 10 -18.52 -7.90 -3.97
N ILE A 11 -17.30 -7.60 -4.41
CA ILE A 11 -16.35 -6.88 -3.56
C ILE A 11 -15.51 -5.92 -4.39
N ASP A 12 -15.17 -4.78 -3.81
CA ASP A 12 -14.38 -3.77 -4.50
C ASP A 12 -13.22 -3.31 -3.62
N PRO A 13 -11.99 -3.26 -4.18
CA PRO A 13 -10.81 -2.84 -3.44
C PRO A 13 -10.72 -1.32 -3.29
N PRO A 14 -9.90 -0.85 -2.35
CA PRO A 14 -9.72 0.59 -2.09
C PRO A 14 -9.25 1.35 -3.33
N GLY A 15 -9.06 2.66 -3.18
CA GLY A 15 -8.61 3.48 -4.29
C GLY A 15 -7.15 3.27 -4.63
N LYS A 16 -6.58 4.22 -5.36
CA LYS A 16 -5.18 4.15 -5.76
C LYS A 16 -4.28 4.77 -4.68
N PRO A 17 -3.37 3.98 -4.09
CA PRO A 17 -2.46 4.48 -3.04
C PRO A 17 -1.53 5.58 -3.53
N VAL A 18 -1.42 6.63 -2.75
CA VAL A 18 -0.56 7.77 -3.10
C VAL A 18 0.25 8.24 -1.89
N PRO A 19 1.55 7.93 -1.86
CA PRO A 19 2.42 8.32 -0.75
C PRO A 19 2.33 9.80 -0.41
N LEU A 20 1.55 10.16 0.62
CA LEU A 20 1.43 11.56 1.02
C LEU A 20 2.82 12.12 1.29
N ASN A 21 3.66 11.28 1.87
CA ASN A 21 5.03 11.62 2.19
C ASN A 21 5.93 10.47 1.80
N ILE A 22 7.19 10.75 1.50
CA ILE A 22 8.10 9.70 1.10
C ILE A 22 9.51 9.93 1.63
N THR A 23 9.84 9.26 2.72
CA THR A 23 11.17 9.39 3.31
C THR A 23 12.07 8.27 2.81
N ARG A 24 13.31 8.64 2.51
CA ARG A 24 14.30 7.70 1.99
C ARG A 24 14.25 6.33 2.67
N HIS A 25 13.79 6.26 3.92
CA HIS A 25 13.73 4.97 4.63
C HIS A 25 12.29 4.56 4.93
N THR A 26 11.38 5.53 4.93
CA THR A 26 9.97 5.24 5.22
C THR A 26 9.07 6.19 4.43
N VAL A 27 8.18 5.62 3.61
CA VAL A 27 7.28 6.44 2.83
C VAL A 27 5.83 6.31 3.30
N THR A 28 5.21 7.45 3.59
CA THR A 28 3.82 7.44 4.04
C THR A 28 2.89 7.47 2.84
N LEU A 29 1.76 6.79 2.95
CA LEU A 29 0.78 6.73 1.87
C LEU A 29 -0.65 6.71 2.38
N LYS A 30 -1.54 7.25 1.55
CA LYS A 30 -2.97 7.31 1.88
C LYS A 30 -3.79 7.12 0.62
N TRP A 31 -4.97 6.52 0.76
CA TRP A 31 -5.84 6.28 -0.38
C TRP A 31 -7.31 6.50 -0.05
N ALA A 32 -8.16 6.23 -1.03
CA ALA A 32 -9.59 6.39 -0.88
C ALA A 32 -10.20 5.18 -0.19
N LYS A 33 -11.52 5.01 -0.34
CA LYS A 33 -12.23 3.89 0.25
C LYS A 33 -13.10 3.21 -0.80
N PRO A 34 -13.20 1.87 -0.75
CA PRO A 34 -14.02 1.10 -1.70
C PRO A 34 -15.37 1.75 -1.95
N GLU A 35 -16.11 1.22 -2.92
CA GLU A 35 -17.43 1.75 -3.26
C GLU A 35 -18.55 0.83 -2.81
N TYR A 36 -18.38 -0.48 -2.99
CA TYR A 36 -19.40 -1.44 -2.60
C TYR A 36 -18.91 -2.41 -1.52
N THR A 37 -18.01 -3.31 -1.90
CA THR A 37 -17.49 -4.30 -0.98
C THR A 37 -18.61 -5.17 -0.42
N GLY A 38 -19.48 -5.64 -1.31
CA GLY A 38 -20.59 -6.46 -0.88
C GLY A 38 -21.29 -5.91 0.34
N GLY A 39 -21.13 -6.59 1.47
CA GLY A 39 -21.73 -6.14 2.71
C GLY A 39 -20.70 -6.07 3.81
N PHE A 40 -19.47 -5.76 3.41
CA PHE A 40 -18.35 -5.69 4.34
C PHE A 40 -17.82 -4.26 4.44
N LYS A 41 -16.76 -4.09 5.23
CA LYS A 41 -16.14 -2.78 5.42
C LYS A 41 -14.62 -2.89 5.59
N ILE A 42 -14.06 -4.03 5.23
CA ILE A 42 -12.61 -4.24 5.34
C ILE A 42 -12.15 -4.11 6.79
N THR A 43 -11.05 -4.79 7.13
CA THR A 43 -10.53 -4.76 8.50
C THR A 43 -9.00 -4.72 8.53
N SER A 44 -8.37 -4.55 7.37
CA SER A 44 -6.91 -4.49 7.30
C SER A 44 -6.43 -4.25 5.88
N TYR A 45 -5.63 -3.21 5.70
CA TYR A 45 -5.11 -2.88 4.38
C TYR A 45 -3.62 -3.18 4.27
N ILE A 46 -3.32 -4.34 3.68
CA ILE A 46 -1.93 -4.75 3.50
C ILE A 46 -1.42 -4.28 2.15
N VAL A 47 -0.31 -3.54 2.15
CA VAL A 47 0.25 -3.02 0.91
C VAL A 47 1.57 -3.72 0.57
N GLU A 48 1.58 -4.38 -0.59
CA GLU A 48 2.77 -5.08 -1.06
C GLU A 48 3.78 -4.07 -1.55
N LYS A 49 5.04 -4.29 -1.21
CA LYS A 49 6.10 -3.41 -1.59
C LYS A 49 6.91 -4.01 -2.72
N ARG A 50 7.41 -3.16 -3.59
CA ARG A 50 8.20 -3.64 -4.71
C ARG A 50 9.51 -2.88 -4.79
N ASP A 51 10.50 -3.37 -4.05
CA ASP A 51 11.81 -2.75 -4.02
C ASP A 51 12.45 -2.78 -5.40
N LEU A 52 12.14 -1.78 -6.22
CA LEU A 52 12.69 -1.70 -7.56
C LEU A 52 14.20 -1.47 -7.54
N PRO A 53 14.92 -1.99 -8.55
CA PRO A 53 14.34 -2.72 -9.68
C PRO A 53 14.34 -4.24 -9.44
N ASN A 54 14.30 -4.65 -8.18
CA ASN A 54 14.29 -6.06 -7.84
C ASN A 54 13.26 -6.37 -6.74
N GLY A 55 12.07 -5.82 -6.89
CA GLY A 55 11.03 -6.06 -5.91
C GLY A 55 10.22 -7.31 -6.20
N ARG A 56 9.26 -7.62 -5.34
CA ARG A 56 8.43 -8.82 -5.53
C ARG A 56 7.12 -8.69 -4.76
N TRP A 57 6.64 -7.46 -4.63
CA TRP A 57 5.39 -7.18 -3.92
C TRP A 57 5.32 -7.95 -2.60
N LEU A 58 6.08 -7.48 -1.61
CA LEU A 58 6.11 -8.13 -0.31
C LEU A 58 5.41 -7.27 0.74
N LYS A 59 4.54 -7.91 1.54
CA LYS A 59 3.81 -7.21 2.57
C LYS A 59 4.75 -6.37 3.44
N ALA A 60 4.83 -5.07 3.15
CA ALA A 60 5.69 -4.17 3.90
C ALA A 60 5.23 -4.06 5.34
N ASN A 61 3.95 -3.73 5.52
CA ASN A 61 3.38 -3.59 6.85
C ASN A 61 3.24 -4.95 7.52
N PHE A 62 3.74 -5.06 8.75
CA PHE A 62 3.66 -6.32 9.49
C PHE A 62 2.98 -6.11 10.85
N SER A 63 2.01 -5.21 10.89
CA SER A 63 1.29 -4.92 12.12
C SER A 63 -0.22 -4.96 11.90
N ASN A 64 -0.78 -3.84 11.45
CA ASN A 64 -2.21 -3.76 11.19
C ASN A 64 -2.59 -2.39 10.64
N ILE A 65 -3.12 -2.38 9.43
CA ILE A 65 -3.52 -1.13 8.78
C ILE A 65 -5.04 -1.03 8.70
N LEU A 66 -5.68 -0.74 9.85
CA LEU A 66 -7.13 -0.62 9.91
C LEU A 66 -7.63 0.44 8.94
N GLU A 67 -7.26 1.69 9.19
CA GLU A 67 -7.67 2.80 8.34
C GLU A 67 -6.89 2.77 7.03
N ASN A 68 -7.16 3.76 6.18
CA ASN A 68 -6.49 3.84 4.89
C ASN A 68 -5.23 4.72 4.96
N GLU A 69 -4.91 5.21 6.16
CA GLU A 69 -3.73 6.05 6.35
C GLU A 69 -2.62 5.24 7.00
N PHE A 70 -1.65 4.82 6.19
CA PHE A 70 -0.54 4.02 6.68
C PHE A 70 0.80 4.52 6.13
N THR A 71 1.88 4.10 6.76
CA THR A 71 3.21 4.47 6.34
C THR A 71 4.07 3.24 6.11
N VAL A 72 4.64 3.13 4.91
CA VAL A 72 5.46 1.98 4.59
C VAL A 72 6.88 2.15 5.09
N SER A 73 7.11 1.69 6.31
CA SER A 73 8.43 1.78 6.92
C SER A 73 9.23 0.51 6.66
N GLY A 74 10.51 0.68 6.34
CA GLY A 74 11.37 -0.45 6.06
C GLY A 74 12.09 -0.31 4.73
N LEU A 75 11.74 0.74 3.98
CA LEU A 75 12.35 0.99 2.68
C LEU A 75 13.86 0.92 2.74
N THR A 76 14.50 1.14 1.61
CA THR A 76 15.95 1.12 1.52
C THR A 76 16.44 2.22 0.59
N GLU A 77 17.23 3.13 1.14
CA GLU A 77 17.76 4.25 0.36
C GLU A 77 18.31 3.79 -0.99
N ASP A 78 18.34 4.72 -1.94
CA ASP A 78 18.82 4.42 -3.29
C ASP A 78 18.11 3.22 -3.88
N ALA A 79 16.79 3.29 -3.91
CA ALA A 79 15.99 2.20 -4.46
C ALA A 79 14.53 2.60 -4.64
N ALA A 80 14.05 2.53 -5.88
CA ALA A 80 12.67 2.89 -6.16
C ALA A 80 11.72 1.88 -5.52
N TYR A 81 10.64 2.37 -4.94
CA TYR A 81 9.70 1.49 -4.26
C TYR A 81 8.25 1.70 -4.70
N GLU A 82 7.69 0.69 -5.37
CA GLU A 82 6.29 0.73 -5.82
C GLU A 82 5.47 -0.13 -4.88
N PHE A 83 4.31 0.36 -4.43
CA PHE A 83 3.51 -0.44 -3.48
C PHE A 83 2.00 -0.41 -3.73
N ARG A 84 1.42 -1.60 -3.86
CA ARG A 84 -0.02 -1.75 -4.06
C ARG A 84 -0.66 -2.21 -2.75
N VAL A 85 -1.99 -2.12 -2.63
CA VAL A 85 -2.62 -2.56 -1.38
C VAL A 85 -3.82 -3.48 -1.60
N ILE A 86 -3.70 -4.66 -1.01
CA ILE A 86 -4.72 -5.67 -1.04
C ILE A 86 -5.37 -5.71 0.34
N ALA A 87 -6.65 -6.03 0.40
CA ALA A 87 -7.29 -6.06 1.71
C ALA A 87 -8.55 -6.89 1.71
N LYS A 88 -8.52 -8.00 2.42
CA LYS A 88 -9.70 -8.85 2.52
C LYS A 88 -10.87 -8.04 3.04
N ASN A 89 -11.99 -8.69 3.25
CA ASN A 89 -13.16 -8.01 3.75
C ASN A 89 -13.80 -8.79 4.88
N ALA A 90 -14.77 -8.17 5.54
CA ALA A 90 -15.47 -8.81 6.66
C ALA A 90 -15.78 -10.29 6.41
N ALA A 91 -15.93 -10.66 5.14
CA ALA A 91 -16.24 -12.05 4.79
C ALA A 91 -15.05 -12.80 4.18
N GLY A 92 -13.85 -12.24 4.31
CA GLY A 92 -12.66 -12.89 3.77
C GLY A 92 -12.38 -12.49 2.33
N ALA A 93 -13.38 -11.94 1.66
CA ALA A 93 -13.22 -11.52 0.27
C ALA A 93 -11.93 -10.73 0.08
N ILE A 94 -10.93 -11.37 -0.54
CA ILE A 94 -9.64 -10.73 -0.76
C ILE A 94 -9.75 -9.61 -1.78
N SER A 95 -9.86 -8.37 -1.29
CA SER A 95 -9.95 -7.23 -2.20
C SER A 95 -8.71 -7.15 -3.07
N PRO A 96 -8.84 -7.41 -4.39
CA PRO A 96 -7.72 -7.38 -5.33
C PRO A 96 -6.77 -6.20 -5.07
N PRO A 97 -5.47 -6.39 -5.31
CA PRO A 97 -4.46 -5.36 -5.09
C PRO A 97 -4.87 -4.01 -5.67
N SER A 98 -4.56 -2.96 -4.93
CA SER A 98 -4.89 -1.61 -5.35
C SER A 98 -3.69 -0.96 -6.03
N GLU A 99 -3.80 -0.79 -7.35
CA GLU A 99 -2.75 -0.19 -8.22
C GLU A 99 -1.53 0.32 -7.45
N PRO A 100 -0.38 -0.37 -7.59
CA PRO A 100 0.85 0.03 -6.90
C PRO A 100 1.15 1.52 -7.00
N SER A 101 1.61 2.11 -5.89
CA SER A 101 1.95 3.52 -5.84
C SER A 101 3.29 3.74 -6.52
N ASP A 102 3.44 4.91 -7.15
CA ASP A 102 4.66 5.28 -7.86
C ASP A 102 5.90 4.81 -7.10
N ALA A 103 6.93 4.46 -7.86
CA ALA A 103 8.17 3.99 -7.27
C ALA A 103 9.00 5.14 -6.73
N ILE A 104 9.23 5.15 -5.42
CA ILE A 104 10.01 6.20 -4.80
C ILE A 104 11.47 5.76 -4.65
N THR A 105 12.37 6.43 -5.36
CA THR A 105 13.79 6.11 -5.31
C THR A 105 14.29 6.06 -3.88
N CYS A 106 13.71 6.90 -3.02
CA CYS A 106 14.12 6.94 -1.63
C CYS A 106 15.62 7.17 -1.51
N ARG A 107 16.01 8.44 -1.48
CA ARG A 107 17.43 8.79 -1.38
C ARG A 107 17.66 9.78 -0.25
N ASP A 108 17.33 11.03 -0.52
CA ASP A 108 17.49 12.10 0.46
C ASP A 108 16.17 12.86 0.64
N ASP A 109 15.13 12.44 -0.07
CA ASP A 109 13.82 13.08 0.03
C ASP A 109 13.94 14.60 -0.13
N VAL A 110 15.01 15.04 -0.79
CA VAL A 110 15.24 16.46 -1.02
C VAL A 110 15.60 16.76 -2.46
N GLU A 111 15.65 15.74 -3.31
CA GLU A 111 15.97 15.93 -4.71
C GLU A 111 14.84 15.46 -5.62
N ALA A 112 13.79 14.88 -5.02
CA ALA A 112 12.65 14.41 -5.77
C ALA A 112 11.70 15.56 -6.12
N SER A 9 -22.41 -10.58 -0.77
CA SER A 9 -21.66 -11.70 -1.40
C SER A 9 -20.43 -11.18 -2.16
N PRO A 10 -20.58 -10.15 -2.99
CA PRO A 10 -19.48 -9.57 -3.76
C PRO A 10 -18.50 -8.82 -2.87
N ILE A 11 -17.50 -8.20 -3.49
CA ILE A 11 -16.50 -7.45 -2.74
C ILE A 11 -15.77 -6.46 -3.64
N ASP A 12 -15.41 -5.31 -3.08
CA ASP A 12 -14.71 -4.28 -3.83
C ASP A 12 -13.51 -3.76 -3.03
N PRO A 13 -12.30 -3.79 -3.63
CA PRO A 13 -11.10 -3.32 -2.95
C PRO A 13 -11.03 -1.80 -2.86
N PRO A 14 -10.19 -1.27 -1.95
CA PRO A 14 -10.03 0.17 -1.75
C PRO A 14 -9.60 0.91 -3.02
N GLY A 15 -9.32 2.19 -2.86
CA GLY A 15 -8.89 3.00 -3.98
C GLY A 15 -7.44 2.79 -4.36
N LYS A 16 -6.83 3.81 -4.96
CA LYS A 16 -5.43 3.73 -5.38
C LYS A 16 -4.51 4.32 -4.31
N PRO A 17 -3.32 3.71 -4.08
CA PRO A 17 -2.37 4.19 -3.09
C PRO A 17 -1.48 5.31 -3.62
N VAL A 18 -1.44 6.42 -2.88
CA VAL A 18 -0.65 7.57 -3.28
C VAL A 18 0.12 8.14 -2.10
N PRO A 19 1.44 7.85 -2.00
CA PRO A 19 2.27 8.34 -0.90
C PRO A 19 1.92 9.76 -0.47
N LEU A 20 1.93 9.99 0.84
CA LEU A 20 1.61 11.29 1.40
C LEU A 20 2.88 11.97 1.93
N ASN A 21 3.85 11.15 2.35
CA ASN A 21 5.11 11.65 2.87
C ASN A 21 6.16 10.56 2.82
N ILE A 22 7.13 10.70 1.92
CA ILE A 22 8.18 9.69 1.78
C ILE A 22 9.52 10.11 2.35
N THR A 23 10.27 9.13 2.84
CA THR A 23 11.59 9.35 3.41
C THR A 23 12.55 8.22 3.03
N ARG A 24 13.83 8.47 3.25
CA ARG A 24 14.89 7.51 2.93
C ARG A 24 14.53 6.08 3.34
N HIS A 25 13.94 5.91 4.52
CA HIS A 25 13.59 4.56 5.00
C HIS A 25 12.16 4.47 5.54
N THR A 26 11.27 5.31 5.04
CA THR A 26 9.89 5.26 5.48
C THR A 26 8.98 6.07 4.56
N VAL A 27 8.09 5.39 3.84
CA VAL A 27 7.20 6.10 2.95
C VAL A 27 5.76 6.05 3.44
N THR A 28 5.13 7.21 3.54
CA THR A 28 3.75 7.30 3.98
C THR A 28 2.83 7.40 2.77
N LEU A 29 1.66 6.79 2.85
CA LEU A 29 0.71 6.83 1.75
C LEU A 29 -0.74 6.85 2.22
N LYS A 30 -1.60 7.43 1.38
CA LYS A 30 -3.02 7.54 1.66
C LYS A 30 -3.83 7.11 0.44
N TRP A 31 -4.90 6.35 0.67
CA TRP A 31 -5.76 5.88 -0.42
C TRP A 31 -7.24 5.97 -0.04
N ALA A 32 -8.10 5.61 -0.97
CA ALA A 32 -9.55 5.66 -0.73
C ALA A 32 -10.06 4.31 -0.22
N LYS A 33 -11.37 4.14 -0.21
CA LYS A 33 -11.97 2.90 0.27
C LYS A 33 -13.12 2.47 -0.65
N PRO A 34 -13.51 1.18 -0.58
CA PRO A 34 -14.59 0.62 -1.42
C PRO A 34 -15.92 1.32 -1.20
N GLU A 35 -16.95 0.84 -1.89
CA GLU A 35 -18.29 1.40 -1.76
C GLU A 35 -19.36 0.31 -1.68
N TYR A 36 -18.93 -0.95 -1.56
CA TYR A 36 -19.85 -2.08 -1.48
C TYR A 36 -19.33 -3.13 -0.51
N THR A 37 -18.24 -3.79 -0.91
CA THR A 37 -17.63 -4.83 -0.09
C THR A 37 -18.68 -5.82 0.39
N GLY A 38 -19.56 -6.23 -0.52
CA GLY A 38 -20.60 -7.18 -0.17
C GLY A 38 -21.34 -6.78 1.09
N GLY A 39 -21.01 -7.43 2.20
CA GLY A 39 -21.63 -7.13 3.47
C GLY A 39 -20.59 -6.93 4.56
N PHE A 40 -19.40 -6.51 4.13
CA PHE A 40 -18.29 -6.28 5.05
C PHE A 40 -17.90 -4.81 5.09
N LYS A 41 -16.83 -4.51 5.81
CA LYS A 41 -16.35 -3.13 5.92
C LYS A 41 -14.83 -3.11 6.00
N ILE A 42 -14.18 -4.13 5.45
CA ILE A 42 -12.73 -4.22 5.45
C ILE A 42 -12.20 -4.25 6.88
N THR A 43 -11.10 -4.94 7.08
CA THR A 43 -10.49 -5.06 8.39
C THR A 43 -8.98 -4.85 8.32
N SER A 44 -8.50 -4.27 7.22
CA SER A 44 -7.08 -4.02 7.04
C SER A 44 -6.76 -3.56 5.62
N TYR A 45 -5.60 -2.93 5.46
CA TYR A 45 -5.16 -2.44 4.17
C TYR A 45 -3.68 -2.75 3.97
N ILE A 46 -3.39 -4.00 3.62
CA ILE A 46 -2.02 -4.44 3.42
C ILE A 46 -1.50 -4.05 2.04
N VAL A 47 -0.46 -3.23 2.02
CA VAL A 47 0.13 -2.79 0.76
C VAL A 47 1.39 -3.60 0.44
N GLU A 48 1.43 -4.17 -0.76
CA GLU A 48 2.57 -4.98 -1.19
C GLU A 48 3.69 -4.12 -1.75
N LYS A 49 4.91 -4.37 -1.28
CA LYS A 49 6.10 -3.62 -1.71
C LYS A 49 6.85 -4.31 -2.84
N ARG A 50 7.33 -3.51 -3.78
CA ARG A 50 8.10 -4.02 -4.91
C ARG A 50 9.43 -3.28 -5.02
N ASP A 51 10.50 -3.93 -4.62
CA ASP A 51 11.83 -3.33 -4.67
C ASP A 51 12.35 -3.32 -6.09
N LEU A 52 11.98 -2.28 -6.83
CA LEU A 52 12.40 -2.12 -8.21
C LEU A 52 13.92 -2.27 -8.33
N PRO A 53 14.42 -2.66 -9.52
CA PRO A 53 13.60 -2.96 -10.70
C PRO A 53 13.07 -4.39 -10.70
N ASN A 54 13.13 -5.05 -9.55
CA ASN A 54 12.64 -6.42 -9.45
C ASN A 54 11.48 -6.52 -8.46
N GLY A 55 11.80 -6.51 -7.18
CA GLY A 55 10.77 -6.61 -6.16
C GLY A 55 9.86 -7.79 -6.38
N ARG A 56 8.87 -7.95 -5.52
CA ARG A 56 7.93 -9.06 -5.64
C ARG A 56 6.67 -8.82 -4.81
N TRP A 57 6.30 -7.55 -4.65
CA TRP A 57 5.12 -7.18 -3.90
C TRP A 57 5.07 -7.91 -2.56
N LEU A 58 5.59 -7.28 -1.50
CA LEU A 58 5.60 -7.91 -0.20
C LEU A 58 5.01 -6.98 0.87
N LYS A 59 4.10 -7.52 1.67
CA LYS A 59 3.46 -6.75 2.73
C LYS A 59 4.47 -6.28 3.77
N ALA A 60 5.26 -5.27 3.41
CA ALA A 60 6.25 -4.74 4.34
C ALA A 60 5.59 -4.30 5.63
N ASN A 61 4.44 -3.64 5.50
CA ASN A 61 3.70 -3.16 6.67
C ASN A 61 3.67 -4.21 7.77
N PHE A 62 3.38 -5.46 7.39
CA PHE A 62 3.31 -6.57 8.34
C PHE A 62 2.49 -6.18 9.57
N SER A 63 1.43 -5.41 9.36
CA SER A 63 0.57 -4.99 10.45
C SER A 63 -0.88 -4.93 9.99
N ASN A 64 -1.72 -4.23 10.75
CA ASN A 64 -3.12 -4.10 10.42
C ASN A 64 -3.46 -2.67 10.02
N ILE A 65 -3.32 -2.37 8.73
CA ILE A 65 -3.61 -1.04 8.23
C ILE A 65 -5.11 -0.76 8.25
N LEU A 66 -5.68 -0.67 9.44
CA LEU A 66 -7.11 -0.39 9.58
C LEU A 66 -7.49 0.84 8.77
N GLU A 67 -6.87 1.97 9.09
CA GLU A 67 -7.13 3.21 8.38
C GLU A 67 -6.42 3.17 7.04
N ASN A 68 -6.85 4.01 6.11
CA ASN A 68 -6.24 4.04 4.79
C ASN A 68 -4.98 4.92 4.77
N GLU A 69 -4.53 5.35 5.94
CA GLU A 69 -3.33 6.17 6.04
C GLU A 69 -2.23 5.40 6.77
N PHE A 70 -1.31 4.81 6.02
CA PHE A 70 -0.24 4.04 6.63
C PHE A 70 1.14 4.43 6.11
N THR A 71 2.17 4.03 6.84
CA THR A 71 3.54 4.31 6.48
C THR A 71 4.30 3.02 6.20
N VAL A 72 4.71 2.85 4.96
CA VAL A 72 5.45 1.67 4.57
C VAL A 72 6.92 1.81 4.92
N SER A 73 7.25 1.47 6.16
CA SER A 73 8.62 1.56 6.65
C SER A 73 9.40 0.31 6.26
N GLY A 74 10.67 0.27 6.66
CA GLY A 74 11.51 -0.87 6.33
C GLY A 74 12.24 -0.70 5.02
N LEU A 75 11.72 0.18 4.16
CA LEU A 75 12.34 0.43 2.87
C LEU A 75 13.82 0.74 3.03
N THR A 76 14.51 0.96 1.91
CA THR A 76 15.95 1.25 1.94
C THR A 76 16.31 2.33 0.93
N GLU A 77 16.99 3.37 1.39
CA GLU A 77 17.39 4.46 0.52
C GLU A 77 18.18 3.95 -0.69
N ASP A 78 18.18 4.75 -1.75
CA ASP A 78 18.87 4.40 -2.99
C ASP A 78 18.18 3.24 -3.68
N ALA A 79 16.86 3.33 -3.80
CA ALA A 79 16.08 2.27 -4.45
C ALA A 79 14.62 2.67 -4.62
N ALA A 80 14.14 2.64 -5.85
CA ALA A 80 12.75 2.98 -6.13
C ALA A 80 11.84 1.90 -5.58
N TYR A 81 10.77 2.32 -4.91
CA TYR A 81 9.85 1.36 -4.31
C TYR A 81 8.40 1.62 -4.72
N GLU A 82 7.79 0.64 -5.39
CA GLU A 82 6.40 0.74 -5.81
C GLU A 82 5.54 -0.10 -4.88
N PHE A 83 4.36 0.39 -4.50
CA PHE A 83 3.51 -0.42 -3.59
C PHE A 83 2.01 -0.35 -3.91
N ARG A 84 1.40 -1.53 -4.05
CA ARG A 84 -0.04 -1.65 -4.30
C ARG A 84 -0.77 -1.90 -2.99
N VAL A 85 -2.08 -1.69 -2.97
CA VAL A 85 -2.85 -1.90 -1.72
C VAL A 85 -3.85 -3.04 -1.83
N ILE A 86 -3.71 -4.01 -0.92
CA ILE A 86 -4.59 -5.17 -0.84
C ILE A 86 -5.39 -5.12 0.47
N ALA A 87 -6.54 -5.77 0.51
CA ALA A 87 -7.34 -5.78 1.74
C ALA A 87 -8.42 -6.83 1.71
N LYS A 88 -8.46 -7.66 2.75
CA LYS A 88 -9.45 -8.72 2.84
C LYS A 88 -10.80 -8.15 3.28
N ASN A 89 -11.66 -9.00 3.85
CA ASN A 89 -12.96 -8.55 4.30
C ASN A 89 -13.51 -9.45 5.41
N ALA A 90 -14.51 -8.93 6.12
CA ALA A 90 -15.15 -9.64 7.22
C ALA A 90 -15.36 -11.12 6.91
N ALA A 91 -15.78 -11.44 5.69
CA ALA A 91 -16.04 -12.83 5.30
C ALA A 91 -14.76 -13.64 5.18
N GLY A 92 -13.61 -12.96 5.14
CA GLY A 92 -12.35 -13.66 5.01
C GLY A 92 -11.83 -13.63 3.58
N ALA A 93 -12.66 -13.14 2.65
CA ALA A 93 -12.28 -13.06 1.25
C ALA A 93 -11.15 -12.06 1.07
N ILE A 94 -10.56 -12.02 -0.11
CA ILE A 94 -9.46 -11.10 -0.36
C ILE A 94 -9.77 -10.11 -1.48
N SER A 95 -9.75 -8.81 -1.15
CA SER A 95 -10.00 -7.78 -2.14
C SER A 95 -8.70 -7.55 -2.92
N PRO A 96 -8.70 -7.79 -4.25
CA PRO A 96 -7.51 -7.62 -5.08
C PRO A 96 -6.78 -6.31 -4.82
N PRO A 97 -5.49 -6.25 -5.19
CA PRO A 97 -4.65 -5.07 -4.99
C PRO A 97 -5.06 -3.88 -5.83
N SER A 98 -4.58 -2.71 -5.43
CA SER A 98 -4.87 -1.47 -6.14
C SER A 98 -3.58 -0.92 -6.73
N GLU A 99 -3.68 -0.47 -8.00
CA GLU A 99 -2.55 0.10 -8.77
C GLU A 99 -1.40 0.59 -7.89
N PRO A 100 -0.28 -0.16 -7.88
CA PRO A 100 0.89 0.21 -7.08
C PRO A 100 1.24 1.69 -7.16
N SER A 101 1.66 2.25 -6.03
CA SER A 101 2.03 3.65 -5.95
C SER A 101 3.40 3.85 -6.58
N ASP A 102 3.58 5.01 -7.19
CA ASP A 102 4.83 5.38 -7.85
C ASP A 102 6.04 4.87 -7.09
N ALA A 103 7.09 4.51 -7.83
CA ALA A 103 8.31 4.00 -7.22
C ALA A 103 9.13 5.14 -6.65
N ILE A 104 9.18 5.23 -5.33
CA ILE A 104 9.96 6.27 -4.67
C ILE A 104 11.41 5.84 -4.50
N THR A 105 12.31 6.53 -5.20
CA THR A 105 13.74 6.22 -5.11
C THR A 105 14.16 6.16 -3.65
N CYS A 106 13.74 7.16 -2.89
CA CYS A 106 14.09 7.22 -1.48
C CYS A 106 15.59 7.21 -1.32
N ARG A 107 16.16 8.34 -0.95
CA ARG A 107 17.60 8.44 -0.77
C ARG A 107 17.93 9.31 0.45
N ASP A 108 17.98 10.61 0.23
CA ASP A 108 18.26 11.56 1.29
C ASP A 108 16.98 12.29 1.67
N ASP A 109 15.87 11.58 1.54
CA ASP A 109 14.55 12.12 1.84
C ASP A 109 14.35 13.49 1.17
N VAL A 110 15.10 13.73 0.11
CA VAL A 110 15.02 14.99 -0.63
C VAL A 110 14.70 14.74 -2.11
N GLU A 111 14.90 13.51 -2.58
CA GLU A 111 14.65 13.14 -3.98
C GLU A 111 15.07 14.26 -4.94
N ALA A 112 16.28 14.14 -5.46
CA ALA A 112 16.80 15.13 -6.40
C ALA A 112 16.18 14.95 -7.79
N SER A 9 -19.74 -13.15 -3.72
CA SER A 9 -19.02 -11.99 -3.12
C SER A 9 -18.16 -11.28 -4.16
N PRO A 10 -18.69 -10.20 -4.77
CA PRO A 10 -17.97 -9.43 -5.78
C PRO A 10 -16.82 -8.63 -5.18
N ILE A 11 -17.08 -8.04 -4.01
CA ILE A 11 -16.11 -7.22 -3.28
C ILE A 11 -15.49 -6.13 -4.14
N ASP A 12 -15.11 -5.05 -3.48
CA ASP A 12 -14.50 -3.91 -4.14
C ASP A 12 -13.29 -3.41 -3.34
N PRO A 13 -12.06 -3.62 -3.85
CA PRO A 13 -10.85 -3.19 -3.16
C PRO A 13 -10.75 -1.67 -3.06
N PRO A 14 -10.03 -1.17 -2.04
CA PRO A 14 -9.87 0.27 -1.80
C PRO A 14 -9.35 1.01 -3.04
N GLY A 15 -9.19 2.33 -2.90
CA GLY A 15 -8.70 3.14 -4.00
C GLY A 15 -7.20 3.02 -4.23
N LYS A 16 -6.70 3.77 -5.20
CA LYS A 16 -5.27 3.74 -5.53
C LYS A 16 -4.44 4.38 -4.42
N PRO A 17 -3.31 3.75 -4.04
CA PRO A 17 -2.43 4.27 -2.98
C PRO A 17 -1.59 5.46 -3.47
N VAL A 18 -1.59 6.53 -2.69
CA VAL A 18 -0.83 7.72 -3.03
C VAL A 18 -0.01 8.22 -1.83
N PRO A 19 1.30 7.91 -1.80
CA PRO A 19 2.16 8.32 -0.70
C PRO A 19 2.11 9.80 -0.39
N LEU A 20 1.75 10.13 0.86
CA LEU A 20 1.69 11.52 1.29
C LEU A 20 3.10 11.97 1.68
N ASN A 21 3.87 11.01 2.18
CA ASN A 21 5.25 11.24 2.58
C ASN A 21 6.11 10.07 2.13
N ILE A 22 7.29 10.34 1.61
CA ILE A 22 8.15 9.28 1.14
C ILE A 22 9.62 9.50 1.51
N THR A 23 10.02 8.92 2.62
CA THR A 23 11.40 9.03 3.09
C THR A 23 12.25 7.90 2.51
N ARG A 24 13.56 8.07 2.57
CA ARG A 24 14.48 7.06 2.03
C ARG A 24 14.33 5.72 2.75
N HIS A 25 13.79 5.75 3.96
CA HIS A 25 13.61 4.51 4.73
C HIS A 25 12.16 4.37 5.20
N THR A 26 11.26 5.14 4.60
CA THR A 26 9.85 5.08 4.95
C THR A 26 9.01 5.64 3.81
N VAL A 27 7.73 5.28 3.78
CA VAL A 27 6.86 5.74 2.71
C VAL A 27 5.39 5.73 3.15
N THR A 28 4.92 6.85 3.69
CA THR A 28 3.54 6.97 4.13
C THR A 28 2.62 7.21 2.94
N LEU A 29 1.40 6.66 3.01
CA LEU A 29 0.44 6.80 1.93
C LEU A 29 -1.00 6.81 2.42
N LYS A 30 -1.87 7.30 1.54
CA LYS A 30 -3.31 7.38 1.80
C LYS A 30 -4.07 7.04 0.53
N TRP A 31 -5.19 6.33 0.67
CA TRP A 31 -5.99 5.96 -0.49
C TRP A 31 -7.48 6.12 -0.21
N ALA A 32 -8.31 5.69 -1.15
CA ALA A 32 -9.75 5.81 -0.99
C ALA A 32 -10.35 4.51 -0.47
N LYS A 33 -11.58 4.59 0.03
CA LYS A 33 -12.27 3.43 0.58
C LYS A 33 -13.45 3.03 -0.32
N PRO A 34 -13.75 1.73 -0.46
CA PRO A 34 -14.85 1.26 -1.30
C PRO A 34 -16.20 1.45 -0.62
N GLU A 35 -17.26 1.40 -1.43
CA GLU A 35 -18.62 1.56 -0.90
C GLU A 35 -19.41 0.27 -1.02
N TYR A 36 -18.98 -0.60 -1.94
CA TYR A 36 -19.67 -1.86 -2.14
C TYR A 36 -19.17 -2.92 -1.17
N THR A 37 -17.95 -3.41 -1.39
CA THR A 37 -17.35 -4.43 -0.52
C THR A 37 -18.37 -5.50 -0.13
N GLY A 38 -19.13 -5.97 -1.11
CA GLY A 38 -20.14 -6.98 -0.83
C GLY A 38 -21.00 -6.64 0.37
N GLY A 39 -20.59 -7.12 1.53
CA GLY A 39 -21.31 -6.86 2.76
C GLY A 39 -20.36 -6.91 3.95
N PHE A 40 -19.19 -6.31 3.76
CA PHE A 40 -18.16 -6.30 4.78
C PHE A 40 -17.74 -4.87 5.13
N LYS A 41 -16.75 -4.76 6.00
CA LYS A 41 -16.25 -3.44 6.43
C LYS A 41 -14.75 -3.28 6.17
N ILE A 42 -14.04 -4.40 6.01
CA ILE A 42 -12.60 -4.36 5.78
C ILE A 42 -11.89 -3.88 7.04
N THR A 43 -11.14 -4.77 7.68
CA THR A 43 -10.43 -4.41 8.90
C THR A 43 -8.92 -4.45 8.72
N SER A 44 -8.44 -4.11 7.52
CA SER A 44 -7.01 -4.12 7.24
C SER A 44 -6.69 -3.78 5.80
N TYR A 45 -5.58 -3.07 5.60
CA TYR A 45 -5.12 -2.70 4.25
C TYR A 45 -3.68 -3.11 4.05
N ILE A 46 -3.48 -4.37 3.64
CA ILE A 46 -2.14 -4.88 3.41
C ILE A 46 -1.59 -4.44 2.07
N VAL A 47 -0.68 -3.49 2.09
CA VAL A 47 -0.06 -2.99 0.88
C VAL A 47 1.27 -3.72 0.66
N GLU A 48 1.56 -4.08 -0.59
CA GLU A 48 2.78 -4.78 -0.93
C GLU A 48 3.84 -3.81 -1.43
N LYS A 49 5.12 -4.16 -1.23
CA LYS A 49 6.21 -3.31 -1.64
C LYS A 49 6.92 -3.91 -2.84
N ARG A 50 7.59 -3.07 -3.61
CA ARG A 50 8.32 -3.55 -4.76
C ARG A 50 9.70 -2.91 -4.81
N ASP A 51 10.71 -3.68 -4.43
CA ASP A 51 12.09 -3.19 -4.42
C ASP A 51 12.67 -3.23 -5.83
N LEU A 52 12.37 -2.20 -6.60
CA LEU A 52 12.86 -2.08 -7.98
C LEU A 52 14.38 -2.04 -8.03
N PRO A 53 15.00 -2.36 -9.19
CA PRO A 53 14.30 -2.73 -10.43
C PRO A 53 13.87 -4.20 -10.49
N ASN A 54 13.70 -4.83 -9.33
CA ASN A 54 13.30 -6.22 -9.27
C ASN A 54 12.33 -6.45 -8.12
N GLY A 55 12.88 -6.60 -6.92
CA GLY A 55 12.08 -6.83 -5.73
C GLY A 55 10.89 -7.74 -5.96
N ARG A 56 9.93 -7.69 -5.03
CA ARG A 56 8.72 -8.49 -5.13
C ARG A 56 7.63 -7.86 -4.28
N TRP A 57 6.38 -7.99 -4.74
CA TRP A 57 5.24 -7.44 -4.06
C TRP A 57 5.09 -8.10 -2.70
N LEU A 58 5.91 -7.66 -1.75
CA LEU A 58 5.86 -8.22 -0.42
C LEU A 58 5.47 -7.17 0.60
N LYS A 59 4.21 -7.28 1.08
CA LYS A 59 3.62 -6.39 2.07
C LYS A 59 4.33 -5.02 2.20
N ALA A 60 4.28 -4.43 3.39
CA ALA A 60 4.89 -3.13 3.61
C ALA A 60 4.60 -2.64 5.03
N ASN A 61 3.37 -2.88 5.48
CA ASN A 61 2.94 -2.47 6.81
C ASN A 61 3.54 -3.39 7.88
N PHE A 62 3.62 -4.68 7.57
CA PHE A 62 4.18 -5.66 8.50
C PHE A 62 3.45 -5.67 9.84
N SER A 63 2.14 -5.43 9.81
CA SER A 63 1.35 -5.42 11.04
C SER A 63 -0.17 -5.37 10.73
N ASN A 64 -0.72 -4.16 10.68
CA ASN A 64 -2.15 -3.99 10.41
C ASN A 64 -2.46 -2.55 10.05
N ILE A 65 -3.09 -2.35 8.90
CA ILE A 65 -3.45 -1.01 8.44
C ILE A 65 -4.96 -0.79 8.51
N LEU A 66 -5.46 -0.59 9.72
CA LEU A 66 -6.90 -0.36 9.91
C LEU A 66 -7.40 0.77 9.02
N GLU A 67 -7.00 2.01 9.34
CA GLU A 67 -7.41 3.16 8.56
C GLU A 67 -6.70 3.16 7.22
N ASN A 68 -7.13 4.05 6.33
CA ASN A 68 -6.52 4.13 5.01
C ASN A 68 -5.26 5.00 5.00
N GLU A 69 -4.84 5.43 6.19
CA GLU A 69 -3.64 6.26 6.31
C GLU A 69 -2.59 5.49 7.10
N PHE A 70 -1.57 4.99 6.41
CA PHE A 70 -0.52 4.22 7.07
C PHE A 70 0.88 4.60 6.59
N THR A 71 1.89 4.19 7.36
CA THR A 71 3.27 4.47 7.01
C THR A 71 4.06 3.21 6.73
N VAL A 72 4.32 2.99 5.43
CA VAL A 72 5.07 1.82 5.00
C VAL A 72 6.55 1.97 5.30
N SER A 73 7.09 1.07 6.13
CA SER A 73 8.50 1.12 6.49
C SER A 73 9.20 -0.19 6.16
N GLY A 74 10.51 -0.11 5.96
CA GLY A 74 11.29 -1.28 5.63
C GLY A 74 12.10 -1.13 4.36
N LEU A 75 11.92 -0.01 3.67
CA LEU A 75 12.63 0.26 2.43
C LEU A 75 14.12 0.40 2.65
N THR A 76 14.88 0.35 1.55
CA THR A 76 16.32 0.48 1.60
C THR A 76 16.78 1.65 0.75
N GLU A 77 17.57 2.53 1.35
CA GLU A 77 18.08 3.71 0.66
C GLU A 77 18.68 3.35 -0.70
N ASP A 78 18.51 4.24 -1.67
CA ASP A 78 19.04 4.04 -3.01
C ASP A 78 18.31 2.90 -3.72
N ALA A 79 16.99 2.99 -3.79
CA ALA A 79 16.19 1.97 -4.45
C ALA A 79 14.74 2.42 -4.62
N ALA A 80 14.28 2.48 -5.86
CA ALA A 80 12.91 2.89 -6.13
C ALA A 80 11.94 1.84 -5.62
N TYR A 81 10.87 2.28 -4.96
CA TYR A 81 9.91 1.36 -4.40
C TYR A 81 8.46 1.67 -4.81
N GLU A 82 7.82 0.68 -5.41
CA GLU A 82 6.42 0.80 -5.83
C GLU A 82 5.56 -0.02 -4.88
N PHE A 83 4.37 0.49 -4.51
CA PHE A 83 3.54 -0.29 -3.55
C PHE A 83 2.05 -0.32 -3.89
N ARG A 84 1.49 -1.54 -3.91
CA ARG A 84 0.05 -1.73 -4.18
C ARG A 84 -0.69 -2.03 -2.90
N VAL A 85 -1.95 -1.57 -2.79
CA VAL A 85 -2.73 -1.81 -1.57
C VAL A 85 -3.70 -2.96 -1.73
N ILE A 86 -3.39 -4.07 -1.05
CA ILE A 86 -4.23 -5.24 -1.04
C ILE A 86 -5.00 -5.25 0.26
N ALA A 87 -6.19 -5.81 0.29
CA ALA A 87 -6.95 -5.81 1.53
C ALA A 87 -8.06 -6.85 1.54
N LYS A 88 -8.31 -7.43 2.70
CA LYS A 88 -9.36 -8.43 2.82
C LYS A 88 -10.66 -7.78 3.25
N ASN A 89 -11.57 -8.58 3.76
CA ASN A 89 -12.86 -8.07 4.18
C ASN A 89 -13.44 -8.90 5.34
N ALA A 90 -14.45 -8.37 5.98
CA ALA A 90 -15.11 -9.04 7.11
C ALA A 90 -15.33 -10.53 6.83
N ALA A 91 -15.47 -10.90 5.55
CA ALA A 91 -15.70 -12.29 5.19
C ALA A 91 -14.40 -13.04 4.91
N GLY A 92 -13.33 -12.28 4.62
CA GLY A 92 -12.05 -12.90 4.35
C GLY A 92 -11.78 -13.04 2.86
N ALA A 93 -12.73 -12.61 2.02
CA ALA A 93 -12.58 -12.69 0.58
C ALA A 93 -11.59 -11.63 0.10
N ILE A 94 -10.31 -11.90 0.30
CA ILE A 94 -9.23 -10.99 -0.09
C ILE A 94 -9.53 -10.20 -1.36
N SER A 95 -9.43 -8.88 -1.23
CA SER A 95 -9.66 -7.96 -2.35
C SER A 95 -8.33 -7.71 -3.07
N PRO A 96 -8.28 -7.96 -4.39
CA PRO A 96 -7.08 -7.75 -5.19
C PRO A 96 -6.32 -6.48 -4.82
N PRO A 97 -5.06 -6.36 -5.27
CA PRO A 97 -4.23 -5.19 -4.98
C PRO A 97 -4.66 -3.95 -5.73
N SER A 98 -4.44 -2.79 -5.13
CA SER A 98 -4.79 -1.53 -5.74
C SER A 98 -3.57 -0.95 -6.46
N GLU A 99 -3.79 -0.57 -7.74
CA GLU A 99 -2.73 0.00 -8.61
C GLU A 99 -1.56 0.59 -7.82
N PRO A 100 -0.43 -0.13 -7.77
CA PRO A 100 0.75 0.30 -7.04
C PRO A 100 1.03 1.79 -7.14
N SER A 101 1.64 2.33 -6.09
CA SER A 101 1.98 3.73 -6.02
C SER A 101 3.35 3.93 -6.66
N ASP A 102 3.51 5.08 -7.32
CA ASP A 102 4.76 5.44 -8.01
C ASP A 102 5.97 4.92 -7.25
N ALA A 103 7.04 4.65 -8.00
CA ALA A 103 8.27 4.16 -7.41
C ALA A 103 9.14 5.29 -6.89
N ILE A 104 9.44 5.27 -5.60
CA ILE A 104 10.27 6.29 -4.98
C ILE A 104 11.69 5.79 -4.73
N THR A 105 12.65 6.36 -5.46
CA THR A 105 14.05 5.96 -5.34
C THR A 105 14.47 5.78 -3.88
N CYS A 106 13.90 6.59 -3.00
CA CYS A 106 14.24 6.51 -1.58
C CYS A 106 15.74 6.56 -1.38
N ARG A 107 16.30 7.76 -1.38
CA ARG A 107 17.74 7.95 -1.20
C ARG A 107 18.03 8.92 -0.07
N ASP A 108 17.95 10.20 -0.37
CA ASP A 108 18.18 11.24 0.62
C ASP A 108 16.93 12.10 0.83
N ASP A 109 15.94 11.93 -0.04
CA ASP A 109 14.69 12.68 0.05
C ASP A 109 14.94 14.19 0.00
N VAL A 110 16.12 14.59 -0.46
CA VAL A 110 16.48 15.99 -0.56
C VAL A 110 17.18 16.28 -1.89
N GLU A 111 17.24 15.29 -2.77
CA GLU A 111 17.88 15.47 -4.07
C GLU A 111 16.94 15.08 -5.21
N ALA A 112 15.72 14.65 -4.86
CA ALA A 112 14.74 14.26 -5.87
C ALA A 112 13.34 14.13 -5.25
N SER A 9 -23.05 -8.85 -0.86
CA SER A 9 -22.70 -10.06 -1.66
C SER A 9 -21.31 -9.94 -2.28
N PRO A 10 -21.07 -8.88 -3.06
CA PRO A 10 -19.78 -8.66 -3.70
C PRO A 10 -18.77 -7.96 -2.78
N ILE A 11 -17.67 -7.50 -3.35
CA ILE A 11 -16.64 -6.83 -2.58
C ILE A 11 -15.82 -5.89 -3.45
N ASP A 12 -15.38 -4.79 -2.86
CA ASP A 12 -14.58 -3.80 -3.57
C ASP A 12 -13.34 -3.46 -2.76
N PRO A 13 -12.15 -3.49 -3.39
CA PRO A 13 -10.89 -3.19 -2.69
C PRO A 13 -10.63 -1.69 -2.59
N PRO A 14 -9.57 -1.31 -1.86
CA PRO A 14 -9.19 0.10 -1.65
C PRO A 14 -9.00 0.86 -2.96
N GLY A 15 -8.81 2.18 -2.82
CA GLY A 15 -8.61 3.03 -3.99
C GLY A 15 -7.15 3.12 -4.41
N LYS A 16 -6.83 4.13 -5.23
CA LYS A 16 -5.47 4.33 -5.71
C LYS A 16 -4.62 5.00 -4.63
N PRO A 17 -3.59 4.29 -4.11
CA PRO A 17 -2.71 4.84 -3.06
C PRO A 17 -1.75 5.93 -3.55
N VAL A 18 -1.41 6.85 -2.66
CA VAL A 18 -0.51 7.95 -2.98
C VAL A 18 0.32 8.35 -1.77
N PRO A 19 1.64 8.02 -1.78
CA PRO A 19 2.54 8.35 -0.68
C PRO A 19 2.62 9.85 -0.39
N LEU A 20 1.81 10.34 0.55
CA LEU A 20 1.85 11.77 0.88
C LEU A 20 3.29 12.20 1.15
N ASN A 21 3.97 11.38 1.94
CA ASN A 21 5.37 11.60 2.28
C ASN A 21 6.17 10.39 1.85
N ILE A 22 7.44 10.59 1.50
CA ILE A 22 8.25 9.47 1.06
C ILE A 22 9.69 9.60 1.53
N THR A 23 9.93 9.24 2.78
CA THR A 23 11.28 9.30 3.35
C THR A 23 12.14 8.16 2.81
N ARG A 24 13.44 8.37 2.84
CA ARG A 24 14.39 7.36 2.34
C ARG A 24 14.30 6.04 3.09
N HIS A 25 13.60 6.02 4.22
CA HIS A 25 13.48 4.79 5.01
C HIS A 25 12.07 4.63 5.57
N THR A 26 11.12 5.33 4.97
CA THR A 26 9.72 5.25 5.41
C THR A 26 8.86 6.17 4.57
N VAL A 27 8.00 5.58 3.73
CA VAL A 27 7.13 6.37 2.88
C VAL A 27 5.68 6.28 3.35
N THR A 28 5.04 7.42 3.57
CA THR A 28 3.65 7.45 4.01
C THR A 28 2.71 7.65 2.83
N LEU A 29 1.62 6.88 2.83
CA LEU A 29 0.62 6.96 1.77
C LEU A 29 -0.82 6.89 2.30
N LYS A 30 -1.76 7.28 1.44
CA LYS A 30 -3.17 7.26 1.78
C LYS A 30 -4.03 7.08 0.52
N TRP A 31 -5.24 6.52 0.68
CA TRP A 31 -6.13 6.28 -0.44
C TRP A 31 -7.61 6.43 -0.07
N ALA A 32 -8.48 6.06 -0.99
CA ALA A 32 -9.92 6.12 -0.79
C ALA A 32 -10.40 4.91 0.02
N LYS A 33 -11.70 4.61 -0.08
CA LYS A 33 -12.29 3.49 0.63
C LYS A 33 -13.33 2.80 -0.23
N PRO A 34 -13.37 1.45 -0.22
CA PRO A 34 -14.33 0.66 -0.99
C PRO A 34 -15.69 1.35 -1.13
N GLU A 35 -16.34 1.11 -2.25
CA GLU A 35 -17.64 1.70 -2.52
C GLU A 35 -18.80 0.74 -2.20
N TYR A 36 -18.48 -0.36 -1.53
CA TYR A 36 -19.50 -1.35 -1.18
C TYR A 36 -18.97 -2.39 -0.21
N THR A 37 -18.04 -3.22 -0.67
CA THR A 37 -17.47 -4.26 0.16
C THR A 37 -18.58 -5.10 0.78
N GLY A 38 -19.52 -5.52 -0.06
CA GLY A 38 -20.65 -6.32 0.43
C GLY A 38 -21.22 -5.78 1.72
N GLY A 39 -20.99 -6.49 2.82
CA GLY A 39 -21.49 -6.07 4.10
C GLY A 39 -20.37 -6.05 5.13
N PHE A 40 -19.16 -5.80 4.64
CA PHE A 40 -17.96 -5.76 5.48
C PHE A 40 -17.37 -4.36 5.50
N LYS A 41 -16.20 -4.23 6.14
CA LYS A 41 -15.54 -2.93 6.23
C LYS A 41 -14.02 -3.08 6.14
N ILE A 42 -13.57 -4.06 5.36
CA ILE A 42 -12.15 -4.31 5.18
C ILE A 42 -11.49 -4.77 6.49
N THR A 43 -11.36 -3.83 7.43
CA THR A 43 -10.77 -4.09 8.74
C THR A 43 -9.23 -4.06 8.71
N SER A 44 -8.64 -4.01 7.51
CA SER A 44 -7.18 -3.96 7.40
C SER A 44 -6.71 -3.90 5.96
N TYR A 45 -5.68 -3.11 5.71
CA TYR A 45 -5.13 -2.96 4.37
C TYR A 45 -3.68 -3.48 4.32
N ILE A 46 -3.35 -4.19 3.24
CA ILE A 46 -2.01 -4.72 3.07
C ILE A 46 -1.33 -4.10 1.86
N VAL A 47 -0.11 -3.59 2.04
CA VAL A 47 0.61 -2.98 0.92
C VAL A 47 1.84 -3.79 0.52
N GLU A 48 1.80 -4.34 -0.70
CA GLU A 48 2.90 -5.13 -1.21
C GLU A 48 3.96 -4.21 -1.82
N LYS A 49 5.21 -4.47 -1.46
CA LYS A 49 6.34 -3.69 -1.91
C LYS A 49 7.05 -4.26 -3.13
N ARG A 50 7.23 -3.43 -4.15
CA ARG A 50 7.91 -3.84 -5.38
C ARG A 50 9.29 -3.18 -5.46
N ASP A 51 10.30 -3.90 -5.01
CA ASP A 51 11.66 -3.37 -5.04
C ASP A 51 12.09 -3.17 -6.47
N LEU A 52 12.83 -2.10 -6.72
CA LEU A 52 13.29 -1.81 -8.07
C LEU A 52 14.82 -1.69 -8.11
N PRO A 53 15.49 -2.34 -9.09
CA PRO A 53 14.85 -3.16 -10.13
C PRO A 53 14.70 -4.63 -9.73
N ASN A 54 14.21 -4.88 -8.52
CA ASN A 54 14.03 -6.24 -8.04
C ASN A 54 12.61 -6.47 -7.55
N GLY A 55 11.64 -6.23 -8.44
CA GLY A 55 10.23 -6.39 -8.09
C GLY A 55 9.96 -7.64 -7.27
N ARG A 56 8.81 -7.65 -6.58
CA ARG A 56 8.42 -8.80 -5.75
C ARG A 56 7.07 -8.59 -5.07
N TRP A 57 6.75 -7.34 -4.72
CA TRP A 57 5.50 -7.03 -4.04
C TRP A 57 5.45 -7.76 -2.70
N LEU A 58 6.11 -7.20 -1.69
CA LEU A 58 6.13 -7.86 -0.37
C LEU A 58 5.49 -7.00 0.71
N LYS A 59 4.68 -7.64 1.55
CA LYS A 59 3.99 -6.95 2.63
C LYS A 59 4.96 -6.06 3.41
N ALA A 60 4.99 -4.79 3.03
CA ALA A 60 5.87 -3.82 3.69
C ALA A 60 5.28 -3.31 5.00
N ASN A 61 3.99 -3.03 5.00
CA ASN A 61 3.32 -2.55 6.20
C ASN A 61 3.55 -3.47 7.39
N PHE A 62 3.14 -4.73 7.24
CA PHE A 62 3.30 -5.73 8.30
C PHE A 62 3.04 -5.14 9.69
N SER A 63 1.91 -4.45 9.84
CA SER A 63 1.56 -3.85 11.12
C SER A 63 0.07 -3.51 11.20
N ASN A 64 -0.74 -4.23 10.45
CA ASN A 64 -2.18 -4.01 10.45
C ASN A 64 -2.51 -2.57 10.04
N ILE A 65 -3.17 -2.42 8.88
CA ILE A 65 -3.54 -1.11 8.38
C ILE A 65 -5.06 -0.93 8.44
N LEU A 66 -5.59 -0.79 9.64
CA LEU A 66 -7.02 -0.61 9.84
C LEU A 66 -7.57 0.50 8.95
N GLU A 67 -7.05 1.71 9.11
CA GLU A 67 -7.48 2.85 8.32
C GLU A 67 -6.69 2.92 7.02
N ASN A 68 -7.25 3.61 6.03
CA ASN A 68 -6.60 3.74 4.74
C ASN A 68 -5.37 4.64 4.82
N GLU A 69 -5.16 5.28 5.97
CA GLU A 69 -4.00 6.15 6.14
C GLU A 69 -2.91 5.39 6.88
N PHE A 70 -1.88 4.99 6.14
CA PHE A 70 -0.79 4.24 6.73
C PHE A 70 0.56 4.64 6.14
N THR A 71 1.63 4.23 6.81
CA THR A 71 2.99 4.53 6.36
C THR A 71 3.78 3.26 6.11
N VAL A 72 4.25 3.09 4.89
CA VAL A 72 5.02 1.92 4.53
C VAL A 72 6.49 2.05 4.95
N SER A 73 6.87 1.26 5.94
CA SER A 73 8.24 1.27 6.44
C SER A 73 9.06 0.15 5.80
N GLY A 74 10.16 -0.22 6.45
CA GLY A 74 11.01 -1.27 5.92
C GLY A 74 11.57 -0.92 4.56
N LEU A 75 11.64 0.38 4.27
CA LEU A 75 12.16 0.86 3.01
C LEU A 75 13.68 0.76 2.96
N THR A 76 14.26 0.97 1.79
CA THR A 76 15.70 0.91 1.61
C THR A 76 16.18 2.11 0.80
N GLU A 77 17.33 2.65 1.18
CA GLU A 77 17.91 3.79 0.48
C GLU A 77 18.52 3.37 -0.85
N ASP A 78 18.40 4.24 -1.85
CA ASP A 78 18.95 3.97 -3.17
C ASP A 78 18.19 2.84 -3.84
N ALA A 79 16.87 2.84 -3.69
CA ALA A 79 16.03 1.81 -4.27
C ALA A 79 14.61 2.29 -4.47
N ALA A 80 14.19 2.39 -5.73
CA ALA A 80 12.83 2.83 -6.03
C ALA A 80 11.84 1.78 -5.56
N TYR A 81 10.82 2.21 -4.83
CA TYR A 81 9.84 1.28 -4.29
C TYR A 81 8.41 1.61 -4.67
N GLU A 82 7.76 0.68 -5.37
CA GLU A 82 6.37 0.83 -5.77
C GLU A 82 5.53 -0.03 -4.82
N PHE A 83 4.37 0.44 -4.39
CA PHE A 83 3.56 -0.37 -3.46
C PHE A 83 2.09 -0.49 -3.80
N ARG A 84 1.66 -1.74 -3.97
CA ARG A 84 0.27 -2.09 -4.27
C ARG A 84 -0.45 -2.42 -2.98
N VAL A 85 -1.73 -2.06 -2.85
CA VAL A 85 -2.44 -2.38 -1.61
C VAL A 85 -3.67 -3.25 -1.85
N ILE A 86 -3.62 -4.42 -1.23
CA ILE A 86 -4.68 -5.39 -1.29
C ILE A 86 -5.33 -5.45 0.09
N ALA A 87 -6.50 -6.05 0.20
CA ALA A 87 -7.13 -6.11 1.52
C ALA A 87 -8.27 -7.10 1.56
N LYS A 88 -8.49 -7.70 2.72
CA LYS A 88 -9.57 -8.65 2.88
C LYS A 88 -10.77 -7.97 3.53
N ASN A 89 -11.81 -8.75 3.78
CA ASN A 89 -13.01 -8.22 4.38
C ASN A 89 -13.53 -9.15 5.46
N ALA A 90 -14.45 -8.65 6.26
CA ALA A 90 -15.05 -9.43 7.34
C ALA A 90 -15.36 -10.87 6.93
N ALA A 91 -15.62 -11.10 5.64
CA ALA A 91 -15.93 -12.43 5.15
C ALA A 91 -14.69 -13.22 4.74
N GLY A 92 -13.59 -12.53 4.49
CA GLY A 92 -12.37 -13.19 4.09
C GLY A 92 -12.15 -13.17 2.59
N ALA A 93 -13.09 -12.58 1.86
CA ALA A 93 -13.00 -12.48 0.40
C ALA A 93 -11.96 -11.45 0.01
N ILE A 94 -10.70 -11.82 0.10
CA ILE A 94 -9.58 -10.94 -0.23
C ILE A 94 -9.88 -10.01 -1.40
N SER A 95 -10.20 -8.76 -1.08
CA SER A 95 -10.47 -7.77 -2.10
C SER A 95 -9.22 -7.55 -2.95
N PRO A 96 -9.29 -7.85 -4.27
CA PRO A 96 -8.17 -7.70 -5.19
C PRO A 96 -7.28 -6.50 -4.88
N PRO A 97 -6.02 -6.54 -5.34
CA PRO A 97 -5.04 -5.45 -5.11
C PRO A 97 -5.49 -4.12 -5.67
N SER A 98 -4.76 -3.07 -5.27
CA SER A 98 -5.03 -1.72 -5.73
C SER A 98 -3.78 -1.12 -6.36
N GLU A 99 -3.94 -0.56 -7.57
CA GLU A 99 -2.83 0.05 -8.34
C GLU A 99 -1.69 0.54 -7.45
N PRO A 100 -0.47 -0.01 -7.63
CA PRO A 100 0.68 0.38 -6.82
C PRO A 100 0.99 1.87 -6.83
N SER A 101 1.64 2.31 -5.76
CA SER A 101 2.04 3.71 -5.63
C SER A 101 3.36 3.93 -6.33
N ASP A 102 3.53 5.11 -6.90
CA ASP A 102 4.76 5.46 -7.62
C ASP A 102 5.99 4.93 -6.90
N ALA A 103 7.00 4.58 -7.69
CA ALA A 103 8.23 4.05 -7.13
C ALA A 103 9.08 5.18 -6.54
N ILE A 104 9.41 5.06 -5.26
CA ILE A 104 10.20 6.08 -4.58
C ILE A 104 11.65 5.63 -4.42
N THR A 105 12.55 6.27 -5.18
CA THR A 105 13.98 5.93 -5.12
C THR A 105 14.47 5.88 -3.68
N CYS A 106 13.93 6.75 -2.83
CA CYS A 106 14.31 6.80 -1.43
C CYS A 106 15.83 6.85 -1.26
N ARG A 107 16.36 8.05 -1.05
CA ARG A 107 17.80 8.24 -0.87
C ARG A 107 18.08 9.05 0.40
N ASP A 108 17.78 10.33 0.34
CA ASP A 108 17.98 11.22 1.48
C ASP A 108 16.85 12.24 1.62
N ASP A 109 15.76 12.04 0.85
CA ASP A 109 14.61 12.95 0.90
C ASP A 109 15.04 14.41 1.01
N VAL A 110 16.20 14.71 0.44
CA VAL A 110 16.73 16.06 0.47
C VAL A 110 17.75 16.27 -0.64
N GLU A 111 17.64 15.48 -1.70
CA GLU A 111 18.56 15.57 -2.83
C GLU A 111 17.84 15.33 -4.16
N ALA A 112 16.96 14.32 -4.19
CA ALA A 112 16.23 13.99 -5.39
C ALA A 112 17.15 13.86 -6.60
N SER A 9 -22.95 -11.49 -3.73
CA SER A 9 -22.16 -10.54 -2.91
C SER A 9 -20.74 -10.37 -3.47
N PRO A 10 -20.46 -9.23 -4.14
CA PRO A 10 -19.16 -8.94 -4.71
C PRO A 10 -18.29 -8.12 -3.77
N ILE A 11 -17.22 -7.53 -4.30
CA ILE A 11 -16.33 -6.72 -3.48
C ILE A 11 -15.42 -5.85 -4.34
N ASP A 12 -15.04 -4.69 -3.79
CA ASP A 12 -14.16 -3.76 -4.46
C ASP A 12 -12.97 -3.43 -3.57
N PRO A 13 -11.75 -3.40 -4.12
CA PRO A 13 -10.55 -3.11 -3.35
C PRO A 13 -10.36 -1.62 -3.11
N PRO A 14 -9.53 -1.26 -2.12
CA PRO A 14 -9.27 0.14 -1.77
C PRO A 14 -8.79 0.97 -2.95
N GLY A 15 -8.84 2.29 -2.79
CA GLY A 15 -8.41 3.20 -3.83
C GLY A 15 -6.93 3.09 -4.12
N LYS A 16 -6.48 3.72 -5.21
CA LYS A 16 -5.08 3.68 -5.59
C LYS A 16 -4.25 4.49 -4.58
N PRO A 17 -3.19 3.89 -3.99
CA PRO A 17 -2.35 4.58 -3.00
C PRO A 17 -1.63 5.79 -3.57
N VAL A 18 -1.33 6.73 -2.68
CA VAL A 18 -0.63 7.95 -3.04
C VAL A 18 0.20 8.44 -1.86
N PRO A 19 1.50 8.09 -1.82
CA PRO A 19 2.37 8.49 -0.74
C PRO A 19 2.13 9.92 -0.26
N LEU A 20 1.75 10.07 1.01
CA LEU A 20 1.51 11.37 1.59
C LEU A 20 2.85 11.93 2.08
N ASN A 21 3.76 11.01 2.41
CA ASN A 21 5.11 11.35 2.86
C ASN A 21 6.04 10.26 2.38
N ILE A 22 7.31 10.56 2.19
CA ILE A 22 8.25 9.55 1.71
C ILE A 22 9.65 9.75 2.26
N THR A 23 10.27 8.68 2.72
CA THR A 23 11.63 8.73 3.26
C THR A 23 12.39 7.44 2.95
N ARG A 24 13.69 7.62 2.76
CA ARG A 24 14.64 6.54 2.43
C ARG A 24 14.18 5.15 2.90
N HIS A 25 13.74 5.02 4.16
CA HIS A 25 13.30 3.71 4.67
C HIS A 25 11.93 3.76 5.32
N THR A 26 11.14 4.75 4.97
CA THR A 26 9.79 4.88 5.51
C THR A 26 8.97 5.82 4.65
N VAL A 27 7.93 5.29 4.00
CA VAL A 27 7.12 6.13 3.15
C VAL A 27 5.63 6.02 3.45
N THR A 28 5.03 7.17 3.78
CA THR A 28 3.61 7.22 4.08
C THR A 28 2.79 7.31 2.82
N LEU A 29 1.58 6.74 2.87
CA LEU A 29 0.66 6.73 1.73
C LEU A 29 -0.78 6.71 2.19
N LYS A 30 -1.64 7.35 1.40
CA LYS A 30 -3.06 7.41 1.70
C LYS A 30 -3.89 7.00 0.48
N TRP A 31 -5.09 6.46 0.74
CA TRP A 31 -5.95 6.04 -0.36
C TRP A 31 -7.43 6.14 0.00
N ALA A 32 -8.29 5.75 -0.94
CA ALA A 32 -9.74 5.80 -0.75
C ALA A 32 -10.31 4.43 -0.45
N LYS A 33 -11.52 4.39 0.09
CA LYS A 33 -12.17 3.13 0.42
C LYS A 33 -13.16 2.73 -0.68
N PRO A 34 -13.41 1.41 -0.85
CA PRO A 34 -14.33 0.89 -1.87
C PRO A 34 -15.73 1.49 -1.80
N GLU A 35 -16.31 1.74 -2.97
CA GLU A 35 -17.65 2.33 -3.05
C GLU A 35 -18.73 1.27 -2.90
N TYR A 36 -18.36 -0.01 -2.87
CA TYR A 36 -19.33 -1.08 -2.73
C TYR A 36 -18.89 -2.11 -1.70
N THR A 37 -17.82 -2.84 -1.99
CA THR A 37 -17.29 -3.88 -1.10
C THR A 37 -18.41 -4.62 -0.38
N GLY A 38 -19.40 -5.06 -1.14
CA GLY A 38 -20.52 -5.78 -0.56
C GLY A 38 -21.09 -5.08 0.66
N GLY A 39 -21.12 -5.80 1.78
CA GLY A 39 -21.63 -5.23 3.02
C GLY A 39 -20.58 -5.30 4.11
N PHE A 40 -19.33 -5.20 3.70
CA PHE A 40 -18.20 -5.28 4.62
C PHE A 40 -17.60 -3.90 4.90
N LYS A 41 -16.45 -3.92 5.57
CA LYS A 41 -15.74 -2.69 5.92
C LYS A 41 -14.23 -2.92 5.89
N ILE A 42 -13.79 -3.91 5.11
CA ILE A 42 -12.37 -4.23 4.99
C ILE A 42 -11.82 -4.77 6.31
N THR A 43 -11.71 -3.88 7.29
CA THR A 43 -11.21 -4.24 8.62
C THR A 43 -9.67 -4.22 8.68
N SER A 44 -9.02 -4.14 7.53
CA SER A 44 -7.55 -4.12 7.48
C SER A 44 -7.02 -3.99 6.06
N TYR A 45 -5.96 -3.20 5.89
CA TYR A 45 -5.35 -3.01 4.58
C TYR A 45 -3.90 -3.48 4.56
N ILE A 46 -3.50 -4.12 3.47
CA ILE A 46 -2.14 -4.60 3.33
C ILE A 46 -1.45 -3.90 2.16
N VAL A 47 -0.24 -3.39 2.39
CA VAL A 47 0.49 -2.68 1.34
C VAL A 47 1.62 -3.53 0.76
N GLU A 48 1.45 -3.97 -0.48
CA GLU A 48 2.47 -4.76 -1.16
C GLU A 48 3.53 -3.84 -1.74
N LYS A 49 4.70 -3.84 -1.12
CA LYS A 49 5.81 -3.00 -1.57
C LYS A 49 6.78 -3.77 -2.46
N ARG A 50 7.43 -3.05 -3.37
CA ARG A 50 8.39 -3.67 -4.29
C ARG A 50 9.62 -2.80 -4.46
N ASP A 51 10.78 -3.36 -4.12
CA ASP A 51 12.06 -2.67 -4.24
C ASP A 51 12.57 -2.79 -5.67
N LEU A 52 12.20 -1.84 -6.51
CA LEU A 52 12.61 -1.83 -7.90
C LEU A 52 13.99 -1.24 -8.08
N PRO A 53 14.75 -1.68 -9.12
CA PRO A 53 14.30 -2.70 -10.07
C PRO A 53 14.75 -4.11 -9.67
N ASN A 54 14.92 -4.33 -8.36
CA ASN A 54 15.34 -5.64 -7.87
C ASN A 54 14.58 -6.01 -6.59
N GLY A 55 13.30 -6.29 -6.74
CA GLY A 55 12.48 -6.66 -5.60
C GLY A 55 11.15 -7.25 -6.01
N ARG A 56 10.25 -7.42 -5.05
CA ARG A 56 8.93 -7.98 -5.32
C ARG A 56 7.89 -7.46 -4.33
N TRP A 57 6.63 -7.71 -4.64
CA TRP A 57 5.52 -7.28 -3.79
C TRP A 57 5.49 -8.04 -2.48
N LEU A 58 5.64 -7.32 -1.38
CA LEU A 58 5.63 -7.92 -0.05
C LEU A 58 5.03 -6.96 0.97
N LYS A 59 4.04 -7.45 1.71
CA LYS A 59 3.37 -6.64 2.72
C LYS A 59 4.33 -6.27 3.86
N ALA A 60 5.11 -5.21 3.65
CA ALA A 60 6.06 -4.75 4.66
C ALA A 60 5.32 -4.37 5.94
N ASN A 61 4.16 -3.75 5.77
CA ASN A 61 3.34 -3.32 6.91
C ASN A 61 3.34 -4.38 8.03
N PHE A 62 2.46 -5.37 7.91
CA PHE A 62 2.37 -6.44 8.91
C PHE A 62 2.04 -5.91 10.30
N SER A 63 1.57 -4.66 10.37
CA SER A 63 1.21 -4.04 11.63
C SER A 63 -0.25 -3.60 11.64
N ASN A 64 -1.05 -4.20 10.76
CA ASN A 64 -2.47 -3.86 10.67
C ASN A 64 -2.65 -2.44 10.14
N ILE A 65 -3.56 -2.30 9.18
CA ILE A 65 -3.85 -1.00 8.58
C ILE A 65 -5.35 -0.72 8.58
N LEU A 66 -5.90 -0.40 9.75
CA LEU A 66 -7.32 -0.12 9.88
C LEU A 66 -7.75 0.98 8.90
N GLU A 67 -7.10 2.14 9.00
CA GLU A 67 -7.42 3.25 8.13
C GLU A 67 -6.53 3.24 6.89
N ASN A 68 -6.97 3.94 5.85
CA ASN A 68 -6.23 4.01 4.60
C ASN A 68 -4.95 4.83 4.76
N GLU A 69 -4.80 5.50 5.90
CA GLU A 69 -3.62 6.31 6.16
C GLU A 69 -2.57 5.48 6.89
N PHE A 70 -1.63 4.93 6.13
CA PHE A 70 -0.59 4.10 6.70
C PHE A 70 0.79 4.50 6.20
N THR A 71 1.83 4.00 6.88
CA THR A 71 3.19 4.30 6.51
C THR A 71 3.97 3.03 6.21
N VAL A 72 4.51 2.93 5.00
CA VAL A 72 5.28 1.76 4.60
C VAL A 72 6.69 1.85 5.14
N SER A 73 6.82 1.63 6.43
CA SER A 73 8.12 1.70 7.10
C SER A 73 8.92 0.43 6.85
N GLY A 74 10.21 0.49 7.12
CA GLY A 74 11.07 -0.66 6.91
C GLY A 74 11.58 -0.78 5.49
N LEU A 75 11.03 0.03 4.58
CA LEU A 75 11.46 -0.03 3.19
C LEU A 75 12.94 0.30 3.07
N THR A 76 13.51 0.00 1.91
CA THR A 76 14.93 0.26 1.67
C THR A 76 15.13 1.47 0.78
N GLU A 77 16.31 2.06 0.86
CA GLU A 77 16.61 3.25 0.07
C GLU A 77 17.57 2.94 -1.08
N ASP A 78 17.70 3.90 -2.00
CA ASP A 78 18.58 3.77 -3.16
C ASP A 78 18.00 2.80 -4.18
N ALA A 79 16.77 3.07 -4.62
CA ALA A 79 16.09 2.25 -5.60
C ALA A 79 14.60 2.60 -5.63
N ALA A 80 14.03 2.66 -6.83
CA ALA A 80 12.62 2.98 -6.98
C ALA A 80 11.77 2.00 -6.18
N TYR A 81 10.81 2.53 -5.45
CA TYR A 81 9.94 1.70 -4.61
C TYR A 81 8.47 1.96 -4.90
N GLU A 82 7.78 0.94 -5.39
CA GLU A 82 6.35 1.05 -5.69
C GLU A 82 5.56 0.30 -4.64
N PHE A 83 4.37 0.78 -4.29
CA PHE A 83 3.58 0.09 -3.26
C PHE A 83 2.08 0.00 -3.57
N ARG A 84 1.61 -1.23 -3.75
CA ARG A 84 0.19 -1.48 -4.01
C ARG A 84 -0.48 -1.90 -2.70
N VAL A 85 -1.77 -2.21 -2.73
CA VAL A 85 -2.43 -2.63 -1.50
C VAL A 85 -3.60 -3.60 -1.75
N ILE A 86 -3.57 -4.70 -1.00
CA ILE A 86 -4.59 -5.72 -1.05
C ILE A 86 -5.33 -5.76 0.28
N ALA A 87 -6.59 -6.18 0.30
CA ALA A 87 -7.32 -6.22 1.55
C ALA A 87 -8.56 -7.10 1.48
N LYS A 88 -8.77 -7.90 2.53
CA LYS A 88 -9.92 -8.78 2.60
C LYS A 88 -11.11 -8.04 3.20
N ASN A 89 -12.08 -8.78 3.72
CA ASN A 89 -13.25 -8.15 4.31
C ASN A 89 -13.98 -9.10 5.25
N ALA A 90 -15.02 -8.58 5.87
CA ALA A 90 -15.84 -9.33 6.81
C ALA A 90 -16.15 -10.75 6.30
N ALA A 91 -16.21 -10.90 4.98
CA ALA A 91 -16.49 -12.20 4.39
C ALA A 91 -15.22 -12.97 4.04
N GLY A 92 -14.11 -12.25 3.91
CA GLY A 92 -12.86 -12.90 3.58
C GLY A 92 -12.52 -12.82 2.10
N ALA A 93 -13.42 -12.25 1.31
CA ALA A 93 -13.21 -12.13 -0.13
C ALA A 93 -12.08 -11.15 -0.40
N ILE A 94 -10.85 -11.65 -0.39
CA ILE A 94 -9.68 -10.82 -0.63
C ILE A 94 -9.84 -9.90 -1.83
N SER A 95 -9.71 -8.59 -1.57
CA SER A 95 -9.81 -7.59 -2.61
C SER A 95 -8.48 -7.48 -3.34
N PRO A 96 -8.46 -7.72 -4.67
CA PRO A 96 -7.24 -7.66 -5.48
C PRO A 96 -6.31 -6.52 -5.07
N PRO A 97 -5.04 -6.58 -5.50
CA PRO A 97 -4.04 -5.56 -5.18
C PRO A 97 -4.23 -4.28 -5.96
N SER A 98 -4.49 -3.19 -5.24
CA SER A 98 -4.68 -1.90 -5.88
C SER A 98 -3.38 -1.41 -6.48
N GLU A 99 -3.48 -0.84 -7.68
CA GLU A 99 -2.32 -0.32 -8.43
C GLU A 99 -1.24 0.25 -7.50
N PRO A 100 0.02 -0.23 -7.63
CA PRO A 100 1.13 0.23 -6.79
C PRO A 100 1.41 1.72 -6.95
N SER A 101 1.58 2.39 -5.82
CA SER A 101 1.88 3.82 -5.81
C SER A 101 3.23 4.07 -6.47
N ASP A 102 3.38 5.28 -7.01
CA ASP A 102 4.59 5.72 -7.69
C ASP A 102 5.85 5.07 -7.12
N ALA A 103 6.80 4.80 -7.99
CA ALA A 103 8.05 4.19 -7.57
C ALA A 103 9.01 5.27 -7.08
N ILE A 104 9.29 5.26 -5.79
CA ILE A 104 10.19 6.25 -5.20
C ILE A 104 11.60 5.71 -5.04
N THR A 105 12.55 6.29 -5.79
CA THR A 105 13.95 5.86 -5.70
C THR A 105 14.37 5.73 -4.24
N CYS A 106 13.73 6.52 -3.39
CA CYS A 106 14.01 6.49 -1.95
C CYS A 106 15.51 6.47 -1.69
N ARG A 107 16.22 7.45 -2.23
CA ARG A 107 17.66 7.51 -2.03
C ARG A 107 18.01 8.09 -0.66
N ASP A 108 18.24 9.40 -0.61
CA ASP A 108 18.57 10.09 0.62
C ASP A 108 17.42 10.99 1.03
N ASP A 109 16.21 10.50 0.84
CA ASP A 109 15.01 11.27 1.16
C ASP A 109 15.10 12.69 0.59
N VAL A 110 15.94 12.86 -0.42
CA VAL A 110 16.11 14.14 -1.07
C VAL A 110 15.59 14.09 -2.50
N GLU A 111 15.61 12.88 -3.07
CA GLU A 111 15.13 12.69 -4.43
C GLU A 111 15.78 13.70 -5.38
N ALA A 112 17.11 13.74 -5.37
CA ALA A 112 17.85 14.65 -6.22
C ALA A 112 19.35 14.38 -6.14
N SER A 9 -20.87 -13.40 -3.27
CA SER A 9 -20.18 -12.44 -2.37
C SER A 9 -19.37 -11.43 -3.17
N PRO A 10 -19.88 -10.18 -3.28
CA PRO A 10 -19.20 -9.11 -4.01
C PRO A 10 -18.16 -8.41 -3.15
N ILE A 11 -17.22 -7.72 -3.79
CA ILE A 11 -16.17 -7.02 -3.05
C ILE A 11 -15.39 -6.06 -3.95
N ASP A 12 -14.89 -4.99 -3.35
CA ASP A 12 -14.11 -3.99 -4.07
C ASP A 12 -12.92 -3.53 -3.22
N PRO A 13 -11.71 -3.51 -3.79
CA PRO A 13 -10.51 -3.09 -3.06
C PRO A 13 -10.41 -1.57 -2.92
N PRO A 14 -9.55 -1.10 -2.00
CA PRO A 14 -9.36 0.34 -1.76
C PRO A 14 -8.96 1.12 -3.00
N GLY A 15 -8.82 2.44 -2.84
CA GLY A 15 -8.45 3.29 -3.95
C GLY A 15 -6.95 3.26 -4.22
N LYS A 16 -6.53 3.88 -5.33
CA LYS A 16 -5.12 3.93 -5.68
C LYS A 16 -4.32 4.65 -4.59
N PRO A 17 -3.24 4.04 -4.08
CA PRO A 17 -2.42 4.65 -3.02
C PRO A 17 -1.54 5.78 -3.54
N VAL A 18 -1.27 6.75 -2.66
CA VAL A 18 -0.44 7.90 -3.01
C VAL A 18 0.39 8.36 -1.82
N PRO A 19 1.71 8.08 -1.82
CA PRO A 19 2.59 8.47 -0.73
C PRO A 19 2.64 9.98 -0.49
N LEU A 20 2.10 10.43 0.64
CA LEU A 20 2.11 11.86 0.97
C LEU A 20 3.53 12.25 1.33
N ASN A 21 4.19 11.35 2.05
CA ASN A 21 5.56 11.55 2.48
C ASN A 21 6.36 10.32 2.10
N ILE A 22 7.64 10.49 1.81
CA ILE A 22 8.47 9.38 1.43
C ILE A 22 9.88 9.51 2.00
N THR A 23 10.08 8.99 3.20
CA THR A 23 11.38 9.05 3.86
C THR A 23 12.31 7.98 3.30
N ARG A 24 13.60 8.30 3.29
CA ARG A 24 14.63 7.39 2.78
C ARG A 24 14.39 5.92 3.16
N HIS A 25 13.86 5.68 4.37
CA HIS A 25 13.61 4.32 4.83
C HIS A 25 12.23 4.19 5.48
N THR A 26 11.30 4.99 5.00
CA THR A 26 9.93 4.98 5.53
C THR A 26 9.07 5.97 4.77
N VAL A 27 8.15 5.46 3.95
CA VAL A 27 7.29 6.34 3.20
C VAL A 27 5.84 6.22 3.66
N THR A 28 5.13 7.34 3.67
CA THR A 28 3.73 7.35 4.08
C THR A 28 2.82 7.51 2.88
N LEU A 29 1.73 6.73 2.85
CA LEU A 29 0.76 6.78 1.77
C LEU A 29 -0.68 6.75 2.27
N LYS A 30 -1.59 7.19 1.39
CA LYS A 30 -3.02 7.24 1.71
C LYS A 30 -3.85 7.01 0.43
N TRP A 31 -5.00 6.37 0.59
CA TRP A 31 -5.87 6.09 -0.56
C TRP A 31 -7.33 6.35 -0.23
N ALA A 32 -8.20 6.02 -1.19
CA ALA A 32 -9.64 6.19 -1.03
C ALA A 32 -10.30 4.90 -0.57
N LYS A 33 -11.47 5.02 0.06
CA LYS A 33 -12.20 3.86 0.54
C LYS A 33 -13.19 3.38 -0.51
N PRO A 34 -13.45 2.07 -0.58
CA PRO A 34 -14.40 1.51 -1.56
C PRO A 34 -15.82 1.99 -1.32
N GLU A 35 -16.73 1.64 -2.24
CA GLU A 35 -18.12 2.05 -2.13
C GLU A 35 -19.06 0.85 -2.16
N TYR A 36 -18.51 -0.35 -1.99
CA TYR A 36 -19.33 -1.56 -2.00
C TYR A 36 -18.82 -2.61 -1.01
N THR A 37 -17.71 -3.26 -1.34
CA THR A 37 -17.13 -4.30 -0.47
C THR A 37 -18.22 -5.21 0.08
N GLY A 38 -18.99 -5.82 -0.83
CA GLY A 38 -20.07 -6.71 -0.43
C GLY A 38 -20.88 -6.16 0.75
N GLY A 39 -20.58 -6.66 1.94
CA GLY A 39 -21.26 -6.21 3.14
C GLY A 39 -20.29 -6.19 4.30
N PHE A 40 -19.05 -5.86 3.98
CA PHE A 40 -17.96 -5.82 4.94
C PHE A 40 -17.41 -4.41 5.10
N LYS A 41 -16.28 -4.30 5.77
CA LYS A 41 -15.63 -3.02 6.00
C LYS A 41 -14.11 -3.14 6.01
N ILE A 42 -13.58 -3.88 5.03
CA ILE A 42 -12.14 -4.07 4.93
C ILE A 42 -11.55 -4.60 6.24
N THR A 43 -11.18 -3.69 7.14
CA THR A 43 -10.62 -4.07 8.44
C THR A 43 -9.18 -4.57 8.34
N SER A 44 -8.47 -4.17 7.29
CA SER A 44 -7.08 -4.59 7.11
C SER A 44 -6.55 -4.25 5.73
N TYR A 45 -5.77 -3.17 5.66
CA TYR A 45 -5.18 -2.73 4.40
C TYR A 45 -3.71 -3.12 4.32
N ILE A 46 -3.43 -4.27 3.72
CA ILE A 46 -2.06 -4.75 3.59
C ILE A 46 -1.40 -4.17 2.33
N VAL A 47 -0.38 -3.34 2.54
CA VAL A 47 0.33 -2.71 1.43
C VAL A 47 1.49 -3.57 0.93
N GLU A 48 1.46 -3.93 -0.34
CA GLU A 48 2.51 -4.74 -0.95
C GLU A 48 3.53 -3.84 -1.63
N LYS A 49 4.81 -4.06 -1.33
CA LYS A 49 5.87 -3.24 -1.92
C LYS A 49 6.71 -4.03 -2.92
N ARG A 50 7.06 -3.36 -4.01
CA ARG A 50 7.88 -3.96 -5.04
C ARG A 50 9.24 -3.29 -5.07
N ASP A 51 10.27 -4.05 -4.70
CA ASP A 51 11.64 -3.55 -4.68
C ASP A 51 12.25 -3.60 -6.06
N LEU A 52 12.29 -2.44 -6.72
CA LEU A 52 12.86 -2.34 -8.05
C LEU A 52 14.38 -2.36 -7.99
N PRO A 53 15.05 -2.77 -9.09
CA PRO A 53 14.42 -3.20 -10.33
C PRO A 53 14.06 -4.68 -10.35
N ASN A 54 14.18 -5.35 -9.20
CA ASN A 54 13.86 -6.77 -9.12
C ASN A 54 12.35 -6.95 -8.96
N GLY A 55 11.85 -6.67 -7.77
CA GLY A 55 10.43 -6.78 -7.51
C GLY A 55 10.04 -8.08 -6.82
N ARG A 56 8.90 -8.04 -6.13
CA ARG A 56 8.37 -9.20 -5.41
C ARG A 56 7.35 -8.74 -4.37
N TRP A 57 6.25 -8.13 -4.85
CA TRP A 57 5.17 -7.61 -4.01
C TRP A 57 5.03 -8.39 -2.69
N LEU A 58 5.48 -7.77 -1.61
CA LEU A 58 5.40 -8.39 -0.30
C LEU A 58 4.82 -7.43 0.73
N LYS A 59 3.84 -7.91 1.49
CA LYS A 59 3.18 -7.10 2.51
C LYS A 59 4.19 -6.56 3.51
N ALA A 60 4.72 -5.37 3.24
CA ALA A 60 5.68 -4.73 4.14
C ALA A 60 5.05 -4.49 5.51
N ASN A 61 3.93 -3.79 5.50
CA ASN A 61 3.20 -3.49 6.73
C ASN A 61 3.10 -4.73 7.63
N PHE A 62 3.78 -4.67 8.77
CA PHE A 62 3.77 -5.79 9.71
C PHE A 62 2.71 -5.62 10.79
N SER A 63 1.52 -5.19 10.39
CA SER A 63 0.43 -4.98 11.33
C SER A 63 -0.90 -4.77 10.61
N ASN A 64 -1.98 -4.74 11.38
CA ASN A 64 -3.32 -4.54 10.82
C ASN A 64 -3.55 -3.08 10.49
N ILE A 65 -3.72 -2.78 9.21
CA ILE A 65 -3.95 -1.42 8.75
C ILE A 65 -5.45 -1.16 8.57
N LEU A 66 -6.11 -0.71 9.63
CA LEU A 66 -7.53 -0.43 9.59
C LEU A 66 -7.86 0.66 8.58
N GLU A 67 -7.63 1.93 8.96
CA GLU A 67 -7.90 3.05 8.08
C GLU A 67 -7.03 2.98 6.84
N ASN A 68 -7.30 3.87 5.89
CA ASN A 68 -6.54 3.91 4.65
C ASN A 68 -5.30 4.79 4.78
N GLU A 69 -4.95 5.17 6.00
CA GLU A 69 -3.78 6.00 6.25
C GLU A 69 -2.70 5.17 6.93
N PHE A 70 -1.64 4.87 6.19
CA PHE A 70 -0.56 4.07 6.75
C PHE A 70 0.80 4.49 6.23
N THR A 71 1.85 4.03 6.89
CA THR A 71 3.22 4.35 6.50
C THR A 71 3.97 3.08 6.15
N VAL A 72 4.31 2.94 4.88
CA VAL A 72 5.03 1.76 4.43
C VAL A 72 6.50 1.88 4.76
N SER A 73 6.86 1.42 5.96
CA SER A 73 8.23 1.47 6.43
C SER A 73 8.99 0.23 6.00
N GLY A 74 10.26 0.16 6.42
CA GLY A 74 11.08 -0.98 6.07
C GLY A 74 11.73 -0.85 4.70
N LEU A 75 11.59 0.31 4.08
CA LEU A 75 12.17 0.53 2.76
C LEU A 75 13.63 0.96 2.89
N THR A 76 14.31 1.02 1.74
CA THR A 76 15.72 1.40 1.71
C THR A 76 15.94 2.63 0.83
N GLU A 77 17.17 3.14 0.85
CA GLU A 77 17.52 4.32 0.07
C GLU A 77 18.06 3.93 -1.31
N ASP A 78 18.23 4.92 -2.17
CA ASP A 78 18.74 4.68 -3.52
C ASP A 78 18.02 3.51 -4.19
N ALA A 79 16.73 3.38 -3.89
CA ALA A 79 15.94 2.29 -4.46
C ALA A 79 14.49 2.72 -4.68
N ALA A 80 14.08 2.77 -5.93
CA ALA A 80 12.72 3.15 -6.25
C ALA A 80 11.76 2.07 -5.78
N TYR A 81 10.79 2.45 -4.94
CA TYR A 81 9.85 1.49 -4.39
C TYR A 81 8.41 1.76 -4.82
N GLU A 82 7.79 0.77 -5.45
CA GLU A 82 6.39 0.88 -5.87
C GLU A 82 5.55 0.07 -4.90
N PHE A 83 4.41 0.58 -4.46
CA PHE A 83 3.62 -0.20 -3.48
C PHE A 83 2.11 -0.17 -3.72
N ARG A 84 1.54 -1.37 -3.80
CA ARG A 84 0.10 -1.54 -3.97
C ARG A 84 -0.51 -1.88 -2.62
N VAL A 85 -1.81 -2.14 -2.57
CA VAL A 85 -2.43 -2.48 -1.31
C VAL A 85 -3.60 -3.45 -1.46
N ILE A 86 -3.36 -4.69 -1.06
CA ILE A 86 -4.38 -5.70 -1.10
C ILE A 86 -5.11 -5.62 0.22
N ALA A 87 -6.36 -6.05 0.28
CA ALA A 87 -7.09 -5.97 1.53
C ALA A 87 -8.28 -6.88 1.60
N LYS A 88 -8.34 -7.69 2.66
CA LYS A 88 -9.44 -8.60 2.85
C LYS A 88 -10.65 -7.84 3.36
N ASN A 89 -11.58 -8.53 3.97
CA ASN A 89 -12.77 -7.88 4.48
C ASN A 89 -13.32 -8.62 5.70
N ALA A 90 -14.36 -8.05 6.28
CA ALA A 90 -15.01 -8.63 7.45
C ALA A 90 -15.21 -10.13 7.30
N ALA A 91 -15.33 -10.59 6.06
CA ALA A 91 -15.54 -12.01 5.79
C ALA A 91 -14.29 -12.68 5.21
N GLY A 92 -13.16 -11.99 5.23
CA GLY A 92 -11.94 -12.56 4.70
C GLY A 92 -11.77 -12.33 3.21
N ALA A 93 -12.85 -11.92 2.54
CA ALA A 93 -12.80 -11.66 1.11
C ALA A 93 -11.59 -10.83 0.73
N ILE A 94 -10.58 -11.48 0.18
CA ILE A 94 -9.35 -10.80 -0.22
C ILE A 94 -9.57 -9.91 -1.43
N SER A 95 -9.69 -8.61 -1.18
CA SER A 95 -9.89 -7.65 -2.25
C SER A 95 -8.61 -7.53 -3.08
N PRO A 96 -8.71 -7.71 -4.41
CA PRO A 96 -7.55 -7.63 -5.30
C PRO A 96 -6.58 -6.53 -4.90
N PRO A 97 -5.32 -6.61 -5.36
CA PRO A 97 -4.30 -5.60 -5.04
C PRO A 97 -4.58 -4.25 -5.67
N SER A 98 -4.63 -3.23 -4.84
CA SER A 98 -4.86 -1.87 -5.31
C SER A 98 -3.63 -1.37 -6.07
N GLU A 99 -3.85 -0.84 -7.28
CA GLU A 99 -2.76 -0.33 -8.13
C GLU A 99 -1.59 0.25 -7.31
N PRO A 100 -0.35 -0.26 -7.53
CA PRO A 100 0.84 0.20 -6.81
C PRO A 100 1.12 1.69 -6.99
N SER A 101 1.68 2.30 -5.94
CA SER A 101 2.02 3.71 -5.97
C SER A 101 3.36 3.91 -6.66
N ASP A 102 3.48 5.04 -7.35
CA ASP A 102 4.69 5.40 -8.07
C ASP A 102 5.95 5.00 -7.30
N ALA A 103 6.91 4.46 -8.02
CA ALA A 103 8.17 4.04 -7.42
C ALA A 103 8.95 5.24 -6.90
N ILE A 104 9.23 5.26 -5.60
CA ILE A 104 9.96 6.35 -4.99
C ILE A 104 11.43 5.99 -4.77
N THR A 105 12.31 6.61 -5.56
CA THR A 105 13.75 6.34 -5.46
C THR A 105 14.21 6.33 -4.01
N CYS A 106 13.82 7.36 -3.26
CA CYS A 106 14.20 7.45 -1.85
C CYS A 106 15.72 7.60 -1.73
N ARG A 107 16.18 8.84 -1.80
CA ARG A 107 17.61 9.14 -1.70
C ARG A 107 17.88 10.11 -0.57
N ASP A 108 17.79 11.40 -0.86
CA ASP A 108 18.02 12.44 0.13
C ASP A 108 16.71 13.06 0.59
N ASP A 109 15.60 12.41 0.29
CA ASP A 109 14.29 12.93 0.68
C ASP A 109 14.14 14.39 0.26
N VAL A 110 14.86 14.77 -0.77
CA VAL A 110 14.84 16.13 -1.27
C VAL A 110 14.48 16.19 -2.77
N GLU A 111 14.46 15.03 -3.42
CA GLU A 111 14.14 14.97 -4.83
C GLU A 111 13.33 13.72 -5.17
N ALA A 112 14.02 12.59 -5.27
CA ALA A 112 13.37 11.32 -5.58
C ALA A 112 12.85 11.32 -7.01
N SER A 9 -20.95 -10.10 -2.55
CA SER A 9 -20.32 -11.02 -3.54
C SER A 9 -19.31 -10.27 -4.41
N PRO A 10 -19.72 -9.13 -5.00
CA PRO A 10 -18.87 -8.32 -5.86
C PRO A 10 -18.00 -7.35 -5.07
N ILE A 11 -17.20 -7.89 -4.16
CA ILE A 11 -16.32 -7.08 -3.32
C ILE A 11 -15.60 -6.02 -4.14
N ASP A 12 -15.32 -4.88 -3.50
CA ASP A 12 -14.63 -3.77 -4.16
C ASP A 12 -13.40 -3.35 -3.36
N PRO A 13 -12.23 -3.24 -4.02
CA PRO A 13 -10.98 -2.85 -3.35
C PRO A 13 -10.89 -1.34 -3.16
N PRO A 14 -9.88 -0.88 -2.42
CA PRO A 14 -9.68 0.55 -2.14
C PRO A 14 -9.31 1.35 -3.39
N GLY A 15 -9.01 2.63 -3.18
CA GLY A 15 -8.65 3.51 -4.28
C GLY A 15 -7.16 3.46 -4.61
N LYS A 16 -6.74 4.27 -5.58
CA LYS A 16 -5.34 4.31 -5.99
C LYS A 16 -4.47 4.88 -4.88
N PRO A 17 -3.53 4.09 -4.34
CA PRO A 17 -2.64 4.53 -3.26
C PRO A 17 -1.74 5.68 -3.69
N VAL A 18 -1.50 6.62 -2.78
CA VAL A 18 -0.66 7.77 -3.07
C VAL A 18 0.14 8.23 -1.85
N PRO A 19 1.46 7.93 -1.82
CA PRO A 19 2.32 8.30 -0.71
C PRO A 19 2.20 9.79 -0.34
N LEU A 20 1.68 10.07 0.85
CA LEU A 20 1.54 11.45 1.30
C LEU A 20 2.91 12.06 1.44
N ASN A 21 3.78 11.29 2.08
CA ASN A 21 5.15 11.68 2.30
C ASN A 21 6.06 10.55 1.84
N ILE A 22 7.26 10.87 1.41
CA ILE A 22 8.16 9.85 0.93
C ILE A 22 9.60 10.15 1.32
N THR A 23 9.88 10.03 2.61
CA THR A 23 11.22 10.29 3.14
C THR A 23 12.17 9.17 2.74
N ARG A 24 13.43 9.52 2.51
CA ARG A 24 14.44 8.55 2.11
C ARG A 24 14.73 7.51 3.21
N HIS A 25 13.71 6.76 3.59
CA HIS A 25 13.82 5.72 4.61
C HIS A 25 12.44 5.23 5.03
N THR A 26 11.46 6.13 4.95
CA THR A 26 10.08 5.80 5.30
C THR A 26 9.12 6.57 4.40
N VAL A 27 8.21 5.86 3.75
CA VAL A 27 7.27 6.52 2.85
C VAL A 27 5.81 6.36 3.32
N THR A 28 5.15 7.48 3.57
CA THR A 28 3.75 7.44 4.01
C THR A 28 2.81 7.51 2.82
N LEU A 29 1.70 6.76 2.92
CA LEU A 29 0.70 6.71 1.85
C LEU A 29 -0.73 6.69 2.38
N LYS A 30 -1.63 7.14 1.52
CA LYS A 30 -3.06 7.19 1.83
C LYS A 30 -3.87 6.91 0.57
N TRP A 31 -5.12 6.49 0.73
CA TRP A 31 -5.97 6.18 -0.41
C TRP A 31 -7.45 6.32 -0.08
N ALA A 32 -8.28 5.99 -1.06
CA ALA A 32 -9.73 6.06 -0.90
C ALA A 32 -10.32 4.72 -0.48
N LYS A 33 -11.19 4.75 0.52
CA LYS A 33 -11.85 3.54 1.01
C LYS A 33 -12.84 3.04 -0.03
N PRO A 34 -12.97 1.72 -0.21
CA PRO A 34 -13.91 1.15 -1.18
C PRO A 34 -15.30 1.76 -1.03
N GLU A 35 -16.21 1.37 -1.91
CA GLU A 35 -17.57 1.90 -1.86
C GLU A 35 -18.62 0.80 -1.74
N TYR A 36 -18.29 -0.40 -2.22
CA TYR A 36 -19.23 -1.50 -2.17
C TYR A 36 -18.85 -2.53 -1.10
N THR A 37 -17.78 -3.28 -1.36
CA THR A 37 -17.33 -4.30 -0.41
C THR A 37 -18.48 -5.23 -0.05
N GLY A 38 -19.28 -5.59 -1.05
CA GLY A 38 -20.41 -6.47 -0.82
C GLY A 38 -21.24 -6.03 0.37
N GLY A 39 -20.92 -6.57 1.55
CA GLY A 39 -21.62 -6.23 2.75
C GLY A 39 -20.68 -6.28 3.93
N PHE A 40 -19.43 -5.89 3.68
CA PHE A 40 -18.38 -5.91 4.68
C PHE A 40 -17.86 -4.51 4.96
N LYS A 41 -17.00 -4.39 5.98
CA LYS A 41 -16.41 -3.12 6.36
C LYS A 41 -14.89 -3.19 6.36
N ILE A 42 -14.33 -4.37 6.09
CA ILE A 42 -12.87 -4.53 6.06
C ILE A 42 -12.28 -4.28 7.44
N THR A 43 -11.11 -4.85 7.71
CA THR A 43 -10.47 -4.67 9.00
C THR A 43 -8.95 -4.48 8.89
N SER A 44 -8.45 -4.31 7.66
CA SER A 44 -7.01 -4.12 7.47
C SER A 44 -6.65 -4.00 5.99
N TYR A 45 -5.60 -3.24 5.70
CA TYR A 45 -5.13 -3.03 4.35
C TYR A 45 -3.65 -3.38 4.25
N ILE A 46 -3.32 -4.35 3.41
CA ILE A 46 -1.93 -4.78 3.24
C ILE A 46 -1.32 -4.20 1.95
N VAL A 47 -0.31 -3.36 2.10
CA VAL A 47 0.34 -2.75 0.94
C VAL A 47 1.72 -3.38 0.72
N GLU A 48 1.80 -4.25 -0.29
CA GLU A 48 3.03 -4.93 -0.64
C GLU A 48 3.99 -3.96 -1.32
N LYS A 49 5.28 -4.28 -1.27
CA LYS A 49 6.30 -3.44 -1.88
C LYS A 49 7.05 -4.17 -2.98
N ARG A 50 7.29 -3.46 -4.08
CA ARG A 50 8.00 -4.05 -5.21
C ARG A 50 9.34 -3.35 -5.41
N ASP A 51 10.41 -4.14 -5.32
CA ASP A 51 11.76 -3.63 -5.49
C ASP A 51 12.09 -3.46 -6.97
N LEU A 52 11.56 -2.40 -7.56
CA LEU A 52 11.78 -2.11 -8.96
C LEU A 52 13.27 -2.10 -9.30
N PRO A 53 13.65 -2.56 -10.52
CA PRO A 53 12.71 -3.06 -11.52
C PRO A 53 12.52 -4.57 -11.45
N ASN A 54 12.72 -5.15 -10.26
CA ASN A 54 12.57 -6.59 -10.09
C ASN A 54 12.20 -6.95 -8.65
N GLY A 55 10.91 -6.85 -8.33
CA GLY A 55 10.45 -7.18 -6.99
C GLY A 55 9.52 -8.38 -7.00
N ARG A 56 8.62 -8.46 -6.03
CA ARG A 56 7.68 -9.57 -5.94
C ARG A 56 6.55 -9.30 -4.95
N TRP A 57 6.20 -8.02 -4.80
CA TRP A 57 5.14 -7.60 -3.89
C TRP A 57 5.15 -8.35 -2.56
N LEU A 58 5.68 -7.71 -1.53
CA LEU A 58 5.74 -8.31 -0.20
C LEU A 58 5.21 -7.33 0.85
N LYS A 59 4.12 -7.70 1.52
CA LYS A 59 3.52 -6.84 2.54
C LYS A 59 4.57 -6.21 3.44
N ALA A 60 4.80 -4.91 3.25
CA ALA A 60 5.78 -4.18 4.04
C ALA A 60 5.29 -3.95 5.46
N ASN A 61 3.99 -3.70 5.60
CA ASN A 61 3.40 -3.45 6.90
C ASN A 61 3.38 -4.73 7.74
N PHE A 62 2.75 -4.64 8.90
CA PHE A 62 2.65 -5.77 9.82
C PHE A 62 1.93 -5.38 11.12
N SER A 63 1.90 -4.09 11.45
CA SER A 63 1.25 -3.63 12.68
C SER A 63 -0.23 -3.31 12.45
N ASN A 64 -0.88 -4.08 11.59
CA ASN A 64 -2.31 -3.87 11.31
C ASN A 64 -2.55 -2.48 10.72
N ILE A 65 -3.15 -2.44 9.54
CA ILE A 65 -3.44 -1.18 8.87
C ILE A 65 -4.95 -0.96 8.75
N LEU A 66 -5.59 -0.73 9.89
CA LEU A 66 -7.04 -0.51 9.92
C LEU A 66 -7.45 0.57 8.93
N GLU A 67 -7.15 1.82 9.26
CA GLU A 67 -7.48 2.94 8.40
C GLU A 67 -6.63 2.94 7.15
N ASN A 68 -7.03 3.74 6.17
CA ASN A 68 -6.29 3.82 4.91
C ASN A 68 -5.05 4.71 5.05
N GLU A 69 -4.81 5.23 6.25
CA GLU A 69 -3.65 6.07 6.49
C GLU A 69 -2.52 5.25 7.11
N PHE A 70 -1.56 4.86 6.29
CA PHE A 70 -0.45 4.06 6.77
C PHE A 70 0.89 4.55 6.19
N THR A 71 1.98 4.10 6.82
CA THR A 71 3.31 4.46 6.38
C THR A 71 4.14 3.22 6.12
N VAL A 72 4.69 3.11 4.92
CA VAL A 72 5.50 1.96 4.59
C VAL A 72 6.95 2.18 5.00
N SER A 73 7.27 1.76 6.21
CA SER A 73 8.61 1.91 6.76
C SER A 73 9.50 0.75 6.33
N GLY A 74 10.56 0.50 7.08
CA GLY A 74 11.47 -0.59 6.76
C GLY A 74 11.88 -0.56 5.30
N LEU A 75 11.89 0.62 4.72
CA LEU A 75 12.27 0.79 3.32
C LEU A 75 13.77 0.68 3.14
N THR A 76 14.20 0.51 1.90
CA THR A 76 15.62 0.39 1.59
C THR A 76 16.07 1.57 0.73
N GLU A 77 16.72 2.54 1.35
CA GLU A 77 17.20 3.71 0.62
C GLU A 77 17.95 3.31 -0.64
N ASP A 78 17.89 4.17 -1.66
CA ASP A 78 18.55 3.94 -2.94
C ASP A 78 17.85 2.83 -3.70
N ALA A 79 16.53 2.91 -3.78
CA ALA A 79 15.74 1.91 -4.48
C ALA A 79 14.30 2.38 -4.66
N ALA A 80 13.86 2.45 -5.92
CA ALA A 80 12.49 2.88 -6.20
C ALA A 80 11.52 1.77 -5.87
N TYR A 81 10.64 2.02 -4.92
CA TYR A 81 9.67 1.01 -4.50
C TYR A 81 8.24 1.40 -4.83
N GLU A 82 7.53 0.47 -5.48
CA GLU A 82 6.13 0.67 -5.84
C GLU A 82 5.26 0.04 -4.75
N PHE A 83 4.10 0.62 -4.46
CA PHE A 83 3.26 0.05 -3.39
C PHE A 83 1.83 -0.33 -3.81
N ARG A 84 1.59 -1.64 -3.87
CA ARG A 84 0.28 -2.19 -4.22
C ARG A 84 -0.46 -2.57 -2.93
N VAL A 85 -1.76 -2.22 -2.79
CA VAL A 85 -2.47 -2.58 -1.56
C VAL A 85 -3.65 -3.52 -1.78
N ILE A 86 -3.59 -4.64 -1.05
CA ILE A 86 -4.60 -5.67 -1.07
C ILE A 86 -5.25 -5.71 0.30
N ALA A 87 -6.54 -6.00 0.37
CA ALA A 87 -7.20 -6.05 1.68
C ALA A 87 -8.42 -6.96 1.68
N LYS A 88 -8.45 -7.90 2.60
CA LYS A 88 -9.58 -8.81 2.69
C LYS A 88 -10.73 -8.14 3.43
N ASN A 89 -11.95 -8.62 3.18
CA ASN A 89 -13.13 -8.05 3.82
C ASN A 89 -13.64 -8.91 4.97
N ALA A 90 -14.62 -8.38 5.67
CA ALA A 90 -15.24 -9.06 6.80
C ALA A 90 -15.52 -10.52 6.51
N ALA A 91 -16.11 -10.78 5.34
CA ALA A 91 -16.44 -12.15 4.95
C ALA A 91 -15.20 -13.00 4.74
N GLY A 92 -14.05 -12.36 4.57
CA GLY A 92 -12.82 -13.09 4.37
C GLY A 92 -12.28 -12.92 2.96
N ALA A 93 -13.16 -12.55 2.03
CA ALA A 93 -12.76 -12.34 0.64
C ALA A 93 -11.53 -11.45 0.58
N ILE A 94 -10.74 -11.58 -0.48
CA ILE A 94 -9.53 -10.78 -0.62
C ILE A 94 -9.66 -9.72 -1.70
N SER A 95 -9.61 -8.45 -1.30
CA SER A 95 -9.70 -7.37 -2.28
C SER A 95 -8.42 -7.37 -3.09
N PRO A 96 -8.51 -7.67 -4.40
CA PRO A 96 -7.33 -7.73 -5.27
C PRO A 96 -6.47 -6.47 -5.18
N PRO A 97 -5.15 -6.62 -5.40
CA PRO A 97 -4.19 -5.53 -5.34
C PRO A 97 -4.71 -4.22 -5.91
N SER A 98 -4.34 -3.13 -5.25
CA SER A 98 -4.73 -1.81 -5.68
C SER A 98 -3.53 -1.09 -6.30
N GLU A 99 -3.61 -0.89 -7.63
CA GLU A 99 -2.56 -0.23 -8.44
C GLU A 99 -1.41 0.33 -7.61
N PRO A 100 -0.18 -0.18 -7.79
CA PRO A 100 0.99 0.27 -7.03
C PRO A 100 1.19 1.77 -7.03
N SER A 101 1.63 2.29 -5.89
CA SER A 101 1.90 3.71 -5.75
C SER A 101 3.22 4.01 -6.45
N ASP A 102 3.38 5.25 -6.93
CA ASP A 102 4.60 5.65 -7.62
C ASP A 102 5.83 5.10 -6.92
N ALA A 103 6.85 4.77 -7.70
CA ALA A 103 8.07 4.22 -7.13
C ALA A 103 8.94 5.33 -6.55
N ILE A 104 9.25 5.22 -5.27
CA ILE A 104 10.07 6.22 -4.60
C ILE A 104 11.50 5.72 -4.45
N THR A 105 12.42 6.41 -5.13
CA THR A 105 13.84 6.05 -5.09
C THR A 105 14.31 5.93 -3.64
N CYS A 106 13.91 6.89 -2.81
CA CYS A 106 14.30 6.87 -1.41
C CYS A 106 15.81 6.98 -1.25
N ARG A 107 16.35 8.14 -1.60
CA ARG A 107 17.80 8.35 -1.50
C ARG A 107 18.11 9.41 -0.44
N ASP A 108 18.06 10.66 -0.85
CA ASP A 108 18.33 11.78 0.05
C ASP A 108 17.14 12.74 0.11
N ASP A 109 16.08 12.44 -0.64
CA ASP A 109 14.89 13.28 -0.66
C ASP A 109 15.25 14.75 -0.86
N VAL A 110 16.40 14.98 -1.49
CA VAL A 110 16.87 16.33 -1.76
C VAL A 110 17.83 16.35 -2.94
N GLU A 111 17.69 15.35 -3.81
CA GLU A 111 18.55 15.26 -4.99
C GLU A 111 17.72 15.14 -6.26
N ALA A 112 16.66 14.35 -6.18
CA ALA A 112 15.78 14.13 -7.32
C ALA A 112 15.09 15.43 -7.74
N SER A 9 -20.27 -10.36 -3.30
CA SER A 9 -19.57 -11.19 -4.33
C SER A 9 -18.60 -10.35 -5.15
N PRO A 10 -19.05 -9.22 -5.72
CA PRO A 10 -18.21 -8.34 -6.53
C PRO A 10 -17.38 -7.40 -5.67
N ILE A 11 -16.55 -7.96 -4.81
CA ILE A 11 -15.69 -7.18 -3.92
C ILE A 11 -14.98 -6.07 -4.70
N ASP A 12 -14.71 -4.97 -4.00
CA ASP A 12 -14.03 -3.83 -4.60
C ASP A 12 -12.85 -3.37 -3.74
N PRO A 13 -11.63 -3.29 -4.31
CA PRO A 13 -10.44 -2.86 -3.58
C PRO A 13 -10.41 -1.36 -3.38
N PRO A 14 -9.59 -0.87 -2.42
CA PRO A 14 -9.49 0.57 -2.13
C PRO A 14 -9.03 1.38 -3.34
N GLY A 15 -9.10 2.71 -3.19
CA GLY A 15 -8.71 3.60 -4.28
C GLY A 15 -7.21 3.61 -4.51
N LYS A 16 -6.80 4.19 -5.63
CA LYS A 16 -5.38 4.27 -5.98
C LYS A 16 -4.59 4.85 -4.80
N PRO A 17 -3.61 4.09 -4.26
CA PRO A 17 -2.79 4.56 -3.13
C PRO A 17 -1.82 5.66 -3.57
N VAL A 18 -1.45 6.53 -2.64
CA VAL A 18 -0.55 7.64 -2.96
C VAL A 18 0.29 8.07 -1.75
N PRO A 19 1.63 8.02 -1.86
CA PRO A 19 2.53 8.42 -0.77
C PRO A 19 2.44 9.92 -0.47
N LEU A 20 1.90 10.27 0.70
CA LEU A 20 1.76 11.67 1.09
C LEU A 20 3.11 12.23 1.52
N ASN A 21 3.94 11.38 2.13
CA ASN A 21 5.25 11.78 2.60
C ASN A 21 6.22 10.61 2.52
N ILE A 22 7.34 10.81 1.85
CA ILE A 22 8.33 9.74 1.71
C ILE A 22 9.63 10.09 2.41
N THR A 23 10.09 9.17 3.27
CA THR A 23 11.32 9.35 4.03
C THR A 23 12.41 8.36 3.63
N ARG A 24 12.57 8.16 2.33
CA ARG A 24 13.59 7.25 1.79
C ARG A 24 13.47 5.83 2.34
N HIS A 25 13.86 5.65 3.60
CA HIS A 25 13.81 4.34 4.24
C HIS A 25 12.37 3.96 4.60
N THR A 26 11.56 4.96 4.88
CA THR A 26 10.16 4.74 5.24
C THR A 26 9.28 5.72 4.47
N VAL A 27 8.26 5.21 3.81
CA VAL A 27 7.37 6.07 3.06
C VAL A 27 5.96 6.05 3.64
N THR A 28 5.22 7.13 3.41
CA THR A 28 3.86 7.25 3.93
C THR A 28 2.84 7.41 2.80
N LEU A 29 1.96 6.43 2.65
CA LEU A 29 0.93 6.49 1.62
C LEU A 29 -0.44 6.19 2.21
N LYS A 30 -1.46 6.65 1.50
CA LYS A 30 -2.84 6.45 1.91
C LYS A 30 -3.68 6.11 0.70
N TRP A 31 -4.97 5.91 0.89
CA TRP A 31 -5.84 5.59 -0.23
C TRP A 31 -7.31 5.83 0.10
N ALA A 32 -8.16 5.65 -0.92
CA ALA A 32 -9.59 5.82 -0.76
C ALA A 32 -10.25 4.53 -0.30
N LYS A 33 -11.55 4.59 -0.03
CA LYS A 33 -12.29 3.43 0.42
C LYS A 33 -13.27 2.97 -0.66
N PRO A 34 -13.43 1.65 -0.84
CA PRO A 34 -14.35 1.08 -1.83
C PRO A 34 -15.77 1.61 -1.68
N GLU A 35 -16.69 1.10 -2.50
CA GLU A 35 -18.08 1.52 -2.45
C GLU A 35 -19.03 0.35 -2.21
N TYR A 36 -18.62 -0.85 -2.62
CA TYR A 36 -19.45 -2.03 -2.44
C TYR A 36 -18.84 -3.02 -1.46
N THR A 37 -17.74 -3.66 -1.87
CA THR A 37 -17.08 -4.64 -1.02
C THR A 37 -18.07 -5.69 -0.54
N GLY A 38 -18.86 -6.22 -1.47
CA GLY A 38 -19.84 -7.22 -1.13
C GLY A 38 -20.71 -6.79 0.04
N GLY A 39 -20.40 -7.30 1.22
CA GLY A 39 -21.15 -6.96 2.42
C GLY A 39 -20.22 -6.83 3.60
N PHE A 40 -18.99 -6.40 3.31
CA PHE A 40 -17.95 -6.24 4.31
C PHE A 40 -17.68 -4.77 4.61
N LYS A 41 -16.64 -4.55 5.41
CA LYS A 41 -16.22 -3.20 5.80
C LYS A 41 -14.69 -3.09 5.91
N ILE A 42 -13.97 -4.15 5.52
CA ILE A 42 -12.50 -4.17 5.58
C ILE A 42 -11.97 -3.80 6.96
N THR A 43 -11.33 -4.76 7.62
CA THR A 43 -10.78 -4.54 8.94
C THR A 43 -9.25 -4.67 8.94
N SER A 44 -8.63 -4.50 7.77
CA SER A 44 -7.18 -4.62 7.67
C SER A 44 -6.69 -4.48 6.22
N TYR A 45 -5.96 -3.41 5.94
CA TYR A 45 -5.41 -3.18 4.61
C TYR A 45 -3.97 -3.65 4.54
N ILE A 46 -3.59 -4.32 3.46
CA ILE A 46 -2.21 -4.79 3.31
C ILE A 46 -1.61 -4.29 2.01
N VAL A 47 -0.63 -3.40 2.12
CA VAL A 47 0.01 -2.85 0.95
C VAL A 47 1.34 -3.55 0.65
N GLU A 48 1.41 -4.22 -0.50
CA GLU A 48 2.61 -4.94 -0.91
C GLU A 48 3.66 -3.96 -1.43
N LYS A 49 4.92 -4.24 -1.13
CA LYS A 49 6.01 -3.40 -1.55
C LYS A 49 6.78 -4.05 -2.68
N ARG A 50 7.29 -3.23 -3.59
CA ARG A 50 8.07 -3.75 -4.69
C ARG A 50 9.38 -3.00 -4.82
N ASP A 51 10.45 -3.63 -4.32
CA ASP A 51 11.77 -3.02 -4.37
C ASP A 51 12.30 -3.00 -5.80
N LEU A 52 11.83 -2.05 -6.59
CA LEU A 52 12.26 -1.93 -7.98
C LEU A 52 13.78 -1.93 -8.09
N PRO A 53 14.33 -2.34 -9.25
CA PRO A 53 13.55 -2.78 -10.41
C PRO A 53 13.21 -4.26 -10.37
N ASN A 54 13.12 -4.83 -9.18
CA ASN A 54 12.82 -6.25 -9.03
C ASN A 54 11.62 -6.45 -8.10
N GLY A 55 11.87 -6.38 -6.79
CA GLY A 55 10.81 -6.55 -5.83
C GLY A 55 9.96 -7.79 -6.10
N ARG A 56 8.94 -7.99 -5.26
CA ARG A 56 8.05 -9.14 -5.40
C ARG A 56 6.76 -8.91 -4.63
N TRP A 57 6.36 -7.66 -4.51
CA TRP A 57 5.14 -7.28 -3.79
C TRP A 57 5.02 -8.03 -2.47
N LEU A 58 5.58 -7.46 -1.42
CA LEU A 58 5.53 -8.08 -0.10
C LEU A 58 4.85 -7.15 0.91
N LYS A 59 3.84 -7.67 1.61
CA LYS A 59 3.11 -6.88 2.59
C LYS A 59 4.08 -6.22 3.58
N ALA A 60 4.51 -5.02 3.24
CA ALA A 60 5.44 -4.28 4.09
C ALA A 60 4.83 -4.04 5.46
N ASN A 61 3.58 -3.59 5.47
CA ASN A 61 2.88 -3.32 6.71
C ASN A 61 2.67 -4.59 7.54
N PHE A 62 3.49 -4.76 8.56
CA PHE A 62 3.39 -5.92 9.43
C PHE A 62 2.34 -5.68 10.51
N SER A 63 1.94 -4.43 10.70
CA SER A 63 0.94 -4.07 11.69
C SER A 63 -0.46 -4.21 11.11
N ASN A 64 -1.42 -3.48 11.69
CA ASN A 64 -2.80 -3.54 11.22
C ASN A 64 -3.26 -2.20 10.64
N ILE A 65 -3.39 -2.14 9.32
CA ILE A 65 -3.83 -0.93 8.65
C ILE A 65 -5.36 -0.81 8.77
N LEU A 66 -5.86 0.42 8.93
CA LEU A 66 -7.30 0.63 9.06
C LEU A 66 -7.74 1.94 8.41
N GLU A 67 -7.33 3.05 9.01
CA GLU A 67 -7.68 4.38 8.50
C GLU A 67 -7.28 4.56 7.04
N ASN A 68 -6.38 3.71 6.55
CA ASN A 68 -5.88 3.73 5.18
C ASN A 68 -4.63 4.60 5.08
N GLU A 69 -4.42 5.46 6.07
CA GLU A 69 -3.25 6.32 6.10
C GLU A 69 -2.13 5.58 6.81
N PHE A 70 -1.40 4.77 6.06
CA PHE A 70 -0.32 3.99 6.62
C PHE A 70 1.04 4.42 6.07
N THR A 71 2.09 3.98 6.75
CA THR A 71 3.45 4.27 6.36
C THR A 71 4.23 2.98 6.15
N VAL A 72 4.67 2.77 4.93
CA VAL A 72 5.41 1.56 4.61
C VAL A 72 6.88 1.72 4.95
N SER A 73 7.22 1.42 6.21
CA SER A 73 8.59 1.53 6.67
C SER A 73 9.37 0.28 6.31
N GLY A 74 10.58 0.47 5.78
CA GLY A 74 11.40 -0.66 5.39
C GLY A 74 12.16 -0.42 4.11
N LEU A 75 11.77 0.61 3.36
CA LEU A 75 12.42 0.94 2.10
C LEU A 75 13.94 1.08 2.31
N THR A 76 14.63 1.52 1.27
CA THR A 76 16.08 1.70 1.34
C THR A 76 16.53 2.85 0.46
N GLU A 77 17.52 3.61 0.93
CA GLU A 77 18.05 4.73 0.19
C GLU A 77 18.60 4.29 -1.17
N ASP A 78 18.31 5.08 -2.21
CA ASP A 78 18.75 4.77 -3.56
C ASP A 78 18.03 3.55 -4.12
N ALA A 79 16.70 3.54 -4.02
CA ALA A 79 15.91 2.43 -4.53
C ALA A 79 14.45 2.82 -4.71
N ALA A 80 13.96 2.71 -5.93
CA ALA A 80 12.57 3.04 -6.23
C ALA A 80 11.66 1.97 -5.64
N TYR A 81 10.62 2.42 -4.95
CA TYR A 81 9.69 1.49 -4.33
C TYR A 81 8.24 1.76 -4.69
N GLU A 82 7.59 0.74 -5.27
CA GLU A 82 6.19 0.83 -5.65
C GLU A 82 5.36 0.00 -4.67
N PHE A 83 4.21 0.51 -4.23
CA PHE A 83 3.39 -0.25 -3.26
C PHE A 83 1.90 -0.32 -3.59
N ARG A 84 1.41 -1.54 -3.87
CA ARG A 84 -0.01 -1.74 -4.18
C ARG A 84 -0.75 -2.10 -2.91
N VAL A 85 -2.10 -2.08 -2.95
CA VAL A 85 -2.87 -2.42 -1.75
C VAL A 85 -3.84 -3.58 -1.97
N ILE A 86 -3.65 -4.61 -1.16
CA ILE A 86 -4.48 -5.80 -1.15
C ILE A 86 -5.08 -5.93 0.24
N ALA A 87 -6.32 -6.36 0.37
CA ALA A 87 -6.92 -6.47 1.69
C ALA A 87 -8.18 -7.32 1.74
N LYS A 88 -8.24 -8.23 2.71
CA LYS A 88 -9.40 -9.09 2.88
C LYS A 88 -10.45 -8.33 3.66
N ASN A 89 -11.49 -7.89 2.97
CA ASN A 89 -12.57 -7.13 3.57
C ASN A 89 -12.95 -7.65 4.96
N ALA A 90 -13.94 -8.52 5.04
CA ALA A 90 -14.38 -9.06 6.33
C ALA A 90 -14.52 -10.57 6.28
N ALA A 91 -15.08 -11.08 5.19
CA ALA A 91 -15.28 -12.52 5.03
C ALA A 91 -14.11 -13.17 4.30
N GLY A 92 -12.91 -12.62 4.47
CA GLY A 92 -11.75 -13.18 3.81
C GLY A 92 -11.66 -12.79 2.35
N ALA A 93 -12.65 -12.06 1.85
CA ALA A 93 -12.65 -11.63 0.46
C ALA A 93 -11.43 -10.76 0.18
N ILE A 94 -10.32 -11.42 -0.12
CA ILE A 94 -9.08 -10.72 -0.40
C ILE A 94 -9.21 -9.79 -1.60
N SER A 95 -9.18 -8.49 -1.32
CA SER A 95 -9.27 -7.49 -2.38
C SER A 95 -7.98 -7.51 -3.21
N PRO A 96 -8.08 -7.83 -4.52
CA PRO A 96 -6.92 -7.89 -5.39
C PRO A 96 -6.00 -6.69 -5.25
N PRO A 97 -4.83 -6.72 -5.90
CA PRO A 97 -3.85 -5.63 -5.84
C PRO A 97 -4.43 -4.30 -6.28
N SER A 98 -4.20 -3.25 -5.49
CA SER A 98 -4.72 -1.93 -5.81
C SER A 98 -3.60 -1.01 -6.30
N GLU A 99 -3.50 -0.89 -7.64
CA GLU A 99 -2.50 -0.04 -8.32
C GLU A 99 -1.34 0.40 -7.43
N PRO A 100 -0.14 -0.18 -7.61
CA PRO A 100 1.04 0.16 -6.81
C PRO A 100 1.38 1.66 -6.82
N SER A 101 1.49 2.23 -5.61
CA SER A 101 1.83 3.64 -5.46
C SER A 101 3.11 3.93 -6.20
N ASP A 102 3.21 5.15 -6.72
CA ASP A 102 4.39 5.60 -7.47
C ASP A 102 5.67 5.04 -6.88
N ALA A 103 6.61 4.72 -7.75
CA ALA A 103 7.89 4.18 -7.32
C ALA A 103 8.78 5.31 -6.80
N ILE A 104 8.99 5.33 -5.49
CA ILE A 104 9.81 6.36 -4.87
C ILE A 104 11.27 5.94 -4.78
N THR A 105 12.13 6.57 -5.59
CA THR A 105 13.55 6.26 -5.59
C THR A 105 14.09 6.17 -4.18
N CYS A 106 13.47 6.90 -3.26
CA CYS A 106 13.89 6.90 -1.87
C CYS A 106 15.38 7.20 -1.77
N ARG A 107 15.74 8.48 -1.85
CA ARG A 107 17.14 8.90 -1.79
C ARG A 107 17.38 9.89 -0.65
N ASP A 108 17.04 11.14 -0.90
CA ASP A 108 17.22 12.20 0.09
C ASP A 108 15.88 12.73 0.59
N ASP A 109 14.84 11.92 0.45
CA ASP A 109 13.49 12.29 0.88
C ASP A 109 13.08 13.65 0.31
N VAL A 110 13.73 14.05 -0.78
CA VAL A 110 13.42 15.33 -1.43
C VAL A 110 12.97 15.10 -2.88
N GLU A 111 13.20 13.89 -3.40
CA GLU A 111 12.82 13.56 -4.77
C GLU A 111 13.13 14.70 -5.74
N ALA A 112 14.40 15.12 -5.76
CA ALA A 112 14.83 16.20 -6.63
C ALA A 112 14.08 17.49 -6.33
N SER A 9 -19.98 -13.24 -2.66
CA SER A 9 -20.58 -11.89 -2.85
C SER A 9 -19.59 -10.94 -3.53
N PRO A 10 -20.08 -9.80 -4.04
CA PRO A 10 -19.24 -8.80 -4.72
C PRO A 10 -18.36 -8.05 -3.73
N ILE A 11 -17.08 -7.93 -4.05
CA ILE A 11 -16.14 -7.23 -3.19
C ILE A 11 -15.31 -6.22 -3.97
N ASP A 12 -15.04 -5.07 -3.35
CA ASP A 12 -14.26 -4.02 -3.98
C ASP A 12 -13.03 -3.69 -3.14
N PRO A 13 -11.84 -3.66 -3.76
CA PRO A 13 -10.59 -3.37 -3.06
C PRO A 13 -10.35 -1.88 -2.88
N PRO A 14 -9.59 -1.50 -1.84
CA PRO A 14 -9.27 -0.10 -1.54
C PRO A 14 -8.84 0.70 -2.76
N GLY A 15 -9.09 2.01 -2.70
CA GLY A 15 -8.74 2.89 -3.81
C GLY A 15 -7.28 2.83 -4.17
N LYS A 16 -6.85 3.75 -5.05
CA LYS A 16 -5.46 3.80 -5.48
C LYS A 16 -4.59 4.45 -4.40
N PRO A 17 -3.47 3.82 -4.01
CA PRO A 17 -2.57 4.34 -2.98
C PRO A 17 -1.66 5.46 -3.50
N VAL A 18 -1.65 6.60 -2.79
CA VAL A 18 -0.82 7.73 -3.18
C VAL A 18 -0.01 8.25 -1.99
N PRO A 19 1.35 8.17 -2.05
CA PRO A 19 2.22 8.63 -0.97
C PRO A 19 2.12 10.12 -0.69
N LEU A 20 1.91 10.46 0.57
CA LEU A 20 1.81 11.85 0.99
C LEU A 20 3.18 12.34 1.45
N ASN A 21 3.99 11.42 1.94
CA ASN A 21 5.33 11.73 2.42
C ASN A 21 6.26 10.54 2.23
N ILE A 22 7.54 10.81 2.05
CA ILE A 22 8.51 9.74 1.86
C ILE A 22 9.89 10.13 2.40
N THR A 23 10.28 9.46 3.47
CA THR A 23 11.57 9.71 4.12
C THR A 23 12.56 8.60 3.81
N ARG A 24 12.79 8.35 2.52
CA ARG A 24 13.73 7.32 2.07
C ARG A 24 13.41 5.94 2.62
N HIS A 25 13.62 5.76 3.92
CA HIS A 25 13.36 4.48 4.57
C HIS A 25 11.90 4.31 4.96
N THR A 26 11.18 5.43 5.06
CA THR A 26 9.77 5.38 5.44
C THR A 26 8.89 6.09 4.42
N VAL A 27 8.07 5.33 3.72
CA VAL A 27 7.17 5.89 2.72
C VAL A 27 5.72 5.88 3.24
N THR A 28 5.12 7.06 3.32
CA THR A 28 3.75 7.19 3.81
C THR A 28 2.76 7.45 2.67
N LEU A 29 1.70 6.63 2.62
CA LEU A 29 0.67 6.79 1.60
C LEU A 29 -0.73 6.64 2.17
N LYS A 30 -1.69 7.16 1.42
CA LYS A 30 -3.10 7.13 1.81
C LYS A 30 -3.97 6.89 0.57
N TRP A 31 -5.00 6.06 0.71
CA TRP A 31 -5.89 5.76 -0.39
C TRP A 31 -7.35 6.00 0.00
N ALA A 32 -8.25 5.65 -0.91
CA ALA A 32 -9.68 5.82 -0.68
C ALA A 32 -10.32 4.56 -0.10
N LYS A 33 -11.58 4.68 0.30
CA LYS A 33 -12.30 3.55 0.88
C LYS A 33 -13.48 3.17 -0.03
N PRO A 34 -13.56 1.90 -0.46
CA PRO A 34 -14.65 1.43 -1.32
C PRO A 34 -16.02 1.87 -0.84
N GLU A 35 -17.04 1.56 -1.64
CA GLU A 35 -18.41 1.91 -1.30
C GLU A 35 -19.32 0.68 -1.41
N TYR A 36 -18.74 -0.49 -1.70
CA TYR A 36 -19.51 -1.71 -1.83
C TYR A 36 -19.04 -2.78 -0.84
N THR A 37 -17.88 -3.40 -1.12
CA THR A 37 -17.33 -4.44 -0.26
C THR A 37 -18.43 -5.39 0.24
N GLY A 38 -19.14 -6.00 -0.72
CA GLY A 38 -20.23 -6.92 -0.39
C GLY A 38 -20.98 -6.55 0.87
N GLY A 39 -20.69 -7.27 1.97
CA GLY A 39 -21.33 -6.99 3.24
C GLY A 39 -20.31 -6.95 4.35
N PHE A 40 -19.10 -6.55 4.00
CA PHE A 40 -17.99 -6.47 4.94
C PHE A 40 -17.59 -5.02 5.20
N LYS A 41 -16.54 -4.83 5.99
CA LYS A 41 -16.06 -3.49 6.33
C LYS A 41 -14.52 -3.41 6.29
N ILE A 42 -13.85 -4.51 5.95
CA ILE A 42 -12.40 -4.54 5.89
C ILE A 42 -11.79 -4.14 7.23
N THR A 43 -11.07 -5.08 7.84
CA THR A 43 -10.45 -4.82 9.14
C THR A 43 -8.95 -4.57 9.02
N SER A 44 -8.44 -4.39 7.80
CA SER A 44 -7.01 -4.15 7.61
C SER A 44 -6.67 -3.94 6.13
N TYR A 45 -5.55 -3.26 5.88
CA TYR A 45 -5.09 -3.01 4.52
C TYR A 45 -3.65 -3.47 4.34
N ILE A 46 -3.48 -4.51 3.53
CA ILE A 46 -2.16 -5.06 3.26
C ILE A 46 -1.56 -4.46 2.00
N VAL A 47 -0.68 -3.48 2.16
CA VAL A 47 -0.04 -2.83 1.02
C VAL A 47 1.28 -3.52 0.68
N GLU A 48 1.31 -4.14 -0.49
CA GLU A 48 2.50 -4.84 -0.95
C GLU A 48 3.51 -3.88 -1.56
N LYS A 49 4.79 -4.16 -1.37
CA LYS A 49 5.86 -3.31 -1.89
C LYS A 49 6.63 -4.03 -2.99
N ARG A 50 6.96 -3.31 -4.04
CA ARG A 50 7.71 -3.89 -5.14
C ARG A 50 9.14 -3.39 -5.14
N ASP A 51 10.07 -4.28 -4.82
CA ASP A 51 11.49 -3.95 -4.77
C ASP A 51 12.09 -3.99 -6.17
N LEU A 52 12.07 -2.86 -6.83
CA LEU A 52 12.60 -2.75 -8.19
C LEU A 52 14.13 -2.91 -8.19
N PRO A 53 14.71 -3.36 -9.31
CA PRO A 53 13.97 -3.68 -10.54
C PRO A 53 13.45 -5.12 -10.55
N ASN A 54 13.62 -5.84 -9.45
CA ASN A 54 13.15 -7.22 -9.37
C ASN A 54 11.65 -7.25 -9.09
N GLY A 55 11.27 -6.82 -7.90
CA GLY A 55 9.88 -6.79 -7.52
C GLY A 55 9.40 -8.09 -6.91
N ARG A 56 8.14 -8.12 -6.50
CA ARG A 56 7.54 -9.31 -5.89
C ARG A 56 6.24 -8.95 -5.17
N TRP A 57 6.14 -7.71 -4.71
CA TRP A 57 4.96 -7.24 -4.01
C TRP A 57 4.74 -8.01 -2.70
N LEU A 58 5.36 -7.53 -1.63
CA LEU A 58 5.24 -8.18 -0.33
C LEU A 58 4.70 -7.20 0.72
N LYS A 59 3.85 -7.69 1.61
CA LYS A 59 3.27 -6.87 2.66
C LYS A 59 4.37 -6.27 3.53
N ALA A 60 4.44 -4.94 3.54
CA ALA A 60 5.45 -4.24 4.33
C ALA A 60 4.97 -3.99 5.76
N ASN A 61 3.76 -3.45 5.87
CA ASN A 61 3.17 -3.15 7.18
C ASN A 61 3.41 -4.28 8.19
N PHE A 62 3.02 -5.50 7.82
CA PHE A 62 3.20 -6.66 8.70
C PHE A 62 2.73 -6.35 10.12
N SER A 63 1.58 -5.70 10.24
CA SER A 63 1.03 -5.35 11.54
C SER A 63 -0.49 -5.26 11.50
N ASN A 64 -1.00 -4.10 11.08
CA ASN A 64 -2.44 -3.88 10.99
C ASN A 64 -2.74 -2.48 10.46
N ILE A 65 -3.24 -2.42 9.24
CA ILE A 65 -3.58 -1.15 8.61
C ILE A 65 -5.09 -0.96 8.52
N LEU A 66 -5.69 -0.53 9.61
CA LEU A 66 -7.14 -0.31 9.66
C LEU A 66 -7.55 0.82 8.72
N GLU A 67 -7.10 2.03 9.03
CA GLU A 67 -7.41 3.18 8.21
C GLU A 67 -6.57 3.17 6.94
N ASN A 68 -7.01 3.90 5.93
CA ASN A 68 -6.29 3.95 4.67
C ASN A 68 -5.02 4.80 4.78
N GLU A 69 -4.80 5.41 5.95
CA GLU A 69 -3.62 6.24 6.16
C GLU A 69 -2.56 5.45 6.92
N PHE A 70 -1.57 4.96 6.20
CA PHE A 70 -0.50 4.18 6.81
C PHE A 70 0.87 4.60 6.31
N THR A 71 1.90 4.22 7.05
CA THR A 71 3.26 4.52 6.69
C THR A 71 4.08 3.24 6.55
N VAL A 72 4.44 2.92 5.31
CA VAL A 72 5.21 1.72 5.05
C VAL A 72 6.70 1.97 5.30
N SER A 73 7.14 1.63 6.50
CA SER A 73 8.54 1.81 6.88
C SER A 73 9.31 0.50 6.75
N GLY A 74 10.58 0.59 6.34
CA GLY A 74 11.39 -0.60 6.19
C GLY A 74 12.11 -0.65 4.85
N LEU A 75 11.75 0.25 3.94
CA LEU A 75 12.37 0.29 2.63
C LEU A 75 13.89 0.38 2.73
N THR A 76 14.54 0.56 1.59
CA THR A 76 15.99 0.68 1.55
C THR A 76 16.40 1.91 0.76
N GLU A 77 17.31 2.69 1.33
CA GLU A 77 17.78 3.92 0.67
C GLU A 77 18.45 3.60 -0.66
N ASP A 78 18.37 4.55 -1.59
CA ASP A 78 18.97 4.39 -2.91
C ASP A 78 18.32 3.22 -3.65
N ALA A 79 16.99 3.19 -3.66
CA ALA A 79 16.25 2.13 -4.34
C ALA A 79 14.80 2.52 -4.55
N ALA A 80 14.34 2.44 -5.80
CA ALA A 80 12.98 2.77 -6.13
C ALA A 80 12.01 1.71 -5.60
N TYR A 81 10.93 2.15 -4.97
CA TYR A 81 9.95 1.24 -4.41
C TYR A 81 8.52 1.60 -4.77
N GLU A 82 7.77 0.61 -5.25
CA GLU A 82 6.37 0.82 -5.62
C GLU A 82 5.47 0.18 -4.56
N PHE A 83 4.28 0.76 -4.33
CA PHE A 83 3.40 0.17 -3.29
C PHE A 83 1.92 0.11 -3.69
N ARG A 84 1.39 -1.12 -3.76
CA ARG A 84 -0.02 -1.36 -4.07
C ARG A 84 -0.76 -1.72 -2.79
N VAL A 85 -2.08 -1.54 -2.78
CA VAL A 85 -2.83 -1.87 -1.56
C VAL A 85 -3.81 -3.02 -1.77
N ILE A 86 -3.49 -4.15 -1.15
CA ILE A 86 -4.32 -5.33 -1.19
C ILE A 86 -4.99 -5.44 0.17
N ALA A 87 -6.11 -6.14 0.26
CA ALA A 87 -6.77 -6.25 1.56
C ALA A 87 -7.99 -7.13 1.52
N LYS A 88 -8.14 -7.99 2.52
CA LYS A 88 -9.28 -8.87 2.60
C LYS A 88 -10.49 -8.07 3.06
N ASN A 89 -11.43 -8.70 3.74
CA ASN A 89 -12.61 -7.99 4.20
C ASN A 89 -13.12 -8.56 5.54
N ALA A 90 -14.25 -9.28 5.54
CA ALA A 90 -14.78 -9.85 6.78
C ALA A 90 -15.03 -11.35 6.60
N ALA A 91 -15.60 -11.71 5.46
CA ALA A 91 -15.89 -13.10 5.15
C ALA A 91 -14.63 -13.90 4.84
N GLY A 92 -13.50 -13.20 4.69
CA GLY A 92 -12.25 -13.87 4.38
C GLY A 92 -11.78 -13.60 2.97
N ALA A 93 -12.70 -13.16 2.11
CA ALA A 93 -12.37 -12.86 0.73
C ALA A 93 -11.18 -11.91 0.64
N ILE A 94 -10.50 -11.91 -0.49
CA ILE A 94 -9.34 -11.04 -0.68
C ILE A 94 -9.59 -9.99 -1.74
N SER A 95 -9.56 -8.71 -1.35
CA SER A 95 -9.77 -7.63 -2.29
C SER A 95 -8.49 -7.40 -3.11
N PRO A 96 -8.60 -7.48 -4.45
CA PRO A 96 -7.46 -7.31 -5.36
C PRO A 96 -6.54 -6.16 -4.96
N PRO A 97 -5.37 -6.06 -5.62
CA PRO A 97 -4.38 -5.02 -5.36
C PRO A 97 -4.69 -3.72 -6.09
N SER A 98 -4.69 -2.61 -5.36
CA SER A 98 -4.96 -1.31 -5.96
C SER A 98 -3.67 -0.73 -6.55
N GLU A 99 -3.74 -0.39 -7.85
CA GLU A 99 -2.62 0.18 -8.63
C GLU A 99 -1.50 0.74 -7.75
N PRO A 100 -0.35 0.05 -7.68
CA PRO A 100 0.79 0.49 -6.87
C PRO A 100 1.10 1.97 -7.04
N SER A 101 1.69 2.55 -5.99
CA SER A 101 2.06 3.95 -6.00
C SER A 101 3.41 4.09 -6.68
N ASP A 102 3.59 5.19 -7.41
CA ASP A 102 4.83 5.48 -8.13
C ASP A 102 6.05 4.99 -7.36
N ALA A 103 7.07 4.56 -8.10
CA ALA A 103 8.29 4.08 -7.49
C ALA A 103 9.14 5.23 -6.99
N ILE A 104 9.51 5.20 -5.72
CA ILE A 104 10.33 6.25 -5.14
C ILE A 104 11.73 5.75 -4.84
N THR A 105 12.72 6.31 -5.54
CA THR A 105 14.12 5.92 -5.36
C THR A 105 14.49 5.88 -3.88
N CYS A 106 13.85 6.73 -3.08
CA CYS A 106 14.14 6.78 -1.66
C CYS A 106 15.64 6.92 -1.42
N ARG A 107 16.15 8.12 -1.70
CA ARG A 107 17.59 8.39 -1.53
C ARG A 107 17.83 9.34 -0.37
N ASP A 108 17.65 10.62 -0.62
CA ASP A 108 17.86 11.65 0.40
C ASP A 108 16.54 12.34 0.73
N ASP A 109 15.43 11.62 0.58
CA ASP A 109 14.11 12.17 0.85
C ASP A 109 13.93 13.54 0.20
N VAL A 110 14.69 13.77 -0.87
CA VAL A 110 14.62 15.02 -1.61
C VAL A 110 14.40 14.79 -3.11
N GLU A 111 14.53 13.54 -3.55
CA GLU A 111 14.32 13.21 -4.95
C GLU A 111 15.14 14.13 -5.85
N ALA A 112 16.26 14.60 -5.33
CA ALA A 112 17.14 15.50 -6.08
C ALA A 112 18.26 16.04 -5.20
N SER A 9 -22.35 -12.59 -2.99
CA SER A 9 -21.79 -11.30 -2.49
C SER A 9 -20.43 -11.00 -3.14
N PRO A 10 -20.32 -9.86 -3.85
CA PRO A 10 -19.08 -9.47 -4.52
C PRO A 10 -18.13 -8.73 -3.59
N ILE A 11 -17.12 -8.08 -4.16
CA ILE A 11 -16.14 -7.34 -3.38
C ILE A 11 -15.38 -6.33 -4.24
N ASP A 12 -14.93 -5.25 -3.61
CA ASP A 12 -14.19 -4.20 -4.30
C ASP A 12 -13.07 -3.69 -3.42
N PRO A 13 -11.83 -3.60 -3.96
CA PRO A 13 -10.68 -3.13 -3.20
C PRO A 13 -10.59 -1.61 -3.13
N PRO A 14 -9.74 -1.07 -2.24
CA PRO A 14 -9.56 0.38 -2.06
C PRO A 14 -9.05 1.08 -3.31
N GLY A 15 -8.80 2.38 -3.18
CA GLY A 15 -8.30 3.18 -4.29
C GLY A 15 -6.80 3.17 -4.39
N LYS A 16 -6.26 3.68 -5.50
CA LYS A 16 -4.82 3.71 -5.71
C LYS A 16 -4.15 4.54 -4.61
N PRO A 17 -3.09 4.00 -3.96
CA PRO A 17 -2.39 4.71 -2.88
C PRO A 17 -1.42 5.77 -3.40
N VAL A 18 -1.17 6.77 -2.56
CA VAL A 18 -0.27 7.86 -2.91
C VAL A 18 0.59 8.25 -1.70
N PRO A 19 1.92 8.08 -1.77
CA PRO A 19 2.80 8.41 -0.66
C PRO A 19 2.85 9.91 -0.36
N LEU A 20 1.99 10.37 0.54
CA LEU A 20 1.95 11.79 0.92
C LEU A 20 3.36 12.30 1.19
N ASN A 21 4.13 11.49 1.90
CA ASN A 21 5.50 11.81 2.24
C ASN A 21 6.39 10.60 1.97
N ILE A 22 7.65 10.84 1.71
CA ILE A 22 8.57 9.74 1.44
C ILE A 22 9.94 9.99 2.07
N THR A 23 10.12 9.45 3.28
CA THR A 23 11.36 9.61 4.02
C THR A 23 12.36 8.49 3.75
N ARG A 24 12.67 8.30 2.47
CA ARG A 24 13.63 7.28 2.02
C ARG A 24 13.32 5.87 2.54
N HIS A 25 13.51 5.66 3.83
CA HIS A 25 13.27 4.35 4.45
C HIS A 25 11.80 4.15 4.84
N THR A 26 11.14 5.23 5.21
CA THR A 26 9.73 5.14 5.60
C THR A 26 8.88 6.12 4.81
N VAL A 27 8.18 5.61 3.81
CA VAL A 27 7.32 6.46 2.99
C VAL A 27 5.86 6.35 3.46
N THR A 28 5.18 7.50 3.52
CA THR A 28 3.79 7.54 3.95
C THR A 28 2.81 7.64 2.80
N LEU A 29 1.91 6.66 2.67
CA LEU A 29 0.89 6.70 1.60
C LEU A 29 -0.51 6.45 2.15
N LYS A 30 -1.47 7.03 1.46
CA LYS A 30 -2.88 6.91 1.82
C LYS A 30 -3.72 6.74 0.55
N TRP A 31 -4.93 6.20 0.68
CA TRP A 31 -5.77 5.97 -0.49
C TRP A 31 -7.25 6.25 -0.21
N ALA A 32 -8.06 5.99 -1.23
CA ALA A 32 -9.50 6.18 -1.16
C ALA A 32 -10.17 4.96 -0.51
N LYS A 33 -11.46 4.79 -0.78
CA LYS A 33 -12.21 3.66 -0.24
C LYS A 33 -13.00 2.95 -1.34
N PRO A 34 -13.18 1.63 -1.21
CA PRO A 34 -13.92 0.83 -2.18
C PRO A 34 -15.26 1.44 -2.57
N GLU A 35 -16.05 0.69 -3.35
CA GLU A 35 -17.35 1.16 -3.79
C GLU A 35 -18.47 0.23 -3.31
N TYR A 36 -18.17 -1.06 -3.16
CA TYR A 36 -19.16 -2.02 -2.72
C TYR A 36 -18.67 -2.86 -1.55
N THR A 37 -17.71 -3.73 -1.81
CA THR A 37 -17.15 -4.61 -0.78
C THR A 37 -18.25 -5.47 -0.17
N GLY A 38 -19.07 -6.06 -1.05
CA GLY A 38 -20.15 -6.91 -0.58
C GLY A 38 -20.92 -6.30 0.59
N GLY A 39 -20.58 -6.73 1.79
CA GLY A 39 -21.24 -6.22 2.99
C GLY A 39 -20.24 -6.00 4.10
N PHE A 40 -18.99 -5.84 3.73
CA PHE A 40 -17.89 -5.64 4.68
C PHE A 40 -17.46 -4.17 4.72
N LYS A 41 -16.43 -3.90 5.49
CA LYS A 41 -15.89 -2.54 5.62
C LYS A 41 -14.36 -2.53 5.54
N ILE A 42 -13.77 -3.69 5.25
CA ILE A 42 -12.31 -3.79 5.15
C ILE A 42 -11.64 -3.35 6.44
N THR A 43 -11.30 -4.32 7.27
CA THR A 43 -10.66 -4.05 8.55
C THR A 43 -9.17 -4.36 8.51
N SER A 44 -8.56 -4.23 7.34
CA SER A 44 -7.14 -4.51 7.19
C SER A 44 -6.64 -4.24 5.78
N TYR A 45 -5.73 -3.28 5.65
CA TYR A 45 -5.15 -2.94 4.35
C TYR A 45 -3.68 -3.35 4.29
N ILE A 46 -3.40 -4.40 3.52
CA ILE A 46 -2.02 -4.90 3.39
C ILE A 46 -1.31 -4.22 2.22
N VAL A 47 -0.26 -3.47 2.52
CA VAL A 47 0.50 -2.78 1.49
C VAL A 47 1.65 -3.63 0.97
N GLU A 48 1.62 -3.94 -0.32
CA GLU A 48 2.67 -4.73 -0.94
C GLU A 48 3.66 -3.79 -1.64
N LYS A 49 4.96 -4.04 -1.44
CA LYS A 49 5.99 -3.20 -2.05
C LYS A 49 6.77 -3.92 -3.12
N ARG A 50 7.17 -3.17 -4.14
CA ARG A 50 7.94 -3.71 -5.26
C ARG A 50 9.30 -3.02 -5.33
N ASP A 51 10.34 -3.72 -4.87
CA ASP A 51 11.70 -3.18 -4.87
C ASP A 51 12.25 -3.14 -6.28
N LEU A 52 12.07 -2.02 -6.95
CA LEU A 52 12.56 -1.85 -8.31
C LEU A 52 14.09 -1.76 -8.33
N PRO A 53 14.72 -2.22 -9.42
CA PRO A 53 14.05 -2.80 -10.59
C PRO A 53 13.51 -4.21 -10.33
N ASN A 54 14.01 -4.86 -9.29
CA ASN A 54 13.58 -6.22 -8.97
C ASN A 54 12.05 -6.27 -8.87
N GLY A 55 11.52 -6.07 -7.66
CA GLY A 55 10.08 -6.09 -7.48
C GLY A 55 9.54 -7.48 -7.19
N ARG A 56 8.84 -7.62 -6.07
CA ARG A 56 8.26 -8.90 -5.67
C ARG A 56 7.01 -8.73 -4.82
N TRP A 57 6.42 -7.51 -4.85
CA TRP A 57 5.21 -7.19 -4.07
C TRP A 57 5.08 -8.00 -2.79
N LEU A 58 5.46 -7.42 -1.66
CA LEU A 58 5.38 -8.11 -0.38
C LEU A 58 4.82 -7.20 0.70
N LYS A 59 3.87 -7.72 1.46
CA LYS A 59 3.24 -6.97 2.54
C LYS A 59 4.29 -6.34 3.46
N ALA A 60 4.45 -5.02 3.35
CA ALA A 60 5.41 -4.30 4.17
C ALA A 60 4.94 -4.21 5.61
N ASN A 61 3.74 -3.65 5.80
CA ASN A 61 3.17 -3.50 7.13
C ASN A 61 3.04 -4.85 7.81
N PHE A 62 3.80 -5.06 8.88
CA PHE A 62 3.78 -6.30 9.62
C PHE A 62 2.96 -6.18 10.91
N SER A 63 2.05 -5.23 10.93
CA SER A 63 1.20 -5.01 12.09
C SER A 63 -0.27 -5.04 11.71
N ASN A 64 -0.78 -3.92 11.21
CA ASN A 64 -2.18 -3.82 10.81
C ASN A 64 -2.49 -2.41 10.32
N ILE A 65 -3.29 -2.32 9.26
CA ILE A 65 -3.67 -1.03 8.69
C ILE A 65 -5.19 -0.87 8.62
N LEU A 66 -5.79 -0.54 9.75
CA LEU A 66 -7.24 -0.36 9.82
C LEU A 66 -7.70 0.72 8.84
N GLU A 67 -7.30 1.96 9.11
CA GLU A 67 -7.67 3.07 8.25
C GLU A 67 -6.93 2.98 6.92
N ASN A 68 -7.17 3.95 6.05
CA ASN A 68 -6.53 3.98 4.74
C ASN A 68 -5.30 4.89 4.74
N GLU A 69 -4.88 5.33 5.93
CA GLU A 69 -3.72 6.20 6.05
C GLU A 69 -2.59 5.44 6.75
N PHE A 70 -1.69 4.87 5.96
CA PHE A 70 -0.58 4.11 6.53
C PHE A 70 0.76 4.57 5.96
N THR A 71 1.83 4.17 6.63
CA THR A 71 3.17 4.52 6.19
C THR A 71 4.02 3.28 6.07
N VAL A 72 4.60 3.08 4.89
CA VAL A 72 5.45 1.92 4.65
C VAL A 72 6.85 2.19 5.20
N SER A 73 7.01 1.98 6.50
CA SER A 73 8.28 2.20 7.17
C SER A 73 9.32 1.19 6.73
N GLY A 74 8.89 -0.04 6.55
CA GLY A 74 9.80 -1.09 6.13
C GLY A 74 10.27 -0.88 4.70
N LEU A 75 10.96 0.24 4.46
CA LEU A 75 11.45 0.57 3.15
C LEU A 75 12.92 0.98 3.26
N THR A 76 13.69 0.72 2.20
CA THR A 76 15.11 1.05 2.20
C THR A 76 15.41 2.27 1.35
N GLU A 77 16.70 2.57 1.20
CA GLU A 77 17.16 3.72 0.43
C GLU A 77 17.70 3.29 -0.94
N ASP A 78 17.86 4.27 -1.83
CA ASP A 78 18.37 4.00 -3.18
C ASP A 78 17.67 2.81 -3.81
N ALA A 79 16.38 2.99 -4.13
CA ALA A 79 15.60 1.92 -4.75
C ALA A 79 14.16 2.35 -4.93
N ALA A 80 13.76 2.57 -6.18
CA ALA A 80 12.40 2.98 -6.45
C ALA A 80 11.41 1.91 -5.99
N TYR A 81 10.66 2.22 -4.94
CA TYR A 81 9.69 1.30 -4.38
C TYR A 81 8.26 1.66 -4.74
N GLU A 82 7.55 0.70 -5.32
CA GLU A 82 6.15 0.89 -5.68
C GLU A 82 5.30 0.16 -4.65
N PHE A 83 4.21 0.77 -4.18
CA PHE A 83 3.39 0.07 -3.17
C PHE A 83 1.90 0.00 -3.46
N ARG A 84 1.41 -1.22 -3.61
CA ARG A 84 -0.01 -1.45 -3.84
C ARG A 84 -0.61 -1.93 -2.52
N VAL A 85 -1.91 -2.15 -2.47
CA VAL A 85 -2.50 -2.61 -1.21
C VAL A 85 -3.65 -3.58 -1.42
N ILE A 86 -3.41 -4.82 -1.01
CA ILE A 86 -4.40 -5.85 -1.10
C ILE A 86 -5.14 -5.90 0.23
N ALA A 87 -6.43 -6.14 0.20
CA ALA A 87 -7.19 -6.17 1.45
C ALA A 87 -8.43 -7.02 1.34
N LYS A 88 -8.52 -8.05 2.17
CA LYS A 88 -9.68 -8.92 2.15
C LYS A 88 -10.95 -8.11 2.35
N ASN A 89 -11.48 -8.11 3.57
CA ASN A 89 -12.69 -7.37 3.90
C ASN A 89 -13.13 -7.76 5.32
N ALA A 90 -14.25 -8.47 5.47
CA ALA A 90 -14.72 -8.87 6.79
C ALA A 90 -15.17 -10.33 6.80
N ALA A 91 -14.98 -11.03 5.68
CA ALA A 91 -15.37 -12.43 5.57
C ALA A 91 -14.18 -13.30 5.14
N GLY A 92 -13.01 -12.68 4.93
CA GLY A 92 -11.85 -13.43 4.52
C GLY A 92 -11.58 -13.35 3.03
N ALA A 93 -12.55 -12.85 2.27
CA ALA A 93 -12.39 -12.72 0.83
C ALA A 93 -11.34 -11.67 0.49
N ILE A 94 -10.25 -12.11 -0.10
CA ILE A 94 -9.16 -11.21 -0.45
C ILE A 94 -9.51 -10.32 -1.65
N SER A 95 -9.46 -9.00 -1.44
CA SER A 95 -9.77 -8.06 -2.50
C SER A 95 -8.48 -7.72 -3.26
N PRO A 96 -8.51 -7.86 -4.61
CA PRO A 96 -7.35 -7.60 -5.47
C PRO A 96 -6.46 -6.47 -4.97
N PRO A 97 -5.17 -6.48 -5.37
CA PRO A 97 -4.20 -5.46 -4.97
C PRO A 97 -4.50 -4.09 -5.57
N SER A 98 -4.71 -3.10 -4.70
CA SER A 98 -5.00 -1.75 -5.16
C SER A 98 -3.80 -1.23 -5.95
N GLU A 99 -4.07 -0.64 -7.12
CA GLU A 99 -3.02 -0.09 -8.01
C GLU A 99 -1.82 0.44 -7.22
N PRO A 100 -0.63 -0.16 -7.41
CA PRO A 100 0.60 0.24 -6.73
C PRO A 100 0.77 1.75 -6.60
N SER A 101 1.76 2.13 -5.78
CA SER A 101 2.08 3.53 -5.54
C SER A 101 3.32 3.91 -6.31
N ASP A 102 3.32 5.14 -6.85
CA ASP A 102 4.46 5.64 -7.62
C ASP A 102 5.77 5.26 -6.96
N ALA A 103 6.67 4.70 -7.75
CA ALA A 103 7.98 4.28 -7.25
C ALA A 103 8.75 5.46 -6.66
N ILE A 104 9.33 5.24 -5.49
CA ILE A 104 10.11 6.28 -4.82
C ILE A 104 11.56 5.84 -4.68
N THR A 105 12.45 6.54 -5.39
CA THR A 105 13.88 6.24 -5.37
C THR A 105 14.47 6.18 -3.95
N CYS A 106 13.75 6.72 -2.97
CA CYS A 106 14.21 6.73 -1.58
C CYS A 106 15.70 7.07 -1.51
N ARG A 107 16.02 8.29 -1.90
CA ARG A 107 17.40 8.77 -1.90
C ARG A 107 17.80 9.35 -0.55
N ASP A 108 17.59 10.65 -0.37
CA ASP A 108 17.92 11.31 0.88
C ASP A 108 16.78 12.20 1.34
N ASP A 109 15.55 11.79 1.02
CA ASP A 109 14.35 12.53 1.39
C ASP A 109 14.55 14.05 1.27
N VAL A 110 15.43 14.45 0.38
CA VAL A 110 15.72 15.87 0.16
C VAL A 110 16.42 16.10 -1.15
N GLU A 111 16.23 15.19 -2.11
CA GLU A 111 16.86 15.31 -3.42
C GLU A 111 15.82 15.46 -4.52
N ALA A 112 14.62 14.97 -4.28
CA ALA A 112 13.54 15.07 -5.27
C ALA A 112 13.39 16.49 -5.77
N SER A 9 -22.29 -12.28 -2.60
CA SER A 9 -21.96 -10.85 -2.33
C SER A 9 -20.63 -10.46 -2.99
N PRO A 10 -20.62 -9.43 -3.84
CA PRO A 10 -19.40 -8.97 -4.52
C PRO A 10 -18.42 -8.31 -3.55
N ILE A 11 -17.56 -7.45 -4.09
CA ILE A 11 -16.59 -6.74 -3.28
C ILE A 11 -15.85 -5.68 -4.10
N ASP A 12 -15.54 -4.56 -3.46
CA ASP A 12 -14.84 -3.48 -4.14
C ASP A 12 -13.55 -3.15 -3.39
N PRO A 13 -12.38 -3.23 -4.07
CA PRO A 13 -11.10 -2.93 -3.43
C PRO A 13 -10.92 -1.44 -3.15
N PRO A 14 -10.07 -1.09 -2.17
CA PRO A 14 -9.82 0.30 -1.80
C PRO A 14 -9.27 1.11 -2.97
N GLY A 15 -9.16 2.42 -2.76
CA GLY A 15 -8.66 3.30 -3.79
C GLY A 15 -7.17 3.15 -4.05
N LYS A 16 -6.69 3.74 -5.13
CA LYS A 16 -5.27 3.67 -5.48
C LYS A 16 -4.43 4.35 -4.40
N PRO A 17 -3.25 3.79 -4.05
CA PRO A 17 -2.39 4.36 -3.02
C PRO A 17 -1.50 5.48 -3.56
N VAL A 18 -1.31 6.52 -2.75
CA VAL A 18 -0.47 7.66 -3.14
C VAL A 18 0.31 8.20 -1.93
N PRO A 19 1.65 8.16 -1.98
CA PRO A 19 2.48 8.63 -0.88
C PRO A 19 2.40 10.14 -0.65
N LEU A 20 2.02 10.53 0.56
CA LEU A 20 1.91 11.94 0.92
C LEU A 20 3.28 12.42 1.39
N ASN A 21 4.00 11.53 2.03
CA ASN A 21 5.34 11.80 2.54
C ASN A 21 6.22 10.59 2.33
N ILE A 22 7.48 10.81 2.01
CA ILE A 22 8.39 9.70 1.76
C ILE A 22 9.74 9.92 2.42
N THR A 23 9.97 9.25 3.55
CA THR A 23 11.22 9.36 4.28
C THR A 23 12.15 8.21 3.95
N ARG A 24 12.49 8.10 2.66
CA ARG A 24 13.40 7.06 2.16
C ARG A 24 12.98 5.66 2.61
N HIS A 25 13.21 5.35 3.87
CA HIS A 25 12.87 4.05 4.42
C HIS A 25 11.38 3.96 4.73
N THR A 26 10.87 5.01 5.39
CA THR A 26 9.46 5.06 5.75
C THR A 26 8.66 5.89 4.76
N VAL A 27 7.91 5.22 3.90
CA VAL A 27 7.10 5.89 2.89
C VAL A 27 5.64 5.94 3.35
N THR A 28 5.12 7.14 3.52
CA THR A 28 3.74 7.33 3.96
C THR A 28 2.78 7.53 2.79
N LEU A 29 1.81 6.61 2.64
CA LEU A 29 0.83 6.71 1.58
C LEU A 29 -0.57 6.44 2.12
N LYS A 30 -1.55 6.91 1.36
CA LYS A 30 -2.96 6.74 1.72
C LYS A 30 -3.79 6.57 0.45
N TRP A 31 -4.87 5.81 0.54
CA TRP A 31 -5.72 5.59 -0.62
C TRP A 31 -7.14 6.15 -0.42
N ALA A 32 -8.14 5.29 -0.31
CA ALA A 32 -9.52 5.75 -0.13
C ALA A 32 -10.38 4.67 0.51
N LYS A 33 -11.69 4.79 0.35
CA LYS A 33 -12.63 3.82 0.90
C LYS A 33 -13.60 3.34 -0.16
N PRO A 34 -13.82 2.02 -0.27
CA PRO A 34 -14.75 1.45 -1.26
C PRO A 34 -16.15 2.01 -1.11
N GLU A 35 -17.07 1.50 -1.91
CA GLU A 35 -18.46 1.94 -1.88
C GLU A 35 -19.43 0.81 -1.62
N TYR A 36 -19.21 -0.33 -2.26
CA TYR A 36 -20.10 -1.48 -2.08
C TYR A 36 -19.55 -2.47 -1.06
N THR A 37 -18.44 -3.11 -1.40
CA THR A 37 -17.82 -4.09 -0.51
C THR A 37 -18.83 -5.17 -0.14
N GLY A 38 -19.75 -5.47 -1.05
CA GLY A 38 -20.75 -6.48 -0.79
C GLY A 38 -21.45 -6.26 0.55
N GLY A 39 -20.95 -6.92 1.58
CA GLY A 39 -21.51 -6.78 2.91
C GLY A 39 -20.43 -6.84 3.95
N PHE A 40 -19.32 -6.17 3.65
CA PHE A 40 -18.16 -6.15 4.54
C PHE A 40 -17.79 -4.72 4.94
N LYS A 41 -16.73 -4.60 5.73
CA LYS A 41 -16.26 -3.30 6.21
C LYS A 41 -14.74 -3.15 6.05
N ILE A 42 -14.01 -4.26 6.20
CA ILE A 42 -12.56 -4.25 6.09
C ILE A 42 -11.91 -3.78 7.38
N THR A 43 -11.31 -4.72 8.10
CA THR A 43 -10.67 -4.42 9.37
C THR A 43 -9.14 -4.34 9.22
N SER A 44 -8.66 -4.31 7.99
CA SER A 44 -7.21 -4.24 7.77
C SER A 44 -6.85 -4.17 6.29
N TYR A 45 -5.89 -3.30 5.99
CA TYR A 45 -5.40 -3.13 4.61
C TYR A 45 -3.97 -3.62 4.51
N ILE A 46 -3.57 -4.08 3.34
CA ILE A 46 -2.22 -4.58 3.13
C ILE A 46 -1.51 -3.82 2.03
N VAL A 47 -0.36 -3.25 2.36
CA VAL A 47 0.42 -2.48 1.38
C VAL A 47 1.62 -3.28 0.88
N GLU A 48 1.48 -3.85 -0.32
CA GLU A 48 2.58 -4.62 -0.91
C GLU A 48 3.66 -3.67 -1.40
N LYS A 49 4.92 -4.08 -1.28
CA LYS A 49 6.04 -3.23 -1.71
C LYS A 49 6.89 -3.92 -2.76
N ARG A 50 7.42 -3.13 -3.68
CA ARG A 50 8.26 -3.66 -4.75
C ARG A 50 9.52 -2.82 -4.92
N ASP A 51 10.60 -3.24 -4.27
CA ASP A 51 11.87 -2.52 -4.37
C ASP A 51 12.26 -2.46 -5.83
N LEU A 52 13.21 -1.60 -6.17
CA LEU A 52 13.63 -1.49 -7.55
C LEU A 52 15.14 -1.25 -7.64
N PRO A 53 15.86 -2.04 -8.49
CA PRO A 53 15.27 -3.08 -9.32
C PRO A 53 15.09 -4.43 -8.60
N ASN A 54 14.80 -4.38 -7.30
CA ASN A 54 14.61 -5.60 -6.52
C ASN A 54 13.17 -5.75 -6.07
N GLY A 55 12.24 -5.66 -7.03
CA GLY A 55 10.82 -5.79 -6.71
C GLY A 55 10.48 -7.13 -6.10
N ARG A 56 9.20 -7.34 -5.81
CA ARG A 56 8.73 -8.60 -5.23
C ARG A 56 7.28 -8.50 -4.75
N TRP A 57 6.85 -7.29 -4.39
CA TRP A 57 5.48 -7.05 -3.93
C TRP A 57 5.22 -7.78 -2.61
N LEU A 58 5.81 -7.27 -1.54
CA LEU A 58 5.63 -7.85 -0.21
C LEU A 58 5.00 -6.86 0.75
N LYS A 59 4.00 -7.30 1.49
CA LYS A 59 3.32 -6.42 2.45
C LYS A 59 4.31 -5.84 3.45
N ALA A 60 4.93 -4.71 3.07
CA ALA A 60 5.90 -4.05 3.92
C ALA A 60 5.33 -3.78 5.31
N ASN A 61 4.07 -3.35 5.36
CA ASN A 61 3.40 -3.05 6.61
C ASN A 61 3.66 -4.13 7.67
N PHE A 62 2.80 -5.15 7.72
CA PHE A 62 2.96 -6.23 8.68
C PHE A 62 2.60 -5.76 10.09
N SER A 63 1.55 -4.94 10.19
CA SER A 63 1.11 -4.42 11.48
C SER A 63 -0.36 -4.00 11.44
N ASN A 64 -1.12 -4.59 10.53
CA ASN A 64 -2.55 -4.28 10.41
C ASN A 64 -2.76 -2.81 10.00
N ILE A 65 -3.43 -2.61 8.86
CA ILE A 65 -3.71 -1.26 8.36
C ILE A 65 -5.18 -0.92 8.52
N LEU A 66 -5.61 -0.62 9.74
CA LEU A 66 -7.00 -0.28 10.00
C LEU A 66 -7.50 0.78 9.01
N GLU A 67 -6.96 1.98 9.11
CA GLU A 67 -7.34 3.07 8.22
C GLU A 67 -6.58 2.96 6.91
N ASN A 68 -7.05 3.66 5.89
CA ASN A 68 -6.41 3.65 4.58
C ASN A 68 -5.15 4.51 4.57
N GLU A 69 -4.85 5.16 5.68
CA GLU A 69 -3.67 6.00 5.78
C GLU A 69 -2.58 5.30 6.57
N PHE A 70 -1.64 4.69 5.86
CA PHE A 70 -0.55 3.97 6.51
C PHE A 70 0.81 4.40 5.97
N THR A 71 1.85 4.05 6.71
CA THR A 71 3.22 4.37 6.33
C THR A 71 4.10 3.12 6.35
N VAL A 72 4.45 2.64 5.17
CA VAL A 72 5.28 1.46 5.05
C VAL A 72 6.65 1.70 5.68
N SER A 73 7.12 0.73 6.45
CA SER A 73 8.41 0.84 7.11
C SER A 73 9.26 -0.40 6.89
N GLY A 74 10.53 -0.18 6.54
CA GLY A 74 11.44 -1.28 6.30
C GLY A 74 11.95 -1.31 4.88
N LEU A 75 11.87 -0.16 4.21
CA LEU A 75 12.31 -0.05 2.83
C LEU A 75 13.83 0.07 2.72
N THR A 76 14.31 0.11 1.49
CA THR A 76 15.74 0.24 1.22
C THR A 76 16.00 1.50 0.40
N GLU A 77 17.02 2.26 0.81
CA GLU A 77 17.35 3.50 0.10
C GLU A 77 18.03 3.22 -1.23
N ASP A 78 18.27 4.29 -1.99
CA ASP A 78 18.91 4.17 -3.30
C ASP A 78 18.19 3.15 -4.17
N ALA A 79 16.91 2.98 -3.93
CA ALA A 79 16.10 2.03 -4.70
C ALA A 79 14.65 2.49 -4.78
N ALA A 80 14.13 2.59 -5.99
CA ALA A 80 12.76 3.01 -6.18
C ALA A 80 11.79 1.97 -5.61
N TYR A 81 10.87 2.42 -4.76
CA TYR A 81 9.91 1.54 -4.14
C TYR A 81 8.48 1.85 -4.56
N GLU A 82 7.79 0.83 -5.07
CA GLU A 82 6.40 0.97 -5.50
C GLU A 82 5.48 0.28 -4.48
N PHE A 83 4.26 0.77 -4.27
CA PHE A 83 3.40 0.12 -3.27
C PHE A 83 1.93 -0.01 -3.66
N ARG A 84 1.44 -1.26 -3.74
CA ARG A 84 0.04 -1.53 -4.08
C ARG A 84 -0.75 -1.85 -2.80
N VAL A 85 -2.05 -2.08 -2.93
CA VAL A 85 -2.87 -2.37 -1.75
C VAL A 85 -3.81 -3.56 -1.94
N ILE A 86 -3.66 -4.55 -1.08
CA ILE A 86 -4.48 -5.75 -1.08
C ILE A 86 -5.12 -5.85 0.29
N ALA A 87 -6.38 -6.28 0.39
CA ALA A 87 -6.98 -6.35 1.72
C ALA A 87 -8.32 -7.09 1.76
N LYS A 88 -8.46 -7.97 2.75
CA LYS A 88 -9.70 -8.70 2.94
C LYS A 88 -10.65 -7.82 3.73
N ASN A 89 -11.90 -7.78 3.33
CA ASN A 89 -12.87 -6.94 4.01
C ASN A 89 -13.33 -7.54 5.33
N ALA A 90 -14.42 -8.29 5.32
CA ALA A 90 -14.93 -8.88 6.55
C ALA A 90 -15.13 -10.39 6.44
N ALA A 91 -15.63 -10.84 5.29
CA ALA A 91 -15.87 -12.27 5.07
C ALA A 91 -14.76 -12.92 4.25
N GLY A 92 -13.52 -12.51 4.47
CA GLY A 92 -12.41 -13.08 3.73
C GLY A 92 -12.33 -12.61 2.28
N ALA A 93 -13.27 -11.76 1.88
CA ALA A 93 -13.27 -11.25 0.52
C ALA A 93 -12.01 -10.43 0.26
N ILE A 94 -10.94 -11.11 -0.11
CA ILE A 94 -9.67 -10.43 -0.37
C ILE A 94 -9.76 -9.48 -1.56
N SER A 95 -9.48 -8.22 -1.29
CA SER A 95 -9.51 -7.19 -2.32
C SER A 95 -8.23 -7.29 -3.17
N PRO A 96 -8.37 -7.45 -4.49
CA PRO A 96 -7.23 -7.58 -5.40
C PRO A 96 -6.17 -6.50 -5.19
N PRO A 97 -5.01 -6.66 -5.85
CA PRO A 97 -3.89 -5.71 -5.73
C PRO A 97 -4.21 -4.35 -6.33
N SER A 98 -4.31 -3.34 -5.48
CA SER A 98 -4.59 -1.97 -5.92
C SER A 98 -3.36 -1.37 -6.58
N GLU A 99 -3.55 -0.76 -7.75
CA GLU A 99 -2.48 -0.13 -8.53
C GLU A 99 -1.36 0.43 -7.63
N PRO A 100 -0.15 -0.16 -7.70
CA PRO A 100 0.99 0.29 -6.89
C PRO A 100 1.31 1.76 -7.07
N SER A 101 1.61 2.44 -5.96
CA SER A 101 1.95 3.85 -5.99
C SER A 101 3.30 4.02 -6.65
N ASP A 102 3.47 5.14 -7.36
CA ASP A 102 4.70 5.46 -8.06
C ASP A 102 5.93 4.99 -7.29
N ALA A 103 6.89 4.46 -8.01
CA ALA A 103 8.13 3.97 -7.42
C ALA A 103 9.04 5.11 -7.02
N ILE A 104 9.18 5.34 -5.72
CA ILE A 104 10.02 6.42 -5.20
C ILE A 104 11.44 5.91 -4.94
N THR A 105 12.41 6.45 -5.69
CA THR A 105 13.82 6.07 -5.55
C THR A 105 14.20 5.80 -4.10
N CYS A 106 13.56 6.52 -3.18
CA CYS A 106 13.84 6.34 -1.77
C CYS A 106 15.34 6.42 -1.50
N ARG A 107 15.81 7.60 -1.11
CA ARG A 107 17.23 7.80 -0.86
C ARG A 107 17.46 8.74 0.33
N ASP A 108 17.57 10.03 0.06
CA ASP A 108 17.80 11.03 1.11
C ASP A 108 16.54 11.83 1.40
N ASP A 109 15.42 11.46 0.79
CA ASP A 109 14.16 12.16 1.02
C ASP A 109 14.27 13.64 0.63
N VAL A 110 15.29 13.97 -0.16
CA VAL A 110 15.48 15.35 -0.59
C VAL A 110 15.25 15.46 -2.09
N GLU A 111 15.33 14.32 -2.79
CA GLU A 111 15.12 14.27 -4.23
C GLU A 111 15.74 15.48 -4.94
N ALA A 112 17.01 15.72 -4.66
CA ALA A 112 17.72 16.85 -5.28
C ALA A 112 18.72 16.35 -6.32
N SER A 9 -21.12 -13.25 -5.13
CA SER A 9 -20.14 -12.81 -4.11
C SER A 9 -19.09 -11.87 -4.72
N PRO A 10 -19.43 -10.58 -4.84
CA PRO A 10 -18.54 -9.57 -5.39
C PRO A 10 -17.68 -8.91 -4.31
N ILE A 11 -16.73 -8.09 -4.74
CA ILE A 11 -15.84 -7.40 -3.82
C ILE A 11 -15.17 -6.21 -4.48
N ASP A 12 -14.95 -5.15 -3.70
CA ASP A 12 -14.32 -3.95 -4.22
C ASP A 12 -13.14 -3.52 -3.34
N PRO A 13 -11.90 -3.58 -3.86
CA PRO A 13 -10.71 -3.21 -3.10
C PRO A 13 -10.61 -1.69 -2.90
N PRO A 14 -9.93 -1.25 -1.84
CA PRO A 14 -9.77 0.17 -1.55
C PRO A 14 -9.30 0.99 -2.75
N GLY A 15 -9.23 2.30 -2.58
CA GLY A 15 -8.79 3.18 -3.65
C GLY A 15 -7.31 3.04 -3.95
N LYS A 16 -6.86 3.68 -5.04
CA LYS A 16 -5.46 3.64 -5.43
C LYS A 16 -4.59 4.29 -4.36
N PRO A 17 -3.44 3.67 -3.99
CA PRO A 17 -2.54 4.23 -2.97
C PRO A 17 -1.63 5.32 -3.52
N VAL A 18 -1.60 6.46 -2.82
CA VAL A 18 -0.76 7.58 -3.23
C VAL A 18 0.02 8.12 -2.03
N PRO A 19 1.34 7.85 -1.97
CA PRO A 19 2.18 8.30 -0.87
C PRO A 19 2.02 9.78 -0.55
N LEU A 20 1.84 10.09 0.74
CA LEU A 20 1.70 11.46 1.19
C LEU A 20 3.09 12.04 1.43
N ASN A 21 3.94 11.21 2.00
CA ASN A 21 5.31 11.57 2.31
C ASN A 21 6.22 10.41 1.91
N ILE A 22 7.45 10.71 1.54
CA ILE A 22 8.37 9.66 1.13
C ILE A 22 9.79 9.92 1.57
N THR A 23 10.09 9.55 2.81
CA THR A 23 11.42 9.72 3.38
C THR A 23 12.36 8.65 2.86
N ARG A 24 13.66 8.91 2.94
CA ARG A 24 14.67 7.97 2.47
C ARG A 24 14.52 6.59 3.14
N HIS A 25 13.80 6.53 4.25
CA HIS A 25 13.62 5.25 4.95
C HIS A 25 12.21 5.11 5.52
N THR A 26 11.23 5.65 4.80
CA THR A 26 9.84 5.58 5.25
C THR A 26 8.92 6.29 4.26
N VAL A 27 7.97 5.55 3.70
CA VAL A 27 7.06 6.15 2.73
C VAL A 27 5.60 6.12 3.21
N THR A 28 5.06 7.30 3.50
CA THR A 28 3.68 7.42 3.95
C THR A 28 2.74 7.49 2.76
N LEU A 29 1.58 6.86 2.88
CA LEU A 29 0.60 6.86 1.80
C LEU A 29 -0.83 6.85 2.31
N LYS A 30 -1.75 7.24 1.42
CA LYS A 30 -3.16 7.28 1.75
C LYS A 30 -4.00 7.01 0.51
N TRP A 31 -5.12 6.32 0.69
CA TRP A 31 -6.00 6.00 -0.42
C TRP A 31 -7.46 6.19 -0.02
N ALA A 32 -8.37 5.78 -0.90
CA ALA A 32 -9.81 5.91 -0.63
C ALA A 32 -10.33 4.61 -0.02
N LYS A 33 -11.65 4.47 0.03
CA LYS A 33 -12.26 3.27 0.58
C LYS A 33 -13.34 2.73 -0.35
N PRO A 34 -13.63 1.42 -0.26
CA PRO A 34 -14.66 0.79 -1.08
C PRO A 34 -16.07 1.25 -0.70
N GLU A 35 -17.02 1.01 -1.60
CA GLU A 35 -18.40 1.39 -1.36
C GLU A 35 -19.34 0.19 -1.47
N TYR A 36 -18.80 -0.99 -1.77
CA TYR A 36 -19.61 -2.19 -1.91
C TYR A 36 -19.07 -3.34 -1.06
N THR A 37 -17.92 -3.89 -1.47
CA THR A 37 -17.30 -5.00 -0.75
C THR A 37 -18.33 -6.09 -0.47
N GLY A 38 -18.95 -6.60 -1.53
CA GLY A 38 -19.96 -7.65 -1.38
C GLY A 38 -20.88 -7.43 -0.18
N GLY A 39 -20.51 -8.00 0.95
CA GLY A 39 -21.29 -7.85 2.16
C GLY A 39 -20.37 -7.82 3.37
N PHE A 40 -19.19 -7.26 3.15
CA PHE A 40 -18.17 -7.17 4.19
C PHE A 40 -17.80 -5.72 4.49
N LYS A 41 -16.86 -5.53 5.41
CA LYS A 41 -16.42 -4.18 5.77
C LYS A 41 -14.90 -4.08 5.90
N ILE A 42 -14.19 -5.16 5.59
CA ILE A 42 -12.73 -5.16 5.69
C ILE A 42 -12.29 -4.85 7.11
N THR A 43 -11.08 -5.31 7.47
CA THR A 43 -10.55 -5.08 8.81
C THR A 43 -9.04 -4.88 8.80
N SER A 44 -8.47 -4.62 7.63
CA SER A 44 -7.03 -4.40 7.50
C SER A 44 -6.65 -4.06 6.08
N TYR A 45 -5.80 -3.04 5.92
CA TYR A 45 -5.35 -2.63 4.60
C TYR A 45 -3.87 -2.95 4.41
N ILE A 46 -3.61 -3.99 3.63
CA ILE A 46 -2.24 -4.42 3.37
C ILE A 46 -1.63 -3.62 2.22
N VAL A 47 -0.31 -3.48 2.26
CA VAL A 47 0.41 -2.74 1.21
C VAL A 47 1.60 -3.54 0.71
N GLU A 48 1.53 -4.00 -0.53
CA GLU A 48 2.62 -4.78 -1.12
C GLU A 48 3.66 -3.86 -1.74
N LYS A 49 4.94 -4.22 -1.63
CA LYS A 49 6.01 -3.39 -2.17
C LYS A 49 6.87 -4.14 -3.18
N ARG A 50 7.26 -3.43 -4.23
CA ARG A 50 8.10 -4.02 -5.27
C ARG A 50 9.48 -3.36 -5.24
N ASP A 51 10.47 -4.16 -4.85
CA ASP A 51 11.85 -3.67 -4.76
C ASP A 51 12.47 -3.56 -6.15
N LEU A 52 12.45 -2.36 -6.71
CA LEU A 52 13.02 -2.12 -8.02
C LEU A 52 14.54 -1.96 -7.94
N PRO A 53 15.26 -2.27 -9.04
CA PRO A 53 14.68 -2.73 -10.30
C PRO A 53 14.48 -4.24 -10.33
N ASN A 54 14.60 -4.90 -9.18
CA ASN A 54 14.42 -6.34 -9.11
C ASN A 54 12.94 -6.69 -9.12
N GLY A 55 12.32 -6.63 -7.95
CA GLY A 55 10.90 -6.95 -7.85
C GLY A 55 10.62 -8.03 -6.84
N ARG A 56 9.51 -7.90 -6.11
CA ARG A 56 9.13 -8.88 -5.10
C ARG A 56 7.93 -8.41 -4.29
N TRP A 57 6.84 -8.09 -4.98
CA TRP A 57 5.61 -7.61 -4.34
C TRP A 57 5.35 -8.33 -3.01
N LEU A 58 5.55 -7.61 -1.91
CA LEU A 58 5.34 -8.18 -0.59
C LEU A 58 4.76 -7.15 0.37
N LYS A 59 3.77 -7.59 1.15
CA LYS A 59 3.12 -6.70 2.12
C LYS A 59 4.14 -6.07 3.05
N ALA A 60 4.44 -4.79 2.83
CA ALA A 60 5.40 -4.08 3.67
C ALA A 60 4.90 -4.03 5.11
N ASN A 61 3.62 -3.68 5.27
CA ASN A 61 3.02 -3.60 6.58
C ASN A 61 2.88 -5.00 7.19
N PHE A 62 3.57 -5.22 8.31
CA PHE A 62 3.53 -6.50 8.98
C PHE A 62 2.87 -6.39 10.35
N SER A 63 1.73 -5.71 10.41
CA SER A 63 1.00 -5.53 11.66
C SER A 63 -0.50 -5.41 11.41
N ASN A 64 -0.95 -4.20 11.08
CA ASN A 64 -2.36 -3.96 10.82
C ASN A 64 -2.57 -2.53 10.32
N ILE A 65 -3.57 -2.36 9.46
CA ILE A 65 -3.88 -1.05 8.90
C ILE A 65 -5.39 -0.86 8.76
N LEU A 66 -6.05 -0.61 9.88
CA LEU A 66 -7.50 -0.41 9.87
C LEU A 66 -7.86 0.79 9.00
N GLU A 67 -7.23 1.94 9.28
CA GLU A 67 -7.48 3.15 8.52
C GLU A 67 -6.70 3.11 7.21
N ASN A 68 -7.12 3.94 6.27
CA ASN A 68 -6.47 4.01 4.97
C ASN A 68 -5.21 4.87 5.01
N GLU A 69 -4.81 5.32 6.20
CA GLU A 69 -3.61 6.13 6.36
C GLU A 69 -2.51 5.30 6.99
N PHE A 70 -1.54 4.88 6.18
CA PHE A 70 -0.44 4.06 6.69
C PHE A 70 0.91 4.48 6.13
N THR A 71 1.97 4.03 6.78
CA THR A 71 3.32 4.34 6.36
C THR A 71 4.12 3.08 6.07
N VAL A 72 4.36 2.82 4.79
CA VAL A 72 5.11 1.65 4.38
C VAL A 72 6.58 1.82 4.72
N SER A 73 6.99 1.32 5.86
CA SER A 73 8.39 1.43 6.28
C SER A 73 9.14 0.14 6.01
N GLY A 74 10.44 0.29 5.86
CA GLY A 74 11.30 -0.85 5.60
C GLY A 74 12.01 -0.74 4.28
N LEU A 75 12.14 0.49 3.78
CA LEU A 75 12.80 0.74 2.51
C LEU A 75 14.31 0.87 2.70
N THR A 76 15.00 1.24 1.64
CA THR A 76 16.45 1.41 1.68
C THR A 76 16.89 2.51 0.71
N GLU A 77 17.46 3.57 1.28
CA GLU A 77 17.93 4.70 0.48
C GLU A 77 18.64 4.24 -0.79
N ASP A 78 18.37 4.93 -1.89
CA ASP A 78 18.97 4.59 -3.19
C ASP A 78 18.32 3.34 -3.78
N ALA A 79 17.00 3.30 -3.78
CA ALA A 79 16.26 2.17 -4.33
C ALA A 79 14.81 2.51 -4.55
N ALA A 80 14.36 2.40 -5.79
CA ALA A 80 12.98 2.70 -6.14
C ALA A 80 12.03 1.64 -5.61
N TYR A 81 11.02 2.10 -4.88
CA TYR A 81 10.04 1.20 -4.29
C TYR A 81 8.61 1.54 -4.70
N GLU A 82 7.89 0.55 -5.21
CA GLU A 82 6.50 0.73 -5.63
C GLU A 82 5.57 0.20 -4.52
N PHE A 83 4.39 0.81 -4.33
CA PHE A 83 3.51 0.34 -3.26
C PHE A 83 2.03 0.23 -3.64
N ARG A 84 1.50 -0.99 -3.61
CA ARG A 84 0.08 -1.23 -3.90
C ARG A 84 -0.64 -1.56 -2.61
N VAL A 85 -1.97 -1.63 -2.64
CA VAL A 85 -2.72 -1.93 -1.43
C VAL A 85 -3.68 -3.12 -1.60
N ILE A 86 -3.34 -4.23 -0.97
CA ILE A 86 -4.15 -5.43 -0.99
C ILE A 86 -4.88 -5.51 0.35
N ALA A 87 -6.14 -5.89 0.33
CA ALA A 87 -6.88 -5.99 1.59
C ALA A 87 -8.01 -6.99 1.53
N LYS A 88 -8.06 -7.88 2.50
CA LYS A 88 -9.12 -8.88 2.54
C LYS A 88 -10.41 -8.28 3.07
N ASN A 89 -11.43 -9.11 3.18
CA ASN A 89 -12.72 -8.65 3.67
C ASN A 89 -13.22 -9.55 4.79
N ALA A 90 -14.31 -9.15 5.41
CA ALA A 90 -14.91 -9.91 6.51
C ALA A 90 -14.97 -11.40 6.20
N ALA A 91 -15.06 -11.74 4.91
CA ALA A 91 -15.14 -13.14 4.50
C ALA A 91 -13.90 -13.58 3.75
N GLY A 92 -12.73 -13.06 4.15
CA GLY A 92 -11.49 -13.42 3.50
C GLY A 92 -11.61 -13.51 1.98
N ALA A 93 -12.38 -12.58 1.40
CA ALA A 93 -12.58 -12.56 -0.04
C ALA A 93 -11.42 -11.87 -0.78
N ILE A 94 -10.36 -11.57 -0.05
CA ILE A 94 -9.18 -10.91 -0.60
C ILE A 94 -9.49 -9.89 -1.68
N SER A 95 -9.53 -8.62 -1.28
CA SER A 95 -9.79 -7.56 -2.25
C SER A 95 -8.52 -7.32 -3.07
N PRO A 96 -8.59 -7.56 -4.39
CA PRO A 96 -7.45 -7.39 -5.30
C PRO A 96 -6.53 -6.24 -4.90
N PRO A 97 -5.27 -6.28 -5.37
CA PRO A 97 -4.29 -5.24 -5.08
C PRO A 97 -4.64 -3.91 -5.75
N SER A 98 -4.38 -2.82 -5.05
CA SER A 98 -4.66 -1.49 -5.58
C SER A 98 -3.42 -0.94 -6.30
N GLU A 99 -3.57 -0.68 -7.61
CA GLU A 99 -2.49 -0.15 -8.47
C GLU A 99 -1.35 0.51 -7.68
N PRO A 100 -0.20 -0.17 -7.55
CA PRO A 100 0.95 0.35 -6.81
C PRO A 100 1.17 1.84 -7.03
N SER A 101 1.93 2.44 -6.12
CA SER A 101 2.25 3.85 -6.20
C SER A 101 3.63 4.03 -6.83
N ASP A 102 3.77 5.08 -7.63
CA ASP A 102 5.03 5.39 -8.34
C ASP A 102 6.25 5.02 -7.51
N ALA A 103 7.16 4.28 -8.12
CA ALA A 103 8.37 3.85 -7.44
C ALA A 103 9.08 5.02 -6.78
N ILE A 104 9.48 4.82 -5.53
CA ILE A 104 10.16 5.85 -4.77
C ILE A 104 11.61 5.47 -4.48
N THR A 105 12.55 6.11 -5.17
CA THR A 105 13.97 5.85 -4.97
C THR A 105 14.34 5.95 -3.50
N CYS A 106 13.54 6.69 -2.74
CA CYS A 106 13.80 6.87 -1.31
C CYS A 106 15.16 7.53 -1.10
N ARG A 107 15.48 8.47 -1.97
CA ARG A 107 16.76 9.17 -1.90
C ARG A 107 16.58 10.68 -2.03
N ASP A 108 15.67 11.10 -2.91
CA ASP A 108 15.41 12.51 -3.13
C ASP A 108 15.22 13.27 -1.83
N ASP A 109 14.79 12.57 -0.81
CA ASP A 109 14.57 13.17 0.50
C ASP A 109 15.89 13.44 1.21
N VAL A 110 16.97 12.93 0.65
CA VAL A 110 18.29 13.12 1.20
C VAL A 110 19.21 13.74 0.15
N GLU A 111 18.64 14.09 -1.01
CA GLU A 111 19.41 14.69 -2.08
C GLU A 111 18.56 15.65 -2.90
N ALA A 112 17.78 15.08 -3.82
CA ALA A 112 16.90 15.89 -4.68
C ALA A 112 16.18 15.01 -5.69
N SER A 9 -20.39 -9.47 -3.29
CA SER A 9 -20.26 -10.47 -4.39
C SER A 9 -19.08 -10.15 -5.30
N PRO A 10 -19.10 -8.99 -5.97
CA PRO A 10 -18.04 -8.57 -6.88
C PRO A 10 -16.82 -8.02 -6.13
N ILE A 11 -17.07 -7.50 -4.92
CA ILE A 11 -16.03 -6.92 -4.07
C ILE A 11 -15.19 -5.86 -4.80
N ASP A 12 -14.74 -4.86 -4.04
CA ASP A 12 -13.93 -3.79 -4.60
C ASP A 12 -12.85 -3.37 -3.62
N PRO A 13 -11.57 -3.41 -4.03
CA PRO A 13 -10.45 -3.04 -3.17
C PRO A 13 -10.36 -1.52 -2.98
N PRO A 14 -9.55 -1.07 -2.01
CA PRO A 14 -9.37 0.36 -1.71
C PRO A 14 -9.01 1.18 -2.96
N GLY A 15 -8.96 2.49 -2.79
CA GLY A 15 -8.63 3.38 -3.90
C GLY A 15 -7.15 3.32 -4.27
N LYS A 16 -6.77 4.09 -5.28
CA LYS A 16 -5.39 4.14 -5.74
C LYS A 16 -4.48 4.72 -4.66
N PRO A 17 -3.50 3.95 -4.15
CA PRO A 17 -2.58 4.42 -3.11
C PRO A 17 -1.61 5.48 -3.62
N VAL A 18 -1.55 6.60 -2.90
CA VAL A 18 -0.68 7.71 -3.26
C VAL A 18 0.13 8.22 -2.06
N PRO A 19 1.46 8.05 -2.07
CA PRO A 19 2.32 8.47 -0.98
C PRO A 19 2.03 9.90 -0.51
N LEU A 20 1.51 10.02 0.71
CA LEU A 20 1.19 11.30 1.30
C LEU A 20 2.48 11.99 1.72
N ASN A 21 3.42 11.17 2.18
CA ASN A 21 4.74 11.61 2.60
C ASN A 21 5.74 10.53 2.19
N ILE A 22 7.00 10.90 1.97
CA ILE A 22 7.97 9.90 1.55
C ILE A 22 9.35 10.13 2.15
N THR A 23 10.01 9.03 2.52
CA THR A 23 11.34 9.07 3.10
C THR A 23 12.19 7.94 2.54
N ARG A 24 13.42 8.25 2.20
CA ARG A 24 14.35 7.26 1.62
C ARG A 24 14.30 5.91 2.34
N HIS A 25 13.87 5.87 3.59
CA HIS A 25 13.81 4.60 4.32
C HIS A 25 12.39 4.25 4.76
N THR A 26 11.48 5.21 4.68
CA THR A 26 10.09 4.98 5.07
C THR A 26 9.17 5.92 4.32
N VAL A 27 8.17 5.36 3.64
CA VAL A 27 7.23 6.18 2.88
C VAL A 27 5.80 6.04 3.40
N THR A 28 5.05 7.12 3.33
CA THR A 28 3.67 7.13 3.79
C THR A 28 2.70 7.29 2.63
N LEU A 29 1.72 6.38 2.55
CA LEU A 29 0.73 6.46 1.48
C LEU A 29 -0.67 6.40 2.03
N LYS A 30 -1.53 7.22 1.44
CA LYS A 30 -2.93 7.31 1.81
C LYS A 30 -3.78 7.00 0.59
N TRP A 31 -5.01 6.55 0.80
CA TRP A 31 -5.88 6.23 -0.33
C TRP A 31 -7.36 6.38 0.04
N ALA A 32 -8.23 6.01 -0.90
CA ALA A 32 -9.67 6.11 -0.69
C ALA A 32 -10.28 4.77 -0.25
N LYS A 33 -11.53 4.84 0.19
CA LYS A 33 -12.24 3.65 0.65
C LYS A 33 -13.13 3.11 -0.47
N PRO A 34 -13.22 1.77 -0.60
CA PRO A 34 -14.05 1.14 -1.63
C PRO A 34 -15.45 1.74 -1.70
N GLU A 35 -16.25 1.29 -2.66
CA GLU A 35 -17.60 1.79 -2.83
C GLU A 35 -18.64 0.68 -2.71
N TYR A 36 -18.27 -0.53 -3.07
CA TYR A 36 -19.20 -1.66 -3.00
C TYR A 36 -18.76 -2.70 -1.97
N THR A 37 -17.69 -3.43 -2.27
CA THR A 37 -17.19 -4.45 -1.36
C THR A 37 -18.30 -5.39 -0.92
N GLY A 38 -19.13 -5.79 -1.87
CA GLY A 38 -20.24 -6.69 -1.57
C GLY A 38 -21.05 -6.22 -0.38
N GLY A 39 -20.68 -6.69 0.81
CA GLY A 39 -21.38 -6.31 2.02
C GLY A 39 -20.45 -6.32 3.21
N PHE A 40 -19.19 -6.00 2.93
CA PHE A 40 -18.15 -5.98 3.94
C PHE A 40 -17.67 -4.55 4.21
N LYS A 41 -16.79 -4.41 5.19
CA LYS A 41 -16.25 -3.10 5.56
C LYS A 41 -14.71 -3.09 5.56
N ILE A 42 -14.09 -4.27 5.59
CA ILE A 42 -12.64 -4.38 5.60
C ILE A 42 -12.07 -3.91 6.93
N THR A 43 -11.21 -4.73 7.53
CA THR A 43 -10.60 -4.41 8.82
C THR A 43 -9.07 -4.51 8.77
N SER A 44 -8.50 -4.34 7.58
CA SER A 44 -7.05 -4.41 7.42
C SER A 44 -6.64 -4.18 5.98
N TYR A 45 -5.73 -3.24 5.78
CA TYR A 45 -5.25 -2.90 4.45
C TYR A 45 -3.77 -3.26 4.29
N ILE A 46 -3.52 -4.44 3.74
CA ILE A 46 -2.15 -4.91 3.53
C ILE A 46 -1.62 -4.43 2.19
N VAL A 47 -0.63 -3.55 2.25
CA VAL A 47 -0.01 -2.98 1.05
C VAL A 47 1.34 -3.63 0.76
N GLU A 48 1.43 -4.33 -0.38
CA GLU A 48 2.66 -4.99 -0.77
C GLU A 48 3.61 -3.98 -1.41
N LYS A 49 4.91 -4.27 -1.35
CA LYS A 49 5.90 -3.37 -1.92
C LYS A 49 6.84 -4.10 -2.88
N ARG A 50 7.27 -3.39 -3.91
CA ARG A 50 8.17 -3.94 -4.90
C ARG A 50 9.50 -3.20 -4.87
N ASP A 51 10.53 -3.85 -4.35
CA ASP A 51 11.86 -3.26 -4.26
C ASP A 51 12.52 -3.22 -5.63
N LEU A 52 12.25 -2.15 -6.37
CA LEU A 52 12.82 -1.99 -7.70
C LEU A 52 14.34 -1.85 -7.63
N PRO A 53 15.06 -2.22 -8.71
CA PRO A 53 14.46 -2.73 -9.94
C PRO A 53 14.28 -4.25 -9.92
N ASN A 54 14.18 -4.83 -8.73
CA ASN A 54 14.01 -6.27 -8.60
C ASN A 54 13.32 -6.64 -7.29
N GLY A 55 12.04 -6.32 -7.19
CA GLY A 55 11.29 -6.63 -5.98
C GLY A 55 10.57 -7.96 -6.09
N ARG A 56 9.58 -8.17 -5.23
CA ARG A 56 8.81 -9.41 -5.24
C ARG A 56 7.47 -9.24 -4.54
N TRP A 57 6.97 -8.01 -4.53
CA TRP A 57 5.69 -7.69 -3.90
C TRP A 57 5.54 -8.40 -2.55
N LEU A 58 5.85 -7.70 -1.47
CA LEU A 58 5.75 -8.26 -0.14
C LEU A 58 5.02 -7.32 0.81
N LYS A 59 4.03 -7.85 1.53
CA LYS A 59 3.26 -7.06 2.47
C LYS A 59 4.18 -6.37 3.48
N ALA A 60 4.64 -5.17 3.12
CA ALA A 60 5.53 -4.42 4.00
C ALA A 60 4.92 -4.28 5.39
N ASN A 61 3.70 -3.77 5.46
CA ASN A 61 3.00 -3.58 6.73
C ASN A 61 2.78 -4.91 7.43
N PHE A 62 3.17 -5.00 8.69
CA PHE A 62 3.01 -6.23 9.46
C PHE A 62 1.95 -6.07 10.55
N SER A 63 1.39 -4.86 10.69
CA SER A 63 0.38 -4.62 11.70
C SER A 63 -0.99 -4.39 11.06
N ASN A 64 -1.94 -3.93 11.86
CA ASN A 64 -3.29 -3.66 11.38
C ASN A 64 -3.41 -2.24 10.83
N ILE A 65 -3.68 -2.14 9.54
CA ILE A 65 -3.83 -0.84 8.89
C ILE A 65 -5.31 -0.48 8.73
N LEU A 66 -6.02 -0.40 9.85
CA LEU A 66 -7.46 -0.08 9.84
C LEU A 66 -7.77 1.05 8.87
N GLU A 67 -7.24 2.25 9.15
CA GLU A 67 -7.47 3.40 8.29
C GLU A 67 -6.69 3.27 6.99
N ASN A 68 -6.95 4.17 6.05
CA ASN A 68 -6.27 4.15 4.76
C ASN A 68 -4.98 4.97 4.80
N GLU A 69 -4.54 5.36 6.00
CA GLU A 69 -3.32 6.14 6.15
C GLU A 69 -2.25 5.29 6.82
N PHE A 70 -1.33 4.76 6.03
CA PHE A 70 -0.26 3.93 6.57
C PHE A 70 1.11 4.34 6.04
N THR A 71 2.15 3.86 6.71
CA THR A 71 3.51 4.15 6.32
C THR A 71 4.30 2.88 6.09
N VAL A 72 4.86 2.73 4.90
CA VAL A 72 5.64 1.54 4.57
C VAL A 72 7.08 1.68 5.05
N SER A 73 7.34 1.09 6.21
CA SER A 73 8.66 1.14 6.80
C SER A 73 9.46 -0.11 6.42
N GLY A 74 10.70 0.11 6.04
CA GLY A 74 11.56 -0.98 5.64
C GLY A 74 12.31 -0.66 4.36
N LEU A 75 11.83 0.36 3.64
CA LEU A 75 12.46 0.78 2.41
C LEU A 75 13.96 1.00 2.60
N THR A 76 14.67 1.22 1.50
CA THR A 76 16.11 1.42 1.55
C THR A 76 16.52 2.57 0.63
N GLU A 77 17.64 3.21 0.97
CA GLU A 77 18.15 4.33 0.18
C GLU A 77 18.48 3.88 -1.24
N ASP A 78 18.47 4.83 -2.17
CA ASP A 78 18.77 4.56 -3.57
C ASP A 78 18.01 3.34 -4.08
N ALA A 79 16.69 3.39 -4.04
CA ALA A 79 15.86 2.28 -4.51
C ALA A 79 14.41 2.70 -4.67
N ALA A 80 13.92 2.66 -5.91
CA ALA A 80 12.54 3.01 -6.19
C ALA A 80 11.61 1.94 -5.66
N TYR A 81 10.65 2.34 -4.83
CA TYR A 81 9.73 1.37 -4.24
C TYR A 81 8.28 1.60 -4.66
N GLU A 82 7.67 0.57 -5.21
CA GLU A 82 6.26 0.64 -5.63
C GLU A 82 5.42 -0.09 -4.58
N PHE A 83 4.30 0.49 -4.18
CA PHE A 83 3.48 -0.16 -3.15
C PHE A 83 2.00 -0.26 -3.49
N ARG A 84 1.54 -1.50 -3.74
CA ARG A 84 0.14 -1.75 -4.05
C ARG A 84 -0.63 -2.04 -2.78
N VAL A 85 -1.90 -1.64 -2.73
CA VAL A 85 -2.70 -1.88 -1.53
C VAL A 85 -3.74 -3.00 -1.70
N ILE A 86 -3.50 -4.11 -1.02
CA ILE A 86 -4.39 -5.24 -1.04
C ILE A 86 -5.11 -5.29 0.30
N ALA A 87 -6.30 -5.88 0.35
CA ALA A 87 -7.01 -5.95 1.62
C ALA A 87 -8.20 -6.89 1.60
N LYS A 88 -8.17 -7.89 2.48
CA LYS A 88 -9.27 -8.83 2.55
C LYS A 88 -10.48 -8.16 3.18
N ASN A 89 -11.67 -8.68 2.92
CA ASN A 89 -12.89 -8.11 3.45
C ASN A 89 -13.41 -8.87 4.65
N ALA A 90 -14.42 -8.27 5.29
CA ALA A 90 -15.06 -8.84 6.47
C ALA A 90 -15.24 -10.35 6.35
N ALA A 91 -15.94 -10.77 5.31
CA ALA A 91 -16.19 -12.20 5.07
C ALA A 91 -14.91 -12.99 4.87
N GLY A 92 -13.79 -12.28 4.66
CA GLY A 92 -12.53 -12.95 4.44
C GLY A 92 -12.06 -12.85 3.00
N ALA A 93 -12.97 -12.45 2.11
CA ALA A 93 -12.64 -12.30 0.71
C ALA A 93 -11.38 -11.44 0.55
N ILE A 94 -10.68 -11.61 -0.56
CA ILE A 94 -9.47 -10.84 -0.79
C ILE A 94 -9.66 -9.78 -1.87
N SER A 95 -9.50 -8.52 -1.45
CA SER A 95 -9.63 -7.41 -2.38
C SER A 95 -8.35 -7.25 -3.19
N PRO A 96 -8.39 -7.54 -4.50
CA PRO A 96 -7.22 -7.44 -5.37
C PRO A 96 -6.33 -6.24 -5.05
N PRO A 97 -5.07 -6.28 -5.50
CA PRO A 97 -4.11 -5.20 -5.25
C PRO A 97 -4.46 -3.91 -5.98
N SER A 98 -4.37 -2.79 -5.28
CA SER A 98 -4.66 -1.50 -5.86
C SER A 98 -3.39 -0.90 -6.43
N GLU A 99 -3.34 -0.81 -7.77
CA GLU A 99 -2.19 -0.26 -8.54
C GLU A 99 -1.08 0.31 -7.66
N PRO A 100 0.08 -0.38 -7.59
CA PRO A 100 1.21 0.06 -6.77
C PRO A 100 1.48 1.56 -6.86
N SER A 101 1.64 2.17 -5.69
CA SER A 101 1.92 3.60 -5.63
C SER A 101 3.26 3.88 -6.28
N ASP A 102 3.36 5.07 -6.88
CA ASP A 102 4.58 5.51 -7.57
C ASP A 102 5.84 4.98 -6.91
N ALA A 103 6.81 4.64 -7.74
CA ALA A 103 8.07 4.12 -7.26
C ALA A 103 8.95 5.25 -6.72
N ILE A 104 9.07 5.33 -5.40
CA ILE A 104 9.87 6.36 -4.78
C ILE A 104 11.34 5.94 -4.71
N THR A 105 12.17 6.57 -5.53
CA THR A 105 13.60 6.27 -5.56
C THR A 105 14.16 6.09 -4.15
N CYS A 106 13.71 6.94 -3.23
CA CYS A 106 14.14 6.86 -1.86
C CYS A 106 15.65 7.07 -1.74
N ARG A 107 16.10 8.31 -1.88
CA ARG A 107 17.52 8.63 -1.78
C ARG A 107 17.80 9.39 -0.49
N ASP A 108 17.49 10.68 -0.51
CA ASP A 108 17.69 11.53 0.66
C ASP A 108 16.41 12.26 1.03
N ASP A 109 15.34 12.02 0.27
CA ASP A 109 14.03 12.65 0.51
C ASP A 109 14.12 14.18 0.59
N VAL A 110 15.20 14.74 0.09
CA VAL A 110 15.39 16.18 0.10
C VAL A 110 15.77 16.71 -1.29
N GLU A 111 15.89 15.81 -2.27
CA GLU A 111 16.25 16.22 -3.62
C GLU A 111 15.20 15.80 -4.66
N ALA A 112 14.29 14.90 -4.27
CA ALA A 112 13.25 14.43 -5.17
C ALA A 112 13.84 13.90 -6.47
N SER A 9 -21.88 -10.44 -1.55
CA SER A 9 -21.13 -11.33 -2.47
C SER A 9 -20.07 -10.56 -3.27
N PRO A 10 -20.47 -9.44 -3.90
CA PRO A 10 -19.57 -8.61 -4.69
C PRO A 10 -18.63 -7.81 -3.80
N ILE A 11 -17.37 -7.73 -4.18
CA ILE A 11 -16.38 -7.00 -3.40
C ILE A 11 -15.59 -6.00 -4.24
N ASP A 12 -15.22 -4.89 -3.63
CA ASP A 12 -14.45 -3.84 -4.31
C ASP A 12 -13.29 -3.39 -3.42
N PRO A 13 -12.06 -3.38 -3.95
CA PRO A 13 -10.89 -2.96 -3.19
C PRO A 13 -10.84 -1.45 -2.98
N PRO A 14 -10.02 -0.99 -2.02
CA PRO A 14 -9.88 0.44 -1.71
C PRO A 14 -9.43 1.27 -2.92
N GLY A 15 -9.32 2.58 -2.72
CA GLY A 15 -8.90 3.47 -3.80
C GLY A 15 -7.43 3.31 -4.14
N LYS A 16 -6.99 4.01 -5.19
CA LYS A 16 -5.60 3.95 -5.62
C LYS A 16 -4.69 4.63 -4.59
N PRO A 17 -3.60 3.97 -4.16
CA PRO A 17 -2.69 4.54 -3.16
C PRO A 17 -1.82 5.67 -3.71
N VAL A 18 -1.66 6.72 -2.89
CA VAL A 18 -0.85 7.88 -3.28
C VAL A 18 -0.05 8.40 -2.07
N PRO A 19 1.29 8.35 -2.14
CA PRO A 19 2.16 8.80 -1.05
C PRO A 19 1.95 10.25 -0.66
N LEU A 20 1.95 10.50 0.65
CA LEU A 20 1.80 11.86 1.18
C LEU A 20 3.15 12.36 1.66
N ASN A 21 3.95 11.43 2.15
CA ASN A 21 5.29 11.72 2.66
C ASN A 21 6.23 10.57 2.31
N ILE A 22 7.52 10.85 2.18
CA ILE A 22 8.48 9.81 1.85
C ILE A 22 9.85 10.08 2.46
N THR A 23 10.21 9.28 3.47
CA THR A 23 11.48 9.42 4.15
C THR A 23 12.44 8.32 3.75
N ARG A 24 12.63 8.16 2.44
CA ARG A 24 13.54 7.15 1.88
C ARG A 24 13.26 5.75 2.41
N HIS A 25 13.63 5.52 3.66
CA HIS A 25 13.44 4.22 4.29
C HIS A 25 11.97 3.94 4.58
N THR A 26 11.19 5.00 4.80
CA THR A 26 9.77 4.85 5.09
C THR A 26 8.93 5.75 4.19
N VAL A 27 7.96 5.16 3.50
CA VAL A 27 7.09 5.91 2.61
C VAL A 27 5.66 5.92 3.14
N THR A 28 5.08 7.11 3.23
CA THR A 28 3.72 7.27 3.73
C THR A 28 2.72 7.50 2.60
N LEU A 29 1.70 6.65 2.52
CA LEU A 29 0.67 6.78 1.49
C LEU A 29 -0.72 6.58 2.05
N LYS A 30 -1.71 7.03 1.29
CA LYS A 30 -3.10 6.92 1.67
C LYS A 30 -4.00 6.86 0.44
N TRP A 31 -5.16 6.21 0.58
CA TRP A 31 -6.10 6.08 -0.53
C TRP A 31 -7.54 6.32 -0.07
N ALA A 32 -8.48 6.09 -0.98
CA ALA A 32 -9.90 6.27 -0.69
C ALA A 32 -10.51 4.98 -0.14
N LYS A 33 -11.76 5.06 0.28
CA LYS A 33 -12.45 3.89 0.82
C LYS A 33 -13.38 3.28 -0.23
N PRO A 34 -13.59 1.96 -0.19
CA PRO A 34 -14.46 1.25 -1.14
C PRO A 34 -15.86 1.85 -1.24
N GLU A 35 -16.79 1.08 -1.79
CA GLU A 35 -18.17 1.54 -1.95
C GLU A 35 -19.15 0.39 -1.78
N TYR A 36 -18.89 -0.71 -2.46
CA TYR A 36 -19.77 -1.87 -2.38
C TYR A 36 -19.28 -2.87 -1.34
N THR A 37 -18.19 -3.57 -1.65
CA THR A 37 -17.59 -4.58 -0.75
C THR A 37 -18.46 -5.83 -0.60
N GLY A 38 -19.77 -5.67 -0.40
CA GLY A 38 -20.64 -6.82 -0.26
C GLY A 38 -21.31 -6.87 1.11
N GLY A 39 -20.70 -6.19 2.07
CA GLY A 39 -21.20 -6.15 3.43
C GLY A 39 -20.06 -5.90 4.38
N PHE A 40 -18.88 -6.33 3.94
CA PHE A 40 -17.64 -6.19 4.68
C PHE A 40 -17.34 -4.71 4.93
N LYS A 41 -16.19 -4.44 5.52
CA LYS A 41 -15.77 -3.07 5.82
C LYS A 41 -14.26 -2.97 5.96
N ILE A 42 -13.54 -3.91 5.33
CA ILE A 42 -12.08 -3.94 5.37
C ILE A 42 -11.54 -3.65 6.76
N THR A 43 -11.19 -4.72 7.48
CA THR A 43 -10.66 -4.59 8.83
C THR A 43 -9.13 -4.58 8.82
N SER A 44 -8.53 -4.39 7.63
CA SER A 44 -7.08 -4.37 7.52
C SER A 44 -6.64 -4.22 6.06
N TYR A 45 -5.86 -3.18 5.79
CA TYR A 45 -5.36 -2.94 4.44
C TYR A 45 -3.87 -3.27 4.36
N ILE A 46 -3.52 -4.24 3.54
CA ILE A 46 -2.13 -4.64 3.39
C ILE A 46 -1.49 -3.98 2.17
N VAL A 47 -0.27 -3.46 2.33
CA VAL A 47 0.42 -2.80 1.22
C VAL A 47 1.65 -3.60 0.79
N GLU A 48 1.61 -4.14 -0.42
CA GLU A 48 2.72 -4.91 -0.94
C GLU A 48 3.72 -4.00 -1.63
N LYS A 49 4.99 -4.11 -1.23
CA LYS A 49 6.04 -3.27 -1.80
C LYS A 49 6.93 -4.06 -2.74
N ARG A 50 7.44 -3.37 -3.78
CA ARG A 50 8.31 -3.99 -4.75
C ARG A 50 9.56 -3.14 -4.94
N ASP A 51 10.72 -3.72 -4.61
CA ASP A 51 11.99 -3.02 -4.75
C ASP A 51 12.40 -2.95 -6.21
N LEU A 52 12.62 -1.74 -6.70
CA LEU A 52 13.01 -1.54 -8.09
C LEU A 52 14.44 -1.00 -8.20
N PRO A 53 15.15 -1.32 -9.31
CA PRO A 53 14.64 -2.15 -10.40
C PRO A 53 14.88 -3.64 -10.17
N ASN A 54 14.86 -4.06 -8.90
CA ASN A 54 15.08 -5.46 -8.56
C ASN A 54 14.41 -5.82 -7.25
N GLY A 55 13.23 -6.42 -7.32
CA GLY A 55 12.49 -6.79 -6.13
C GLY A 55 11.15 -7.42 -6.46
N ARG A 56 10.32 -7.57 -5.43
CA ARG A 56 8.99 -8.16 -5.63
C ARG A 56 8.00 -7.66 -4.59
N TRP A 57 6.72 -7.90 -4.84
CA TRP A 57 5.66 -7.48 -3.95
C TRP A 57 5.68 -8.26 -2.64
N LEU A 58 5.83 -7.52 -1.54
CA LEU A 58 5.86 -8.13 -0.22
C LEU A 58 5.17 -7.24 0.80
N LYS A 59 4.25 -7.81 1.56
CA LYS A 59 3.52 -7.05 2.57
C LYS A 59 4.47 -6.26 3.47
N ALA A 60 4.74 -5.02 3.09
CA ALA A 60 5.64 -4.17 3.86
C ALA A 60 5.08 -3.91 5.25
N ASN A 61 3.84 -3.46 5.31
CA ASN A 61 3.19 -3.16 6.57
C ASN A 61 3.12 -4.41 7.46
N PHE A 62 3.00 -4.18 8.75
CA PHE A 62 2.92 -5.27 9.71
C PHE A 62 2.43 -4.76 11.07
N SER A 63 1.64 -3.69 11.05
CA SER A 63 1.11 -3.11 12.28
C SER A 63 -0.41 -2.92 12.20
N ASN A 64 -1.08 -3.88 11.56
CA ASN A 64 -2.53 -3.82 11.42
C ASN A 64 -2.98 -2.45 10.89
N ILE A 65 -3.24 -2.39 9.59
CA ILE A 65 -3.67 -1.15 8.96
C ILE A 65 -5.19 -1.02 8.95
N LEU A 66 -5.73 -0.36 9.97
CA LEU A 66 -7.18 -0.17 10.06
C LEU A 66 -7.66 0.91 9.10
N GLU A 67 -7.08 2.10 9.21
CA GLU A 67 -7.46 3.20 8.35
C GLU A 67 -6.75 3.10 7.00
N ASN A 68 -7.13 3.97 6.08
CA ASN A 68 -6.53 3.97 4.75
C ASN A 68 -5.22 4.77 4.72
N GLU A 69 -4.86 5.37 5.85
CA GLU A 69 -3.62 6.15 5.93
C GLU A 69 -2.56 5.36 6.68
N PHE A 70 -1.63 4.79 5.92
CA PHE A 70 -0.56 4.00 6.52
C PHE A 70 0.80 4.34 5.91
N THR A 71 1.87 3.93 6.58
CA THR A 71 3.21 4.19 6.10
C THR A 71 3.99 2.89 5.88
N VAL A 72 4.32 2.63 4.62
CA VAL A 72 5.07 1.43 4.24
C VAL A 72 6.54 1.57 4.58
N SER A 73 6.92 1.13 5.78
CA SER A 73 8.30 1.20 6.22
C SER A 73 9.04 -0.10 5.90
N GLY A 74 10.32 -0.13 6.24
CA GLY A 74 11.12 -1.32 5.98
C GLY A 74 11.65 -1.37 4.56
N LEU A 75 12.05 -0.21 4.05
CA LEU A 75 12.58 -0.12 2.69
C LEU A 75 14.10 0.04 2.70
N THR A 76 14.64 0.50 1.58
CA THR A 76 16.07 0.69 1.44
C THR A 76 16.39 1.97 0.66
N GLU A 77 17.49 2.61 1.02
CA GLU A 77 17.90 3.85 0.35
C GLU A 77 18.57 3.54 -0.99
N ASP A 78 18.42 4.46 -1.93
CA ASP A 78 19.00 4.30 -3.26
C ASP A 78 18.30 3.17 -4.02
N ALA A 79 16.97 3.14 -3.94
CA ALA A 79 16.19 2.12 -4.61
C ALA A 79 14.73 2.53 -4.73
N ALA A 80 14.21 2.52 -5.96
CA ALA A 80 12.82 2.87 -6.20
C ALA A 80 11.89 1.83 -5.59
N TYR A 81 10.83 2.28 -4.94
CA TYR A 81 9.89 1.37 -4.31
C TYR A 81 8.44 1.69 -4.63
N GLU A 82 7.76 0.74 -5.26
CA GLU A 82 6.35 0.91 -5.61
C GLU A 82 5.50 0.22 -4.55
N PHE A 83 4.31 0.73 -4.25
CA PHE A 83 3.49 0.09 -3.22
C PHE A 83 2.00 -0.03 -3.55
N ARG A 84 1.52 -1.27 -3.68
CA ARG A 84 0.10 -1.52 -3.96
C ARG A 84 -0.56 -2.01 -2.67
N VAL A 85 -1.88 -2.07 -2.63
CA VAL A 85 -2.55 -2.53 -1.41
C VAL A 85 -3.67 -3.54 -1.69
N ILE A 86 -3.61 -4.65 -0.94
CA ILE A 86 -4.58 -5.72 -1.00
C ILE A 86 -5.22 -5.85 0.37
N ALA A 87 -6.46 -6.32 0.44
CA ALA A 87 -7.11 -6.46 1.75
C ALA A 87 -8.25 -7.46 1.74
N LYS A 88 -8.26 -8.37 2.70
CA LYS A 88 -9.33 -9.36 2.79
C LYS A 88 -10.49 -8.78 3.56
N ASN A 89 -11.05 -7.74 2.98
CA ASN A 89 -12.19 -6.98 3.50
C ASN A 89 -12.58 -7.35 4.95
N ALA A 90 -13.67 -8.10 5.13
CA ALA A 90 -14.11 -8.49 6.46
C ALA A 90 -14.20 -10.00 6.62
N ALA A 91 -14.78 -10.66 5.63
CA ALA A 91 -14.95 -12.11 5.67
C ALA A 91 -13.97 -12.83 4.75
N GLY A 92 -12.71 -12.41 4.75
CA GLY A 92 -11.72 -13.04 3.91
C GLY A 92 -11.85 -12.66 2.45
N ALA A 93 -12.81 -11.79 2.13
CA ALA A 93 -13.01 -11.35 0.75
C ALA A 93 -11.77 -10.61 0.27
N ILE A 94 -10.82 -11.34 -0.27
CA ILE A 94 -9.58 -10.75 -0.74
C ILE A 94 -9.82 -9.71 -1.82
N SER A 95 -9.54 -8.46 -1.47
CA SER A 95 -9.69 -7.35 -2.38
C SER A 95 -8.41 -7.22 -3.21
N PRO A 96 -8.48 -7.50 -4.53
CA PRO A 96 -7.32 -7.43 -5.41
C PRO A 96 -6.41 -6.26 -5.10
N PRO A 97 -5.13 -6.35 -5.50
CA PRO A 97 -4.13 -5.30 -5.25
C PRO A 97 -4.51 -3.97 -5.89
N SER A 98 -4.41 -2.91 -5.10
CA SER A 98 -4.71 -1.58 -5.58
C SER A 98 -3.45 -0.95 -6.16
N GLU A 99 -3.44 -0.83 -7.51
CA GLU A 99 -2.33 -0.26 -8.30
C GLU A 99 -1.20 0.33 -7.44
N PRO A 100 0.04 -0.19 -7.57
CA PRO A 100 1.18 0.30 -6.79
C PRO A 100 1.39 1.81 -6.91
N SER A 101 1.79 2.42 -5.80
CA SER A 101 2.06 3.86 -5.78
C SER A 101 3.41 4.12 -6.42
N ASP A 102 3.53 5.27 -7.09
CA ASP A 102 4.76 5.68 -7.77
C ASP A 102 6.01 5.20 -7.04
N ALA A 103 6.92 4.59 -7.79
CA ALA A 103 8.15 4.09 -7.22
C ALA A 103 9.09 5.22 -6.80
N ILE A 104 9.37 5.31 -5.52
CA ILE A 104 10.25 6.36 -5.01
C ILE A 104 11.66 5.82 -4.77
N THR A 105 12.63 6.42 -5.46
CA THR A 105 14.03 6.01 -5.33
C THR A 105 14.42 5.86 -3.87
N CYS A 106 13.90 6.74 -3.02
CA CYS A 106 14.19 6.70 -1.60
C CYS A 106 15.69 6.89 -1.36
N ARG A 107 16.09 8.14 -1.23
CA ARG A 107 17.50 8.47 -1.01
C ARG A 107 17.66 9.48 0.12
N ASP A 108 17.47 10.74 -0.20
CA ASP A 108 17.58 11.82 0.78
C ASP A 108 16.20 12.40 1.12
N ASP A 109 15.14 11.79 0.59
CA ASP A 109 13.77 12.24 0.83
C ASP A 109 13.64 13.74 0.72
N VAL A 110 14.49 14.33 -0.09
CA VAL A 110 14.49 15.76 -0.31
C VAL A 110 15.38 16.12 -1.47
N GLU A 111 15.49 15.21 -2.42
CA GLU A 111 16.33 15.43 -3.59
C GLU A 111 15.51 15.37 -4.88
N ALA A 112 14.46 14.57 -4.88
CA ALA A 112 13.59 14.43 -6.04
C ALA A 112 14.29 13.67 -7.17
#